data_1CKK
#
_entry.id   1CKK
#
_cell.length_a   1.000
_cell.length_b   1.000
_cell.length_c   1.000
_cell.angle_alpha   90.00
_cell.angle_beta   90.00
_cell.angle_gamma   90.00
#
_symmetry.space_group_name_H-M   'P 1'
#
loop_
_entity.id
_entity.type
_entity.pdbx_description
1 polymer Calmodulin-1
2 polymer 'Calcium/calmodulin-dependent protein kinase kinase 1'
3 non-polymer 'CALCIUM ION'
#
loop_
_entity_poly.entity_id
_entity_poly.type
_entity_poly.pdbx_seq_one_letter_code
_entity_poly.pdbx_strand_id
1 'polypeptide(L)'
;ADQLTEEQIAEFKEAFSLFDKDGDGTITTKELGTVMRSLGQNPTEAELQDMINEVDADGNGTIDFPEFLTMMARKMKDTD
SEEEIREAFRVFDKDGNGYISAAELRHVMTNLGEKLTDEEVDEMIREADIDGDGQVNYEEFVQMMTAK
;
A
2 'polypeptide(L)' VKLIPSWTTVILVKSMLRKRSFGNPF B
#
loop_
_chem_comp.id
_chem_comp.type
_chem_comp.name
_chem_comp.formula
CA non-polymer 'CALCIUM ION' 'Ca 2'
#
# COMPACT_ATOMS: atom_id res chain seq x y z
N ALA A 1 -2.44 19.92 5.36
CA ALA A 1 -2.63 20.67 6.63
C ALA A 1 -2.83 19.70 7.81
N ASP A 2 -4.06 19.32 8.05
CA ASP A 2 -4.32 18.37 9.18
C ASP A 2 -5.34 17.31 8.75
N GLN A 3 -5.01 16.05 8.91
CA GLN A 3 -5.96 14.97 8.50
C GLN A 3 -7.37 15.29 9.03
N LEU A 4 -8.29 15.52 8.15
CA LEU A 4 -9.68 15.84 8.59
C LEU A 4 -10.61 14.65 8.33
N THR A 5 -11.90 14.88 8.35
CA THR A 5 -12.87 13.76 8.12
C THR A 5 -13.00 13.47 6.63
N GLU A 6 -12.60 14.38 5.79
CA GLU A 6 -12.70 14.16 4.32
C GLU A 6 -11.35 13.72 3.75
N GLU A 7 -10.29 14.39 4.12
CA GLU A 7 -8.94 14.00 3.61
C GLU A 7 -8.74 12.49 3.75
N GLN A 8 -9.06 11.94 4.89
CA GLN A 8 -8.88 10.47 5.09
C GLN A 8 -9.75 9.69 4.12
N ILE A 9 -11.05 9.92 4.14
CA ILE A 9 -11.95 9.18 3.21
C ILE A 9 -11.41 9.24 1.79
N ALA A 10 -11.12 10.41 1.29
CA ALA A 10 -10.60 10.53 -0.10
C ALA A 10 -9.43 9.56 -0.31
N GLU A 11 -8.55 9.47 0.65
CA GLU A 11 -7.39 8.53 0.50
C GLU A 11 -7.87 7.09 0.29
N PHE A 12 -8.79 6.64 1.10
CA PHE A 12 -9.30 5.25 0.94
C PHE A 12 -10.06 5.13 -0.39
N LYS A 13 -10.86 6.11 -0.72
CA LYS A 13 -11.61 6.04 -2.00
C LYS A 13 -10.63 5.83 -3.15
N GLU A 14 -9.47 6.39 -3.06
CA GLU A 14 -8.46 6.21 -4.14
C GLU A 14 -8.00 4.74 -4.17
N ALA A 15 -7.63 4.22 -3.03
CA ALA A 15 -7.19 2.79 -2.99
C ALA A 15 -8.33 1.88 -3.42
N PHE A 16 -9.53 2.14 -2.94
CA PHE A 16 -10.69 1.30 -3.34
C PHE A 16 -10.90 1.40 -4.85
N SER A 17 -10.49 2.50 -5.43
CA SER A 17 -10.66 2.67 -6.90
C SER A 17 -9.49 2.01 -7.63
N LEU A 18 -8.31 2.06 -7.07
CA LEU A 18 -7.14 1.43 -7.73
C LEU A 18 -7.44 -0.03 -8.02
N PHE A 19 -7.99 -0.74 -7.07
CA PHE A 19 -8.32 -2.18 -7.30
C PHE A 19 -9.49 -2.30 -8.28
N ASP A 20 -10.53 -1.56 -8.05
CA ASP A 20 -11.71 -1.63 -8.96
C ASP A 20 -11.33 -1.08 -10.34
N LYS A 21 -10.45 -1.76 -11.03
CA LYS A 21 -10.03 -1.29 -12.38
C LYS A 21 -11.25 -0.78 -13.16
N ASP A 22 -12.27 -1.58 -13.25
CA ASP A 22 -13.49 -1.15 -13.99
C ASP A 22 -14.24 -0.09 -13.18
N GLY A 23 -14.33 -0.28 -11.89
CA GLY A 23 -15.05 0.70 -11.04
C GLY A 23 -16.51 0.29 -10.88
N ASP A 24 -16.76 -0.96 -10.62
CA ASP A 24 -18.18 -1.42 -10.46
C ASP A 24 -18.55 -1.45 -8.97
N GLY A 25 -17.61 -1.19 -8.09
CA GLY A 25 -17.94 -1.20 -6.64
C GLY A 25 -17.77 -2.61 -6.08
N THR A 26 -16.91 -3.39 -6.67
CA THR A 26 -16.70 -4.78 -6.17
C THR A 26 -15.35 -5.33 -6.66
N ILE A 27 -14.40 -5.52 -5.77
CA ILE A 27 -13.09 -6.06 -6.19
C ILE A 27 -13.19 -7.57 -6.40
N THR A 28 -12.83 -8.04 -7.56
CA THR A 28 -12.91 -9.51 -7.84
C THR A 28 -11.53 -10.15 -7.69
N THR A 29 -11.43 -11.43 -7.91
CA THR A 29 -10.11 -12.10 -7.79
C THR A 29 -9.21 -11.69 -8.96
N LYS A 30 -9.79 -11.46 -10.10
CA LYS A 30 -8.98 -11.06 -11.29
C LYS A 30 -8.46 -9.63 -11.09
N GLU A 31 -9.33 -8.72 -10.75
CA GLU A 31 -8.88 -7.31 -10.53
C GLU A 31 -7.69 -7.28 -9.56
N LEU A 32 -7.92 -7.58 -8.31
CA LEU A 32 -6.79 -7.58 -7.34
C LEU A 32 -5.64 -8.43 -7.89
N GLY A 33 -5.96 -9.47 -8.60
CA GLY A 33 -4.89 -10.34 -9.18
C GLY A 33 -4.04 -9.51 -10.13
N THR A 34 -4.66 -8.66 -10.93
CA THR A 34 -3.87 -7.82 -11.87
C THR A 34 -2.92 -6.93 -11.09
N VAL A 35 -3.37 -6.36 -10.01
CA VAL A 35 -2.48 -5.48 -9.20
C VAL A 35 -1.34 -6.30 -8.61
N MET A 36 -1.66 -7.43 -8.04
CA MET A 36 -0.58 -8.29 -7.44
C MET A 36 0.34 -8.82 -8.55
N ARG A 37 -0.13 -8.82 -9.77
CA ARG A 37 0.71 -9.33 -10.89
C ARG A 37 1.51 -8.18 -11.50
N SER A 38 1.12 -6.97 -11.25
CA SER A 38 1.85 -5.80 -11.82
C SER A 38 3.03 -5.42 -10.91
N LEU A 39 2.81 -5.41 -9.62
CA LEU A 39 3.91 -5.05 -8.69
C LEU A 39 5.16 -5.89 -8.99
N GLY A 40 4.99 -7.05 -9.55
CA GLY A 40 6.17 -7.90 -9.87
C GLY A 40 6.07 -9.22 -9.09
N GLN A 41 4.88 -9.73 -8.93
CA GLN A 41 4.71 -11.01 -8.19
C GLN A 41 3.73 -11.93 -8.92
N ASN A 42 3.28 -12.97 -8.26
CA ASN A 42 2.31 -13.90 -8.91
C ASN A 42 1.38 -14.51 -7.86
N PRO A 43 0.22 -13.93 -7.74
CA PRO A 43 -0.78 -14.42 -6.76
C PRO A 43 -1.31 -15.79 -7.17
N THR A 44 -1.67 -16.60 -6.21
CA THR A 44 -2.19 -17.97 -6.54
C THR A 44 -3.71 -17.97 -6.53
N GLU A 45 -4.32 -18.58 -7.52
CA GLU A 45 -5.82 -18.63 -7.57
C GLU A 45 -6.38 -18.98 -6.18
N ALA A 46 -5.80 -19.95 -5.53
CA ALA A 46 -6.31 -20.33 -4.17
C ALA A 46 -6.01 -19.22 -3.17
N GLU A 47 -4.77 -18.85 -3.03
CA GLU A 47 -4.42 -17.77 -2.06
C GLU A 47 -5.21 -16.50 -2.37
N LEU A 48 -5.25 -16.10 -3.60
CA LEU A 48 -6.01 -14.87 -3.97
C LEU A 48 -7.41 -14.93 -3.36
N GLN A 49 -8.19 -15.89 -3.75
CA GLN A 49 -9.56 -16.01 -3.18
C GLN A 49 -9.51 -15.97 -1.65
N ASP A 50 -8.58 -16.68 -1.07
CA ASP A 50 -8.47 -16.68 0.42
C ASP A 50 -8.08 -15.28 0.89
N MET A 51 -7.39 -14.53 0.08
CA MET A 51 -6.99 -13.15 0.48
C MET A 51 -8.20 -12.21 0.37
N ILE A 52 -8.88 -12.23 -0.73
CA ILE A 52 -10.08 -11.35 -0.88
C ILE A 52 -11.20 -11.86 0.04
N ASN A 53 -11.03 -13.02 0.60
CA ASN A 53 -12.08 -13.57 1.50
C ASN A 53 -11.86 -13.05 2.92
N GLU A 54 -10.68 -12.57 3.21
CA GLU A 54 -10.40 -12.04 4.58
C GLU A 54 -11.19 -10.75 4.81
N VAL A 55 -11.00 -9.77 3.97
CA VAL A 55 -11.75 -8.49 4.15
C VAL A 55 -13.23 -8.71 3.83
N ASP A 56 -13.54 -9.60 2.93
CA ASP A 56 -14.97 -9.86 2.59
C ASP A 56 -15.73 -10.30 3.84
N ALA A 57 -16.11 -9.37 4.66
CA ALA A 57 -16.86 -9.74 5.91
C ALA A 57 -18.29 -10.15 5.57
N ASP A 58 -18.80 -9.74 4.44
CA ASP A 58 -20.20 -10.10 4.06
C ASP A 58 -20.28 -11.59 3.70
N GLY A 59 -19.29 -12.10 3.02
CA GLY A 59 -19.30 -13.54 2.63
C GLY A 59 -19.68 -13.65 1.15
N ASN A 60 -19.66 -12.56 0.44
CA ASN A 60 -20.04 -12.60 -1.01
C ASN A 60 -18.83 -13.02 -1.85
N GLY A 61 -17.68 -12.48 -1.57
CA GLY A 61 -16.46 -12.85 -2.36
C GLY A 61 -15.95 -11.62 -3.12
N THR A 62 -16.46 -10.46 -2.79
CA THR A 62 -15.99 -9.22 -3.47
C THR A 62 -15.83 -8.09 -2.45
N ILE A 63 -14.84 -7.26 -2.63
CA ILE A 63 -14.65 -6.14 -1.65
C ILE A 63 -15.49 -4.93 -2.07
N ASP A 64 -15.92 -4.12 -1.13
CA ASP A 64 -16.75 -2.93 -1.50
C ASP A 64 -16.20 -1.65 -0.85
N PHE A 65 -16.64 -0.52 -1.33
CA PHE A 65 -16.16 0.77 -0.74
C PHE A 65 -16.28 0.78 0.79
N PRO A 66 -17.43 0.38 1.30
CA PRO A 66 -17.64 0.36 2.76
C PRO A 66 -16.75 -0.71 3.39
N GLU A 67 -16.64 -1.85 2.76
CA GLU A 67 -15.76 -2.91 3.33
C GLU A 67 -14.36 -2.36 3.49
N PHE A 68 -13.98 -1.43 2.65
CA PHE A 68 -12.63 -0.82 2.75
C PHE A 68 -12.53 -0.01 4.05
N LEU A 69 -13.32 1.01 4.17
CA LEU A 69 -13.29 1.83 5.41
C LEU A 69 -13.35 0.93 6.64
N THR A 70 -13.85 -0.28 6.49
CA THR A 70 -13.94 -1.21 7.65
C THR A 70 -12.80 -2.24 7.64
N MET A 71 -12.04 -2.32 6.57
CA MET A 71 -10.92 -3.33 6.54
C MET A 71 -9.65 -2.73 7.17
N MET A 72 -9.33 -1.51 6.87
CA MET A 72 -8.10 -0.90 7.47
C MET A 72 -8.25 -0.75 8.99
N ALA A 73 -9.43 -0.96 9.50
CA ALA A 73 -9.64 -0.83 10.98
C ALA A 73 -9.62 -2.19 11.67
N ARG A 74 -9.67 -3.26 10.92
CA ARG A 74 -9.66 -4.62 11.56
C ARG A 74 -8.25 -5.21 11.54
N LYS A 75 -7.35 -4.61 10.83
CA LYS A 75 -5.96 -5.15 10.78
C LYS A 75 -5.08 -4.43 11.81
N MET A 76 -5.44 -3.24 12.18
CA MET A 76 -4.62 -2.49 13.18
C MET A 76 -4.90 -3.02 14.59
N LYS A 77 -4.77 -4.30 14.79
CA LYS A 77 -5.03 -4.87 16.15
C LYS A 77 -3.76 -5.52 16.70
N ASP A 78 -3.28 -6.55 16.07
CA ASP A 78 -2.04 -7.22 16.56
C ASP A 78 -1.54 -8.24 15.53
N THR A 79 -2.44 -8.86 14.81
CA THR A 79 -2.01 -9.86 13.79
C THR A 79 -1.58 -9.15 12.50
N ASP A 80 -1.43 -7.85 12.54
CA ASP A 80 -1.00 -7.11 11.32
C ASP A 80 -0.77 -5.63 11.65
N SER A 81 0.22 -5.35 12.46
CA SER A 81 0.50 -3.93 12.82
C SER A 81 1.94 -3.59 12.45
N GLU A 82 2.87 -4.38 12.89
CA GLU A 82 4.31 -4.12 12.55
C GLU A 82 4.74 -5.01 11.39
N GLU A 83 3.96 -6.00 11.08
CA GLU A 83 4.33 -6.91 9.95
C GLU A 83 3.86 -6.29 8.64
N GLU A 84 2.91 -5.40 8.70
CA GLU A 84 2.41 -4.75 7.45
C GLU A 84 3.43 -3.74 6.94
N ILE A 85 4.24 -3.19 7.81
CA ILE A 85 5.26 -2.20 7.37
C ILE A 85 6.40 -2.94 6.65
N ARG A 86 6.79 -4.06 7.18
CA ARG A 86 7.88 -4.83 6.53
C ARG A 86 7.44 -5.25 5.14
N GLU A 87 6.18 -5.50 4.95
CA GLU A 87 5.68 -5.89 3.60
C GLU A 87 5.76 -4.67 2.69
N ALA A 88 5.12 -3.59 3.06
CA ALA A 88 5.19 -2.37 2.22
C ALA A 88 6.65 -2.09 1.87
N PHE A 89 7.54 -2.37 2.79
CA PHE A 89 8.98 -2.16 2.53
C PHE A 89 9.43 -3.06 1.39
N ARG A 90 9.22 -4.34 1.53
CA ARG A 90 9.62 -5.29 0.45
C ARG A 90 9.22 -4.71 -0.90
N VAL A 91 8.02 -4.22 -1.02
CA VAL A 91 7.59 -3.63 -2.31
C VAL A 91 8.62 -2.60 -2.77
N PHE A 92 9.01 -1.71 -1.90
CA PHE A 92 10.02 -0.68 -2.28
C PHE A 92 11.39 -1.33 -2.50
N ASP A 93 11.79 -2.21 -1.61
CA ASP A 93 13.12 -2.87 -1.77
C ASP A 93 12.98 -4.18 -2.54
N LYS A 94 12.51 -4.12 -3.75
CA LYS A 94 12.35 -5.38 -4.55
C LYS A 94 13.64 -6.19 -4.54
N ASP A 95 14.75 -5.55 -4.77
CA ASP A 95 16.05 -6.28 -4.78
C ASP A 95 16.38 -6.81 -3.38
N GLY A 96 15.86 -6.18 -2.36
CA GLY A 96 16.15 -6.65 -0.98
C GLY A 96 17.62 -6.44 -0.64
N ASN A 97 18.12 -5.26 -0.86
CA ASN A 97 19.56 -4.98 -0.56
C ASN A 97 19.69 -4.33 0.82
N GLY A 98 18.63 -3.78 1.33
CA GLY A 98 18.69 -3.12 2.66
C GLY A 98 18.56 -1.61 2.48
N TYR A 99 17.95 -1.18 1.41
CA TYR A 99 17.80 0.28 1.17
C TYR A 99 16.84 0.52 -0.01
N ILE A 100 16.26 1.69 -0.09
CA ILE A 100 15.33 1.98 -1.22
C ILE A 100 15.89 3.13 -2.07
N SER A 101 15.61 3.12 -3.34
CA SER A 101 16.13 4.21 -4.22
C SER A 101 14.97 4.81 -5.02
N ALA A 102 15.03 6.09 -5.29
CA ALA A 102 13.92 6.74 -6.07
C ALA A 102 13.49 5.84 -7.22
N ALA A 103 14.40 5.04 -7.73
CA ALA A 103 14.04 4.12 -8.84
C ALA A 103 13.04 3.08 -8.35
N GLU A 104 13.39 2.36 -7.32
CA GLU A 104 12.45 1.33 -6.77
C GLU A 104 11.10 1.98 -6.47
N LEU A 105 11.11 3.19 -5.98
CA LEU A 105 9.83 3.88 -5.68
C LEU A 105 9.11 4.23 -6.98
N ARG A 106 9.85 4.64 -7.98
CA ARG A 106 9.20 4.99 -9.27
C ARG A 106 8.54 3.74 -9.86
N HIS A 107 9.13 2.59 -9.65
CA HIS A 107 8.52 1.35 -10.18
C HIS A 107 7.20 1.08 -9.46
N VAL A 108 7.22 1.10 -8.17
CA VAL A 108 5.96 0.86 -7.39
C VAL A 108 4.91 1.90 -7.80
N MET A 109 5.34 3.11 -8.04
CA MET A 109 4.39 4.18 -8.44
C MET A 109 3.53 3.73 -9.62
N THR A 110 4.13 3.49 -10.75
CA THR A 110 3.33 3.05 -11.94
C THR A 110 2.68 1.69 -11.68
N ASN A 111 3.11 0.99 -10.67
CA ASN A 111 2.50 -0.34 -10.37
C ASN A 111 1.18 -0.13 -9.63
N LEU A 112 1.00 1.03 -9.04
CA LEU A 112 -0.27 1.30 -8.32
C LEU A 112 -1.13 2.28 -9.12
N GLY A 113 -0.51 3.12 -9.91
CA GLY A 113 -1.30 4.09 -10.73
C GLY A 113 -0.52 5.39 -10.93
N GLU A 114 -0.43 6.21 -9.91
CA GLU A 114 0.29 7.51 -10.04
C GLU A 114 1.81 7.30 -10.15
N LYS A 115 2.48 8.17 -10.86
CA LYS A 115 3.96 8.05 -11.01
C LYS A 115 4.61 9.40 -10.70
N LEU A 116 4.80 9.69 -9.44
CA LEU A 116 5.42 11.01 -9.05
C LEU A 116 6.51 11.43 -10.05
N THR A 117 6.61 12.70 -10.33
CA THR A 117 7.64 13.18 -11.29
C THR A 117 9.04 12.76 -10.80
N ASP A 118 10.04 13.50 -11.17
CA ASP A 118 11.43 13.16 -10.73
C ASP A 118 11.81 14.02 -9.52
N GLU A 119 11.94 15.29 -9.71
CA GLU A 119 12.31 16.18 -8.58
C GLU A 119 11.50 15.80 -7.35
N GLU A 120 10.21 15.64 -7.51
CA GLU A 120 9.36 15.25 -6.35
C GLU A 120 9.86 13.92 -5.77
N VAL A 121 9.97 12.92 -6.59
CA VAL A 121 10.46 11.60 -6.10
C VAL A 121 11.84 11.77 -5.44
N ASP A 122 12.66 12.60 -6.02
CA ASP A 122 14.01 12.83 -5.43
C ASP A 122 13.87 13.52 -4.06
N GLU A 123 13.02 14.50 -3.98
CA GLU A 123 12.83 15.20 -2.68
C GLU A 123 12.10 14.28 -1.70
N MET A 124 11.17 13.51 -2.19
CA MET A 124 10.42 12.58 -1.29
C MET A 124 11.41 11.66 -0.56
N ILE A 125 12.45 11.24 -1.24
CA ILE A 125 13.45 10.35 -0.58
C ILE A 125 14.44 11.18 0.24
N ARG A 126 14.71 12.38 -0.19
CA ARG A 126 15.67 13.24 0.56
C ARG A 126 15.07 13.64 1.92
N GLU A 127 13.79 13.88 1.97
CA GLU A 127 13.16 14.26 3.26
C GLU A 127 13.18 13.08 4.23
N ALA A 128 13.12 11.88 3.72
CA ALA A 128 13.14 10.69 4.60
C ALA A 128 14.57 10.33 4.98
N ASP A 129 15.51 10.64 4.13
CA ASP A 129 16.93 10.31 4.43
C ASP A 129 17.40 11.11 5.66
N ILE A 130 16.94 10.74 6.83
CA ILE A 130 17.37 11.46 8.06
C ILE A 130 18.90 11.42 8.19
N ASP A 131 19.52 10.45 7.57
CA ASP A 131 21.01 10.34 7.66
C ASP A 131 21.65 10.96 6.41
N GLY A 132 20.90 11.15 5.37
CA GLY A 132 21.47 11.75 4.14
C GLY A 132 22.37 10.72 3.43
N ASP A 133 21.82 9.61 3.03
CA ASP A 133 22.64 8.58 2.34
C ASP A 133 22.25 8.48 0.87
N GLY A 134 21.34 9.31 0.43
CA GLY A 134 20.91 9.26 -0.99
C GLY A 134 19.81 8.21 -1.17
N GLN A 135 19.45 7.52 -0.12
CA GLN A 135 18.39 6.49 -0.24
C GLN A 135 17.69 6.29 1.11
N VAL A 136 16.58 5.59 1.13
CA VAL A 136 15.87 5.35 2.41
C VAL A 136 16.19 3.95 2.95
N ASN A 137 16.30 3.81 4.24
CA ASN A 137 16.63 2.47 4.82
C ASN A 137 15.42 1.92 5.59
N TYR A 138 15.59 0.81 6.27
CA TYR A 138 14.46 0.23 7.05
C TYR A 138 14.13 1.11 8.26
N GLU A 139 15.12 1.41 9.07
CA GLU A 139 14.86 2.25 10.28
C GLU A 139 13.98 3.45 9.89
N GLU A 140 14.37 4.20 8.90
CA GLU A 140 13.55 5.38 8.48
C GLU A 140 12.12 4.93 8.16
N PHE A 141 11.96 4.05 7.22
CA PHE A 141 10.60 3.57 6.85
C PHE A 141 9.79 3.24 8.11
N VAL A 142 10.46 2.92 9.18
CA VAL A 142 9.73 2.58 10.45
C VAL A 142 9.72 3.78 11.39
N GLN A 143 10.87 4.32 11.69
CA GLN A 143 10.92 5.50 12.62
C GLN A 143 9.86 6.53 12.23
N MET A 144 9.45 6.52 10.98
CA MET A 144 8.42 7.51 10.54
C MET A 144 7.01 6.99 10.87
N MET A 145 6.86 5.70 11.00
CA MET A 145 5.51 5.14 11.33
C MET A 145 5.41 4.81 12.82
N THR A 146 6.51 4.84 13.53
CA THR A 146 6.46 4.52 14.98
C THR A 146 6.26 5.81 15.78
N ALA A 147 6.89 6.88 15.38
CA ALA A 147 6.72 8.16 16.12
C ALA A 147 5.39 8.81 15.77
N LYS A 148 4.31 8.09 15.91
CA LYS A 148 2.98 8.67 15.59
C LYS A 148 3.05 9.49 14.29
N VAL B 1 10.82 -17.17 4.59
CA VAL B 1 9.89 -17.27 3.42
C VAL B 1 8.68 -16.34 3.64
N LYS B 2 8.04 -15.92 2.57
CA LYS B 2 6.86 -15.02 2.73
C LYS B 2 5.63 -15.65 2.07
N LEU B 3 4.56 -14.90 1.94
CA LEU B 3 3.34 -15.46 1.32
C LEU B 3 2.54 -14.34 0.66
N ILE B 4 3.09 -13.71 -0.34
CA ILE B 4 2.37 -12.61 -1.04
C ILE B 4 2.01 -11.50 -0.04
N PRO B 5 1.91 -10.30 -0.57
CA PRO B 5 1.57 -9.14 0.27
C PRO B 5 0.11 -9.22 0.72
N SER B 6 -0.14 -9.01 1.99
CA SER B 6 -1.54 -9.09 2.49
C SER B 6 -2.38 -7.92 1.96
N TRP B 7 -3.54 -7.71 2.53
CA TRP B 7 -4.43 -6.60 2.07
C TRP B 7 -3.89 -5.26 2.53
N THR B 8 -4.07 -4.92 3.78
CA THR B 8 -3.57 -3.62 4.29
C THR B 8 -2.18 -3.33 3.72
N THR B 9 -1.45 -4.37 3.38
CA THR B 9 -0.09 -4.15 2.79
C THR B 9 -0.21 -3.38 1.47
N VAL B 10 -0.86 -3.96 0.48
CA VAL B 10 -1.00 -3.24 -0.82
C VAL B 10 -1.54 -1.84 -0.57
N ILE B 11 -2.27 -1.66 0.50
CA ILE B 11 -2.81 -0.31 0.82
C ILE B 11 -1.69 0.53 1.45
N LEU B 12 -0.74 -0.10 2.05
CA LEU B 12 0.37 0.64 2.69
C LEU B 12 1.24 1.30 1.62
N VAL B 13 1.64 0.56 0.64
CA VAL B 13 2.49 1.14 -0.44
C VAL B 13 1.70 2.16 -1.25
N LYS B 14 0.46 1.87 -1.54
CA LYS B 14 -0.35 2.85 -2.32
C LYS B 14 -0.53 4.13 -1.51
N SER B 15 -0.87 4.00 -0.25
CA SER B 15 -1.04 5.21 0.59
C SER B 15 0.26 6.01 0.58
N MET B 16 1.38 5.33 0.57
CA MET B 16 2.68 6.05 0.52
C MET B 16 2.73 6.90 -0.74
N LEU B 17 2.15 6.41 -1.80
CA LEU B 17 2.14 7.18 -3.08
C LEU B 17 1.17 8.36 -2.95
N ARG B 18 1.39 9.19 -1.97
CA ARG B 18 0.48 10.36 -1.77
C ARG B 18 0.97 11.57 -2.60
N LYS B 19 1.91 12.33 -2.10
CA LYS B 19 2.41 13.49 -2.87
C LYS B 19 3.95 13.53 -2.85
N ARG B 20 4.54 14.11 -1.84
CA ARG B 20 6.03 14.17 -1.79
C ARG B 20 6.51 13.98 -0.35
N SER B 21 5.72 13.34 0.46
CA SER B 21 6.13 13.11 1.88
C SER B 21 6.31 11.62 2.13
N PHE B 22 6.69 11.24 3.30
CA PHE B 22 6.88 9.80 3.58
C PHE B 22 6.31 9.44 4.96
N GLY B 23 5.81 8.24 5.10
CA GLY B 23 5.24 7.83 6.42
C GLY B 23 3.72 7.89 6.34
N ASN B 24 3.04 7.02 7.01
CA ASN B 24 1.55 7.02 6.97
C ASN B 24 0.98 7.25 8.38
N PRO B 25 0.01 8.12 8.44
CA PRO B 25 -0.65 8.44 9.73
C PRO B 25 -1.52 7.27 10.18
N PHE B 26 -2.29 6.71 9.26
CA PHE B 26 -3.16 5.57 9.62
C PHE B 26 -3.82 5.80 11.00
CA CA C . -14.69 -4.29 -9.90
CA CA D . -18.30 -8.03 0.25
CA CA E . 16.93 -1.58 -2.99
CA CA F . 18.01 7.94 4.34
N ALA A 1 -7.80 23.76 11.59
CA ALA A 1 -9.04 23.05 11.18
C ALA A 1 -8.73 22.02 10.09
N ASP A 2 -7.74 21.20 10.29
CA ASP A 2 -7.38 20.17 9.28
C ASP A 2 -8.32 18.97 9.39
N GLN A 3 -8.93 18.79 10.54
CA GLN A 3 -9.86 17.63 10.72
C GLN A 3 -10.97 17.69 9.66
N LEU A 4 -10.85 16.89 8.63
CA LEU A 4 -11.91 16.89 7.57
C LEU A 4 -12.30 15.44 7.22
N THR A 5 -13.14 15.26 6.24
CA THR A 5 -13.55 13.87 5.87
C THR A 5 -13.51 13.68 4.34
N GLU A 6 -13.24 14.71 3.60
CA GLU A 6 -13.19 14.56 2.11
C GLU A 6 -11.79 14.16 1.65
N GLU A 7 -10.77 14.77 2.20
CA GLU A 7 -9.38 14.41 1.79
C GLU A 7 -9.07 12.96 2.17
N GLN A 8 -9.08 12.65 3.44
CA GLN A 8 -8.79 11.25 3.86
C GLN A 8 -9.63 10.27 3.03
N ILE A 9 -10.85 10.61 2.75
CA ILE A 9 -11.71 9.71 1.94
C ILE A 9 -11.16 9.64 0.51
N ALA A 10 -10.55 10.70 0.05
CA ALA A 10 -9.98 10.70 -1.32
C ALA A 10 -8.90 9.62 -1.43
N GLU A 11 -7.91 9.67 -0.59
CA GLU A 11 -6.84 8.64 -0.64
C GLU A 11 -7.46 7.24 -0.49
N PHE A 12 -8.50 7.14 0.29
CA PHE A 12 -9.17 5.82 0.46
C PHE A 12 -9.96 5.49 -0.80
N LYS A 13 -10.71 6.43 -1.31
CA LYS A 13 -11.49 6.16 -2.55
C LYS A 13 -10.53 5.79 -3.68
N GLU A 14 -9.45 6.52 -3.80
CA GLU A 14 -8.46 6.20 -4.88
C GLU A 14 -8.03 4.73 -4.74
N ALA A 15 -7.76 4.31 -3.54
CA ALA A 15 -7.35 2.89 -3.33
C ALA A 15 -8.44 1.96 -3.83
N PHE A 16 -9.64 2.11 -3.33
CA PHE A 16 -10.74 1.23 -3.80
C PHE A 16 -10.88 1.35 -5.30
N SER A 17 -10.85 2.55 -5.82
CA SER A 17 -10.96 2.73 -7.29
C SER A 17 -9.77 2.04 -7.97
N LEU A 18 -8.62 2.13 -7.38
CA LEU A 18 -7.41 1.46 -7.97
C LEU A 18 -7.67 -0.04 -8.10
N PHE A 19 -8.50 -0.58 -7.26
CA PHE A 19 -8.80 -2.03 -7.32
C PHE A 19 -10.00 -2.27 -8.24
N ASP A 20 -11.06 -1.56 -8.02
CA ASP A 20 -12.28 -1.74 -8.87
C ASP A 20 -12.06 -1.13 -10.26
N LYS A 21 -11.32 -1.81 -11.09
CA LYS A 21 -11.07 -1.27 -12.47
C LYS A 21 -12.38 -0.90 -13.15
N ASP A 22 -13.17 -1.87 -13.49
CA ASP A 22 -14.47 -1.59 -14.16
C ASP A 22 -15.19 -0.45 -13.43
N GLY A 23 -14.96 -0.32 -12.15
CA GLY A 23 -15.63 0.77 -11.38
C GLY A 23 -17.10 0.42 -11.16
N ASP A 24 -17.38 -0.72 -10.60
CA ASP A 24 -18.79 -1.12 -10.36
C ASP A 24 -19.13 -1.02 -8.86
N GLY A 25 -18.18 -1.30 -8.01
CA GLY A 25 -18.44 -1.22 -6.55
C GLY A 25 -18.11 -2.57 -5.90
N THR A 26 -17.52 -3.47 -6.63
CA THR A 26 -17.17 -4.80 -6.05
C THR A 26 -15.82 -5.29 -6.59
N ILE A 27 -14.86 -5.45 -5.75
CA ILE A 27 -13.52 -5.92 -6.22
C ILE A 27 -13.55 -7.42 -6.51
N THR A 28 -13.10 -7.82 -7.67
CA THR A 28 -13.10 -9.28 -8.02
C THR A 28 -11.73 -9.89 -7.71
N THR A 29 -11.67 -11.19 -7.60
CA THR A 29 -10.36 -11.85 -7.31
C THR A 29 -9.33 -11.50 -8.39
N LYS A 30 -9.76 -11.45 -9.63
CA LYS A 30 -8.80 -11.13 -10.73
C LYS A 30 -8.30 -9.68 -10.58
N GLU A 31 -9.20 -8.74 -10.47
CA GLU A 31 -8.76 -7.32 -10.32
C GLU A 31 -7.60 -7.23 -9.34
N LEU A 32 -7.82 -7.62 -8.11
CA LEU A 32 -6.72 -7.57 -7.10
C LEU A 32 -5.52 -8.37 -7.62
N GLY A 33 -5.76 -9.47 -8.26
CA GLY A 33 -4.63 -10.28 -8.79
C GLY A 33 -3.85 -9.45 -9.80
N THR A 34 -4.53 -8.70 -10.62
CA THR A 34 -3.84 -7.85 -11.63
C THR A 34 -2.88 -6.90 -10.91
N VAL A 35 -3.30 -6.32 -9.82
CA VAL A 35 -2.42 -5.39 -9.08
C VAL A 35 -1.18 -6.13 -8.56
N MET A 36 -1.38 -7.21 -7.85
CA MET A 36 -0.21 -7.99 -7.34
C MET A 36 0.71 -8.37 -8.49
N ARG A 37 0.15 -8.58 -9.65
CA ARG A 37 0.99 -8.95 -10.84
C ARG A 37 1.75 -7.72 -11.34
N SER A 38 1.24 -6.55 -11.08
CA SER A 38 1.94 -5.32 -11.53
C SER A 38 3.13 -5.02 -10.62
N LEU A 39 2.94 -5.07 -9.33
CA LEU A 39 4.06 -4.78 -8.39
C LEU A 39 5.23 -5.72 -8.68
N GLY A 40 5.00 -7.00 -8.71
CA GLY A 40 6.10 -7.96 -8.98
C GLY A 40 5.99 -9.17 -8.04
N GLN A 41 4.89 -9.87 -8.08
CA GLN A 41 4.74 -11.05 -7.18
C GLN A 41 4.06 -12.21 -7.95
N ASN A 42 3.68 -13.24 -7.24
CA ASN A 42 3.01 -14.40 -7.94
C ASN A 42 1.91 -14.99 -7.05
N PRO A 43 0.82 -14.30 -6.99
CA PRO A 43 -0.33 -14.75 -6.17
C PRO A 43 -1.04 -15.93 -6.86
N THR A 44 -1.08 -17.06 -6.21
CA THR A 44 -1.75 -18.25 -6.84
C THR A 44 -3.28 -18.10 -6.75
N GLU A 45 -4.00 -18.73 -7.64
CA GLU A 45 -5.48 -18.62 -7.61
C GLU A 45 -6.01 -19.05 -6.24
N ALA A 46 -5.58 -20.17 -5.74
CA ALA A 46 -6.05 -20.64 -4.41
C ALA A 46 -5.77 -19.58 -3.34
N GLU A 47 -4.54 -19.16 -3.23
CA GLU A 47 -4.20 -18.12 -2.22
C GLU A 47 -5.06 -16.88 -2.43
N LEU A 48 -5.37 -16.55 -3.66
CA LEU A 48 -6.22 -15.35 -3.93
C LEU A 48 -7.53 -15.45 -3.16
N GLN A 49 -8.25 -16.53 -3.35
CA GLN A 49 -9.54 -16.68 -2.63
C GLN A 49 -9.30 -16.65 -1.12
N ASP A 50 -8.16 -17.10 -0.68
CA ASP A 50 -7.86 -17.09 0.78
C ASP A 50 -7.67 -15.65 1.27
N MET A 51 -7.01 -14.84 0.50
CA MET A 51 -6.80 -13.41 0.92
C MET A 51 -8.10 -12.63 0.76
N ILE A 52 -8.84 -12.89 -0.29
CA ILE A 52 -10.12 -12.17 -0.50
C ILE A 52 -11.13 -12.54 0.60
N ASN A 53 -10.96 -13.70 1.19
CA ASN A 53 -11.90 -14.13 2.27
C ASN A 53 -11.56 -13.40 3.58
N GLU A 54 -10.56 -12.57 3.56
CA GLU A 54 -10.17 -11.85 4.80
C GLU A 54 -10.84 -10.48 4.84
N VAL A 55 -11.39 -10.03 3.74
CA VAL A 55 -12.07 -8.70 3.72
C VAL A 55 -13.57 -8.87 3.51
N ASP A 56 -13.97 -9.85 2.73
CA ASP A 56 -15.42 -10.07 2.47
C ASP A 56 -16.22 -9.99 3.77
N ALA A 57 -16.66 -8.82 4.13
CA ALA A 57 -17.44 -8.68 5.41
C ALA A 57 -18.92 -8.97 5.18
N ASP A 58 -19.43 -8.69 4.00
CA ASP A 58 -20.87 -8.95 3.73
C ASP A 58 -21.08 -10.41 3.33
N GLY A 59 -20.20 -10.96 2.54
CA GLY A 59 -20.33 -12.38 2.12
C GLY A 59 -20.72 -12.43 0.64
N ASN A 60 -20.40 -11.40 -0.10
CA ASN A 60 -20.74 -11.40 -1.55
C ASN A 60 -19.55 -11.90 -2.38
N GLY A 61 -18.39 -11.96 -1.79
CA GLY A 61 -17.19 -12.43 -2.54
C GLY A 61 -16.29 -11.24 -2.86
N THR A 62 -16.79 -10.32 -3.65
CA THR A 62 -15.96 -9.12 -4.01
C THR A 62 -15.93 -8.14 -2.84
N ILE A 63 -15.03 -7.20 -2.86
CA ILE A 63 -14.94 -6.20 -1.74
C ILE A 63 -15.82 -4.98 -2.07
N ASP A 64 -16.35 -4.34 -1.06
CA ASP A 64 -17.21 -3.15 -1.31
C ASP A 64 -16.57 -1.88 -0.73
N PHE A 65 -17.01 -0.72 -1.17
CA PHE A 65 -16.42 0.55 -0.67
C PHE A 65 -16.36 0.57 0.87
N PRO A 66 -17.45 0.17 1.52
CA PRO A 66 -17.47 0.16 3.00
C PRO A 66 -16.55 -0.94 3.54
N GLU A 67 -16.53 -2.08 2.92
CA GLU A 67 -15.65 -3.18 3.40
C GLU A 67 -14.19 -2.71 3.42
N PHE A 68 -13.85 -1.76 2.59
CA PHE A 68 -12.45 -1.26 2.57
C PHE A 68 -12.23 -0.20 3.66
N LEU A 69 -13.19 0.66 3.85
CA LEU A 69 -13.05 1.72 4.89
C LEU A 69 -13.07 1.11 6.29
N THR A 70 -13.49 -0.11 6.42
CA THR A 70 -13.54 -0.74 7.78
C THR A 70 -12.33 -1.67 7.97
N MET A 71 -11.98 -2.43 6.98
CA MET A 71 -10.83 -3.38 7.12
C MET A 71 -9.50 -2.61 7.30
N MET A 72 -9.36 -1.48 6.67
CA MET A 72 -8.09 -0.70 6.80
C MET A 72 -7.90 -0.18 8.24
N ALA A 73 -8.91 -0.29 9.06
CA ALA A 73 -8.77 0.23 10.47
C ALA A 73 -8.80 -0.93 11.48
N ARG A 74 -9.13 -2.11 11.05
CA ARG A 74 -9.18 -3.26 12.02
C ARG A 74 -7.88 -4.06 11.98
N LYS A 75 -7.26 -4.15 10.84
CA LYS A 75 -5.99 -4.93 10.73
C LYS A 75 -4.77 -4.04 11.01
N MET A 76 -4.95 -3.00 11.79
CA MET A 76 -3.79 -2.10 12.08
C MET A 76 -3.21 -2.41 13.46
N LYS A 77 -3.83 -1.94 14.51
CA LYS A 77 -3.29 -2.20 15.88
C LYS A 77 -3.85 -3.52 16.44
N ASP A 78 -3.68 -4.60 15.73
CA ASP A 78 -4.21 -5.91 16.23
C ASP A 78 -3.06 -6.77 16.76
N THR A 79 -2.03 -6.94 15.97
CA THR A 79 -0.87 -7.78 16.43
C THR A 79 0.35 -7.54 15.53
N ASP A 80 0.14 -7.38 14.26
CA ASP A 80 1.30 -7.15 13.34
C ASP A 80 1.64 -5.66 13.30
N SER A 81 2.41 -5.20 14.23
CA SER A 81 2.80 -3.76 14.26
C SER A 81 3.92 -3.49 13.25
N GLU A 82 5.11 -3.95 13.56
CA GLU A 82 6.25 -3.72 12.63
C GLU A 82 6.30 -4.81 11.56
N GLU A 83 5.52 -5.85 11.72
CA GLU A 83 5.53 -6.95 10.71
C GLU A 83 4.97 -6.45 9.37
N GLU A 84 3.77 -5.94 9.36
CA GLU A 84 3.17 -5.44 8.09
C GLU A 84 4.12 -4.46 7.40
N ILE A 85 4.92 -3.77 8.15
CA ILE A 85 5.87 -2.80 7.54
C ILE A 85 6.90 -3.56 6.72
N ARG A 86 7.18 -4.77 7.11
CA ARG A 86 8.17 -5.59 6.35
C ARG A 86 7.63 -5.89 4.96
N GLU A 87 6.32 -5.99 4.84
CA GLU A 87 5.72 -6.28 3.51
C GLU A 87 5.81 -5.02 2.63
N ALA A 88 5.41 -3.89 3.15
CA ALA A 88 5.48 -2.64 2.34
C ALA A 88 6.95 -2.32 2.02
N PHE A 89 7.84 -2.70 2.91
CA PHE A 89 9.28 -2.43 2.65
C PHE A 89 9.76 -3.25 1.46
N ARG A 90 9.48 -4.53 1.47
CA ARG A 90 9.91 -5.38 0.33
C ARG A 90 9.27 -4.86 -0.97
N VAL A 91 8.11 -4.30 -0.87
CA VAL A 91 7.45 -3.76 -2.09
C VAL A 91 8.32 -2.67 -2.72
N PHE A 92 8.80 -1.75 -1.92
CA PHE A 92 9.66 -0.67 -2.47
C PHE A 92 11.00 -1.24 -2.93
N ASP A 93 11.46 -2.28 -2.29
CA ASP A 93 12.76 -2.90 -2.69
C ASP A 93 12.55 -3.83 -3.90
N LYS A 94 11.99 -3.32 -4.95
CA LYS A 94 11.75 -4.17 -6.17
C LYS A 94 12.97 -5.06 -6.44
N ASP A 95 14.14 -4.58 -6.14
CA ASP A 95 15.37 -5.40 -6.40
C ASP A 95 15.70 -6.27 -5.18
N GLY A 96 15.38 -5.79 -4.00
CA GLY A 96 15.68 -6.60 -2.78
C GLY A 96 17.13 -6.36 -2.33
N ASN A 97 17.73 -5.29 -2.76
CA ASN A 97 19.15 -5.01 -2.36
C ASN A 97 19.19 -4.53 -0.91
N GLY A 98 18.06 -4.14 -0.37
CA GLY A 98 18.04 -3.66 1.05
C GLY A 98 18.20 -2.15 1.08
N TYR A 99 17.70 -1.46 0.08
CA TYR A 99 17.84 0.03 0.06
C TYR A 99 16.83 0.64 -0.90
N ILE A 100 15.81 1.27 -0.40
CA ILE A 100 14.79 1.89 -1.29
C ILE A 100 15.39 3.09 -2.03
N SER A 101 15.31 3.09 -3.33
CA SER A 101 15.89 4.23 -4.10
C SER A 101 14.77 4.98 -4.84
N ALA A 102 15.03 6.18 -5.26
CA ALA A 102 13.98 6.95 -5.99
C ALA A 102 13.47 6.16 -7.20
N ALA A 103 14.35 5.45 -7.85
CA ALA A 103 13.92 4.65 -9.03
C ALA A 103 12.88 3.60 -8.60
N GLU A 104 13.19 2.82 -7.61
CA GLU A 104 12.22 1.79 -7.14
C GLU A 104 10.89 2.46 -6.77
N LEU A 105 10.96 3.61 -6.15
CA LEU A 105 9.70 4.31 -5.78
C LEU A 105 8.90 4.63 -7.03
N ARG A 106 9.57 4.99 -8.10
CA ARG A 106 8.84 5.30 -9.36
C ARG A 106 8.10 4.05 -9.85
N HIS A 107 8.70 2.91 -9.67
CA HIS A 107 8.04 1.64 -10.11
C HIS A 107 6.77 1.41 -9.29
N VAL A 108 6.87 1.45 -7.99
CA VAL A 108 5.66 1.25 -7.14
C VAL A 108 4.65 2.37 -7.44
N MET A 109 5.12 3.51 -7.82
CA MET A 109 4.20 4.64 -8.13
C MET A 109 3.38 4.31 -9.38
N THR A 110 4.03 4.08 -10.48
CA THR A 110 3.28 3.75 -11.73
C THR A 110 2.50 2.44 -11.54
N ASN A 111 3.00 1.57 -10.70
CA ASN A 111 2.29 0.29 -10.47
C ASN A 111 1.10 0.50 -9.53
N LEU A 112 0.97 1.68 -8.99
CA LEU A 112 -0.17 1.94 -8.06
C LEU A 112 -1.09 3.04 -8.62
N GLY A 113 -0.88 3.46 -9.85
CA GLY A 113 -1.78 4.49 -10.44
C GLY A 113 -1.02 5.80 -10.67
N GLU A 114 -0.64 6.49 -9.64
CA GLU A 114 0.06 7.79 -9.82
C GLU A 114 1.59 7.61 -9.86
N LYS A 115 2.28 8.59 -10.37
CA LYS A 115 3.77 8.51 -10.45
C LYS A 115 4.36 9.89 -10.15
N LEU A 116 4.51 10.21 -8.89
CA LEU A 116 5.08 11.54 -8.50
C LEU A 116 6.21 11.95 -9.45
N THR A 117 6.27 13.21 -9.81
CA THR A 117 7.34 13.68 -10.72
C THR A 117 8.71 13.26 -10.18
N ASP A 118 9.77 13.74 -10.79
CA ASP A 118 11.13 13.37 -10.31
C ASP A 118 11.55 14.26 -9.13
N GLU A 119 11.50 15.54 -9.30
CA GLU A 119 11.89 16.45 -8.19
C GLU A 119 11.01 16.18 -6.97
N GLU A 120 9.79 15.74 -7.19
CA GLU A 120 8.90 15.44 -6.04
C GLU A 120 9.36 14.13 -5.39
N VAL A 121 9.49 13.11 -6.16
CA VAL A 121 9.95 11.81 -5.60
C VAL A 121 11.32 12.00 -4.93
N ASP A 122 12.14 12.85 -5.49
CA ASP A 122 13.47 13.10 -4.87
C ASP A 122 13.29 13.66 -3.47
N GLU A 123 12.40 14.59 -3.31
CA GLU A 123 12.16 15.17 -1.96
C GLU A 123 11.49 14.14 -1.07
N MET A 124 10.75 13.24 -1.65
CA MET A 124 10.06 12.19 -0.85
C MET A 124 11.10 11.26 -0.21
N ILE A 125 12.09 10.85 -0.97
CA ILE A 125 13.13 9.94 -0.41
C ILE A 125 14.08 10.74 0.48
N ARG A 126 14.59 11.85 -0.03
CA ARG A 126 15.51 12.67 0.79
C ARG A 126 14.86 13.08 2.10
N GLU A 127 13.64 13.55 2.04
CA GLU A 127 12.93 13.95 3.29
C GLU A 127 12.76 12.74 4.20
N ALA A 128 12.38 11.63 3.65
CA ALA A 128 12.19 10.40 4.48
C ALA A 128 13.55 9.91 5.00
N ASP A 129 14.58 10.12 4.23
CA ASP A 129 15.95 9.68 4.66
C ASP A 129 16.44 10.58 5.79
N ILE A 130 16.36 10.11 7.01
CA ILE A 130 16.83 10.94 8.17
C ILE A 130 18.26 11.42 7.93
N ASP A 131 19.07 10.61 7.31
CA ASP A 131 20.49 11.03 7.04
C ASP A 131 20.63 11.52 5.60
N GLY A 132 19.78 11.05 4.71
CA GLY A 132 19.88 11.50 3.29
C GLY A 132 21.14 10.90 2.66
N ASP A 133 21.32 9.61 2.77
CA ASP A 133 22.53 8.97 2.18
C ASP A 133 22.28 8.63 0.69
N GLY A 134 21.04 8.48 0.31
CA GLY A 134 20.74 8.17 -1.11
C GLY A 134 19.59 7.18 -1.20
N GLN A 135 19.18 6.62 -0.10
CA GLN A 135 18.04 5.65 -0.13
C GLN A 135 17.56 5.33 1.28
N VAL A 136 16.41 4.70 1.39
CA VAL A 136 15.88 4.35 2.74
C VAL A 136 16.10 2.86 3.02
N ASN A 137 16.18 2.48 4.27
CA ASN A 137 16.41 1.04 4.60
C ASN A 137 15.28 0.52 5.51
N TYR A 138 15.61 -0.37 6.41
CA TYR A 138 14.57 -0.92 7.32
C TYR A 138 14.25 0.08 8.45
N GLU A 139 15.18 0.30 9.33
CA GLU A 139 14.93 1.24 10.46
C GLU A 139 14.29 2.54 9.94
N GLU A 140 14.81 3.09 8.88
CA GLU A 140 14.22 4.35 8.33
C GLU A 140 12.77 4.12 7.93
N PHE A 141 12.52 3.18 7.05
CA PHE A 141 11.11 2.92 6.62
C PHE A 141 10.20 2.76 7.84
N VAL A 142 10.76 2.45 8.97
CA VAL A 142 9.93 2.28 10.20
C VAL A 142 9.85 3.59 10.99
N GLN A 143 10.98 4.11 11.40
CA GLN A 143 10.97 5.38 12.18
C GLN A 143 9.98 6.37 11.56
N MET A 144 9.78 6.30 10.27
CA MET A 144 8.82 7.23 9.62
C MET A 144 7.38 6.89 10.04
N MET A 145 7.11 5.65 10.30
CA MET A 145 5.74 5.24 10.72
C MET A 145 5.62 5.23 12.24
N THR A 146 6.70 4.97 12.92
CA THR A 146 6.65 4.93 14.42
C THR A 146 6.91 6.32 15.00
N ALA A 147 6.53 7.34 14.28
CA ALA A 147 6.76 8.73 14.78
C ALA A 147 5.77 9.04 15.92
N LYS A 148 5.74 8.23 16.94
CA LYS A 148 4.81 8.47 18.08
C LYS A 148 3.36 8.15 17.67
N VAL B 1 10.65 -17.46 0.03
CA VAL B 1 10.33 -17.70 -1.41
C VAL B 1 8.93 -17.18 -1.75
N LYS B 2 8.14 -16.91 -0.74
CA LYS B 2 6.76 -16.40 -1.01
C LYS B 2 6.27 -15.56 0.17
N LEU B 3 5.53 -14.52 -0.11
CA LEU B 3 5.01 -13.65 0.99
C LEU B 3 3.77 -12.89 0.51
N ILE B 4 3.84 -12.29 -0.65
CA ILE B 4 2.67 -11.55 -1.18
C ILE B 4 2.20 -10.48 -0.18
N PRO B 5 1.60 -9.44 -0.70
CA PRO B 5 1.10 -8.35 0.17
C PRO B 5 -0.14 -8.81 0.95
N SER B 6 -0.23 -8.43 2.20
CA SER B 6 -1.40 -8.87 3.03
C SER B 6 -2.54 -7.86 2.93
N TRP B 7 -3.11 -7.68 1.76
CA TRP B 7 -4.24 -6.72 1.62
C TRP B 7 -3.87 -5.34 2.21
N THR B 8 -4.05 -5.16 3.48
CA THR B 8 -3.70 -3.85 4.11
C THR B 8 -2.35 -3.37 3.57
N THR B 9 -1.42 -4.26 3.42
CA THR B 9 -0.09 -3.86 2.89
C THR B 9 -0.28 -3.07 1.59
N VAL B 10 -1.00 -3.63 0.65
CA VAL B 10 -1.22 -2.90 -0.63
C VAL B 10 -1.77 -1.51 -0.33
N ILE B 11 -2.63 -1.39 0.64
CA ILE B 11 -3.21 -0.05 0.98
C ILE B 11 -2.14 0.80 1.68
N LEU B 12 -1.20 0.17 2.33
CA LEU B 12 -0.14 0.93 3.02
C LEU B 12 0.74 1.64 2.00
N VAL B 13 1.19 0.94 1.00
CA VAL B 13 2.04 1.56 -0.04
C VAL B 13 1.27 2.65 -0.80
N LYS B 14 0.08 2.36 -1.23
CA LYS B 14 -0.71 3.39 -1.97
C LYS B 14 -0.82 4.65 -1.10
N SER B 15 -1.00 4.49 0.17
CA SER B 15 -1.10 5.68 1.07
C SER B 15 0.19 6.51 0.98
N MET B 16 1.31 5.84 0.91
CA MET B 16 2.61 6.60 0.81
C MET B 16 2.66 7.36 -0.51
N LEU B 17 1.98 6.89 -1.52
CA LEU B 17 2.00 7.59 -2.83
C LEU B 17 1.12 8.82 -2.78
N ARG B 18 1.43 9.73 -1.92
CA ARG B 18 0.61 10.97 -1.81
C ARG B 18 1.48 12.24 -1.76
N LYS B 19 2.15 12.54 -2.86
CA LYS B 19 3.02 13.75 -2.94
C LYS B 19 4.15 13.70 -1.91
N ARG B 20 3.82 13.68 -0.66
CA ARG B 20 4.87 13.65 0.38
C ARG B 20 4.43 12.78 1.58
N SER B 21 3.29 12.15 1.50
CA SER B 21 2.84 11.30 2.66
C SER B 21 3.81 10.13 2.85
N PHE B 22 4.87 10.34 3.59
CA PHE B 22 5.86 9.24 3.81
C PHE B 22 6.09 9.02 5.32
N GLY B 23 5.60 9.91 6.14
CA GLY B 23 5.80 9.74 7.61
C GLY B 23 4.47 9.41 8.28
N ASN B 24 4.41 8.30 8.97
CA ASN B 24 3.15 7.90 9.67
C ASN B 24 1.93 8.21 8.80
N PRO B 25 1.71 7.37 7.83
CA PRO B 25 0.55 7.53 6.92
C PRO B 25 -0.73 7.08 7.62
N PHE B 26 -0.62 6.46 8.76
CA PHE B 26 -1.83 5.98 9.49
C PHE B 26 -1.77 6.42 10.95
CA CA C . -14.70 -4.53 -9.85
CA CA D . -17.09 -8.48 0.56
CA CA E . 16.39 -1.30 -3.68
CA CA F . 18.73 6.95 4.34
N ALA A 1 -18.84 18.83 12.07
CA ALA A 1 -18.55 18.79 10.61
C ALA A 1 -19.77 18.33 9.84
N ASP A 2 -20.73 19.18 9.63
CA ASP A 2 -21.96 18.78 8.88
C ASP A 2 -21.57 17.97 7.64
N GLN A 3 -20.44 18.25 7.06
CA GLN A 3 -20.00 17.48 5.85
C GLN A 3 -18.98 16.41 6.24
N LEU A 4 -19.09 15.25 5.67
CA LEU A 4 -18.12 14.15 6.00
C LEU A 4 -16.75 14.47 5.44
N THR A 5 -15.70 14.02 6.08
CA THR A 5 -14.33 14.30 5.57
C THR A 5 -14.19 13.82 4.13
N GLU A 6 -13.61 14.60 3.27
CA GLU A 6 -13.43 14.18 1.85
C GLU A 6 -12.02 13.65 1.63
N GLU A 7 -11.02 14.45 1.89
CA GLU A 7 -9.61 13.99 1.69
C GLU A 7 -9.45 12.56 2.21
N GLN A 8 -9.59 12.37 3.50
CA GLN A 8 -9.44 10.99 4.07
C GLN A 8 -10.18 9.97 3.19
N ILE A 9 -11.47 10.12 3.05
CA ILE A 9 -12.24 9.16 2.21
C ILE A 9 -11.70 9.16 0.77
N ALA A 10 -11.54 10.32 0.20
CA ALA A 10 -11.01 10.38 -1.20
C ALA A 10 -9.77 9.50 -1.33
N GLU A 11 -8.87 9.59 -0.39
CA GLU A 11 -7.64 8.75 -0.46
C GLU A 11 -8.03 7.27 -0.53
N PHE A 12 -8.77 6.80 0.43
CA PHE A 12 -9.18 5.36 0.40
C PHE A 12 -9.85 5.05 -0.94
N LYS A 13 -10.54 6.01 -1.50
CA LYS A 13 -11.20 5.79 -2.82
C LYS A 13 -10.13 5.55 -3.88
N GLU A 14 -9.08 6.32 -3.85
CA GLU A 14 -7.99 6.13 -4.85
C GLU A 14 -7.53 4.67 -4.84
N ALA A 15 -7.24 4.15 -3.67
CA ALA A 15 -6.80 2.72 -3.58
C ALA A 15 -7.93 1.80 -4.04
N PHE A 16 -9.10 1.97 -3.47
CA PHE A 16 -10.25 1.12 -3.87
C PHE A 16 -10.46 1.21 -5.38
N SER A 17 -10.33 2.39 -5.93
CA SER A 17 -10.50 2.56 -7.39
C SER A 17 -9.31 1.94 -8.12
N LEU A 18 -8.18 1.87 -7.48
CA LEU A 18 -6.98 1.27 -8.11
C LEU A 18 -7.25 -0.19 -8.45
N PHE A 19 -7.92 -0.89 -7.57
CA PHE A 19 -8.22 -2.33 -7.82
C PHE A 19 -9.51 -2.47 -8.64
N ASP A 20 -10.40 -1.52 -8.53
CA ASP A 20 -11.68 -1.60 -9.30
C ASP A 20 -11.54 -0.87 -10.64
N LYS A 21 -11.32 -1.60 -11.70
CA LYS A 21 -11.18 -0.95 -13.04
C LYS A 21 -12.48 -0.23 -13.41
N ASP A 22 -13.51 -0.97 -13.69
CA ASP A 22 -14.81 -0.32 -14.06
C ASP A 22 -15.21 0.69 -12.98
N GLY A 23 -14.69 0.55 -11.80
CA GLY A 23 -15.04 1.51 -10.72
C GLY A 23 -16.53 1.36 -10.37
N ASP A 24 -17.03 0.15 -10.38
CA ASP A 24 -18.47 -0.05 -10.06
C ASP A 24 -18.67 -0.04 -8.53
N GLY A 25 -17.73 -0.59 -7.80
CA GLY A 25 -17.87 -0.60 -6.31
C GLY A 25 -17.66 -2.02 -5.78
N THR A 26 -16.93 -2.85 -6.49
CA THR A 26 -16.70 -4.25 -6.01
C THR A 26 -15.43 -4.83 -6.65
N ILE A 27 -14.52 -5.32 -5.85
CA ILE A 27 -13.28 -5.91 -6.43
C ILE A 27 -13.42 -7.43 -6.52
N THR A 28 -13.27 -7.98 -7.69
CA THR A 28 -13.40 -9.46 -7.85
C THR A 28 -12.02 -10.12 -7.68
N THR A 29 -11.96 -11.43 -7.71
CA THR A 29 -10.65 -12.11 -7.56
C THR A 29 -9.79 -11.87 -8.80
N LYS A 30 -10.39 -11.69 -9.94
CA LYS A 30 -9.60 -11.45 -11.18
C LYS A 30 -9.07 -10.01 -11.19
N GLU A 31 -9.93 -9.05 -10.99
CA GLU A 31 -9.48 -7.63 -11.00
C GLU A 31 -8.23 -7.48 -10.13
N LEU A 32 -8.36 -7.65 -8.84
CA LEU A 32 -7.18 -7.52 -7.94
C LEU A 32 -6.07 -8.47 -8.41
N GLY A 33 -6.43 -9.68 -8.74
CA GLY A 33 -5.40 -10.64 -9.21
C GLY A 33 -4.52 -9.97 -10.26
N THR A 34 -5.11 -9.22 -11.14
CA THR A 34 -4.30 -8.52 -12.19
C THR A 34 -3.39 -7.47 -11.53
N VAL A 35 -3.95 -6.58 -10.78
CA VAL A 35 -3.12 -5.54 -10.11
C VAL A 35 -1.94 -6.19 -9.41
N MET A 36 -2.15 -7.33 -8.80
CA MET A 36 -1.03 -8.03 -8.11
C MET A 36 0.03 -8.41 -9.14
N ARG A 37 -0.37 -8.98 -10.24
CA ARG A 37 0.61 -9.36 -11.29
C ARG A 37 1.49 -8.15 -11.62
N SER A 38 0.98 -6.97 -11.43
CA SER A 38 1.77 -5.75 -11.74
C SER A 38 2.92 -5.57 -10.73
N LEU A 39 2.63 -5.65 -9.45
CA LEU A 39 3.72 -5.47 -8.44
C LEU A 39 4.87 -6.45 -8.71
N GLY A 40 4.57 -7.60 -9.25
CA GLY A 40 5.66 -8.58 -9.56
C GLY A 40 5.27 -10.00 -9.12
N GLN A 41 4.07 -10.19 -8.61
CA GLN A 41 3.68 -11.56 -8.18
C GLN A 41 2.31 -11.94 -8.75
N ASN A 42 2.02 -13.21 -8.83
CA ASN A 42 0.71 -13.66 -9.38
C ASN A 42 -0.02 -14.53 -8.35
N PRO A 43 -0.93 -13.92 -7.66
CA PRO A 43 -1.71 -14.63 -6.63
C PRO A 43 -2.71 -15.58 -7.30
N THR A 44 -2.53 -16.86 -7.14
CA THR A 44 -3.47 -17.84 -7.76
C THR A 44 -4.87 -17.71 -7.17
N GLU A 45 -5.72 -18.66 -7.41
CA GLU A 45 -7.12 -18.59 -6.87
C GLU A 45 -7.10 -18.81 -5.35
N ALA A 46 -6.64 -19.94 -4.91
CA ALA A 46 -6.60 -20.22 -3.44
C ALA A 46 -6.09 -18.97 -2.70
N GLU A 47 -4.92 -18.50 -3.06
CA GLU A 47 -4.36 -17.29 -2.38
C GLU A 47 -5.37 -16.13 -2.46
N LEU A 48 -5.74 -15.74 -3.65
CA LEU A 48 -6.71 -14.62 -3.79
C LEU A 48 -7.87 -14.79 -2.81
N GLN A 49 -8.65 -15.82 -2.99
CA GLN A 49 -9.80 -16.04 -2.06
C GLN A 49 -9.33 -15.98 -0.60
N ASP A 50 -8.09 -16.25 -0.36
CA ASP A 50 -7.58 -16.21 1.05
C ASP A 50 -7.40 -14.75 1.49
N MET A 51 -6.92 -13.92 0.61
CA MET A 51 -6.71 -12.49 0.97
C MET A 51 -8.03 -11.72 0.89
N ILE A 52 -8.89 -12.10 -0.01
CA ILE A 52 -10.20 -11.41 -0.15
C ILE A 52 -11.09 -11.69 1.07
N ASN A 53 -11.02 -12.90 1.58
CA ASN A 53 -11.86 -13.26 2.77
C ASN A 53 -11.64 -12.27 3.91
N GLU A 54 -10.47 -12.29 4.49
CA GLU A 54 -10.18 -11.36 5.62
C GLU A 54 -10.76 -9.96 5.34
N VAL A 55 -10.66 -9.50 4.12
CA VAL A 55 -11.20 -8.15 3.79
C VAL A 55 -12.69 -8.23 3.50
N ASP A 56 -13.20 -9.41 3.25
CA ASP A 56 -14.65 -9.54 2.96
C ASP A 56 -15.48 -9.19 4.21
N ALA A 57 -15.45 -7.95 4.61
CA ALA A 57 -16.23 -7.53 5.82
C ALA A 57 -17.61 -8.19 5.82
N ASP A 58 -18.26 -8.20 4.69
CA ASP A 58 -19.62 -8.83 4.62
C ASP A 58 -19.48 -10.35 4.49
N GLY A 59 -18.49 -10.81 3.79
CA GLY A 59 -18.30 -12.27 3.62
C GLY A 59 -19.01 -12.74 2.35
N ASN A 60 -19.15 -11.88 1.38
CA ASN A 60 -19.84 -12.27 0.11
C ASN A 60 -18.81 -12.72 -0.93
N GLY A 61 -17.64 -12.14 -0.92
CA GLY A 61 -16.60 -12.54 -1.92
C GLY A 61 -16.27 -11.34 -2.81
N THR A 62 -16.35 -10.16 -2.29
CA THR A 62 -16.04 -8.95 -3.12
C THR A 62 -15.68 -7.77 -2.21
N ILE A 63 -14.79 -6.92 -2.66
CA ILE A 63 -14.40 -5.74 -1.83
C ILE A 63 -15.19 -4.50 -2.25
N ASP A 64 -15.87 -3.88 -1.32
CA ASP A 64 -16.66 -2.66 -1.67
C ASP A 64 -15.99 -1.39 -1.12
N PHE A 65 -16.45 -0.24 -1.51
CA PHE A 65 -15.84 1.03 -1.01
C PHE A 65 -15.92 1.11 0.54
N PRO A 66 -17.09 0.82 1.09
CA PRO A 66 -17.25 0.87 2.55
C PRO A 66 -16.44 -0.27 3.19
N GLU A 67 -16.40 -1.40 2.55
CA GLU A 67 -15.61 -2.53 3.12
C GLU A 67 -14.15 -2.11 3.21
N PHE A 68 -13.69 -1.31 2.28
CA PHE A 68 -12.28 -0.84 2.32
C PHE A 68 -12.05 0.00 3.58
N LEU A 69 -12.89 0.98 3.79
CA LEU A 69 -12.73 1.82 5.01
C LEU A 69 -12.92 0.95 6.25
N THR A 70 -13.47 -0.22 6.09
CA THR A 70 -13.68 -1.13 7.26
C THR A 70 -12.47 -2.04 7.47
N MET A 71 -12.03 -2.72 6.44
CA MET A 71 -10.84 -3.62 6.62
C MET A 71 -9.65 -2.81 7.12
N MET A 72 -9.63 -1.53 6.86
CA MET A 72 -8.51 -0.68 7.33
C MET A 72 -8.51 -0.61 8.85
N ALA A 73 -9.58 -1.04 9.47
CA ALA A 73 -9.64 -1.00 10.96
C ALA A 73 -9.72 -2.43 11.52
N ARG A 74 -10.03 -3.38 10.68
CA ARG A 74 -10.14 -4.80 11.16
C ARG A 74 -8.76 -5.46 11.14
N LYS A 75 -7.91 -5.05 10.24
CA LYS A 75 -6.55 -5.67 10.15
C LYS A 75 -5.64 -5.07 11.23
N MET A 76 -6.04 -3.97 11.81
CA MET A 76 -5.19 -3.34 12.86
C MET A 76 -5.71 -3.70 14.27
N LYS A 77 -6.71 -4.53 14.34
CA LYS A 77 -7.25 -4.92 15.68
C LYS A 77 -6.72 -6.30 16.09
N ASP A 78 -5.96 -6.93 15.24
CA ASP A 78 -5.40 -8.28 15.59
C ASP A 78 -4.01 -8.11 16.22
N THR A 79 -3.12 -7.44 15.54
CA THR A 79 -1.75 -7.23 16.09
C THR A 79 -0.89 -6.51 15.04
N ASP A 80 -0.12 -7.25 14.27
CA ASP A 80 0.73 -6.63 13.21
C ASP A 80 1.23 -5.23 13.63
N SER A 81 2.18 -5.18 14.51
CA SER A 81 2.71 -3.86 14.93
C SER A 81 3.82 -3.40 13.99
N GLU A 82 4.96 -4.02 14.06
CA GLU A 82 6.09 -3.63 13.17
C GLU A 82 6.22 -4.62 11.99
N GLU A 83 5.50 -5.72 12.03
CA GLU A 83 5.60 -6.70 10.90
C GLU A 83 4.84 -6.19 9.67
N GLU A 84 3.85 -5.37 9.87
CA GLU A 84 3.07 -4.84 8.70
C GLU A 84 3.94 -3.89 7.87
N ILE A 85 4.76 -3.10 8.51
CA ILE A 85 5.63 -2.17 7.74
C ILE A 85 6.66 -2.97 6.98
N ARG A 86 7.15 -4.02 7.57
CA ARG A 86 8.16 -4.87 6.89
C ARG A 86 7.56 -5.38 5.58
N GLU A 87 6.25 -5.47 5.53
CA GLU A 87 5.59 -5.95 4.29
C GLU A 87 5.66 -4.85 3.23
N ALA A 88 5.13 -3.70 3.52
CA ALA A 88 5.19 -2.58 2.52
C ALA A 88 6.65 -2.32 2.16
N PHE A 89 7.56 -2.57 3.09
CA PHE A 89 8.99 -2.35 2.78
C PHE A 89 9.44 -3.30 1.68
N ARG A 90 9.13 -4.56 1.84
CA ARG A 90 9.51 -5.56 0.80
C ARG A 90 9.01 -5.07 -0.55
N VAL A 91 7.89 -4.40 -0.57
CA VAL A 91 7.34 -3.90 -1.87
C VAL A 91 8.18 -2.72 -2.38
N PHE A 92 8.72 -1.92 -1.50
CA PHE A 92 9.55 -0.77 -1.95
C PHE A 92 10.92 -1.26 -2.43
N ASP A 93 11.64 -1.94 -1.57
CA ASP A 93 12.98 -2.45 -1.95
C ASP A 93 12.86 -3.79 -2.67
N LYS A 94 12.06 -3.86 -3.70
CA LYS A 94 11.93 -5.15 -4.43
C LYS A 94 13.31 -5.73 -4.68
N ASP A 95 14.30 -4.87 -4.74
CA ASP A 95 15.70 -5.36 -4.95
C ASP A 95 16.14 -6.15 -3.73
N GLY A 96 15.71 -5.75 -2.56
CA GLY A 96 16.08 -6.47 -1.31
C GLY A 96 17.58 -6.34 -1.04
N ASN A 97 18.15 -5.22 -1.34
CA ASN A 97 19.62 -5.04 -1.08
C ASN A 97 19.82 -4.43 0.30
N GLY A 98 18.83 -3.74 0.81
CA GLY A 98 18.97 -3.13 2.16
C GLY A 98 18.79 -1.62 2.05
N TYR A 99 18.27 -1.15 0.96
CA TYR A 99 18.07 0.32 0.80
C TYR A 99 17.05 0.62 -0.30
N ILE A 100 16.35 1.72 -0.18
CA ILE A 100 15.33 2.07 -1.21
C ILE A 100 15.82 3.26 -2.05
N SER A 101 15.74 3.16 -3.34
CA SER A 101 16.20 4.29 -4.20
C SER A 101 15.00 4.88 -4.96
N ALA A 102 15.01 6.16 -5.20
CA ALA A 102 13.88 6.80 -5.93
C ALA A 102 13.45 5.91 -7.09
N ALA A 103 14.35 5.13 -7.63
CA ALA A 103 13.99 4.23 -8.75
C ALA A 103 13.08 3.12 -8.25
N GLU A 104 13.47 2.45 -7.21
CA GLU A 104 12.61 1.36 -6.66
C GLU A 104 11.23 1.91 -6.33
N LEU A 105 11.17 3.11 -5.82
CA LEU A 105 9.86 3.71 -5.48
C LEU A 105 9.11 4.06 -6.76
N ARG A 106 9.81 4.49 -7.78
CA ARG A 106 9.13 4.84 -9.06
C ARG A 106 8.56 3.58 -9.69
N HIS A 107 9.16 2.45 -9.46
CA HIS A 107 8.64 1.19 -10.03
C HIS A 107 7.41 0.72 -9.26
N VAL A 108 7.39 0.96 -7.97
CA VAL A 108 6.22 0.55 -7.16
C VAL A 108 5.07 1.56 -7.34
N MET A 109 5.39 2.82 -7.44
CA MET A 109 4.33 3.84 -7.63
C MET A 109 3.70 3.68 -9.02
N THR A 110 4.50 3.33 -10.00
CA THR A 110 3.95 3.15 -11.36
C THR A 110 3.08 1.90 -11.41
N ASN A 111 3.50 0.86 -10.74
CA ASN A 111 2.69 -0.39 -10.72
C ASN A 111 1.45 -0.18 -9.85
N LEU A 112 1.43 0.86 -9.07
CA LEU A 112 0.26 1.13 -8.19
C LEU A 112 -0.79 1.93 -8.96
N GLY A 113 -0.39 2.98 -9.63
CA GLY A 113 -1.38 3.79 -10.40
C GLY A 113 -0.94 5.25 -10.49
N GLU A 114 0.07 5.65 -9.76
CA GLU A 114 0.53 7.07 -9.83
C GLU A 114 2.03 7.15 -10.13
N LYS A 115 2.45 8.20 -10.78
CA LYS A 115 3.90 8.36 -11.09
C LYS A 115 4.34 9.78 -10.72
N LEU A 116 4.49 10.05 -9.45
CA LEU A 116 4.92 11.41 -9.01
C LEU A 116 5.95 11.99 -9.97
N THR A 117 5.90 13.27 -10.19
CA THR A 117 6.90 13.91 -11.12
C THR A 117 8.32 13.65 -10.64
N ASP A 118 9.20 14.59 -10.82
CA ASP A 118 10.62 14.38 -10.40
C ASP A 118 10.98 15.28 -9.21
N GLU A 119 10.51 16.48 -9.19
CA GLU A 119 10.85 17.39 -8.05
C GLU A 119 10.14 16.94 -6.78
N GLU A 120 8.97 16.38 -6.91
CA GLU A 120 8.24 15.91 -5.70
C GLU A 120 8.84 14.58 -5.23
N VAL A 121 9.16 13.71 -6.16
CA VAL A 121 9.75 12.40 -5.76
C VAL A 121 11.11 12.65 -5.09
N ASP A 122 11.84 13.62 -5.54
CA ASP A 122 13.16 13.91 -4.91
C ASP A 122 12.94 14.44 -3.50
N GLU A 123 12.07 15.41 -3.36
CA GLU A 123 11.79 15.96 -2.01
C GLU A 123 11.20 14.87 -1.12
N MET A 124 10.67 13.84 -1.71
CA MET A 124 10.09 12.73 -0.91
C MET A 124 11.20 11.85 -0.36
N ILE A 125 12.02 11.31 -1.21
CA ILE A 125 13.14 10.44 -0.71
C ILE A 125 14.06 11.27 0.18
N ARG A 126 14.38 12.47 -0.22
CA ARG A 126 15.26 13.34 0.61
C ARG A 126 14.58 13.66 1.95
N GLU A 127 13.29 13.85 1.92
CA GLU A 127 12.57 14.17 3.18
C GLU A 127 12.50 12.93 4.08
N ALA A 128 12.77 11.77 3.53
CA ALA A 128 12.72 10.53 4.35
C ALA A 128 14.11 10.19 4.88
N ASP A 129 15.12 10.32 4.06
CA ASP A 129 16.51 10.00 4.51
C ASP A 129 16.87 10.82 5.75
N ILE A 130 16.43 10.39 6.90
CA ILE A 130 16.74 11.14 8.15
C ILE A 130 18.24 11.42 8.23
N ASP A 131 19.04 10.47 7.87
CA ASP A 131 20.52 10.70 7.92
C ASP A 131 20.97 11.46 6.68
N GLY A 132 20.35 11.23 5.56
CA GLY A 132 20.74 11.96 4.32
C GLY A 132 21.79 11.13 3.56
N ASP A 133 21.41 10.01 3.02
CA ASP A 133 22.39 9.17 2.27
C ASP A 133 21.97 9.05 0.80
N GLY A 134 20.75 9.41 0.50
CA GLY A 134 20.28 9.32 -0.91
C GLY A 134 19.25 8.19 -1.05
N GLN A 135 18.87 7.58 0.04
CA GLN A 135 17.88 6.46 -0.03
C GLN A 135 17.41 6.08 1.38
N VAL A 136 16.38 5.28 1.47
CA VAL A 136 15.87 4.86 2.80
C VAL A 136 16.37 3.46 3.15
N ASN A 137 16.38 3.11 4.41
CA ASN A 137 16.86 1.76 4.81
C ASN A 137 15.83 1.07 5.71
N TYR A 138 16.04 -0.18 6.04
CA TYR A 138 15.06 -0.90 6.92
C TYR A 138 14.87 -0.12 8.22
N GLU A 139 15.92 0.04 8.99
CA GLU A 139 15.79 0.78 10.28
C GLU A 139 15.10 2.13 10.04
N GLU A 140 15.28 2.72 8.89
CA GLU A 140 14.63 4.03 8.61
C GLU A 140 13.18 3.83 8.17
N PHE A 141 12.96 2.96 7.21
CA PHE A 141 11.57 2.71 6.74
C PHE A 141 10.67 2.30 7.92
N VAL A 142 11.27 1.90 9.01
CA VAL A 142 10.47 1.49 10.20
C VAL A 142 10.37 2.67 11.19
N GLN A 143 11.41 3.43 11.34
CA GLN A 143 11.37 4.57 12.29
C GLN A 143 10.51 5.70 11.74
N MET A 144 10.13 5.63 10.50
CA MET A 144 9.28 6.70 9.91
C MET A 144 7.79 6.34 10.05
N MET A 145 7.48 5.07 10.15
CA MET A 145 6.06 4.67 10.30
C MET A 145 5.74 4.38 11.77
N THR A 146 6.71 3.94 12.52
CA THR A 146 6.47 3.65 13.97
C THR A 146 6.64 4.93 14.80
N ALA A 147 6.57 6.07 14.17
CA ALA A 147 6.74 7.35 14.92
C ALA A 147 5.36 7.90 15.34
N LYS A 148 4.59 7.09 16.04
CA LYS A 148 3.25 7.57 16.49
C LYS A 148 2.49 6.43 17.18
N VAL B 1 2.41 -16.86 6.43
CA VAL B 1 2.80 -17.82 5.36
C VAL B 1 3.57 -17.11 4.23
N LYS B 2 4.76 -17.58 3.94
CA LYS B 2 5.56 -16.92 2.85
C LYS B 2 4.92 -17.18 1.49
N LEU B 3 4.52 -16.12 0.80
CA LEU B 3 3.89 -16.27 -0.54
C LEU B 3 3.12 -15.00 -0.86
N ILE B 4 3.74 -14.10 -1.57
CA ILE B 4 3.08 -12.81 -1.93
C ILE B 4 2.72 -12.01 -0.68
N PRO B 5 2.65 -10.72 -0.84
CA PRO B 5 2.32 -9.81 0.28
C PRO B 5 0.88 -10.02 0.75
N SER B 6 0.36 -9.09 1.52
CA SER B 6 -1.03 -9.25 2.02
C SER B 6 -1.94 -8.14 1.45
N TRP B 7 -2.93 -7.74 2.20
CA TRP B 7 -3.87 -6.69 1.72
C TRP B 7 -3.39 -5.30 2.16
N THR B 8 -3.56 -4.98 3.41
CA THR B 8 -3.13 -3.65 3.92
C THR B 8 -1.75 -3.30 3.38
N THR B 9 -0.86 -4.24 3.37
CA THR B 9 0.51 -3.96 2.84
C THR B 9 0.40 -3.20 1.52
N VAL B 10 -0.34 -3.72 0.59
CA VAL B 10 -0.49 -3.02 -0.72
C VAL B 10 -0.99 -1.60 -0.47
N ILE B 11 -1.88 -1.44 0.48
CA ILE B 11 -2.40 -0.08 0.78
C ILE B 11 -1.29 0.79 1.37
N LEU B 12 -0.49 0.23 2.21
CA LEU B 12 0.62 1.01 2.83
C LEU B 12 1.44 1.69 1.74
N VAL B 13 1.95 0.93 0.81
CA VAL B 13 2.76 1.54 -0.27
C VAL B 13 1.97 2.65 -0.97
N LYS B 14 0.80 2.35 -1.45
CA LYS B 14 0.00 3.42 -2.13
C LYS B 14 -0.17 4.61 -1.19
N SER B 15 -0.43 4.35 0.05
CA SER B 15 -0.60 5.47 1.02
C SER B 15 0.75 6.11 1.31
N MET B 16 1.81 5.53 0.82
CA MET B 16 3.16 6.11 1.08
C MET B 16 3.45 7.22 0.09
N LEU B 17 3.18 7.02 -1.18
CA LEU B 17 3.46 8.11 -2.17
C LEU B 17 2.18 8.92 -2.43
N ARG B 18 1.36 9.05 -1.43
CA ARG B 18 0.10 9.83 -1.59
C ARG B 18 0.37 11.10 -2.38
N LYS B 19 0.79 12.14 -1.71
CA LYS B 19 1.07 13.42 -2.43
C LYS B 19 2.60 13.62 -2.59
N ARG B 20 3.28 14.16 -1.61
CA ARG B 20 4.76 14.36 -1.73
C ARG B 20 5.44 14.17 -0.38
N SER B 21 4.72 13.64 0.59
CA SER B 21 5.32 13.44 1.94
C SER B 21 5.65 11.96 2.17
N PHE B 22 6.28 11.66 3.27
CA PHE B 22 6.63 10.24 3.57
C PHE B 22 6.19 9.88 4.99
N GLY B 23 4.91 9.87 5.25
CA GLY B 23 4.42 9.52 6.62
C GLY B 23 3.25 8.53 6.53
N ASN B 24 2.63 8.22 7.63
CA ASN B 24 1.47 7.27 7.60
C ASN B 24 0.86 7.13 9.00
N PRO B 25 -0.39 7.50 9.11
CA PRO B 25 -1.11 7.41 10.41
C PRO B 25 -1.58 5.97 10.68
N PHE B 26 -0.82 4.98 10.30
CA PHE B 26 -1.24 3.58 10.56
C PHE B 26 -1.01 3.21 12.02
CA CA C . -14.84 -3.87 -10.14
CA CA D . -17.63 -7.89 0.94
CA CA E . 17.55 -1.31 -3.32
CA CA F . 18.04 7.32 4.74
N ALA A 1 -21.56 20.44 6.18
CA ALA A 1 -21.25 19.00 6.36
C ALA A 1 -20.46 18.78 7.66
N ASP A 2 -20.23 17.55 8.03
CA ASP A 2 -19.47 17.29 9.29
C ASP A 2 -18.29 16.35 9.00
N GLN A 3 -17.82 16.33 7.79
CA GLN A 3 -16.67 15.43 7.45
C GLN A 3 -15.36 16.22 7.48
N LEU A 4 -14.56 16.01 8.49
CA LEU A 4 -13.27 16.74 8.58
C LEU A 4 -12.09 15.77 8.44
N THR A 5 -12.18 14.83 7.55
CA THR A 5 -11.07 13.85 7.37
C THR A 5 -11.00 13.38 5.93
N GLU A 6 -11.20 14.28 5.01
CA GLU A 6 -11.15 13.90 3.56
C GLU A 6 -9.83 13.19 3.25
N GLU A 7 -8.74 13.73 3.74
CA GLU A 7 -7.41 13.08 3.46
C GLU A 7 -7.51 11.57 3.65
N GLN A 8 -7.74 11.11 4.85
CA GLN A 8 -7.84 9.65 5.10
C GLN A 8 -8.80 9.02 4.08
N ILE A 9 -10.02 9.47 4.06
CA ILE A 9 -11.01 8.88 3.09
C ILE A 9 -10.46 8.98 1.65
N ALA A 10 -10.10 10.15 1.23
CA ALA A 10 -9.56 10.32 -0.16
C ALA A 10 -8.56 9.20 -0.47
N GLU A 11 -7.62 8.96 0.42
CA GLU A 11 -6.62 7.89 0.17
C GLU A 11 -7.33 6.56 -0.07
N PHE A 12 -8.26 6.20 0.78
CA PHE A 12 -8.98 4.91 0.59
C PHE A 12 -9.78 4.95 -0.72
N LYS A 13 -10.40 6.06 -1.02
CA LYS A 13 -11.19 6.14 -2.28
C LYS A 13 -10.30 5.77 -3.46
N GLU A 14 -9.17 6.39 -3.59
CA GLU A 14 -8.25 6.05 -4.72
C GLU A 14 -7.86 4.57 -4.64
N ALA A 15 -7.80 4.04 -3.44
CA ALA A 15 -7.43 2.60 -3.29
C ALA A 15 -8.55 1.71 -3.82
N PHE A 16 -9.77 1.94 -3.41
CA PHE A 16 -10.89 1.11 -3.90
C PHE A 16 -11.04 1.29 -5.41
N SER A 17 -10.83 2.48 -5.89
CA SER A 17 -10.94 2.72 -7.36
C SER A 17 -9.71 2.15 -8.06
N LEU A 18 -8.68 1.86 -7.32
CA LEU A 18 -7.44 1.29 -7.93
C LEU A 18 -7.68 -0.18 -8.31
N PHE A 19 -8.21 -0.95 -7.41
CA PHE A 19 -8.46 -2.39 -7.73
C PHE A 19 -9.58 -2.51 -8.77
N ASP A 20 -10.65 -1.82 -8.56
CA ASP A 20 -11.78 -1.89 -9.53
C ASP A 20 -11.30 -1.47 -10.92
N LYS A 21 -10.94 -2.41 -11.76
CA LYS A 21 -10.46 -2.06 -13.12
C LYS A 21 -11.47 -1.16 -13.82
N ASP A 22 -12.70 -1.60 -13.92
CA ASP A 22 -13.73 -0.76 -14.59
C ASP A 22 -14.19 0.37 -13.66
N GLY A 23 -14.23 0.11 -12.38
CA GLY A 23 -14.66 1.17 -11.43
C GLY A 23 -16.15 1.00 -11.13
N ASP A 24 -16.60 -0.21 -10.95
CA ASP A 24 -18.04 -0.43 -10.65
C ASP A 24 -18.26 -0.58 -9.15
N GLY A 25 -17.24 -0.33 -8.36
CA GLY A 25 -17.38 -0.45 -6.88
C GLY A 25 -17.42 -1.93 -6.50
N THR A 26 -16.63 -2.74 -7.15
CA THR A 26 -16.61 -4.21 -6.81
C THR A 26 -15.28 -4.84 -7.23
N ILE A 27 -14.47 -5.23 -6.30
CA ILE A 27 -13.16 -5.87 -6.67
C ILE A 27 -13.34 -7.36 -6.88
N THR A 28 -12.99 -7.86 -8.04
CA THR A 28 -13.11 -9.32 -8.31
C THR A 28 -11.73 -9.99 -8.14
N THR A 29 -11.70 -11.28 -8.05
CA THR A 29 -10.38 -11.96 -7.90
C THR A 29 -9.55 -11.79 -9.17
N LYS A 30 -10.20 -11.56 -10.29
CA LYS A 30 -9.45 -11.37 -11.56
C LYS A 30 -8.79 -9.98 -11.57
N GLU A 31 -9.52 -8.97 -11.19
CA GLU A 31 -8.94 -7.59 -11.18
C GLU A 31 -7.77 -7.53 -10.18
N LEU A 32 -8.06 -7.68 -8.91
CA LEU A 32 -6.98 -7.62 -7.89
C LEU A 32 -5.82 -8.51 -8.32
N GLY A 33 -6.10 -9.70 -8.78
CA GLY A 33 -5.01 -10.61 -9.22
C GLY A 33 -4.05 -9.84 -10.12
N THR A 34 -4.55 -9.24 -11.16
CA THR A 34 -3.67 -8.47 -12.08
C THR A 34 -2.99 -7.32 -11.31
N VAL A 35 -3.69 -6.72 -10.39
CA VAL A 35 -3.09 -5.60 -9.61
C VAL A 35 -1.88 -6.11 -8.81
N MET A 36 -2.02 -7.24 -8.18
CA MET A 36 -0.87 -7.79 -7.38
C MET A 36 0.27 -8.16 -8.32
N ARG A 37 -0.02 -8.52 -9.53
CA ARG A 37 1.06 -8.91 -10.49
C ARG A 37 1.83 -7.66 -10.93
N SER A 38 1.19 -6.52 -10.96
CA SER A 38 1.90 -5.27 -11.38
C SER A 38 3.10 -5.01 -10.48
N LEU A 39 2.93 -5.06 -9.19
CA LEU A 39 4.07 -4.80 -8.27
C LEU A 39 5.22 -5.77 -8.56
N GLY A 40 4.92 -6.90 -9.15
CA GLY A 40 6.00 -7.88 -9.48
C GLY A 40 5.92 -9.07 -8.52
N GLN A 41 4.91 -9.89 -8.65
CA GLN A 41 4.79 -11.07 -7.75
C GLN A 41 4.02 -12.20 -8.45
N ASN A 42 3.68 -13.24 -7.73
CA ASN A 42 2.93 -14.37 -8.37
C ASN A 42 1.79 -14.84 -7.45
N PRO A 43 0.73 -14.09 -7.46
CA PRO A 43 -0.45 -14.43 -6.62
C PRO A 43 -1.17 -15.66 -7.20
N THR A 44 -1.55 -16.58 -6.36
CA THR A 44 -2.26 -17.80 -6.87
C THR A 44 -3.77 -17.64 -6.69
N GLU A 45 -4.54 -18.19 -7.60
CA GLU A 45 -6.02 -18.07 -7.49
C GLU A 45 -6.47 -18.46 -6.07
N ALA A 46 -5.99 -19.56 -5.57
CA ALA A 46 -6.40 -19.99 -4.20
C ALA A 46 -6.11 -18.88 -3.19
N GLU A 47 -4.93 -18.32 -3.22
CA GLU A 47 -4.59 -17.24 -2.26
C GLU A 47 -5.48 -16.01 -2.51
N LEU A 48 -5.86 -15.78 -3.73
CA LEU A 48 -6.73 -14.60 -4.04
C LEU A 48 -8.05 -14.71 -3.29
N GLN A 49 -8.72 -15.83 -3.42
CA GLN A 49 -10.02 -16.01 -2.72
C GLN A 49 -9.82 -15.94 -1.21
N ASP A 50 -8.74 -16.47 -0.71
CA ASP A 50 -8.49 -16.43 0.76
C ASP A 50 -8.16 -15.00 1.19
N MET A 51 -7.54 -14.24 0.34
CA MET A 51 -7.20 -12.83 0.70
C MET A 51 -8.47 -11.99 0.78
N ILE A 52 -9.42 -12.27 -0.08
CA ILE A 52 -10.69 -11.48 -0.05
C ILE A 52 -11.70 -12.16 0.90
N ASN A 53 -11.42 -13.37 1.31
CA ASN A 53 -12.35 -14.08 2.23
C ASN A 53 -12.56 -13.25 3.51
N GLU A 54 -11.53 -12.61 3.99
CA GLU A 54 -11.66 -11.80 5.23
C GLU A 54 -12.05 -10.34 4.88
N VAL A 55 -11.59 -9.84 3.76
CA VAL A 55 -11.94 -8.44 3.37
C VAL A 55 -13.42 -8.34 3.02
N ASP A 56 -13.99 -9.38 2.48
CA ASP A 56 -15.44 -9.33 2.12
C ASP A 56 -16.31 -9.47 3.37
N ALA A 57 -16.02 -8.70 4.39
CA ALA A 57 -16.83 -8.79 5.63
C ALA A 57 -18.33 -8.85 5.30
N ASP A 58 -18.73 -8.26 4.22
CA ASP A 58 -20.17 -8.30 3.84
C ASP A 58 -20.61 -9.75 3.62
N GLY A 59 -20.03 -10.41 2.65
CA GLY A 59 -20.40 -11.82 2.38
C GLY A 59 -21.04 -11.94 1.00
N ASN A 60 -20.73 -11.05 0.11
CA ASN A 60 -21.33 -11.12 -1.25
C ASN A 60 -20.32 -11.77 -2.22
N GLY A 61 -19.08 -11.87 -1.83
CA GLY A 61 -18.06 -12.48 -2.74
C GLY A 61 -17.16 -11.40 -3.33
N THR A 62 -17.71 -10.23 -3.59
CA THR A 62 -16.88 -9.14 -4.18
C THR A 62 -16.59 -8.07 -3.13
N ILE A 63 -15.59 -7.26 -3.35
CA ILE A 63 -15.25 -6.20 -2.35
C ILE A 63 -16.08 -4.94 -2.61
N ASP A 64 -16.47 -4.25 -1.57
CA ASP A 64 -17.27 -3.00 -1.73
C ASP A 64 -16.54 -1.82 -1.07
N PHE A 65 -16.95 -0.62 -1.37
CA PHE A 65 -16.29 0.58 -0.78
C PHE A 65 -16.37 0.56 0.77
N PRO A 66 -17.52 0.21 1.31
CA PRO A 66 -17.68 0.18 2.77
C PRO A 66 -16.94 -1.02 3.38
N GLU A 67 -16.83 -2.08 2.64
CA GLU A 67 -16.10 -3.27 3.17
C GLU A 67 -14.61 -2.95 3.29
N PHE A 68 -14.05 -2.33 2.29
CA PHE A 68 -12.60 -1.97 2.35
C PHE A 68 -12.34 -1.03 3.53
N LEU A 69 -13.16 -0.04 3.70
CA LEU A 69 -12.95 0.92 4.84
C LEU A 69 -12.99 0.17 6.18
N THR A 70 -13.83 -0.82 6.30
CA THR A 70 -13.92 -1.59 7.57
C THR A 70 -12.68 -2.46 7.77
N MET A 71 -12.05 -2.86 6.70
CA MET A 71 -10.83 -3.72 6.83
C MET A 71 -9.65 -2.91 7.39
N MET A 72 -9.22 -1.91 6.66
CA MET A 72 -8.08 -1.09 7.15
C MET A 72 -8.31 -0.64 8.60
N ALA A 73 -9.55 -0.65 9.04
CA ALA A 73 -9.84 -0.22 10.44
C ALA A 73 -9.84 -1.45 11.38
N ARG A 74 -10.03 -2.63 10.84
CA ARG A 74 -10.04 -3.85 11.70
C ARG A 74 -8.67 -4.54 11.65
N LYS A 75 -7.89 -4.28 10.66
CA LYS A 75 -6.54 -4.93 10.56
C LYS A 75 -5.58 -4.25 11.53
N MET A 76 -5.70 -2.97 11.70
CA MET A 76 -4.79 -2.25 12.63
C MET A 76 -5.40 -2.22 14.04
N LYS A 77 -5.97 -3.32 14.48
CA LYS A 77 -6.58 -3.36 15.84
C LYS A 77 -5.60 -3.97 16.85
N ASP A 78 -5.06 -5.10 16.54
CA ASP A 78 -4.10 -5.75 17.48
C ASP A 78 -3.53 -7.04 16.88
N THR A 79 -2.89 -6.94 15.74
CA THR A 79 -2.32 -8.16 15.10
C THR A 79 -0.94 -7.86 14.51
N ASP A 80 -0.90 -7.29 13.34
CA ASP A 80 0.41 -6.96 12.70
C ASP A 80 0.80 -5.52 13.02
N SER A 81 1.52 -5.30 14.09
CA SER A 81 1.94 -3.92 14.45
C SER A 81 3.24 -3.55 13.73
N GLU A 82 4.29 -4.24 14.02
CA GLU A 82 5.60 -3.93 13.35
C GLU A 82 5.87 -4.91 12.21
N GLU A 83 5.08 -5.95 12.11
CA GLU A 83 5.31 -6.93 11.01
C GLU A 83 4.63 -6.47 9.73
N GLU A 84 3.81 -5.45 9.81
CA GLU A 84 3.12 -4.96 8.57
C GLU A 84 4.03 -3.96 7.82
N ILE A 85 4.91 -3.29 8.52
CA ILE A 85 5.81 -2.34 7.83
C ILE A 85 6.86 -3.12 7.06
N ARG A 86 7.33 -4.21 7.61
CA ARG A 86 8.33 -5.03 6.90
C ARG A 86 7.75 -5.44 5.55
N GLU A 87 6.45 -5.62 5.49
CA GLU A 87 5.80 -6.00 4.20
C GLU A 87 5.92 -4.84 3.22
N ALA A 88 5.39 -3.69 3.57
CA ALA A 88 5.48 -2.53 2.64
C ALA A 88 6.95 -2.28 2.27
N PHE A 89 7.86 -2.61 3.16
CA PHE A 89 9.30 -2.43 2.84
C PHE A 89 9.74 -3.51 1.86
N ARG A 90 9.14 -4.67 1.94
CA ARG A 90 9.50 -5.77 1.02
C ARG A 90 9.05 -5.41 -0.40
N VAL A 91 8.09 -4.54 -0.51
CA VAL A 91 7.59 -4.13 -1.86
C VAL A 91 8.38 -2.92 -2.38
N PHE A 92 8.86 -2.08 -1.50
CA PHE A 92 9.63 -0.89 -1.97
C PHE A 92 11.04 -1.31 -2.36
N ASP A 93 11.58 -2.33 -1.74
CA ASP A 93 12.96 -2.79 -2.08
C ASP A 93 12.90 -3.94 -3.08
N LYS A 94 12.40 -3.68 -4.26
CA LYS A 94 12.32 -4.77 -5.29
C LYS A 94 13.60 -5.60 -5.27
N ASP A 95 14.70 -5.00 -4.90
CA ASP A 95 15.98 -5.76 -4.86
C ASP A 95 16.08 -6.54 -3.54
N GLY A 96 15.65 -5.95 -2.46
CA GLY A 96 15.70 -6.66 -1.15
C GLY A 96 17.13 -6.64 -0.61
N ASN A 97 17.91 -5.66 -0.98
CA ASN A 97 19.32 -5.60 -0.47
C ASN A 97 19.36 -4.86 0.87
N GLY A 98 18.66 -3.77 0.98
CA GLY A 98 18.65 -3.02 2.27
C GLY A 98 18.61 -1.50 2.03
N TYR A 99 18.06 -1.06 0.92
CA TYR A 99 18.01 0.41 0.65
C TYR A 99 16.95 0.71 -0.41
N ILE A 100 16.16 1.74 -0.21
CA ILE A 100 15.11 2.08 -1.22
C ILE A 100 15.58 3.25 -2.09
N SER A 101 15.62 3.07 -3.38
CA SER A 101 16.07 4.18 -4.27
C SER A 101 14.87 4.80 -4.99
N ALA A 102 14.87 6.10 -5.15
CA ALA A 102 13.72 6.77 -5.84
C ALA A 102 13.32 5.95 -7.07
N ALA A 103 14.27 5.35 -7.73
CA ALA A 103 13.94 4.54 -8.93
C ALA A 103 13.02 3.38 -8.55
N GLU A 104 13.40 2.63 -7.54
CA GLU A 104 12.53 1.50 -7.11
C GLU A 104 11.13 2.01 -6.75
N LEU A 105 11.06 3.11 -6.06
CA LEU A 105 9.74 3.67 -5.68
C LEU A 105 8.93 3.96 -6.95
N ARG A 106 9.57 4.41 -7.98
CA ARG A 106 8.84 4.70 -9.25
C ARG A 106 8.20 3.41 -9.77
N HIS A 107 8.90 2.31 -9.62
CA HIS A 107 8.34 1.01 -10.11
C HIS A 107 7.08 0.67 -9.31
N VAL A 108 7.12 0.84 -8.03
CA VAL A 108 5.91 0.54 -7.19
C VAL A 108 4.95 1.73 -7.23
N MET A 109 5.48 2.91 -7.41
CA MET A 109 4.62 4.12 -7.46
C MET A 109 3.71 4.06 -8.70
N THR A 110 4.28 3.95 -9.87
CA THR A 110 3.44 3.89 -11.10
C THR A 110 2.64 2.60 -11.14
N ASN A 111 3.15 1.54 -10.60
CA ASN A 111 2.39 0.27 -10.60
C ASN A 111 1.31 0.33 -9.51
N LEU A 112 1.22 1.45 -8.83
CA LEU A 112 0.20 1.57 -7.75
C LEU A 112 -0.86 2.59 -8.15
N GLY A 113 -0.81 3.12 -9.34
CA GLY A 113 -1.84 4.10 -9.77
C GLY A 113 -1.19 5.39 -10.27
N GLU A 114 -0.70 6.21 -9.38
CA GLU A 114 -0.08 7.49 -9.81
C GLU A 114 1.44 7.35 -9.95
N LYS A 115 2.04 8.16 -10.77
CA LYS A 115 3.51 8.10 -10.95
C LYS A 115 4.09 9.50 -10.80
N LEU A 116 4.17 9.98 -9.57
CA LEU A 116 4.71 11.36 -9.31
C LEU A 116 5.82 11.69 -10.30
N THR A 117 6.04 12.96 -10.55
CA THR A 117 7.10 13.35 -11.51
C THR A 117 8.47 12.85 -11.00
N ASP A 118 9.49 13.62 -11.22
CA ASP A 118 10.84 13.19 -10.75
C ASP A 118 11.28 14.04 -9.57
N GLU A 119 11.37 15.33 -9.75
CA GLU A 119 11.80 16.21 -8.63
C GLU A 119 11.00 15.88 -7.36
N GLU A 120 9.71 15.72 -7.50
CA GLU A 120 8.87 15.40 -6.32
C GLU A 120 9.34 14.09 -5.68
N VAL A 121 9.48 13.06 -6.48
CA VAL A 121 9.94 11.76 -5.92
C VAL A 121 11.29 11.93 -5.24
N ASP A 122 12.16 12.74 -5.79
CA ASP A 122 13.49 12.96 -5.17
C ASP A 122 13.33 13.73 -3.85
N GLU A 123 12.54 14.77 -3.87
CA GLU A 123 12.32 15.55 -2.63
C GLU A 123 11.62 14.69 -1.57
N MET A 124 10.93 13.68 -2.00
CA MET A 124 10.22 12.78 -1.03
C MET A 124 11.24 11.90 -0.29
N ILE A 125 12.19 11.36 -1.01
CA ILE A 125 13.21 10.49 -0.34
C ILE A 125 14.13 11.34 0.52
N ARG A 126 14.54 12.48 0.05
CA ARG A 126 15.45 13.35 0.85
C ARG A 126 14.71 13.87 2.09
N GLU A 127 13.51 14.31 1.93
CA GLU A 127 12.73 14.82 3.10
C GLU A 127 12.84 13.84 4.27
N ALA A 128 12.92 12.58 3.98
CA ALA A 128 13.03 11.57 5.08
C ALA A 128 14.48 11.13 5.27
N ASP A 129 15.24 11.13 4.22
CA ASP A 129 16.68 10.71 4.33
C ASP A 129 17.41 11.56 5.36
N ILE A 130 17.31 11.20 6.62
CA ILE A 130 18.02 11.98 7.68
C ILE A 130 19.53 11.86 7.48
N ASP A 131 20.00 10.68 7.18
CA ASP A 131 21.46 10.50 6.97
C ASP A 131 21.89 11.17 5.65
N GLY A 132 21.02 11.16 4.67
CA GLY A 132 21.37 11.81 3.37
C GLY A 132 22.10 10.81 2.47
N ASP A 133 21.50 9.68 2.19
CA ASP A 133 22.16 8.68 1.31
C ASP A 133 21.37 8.55 -0.01
N GLY A 134 20.31 9.29 -0.15
CA GLY A 134 19.50 9.23 -1.41
C GLY A 134 18.65 7.95 -1.41
N GLN A 135 18.76 7.15 -0.40
CA GLN A 135 17.96 5.88 -0.35
C GLN A 135 17.45 5.64 1.08
N VAL A 136 16.22 5.22 1.21
CA VAL A 136 15.67 4.96 2.58
C VAL A 136 15.96 3.50 2.98
N ASN A 137 16.02 3.23 4.25
CA ASN A 137 16.31 1.83 4.69
C ASN A 137 15.28 1.39 5.74
N TYR A 138 15.72 0.64 6.73
CA TYR A 138 14.78 0.16 7.78
C TYR A 138 14.55 1.24 8.85
N GLU A 139 15.57 1.53 9.63
CA GLU A 139 15.42 2.56 10.70
C GLU A 139 14.73 3.82 10.15
N GLU A 140 14.82 4.06 8.87
CA GLU A 140 14.17 5.27 8.29
C GLU A 140 12.70 4.97 8.01
N PHE A 141 12.44 4.01 7.16
CA PHE A 141 11.03 3.66 6.84
C PHE A 141 10.23 3.42 8.13
N VAL A 142 10.90 3.18 9.23
CA VAL A 142 10.17 2.93 10.52
C VAL A 142 10.18 4.18 11.41
N GLN A 143 11.32 4.54 11.95
CA GLN A 143 11.38 5.73 12.86
C GLN A 143 10.50 6.89 12.34
N MET A 144 10.22 6.94 11.07
CA MET A 144 9.39 8.08 10.55
C MET A 144 7.90 7.74 10.60
N MET A 145 7.53 6.51 10.29
CA MET A 145 6.08 6.15 10.31
C MET A 145 5.69 5.41 11.59
N THR A 146 6.63 5.01 12.39
CA THR A 146 6.27 4.27 13.63
C THR A 146 6.75 5.01 14.88
N ALA A 147 7.81 5.80 14.74
CA ALA A 147 8.40 6.57 15.90
C ALA A 147 7.54 6.49 17.15
N LYS A 148 7.55 5.36 17.78
CA LYS A 148 6.74 5.17 19.03
C LYS A 148 7.64 4.74 20.19
N VAL B 1 6.54 -22.02 -0.33
CA VAL B 1 5.91 -21.10 -1.33
C VAL B 1 5.12 -20.00 -0.61
N LYS B 2 4.17 -19.41 -1.29
CA LYS B 2 3.36 -18.33 -0.64
C LYS B 2 4.25 -17.21 -0.10
N LEU B 3 4.51 -16.21 -0.91
CA LEU B 3 5.37 -15.07 -0.45
C LEU B 3 4.63 -13.74 -0.68
N ILE B 4 3.63 -13.73 -1.51
CA ILE B 4 2.87 -12.48 -1.78
C ILE B 4 2.42 -11.83 -0.45
N PRO B 5 2.45 -10.52 -0.42
CA PRO B 5 2.03 -9.77 0.79
C PRO B 5 0.53 -9.98 1.04
N SER B 6 -0.10 -9.07 1.73
CA SER B 6 -1.56 -9.25 2.01
C SER B 6 -2.38 -8.07 1.47
N TRP B 7 -3.44 -7.74 2.14
CA TRP B 7 -4.32 -6.63 1.70
C TRP B 7 -3.76 -5.26 2.13
N THR B 8 -3.91 -4.93 3.38
CA THR B 8 -3.42 -3.62 3.88
C THR B 8 -2.03 -3.34 3.32
N THR B 9 -1.17 -4.32 3.30
CA THR B 9 0.19 -4.10 2.76
C THR B 9 0.09 -3.34 1.43
N VAL B 10 -0.86 -3.71 0.61
CA VAL B 10 -1.03 -3.01 -0.70
C VAL B 10 -1.54 -1.59 -0.46
N ILE B 11 -2.45 -1.42 0.46
CA ILE B 11 -2.98 -0.05 0.73
C ILE B 11 -1.92 0.78 1.47
N LEU B 12 -1.04 0.13 2.17
CA LEU B 12 0.02 0.87 2.92
C LEU B 12 0.96 1.56 1.93
N VAL B 13 1.49 0.82 1.00
CA VAL B 13 2.41 1.44 0.01
C VAL B 13 1.65 2.52 -0.79
N LYS B 14 0.49 2.20 -1.31
CA LYS B 14 -0.28 3.23 -2.07
C LYS B 14 -0.39 4.49 -1.22
N SER B 15 -0.52 4.33 0.06
CA SER B 15 -0.61 5.52 0.95
C SER B 15 0.70 6.29 0.91
N MET B 16 1.80 5.59 0.78
CA MET B 16 3.11 6.29 0.72
C MET B 16 3.12 7.28 -0.43
N LEU B 17 2.62 6.88 -1.57
CA LEU B 17 2.58 7.82 -2.73
C LEU B 17 1.78 9.09 -2.35
N ARG B 18 0.51 9.11 -2.66
CA ARG B 18 -0.34 10.29 -2.34
C ARG B 18 0.22 11.54 -2.97
N LYS B 19 1.25 12.07 -2.41
CA LYS B 19 1.86 13.30 -2.96
C LYS B 19 3.01 13.79 -2.07
N ARG B 20 4.21 13.63 -2.52
CA ARG B 20 5.39 14.09 -1.71
C ARG B 20 5.19 13.77 -0.22
N SER B 21 4.37 12.81 0.09
CA SER B 21 4.14 12.47 1.53
C SER B 21 4.83 11.14 1.88
N PHE B 22 5.41 11.05 3.04
CA PHE B 22 6.10 9.79 3.44
C PHE B 22 5.87 9.51 4.92
N GLY B 23 4.96 10.21 5.53
CA GLY B 23 4.69 9.99 6.98
C GLY B 23 3.85 8.73 7.15
N ASN B 24 2.67 8.72 6.60
CA ASN B 24 1.80 7.52 6.73
C ASN B 24 1.61 7.16 8.19
N PRO B 25 0.89 8.01 8.87
CA PRO B 25 0.62 7.78 10.31
C PRO B 25 -0.38 6.65 10.48
N PHE B 26 -0.04 5.46 10.06
CA PHE B 26 -0.98 4.31 10.19
C PHE B 26 -1.01 3.83 11.64
CA CA C . -14.49 -4.08 -10.67
CA CA D . -19.14 -7.52 -0.43
CA CA E . 17.00 -1.58 -3.33
CA CA F . 18.50 7.60 3.85
N ALA A 1 -18.97 20.59 15.13
CA ALA A 1 -19.16 19.16 15.50
C ALA A 1 -19.00 18.27 14.26
N ASP A 2 -18.69 17.01 14.46
CA ASP A 2 -18.54 16.10 13.28
C ASP A 2 -17.43 16.61 12.35
N GLN A 3 -16.23 16.12 12.51
CA GLN A 3 -15.12 16.59 11.63
C GLN A 3 -14.90 15.61 10.48
N LEU A 4 -15.65 15.75 9.42
CA LEU A 4 -15.48 14.82 8.27
C LEU A 4 -14.39 15.34 7.33
N THR A 5 -13.35 14.58 7.15
CA THR A 5 -12.25 15.03 6.24
C THR A 5 -12.32 14.27 4.90
N GLU A 6 -12.95 14.86 3.92
CA GLU A 6 -13.04 14.17 2.60
C GLU A 6 -11.64 13.86 2.06
N GLU A 7 -10.68 14.68 2.36
CA GLU A 7 -9.30 14.43 1.87
C GLU A 7 -8.85 13.03 2.29
N GLN A 8 -8.95 12.71 3.54
CA GLN A 8 -8.54 11.36 4.01
C GLN A 8 -9.40 10.29 3.33
N ILE A 9 -10.69 10.42 3.42
CA ILE A 9 -11.59 9.42 2.76
C ILE A 9 -11.21 9.30 1.29
N ALA A 10 -10.90 10.40 0.64
CA ALA A 10 -10.53 10.35 -0.79
C ALA A 10 -9.36 9.38 -0.98
N GLU A 11 -8.31 9.55 -0.22
CA GLU A 11 -7.15 8.62 -0.34
C GLU A 11 -7.64 7.19 -0.31
N PHE A 12 -8.47 6.85 0.64
CA PHE A 12 -9.01 5.47 0.72
C PHE A 12 -9.79 5.16 -0.57
N LYS A 13 -10.61 6.08 -1.00
CA LYS A 13 -11.39 5.86 -2.25
C LYS A 13 -10.42 5.57 -3.40
N GLU A 14 -9.29 6.23 -3.40
CA GLU A 14 -8.29 5.99 -4.49
C GLU A 14 -7.87 4.53 -4.48
N ALA A 15 -7.45 4.02 -3.35
CA ALA A 15 -7.03 2.60 -3.28
C ALA A 15 -8.14 1.72 -3.83
N PHE A 16 -9.36 2.02 -3.51
CA PHE A 16 -10.50 1.20 -4.02
C PHE A 16 -10.59 1.38 -5.53
N SER A 17 -10.46 2.58 -6.01
CA SER A 17 -10.53 2.82 -7.47
C SER A 17 -9.29 2.23 -8.15
N LEU A 18 -8.22 2.12 -7.43
CA LEU A 18 -6.97 1.56 -8.01
C LEU A 18 -7.17 0.07 -8.32
N PHE A 19 -7.80 -0.65 -7.45
CA PHE A 19 -8.04 -2.10 -7.70
C PHE A 19 -9.13 -2.27 -8.76
N ASP A 20 -10.14 -1.44 -8.71
CA ASP A 20 -11.23 -1.54 -9.72
C ASP A 20 -10.69 -1.26 -11.13
N LYS A 21 -10.23 -2.27 -11.81
CA LYS A 21 -9.69 -2.06 -13.19
C LYS A 21 -10.82 -2.15 -14.22
N ASP A 22 -12.02 -1.80 -13.84
CA ASP A 22 -13.15 -1.87 -14.80
C ASP A 22 -14.10 -0.70 -14.59
N GLY A 23 -14.38 -0.36 -13.36
CA GLY A 23 -15.31 0.78 -13.09
C GLY A 23 -16.68 0.23 -12.67
N ASP A 24 -16.89 0.04 -11.40
CA ASP A 24 -18.21 -0.50 -10.94
C ASP A 24 -18.38 -0.27 -9.43
N GLY A 25 -17.34 -0.52 -8.66
CA GLY A 25 -17.46 -0.32 -7.19
C GLY A 25 -17.30 -1.66 -6.47
N THR A 26 -16.77 -2.64 -7.15
CA THR A 26 -16.59 -3.98 -6.51
C THR A 26 -15.29 -4.64 -6.98
N ILE A 27 -14.39 -4.93 -6.09
CA ILE A 27 -13.11 -5.57 -6.52
C ILE A 27 -13.32 -7.09 -6.66
N THR A 28 -13.17 -7.59 -7.84
CA THR A 28 -13.36 -9.06 -8.04
C THR A 28 -12.09 -9.80 -7.62
N THR A 29 -12.03 -11.08 -7.84
CA THR A 29 -10.81 -11.84 -7.45
C THR A 29 -9.66 -11.53 -8.41
N LYS A 30 -9.91 -11.61 -9.69
CA LYS A 30 -8.82 -11.32 -10.67
C LYS A 30 -8.46 -9.83 -10.64
N GLU A 31 -9.44 -8.96 -10.54
CA GLU A 31 -9.12 -7.50 -10.50
C GLU A 31 -7.94 -7.26 -9.57
N LEU A 32 -7.97 -7.81 -8.39
CA LEU A 32 -6.84 -7.62 -7.44
C LEU A 32 -5.64 -8.42 -7.93
N GLY A 33 -5.88 -9.56 -8.53
CA GLY A 33 -4.75 -10.38 -9.05
C GLY A 33 -3.97 -9.57 -10.07
N THR A 34 -4.65 -8.93 -10.98
CA THR A 34 -3.95 -8.11 -12.00
C THR A 34 -3.12 -7.03 -11.30
N VAL A 35 -3.75 -6.25 -10.46
CA VAL A 35 -3.00 -5.20 -9.72
C VAL A 35 -1.85 -5.85 -8.94
N MET A 36 -2.07 -7.03 -8.44
CA MET A 36 -1.00 -7.72 -7.68
C MET A 36 0.18 -8.02 -8.61
N ARG A 37 -0.08 -8.58 -9.75
CA ARG A 37 1.02 -8.89 -10.70
C ARG A 37 1.83 -7.60 -10.97
N SER A 38 1.17 -6.47 -10.91
CA SER A 38 1.88 -5.18 -11.16
C SER A 38 3.08 -5.06 -10.22
N LEU A 39 2.89 -5.27 -8.95
CA LEU A 39 4.04 -5.16 -7.99
C LEU A 39 5.20 -6.03 -8.48
N GLY A 40 4.89 -7.17 -9.05
CA GLY A 40 5.97 -8.07 -9.55
C GLY A 40 5.94 -9.40 -8.79
N GLN A 41 4.89 -10.16 -8.93
CA GLN A 41 4.80 -11.47 -8.22
C GLN A 41 3.83 -12.42 -8.95
N ASN A 42 3.44 -13.48 -8.30
CA ASN A 42 2.51 -14.44 -8.96
C ASN A 42 1.28 -14.70 -8.08
N PRO A 43 0.33 -13.80 -8.15
CA PRO A 43 -0.90 -13.93 -7.34
C PRO A 43 -1.81 -15.03 -7.93
N THR A 44 -1.83 -16.18 -7.33
CA THR A 44 -2.70 -17.28 -7.86
C THR A 44 -4.15 -17.06 -7.41
N GLU A 45 -5.06 -17.85 -7.92
CA GLU A 45 -6.50 -17.68 -7.53
C GLU A 45 -6.76 -18.31 -6.15
N ALA A 46 -5.97 -19.28 -5.78
CA ALA A 46 -6.18 -19.94 -4.45
C ALA A 46 -5.83 -18.95 -3.33
N GLU A 47 -4.60 -18.56 -3.22
CA GLU A 47 -4.21 -17.60 -2.14
C GLU A 47 -5.12 -16.38 -2.19
N LEU A 48 -5.35 -15.85 -3.36
CA LEU A 48 -6.23 -14.65 -3.47
C LEU A 48 -7.55 -14.90 -2.73
N GLN A 49 -8.11 -16.07 -2.90
CA GLN A 49 -9.39 -16.38 -2.20
C GLN A 49 -9.20 -16.27 -0.69
N ASP A 50 -8.14 -16.83 -0.18
CA ASP A 50 -7.89 -16.75 1.29
C ASP A 50 -7.61 -15.30 1.70
N MET A 51 -7.35 -14.44 0.75
CA MET A 51 -7.07 -13.02 1.08
C MET A 51 -8.35 -12.19 0.99
N ILE A 52 -9.11 -12.35 -0.06
CA ILE A 52 -10.38 -11.57 -0.21
C ILE A 52 -11.33 -11.90 0.96
N ASN A 53 -11.36 -13.14 1.38
CA ASN A 53 -12.26 -13.51 2.51
C ASN A 53 -12.06 -12.57 3.69
N GLU A 54 -10.87 -12.05 3.84
CA GLU A 54 -10.62 -11.12 4.98
C GLU A 54 -11.44 -9.85 4.81
N VAL A 55 -11.29 -9.17 3.71
CA VAL A 55 -12.08 -7.91 3.49
C VAL A 55 -13.56 -8.26 3.25
N ASP A 56 -13.86 -9.49 2.99
CA ASP A 56 -15.28 -9.89 2.76
C ASP A 56 -16.13 -9.59 4.00
N ALA A 57 -16.49 -8.36 4.22
CA ALA A 57 -17.31 -8.02 5.42
C ALA A 57 -18.61 -8.82 5.41
N ASP A 58 -19.45 -8.61 4.43
CA ASP A 58 -20.74 -9.37 4.37
C ASP A 58 -20.47 -10.85 4.13
N GLY A 59 -19.57 -11.16 3.24
CA GLY A 59 -19.26 -12.59 2.95
C GLY A 59 -19.84 -12.98 1.58
N ASN A 60 -19.74 -12.11 0.61
CA ASN A 60 -20.29 -12.45 -0.74
C ASN A 60 -19.16 -12.92 -1.66
N GLY A 61 -18.03 -12.26 -1.64
CA GLY A 61 -16.90 -12.69 -2.52
C GLY A 61 -16.26 -11.46 -3.17
N THR A 62 -16.91 -10.33 -3.12
CA THR A 62 -16.32 -9.10 -3.75
C THR A 62 -16.08 -8.02 -2.70
N ILE A 63 -15.23 -7.07 -3.00
CA ILE A 63 -14.95 -5.98 -2.02
C ILE A 63 -15.79 -4.75 -2.35
N ASP A 64 -16.11 -3.94 -1.37
CA ASP A 64 -16.93 -2.72 -1.64
C ASP A 64 -16.30 -1.48 -1.00
N PHE A 65 -16.47 -0.33 -1.61
CA PHE A 65 -15.87 0.91 -1.04
C PHE A 65 -16.01 0.95 0.50
N PRO A 66 -17.22 0.74 0.97
CA PRO A 66 -17.46 0.75 2.45
C PRO A 66 -16.72 -0.41 3.10
N GLU A 67 -16.61 -1.51 2.42
CA GLU A 67 -15.89 -2.68 3.02
C GLU A 67 -14.40 -2.37 3.09
N PHE A 68 -13.91 -1.56 2.19
CA PHE A 68 -12.46 -1.20 2.21
C PHE A 68 -12.14 -0.39 3.46
N LEU A 69 -12.86 0.69 3.68
CA LEU A 69 -12.59 1.52 4.89
C LEU A 69 -12.65 0.65 6.15
N THR A 70 -13.67 -0.13 6.28
CA THR A 70 -13.80 -1.01 7.48
C THR A 70 -12.66 -2.02 7.52
N MET A 71 -12.14 -2.38 6.38
CA MET A 71 -11.02 -3.37 6.33
C MET A 71 -9.79 -2.86 7.08
N MET A 72 -9.24 -1.74 6.65
CA MET A 72 -8.03 -1.21 7.34
C MET A 72 -8.24 -1.09 8.85
N ALA A 73 -9.46 -1.15 9.31
CA ALA A 73 -9.72 -1.05 10.77
C ALA A 73 -9.65 -2.43 11.43
N ARG A 74 -9.58 -3.48 10.63
CA ARG A 74 -9.53 -4.86 11.20
C ARG A 74 -8.09 -5.37 11.32
N LYS A 75 -7.28 -5.13 10.33
CA LYS A 75 -5.87 -5.62 10.37
C LYS A 75 -5.06 -4.85 11.42
N MET A 76 -5.44 -3.64 11.71
CA MET A 76 -4.67 -2.85 12.72
C MET A 76 -4.76 -3.48 14.12
N LYS A 77 -5.82 -4.19 14.39
CA LYS A 77 -5.96 -4.84 15.72
C LYS A 77 -6.45 -6.29 15.57
N ASP A 78 -5.60 -7.15 15.09
CA ASP A 78 -6.01 -8.58 14.91
C ASP A 78 -4.82 -9.50 15.20
N THR A 79 -3.71 -9.29 14.53
CA THR A 79 -2.52 -10.15 14.76
C THR A 79 -1.35 -9.69 13.89
N ASP A 80 -1.25 -8.41 13.64
CA ASP A 80 -0.15 -7.88 12.81
C ASP A 80 -0.26 -6.36 12.68
N SER A 81 0.00 -5.65 13.73
CA SER A 81 -0.10 -4.16 13.67
C SER A 81 1.17 -3.55 13.08
N GLU A 82 2.27 -3.69 13.76
CA GLU A 82 3.55 -3.11 13.24
C GLU A 82 4.22 -4.08 12.27
N GLU A 83 3.96 -5.35 12.40
CA GLU A 83 4.60 -6.34 11.47
C GLU A 83 4.21 -6.02 10.03
N GLU A 84 3.20 -5.22 9.85
CA GLU A 84 2.75 -4.86 8.47
C GLU A 84 3.80 -4.00 7.78
N ILE A 85 4.48 -3.17 8.51
CA ILE A 85 5.52 -2.29 7.88
C ILE A 85 6.58 -3.18 7.25
N ARG A 86 6.80 -4.33 7.81
CA ARG A 86 7.83 -5.26 7.27
C ARG A 86 7.43 -5.71 5.86
N GLU A 87 6.16 -5.84 5.60
CA GLU A 87 5.72 -6.26 4.25
C GLU A 87 5.91 -5.12 3.24
N ALA A 88 5.46 -3.93 3.59
CA ALA A 88 5.63 -2.78 2.65
C ALA A 88 7.13 -2.53 2.38
N PHE A 89 7.98 -2.88 3.33
CA PHE A 89 9.44 -2.67 3.09
C PHE A 89 9.92 -3.66 2.04
N ARG A 90 9.59 -4.91 2.20
CA ARG A 90 10.00 -5.93 1.21
C ARG A 90 9.57 -5.46 -0.19
N VAL A 91 8.50 -4.71 -0.25
CA VAL A 91 8.02 -4.22 -1.58
C VAL A 91 9.00 -3.17 -2.15
N PHE A 92 9.40 -2.21 -1.35
CA PHE A 92 10.35 -1.18 -1.87
C PHE A 92 11.68 -1.83 -2.27
N ASP A 93 12.17 -2.73 -1.47
CA ASP A 93 13.47 -3.40 -1.80
C ASP A 93 13.28 -4.31 -3.02
N LYS A 94 12.86 -3.76 -4.12
CA LYS A 94 12.64 -4.59 -5.34
C LYS A 94 13.79 -5.60 -5.50
N ASP A 95 14.99 -5.13 -5.67
CA ASP A 95 16.14 -6.07 -5.84
C ASP A 95 16.33 -6.90 -4.56
N GLY A 96 16.21 -6.30 -3.42
CA GLY A 96 16.38 -7.05 -2.15
C GLY A 96 17.78 -6.81 -1.59
N ASN A 97 18.25 -5.59 -1.66
CA ASN A 97 19.62 -5.28 -1.14
C ASN A 97 19.52 -4.66 0.25
N GLY A 98 18.38 -4.10 0.59
CA GLY A 98 18.23 -3.48 1.93
C GLY A 98 18.35 -1.96 1.81
N TYR A 99 17.89 -1.40 0.73
CA TYR A 99 17.99 0.08 0.54
C TYR A 99 16.98 0.55 -0.50
N ILE A 100 16.47 1.75 -0.38
CA ILE A 100 15.49 2.25 -1.38
C ILE A 100 16.05 3.47 -2.13
N SER A 101 15.58 3.69 -3.32
CA SER A 101 16.08 4.84 -4.12
C SER A 101 14.95 5.40 -4.98
N ALA A 102 15.02 6.66 -5.32
CA ALA A 102 13.93 7.25 -6.16
C ALA A 102 13.56 6.30 -7.30
N ALA A 103 14.51 5.51 -7.75
CA ALA A 103 14.21 4.56 -8.86
C ALA A 103 13.29 3.44 -8.34
N GLU A 104 13.65 2.81 -7.25
CA GLU A 104 12.79 1.72 -6.71
C GLU A 104 11.40 2.27 -6.40
N LEU A 105 11.31 3.49 -5.94
CA LEU A 105 9.97 4.07 -5.64
C LEU A 105 9.16 4.20 -6.93
N ARG A 106 9.78 4.62 -7.99
CA ARG A 106 9.05 4.75 -9.28
C ARG A 106 8.59 3.37 -9.74
N HIS A 107 9.25 2.34 -9.30
CA HIS A 107 8.85 0.96 -9.71
C HIS A 107 7.65 0.49 -8.89
N VAL A 108 7.54 0.93 -7.67
CA VAL A 108 6.38 0.50 -6.82
C VAL A 108 5.17 1.41 -7.09
N MET A 109 5.42 2.65 -7.42
CA MET A 109 4.29 3.58 -7.67
C MET A 109 3.64 3.27 -9.02
N THR A 110 4.42 2.99 -10.02
CA THR A 110 3.84 2.67 -11.35
C THR A 110 3.16 1.30 -11.30
N ASN A 111 3.56 0.46 -10.39
CA ASN A 111 2.94 -0.88 -10.29
C ASN A 111 1.67 -0.81 -9.43
N LEU A 112 1.44 0.32 -8.81
CA LEU A 112 0.22 0.47 -7.96
C LEU A 112 -0.89 1.17 -8.75
N GLY A 113 -0.55 2.14 -9.56
CA GLY A 113 -1.61 2.85 -10.34
C GLY A 113 -1.20 4.32 -10.60
N GLU A 114 -0.41 4.89 -9.73
CA GLU A 114 0.00 6.31 -9.94
C GLU A 114 1.50 6.41 -10.23
N LYS A 115 1.93 7.56 -10.70
CA LYS A 115 3.38 7.75 -11.00
C LYS A 115 3.76 9.19 -10.71
N LEU A 116 3.83 9.55 -9.46
CA LEU A 116 4.18 10.96 -9.08
C LEU A 116 5.23 11.54 -10.03
N THR A 117 5.17 12.82 -10.26
CA THR A 117 6.16 13.47 -11.18
C THR A 117 7.58 13.18 -10.70
N ASP A 118 8.53 13.99 -11.09
CA ASP A 118 9.93 13.76 -10.64
C ASP A 118 10.25 14.61 -9.41
N GLU A 119 10.30 15.89 -9.57
CA GLU A 119 10.60 16.77 -8.40
C GLU A 119 9.81 16.30 -7.17
N GLU A 120 8.55 16.02 -7.35
CA GLU A 120 7.73 15.55 -6.20
C GLU A 120 8.31 14.26 -5.64
N VAL A 121 8.53 13.29 -6.48
CA VAL A 121 9.11 12.00 -6.02
C VAL A 121 10.48 12.23 -5.38
N ASP A 122 11.26 13.12 -5.94
CA ASP A 122 12.61 13.40 -5.37
C ASP A 122 12.47 14.03 -4.00
N GLU A 123 11.90 15.20 -3.93
CA GLU A 123 11.72 15.87 -2.61
C GLU A 123 11.17 14.86 -1.60
N MET A 124 10.47 13.86 -2.08
CA MET A 124 9.90 12.83 -1.16
C MET A 124 11.03 12.04 -0.51
N ILE A 125 11.89 11.46 -1.30
CA ILE A 125 13.01 10.65 -0.73
C ILE A 125 13.93 11.55 0.11
N ARG A 126 13.91 12.84 -0.14
CA ARG A 126 14.78 13.75 0.65
C ARG A 126 14.12 14.09 1.99
N GLU A 127 12.83 14.27 1.99
CA GLU A 127 12.13 14.60 3.26
C GLU A 127 12.13 13.38 4.19
N ALA A 128 12.59 12.25 3.72
CA ALA A 128 12.62 11.04 4.57
C ALA A 128 14.06 10.63 4.87
N ASP A 129 14.97 10.88 3.96
CA ASP A 129 16.39 10.50 4.19
C ASP A 129 16.90 11.12 5.50
N ILE A 130 16.64 10.49 6.61
CA ILE A 130 17.13 11.03 7.92
C ILE A 130 18.66 11.10 7.91
N ASP A 131 19.29 10.23 7.17
CA ASP A 131 20.78 10.25 7.11
C ASP A 131 21.23 11.24 6.04
N GLY A 132 20.41 11.49 5.07
CA GLY A 132 20.78 12.45 3.99
C GLY A 132 21.89 11.84 3.14
N ASP A 133 21.65 10.68 2.57
CA ASP A 133 22.70 10.04 1.73
C ASP A 133 22.19 9.82 0.30
N GLY A 134 20.91 9.66 0.13
CA GLY A 134 20.37 9.47 -1.25
C GLY A 134 19.51 8.20 -1.30
N GLN A 135 19.24 7.61 -0.18
CA GLN A 135 18.41 6.36 -0.17
C GLN A 135 17.90 6.07 1.24
N VAL A 136 16.95 5.17 1.36
CA VAL A 136 16.41 4.83 2.71
C VAL A 136 16.83 3.42 3.12
N ASN A 137 16.63 3.07 4.36
CA ASN A 137 17.01 1.71 4.83
C ASN A 137 15.97 1.19 5.82
N TYR A 138 16.07 -0.05 6.23
CA TYR A 138 15.07 -0.59 7.19
C TYR A 138 14.98 0.32 8.41
N GLU A 139 16.07 0.56 9.08
CA GLU A 139 16.03 1.45 10.27
C GLU A 139 15.19 2.69 9.98
N GLU A 140 15.42 3.33 8.86
CA GLU A 140 14.63 4.56 8.53
C GLU A 140 13.18 4.17 8.21
N PHE A 141 12.98 3.31 7.24
CA PHE A 141 11.58 2.90 6.88
C PHE A 141 10.82 2.44 8.13
N VAL A 142 11.52 2.10 9.17
CA VAL A 142 10.84 1.64 10.41
C VAL A 142 10.73 2.79 11.42
N GLN A 143 11.77 3.56 11.59
CA GLN A 143 11.71 4.69 12.56
C GLN A 143 10.69 5.73 12.08
N MET A 144 10.22 5.60 10.88
CA MET A 144 9.23 6.59 10.36
C MET A 144 7.80 6.12 10.62
N MET A 145 7.54 4.84 10.49
CA MET A 145 6.16 4.33 10.72
C MET A 145 6.02 3.71 12.12
N THR A 146 6.75 2.67 12.41
CA THR A 146 6.63 2.02 13.75
C THR A 146 7.36 2.84 14.82
N ALA A 147 7.09 4.11 14.90
CA ALA A 147 7.76 4.95 15.94
C ALA A 147 7.08 4.76 17.30
N LYS A 148 6.91 3.53 17.72
CA LYS A 148 6.24 3.27 19.02
C LYS A 148 7.03 2.23 19.81
N VAL B 1 10.14 -18.70 -0.52
CA VAL B 1 9.05 -18.16 0.36
C VAL B 1 8.40 -16.95 -0.29
N LYS B 2 9.14 -16.21 -1.08
CA LYS B 2 8.55 -15.01 -1.75
C LYS B 2 7.49 -15.44 -2.76
N LEU B 3 6.24 -15.15 -2.50
CA LEU B 3 5.18 -15.55 -3.45
C LEU B 3 4.17 -14.40 -3.67
N ILE B 4 3.49 -13.99 -2.64
CA ILE B 4 2.49 -12.89 -2.81
C ILE B 4 2.52 -11.94 -1.60
N PRO B 5 2.23 -10.69 -1.86
CA PRO B 5 2.19 -9.68 -0.79
C PRO B 5 0.92 -9.86 0.05
N SER B 6 0.47 -8.85 0.72
CA SER B 6 -0.76 -8.99 1.54
C SER B 6 -1.82 -7.96 1.12
N TRP B 7 -2.92 -7.91 1.83
CA TRP B 7 -4.01 -6.93 1.49
C TRP B 7 -3.69 -5.53 2.03
N THR B 8 -3.91 -5.30 3.30
CA THR B 8 -3.63 -3.95 3.87
C THR B 8 -2.28 -3.44 3.37
N THR B 9 -1.40 -4.32 2.98
CA THR B 9 -0.09 -3.87 2.47
C THR B 9 -0.29 -3.06 1.20
N VAL B 10 -0.87 -3.66 0.19
CA VAL B 10 -1.11 -2.90 -1.06
C VAL B 10 -1.77 -1.57 -0.71
N ILE B 11 -2.51 -1.53 0.38
CA ILE B 11 -3.14 -0.24 0.79
C ILE B 11 -2.09 0.62 1.49
N LEU B 12 -1.19 -0.02 2.19
CA LEU B 12 -0.12 0.73 2.90
C LEU B 12 0.71 1.53 1.91
N VAL B 13 1.35 0.87 0.98
CA VAL B 13 2.18 1.58 -0.01
C VAL B 13 1.31 2.56 -0.82
N LYS B 14 0.11 2.17 -1.16
CA LYS B 14 -0.76 3.09 -1.94
C LYS B 14 -1.16 4.31 -1.09
N SER B 15 -1.09 4.17 0.21
CA SER B 15 -1.45 5.32 1.10
C SER B 15 -0.29 6.30 1.19
N MET B 16 0.92 5.81 1.21
CA MET B 16 2.10 6.73 1.29
C MET B 16 2.33 7.42 -0.05
N LEU B 17 1.83 6.85 -1.12
CA LEU B 17 2.02 7.49 -2.47
C LEU B 17 1.11 8.70 -2.62
N ARG B 18 0.37 9.01 -1.61
CA ARG B 18 -0.58 10.17 -1.68
C ARG B 18 0.04 11.31 -2.50
N LYS B 19 1.04 11.95 -1.99
CA LYS B 19 1.68 13.06 -2.74
C LYS B 19 3.13 13.23 -2.32
N ARG B 20 3.36 13.68 -1.12
CA ARG B 20 4.76 13.85 -0.64
C ARG B 20 4.91 13.26 0.76
N SER B 21 3.94 12.51 1.19
CA SER B 21 4.02 11.88 2.55
C SER B 21 4.89 10.63 2.51
N PHE B 22 5.66 10.40 3.53
CA PHE B 22 6.55 9.20 3.55
C PHE B 22 6.63 8.62 4.98
N GLY B 23 6.60 9.47 5.97
CA GLY B 23 6.69 8.97 7.37
C GLY B 23 5.47 8.12 7.71
N ASN B 24 4.52 8.68 8.41
CA ASN B 24 3.30 7.88 8.78
C ASN B 24 2.07 8.43 8.06
N PRO B 25 1.68 7.74 7.03
CA PRO B 25 0.51 8.14 6.24
C PRO B 25 -0.79 7.73 6.96
N PHE B 26 -0.69 6.81 7.88
CA PHE B 26 -1.90 6.36 8.63
C PHE B 26 -2.06 7.16 9.92
CA CA C . -14.36 -3.87 -10.25
CA CA D . -17.55 -8.57 0.66
CA CA E . 15.90 -2.27 -2.53
CA CA F . 19.20 7.26 4.50
N ALA A 1 -20.43 22.32 10.63
CA ALA A 1 -19.01 22.07 11.02
C ALA A 1 -18.08 23.04 10.30
N ASP A 2 -16.88 23.21 10.80
CA ASP A 2 -15.92 24.15 10.14
C ASP A 2 -14.90 23.36 9.33
N GLN A 3 -13.81 22.98 9.95
CA GLN A 3 -12.76 22.21 9.22
C GLN A 3 -13.22 20.76 9.00
N LEU A 4 -13.66 20.44 7.82
CA LEU A 4 -14.12 19.04 7.54
C LEU A 4 -12.94 18.06 7.64
N THR A 5 -13.22 16.79 7.69
CA THR A 5 -12.12 15.79 7.79
C THR A 5 -12.30 14.70 6.74
N GLU A 6 -13.23 14.88 5.84
CA GLU A 6 -13.46 13.85 4.78
C GLU A 6 -12.18 13.62 3.99
N GLU A 7 -11.28 14.56 4.00
CA GLU A 7 -10.00 14.39 3.26
C GLU A 7 -9.47 12.97 3.45
N GLN A 8 -9.48 12.49 4.66
CA GLN A 8 -8.98 11.11 4.93
C GLN A 8 -9.84 10.09 4.17
N ILE A 9 -11.13 10.28 4.19
CA ILE A 9 -12.03 9.33 3.47
C ILE A 9 -11.78 9.42 1.95
N ALA A 10 -11.51 10.60 1.46
CA ALA A 10 -11.26 10.75 0.00
C ALA A 10 -10.03 9.92 -0.40
N GLU A 11 -9.03 9.88 0.43
CA GLU A 11 -7.81 9.09 0.10
C GLU A 11 -8.18 7.60 0.04
N PHE A 12 -8.79 7.10 1.07
CA PHE A 12 -9.17 5.66 1.07
C PHE A 12 -10.04 5.37 -0.15
N LYS A 13 -10.79 6.35 -0.60
CA LYS A 13 -11.64 6.14 -1.80
C LYS A 13 -10.75 5.97 -3.02
N GLU A 14 -9.67 6.69 -3.09
CA GLU A 14 -8.75 6.57 -4.24
C GLU A 14 -8.26 5.12 -4.35
N ALA A 15 -7.81 4.56 -3.26
CA ALA A 15 -7.34 3.14 -3.29
C ALA A 15 -8.47 2.22 -3.76
N PHE A 16 -9.61 2.34 -3.14
CA PHE A 16 -10.76 1.49 -3.55
C PHE A 16 -11.00 1.62 -5.05
N SER A 17 -10.66 2.75 -5.60
CA SER A 17 -10.85 2.96 -7.06
C SER A 17 -9.71 2.28 -7.84
N LEU A 18 -8.56 2.16 -7.24
CA LEU A 18 -7.41 1.51 -7.94
C LEU A 18 -7.75 0.04 -8.22
N PHE A 19 -8.33 -0.64 -7.27
CA PHE A 19 -8.67 -2.08 -7.48
C PHE A 19 -9.92 -2.19 -8.35
N ASP A 20 -10.89 -1.35 -8.13
CA ASP A 20 -12.13 -1.41 -8.95
C ASP A 20 -11.86 -0.90 -10.37
N LYS A 21 -11.67 -1.79 -11.31
CA LYS A 21 -11.38 -1.35 -12.71
C LYS A 21 -12.70 -1.10 -13.45
N ASP A 22 -13.74 -1.79 -13.09
CA ASP A 22 -15.05 -1.60 -13.78
C ASP A 22 -15.72 -0.32 -13.28
N GLY A 23 -15.53 0.02 -12.04
CA GLY A 23 -16.16 1.26 -11.50
C GLY A 23 -17.52 0.91 -10.88
N ASP A 24 -17.79 -0.34 -10.69
CA ASP A 24 -19.10 -0.73 -10.09
C ASP A 24 -19.02 -0.65 -8.56
N GLY A 25 -17.86 -0.84 -8.00
CA GLY A 25 -17.73 -0.78 -6.52
C GLY A 25 -17.62 -2.21 -5.98
N THR A 26 -16.92 -3.06 -6.69
CA THR A 26 -16.77 -4.46 -6.21
C THR A 26 -15.47 -5.05 -6.76
N ILE A 27 -14.53 -5.34 -5.90
CA ILE A 27 -13.24 -5.92 -6.37
C ILE A 27 -13.38 -7.44 -6.56
N THR A 28 -13.24 -7.92 -7.75
CA THR A 28 -13.37 -9.39 -8.01
C THR A 28 -12.01 -10.06 -7.86
N THR A 29 -11.98 -11.37 -7.97
CA THR A 29 -10.68 -12.09 -7.84
C THR A 29 -9.73 -11.67 -8.97
N LYS A 30 -10.25 -11.41 -10.13
CA LYS A 30 -9.38 -11.00 -11.27
C LYS A 30 -8.86 -9.57 -11.05
N GLU A 31 -9.75 -8.63 -10.86
CA GLU A 31 -9.30 -7.22 -10.64
C GLU A 31 -8.11 -7.20 -9.67
N LEU A 32 -8.33 -7.60 -8.44
CA LEU A 32 -7.21 -7.61 -7.46
C LEU A 32 -6.08 -8.50 -7.96
N GLY A 33 -6.41 -9.59 -8.59
CA GLY A 33 -5.36 -10.50 -9.12
C GLY A 33 -4.43 -9.73 -10.05
N THR A 34 -4.99 -8.91 -10.89
CA THR A 34 -4.14 -8.12 -11.83
C THR A 34 -3.21 -7.18 -11.04
N VAL A 35 -3.75 -6.47 -10.08
CA VAL A 35 -2.89 -5.55 -9.28
C VAL A 35 -1.73 -6.33 -8.65
N MET A 36 -1.94 -7.59 -8.38
CA MET A 36 -0.85 -8.43 -7.78
C MET A 36 0.18 -8.78 -8.85
N ARG A 37 -0.25 -8.92 -10.07
CA ARG A 37 0.70 -9.26 -11.17
C ARG A 37 1.50 -8.01 -11.58
N SER A 38 1.02 -6.85 -11.23
CA SER A 38 1.74 -5.60 -11.60
C SER A 38 2.94 -5.39 -10.68
N LEU A 39 2.74 -5.44 -9.39
CA LEU A 39 3.88 -5.23 -8.44
C LEU A 39 4.96 -6.27 -8.69
N GLY A 40 4.63 -7.35 -9.36
CA GLY A 40 5.65 -8.40 -9.64
C GLY A 40 5.52 -9.53 -8.63
N GLN A 41 4.46 -10.29 -8.70
CA GLN A 41 4.28 -11.42 -7.74
C GLN A 41 3.66 -12.62 -8.47
N ASN A 42 3.12 -13.55 -7.74
CA ASN A 42 2.50 -14.74 -8.41
C ASN A 42 1.51 -15.44 -7.47
N PRO A 43 0.29 -14.99 -7.52
CA PRO A 43 -0.77 -15.57 -6.68
C PRO A 43 -1.14 -16.97 -7.19
N THR A 44 -1.13 -17.95 -6.35
CA THR A 44 -1.48 -19.34 -6.80
C THR A 44 -3.00 -19.55 -6.74
N GLU A 45 -3.76 -18.51 -6.94
CA GLU A 45 -5.25 -18.65 -6.90
C GLU A 45 -5.71 -18.99 -5.49
N ALA A 46 -5.22 -20.07 -4.95
CA ALA A 46 -5.64 -20.46 -3.57
C ALA A 46 -5.47 -19.28 -2.61
N GLU A 47 -4.41 -18.54 -2.77
CA GLU A 47 -4.20 -17.37 -1.87
C GLU A 47 -5.25 -16.30 -2.16
N LEU A 48 -5.40 -15.92 -3.40
CA LEU A 48 -6.41 -14.88 -3.75
C LEU A 48 -7.73 -15.18 -3.03
N GLN A 49 -8.28 -16.34 -3.25
CA GLN A 49 -9.55 -16.69 -2.58
C GLN A 49 -9.39 -16.55 -1.06
N ASP A 50 -8.34 -17.09 -0.52
CA ASP A 50 -8.12 -16.98 0.95
C ASP A 50 -8.07 -15.51 1.35
N MET A 51 -7.50 -14.67 0.51
CA MET A 51 -7.44 -13.22 0.84
C MET A 51 -8.81 -12.59 0.61
N ILE A 52 -9.42 -12.87 -0.49
CA ILE A 52 -10.77 -12.28 -0.78
C ILE A 52 -11.79 -12.83 0.23
N ASN A 53 -11.59 -14.04 0.69
CA ASN A 53 -12.56 -14.63 1.67
C ASN A 53 -12.40 -13.96 3.03
N GLU A 54 -11.30 -13.26 3.24
CA GLU A 54 -11.08 -12.59 4.55
C GLU A 54 -11.70 -11.19 4.54
N VAL A 55 -11.42 -10.42 3.52
CA VAL A 55 -12.00 -9.04 3.46
C VAL A 55 -13.50 -9.12 3.15
N ASP A 56 -13.99 -10.26 2.73
CA ASP A 56 -15.44 -10.38 2.40
C ASP A 56 -16.28 -10.12 3.66
N ALA A 57 -16.47 -8.87 4.01
CA ALA A 57 -17.28 -8.54 5.22
C ALA A 57 -18.74 -9.02 5.04
N ASP A 58 -19.29 -8.85 3.87
CA ASP A 58 -20.70 -9.28 3.64
C ASP A 58 -20.76 -10.71 3.09
N GLY A 59 -19.79 -11.10 2.32
CA GLY A 59 -19.79 -12.47 1.74
C GLY A 59 -20.34 -12.43 0.31
N ASN A 60 -20.00 -11.41 -0.43
CA ASN A 60 -20.50 -11.31 -1.82
C ASN A 60 -19.43 -11.78 -2.82
N GLY A 61 -18.24 -12.01 -2.34
CA GLY A 61 -17.15 -12.47 -3.26
C GLY A 61 -16.41 -11.25 -3.84
N THR A 62 -16.85 -10.07 -3.49
CA THR A 62 -16.17 -8.84 -4.01
C THR A 62 -16.03 -7.79 -2.92
N ILE A 63 -14.98 -7.03 -2.95
CA ILE A 63 -14.78 -5.98 -1.90
C ILE A 63 -15.66 -4.77 -2.20
N ASP A 64 -16.27 -4.21 -1.18
CA ASP A 64 -17.15 -3.02 -1.41
C ASP A 64 -16.53 -1.75 -0.81
N PHE A 65 -17.08 -0.61 -1.11
CA PHE A 65 -16.53 0.67 -0.56
C PHE A 65 -16.46 0.64 0.98
N PRO A 66 -17.52 0.18 1.61
CA PRO A 66 -17.54 0.12 3.09
C PRO A 66 -16.60 -0.97 3.59
N GLU A 67 -16.66 -2.13 3.00
CA GLU A 67 -15.75 -3.23 3.45
C GLU A 67 -14.30 -2.77 3.34
N PHE A 68 -13.99 -1.97 2.36
CA PHE A 68 -12.58 -1.48 2.20
C PHE A 68 -12.18 -0.56 3.37
N LEU A 69 -12.93 0.49 3.58
CA LEU A 69 -12.60 1.43 4.69
C LEU A 69 -12.40 0.69 6.02
N THR A 70 -13.41 0.02 6.49
CA THR A 70 -13.30 -0.72 7.78
C THR A 70 -12.08 -1.65 7.79
N MET A 71 -12.01 -2.57 6.87
CA MET A 71 -10.84 -3.52 6.84
C MET A 71 -9.51 -2.79 7.08
N MET A 72 -9.08 -1.98 6.16
CA MET A 72 -7.77 -1.25 6.32
C MET A 72 -7.58 -0.83 7.79
N ALA A 73 -8.65 -0.59 8.50
CA ALA A 73 -8.51 -0.15 9.92
C ALA A 73 -8.54 -1.35 10.88
N ARG A 74 -9.41 -2.30 10.65
CA ARG A 74 -9.47 -3.48 11.58
C ARG A 74 -8.19 -4.32 11.49
N LYS A 75 -7.44 -4.17 10.42
CA LYS A 75 -6.18 -4.98 10.30
C LYS A 75 -5.06 -4.33 11.13
N MET A 76 -5.02 -3.03 11.18
CA MET A 76 -3.95 -2.36 11.98
C MET A 76 -4.37 -2.28 13.45
N LYS A 77 -4.82 -3.38 13.99
CA LYS A 77 -5.26 -3.39 15.42
C LYS A 77 -5.29 -4.84 15.91
N ASP A 78 -4.23 -5.28 16.53
CA ASP A 78 -4.17 -6.67 17.04
C ASP A 78 -4.32 -7.66 15.88
N THR A 79 -3.33 -7.74 15.04
CA THR A 79 -3.38 -8.67 13.88
C THR A 79 -2.08 -8.58 13.08
N ASP A 80 -1.70 -7.40 12.68
CA ASP A 80 -0.43 -7.24 11.91
C ASP A 80 -0.16 -5.76 11.64
N SER A 81 0.39 -5.06 12.61
CA SER A 81 0.67 -3.60 12.40
C SER A 81 2.15 -3.41 12.09
N GLU A 82 3.00 -4.24 12.62
CA GLU A 82 4.45 -4.10 12.33
C GLU A 82 4.82 -4.88 11.09
N GLU A 83 4.11 -5.94 10.81
CA GLU A 83 4.42 -6.74 9.59
C GLU A 83 4.05 -5.92 8.36
N GLU A 84 2.93 -5.26 8.39
CA GLU A 84 2.50 -4.43 7.22
C GLU A 84 3.62 -3.45 6.84
N ILE A 85 4.46 -3.07 7.77
CA ILE A 85 5.57 -2.14 7.42
C ILE A 85 6.69 -2.92 6.75
N ARG A 86 7.07 -4.02 7.32
CA ARG A 86 8.14 -4.85 6.70
C ARG A 86 7.65 -5.36 5.36
N GLU A 87 6.37 -5.55 5.22
CA GLU A 87 5.82 -6.02 3.93
C GLU A 87 5.86 -4.86 2.93
N ALA A 88 5.37 -3.71 3.32
CA ALA A 88 5.40 -2.52 2.41
C ALA A 88 6.84 -2.25 1.99
N PHE A 89 7.78 -2.44 2.87
CA PHE A 89 9.20 -2.20 2.51
C PHE A 89 9.65 -3.24 1.48
N ARG A 90 9.29 -4.48 1.70
CA ARG A 90 9.68 -5.53 0.73
C ARG A 90 9.26 -5.11 -0.68
N VAL A 91 8.14 -4.44 -0.78
CA VAL A 91 7.67 -3.99 -2.11
C VAL A 91 8.61 -2.92 -2.66
N PHE A 92 9.05 -2.01 -1.82
CA PHE A 92 9.99 -0.96 -2.29
C PHE A 92 11.38 -1.55 -2.50
N ASP A 93 11.76 -2.51 -1.71
CA ASP A 93 13.10 -3.13 -1.88
C ASP A 93 13.06 -4.16 -3.01
N LYS A 94 12.69 -3.74 -4.18
CA LYS A 94 12.62 -4.69 -5.34
C LYS A 94 13.79 -5.66 -5.29
N ASP A 95 14.99 -5.17 -5.41
CA ASP A 95 16.18 -6.07 -5.39
C ASP A 95 16.33 -6.71 -4.00
N GLY A 96 16.07 -5.97 -2.96
CA GLY A 96 16.20 -6.54 -1.59
C GLY A 96 17.66 -6.46 -1.13
N ASN A 97 18.24 -5.29 -1.20
CA ASN A 97 19.66 -5.14 -0.76
C ASN A 97 19.72 -4.57 0.65
N GLY A 98 18.63 -4.06 1.14
CA GLY A 98 18.63 -3.48 2.52
C GLY A 98 18.59 -1.96 2.43
N TYR A 99 18.16 -1.42 1.31
CA TYR A 99 18.10 0.05 1.15
C TYR A 99 17.10 0.42 0.05
N ILE A 100 16.59 1.61 0.07
CA ILE A 100 15.61 2.02 -0.99
C ILE A 100 16.14 3.23 -1.77
N SER A 101 16.04 3.20 -3.07
CA SER A 101 16.53 4.35 -3.89
C SER A 101 15.37 4.92 -4.72
N ALA A 102 15.46 6.17 -5.07
CA ALA A 102 14.37 6.79 -5.88
C ALA A 102 13.98 5.88 -7.04
N ALA A 103 14.93 5.18 -7.59
CA ALA A 103 14.62 4.26 -8.72
C ALA A 103 13.68 3.15 -8.26
N GLU A 104 13.92 2.62 -7.09
CA GLU A 104 13.04 1.53 -6.57
C GLU A 104 11.61 2.05 -6.42
N LEU A 105 11.45 3.19 -5.83
CA LEU A 105 10.07 3.74 -5.65
C LEU A 105 9.45 3.97 -7.03
N ARG A 106 10.23 4.37 -7.98
CA ARG A 106 9.69 4.59 -9.35
C ARG A 106 9.00 3.31 -9.82
N HIS A 107 9.62 2.18 -9.59
CA HIS A 107 9.00 0.90 -10.02
C HIS A 107 7.64 0.72 -9.33
N VAL A 108 7.63 0.74 -8.03
CA VAL A 108 6.33 0.58 -7.28
C VAL A 108 5.37 1.72 -7.67
N MET A 109 5.90 2.80 -8.15
CA MET A 109 5.03 3.94 -8.52
C MET A 109 4.10 3.57 -9.67
N THR A 110 4.64 3.30 -10.82
CA THR A 110 3.76 2.93 -11.98
C THR A 110 3.02 1.63 -11.70
N ASN A 111 3.38 0.93 -10.65
CA ASN A 111 2.69 -0.35 -10.34
C ASN A 111 1.55 -0.13 -9.33
N LEU A 112 1.37 1.08 -8.85
CA LEU A 112 0.27 1.31 -7.86
C LEU A 112 -0.57 2.55 -8.22
N GLY A 113 -0.27 3.22 -9.30
CA GLY A 113 -1.08 4.41 -9.66
C GLY A 113 -0.26 5.40 -10.49
N GLU A 114 0.39 6.31 -9.84
CA GLU A 114 1.20 7.32 -10.59
C GLU A 114 2.69 7.18 -10.24
N LYS A 115 3.52 8.04 -10.77
CA LYS A 115 4.96 7.96 -10.45
C LYS A 115 5.48 9.31 -9.96
N LEU A 116 4.59 10.16 -9.55
CA LEU A 116 5.00 11.49 -9.04
C LEU A 116 5.96 12.16 -10.03
N THR A 117 6.33 13.38 -9.77
CA THR A 117 7.27 14.08 -10.69
C THR A 117 8.72 13.79 -10.29
N ASP A 118 9.65 14.53 -10.80
CA ASP A 118 11.08 14.28 -10.44
C ASP A 118 11.39 14.94 -9.10
N GLU A 119 11.07 16.20 -8.97
CA GLU A 119 11.35 16.89 -7.67
C GLU A 119 10.55 16.21 -6.55
N GLU A 120 9.33 15.86 -6.83
CA GLU A 120 8.52 15.17 -5.78
C GLU A 120 9.16 13.84 -5.39
N VAL A 121 9.61 13.09 -6.36
CA VAL A 121 10.27 11.79 -6.05
C VAL A 121 11.52 12.04 -5.22
N ASP A 122 12.32 12.98 -5.63
CA ASP A 122 13.57 13.29 -4.85
C ASP A 122 13.19 13.86 -3.49
N GLU A 123 12.20 14.69 -3.43
CA GLU A 123 11.77 15.27 -2.11
C GLU A 123 11.26 14.15 -1.22
N MET A 124 10.64 13.15 -1.79
CA MET A 124 10.11 12.03 -0.96
C MET A 124 11.28 11.27 -0.31
N ILE A 125 12.34 11.06 -1.03
CA ILE A 125 13.50 10.33 -0.45
C ILE A 125 14.39 11.31 0.31
N ARG A 126 14.25 12.59 0.05
CA ARG A 126 15.09 13.59 0.76
C ARG A 126 14.58 13.78 2.19
N GLU A 127 13.30 13.79 2.38
CA GLU A 127 12.73 13.98 3.75
C GLU A 127 13.03 12.75 4.61
N ALA A 128 13.24 11.62 3.99
CA ALA A 128 13.53 10.39 4.78
C ALA A 128 15.04 10.16 4.90
N ASP A 129 15.81 10.67 3.98
CA ASP A 129 17.30 10.48 4.05
C ASP A 129 17.90 11.32 5.18
N ILE A 130 17.82 10.85 6.39
CA ILE A 130 18.40 11.61 7.53
C ILE A 130 19.91 11.34 7.62
N ASP A 131 20.35 10.25 7.05
CA ASP A 131 21.80 9.93 7.09
C ASP A 131 22.48 10.44 5.82
N GLY A 132 21.71 10.80 4.82
CA GLY A 132 22.31 11.32 3.57
C GLY A 132 23.12 10.21 2.88
N ASP A 133 22.46 9.33 2.18
CA ASP A 133 23.19 8.24 1.49
C ASP A 133 22.60 8.00 0.10
N GLY A 134 21.70 8.85 -0.33
CA GLY A 134 21.09 8.67 -1.67
C GLY A 134 20.10 7.51 -1.64
N GLN A 135 19.73 7.07 -0.47
CA GLN A 135 18.76 5.93 -0.37
C GLN A 135 18.20 5.84 1.06
N VAL A 136 17.14 5.11 1.25
CA VAL A 136 16.56 4.98 2.61
C VAL A 136 16.85 3.58 3.16
N ASN A 137 16.59 3.36 4.41
CA ASN A 137 16.86 2.02 5.01
C ASN A 137 15.62 1.48 5.73
N TYR A 138 15.71 0.30 6.29
CA TYR A 138 14.54 -0.26 7.02
C TYR A 138 14.19 0.63 8.21
N GLU A 139 15.12 0.87 9.08
CA GLU A 139 14.84 1.74 10.26
C GLU A 139 14.08 2.99 9.82
N GLU A 140 14.65 3.78 8.96
CA GLU A 140 13.96 5.01 8.49
C GLU A 140 12.50 4.70 8.18
N PHE A 141 12.25 3.64 7.46
CA PHE A 141 10.84 3.28 7.11
C PHE A 141 10.02 3.10 8.39
N VAL A 142 10.66 2.69 9.46
CA VAL A 142 9.92 2.48 10.75
C VAL A 142 10.13 3.68 11.69
N GLN A 143 11.28 4.30 11.66
CA GLN A 143 11.53 5.46 12.56
C GLN A 143 10.75 6.69 12.07
N MET A 144 10.17 6.63 10.90
CA MET A 144 9.40 7.80 10.39
C MET A 144 7.90 7.54 10.45
N MET A 145 7.50 6.30 10.56
CA MET A 145 6.03 6.00 10.62
C MET A 145 5.59 5.76 12.06
N THR A 146 6.22 4.86 12.76
CA THR A 146 5.83 4.59 14.17
C THR A 146 7.01 4.00 14.95
N ALA A 147 7.80 4.82 15.56
CA ALA A 147 8.97 4.31 16.34
C ALA A 147 8.49 3.71 17.67
N LYS A 148 7.56 2.80 17.63
CA LYS A 148 7.06 2.17 18.89
C LYS A 148 6.93 0.66 18.71
N VAL B 1 5.40 -18.67 6.85
CA VAL B 1 6.04 -18.31 5.56
C VAL B 1 4.98 -17.91 4.52
N LYS B 2 5.00 -16.69 4.08
CA LYS B 2 3.98 -16.23 3.08
C LYS B 2 4.66 -15.50 1.91
N LEU B 3 4.06 -15.52 0.76
CA LEU B 3 4.66 -14.82 -0.41
C LEU B 3 3.80 -13.61 -0.77
N ILE B 4 2.61 -13.83 -1.26
CA ILE B 4 1.72 -12.70 -1.63
C ILE B 4 1.50 -11.81 -0.38
N PRO B 5 1.29 -10.54 -0.62
CA PRO B 5 1.08 -9.58 0.50
C PRO B 5 -0.22 -9.89 1.25
N SER B 6 -0.62 -9.05 2.17
CA SER B 6 -1.87 -9.32 2.93
C SER B 6 -2.91 -8.21 2.73
N TRP B 7 -3.34 -7.99 1.52
CA TRP B 7 -4.37 -6.93 1.29
C TRP B 7 -3.87 -5.56 1.77
N THR B 8 -4.01 -5.30 3.04
CA THR B 8 -3.56 -3.99 3.59
C THR B 8 -2.18 -3.62 3.05
N THR B 9 -1.27 -4.56 3.07
CA THR B 9 0.09 -4.26 2.54
C THR B 9 0.00 -3.55 1.20
N VAL B 10 -0.97 -3.90 0.41
CA VAL B 10 -1.13 -3.24 -0.91
C VAL B 10 -1.67 -1.83 -0.71
N ILE B 11 -2.61 -1.65 0.19
CA ILE B 11 -3.17 -0.29 0.42
C ILE B 11 -2.13 0.56 1.16
N LEU B 12 -1.19 -0.07 1.80
CA LEU B 12 -0.14 0.70 2.52
C LEU B 12 0.81 1.36 1.52
N VAL B 13 1.46 0.57 0.72
CA VAL B 13 2.41 1.15 -0.27
C VAL B 13 1.66 2.17 -1.15
N LYS B 14 0.46 1.86 -1.57
CA LYS B 14 -0.29 2.82 -2.41
C LYS B 14 -0.53 4.10 -1.63
N SER B 15 -0.92 3.98 -0.39
CA SER B 15 -1.17 5.19 0.45
C SER B 15 0.05 6.11 0.41
N MET B 16 1.24 5.56 0.36
CA MET B 16 2.45 6.41 0.32
C MET B 16 2.55 7.11 -1.04
N LEU B 17 2.13 6.46 -2.09
CA LEU B 17 2.20 7.09 -3.44
C LEU B 17 1.16 8.20 -3.55
N ARG B 18 1.23 9.14 -2.68
CA ARG B 18 0.24 10.26 -2.73
C ARG B 18 0.95 11.59 -3.05
N LYS B 19 1.45 12.27 -2.06
CA LYS B 19 2.12 13.56 -2.33
C LYS B 19 3.16 13.85 -1.24
N ARG B 20 4.40 13.51 -1.47
CA ARG B 20 5.47 13.77 -0.45
C ARG B 20 5.21 12.94 0.81
N SER B 21 4.24 12.08 0.78
CA SER B 21 3.93 11.25 1.98
C SER B 21 5.05 10.23 2.25
N PHE B 22 5.41 10.05 3.50
CA PHE B 22 6.49 9.06 3.83
C PHE B 22 6.67 8.97 5.35
N GLY B 23 6.53 10.07 6.05
CA GLY B 23 6.70 10.04 7.53
C GLY B 23 5.60 9.19 8.17
N ASN B 24 4.43 9.73 8.34
CA ASN B 24 3.32 8.95 8.95
C ASN B 24 1.99 9.29 8.28
N PRO B 25 1.82 8.77 7.10
CA PRO B 25 0.58 9.00 6.33
C PRO B 25 -0.55 8.09 6.84
N PHE B 26 -0.35 7.44 7.95
CA PHE B 26 -1.41 6.54 8.49
C PHE B 26 -1.76 6.91 9.93
CA CA C . -15.11 -4.01 -10.11
CA CA D . -17.20 -8.31 0.29
CA CA E . 16.06 -2.29 -2.21
CA CA F . 18.87 7.08 4.43
N ALA A 1 -18.67 19.01 17.61
CA ALA A 1 -18.56 19.65 16.27
C ALA A 1 -18.55 18.59 15.17
N ASP A 2 -18.02 18.92 14.02
CA ASP A 2 -17.98 17.91 12.91
C ASP A 2 -16.53 17.57 12.55
N GLN A 3 -16.08 16.40 12.91
CA GLN A 3 -14.69 16.00 12.59
C GLN A 3 -14.66 15.12 11.33
N LEU A 4 -14.54 15.72 10.18
CA LEU A 4 -14.52 14.92 8.92
C LEU A 4 -13.26 15.25 8.10
N THR A 5 -12.54 14.25 7.69
CA THR A 5 -11.31 14.49 6.89
C THR A 5 -11.47 13.94 5.47
N GLU A 6 -11.66 14.81 4.51
CA GLU A 6 -11.85 14.33 3.10
C GLU A 6 -10.57 13.67 2.59
N GLU A 7 -9.43 14.26 2.83
CA GLU A 7 -8.15 13.65 2.36
C GLU A 7 -8.15 12.15 2.69
N GLN A 8 -8.52 11.80 3.88
CA GLN A 8 -8.55 10.36 4.26
C GLN A 8 -9.46 9.58 3.31
N ILE A 9 -10.69 10.02 3.17
CA ILE A 9 -11.62 9.32 2.24
C ILE A 9 -11.02 9.27 0.83
N ALA A 10 -10.52 10.38 0.36
CA ALA A 10 -9.91 10.39 -1.01
C ALA A 10 -8.84 9.31 -1.11
N GLU A 11 -7.99 9.22 -0.12
CA GLU A 11 -6.92 8.18 -0.15
C GLU A 11 -7.56 6.79 -0.20
N PHE A 12 -8.59 6.58 0.58
CA PHE A 12 -9.26 5.24 0.58
C PHE A 12 -9.93 4.99 -0.78
N LYS A 13 -10.59 5.99 -1.30
CA LYS A 13 -11.25 5.81 -2.62
C LYS A 13 -10.20 5.47 -3.69
N GLU A 14 -9.07 6.11 -3.64
CA GLU A 14 -8.01 5.80 -4.63
C GLU A 14 -7.57 4.34 -4.49
N ALA A 15 -7.40 3.88 -3.28
CA ALA A 15 -6.99 2.46 -3.07
C ALA A 15 -8.13 1.53 -3.50
N PHE A 16 -9.32 1.81 -3.07
CA PHE A 16 -10.47 0.93 -3.46
C PHE A 16 -10.67 0.99 -4.98
N SER A 17 -10.54 2.16 -5.54
CA SER A 17 -10.71 2.29 -7.02
C SER A 17 -9.50 1.68 -7.72
N LEU A 18 -8.36 1.69 -7.08
CA LEU A 18 -7.14 1.11 -7.70
C LEU A 18 -7.35 -0.38 -7.94
N PHE A 19 -7.96 -1.07 -7.01
CA PHE A 19 -8.20 -2.53 -7.17
C PHE A 19 -9.39 -2.79 -8.09
N ASP A 20 -10.14 -1.78 -8.41
CA ASP A 20 -11.32 -1.98 -9.31
C ASP A 20 -10.99 -1.51 -10.74
N LYS A 21 -10.96 -2.41 -11.67
CA LYS A 21 -10.65 -2.02 -13.08
C LYS A 21 -11.94 -1.84 -13.89
N ASP A 22 -13.01 -1.47 -13.25
CA ASP A 22 -14.30 -1.28 -13.99
C ASP A 22 -15.19 -0.28 -13.27
N GLY A 23 -15.21 -0.32 -11.97
CA GLY A 23 -16.06 0.64 -11.21
C GLY A 23 -17.45 0.04 -11.01
N ASP A 24 -17.51 -1.20 -10.58
CA ASP A 24 -18.84 -1.85 -10.35
C ASP A 24 -19.14 -1.92 -8.86
N GLY A 25 -18.28 -1.40 -8.04
CA GLY A 25 -18.51 -1.45 -6.57
C GLY A 25 -18.29 -2.88 -6.06
N THR A 26 -17.37 -3.58 -6.65
CA THR A 26 -17.10 -4.98 -6.21
C THR A 26 -15.82 -5.52 -6.86
N ILE A 27 -14.85 -5.89 -6.07
CA ILE A 27 -13.58 -6.42 -6.63
C ILE A 27 -13.59 -7.95 -6.64
N THR A 28 -13.39 -8.55 -7.79
CA THR A 28 -13.39 -10.05 -7.86
C THR A 28 -12.00 -10.59 -7.50
N THR A 29 -11.80 -11.86 -7.68
CA THR A 29 -10.47 -12.46 -7.36
C THR A 29 -9.47 -12.13 -8.47
N LYS A 30 -9.93 -12.08 -9.70
CA LYS A 30 -9.00 -11.77 -10.82
C LYS A 30 -8.67 -10.27 -10.84
N GLU A 31 -9.68 -9.44 -10.75
CA GLU A 31 -9.41 -7.96 -10.75
C GLU A 31 -8.25 -7.65 -9.82
N LEU A 32 -8.39 -7.98 -8.56
CA LEU A 32 -7.29 -7.72 -7.59
C LEU A 32 -6.04 -8.48 -8.02
N GLY A 33 -6.21 -9.65 -8.56
CA GLY A 33 -5.04 -10.45 -9.02
C GLY A 33 -4.24 -9.63 -10.03
N THR A 34 -4.92 -8.90 -10.87
CA THR A 34 -4.20 -8.07 -11.88
C THR A 34 -3.41 -6.97 -11.16
N VAL A 35 -4.05 -6.24 -10.29
CA VAL A 35 -3.34 -5.17 -9.55
C VAL A 35 -2.09 -5.75 -8.89
N MET A 36 -2.21 -6.92 -8.31
CA MET A 36 -1.02 -7.55 -7.67
C MET A 36 0.03 -7.87 -8.74
N ARG A 37 -0.41 -8.28 -9.90
CA ARG A 37 0.55 -8.59 -11.00
C ARG A 37 1.40 -7.37 -11.33
N SER A 38 0.85 -6.19 -11.18
CA SER A 38 1.63 -4.95 -11.49
C SER A 38 2.87 -4.86 -10.59
N LEU A 39 2.77 -5.31 -9.38
CA LEU A 39 3.95 -5.24 -8.45
C LEU A 39 4.90 -6.42 -8.71
N GLY A 40 4.54 -7.31 -9.60
CA GLY A 40 5.41 -8.47 -9.89
C GLY A 40 5.10 -9.60 -8.90
N GLN A 41 4.14 -10.42 -9.20
CA GLN A 41 3.78 -11.53 -8.28
C GLN A 41 2.85 -12.52 -8.99
N ASN A 42 2.53 -13.61 -8.35
CA ASN A 42 1.63 -14.61 -8.98
C ASN A 42 0.64 -15.17 -7.94
N PRO A 43 -0.43 -14.45 -7.75
CA PRO A 43 -1.46 -14.88 -6.78
C PRO A 43 -2.22 -16.10 -7.30
N THR A 44 -1.95 -17.25 -6.75
CA THR A 44 -2.66 -18.49 -7.21
C THR A 44 -4.16 -18.34 -6.98
N GLU A 45 -4.97 -18.99 -7.79
CA GLU A 45 -6.44 -18.88 -7.61
C GLU A 45 -6.81 -19.15 -6.15
N ALA A 46 -6.36 -20.24 -5.60
CA ALA A 46 -6.69 -20.55 -4.18
C ALA A 46 -6.17 -19.44 -3.25
N GLU A 47 -5.01 -18.92 -3.53
CA GLU A 47 -4.45 -17.84 -2.67
C GLU A 47 -5.33 -16.58 -2.77
N LEU A 48 -5.61 -16.14 -3.96
CA LEU A 48 -6.45 -14.92 -4.12
C LEU A 48 -7.72 -15.05 -3.29
N GLN A 49 -8.40 -16.16 -3.39
CA GLN A 49 -9.65 -16.35 -2.60
C GLN A 49 -9.33 -16.19 -1.11
N ASP A 50 -8.19 -16.66 -0.69
CA ASP A 50 -7.82 -16.55 0.75
C ASP A 50 -7.62 -15.09 1.12
N MET A 51 -6.91 -14.34 0.32
CA MET A 51 -6.69 -12.90 0.62
C MET A 51 -8.01 -12.14 0.49
N ILE A 52 -8.82 -12.51 -0.47
CA ILE A 52 -10.13 -11.80 -0.65
C ILE A 52 -11.03 -12.06 0.57
N ASN A 53 -10.83 -13.16 1.24
CA ASN A 53 -11.67 -13.46 2.44
C ASN A 53 -11.28 -12.56 3.60
N GLU A 54 -10.21 -11.82 3.45
CA GLU A 54 -9.77 -10.91 4.55
C GLU A 54 -10.67 -9.67 4.59
N VAL A 55 -11.32 -9.36 3.51
CA VAL A 55 -12.21 -8.17 3.49
C VAL A 55 -13.66 -8.59 3.32
N ASP A 56 -13.92 -9.45 2.37
CA ASP A 56 -15.32 -9.91 2.13
C ASP A 56 -16.02 -10.19 3.46
N ALA A 57 -16.66 -9.21 4.01
CA ALA A 57 -17.37 -9.42 5.32
C ALA A 57 -18.84 -9.80 5.09
N ASP A 58 -19.31 -9.70 3.88
CA ASP A 58 -20.73 -10.05 3.59
C ASP A 58 -20.90 -11.57 3.52
N GLY A 59 -19.89 -12.27 3.07
CA GLY A 59 -20.00 -13.75 2.98
C GLY A 59 -19.93 -14.18 1.51
N ASN A 60 -20.13 -13.25 0.61
CA ASN A 60 -20.07 -13.60 -0.84
C ASN A 60 -18.60 -13.74 -1.29
N GLY A 61 -18.02 -12.69 -1.81
CA GLY A 61 -16.60 -12.77 -2.27
C GLY A 61 -16.27 -11.55 -3.14
N THR A 62 -16.66 -10.39 -2.71
CA THR A 62 -16.37 -9.16 -3.52
C THR A 62 -16.05 -7.99 -2.60
N ILE A 63 -15.11 -7.16 -2.99
CA ILE A 63 -14.73 -5.99 -2.13
C ILE A 63 -15.55 -4.77 -2.53
N ASP A 64 -16.17 -4.12 -1.58
CA ASP A 64 -16.98 -2.92 -1.90
C ASP A 64 -16.39 -1.67 -1.21
N PHE A 65 -17.00 -0.53 -1.41
CA PHE A 65 -16.47 0.70 -0.78
C PHE A 65 -16.62 0.66 0.75
N PRO A 66 -17.75 0.21 1.22
CA PRO A 66 -17.98 0.13 2.69
C PRO A 66 -17.14 -0.98 3.30
N GLU A 67 -16.95 -2.06 2.60
CA GLU A 67 -16.11 -3.17 3.15
C GLU A 67 -14.65 -2.71 3.21
N PHE A 68 -14.29 -1.80 2.35
CA PHE A 68 -12.88 -1.30 2.35
C PHE A 68 -12.64 -0.43 3.59
N LEU A 69 -13.46 0.55 3.81
CA LEU A 69 -13.27 1.44 5.01
C LEU A 69 -13.53 0.66 6.30
N THR A 70 -14.20 -0.46 6.22
CA THR A 70 -14.48 -1.25 7.45
C THR A 70 -13.23 -2.04 7.90
N MET A 71 -12.53 -2.64 6.97
CA MET A 71 -11.31 -3.43 7.33
C MET A 71 -10.17 -2.49 7.72
N MET A 72 -9.99 -1.43 7.00
CA MET A 72 -8.89 -0.47 7.32
C MET A 72 -9.09 0.18 8.69
N ALA A 73 -10.23 -0.01 9.30
CA ALA A 73 -10.47 0.63 10.64
C ALA A 73 -10.24 -0.37 11.78
N ARG A 74 -10.27 -1.63 11.50
CA ARG A 74 -10.07 -2.63 12.60
C ARG A 74 -8.63 -3.17 12.60
N LYS A 75 -7.94 -3.07 11.50
CA LYS A 75 -6.54 -3.58 11.45
C LYS A 75 -5.53 -2.44 11.63
N MET A 76 -5.91 -1.41 12.34
CA MET A 76 -4.98 -0.27 12.56
C MET A 76 -4.32 -0.35 13.94
N LYS A 77 -5.07 -0.68 14.95
CA LYS A 77 -4.48 -0.77 16.32
C LYS A 77 -4.64 -2.18 16.88
N ASP A 78 -3.89 -3.12 16.35
CA ASP A 78 -3.99 -4.52 16.87
C ASP A 78 -2.71 -4.89 17.63
N THR A 79 -1.70 -5.32 16.93
CA THR A 79 -0.42 -5.69 17.60
C THR A 79 0.72 -5.73 16.59
N ASP A 80 0.56 -6.48 15.52
CA ASP A 80 1.63 -6.54 14.49
C ASP A 80 1.78 -5.18 13.82
N SER A 81 2.47 -4.27 14.46
CA SER A 81 2.66 -2.92 13.85
C SER A 81 3.97 -2.85 13.08
N GLU A 82 4.99 -3.47 13.59
CA GLU A 82 6.30 -3.45 12.87
C GLU A 82 6.31 -4.49 11.76
N GLU A 83 5.52 -5.52 11.89
CA GLU A 83 5.48 -6.57 10.83
C GLU A 83 4.66 -6.08 9.64
N GLU A 84 3.91 -5.03 9.82
CA GLU A 84 3.10 -4.49 8.69
C GLU A 84 3.96 -3.59 7.80
N ILE A 85 4.85 -2.83 8.40
CA ILE A 85 5.73 -1.95 7.58
C ILE A 85 6.68 -2.81 6.77
N ARG A 86 7.08 -3.93 7.32
CA ARG A 86 7.99 -4.83 6.58
C ARG A 86 7.32 -5.27 5.29
N GLU A 87 6.01 -5.30 5.29
CA GLU A 87 5.30 -5.70 4.05
C GLU A 87 5.36 -4.56 3.04
N ALA A 88 4.89 -3.39 3.41
CA ALA A 88 4.94 -2.26 2.45
C ALA A 88 6.39 -1.99 2.04
N PHE A 89 7.33 -2.28 2.91
CA PHE A 89 8.77 -2.07 2.53
C PHE A 89 9.16 -3.07 1.46
N ARG A 90 8.84 -4.32 1.67
CA ARG A 90 9.17 -5.35 0.66
C ARG A 90 8.75 -4.86 -0.72
N VAL A 91 7.65 -4.15 -0.78
CA VAL A 91 7.17 -3.63 -2.09
C VAL A 91 8.04 -2.44 -2.53
N PHE A 92 8.52 -1.66 -1.61
CA PHE A 92 9.37 -0.50 -1.98
C PHE A 92 10.81 -0.95 -2.26
N ASP A 93 11.25 -1.98 -1.59
CA ASP A 93 12.64 -2.47 -1.83
C ASP A 93 12.62 -3.68 -2.75
N LYS A 94 12.17 -3.52 -3.96
CA LYS A 94 12.13 -4.67 -4.91
C LYS A 94 13.43 -5.48 -4.80
N ASP A 95 14.52 -4.81 -4.52
CA ASP A 95 15.82 -5.53 -4.39
C ASP A 95 15.85 -6.28 -3.06
N GLY A 96 15.22 -5.75 -2.05
CA GLY A 96 15.21 -6.43 -0.73
C GLY A 96 16.61 -6.35 -0.11
N ASN A 97 17.46 -5.53 -0.64
CA ASN A 97 18.84 -5.41 -0.09
C ASN A 97 18.81 -4.74 1.28
N GLY A 98 17.98 -3.76 1.46
CA GLY A 98 17.90 -3.08 2.78
C GLY A 98 17.75 -1.56 2.56
N TYR A 99 18.30 -1.06 1.49
CA TYR A 99 18.20 0.40 1.21
C TYR A 99 17.22 0.66 0.06
N ILE A 100 16.66 1.84 -0.02
CA ILE A 100 15.70 2.15 -1.12
C ILE A 100 16.18 3.38 -1.88
N SER A 101 15.95 3.42 -3.16
CA SER A 101 16.38 4.60 -3.96
C SER A 101 15.19 5.18 -4.73
N ALA A 102 15.17 6.47 -4.93
CA ALA A 102 14.04 7.08 -5.68
C ALA A 102 13.72 6.24 -6.91
N ALA A 103 14.70 5.59 -7.47
CA ALA A 103 14.45 4.74 -8.67
C ALA A 103 13.55 3.57 -8.27
N GLU A 104 13.85 2.92 -7.18
CA GLU A 104 13.00 1.78 -6.75
C GLU A 104 11.55 2.25 -6.61
N LEU A 105 11.35 3.34 -5.92
CA LEU A 105 9.96 3.86 -5.78
C LEU A 105 9.38 4.11 -7.16
N ARG A 106 10.07 4.86 -7.97
CA ARG A 106 9.56 5.13 -9.34
C ARG A 106 9.05 3.84 -9.97
N HIS A 107 9.60 2.73 -9.54
CA HIS A 107 9.14 1.43 -10.12
C HIS A 107 7.84 0.97 -9.44
N VAL A 108 7.69 1.26 -8.17
CA VAL A 108 6.43 0.85 -7.48
C VAL A 108 5.38 1.95 -7.59
N MET A 109 5.81 3.17 -7.74
CA MET A 109 4.84 4.30 -7.86
C MET A 109 4.00 4.15 -9.13
N THR A 110 4.63 3.92 -10.25
CA THR A 110 3.84 3.79 -11.52
C THR A 110 3.20 2.40 -11.60
N ASN A 111 3.66 1.46 -10.81
CA ASN A 111 3.06 0.09 -10.85
C ASN A 111 1.84 0.03 -9.93
N LEU A 112 1.56 1.10 -9.23
CA LEU A 112 0.38 1.10 -8.31
C LEU A 112 -0.79 1.85 -8.95
N GLY A 113 -0.53 2.97 -9.56
CA GLY A 113 -1.65 3.74 -10.20
C GLY A 113 -1.21 5.18 -10.47
N GLU A 114 -0.43 5.77 -9.61
CA GLU A 114 -0.01 7.18 -9.83
C GLU A 114 1.48 7.25 -10.18
N LYS A 115 1.85 8.19 -11.01
CA LYS A 115 3.28 8.34 -11.40
C LYS A 115 3.78 9.72 -10.98
N LEU A 116 4.00 9.92 -9.71
CA LEU A 116 4.48 11.25 -9.22
C LEU A 116 5.48 11.86 -10.20
N THR A 117 5.68 13.14 -10.13
CA THR A 117 6.65 13.78 -11.04
C THR A 117 8.04 13.19 -10.80
N ASP A 118 9.05 13.97 -10.95
CA ASP A 118 10.43 13.44 -10.73
C ASP A 118 11.13 14.25 -9.64
N GLU A 119 11.30 15.52 -9.86
CA GLU A 119 11.97 16.35 -8.83
C GLU A 119 11.25 16.19 -7.50
N GLU A 120 9.96 16.05 -7.52
CA GLU A 120 9.20 15.86 -6.26
C GLU A 120 9.58 14.51 -5.65
N VAL A 121 9.40 13.46 -6.40
CA VAL A 121 9.77 12.11 -5.86
C VAL A 121 11.11 12.20 -5.15
N ASP A 122 12.02 12.99 -5.66
CA ASP A 122 13.35 13.13 -4.99
C ASP A 122 13.18 13.78 -3.63
N GLU A 123 12.52 14.91 -3.59
CA GLU A 123 12.30 15.59 -2.29
C GLU A 123 11.57 14.64 -1.35
N MET A 124 10.72 13.81 -1.88
CA MET A 124 9.98 12.85 -1.03
C MET A 124 10.95 11.96 -0.28
N ILE A 125 11.95 11.46 -0.96
CA ILE A 125 12.95 10.59 -0.28
C ILE A 125 13.83 11.44 0.66
N ARG A 126 14.06 12.68 0.30
CA ARG A 126 14.89 13.56 1.16
C ARG A 126 14.22 13.75 2.52
N GLU A 127 12.93 13.96 2.53
CA GLU A 127 12.21 14.15 3.82
C GLU A 127 12.50 12.96 4.75
N ALA A 128 12.60 11.79 4.21
CA ALA A 128 12.89 10.60 5.05
C ALA A 128 14.39 10.44 5.27
N ASP A 129 15.18 10.96 4.36
CA ASP A 129 16.67 10.85 4.51
C ASP A 129 17.12 11.48 5.82
N ILE A 130 17.36 10.68 6.83
CA ILE A 130 17.81 11.24 8.13
C ILE A 130 19.28 11.66 8.04
N ASP A 131 20.08 10.89 7.36
CA ASP A 131 21.52 11.23 7.22
C ASP A 131 21.73 12.10 5.97
N GLY A 132 20.78 12.09 5.07
CA GLY A 132 20.93 12.92 3.83
C GLY A 132 21.79 12.16 2.82
N ASP A 133 21.40 10.97 2.47
CA ASP A 133 22.19 10.19 1.48
C ASP A 133 21.40 10.00 0.18
N GLY A 134 20.20 10.54 0.13
CA GLY A 134 19.38 10.40 -1.10
C GLY A 134 18.80 9.00 -1.17
N GLN A 135 18.94 8.23 -0.13
CA GLN A 135 18.38 6.84 -0.16
C GLN A 135 17.82 6.47 1.22
N VAL A 136 16.79 5.67 1.25
CA VAL A 136 16.18 5.27 2.55
C VAL A 136 16.65 3.86 2.93
N ASN A 137 16.70 3.57 4.20
CA ASN A 137 17.14 2.22 4.66
C ASN A 137 16.05 1.57 5.52
N TYR A 138 16.07 0.27 5.62
CA TYR A 138 15.04 -0.42 6.45
C TYR A 138 14.86 0.31 7.79
N GLU A 139 15.94 0.48 8.52
CA GLU A 139 15.83 1.18 9.83
C GLU A 139 15.08 2.50 9.66
N GLU A 140 15.36 3.22 8.61
CA GLU A 140 14.67 4.51 8.38
C GLU A 140 13.20 4.27 8.01
N PHE A 141 12.95 3.36 7.10
CA PHE A 141 11.54 3.07 6.70
C PHE A 141 10.74 2.58 7.91
N VAL A 142 11.43 2.14 8.93
CA VAL A 142 10.71 1.64 10.14
C VAL A 142 10.68 2.72 11.23
N GLN A 143 11.80 3.33 11.51
CA GLN A 143 11.83 4.39 12.57
C GLN A 143 10.92 5.55 12.18
N MET A 144 10.72 5.76 10.92
CA MET A 144 9.84 6.88 10.47
C MET A 144 8.36 6.46 10.54
N MET A 145 8.10 5.18 10.58
CA MET A 145 6.69 4.71 10.65
C MET A 145 6.31 4.37 12.09
N THR A 146 7.04 3.48 12.70
CA THR A 146 6.71 3.10 14.10
C THR A 146 7.71 3.73 15.07
N ALA A 147 7.75 5.03 15.15
CA ALA A 147 8.71 5.70 16.08
C ALA A 147 8.02 6.04 17.40
N LYS A 148 7.05 5.26 17.79
CA LYS A 148 6.33 5.54 19.06
C LYS A 148 5.22 4.49 19.28
N VAL B 1 -0.59 -22.50 1.97
CA VAL B 1 0.33 -21.80 1.04
C VAL B 1 -0.06 -20.33 0.90
N LYS B 2 0.80 -19.43 1.31
CA LYS B 2 0.46 -17.97 1.20
C LYS B 2 1.71 -17.18 0.78
N LEU B 3 1.54 -16.21 -0.07
CA LEU B 3 2.71 -15.40 -0.50
C LEU B 3 2.29 -13.95 -0.73
N ILE B 4 1.23 -13.74 -1.46
CA ILE B 4 0.75 -12.39 -1.72
C ILE B 4 0.81 -11.53 -0.45
N PRO B 5 0.91 -10.25 -0.65
CA PRO B 5 0.96 -9.31 0.48
C PRO B 5 -0.41 -9.18 1.14
N SER B 6 -0.46 -8.86 2.40
CA SER B 6 -1.77 -8.73 3.08
C SER B 6 -2.51 -7.48 2.59
N TRP B 7 -3.80 -7.57 2.43
CA TRP B 7 -4.60 -6.39 1.97
C TRP B 7 -4.04 -5.09 2.55
N THR B 8 -4.12 -4.94 3.84
CA THR B 8 -3.61 -3.70 4.48
C THR B 8 -2.22 -3.32 3.94
N THR B 9 -1.49 -4.26 3.42
CA THR B 9 -0.15 -3.93 2.87
C THR B 9 -0.28 -3.10 1.59
N VAL B 10 -0.99 -3.62 0.61
CA VAL B 10 -1.16 -2.85 -0.64
C VAL B 10 -1.69 -1.47 -0.31
N ILE B 11 -2.41 -1.34 0.78
CA ILE B 11 -2.94 0.00 1.17
C ILE B 11 -1.82 0.86 1.73
N LEU B 12 -0.85 0.26 2.34
CA LEU B 12 0.28 1.04 2.91
C LEU B 12 1.08 1.71 1.78
N VAL B 13 1.63 0.91 0.90
CA VAL B 13 2.42 1.51 -0.22
C VAL B 13 1.57 2.56 -0.95
N LYS B 14 0.30 2.31 -1.13
CA LYS B 14 -0.55 3.32 -1.81
C LYS B 14 -0.61 4.59 -0.96
N SER B 15 -0.87 4.43 0.31
CA SER B 15 -0.93 5.61 1.21
C SER B 15 0.31 6.47 1.03
N MET B 16 1.43 5.85 0.71
CA MET B 16 2.68 6.62 0.52
C MET B 16 2.69 7.26 -0.87
N LEU B 17 2.02 6.66 -1.81
CA LEU B 17 1.98 7.24 -3.18
C LEU B 17 0.99 8.39 -3.25
N ARG B 18 1.14 9.33 -2.39
CA ARG B 18 0.21 10.49 -2.38
C ARG B 18 0.74 11.62 -3.27
N LYS B 19 1.77 12.29 -2.85
CA LYS B 19 2.33 13.38 -3.66
C LYS B 19 3.84 13.52 -3.39
N ARG B 20 4.21 13.78 -2.17
CA ARG B 20 5.66 13.92 -1.84
C ARG B 20 5.89 13.65 -0.35
N SER B 21 4.96 13.03 0.30
CA SER B 21 5.12 12.73 1.76
C SER B 21 5.73 11.34 1.97
N PHE B 22 5.61 10.80 3.15
CA PHE B 22 6.19 9.44 3.41
C PHE B 22 5.81 8.95 4.81
N GLY B 23 4.69 9.39 5.32
CA GLY B 23 4.27 8.95 6.68
C GLY B 23 3.13 7.94 6.56
N ASN B 24 2.32 7.81 7.58
CA ASN B 24 1.20 6.84 7.53
C ASN B 24 0.39 6.90 8.83
N PRO B 25 -0.85 7.28 8.71
CA PRO B 25 -1.74 7.38 9.89
C PRO B 25 -2.19 5.98 10.33
N PHE B 26 -1.26 5.09 10.54
CA PHE B 26 -1.65 3.70 10.96
C PHE B 26 -1.41 3.53 12.47
CA CA C . -14.61 -4.08 -9.75
CA CA D . -18.50 -8.48 -0.01
CA CA E . 16.97 -1.63 -2.82
CA CA F . 18.67 8.02 4.46
N ALA A 1 -26.20 19.45 4.05
CA ALA A 1 -25.45 18.60 5.02
C ALA A 1 -24.00 18.41 4.54
N ASP A 2 -23.05 18.98 5.24
CA ASP A 2 -21.63 18.82 4.83
C ASP A 2 -21.14 17.40 5.13
N GLN A 3 -19.99 17.04 4.62
CA GLN A 3 -19.46 15.67 4.88
C GLN A 3 -18.40 15.71 5.98
N LEU A 4 -18.48 14.82 6.94
CA LEU A 4 -17.48 14.81 8.04
C LEU A 4 -16.17 14.16 7.56
N THR A 5 -15.08 14.88 7.64
CA THR A 5 -13.78 14.29 7.18
C THR A 5 -13.93 13.65 5.80
N GLU A 6 -13.80 14.44 4.76
CA GLU A 6 -13.94 13.87 3.39
C GLU A 6 -12.56 13.63 2.77
N GLU A 7 -11.57 14.34 3.23
CA GLU A 7 -10.19 14.15 2.66
C GLU A 7 -9.76 12.70 2.83
N GLN A 8 -10.16 12.07 3.90
CA GLN A 8 -9.78 10.64 4.12
C GLN A 8 -10.53 9.76 3.12
N ILE A 9 -11.74 10.12 2.80
CA ILE A 9 -12.53 9.32 1.83
C ILE A 9 -12.01 9.58 0.41
N ALA A 10 -11.60 10.79 0.13
CA ALA A 10 -11.07 11.09 -1.23
C ALA A 10 -9.86 10.21 -1.53
N GLU A 11 -8.81 10.35 -0.76
CA GLU A 11 -7.61 9.50 -1.01
C GLU A 11 -8.02 8.03 -0.93
N PHE A 12 -8.90 7.70 -0.03
CA PHE A 12 -9.35 6.29 0.08
C PHE A 12 -9.94 5.86 -1.26
N LYS A 13 -10.77 6.68 -1.85
CA LYS A 13 -11.36 6.32 -3.16
C LYS A 13 -10.24 5.97 -4.14
N GLU A 14 -9.17 6.72 -4.12
CA GLU A 14 -8.04 6.42 -5.04
C GLU A 14 -7.61 4.96 -4.87
N ALA A 15 -7.41 4.53 -3.66
CA ALA A 15 -7.01 3.11 -3.43
C ALA A 15 -8.07 2.17 -4.00
N PHE A 16 -9.30 2.35 -3.63
CA PHE A 16 -10.38 1.47 -4.17
C PHE A 16 -10.44 1.61 -5.68
N SER A 17 -10.21 2.79 -6.18
CA SER A 17 -10.23 3.00 -7.66
C SER A 17 -9.07 2.24 -8.30
N LEU A 18 -8.00 2.07 -7.58
CA LEU A 18 -6.83 1.33 -8.13
C LEU A 18 -7.20 -0.15 -8.32
N PHE A 19 -7.88 -0.72 -7.38
CA PHE A 19 -8.26 -2.16 -7.51
C PHE A 19 -9.39 -2.33 -8.53
N ASP A 20 -10.49 -1.68 -8.30
CA ASP A 20 -11.64 -1.79 -9.25
C ASP A 20 -11.26 -1.21 -10.62
N LYS A 21 -11.49 -1.94 -11.68
CA LYS A 21 -11.16 -1.43 -13.04
C LYS A 21 -12.40 -0.84 -13.71
N ASP A 22 -13.48 -1.56 -13.69
CA ASP A 22 -14.73 -1.06 -14.32
C ASP A 22 -15.36 0.02 -13.45
N GLY A 23 -15.26 -0.11 -12.15
CA GLY A 23 -15.86 0.91 -11.25
C GLY A 23 -17.31 0.52 -10.92
N ASP A 24 -17.54 -0.74 -10.66
CA ASP A 24 -18.93 -1.18 -10.34
C ASP A 24 -19.17 -1.12 -8.83
N GLY A 25 -18.13 -1.26 -8.06
CA GLY A 25 -18.29 -1.22 -6.58
C GLY A 25 -18.00 -2.60 -5.99
N THR A 26 -17.14 -3.35 -6.61
CA THR A 26 -16.82 -4.72 -6.09
C THR A 26 -15.47 -5.20 -6.64
N ILE A 27 -14.57 -5.58 -5.77
CA ILE A 27 -13.23 -6.08 -6.25
C ILE A 27 -13.28 -7.60 -6.41
N THR A 28 -13.05 -8.08 -7.60
CA THR A 28 -13.06 -9.55 -7.83
C THR A 28 -11.63 -10.09 -7.86
N THR A 29 -11.47 -11.39 -7.91
CA THR A 29 -10.09 -11.96 -7.96
C THR A 29 -9.40 -11.54 -9.26
N LYS A 30 -10.17 -11.13 -10.23
CA LYS A 30 -9.56 -10.70 -11.53
C LYS A 30 -8.90 -9.33 -11.39
N GLU A 31 -9.61 -8.38 -10.85
CA GLU A 31 -9.03 -7.01 -10.68
C GLU A 31 -7.89 -7.03 -9.66
N LEU A 32 -8.11 -7.60 -8.51
CA LEU A 32 -7.05 -7.65 -7.48
C LEU A 32 -5.82 -8.42 -8.01
N GLY A 33 -6.03 -9.59 -8.53
CA GLY A 33 -4.90 -10.39 -9.06
C GLY A 33 -4.03 -9.51 -9.98
N THR A 34 -4.64 -8.81 -10.90
CA THR A 34 -3.85 -7.94 -11.82
C THR A 34 -3.00 -6.95 -11.03
N VAL A 35 -3.59 -6.28 -10.07
CA VAL A 35 -2.81 -5.28 -9.27
C VAL A 35 -1.68 -5.99 -8.52
N MET A 36 -1.97 -7.09 -7.89
CA MET A 36 -0.92 -7.82 -7.13
C MET A 36 0.18 -8.32 -8.09
N ARG A 37 -0.19 -8.79 -9.25
CA ARG A 37 0.84 -9.28 -10.22
C ARG A 37 1.61 -8.11 -10.83
N SER A 38 1.09 -6.92 -10.69
CA SER A 38 1.78 -5.73 -11.27
C SER A 38 3.00 -5.34 -10.43
N LEU A 39 2.87 -5.28 -9.13
CA LEU A 39 4.03 -4.90 -8.29
C LEU A 39 5.29 -5.66 -8.75
N GLY A 40 5.09 -6.82 -9.33
CA GLY A 40 6.27 -7.60 -9.81
C GLY A 40 6.16 -9.06 -9.33
N GLN A 41 5.59 -9.27 -8.18
CA GLN A 41 5.46 -10.67 -7.66
C GLN A 41 4.42 -11.46 -8.46
N ASN A 42 4.17 -12.69 -8.10
CA ASN A 42 3.18 -13.51 -8.84
C ASN A 42 2.21 -14.19 -7.86
N PRO A 43 1.11 -13.53 -7.62
CA PRO A 43 0.08 -14.08 -6.69
C PRO A 43 -0.66 -15.25 -7.35
N THR A 44 -0.53 -16.42 -6.80
CA THR A 44 -1.23 -17.60 -7.39
C THR A 44 -2.74 -17.49 -7.17
N GLU A 45 -3.52 -18.26 -7.88
CA GLU A 45 -5.00 -18.21 -7.71
C GLU A 45 -5.38 -18.56 -6.27
N ALA A 46 -4.76 -19.56 -5.71
CA ALA A 46 -5.09 -19.97 -4.31
C ALA A 46 -4.92 -18.77 -3.37
N GLU A 47 -3.89 -18.00 -3.56
CA GLU A 47 -3.67 -16.82 -2.67
C GLU A 47 -4.77 -15.78 -2.90
N LEU A 48 -5.26 -15.69 -4.10
CA LEU A 48 -6.35 -14.69 -4.39
C LEU A 48 -7.57 -15.00 -3.53
N GLN A 49 -8.04 -16.21 -3.57
CA GLN A 49 -9.23 -16.58 -2.75
C GLN A 49 -8.92 -16.40 -1.26
N ASP A 50 -7.76 -16.83 -0.85
CA ASP A 50 -7.39 -16.69 0.59
C ASP A 50 -7.20 -15.21 0.94
N MET A 51 -7.06 -14.37 -0.04
CA MET A 51 -6.87 -12.91 0.24
C MET A 51 -8.24 -12.22 0.38
N ILE A 52 -9.17 -12.54 -0.47
CA ILE A 52 -10.51 -11.90 -0.37
C ILE A 52 -11.35 -12.59 0.72
N ASN A 53 -10.89 -13.71 1.20
CA ASN A 53 -11.66 -14.44 2.26
C ASN A 53 -11.36 -13.87 3.65
N GLU A 54 -10.28 -13.15 3.79
CA GLU A 54 -9.95 -12.58 5.12
C GLU A 54 -10.48 -11.15 5.27
N VAL A 55 -10.77 -10.50 4.18
CA VAL A 55 -11.30 -9.11 4.27
C VAL A 55 -12.83 -9.11 4.13
N ASP A 56 -13.35 -10.04 3.38
CA ASP A 56 -14.82 -10.10 3.19
C ASP A 56 -15.54 -9.99 4.53
N ALA A 57 -15.84 -8.79 4.94
CA ALA A 57 -16.54 -8.59 6.25
C ALA A 57 -17.94 -9.22 6.19
N ASP A 58 -18.69 -8.92 5.17
CA ASP A 58 -20.06 -9.50 5.05
C ASP A 58 -19.98 -10.96 4.62
N GLY A 59 -19.06 -11.28 3.75
CA GLY A 59 -18.92 -12.69 3.28
C GLY A 59 -19.70 -12.86 1.97
N ASN A 60 -19.56 -11.96 1.05
CA ASN A 60 -20.29 -12.08 -0.24
C ASN A 60 -19.37 -12.67 -1.33
N GLY A 61 -18.12 -12.27 -1.33
CA GLY A 61 -17.18 -12.82 -2.35
C GLY A 61 -16.48 -11.66 -3.06
N THR A 62 -16.91 -10.45 -2.82
CA THR A 62 -16.26 -9.28 -3.48
C THR A 62 -16.02 -8.16 -2.47
N ILE A 63 -14.98 -7.38 -2.66
CA ILE A 63 -14.71 -6.28 -1.70
C ILE A 63 -15.57 -5.05 -2.05
N ASP A 64 -16.10 -4.38 -1.07
CA ASP A 64 -16.95 -3.19 -1.35
C ASP A 64 -16.29 -1.90 -0.85
N PHE A 65 -16.67 -0.78 -1.40
CA PHE A 65 -16.07 0.52 -0.96
C PHE A 65 -16.09 0.65 0.58
N PRO A 66 -17.24 0.42 1.18
CA PRO A 66 -17.33 0.52 2.66
C PRO A 66 -16.45 -0.54 3.32
N GLU A 67 -16.31 -1.67 2.70
CA GLU A 67 -15.45 -2.73 3.31
C GLU A 67 -14.02 -2.19 3.45
N PHE A 68 -13.59 -1.38 2.52
CA PHE A 68 -12.21 -0.81 2.61
C PHE A 68 -12.18 0.32 3.65
N LEU A 69 -13.10 1.23 3.57
CA LEU A 69 -13.13 2.37 4.54
C LEU A 69 -12.86 1.86 5.96
N THR A 70 -13.48 0.79 6.36
CA THR A 70 -13.25 0.26 7.74
C THR A 70 -12.08 -0.72 7.77
N MET A 71 -11.94 -1.52 6.74
CA MET A 71 -10.82 -2.51 6.71
C MET A 71 -9.51 -1.87 7.18
N MET A 72 -9.27 -0.64 6.80
CA MET A 72 -8.01 0.04 7.21
C MET A 72 -8.07 0.45 8.69
N ALA A 73 -9.23 0.34 9.30
CA ALA A 73 -9.36 0.72 10.73
C ALA A 73 -9.36 -0.53 11.62
N ARG A 74 -9.47 -1.69 11.04
CA ARG A 74 -9.48 -2.93 11.87
C ARG A 74 -8.11 -3.60 11.85
N LYS A 75 -7.54 -3.78 10.70
CA LYS A 75 -6.19 -4.42 10.62
C LYS A 75 -5.24 -3.80 11.66
N MET A 76 -5.34 -2.53 11.88
CA MET A 76 -4.43 -1.87 12.86
C MET A 76 -5.11 -1.80 14.25
N LYS A 77 -5.48 -2.93 14.79
CA LYS A 77 -6.13 -2.93 16.13
C LYS A 77 -5.90 -4.27 16.83
N ASP A 78 -4.77 -4.44 17.45
CA ASP A 78 -4.48 -5.73 18.14
C ASP A 78 -4.37 -6.87 17.13
N THR A 79 -3.51 -6.72 16.16
CA THR A 79 -3.34 -7.81 15.14
C THR A 79 -2.06 -7.58 14.33
N ASP A 80 -2.03 -6.56 13.51
CA ASP A 80 -0.81 -6.30 12.69
C ASP A 80 -0.37 -4.84 12.85
N SER A 81 0.53 -4.59 13.76
CA SER A 81 1.01 -3.18 13.96
C SER A 81 2.36 -2.98 13.27
N GLU A 82 3.33 -3.80 13.59
CA GLU A 82 4.67 -3.65 12.96
C GLU A 82 4.86 -4.66 11.82
N GLU A 83 3.96 -5.61 11.70
CA GLU A 83 4.10 -6.62 10.61
C GLU A 83 3.63 -6.05 9.27
N GLU A 84 2.89 -4.97 9.31
CA GLU A 84 2.40 -4.36 8.04
C GLU A 84 3.50 -3.50 7.41
N ILE A 85 4.44 -3.05 8.20
CA ILE A 85 5.53 -2.21 7.66
C ILE A 85 6.57 -3.08 6.98
N ARG A 86 6.93 -4.17 7.59
CA ARG A 86 7.94 -5.08 6.97
C ARG A 86 7.48 -5.47 5.57
N GLU A 87 6.20 -5.64 5.40
CA GLU A 87 5.67 -6.02 4.07
C GLU A 87 5.79 -4.84 3.11
N ALA A 88 5.38 -3.66 3.52
CA ALA A 88 5.50 -2.48 2.61
C ALA A 88 6.98 -2.18 2.32
N PHE A 89 7.84 -2.50 3.24
CA PHE A 89 9.30 -2.24 3.02
C PHE A 89 9.81 -3.17 1.92
N ARG A 90 9.36 -4.38 1.91
CA ARG A 90 9.81 -5.34 0.87
C ARG A 90 9.26 -4.90 -0.50
N VAL A 91 8.05 -4.40 -0.52
CA VAL A 91 7.46 -3.94 -1.80
C VAL A 91 8.34 -2.85 -2.43
N PHE A 92 8.79 -1.91 -1.63
CA PHE A 92 9.66 -0.84 -2.17
C PHE A 92 11.00 -1.44 -2.62
N ASP A 93 11.43 -2.49 -1.97
CA ASP A 93 12.73 -3.12 -2.35
C ASP A 93 12.49 -4.23 -3.39
N LYS A 94 11.91 -3.89 -4.51
CA LYS A 94 11.65 -4.93 -5.55
C LYS A 94 12.87 -5.84 -5.70
N ASP A 95 14.04 -5.31 -5.50
CA ASP A 95 15.27 -6.14 -5.64
C ASP A 95 15.54 -6.90 -4.34
N GLY A 96 15.22 -6.32 -3.21
CA GLY A 96 15.44 -7.01 -1.91
C GLY A 96 16.92 -6.85 -1.49
N ASN A 97 17.47 -5.69 -1.66
CA ASN A 97 18.89 -5.48 -1.26
C ASN A 97 18.97 -4.79 0.11
N GLY A 98 17.89 -4.19 0.54
CA GLY A 98 17.91 -3.49 1.86
C GLY A 98 18.03 -1.99 1.65
N TYR A 99 17.56 -1.49 0.54
CA TYR A 99 17.65 -0.03 0.27
C TYR A 99 16.58 0.38 -0.75
N ILE A 100 16.06 1.57 -0.64
CA ILE A 100 15.01 2.02 -1.60
C ILE A 100 15.47 3.27 -2.36
N SER A 101 15.72 3.15 -3.63
CA SER A 101 16.16 4.33 -4.42
C SER A 101 14.97 4.99 -5.12
N ALA A 102 15.02 6.27 -5.32
CA ALA A 102 13.88 6.97 -5.98
C ALA A 102 13.40 6.15 -7.18
N ALA A 103 14.29 5.45 -7.82
CA ALA A 103 13.88 4.62 -8.99
C ALA A 103 12.91 3.52 -8.55
N GLU A 104 13.28 2.77 -7.53
CA GLU A 104 12.38 1.70 -7.05
C GLU A 104 10.99 2.27 -6.74
N LEU A 105 10.96 3.45 -6.20
CA LEU A 105 9.64 4.09 -5.88
C LEU A 105 8.83 4.25 -7.16
N ARG A 106 9.45 4.71 -8.22
CA ARG A 106 8.71 4.88 -9.51
C ARG A 106 8.29 3.51 -10.03
N HIS A 107 8.94 2.48 -9.60
CA HIS A 107 8.58 1.11 -10.05
C HIS A 107 7.38 0.59 -9.27
N VAL A 108 7.26 0.97 -8.02
CA VAL A 108 6.11 0.49 -7.19
C VAL A 108 4.89 1.38 -7.46
N MET A 109 5.10 2.65 -7.70
CA MET A 109 3.95 3.54 -7.96
C MET A 109 3.49 3.37 -9.41
N THR A 110 4.41 3.15 -10.30
CA THR A 110 4.01 2.95 -11.72
C THR A 110 3.28 1.61 -11.84
N ASN A 111 3.62 0.67 -11.01
CA ASN A 111 2.94 -0.65 -11.05
C ASN A 111 1.68 -0.58 -10.20
N LEU A 112 1.63 0.37 -9.31
CA LEU A 112 0.42 0.51 -8.43
C LEU A 112 -0.67 1.32 -9.15
N GLY A 113 -0.28 2.25 -9.98
CA GLY A 113 -1.31 3.05 -10.71
C GLY A 113 -0.92 4.53 -10.76
N GLU A 114 -0.38 5.05 -9.70
CA GLU A 114 0.01 6.50 -9.70
C GLU A 114 1.48 6.65 -10.09
N LYS A 115 1.85 7.81 -10.56
CA LYS A 115 3.27 8.06 -10.95
C LYS A 115 3.69 9.43 -10.42
N LEU A 116 3.90 9.54 -9.14
CA LEU A 116 4.31 10.85 -8.55
C LEU A 116 5.30 11.58 -9.46
N THR A 117 5.22 12.87 -9.50
CA THR A 117 6.15 13.66 -10.37
C THR A 117 7.61 13.33 -10.02
N ASP A 118 8.51 14.23 -10.33
CA ASP A 118 9.95 13.96 -10.01
C ASP A 118 10.34 14.66 -8.71
N GLU A 119 10.00 15.91 -8.56
CA GLU A 119 10.34 16.63 -7.30
C GLU A 119 9.56 16.00 -6.15
N GLU A 120 8.37 15.53 -6.43
CA GLU A 120 7.54 14.89 -5.37
C GLU A 120 8.22 13.59 -4.93
N VAL A 121 8.64 12.79 -5.86
CA VAL A 121 9.31 11.50 -5.51
C VAL A 121 10.65 11.77 -4.80
N ASP A 122 11.40 12.73 -5.27
CA ASP A 122 12.71 13.05 -4.62
C ASP A 122 12.47 13.52 -3.20
N GLU A 123 11.83 14.64 -3.04
CA GLU A 123 11.56 15.15 -1.67
C GLU A 123 11.07 14.00 -0.78
N MET A 124 10.40 13.05 -1.37
CA MET A 124 9.90 11.89 -0.58
C MET A 124 11.07 11.12 0.02
N ILE A 125 11.92 10.57 -0.80
CA ILE A 125 13.08 9.81 -0.26
C ILE A 125 13.94 10.71 0.63
N ARG A 126 14.11 11.95 0.24
CA ARG A 126 14.93 12.87 1.07
C ARG A 126 14.33 13.02 2.47
N GLU A 127 13.09 13.36 2.54
CA GLU A 127 12.44 13.52 3.88
C GLU A 127 12.86 12.38 4.81
N ALA A 128 13.08 11.22 4.28
CA ALA A 128 13.50 10.06 5.14
C ALA A 128 15.02 9.87 5.05
N ASP A 129 15.62 10.26 3.95
CA ASP A 129 17.09 10.09 3.80
C ASP A 129 17.83 11.07 4.71
N ILE A 130 17.69 10.92 6.00
CA ILE A 130 18.39 11.85 6.94
C ILE A 130 19.91 11.70 6.80
N ASP A 131 20.37 10.52 6.48
CA ASP A 131 21.85 10.32 6.33
C ASP A 131 22.33 10.89 4.99
N GLY A 132 21.47 10.91 4.00
CA GLY A 132 21.87 11.46 2.67
C GLY A 132 22.71 10.43 1.92
N ASP A 133 22.14 9.31 1.58
CA ASP A 133 22.92 8.27 0.84
C ASP A 133 22.35 8.09 -0.57
N GLY A 134 21.11 8.44 -0.77
CA GLY A 134 20.50 8.28 -2.13
C GLY A 134 19.36 7.26 -2.06
N GLN A 135 19.19 6.62 -0.93
CA GLN A 135 18.10 5.61 -0.80
C GLN A 135 17.75 5.39 0.68
N VAL A 136 16.62 4.82 0.95
CA VAL A 136 16.23 4.60 2.38
C VAL A 136 16.72 3.22 2.86
N ASN A 137 16.65 2.99 4.15
CA ASN A 137 17.11 1.68 4.70
C ASN A 137 16.05 1.14 5.68
N TYR A 138 16.28 -0.03 6.21
CA TYR A 138 15.29 -0.62 7.17
C TYR A 138 15.03 0.34 8.34
N GLU A 139 16.00 0.53 9.20
CA GLU A 139 15.80 1.44 10.37
C GLU A 139 15.11 2.73 9.94
N GLU A 140 15.44 3.24 8.79
CA GLU A 140 14.79 4.51 8.31
C GLU A 140 13.30 4.25 8.03
N PHE A 141 13.00 3.36 7.13
CA PHE A 141 11.57 3.07 6.80
C PHE A 141 10.77 2.88 8.10
N VAL A 142 11.42 2.56 9.17
CA VAL A 142 10.69 2.34 10.46
C VAL A 142 10.81 3.58 11.36
N GLN A 143 11.99 4.14 11.46
CA GLN A 143 12.16 5.34 12.33
C GLN A 143 11.20 6.46 11.92
N MET A 144 10.66 6.39 10.73
CA MET A 144 9.72 7.46 10.27
C MET A 144 8.31 6.88 10.13
N MET A 145 8.18 5.59 10.20
CA MET A 145 6.82 4.98 10.07
C MET A 145 6.23 4.67 11.44
N THR A 146 7.02 4.80 12.48
CA THR A 146 6.51 4.52 13.85
C THR A 146 5.96 5.79 14.49
N ALA A 147 6.75 6.82 14.54
CA ALA A 147 6.28 8.10 15.16
C ALA A 147 5.64 9.00 14.09
N LYS A 148 4.64 8.51 13.42
CA LYS A 148 3.97 9.34 12.36
C LYS A 148 4.96 9.63 11.22
N VAL B 1 7.09 -15.63 -4.11
CA VAL B 1 6.10 -16.62 -4.63
C VAL B 1 4.89 -16.73 -3.66
N LYS B 2 5.12 -16.58 -2.38
CA LYS B 2 3.98 -16.67 -1.41
C LYS B 2 4.23 -15.73 -0.23
N LEU B 3 4.90 -14.63 -0.46
CA LEU B 3 5.17 -13.66 0.63
C LEU B 3 4.42 -12.35 0.34
N ILE B 4 3.82 -12.26 -0.83
CA ILE B 4 3.06 -11.02 -1.20
C ILE B 4 2.30 -10.48 0.03
N PRO B 5 1.99 -9.20 0.01
CA PRO B 5 1.26 -8.58 1.14
C PRO B 5 -0.14 -9.18 1.26
N SER B 6 -0.69 -9.19 2.44
CA SER B 6 -2.05 -9.79 2.64
C SER B 6 -3.15 -8.87 2.11
N TRP B 7 -3.16 -7.63 2.51
CA TRP B 7 -4.24 -6.72 2.03
C TRP B 7 -3.97 -5.27 2.46
N THR B 8 -4.20 -4.95 3.70
CA THR B 8 -3.95 -3.56 4.18
C THR B 8 -2.59 -3.08 3.69
N THR B 9 -1.58 -3.89 3.85
CA THR B 9 -0.23 -3.48 3.37
C THR B 9 -0.34 -2.87 1.97
N VAL B 10 -0.98 -3.56 1.07
CA VAL B 10 -1.15 -3.01 -0.31
C VAL B 10 -1.73 -1.60 -0.21
N ILE B 11 -2.70 -1.40 0.65
CA ILE B 11 -3.28 -0.04 0.81
C ILE B 11 -2.22 0.89 1.41
N LEU B 12 -1.32 0.33 2.15
CA LEU B 12 -0.24 1.16 2.77
C LEU B 12 0.63 1.79 1.68
N VAL B 13 1.23 0.98 0.85
CA VAL B 13 2.09 1.53 -0.23
C VAL B 13 1.25 2.43 -1.16
N LYS B 14 0.04 2.04 -1.44
CA LYS B 14 -0.82 2.87 -2.32
C LYS B 14 -1.06 4.23 -1.67
N SER B 15 -1.67 4.23 -0.53
CA SER B 15 -1.92 5.53 0.16
C SER B 15 -0.59 6.24 0.47
N MET B 16 0.49 5.51 0.45
CA MET B 16 1.82 6.13 0.73
C MET B 16 2.33 6.84 -0.53
N LEU B 17 1.80 6.51 -1.67
CA LEU B 17 2.28 7.17 -2.93
C LEU B 17 1.75 8.61 -3.01
N ARG B 18 0.48 8.78 -2.82
CA ARG B 18 -0.13 10.15 -2.90
C ARG B 18 0.41 11.03 -1.77
N LYS B 19 1.68 11.24 -1.73
CA LYS B 19 2.28 12.07 -0.69
C LYS B 19 3.79 12.13 -0.91
N ARG B 20 4.31 13.30 -1.10
CA ARG B 20 5.77 13.46 -1.35
C ARG B 20 6.62 13.23 -0.09
N SER B 21 6.08 12.55 0.90
CA SER B 21 6.87 12.29 2.14
C SER B 21 6.83 10.79 2.47
N PHE B 22 7.54 10.38 3.49
CA PHE B 22 7.52 8.92 3.84
C PHE B 22 6.83 8.72 5.18
N GLY B 23 6.69 7.50 5.62
CA GLY B 23 6.00 7.24 6.90
C GLY B 23 4.51 7.61 6.74
N ASN B 24 3.64 6.84 7.31
CA ASN B 24 2.18 7.15 7.17
C ASN B 24 1.53 7.36 8.53
N PRO B 25 0.65 8.32 8.58
CA PRO B 25 -0.07 8.62 9.83
C PRO B 25 -1.11 7.54 10.11
N PHE B 26 -0.67 6.30 10.17
CA PHE B 26 -1.63 5.18 10.42
C PHE B 26 -1.79 4.96 11.92
CA CA C . -14.82 -4.07 -10.03
CA CA D . -17.06 -8.41 0.93
CA CA E . 16.66 -1.86 -3.64
CA CA F . 18.83 6.89 3.73
N ALA A 1 -8.08 7.95 17.38
CA ALA A 1 -9.43 8.17 17.99
C ALA A 1 -10.38 8.79 16.94
N ASP A 2 -10.41 10.09 16.86
CA ASP A 2 -11.31 10.75 15.87
C ASP A 2 -10.48 11.51 14.83
N GLN A 3 -9.43 10.91 14.34
CA GLN A 3 -8.59 11.60 13.31
C GLN A 3 -8.94 11.09 11.91
N LEU A 4 -10.12 11.37 11.45
CA LEU A 4 -10.53 10.90 10.10
C LEU A 4 -11.39 11.96 9.40
N THR A 5 -10.85 12.60 8.39
CA THR A 5 -11.64 13.64 7.66
C THR A 5 -11.90 13.20 6.22
N GLU A 6 -12.22 14.12 5.36
CA GLU A 6 -12.49 13.75 3.94
C GLU A 6 -11.18 13.41 3.22
N GLU A 7 -10.08 13.88 3.74
CA GLU A 7 -8.77 13.58 3.08
C GLU A 7 -8.46 12.08 3.19
N GLN A 8 -8.19 11.61 4.38
CA GLN A 8 -7.89 10.15 4.55
C GLN A 8 -8.90 9.33 3.76
N ILE A 9 -10.16 9.54 3.99
CA ILE A 9 -11.19 8.76 3.25
C ILE A 9 -10.90 8.84 1.75
N ALA A 10 -10.54 10.01 1.28
CA ALA A 10 -10.23 10.14 -0.17
C ALA A 10 -9.23 9.06 -0.58
N GLU A 11 -8.21 8.87 0.21
CA GLU A 11 -7.22 7.82 -0.13
C GLU A 11 -7.92 6.47 -0.25
N PHE A 12 -8.74 6.13 0.70
CA PHE A 12 -9.48 4.84 0.62
C PHE A 12 -10.22 4.76 -0.71
N LYS A 13 -10.90 5.80 -1.08
CA LYS A 13 -11.64 5.79 -2.38
C LYS A 13 -10.65 5.51 -3.51
N GLU A 14 -9.53 6.18 -3.51
CA GLU A 14 -8.52 5.94 -4.58
C GLU A 14 -8.08 4.49 -4.54
N ALA A 15 -7.81 3.97 -3.37
CA ALA A 15 -7.38 2.55 -3.25
C ALA A 15 -8.48 1.64 -3.79
N PHE A 16 -9.70 1.90 -3.42
CA PHE A 16 -10.83 1.06 -3.93
C PHE A 16 -10.92 1.21 -5.44
N SER A 17 -10.39 2.29 -5.97
CA SER A 17 -10.43 2.50 -7.45
C SER A 17 -9.23 1.80 -8.09
N LEU A 18 -8.05 1.99 -7.54
CA LEU A 18 -6.85 1.33 -8.12
C LEU A 18 -7.15 -0.16 -8.35
N PHE A 19 -7.83 -0.78 -7.42
CA PHE A 19 -8.16 -2.22 -7.60
C PHE A 19 -9.37 -2.37 -8.52
N ASP A 20 -10.40 -1.59 -8.31
CA ASP A 20 -11.60 -1.68 -9.18
C ASP A 20 -11.36 -0.92 -10.50
N LYS A 21 -11.08 -1.61 -11.56
CA LYS A 21 -10.83 -0.93 -12.87
C LYS A 21 -12.10 -0.94 -13.72
N ASP A 22 -13.19 -1.43 -13.19
CA ASP A 22 -14.45 -1.47 -13.98
C ASP A 22 -15.33 -0.27 -13.63
N GLY A 23 -15.35 0.11 -12.38
CA GLY A 23 -16.18 1.28 -11.96
C GLY A 23 -17.55 0.79 -11.45
N ASP A 24 -17.58 -0.40 -10.92
CA ASP A 24 -18.88 -0.93 -10.39
C ASP A 24 -18.91 -0.85 -8.87
N GLY A 25 -17.77 -0.67 -8.25
CA GLY A 25 -17.74 -0.57 -6.77
C GLY A 25 -17.53 -1.97 -6.18
N THR A 26 -16.98 -2.88 -6.94
CA THR A 26 -16.76 -4.26 -6.41
C THR A 26 -15.39 -4.78 -6.86
N ILE A 27 -14.54 -5.16 -5.93
CA ILE A 27 -13.20 -5.68 -6.32
C ILE A 27 -13.26 -7.20 -6.53
N THR A 28 -13.06 -7.65 -7.74
CA THR A 28 -13.10 -9.12 -7.99
C THR A 28 -11.69 -9.70 -7.89
N THR A 29 -11.58 -10.96 -7.60
CA THR A 29 -10.23 -11.59 -7.49
C THR A 29 -9.42 -11.32 -8.77
N LYS A 30 -10.10 -11.07 -9.86
CA LYS A 30 -9.37 -10.81 -11.14
C LYS A 30 -8.70 -9.44 -11.09
N GLU A 31 -9.40 -8.45 -10.61
CA GLU A 31 -8.81 -7.08 -10.52
C GLU A 31 -7.62 -7.08 -9.56
N LEU A 32 -7.84 -7.47 -8.34
CA LEU A 32 -6.72 -7.50 -7.35
C LEU A 32 -5.55 -8.32 -7.90
N GLY A 33 -5.85 -9.37 -8.62
CA GLY A 33 -4.76 -10.21 -9.19
C GLY A 33 -3.95 -9.38 -10.18
N THR A 34 -4.60 -8.56 -10.96
CA THR A 34 -3.87 -7.71 -11.93
C THR A 34 -2.87 -6.82 -11.20
N VAL A 35 -3.33 -6.08 -10.22
CA VAL A 35 -2.40 -5.21 -9.45
C VAL A 35 -1.27 -6.04 -8.86
N MET A 36 -1.60 -7.07 -8.14
CA MET A 36 -0.53 -7.94 -7.53
C MET A 36 0.46 -8.35 -8.63
N ARG A 37 -0.03 -8.68 -9.78
CA ARG A 37 0.89 -9.08 -10.89
C ARG A 37 1.82 -7.91 -11.25
N SER A 38 1.37 -6.70 -11.05
CA SER A 38 2.21 -5.52 -11.39
C SER A 38 3.26 -5.27 -10.29
N LEU A 39 2.84 -5.04 -9.08
CA LEU A 39 3.83 -4.78 -7.99
C LEU A 39 4.98 -5.78 -8.07
N GLY A 40 4.69 -7.00 -8.42
CA GLY A 40 5.77 -8.01 -8.53
C GLY A 40 5.43 -9.23 -7.67
N GLN A 41 4.38 -9.93 -8.02
CA GLN A 41 3.99 -11.13 -7.23
C GLN A 41 3.41 -12.22 -8.15
N ASN A 42 2.82 -13.24 -7.60
CA ASN A 42 2.24 -14.32 -8.46
C ASN A 42 1.10 -15.05 -7.73
N PRO A 43 0.11 -14.29 -7.35
CA PRO A 43 -1.04 -14.86 -6.64
C PRO A 43 -2.01 -15.50 -7.64
N THR A 44 -2.50 -16.67 -7.34
CA THR A 44 -3.45 -17.33 -8.29
C THR A 44 -4.90 -17.09 -7.85
N GLU A 45 -5.84 -17.31 -8.72
CA GLU A 45 -7.26 -17.08 -8.35
C GLU A 45 -7.54 -17.62 -6.94
N ALA A 46 -7.23 -18.88 -6.72
CA ALA A 46 -7.47 -19.48 -5.38
C ALA A 46 -6.72 -18.67 -4.31
N GLU A 47 -5.43 -18.50 -4.47
CA GLU A 47 -4.66 -17.72 -3.46
C GLU A 47 -5.40 -16.41 -3.14
N LEU A 48 -5.87 -15.74 -4.16
CA LEU A 48 -6.60 -14.47 -3.92
C LEU A 48 -7.76 -14.70 -2.96
N GLN A 49 -8.48 -15.77 -3.15
CA GLN A 49 -9.63 -16.06 -2.23
C GLN A 49 -9.13 -16.09 -0.80
N ASP A 50 -7.99 -16.68 -0.57
CA ASP A 50 -7.43 -16.73 0.80
C ASP A 50 -7.25 -15.31 1.35
N MET A 51 -6.74 -14.43 0.53
CA MET A 51 -6.54 -13.03 0.98
C MET A 51 -7.88 -12.30 1.03
N ILE A 52 -8.65 -12.39 -0.02
CA ILE A 52 -9.97 -11.71 -0.03
C ILE A 52 -10.77 -12.12 1.22
N ASN A 53 -10.47 -13.27 1.76
CA ASN A 53 -11.21 -13.73 2.98
C ASN A 53 -11.05 -12.73 4.11
N GLU A 54 -9.94 -12.04 4.15
CA GLU A 54 -9.72 -11.04 5.23
C GLU A 54 -10.64 -9.83 5.03
N VAL A 55 -11.05 -9.58 3.81
CA VAL A 55 -11.95 -8.42 3.54
C VAL A 55 -13.36 -8.91 3.21
N ASP A 56 -13.47 -10.10 2.66
CA ASP A 56 -14.82 -10.63 2.31
C ASP A 56 -15.66 -10.84 3.57
N ALA A 57 -16.10 -9.77 4.18
CA ALA A 57 -16.91 -9.91 5.41
C ALA A 57 -18.28 -10.52 5.10
N ASP A 58 -18.84 -10.20 3.96
CA ASP A 58 -20.18 -10.76 3.59
C ASP A 58 -20.02 -12.16 2.99
N GLY A 59 -18.85 -12.49 2.51
CA GLY A 59 -18.64 -13.84 1.92
C GLY A 59 -19.15 -13.86 0.48
N ASN A 60 -19.18 -12.73 -0.18
CA ASN A 60 -19.67 -12.70 -1.59
C ASN A 60 -18.50 -12.95 -2.56
N GLY A 61 -17.32 -12.55 -2.19
CA GLY A 61 -16.15 -12.76 -3.09
C GLY A 61 -15.60 -11.42 -3.58
N THR A 62 -16.43 -10.40 -3.59
CA THR A 62 -15.95 -9.07 -4.07
C THR A 62 -15.92 -8.07 -2.91
N ILE A 63 -15.13 -7.04 -3.02
CA ILE A 63 -15.05 -6.03 -1.93
C ILE A 63 -15.98 -4.85 -2.23
N ASP A 64 -16.59 -4.28 -1.22
CA ASP A 64 -17.50 -3.12 -1.46
C ASP A 64 -16.88 -1.84 -0.89
N PHE A 65 -17.34 -0.70 -1.34
CA PHE A 65 -16.77 0.59 -0.84
C PHE A 65 -16.77 0.64 0.70
N PRO A 66 -17.90 0.29 1.30
CA PRO A 66 -17.99 0.33 2.79
C PRO A 66 -17.13 -0.79 3.38
N GLU A 67 -17.16 -1.96 2.80
CA GLU A 67 -16.33 -3.08 3.34
C GLU A 67 -14.86 -2.65 3.42
N PHE A 68 -14.36 -2.03 2.39
CA PHE A 68 -12.93 -1.59 2.41
C PHE A 68 -12.70 -0.60 3.55
N LEU A 69 -13.56 0.38 3.68
CA LEU A 69 -13.39 1.37 4.78
C LEU A 69 -13.35 0.67 6.14
N THR A 70 -13.92 -0.50 6.22
CA THR A 70 -13.94 -1.25 7.52
C THR A 70 -12.70 -2.14 7.67
N MET A 71 -12.07 -2.50 6.57
CA MET A 71 -10.86 -3.36 6.67
C MET A 71 -9.66 -2.54 7.16
N MET A 72 -9.47 -1.38 6.61
CA MET A 72 -8.32 -0.51 7.03
C MET A 72 -8.33 -0.31 8.55
N ALA A 73 -9.43 -0.56 9.21
CA ALA A 73 -9.49 -0.35 10.70
C ALA A 73 -9.48 -1.69 11.44
N ARG A 74 -9.68 -2.78 10.77
CA ARG A 74 -9.69 -4.11 11.47
C ARG A 74 -8.31 -4.77 11.38
N LYS A 75 -7.64 -4.62 10.27
CA LYS A 75 -6.29 -5.27 10.12
C LYS A 75 -5.18 -4.30 10.57
N MET A 76 -5.50 -3.37 11.44
CA MET A 76 -4.46 -2.41 11.90
C MET A 76 -3.91 -2.83 13.27
N LYS A 77 -4.73 -3.43 14.09
CA LYS A 77 -4.25 -3.86 15.44
C LYS A 77 -4.73 -5.28 15.74
N ASP A 78 -4.16 -6.26 15.09
CA ASP A 78 -4.57 -7.67 15.33
C ASP A 78 -3.95 -8.59 14.28
N THR A 79 -2.94 -9.34 14.64
CA THR A 79 -2.28 -10.25 13.66
C THR A 79 -1.53 -9.45 12.60
N ASP A 80 -0.24 -9.40 12.70
CA ASP A 80 0.57 -8.64 11.70
C ASP A 80 0.39 -7.14 11.89
N SER A 81 0.98 -6.59 12.92
CA SER A 81 0.85 -5.12 13.16
C SER A 81 2.17 -4.43 12.82
N GLU A 82 3.27 -4.96 13.29
CA GLU A 82 4.59 -4.34 12.98
C GLU A 82 5.15 -4.95 11.70
N GLU A 83 4.90 -6.20 11.47
CA GLU A 83 5.40 -6.83 10.22
C GLU A 83 4.74 -6.16 9.02
N GLU A 84 3.58 -5.60 9.23
CA GLU A 84 2.87 -4.92 8.11
C GLU A 84 3.79 -3.86 7.50
N ILE A 85 4.56 -3.19 8.30
CA ILE A 85 5.48 -2.16 7.75
C ILE A 85 6.59 -2.85 6.97
N ARG A 86 7.14 -3.89 7.53
CA ARG A 86 8.21 -4.62 6.83
C ARG A 86 7.72 -5.05 5.45
N GLU A 87 6.43 -5.26 5.34
CA GLU A 87 5.87 -5.67 4.02
C GLU A 87 5.96 -4.49 3.05
N ALA A 88 5.34 -3.38 3.38
CA ALA A 88 5.41 -2.20 2.46
C ALA A 88 6.87 -1.88 2.17
N PHE A 89 7.75 -2.14 3.11
CA PHE A 89 9.19 -1.87 2.85
C PHE A 89 9.65 -2.78 1.72
N ARG A 90 9.28 -4.02 1.79
CA ARG A 90 9.65 -4.97 0.69
C ARG A 90 9.05 -4.46 -0.60
N VAL A 91 7.87 -3.87 -0.52
CA VAL A 91 7.23 -3.32 -1.73
C VAL A 91 7.98 -2.07 -2.19
N PHE A 92 8.36 -1.23 -1.26
CA PHE A 92 9.13 -0.01 -1.63
C PHE A 92 10.54 -0.42 -2.04
N ASP A 93 11.06 -1.43 -1.41
CA ASP A 93 12.44 -1.90 -1.75
C ASP A 93 12.34 -3.06 -2.74
N LYS A 94 11.80 -2.81 -3.90
CA LYS A 94 11.69 -3.90 -4.92
C LYS A 94 13.01 -4.67 -4.96
N ASP A 95 14.08 -4.02 -4.64
CA ASP A 95 15.39 -4.70 -4.64
C ASP A 95 15.41 -5.74 -3.51
N GLY A 96 14.88 -5.38 -2.37
CA GLY A 96 14.85 -6.34 -1.22
C GLY A 96 16.25 -6.51 -0.62
N ASN A 97 17.22 -5.83 -1.16
CA ASN A 97 18.60 -5.95 -0.62
C ASN A 97 18.71 -5.23 0.72
N GLY A 98 17.85 -4.27 0.96
CA GLY A 98 17.90 -3.52 2.25
C GLY A 98 18.26 -2.06 1.97
N TYR A 99 17.80 -1.52 0.88
CA TYR A 99 18.11 -0.10 0.55
C TYR A 99 17.08 0.46 -0.44
N ILE A 100 16.19 1.30 0.03
CA ILE A 100 15.16 1.88 -0.88
C ILE A 100 15.75 3.06 -1.65
N SER A 101 15.50 3.14 -2.93
CA SER A 101 16.04 4.27 -3.73
C SER A 101 14.92 4.92 -4.55
N ALA A 102 15.00 6.19 -4.80
CA ALA A 102 13.94 6.87 -5.59
C ALA A 102 13.60 6.02 -6.83
N ALA A 103 14.55 5.31 -7.35
CA ALA A 103 14.29 4.46 -8.54
C ALA A 103 13.35 3.31 -8.15
N GLU A 104 13.59 2.70 -7.02
CA GLU A 104 12.73 1.58 -6.57
C GLU A 104 11.30 2.07 -6.39
N LEU A 105 11.13 3.21 -5.78
CA LEU A 105 9.75 3.75 -5.58
C LEU A 105 9.08 3.94 -6.94
N ARG A 106 9.80 4.47 -7.90
CA ARG A 106 9.21 4.66 -9.25
C ARG A 106 8.72 3.32 -9.81
N HIS A 107 9.44 2.27 -9.54
CA HIS A 107 9.02 0.94 -10.05
C HIS A 107 7.70 0.52 -9.40
N VAL A 108 7.59 0.72 -8.12
CA VAL A 108 6.33 0.34 -7.42
C VAL A 108 5.23 1.36 -7.77
N MET A 109 5.61 2.60 -7.95
CA MET A 109 4.59 3.63 -8.29
C MET A 109 3.90 3.28 -9.61
N THR A 110 4.62 3.29 -10.69
CA THR A 110 3.99 2.95 -11.99
C THR A 110 3.25 1.61 -11.87
N ASN A 111 3.76 0.72 -11.06
CA ASN A 111 3.07 -0.59 -10.88
C ASN A 111 1.86 -0.42 -9.96
N LEU A 112 1.85 0.62 -9.18
CA LEU A 112 0.70 0.86 -8.26
C LEU A 112 -0.42 1.59 -8.99
N GLY A 113 -0.09 2.54 -9.81
CA GLY A 113 -1.14 3.28 -10.56
C GLY A 113 -0.65 4.69 -10.91
N GLU A 114 -0.08 5.38 -9.95
CA GLU A 114 0.40 6.76 -10.24
C GLU A 114 1.89 6.77 -10.62
N LYS A 115 2.36 7.84 -11.17
CA LYS A 115 3.79 7.92 -11.56
C LYS A 115 4.32 9.33 -11.24
N LEU A 116 4.32 9.69 -9.99
CA LEU A 116 4.81 11.04 -9.58
C LEU A 116 6.03 11.44 -10.42
N THR A 117 6.11 12.68 -10.81
CA THR A 117 7.27 13.14 -11.63
C THR A 117 8.58 12.71 -10.98
N ASP A 118 9.69 13.15 -11.52
CA ASP A 118 11.01 12.76 -10.93
C ASP A 118 11.39 13.73 -9.81
N GLU A 119 11.56 14.97 -10.14
CA GLU A 119 11.94 15.96 -9.09
C GLU A 119 11.10 15.74 -7.84
N GLU A 120 9.81 15.64 -8.00
CA GLU A 120 8.94 15.41 -6.82
C GLU A 120 9.38 14.14 -6.09
N VAL A 121 9.43 13.05 -6.81
CA VAL A 121 9.85 11.76 -6.18
C VAL A 121 11.15 11.92 -5.39
N ASP A 122 12.12 12.62 -5.92
CA ASP A 122 13.40 12.78 -5.16
C ASP A 122 13.17 13.65 -3.93
N GLU A 123 12.15 14.47 -3.96
CA GLU A 123 11.85 15.33 -2.80
C GLU A 123 11.11 14.51 -1.74
N MET A 124 10.40 13.51 -2.18
CA MET A 124 9.67 12.64 -1.21
C MET A 124 10.67 11.84 -0.38
N ILE A 125 11.68 11.31 -1.02
CA ILE A 125 12.70 10.52 -0.24
C ILE A 125 13.48 11.47 0.68
N ARG A 126 13.86 12.61 0.18
CA ARG A 126 14.62 13.57 1.04
C ARG A 126 13.82 13.91 2.28
N GLU A 127 12.53 14.06 2.14
CA GLU A 127 11.67 14.38 3.32
C GLU A 127 11.80 13.28 4.37
N ALA A 128 12.07 12.08 3.96
CA ALA A 128 12.21 10.96 4.94
C ALA A 128 13.69 10.69 5.22
N ASP A 129 14.56 11.16 4.37
CA ASP A 129 16.01 10.94 4.61
C ASP A 129 16.45 11.55 5.94
N ILE A 130 16.54 10.75 6.97
CA ILE A 130 16.95 11.27 8.30
C ILE A 130 18.40 11.73 8.25
N ASP A 131 19.25 10.95 7.67
CA ASP A 131 20.70 11.33 7.59
C ASP A 131 20.96 12.14 6.30
N GLY A 132 20.07 12.03 5.34
CA GLY A 132 20.27 12.78 4.07
C GLY A 132 21.28 12.04 3.19
N ASP A 133 20.96 10.86 2.76
CA ASP A 133 21.91 10.09 1.90
C ASP A 133 21.30 9.87 0.52
N GLY A 134 20.01 9.69 0.45
CA GLY A 134 19.35 9.47 -0.87
C GLY A 134 18.69 8.09 -0.89
N GLN A 135 18.44 7.53 0.26
CA GLN A 135 17.80 6.17 0.30
C GLN A 135 17.16 5.92 1.67
N VAL A 136 16.22 5.02 1.75
CA VAL A 136 15.57 4.73 3.05
C VAL A 136 15.89 3.29 3.50
N ASN A 137 16.71 3.14 4.51
CA ASN A 137 17.06 1.77 4.98
C ASN A 137 15.95 1.23 5.89
N TYR A 138 16.17 0.10 6.48
CA TYR A 138 15.12 -0.49 7.37
C TYR A 138 14.94 0.38 8.62
N GLU A 139 15.93 0.43 9.47
CA GLU A 139 15.81 1.26 10.70
C GLU A 139 15.16 2.61 10.35
N GLU A 140 15.33 3.05 9.14
CA GLU A 140 14.72 4.36 8.73
C GLU A 140 13.23 4.17 8.39
N PHE A 141 12.93 3.26 7.52
CA PHE A 141 11.50 3.03 7.14
C PHE A 141 10.69 2.67 8.39
N VAL A 142 11.36 2.26 9.45
CA VAL A 142 10.63 1.90 10.70
C VAL A 142 10.69 3.05 11.71
N GLN A 143 11.87 3.41 12.15
CA GLN A 143 12.00 4.52 13.14
C GLN A 143 11.27 5.77 12.65
N MET A 144 11.00 5.84 11.37
CA MET A 144 10.29 7.05 10.83
C MET A 144 8.79 6.74 10.68
N MET A 145 8.43 5.49 10.61
CA MET A 145 6.98 5.14 10.47
C MET A 145 6.38 4.71 11.82
N THR A 146 7.18 4.21 12.72
CA THR A 146 6.63 3.77 14.04
C THR A 146 7.76 3.60 15.07
N ALA A 147 8.06 4.62 15.83
CA ALA A 147 9.14 4.51 16.85
C ALA A 147 8.54 4.25 18.23
N LYS A 148 7.63 3.31 18.32
CA LYS A 148 7.00 3.01 19.65
C LYS A 148 7.95 2.16 20.50
N VAL B 1 0.23 -21.21 1.49
CA VAL B 1 0.26 -19.72 1.60
C VAL B 1 1.63 -19.27 2.14
N LYS B 2 1.66 -18.21 2.91
CA LYS B 2 2.97 -17.74 3.47
C LYS B 2 3.88 -17.27 2.33
N LEU B 3 3.49 -16.23 1.62
CA LEU B 3 4.34 -15.74 0.51
C LEU B 3 3.82 -14.40 -0.05
N ILE B 4 2.54 -14.13 0.07
CA ILE B 4 1.99 -12.84 -0.46
C ILE B 4 1.88 -11.81 0.69
N PRO B 5 1.36 -10.64 0.38
CA PRO B 5 1.22 -9.59 1.40
C PRO B 5 -0.07 -9.80 2.22
N SER B 6 -0.57 -8.77 2.84
CA SER B 6 -1.81 -8.94 3.66
C SER B 6 -2.78 -7.77 3.42
N TRP B 7 -3.17 -7.54 2.19
CA TRP B 7 -4.14 -6.43 1.90
C TRP B 7 -3.64 -5.10 2.47
N THR B 8 -3.87 -4.87 3.73
CA THR B 8 -3.42 -3.58 4.33
C THR B 8 -2.03 -3.20 3.82
N THR B 9 -1.24 -4.16 3.41
CA THR B 9 0.11 -3.82 2.88
C THR B 9 -0.02 -2.98 1.60
N VAL B 10 -0.78 -3.44 0.64
CA VAL B 10 -0.95 -2.66 -0.61
C VAL B 10 -1.54 -1.29 -0.27
N ILE B 11 -2.26 -1.20 0.82
CA ILE B 11 -2.85 0.12 1.22
C ILE B 11 -1.73 1.00 1.79
N LEU B 12 -0.79 0.40 2.44
CA LEU B 12 0.33 1.19 3.02
C LEU B 12 1.07 1.95 1.92
N VAL B 13 1.61 1.24 0.97
CA VAL B 13 2.35 1.91 -0.14
C VAL B 13 1.42 2.84 -0.94
N LYS B 14 0.20 2.42 -1.21
CA LYS B 14 -0.73 3.29 -1.98
C LYS B 14 -1.01 4.58 -1.21
N SER B 15 -1.00 4.50 0.09
CA SER B 15 -1.26 5.72 0.91
C SER B 15 -0.03 6.63 0.91
N MET B 16 1.12 6.07 0.69
CA MET B 16 2.37 6.90 0.70
C MET B 16 2.60 7.58 -0.66
N LEU B 17 1.96 7.13 -1.70
CA LEU B 17 2.17 7.79 -3.02
C LEU B 17 1.35 9.09 -3.09
N ARG B 18 0.32 9.12 -3.90
CA ARG B 18 -0.51 10.35 -4.02
C ARG B 18 0.33 11.54 -4.48
N LYS B 19 1.15 12.04 -3.60
CA LYS B 19 2.00 13.23 -3.98
C LYS B 19 3.03 13.59 -2.89
N ARG B 20 4.20 13.04 -2.94
CA ARG B 20 5.24 13.36 -1.91
C ARG B 20 4.77 12.94 -0.51
N SER B 21 3.64 12.29 -0.42
CA SER B 21 3.14 11.86 0.93
C SER B 21 4.07 10.80 1.52
N PHE B 22 4.66 11.08 2.65
CA PHE B 22 5.59 10.09 3.28
C PHE B 22 5.63 10.28 4.80
N GLY B 23 4.48 10.26 5.43
CA GLY B 23 4.46 10.46 6.92
C GLY B 23 3.99 9.18 7.60
N ASN B 24 3.11 9.29 8.59
CA ASN B 24 2.62 8.08 9.30
C ASN B 24 1.10 8.08 9.38
N PRO B 25 0.48 7.99 8.25
CA PRO B 25 -1.00 7.98 8.18
C PRO B 25 -1.57 6.59 8.53
N PHE B 26 -1.01 5.93 9.52
CA PHE B 26 -1.53 4.57 9.89
C PHE B 26 -1.57 4.42 11.41
CA CA C . -14.81 -4.48 -10.49
CA CA D . -16.92 -8.97 0.45
CA CA E . 17.02 -1.84 -3.17
CA CA F . 18.32 7.91 4.56
N ALA A 1 -9.60 24.95 11.56
CA ALA A 1 -8.18 25.15 11.14
C ALA A 1 -7.44 23.81 11.11
N ASP A 2 -7.66 23.03 10.09
CA ASP A 2 -6.96 21.71 10.01
C ASP A 2 -7.28 21.02 8.67
N GLN A 3 -6.70 19.87 8.44
CA GLN A 3 -6.98 19.15 7.16
C GLN A 3 -8.48 19.00 6.95
N LEU A 4 -8.87 18.33 5.89
CA LEU A 4 -10.33 18.15 5.63
C LEU A 4 -10.66 16.65 5.54
N THR A 5 -11.60 16.19 6.32
CA THR A 5 -11.97 14.75 6.28
C THR A 5 -12.05 14.26 4.84
N GLU A 6 -12.59 15.05 3.96
CA GLU A 6 -12.71 14.63 2.53
C GLU A 6 -11.39 14.02 2.05
N GLU A 7 -10.29 14.39 2.66
CA GLU A 7 -8.98 13.81 2.23
C GLU A 7 -8.93 12.33 2.58
N GLN A 8 -9.02 12.00 3.84
CA GLN A 8 -8.97 10.56 4.24
C GLN A 8 -9.85 9.74 3.30
N ILE A 9 -11.11 10.09 3.18
CA ILE A 9 -12.01 9.33 2.27
C ILE A 9 -11.43 9.33 0.86
N ALA A 10 -10.96 10.46 0.40
CA ALA A 10 -10.39 10.52 -0.98
C ALA A 10 -9.29 9.45 -1.11
N GLU A 11 -8.36 9.42 -0.21
CA GLU A 11 -7.28 8.39 -0.30
C GLU A 11 -7.90 6.99 -0.32
N PHE A 12 -8.85 6.73 0.55
CA PHE A 12 -9.49 5.39 0.56
C PHE A 12 -10.21 5.15 -0.77
N LYS A 13 -10.87 6.15 -1.28
CA LYS A 13 -11.59 5.97 -2.57
C LYS A 13 -10.57 5.64 -3.67
N GLU A 14 -9.45 6.30 -3.66
CA GLU A 14 -8.41 6.00 -4.69
C GLU A 14 -7.94 4.55 -4.53
N ALA A 15 -7.63 4.15 -3.33
CA ALA A 15 -7.18 2.75 -3.11
C ALA A 15 -8.31 1.80 -3.47
N PHE A 16 -9.50 2.07 -3.03
CA PHE A 16 -10.65 1.19 -3.37
C PHE A 16 -10.84 1.18 -4.88
N SER A 17 -10.65 2.30 -5.51
CA SER A 17 -10.79 2.37 -6.99
C SER A 17 -9.57 1.73 -7.64
N LEU A 18 -8.41 1.90 -7.05
CA LEU A 18 -7.18 1.29 -7.63
C LEU A 18 -7.45 -0.19 -7.91
N PHE A 19 -8.06 -0.88 -6.99
CA PHE A 19 -8.37 -2.32 -7.21
C PHE A 19 -9.57 -2.45 -8.14
N ASP A 20 -10.63 -1.77 -7.82
CA ASP A 20 -11.84 -1.84 -8.68
C ASP A 20 -11.64 -0.97 -9.93
N LYS A 21 -10.92 -1.46 -10.90
CA LYS A 21 -10.68 -0.66 -12.13
C LYS A 21 -12.01 -0.12 -12.68
N ASP A 22 -12.84 -0.99 -13.16
CA ASP A 22 -14.16 -0.54 -13.68
C ASP A 22 -14.87 0.35 -12.67
N GLY A 23 -14.60 0.16 -11.41
CA GLY A 23 -15.27 1.01 -10.36
C GLY A 23 -16.68 0.48 -10.10
N ASP A 24 -16.95 -0.74 -10.47
CA ASP A 24 -18.31 -1.31 -10.22
C ASP A 24 -18.59 -1.36 -8.73
N GLY A 25 -17.58 -1.16 -7.92
CA GLY A 25 -17.78 -1.21 -6.44
C GLY A 25 -17.65 -2.65 -5.97
N THR A 26 -16.86 -3.45 -6.65
CA THR A 26 -16.69 -4.87 -6.23
C THR A 26 -15.33 -5.41 -6.67
N ILE A 27 -14.50 -5.81 -5.73
CA ILE A 27 -13.16 -6.34 -6.09
C ILE A 27 -13.21 -7.87 -6.20
N THR A 28 -12.90 -8.41 -7.35
CA THR A 28 -12.92 -9.90 -7.50
C THR A 28 -11.49 -10.45 -7.42
N THR A 29 -11.35 -11.73 -7.23
CA THR A 29 -9.99 -12.33 -7.14
C THR A 29 -9.19 -11.99 -8.41
N LYS A 30 -9.86 -11.83 -9.51
CA LYS A 30 -9.14 -11.50 -10.77
C LYS A 30 -8.58 -10.08 -10.71
N GLU A 31 -9.43 -9.09 -10.55
CA GLU A 31 -8.94 -7.68 -10.47
C GLU A 31 -7.78 -7.58 -9.47
N LEU A 32 -8.02 -7.97 -8.25
CA LEU A 32 -6.92 -7.90 -7.23
C LEU A 32 -5.68 -8.61 -7.75
N GLY A 33 -5.87 -9.74 -8.37
CA GLY A 33 -4.70 -10.50 -8.91
C GLY A 33 -3.95 -9.62 -9.90
N THR A 34 -4.66 -8.80 -10.63
CA THR A 34 -3.99 -7.91 -11.62
C THR A 34 -3.06 -6.94 -10.90
N VAL A 35 -3.58 -6.18 -9.99
CA VAL A 35 -2.72 -5.21 -9.25
C VAL A 35 -1.52 -5.94 -8.63
N MET A 36 -1.71 -7.17 -8.25
CA MET A 36 -0.57 -7.95 -7.66
C MET A 36 0.40 -8.37 -8.76
N ARG A 37 -0.08 -8.54 -9.96
CA ARG A 37 0.82 -8.95 -11.07
C ARG A 37 1.66 -7.76 -11.54
N SER A 38 1.22 -6.57 -11.28
CA SER A 38 2.00 -5.36 -11.71
C SER A 38 3.21 -5.16 -10.80
N LEU A 39 3.09 -5.48 -9.54
CA LEU A 39 4.23 -5.30 -8.60
C LEU A 39 5.28 -6.38 -8.84
N GLY A 40 4.86 -7.60 -8.99
CA GLY A 40 5.84 -8.71 -9.22
C GLY A 40 5.45 -9.93 -8.38
N GLN A 41 4.49 -10.67 -8.82
CA GLN A 41 4.07 -11.88 -8.05
C GLN A 41 2.98 -12.65 -8.81
N ASN A 42 2.43 -13.67 -8.21
CA ASN A 42 1.37 -14.45 -8.90
C ASN A 42 0.29 -14.89 -7.90
N PRO A 43 -0.73 -14.09 -7.81
CA PRO A 43 -1.85 -14.38 -6.88
C PRO A 43 -2.73 -15.51 -7.45
N THR A 44 -2.42 -16.74 -7.11
CA THR A 44 -3.23 -17.88 -7.64
C THR A 44 -4.68 -17.77 -7.16
N GLU A 45 -5.62 -18.19 -7.96
CA GLU A 45 -7.06 -18.11 -7.55
C GLU A 45 -7.25 -18.70 -6.14
N ALA A 46 -7.03 -19.97 -5.98
CA ALA A 46 -7.20 -20.59 -4.63
C ALA A 46 -6.59 -19.69 -3.56
N GLU A 47 -5.36 -19.28 -3.73
CA GLU A 47 -4.72 -18.39 -2.72
C GLU A 47 -5.44 -17.05 -2.67
N LEU A 48 -5.91 -16.57 -3.79
CA LEU A 48 -6.63 -15.27 -3.80
C LEU A 48 -7.89 -15.36 -2.95
N GLN A 49 -8.67 -16.39 -3.13
CA GLN A 49 -9.92 -16.53 -2.33
C GLN A 49 -9.57 -16.53 -0.84
N ASP A 50 -8.55 -17.26 -0.46
CA ASP A 50 -8.16 -17.30 0.98
C ASP A 50 -7.72 -15.90 1.41
N MET A 51 -7.24 -15.11 0.48
CA MET A 51 -6.79 -13.73 0.83
C MET A 51 -8.01 -12.83 1.05
N ILE A 52 -8.89 -12.77 0.09
CA ILE A 52 -10.10 -11.91 0.26
C ILE A 52 -11.03 -12.51 1.32
N ASN A 53 -10.80 -13.74 1.70
CA ASN A 53 -11.66 -14.36 2.74
C ASN A 53 -11.59 -13.54 4.02
N GLU A 54 -10.51 -12.82 4.20
CA GLU A 54 -10.35 -11.98 5.42
C GLU A 54 -11.12 -10.66 5.26
N VAL A 55 -10.95 -10.01 4.14
CA VAL A 55 -11.68 -8.72 3.90
C VAL A 55 -13.17 -9.00 3.72
N ASP A 56 -13.51 -10.22 3.43
CA ASP A 56 -14.95 -10.57 3.24
C ASP A 56 -15.70 -10.46 4.57
N ALA A 57 -15.67 -9.31 5.19
CA ALA A 57 -16.36 -9.13 6.49
C ALA A 57 -17.76 -9.80 6.45
N ASP A 58 -18.56 -9.41 5.49
CA ASP A 58 -19.93 -10.02 5.39
C ASP A 58 -19.82 -11.51 5.08
N GLY A 59 -18.96 -11.88 4.17
CA GLY A 59 -18.80 -13.32 3.83
C GLY A 59 -19.51 -13.61 2.51
N ASN A 60 -19.49 -12.69 1.58
CA ASN A 60 -20.16 -12.94 0.27
C ASN A 60 -19.13 -13.37 -0.78
N GLY A 61 -18.01 -12.70 -0.85
CA GLY A 61 -16.97 -13.08 -1.85
C GLY A 61 -16.30 -11.83 -2.42
N THR A 62 -17.07 -10.92 -2.94
CA THR A 62 -16.48 -9.67 -3.53
C THR A 62 -16.30 -8.61 -2.46
N ILE A 63 -15.40 -7.68 -2.68
CA ILE A 63 -15.18 -6.60 -1.68
C ILE A 63 -16.10 -5.41 -2.02
N ASP A 64 -16.64 -4.74 -1.02
CA ASP A 64 -17.54 -3.58 -1.32
C ASP A 64 -16.86 -2.25 -0.96
N PHE A 65 -17.51 -1.15 -1.23
CA PHE A 65 -16.92 0.19 -0.92
C PHE A 65 -16.79 0.40 0.60
N PRO A 66 -17.83 0.07 1.34
CA PRO A 66 -17.78 0.26 2.81
C PRO A 66 -16.79 -0.72 3.42
N GLU A 67 -16.73 -1.92 2.92
CA GLU A 67 -15.76 -2.90 3.47
C GLU A 67 -14.37 -2.29 3.48
N PHE A 68 -14.03 -1.60 2.42
CA PHE A 68 -12.68 -0.95 2.36
C PHE A 68 -12.56 0.12 3.44
N LEU A 69 -13.53 1.00 3.53
CA LEU A 69 -13.49 2.06 4.57
C LEU A 69 -13.24 1.46 5.95
N THR A 70 -13.62 0.22 6.15
CA THR A 70 -13.42 -0.41 7.49
C THR A 70 -12.15 -1.28 7.50
N MET A 71 -11.67 -1.69 6.36
CA MET A 71 -10.44 -2.54 6.34
C MET A 71 -9.18 -1.69 6.53
N MET A 72 -9.20 -0.47 6.09
CA MET A 72 -7.99 0.39 6.24
C MET A 72 -7.87 0.91 7.69
N ALA A 73 -8.87 0.70 8.51
CA ALA A 73 -8.79 1.21 9.91
C ALA A 73 -8.89 0.05 10.93
N ARG A 74 -9.35 -1.10 10.52
CA ARG A 74 -9.46 -2.25 11.47
C ARG A 74 -8.28 -3.20 11.31
N LYS A 75 -7.50 -3.02 10.30
CA LYS A 75 -6.34 -3.93 10.08
C LYS A 75 -5.07 -3.32 10.67
N MET A 76 -5.19 -2.26 11.43
CA MET A 76 -3.98 -1.64 12.03
C MET A 76 -3.78 -2.13 13.47
N LYS A 77 -4.74 -2.86 13.99
CA LYS A 77 -4.61 -3.37 15.38
C LYS A 77 -5.30 -4.73 15.50
N ASP A 78 -4.76 -5.74 14.89
CA ASP A 78 -5.38 -7.10 14.96
C ASP A 78 -4.31 -8.19 14.90
N THR A 79 -3.40 -8.09 13.97
CA THR A 79 -2.33 -9.13 13.86
C THR A 79 -1.16 -8.60 13.03
N ASP A 80 -1.44 -7.85 12.00
CA ASP A 80 -0.34 -7.32 11.15
C ASP A 80 -0.04 -5.85 11.52
N SER A 81 0.55 -5.63 12.67
CA SER A 81 0.86 -4.23 13.07
C SER A 81 2.20 -3.81 12.50
N GLU A 82 3.23 -4.58 12.72
CA GLU A 82 4.57 -4.22 12.18
C GLU A 82 4.85 -5.02 10.91
N GLU A 83 4.16 -6.10 10.70
CA GLU A 83 4.40 -6.91 9.48
C GLU A 83 3.94 -6.12 8.24
N GLU A 84 2.83 -5.44 8.36
CA GLU A 84 2.32 -4.64 7.20
C GLU A 84 3.43 -3.74 6.67
N ILE A 85 4.30 -3.28 7.52
CA ILE A 85 5.41 -2.40 7.05
C ILE A 85 6.49 -3.26 6.41
N ARG A 86 6.93 -4.28 7.10
CA ARG A 86 7.98 -5.16 6.53
C ARG A 86 7.59 -5.58 5.12
N GLU A 87 6.33 -5.87 4.90
CA GLU A 87 5.89 -6.26 3.54
C GLU A 87 5.98 -5.05 2.60
N ALA A 88 5.38 -3.94 2.97
CA ALA A 88 5.45 -2.74 2.09
C ALA A 88 6.92 -2.41 1.82
N PHE A 89 7.80 -2.79 2.73
CA PHE A 89 9.25 -2.51 2.51
C PHE A 89 9.76 -3.41 1.39
N ARG A 90 9.41 -4.66 1.42
CA ARG A 90 9.85 -5.60 0.35
C ARG A 90 9.39 -5.05 -1.01
N VAL A 91 8.22 -4.48 -1.05
CA VAL A 91 7.71 -3.93 -2.33
C VAL A 91 8.61 -2.75 -2.77
N PHE A 92 9.02 -1.92 -1.86
CA PHE A 92 9.90 -0.78 -2.23
C PHE A 92 11.25 -1.31 -2.70
N ASP A 93 11.68 -2.43 -2.16
CA ASP A 93 12.98 -3.02 -2.56
C ASP A 93 12.78 -4.00 -3.71
N LYS A 94 12.26 -3.53 -4.82
CA LYS A 94 12.03 -4.43 -5.99
C LYS A 94 13.17 -5.43 -6.14
N ASP A 95 14.38 -5.01 -5.94
CA ASP A 95 15.54 -5.95 -6.07
C ASP A 95 15.77 -6.68 -4.75
N GLY A 96 15.56 -6.03 -3.65
CA GLY A 96 15.76 -6.70 -2.33
C GLY A 96 17.25 -6.64 -1.96
N ASN A 97 17.87 -5.50 -2.13
CA ASN A 97 19.32 -5.40 -1.78
C ASN A 97 19.49 -4.85 -0.36
N GLY A 98 18.50 -4.15 0.13
CA GLY A 98 18.59 -3.59 1.52
C GLY A 98 18.62 -2.07 1.46
N TYR A 99 18.00 -1.48 0.47
CA TYR A 99 17.99 0.01 0.37
C TYR A 99 16.85 0.47 -0.54
N ILE A 100 16.31 1.63 -0.31
CA ILE A 100 15.21 2.11 -1.17
C ILE A 100 15.61 3.42 -1.87
N SER A 101 15.64 3.40 -3.18
CA SER A 101 16.03 4.64 -3.91
C SER A 101 14.80 5.28 -4.55
N ALA A 102 14.76 6.58 -4.62
CA ALA A 102 13.58 7.26 -5.24
C ALA A 102 13.17 6.52 -6.52
N ALA A 103 14.12 5.97 -7.23
CA ALA A 103 13.79 5.24 -8.48
C ALA A 103 12.85 4.07 -8.15
N GLU A 104 13.19 3.30 -7.15
CA GLU A 104 12.31 2.16 -6.78
C GLU A 104 10.90 2.67 -6.50
N LEU A 105 10.80 3.78 -5.82
CA LEU A 105 9.45 4.34 -5.53
C LEU A 105 8.71 4.63 -6.83
N ARG A 106 9.37 5.21 -7.78
CA ARG A 106 8.71 5.50 -9.09
C ARG A 106 8.18 4.21 -9.69
N HIS A 107 8.92 3.14 -9.58
CA HIS A 107 8.46 1.84 -10.13
C HIS A 107 7.18 1.41 -9.40
N VAL A 108 7.21 1.40 -8.10
CA VAL A 108 5.99 1.01 -7.35
C VAL A 108 4.87 2.02 -7.63
N MET A 109 5.23 3.21 -7.99
CA MET A 109 4.22 4.24 -8.29
C MET A 109 3.48 3.88 -9.58
N THR A 110 4.16 3.88 -10.69
CA THR A 110 3.48 3.54 -11.97
C THR A 110 2.74 2.21 -11.81
N ASN A 111 3.22 1.35 -10.95
CA ASN A 111 2.53 0.05 -10.75
C ASN A 111 1.32 0.26 -9.85
N LEU A 112 1.20 1.42 -9.26
CA LEU A 112 0.04 1.68 -8.37
C LEU A 112 -0.94 2.66 -9.04
N GLY A 113 -0.44 3.74 -9.57
CA GLY A 113 -1.35 4.72 -10.24
C GLY A 113 -0.60 6.01 -10.59
N GLU A 114 -0.06 6.69 -9.60
CA GLU A 114 0.66 7.96 -9.89
C GLU A 114 2.18 7.73 -9.93
N LYS A 115 2.90 8.61 -10.56
CA LYS A 115 4.38 8.46 -10.61
C LYS A 115 5.05 9.71 -10.05
N LEU A 116 4.27 10.63 -9.59
CA LEU A 116 4.83 11.88 -9.01
C LEU A 116 5.91 12.48 -9.91
N THR A 117 6.42 13.62 -9.55
CA THR A 117 7.49 14.25 -10.38
C THR A 117 8.86 13.74 -9.93
N ASP A 118 9.91 14.16 -10.55
CA ASP A 118 11.26 13.68 -10.13
C ASP A 118 11.72 14.44 -8.89
N GLU A 119 11.66 15.74 -8.94
CA GLU A 119 12.11 16.53 -7.75
C GLU A 119 11.29 16.10 -6.53
N GLU A 120 10.01 15.98 -6.68
CA GLU A 120 9.16 15.56 -5.53
C GLU A 120 9.62 14.19 -5.03
N VAL A 121 9.72 13.23 -5.92
CA VAL A 121 10.18 11.88 -5.51
C VAL A 121 11.48 11.98 -4.72
N ASP A 122 12.37 12.84 -5.16
CA ASP A 122 13.65 13.01 -4.43
C ASP A 122 13.42 13.73 -3.10
N GLU A 123 12.54 14.69 -3.09
CA GLU A 123 12.26 15.43 -1.83
C GLU A 123 11.55 14.51 -0.83
N MET A 124 10.88 13.50 -1.31
CA MET A 124 10.17 12.57 -0.39
C MET A 124 11.18 11.68 0.33
N ILE A 125 11.99 10.95 -0.42
CA ILE A 125 12.99 10.07 0.23
C ILE A 125 13.95 10.91 1.08
N ARG A 126 14.53 11.92 0.49
CA ARG A 126 15.47 12.79 1.26
C ARG A 126 14.82 13.23 2.58
N GLU A 127 13.65 13.79 2.51
CA GLU A 127 12.96 14.25 3.76
C GLU A 127 12.87 13.10 4.76
N ALA A 128 12.83 11.88 4.28
CA ALA A 128 12.75 10.71 5.22
C ALA A 128 14.16 10.22 5.57
N ASP A 129 15.14 10.57 4.79
CA ASP A 129 16.54 10.12 5.09
C ASP A 129 17.14 10.97 6.22
N ILE A 130 16.66 10.80 7.42
CA ILE A 130 17.21 11.60 8.55
C ILE A 130 18.69 11.24 8.76
N ASP A 131 19.02 9.98 8.67
CA ASP A 131 20.45 9.56 8.86
C ASP A 131 21.32 10.18 7.76
N GLY A 132 20.81 10.29 6.56
CA GLY A 132 21.62 10.89 5.46
C GLY A 132 22.32 9.80 4.64
N ASP A 133 21.58 9.09 3.83
CA ASP A 133 22.22 8.03 2.99
C ASP A 133 21.73 8.14 1.55
N GLY A 134 20.92 9.12 1.26
CA GLY A 134 20.40 9.27 -0.13
C GLY A 134 19.39 8.16 -0.42
N GLN A 135 19.08 7.35 0.56
CA GLN A 135 18.10 6.25 0.35
C GLN A 135 17.47 5.85 1.68
N VAL A 136 16.44 5.06 1.66
CA VAL A 136 15.79 4.63 2.93
C VAL A 136 16.12 3.16 3.21
N ASN A 137 16.55 2.85 4.40
CA ASN A 137 16.88 1.44 4.74
C ASN A 137 15.73 0.80 5.51
N TYR A 138 16.02 -0.19 6.33
CA TYR A 138 14.95 -0.85 7.11
C TYR A 138 14.49 0.05 8.26
N GLU A 139 15.32 0.25 9.24
CA GLU A 139 14.93 1.13 10.38
C GLU A 139 14.32 2.43 9.86
N GLU A 140 14.92 3.02 8.87
CA GLU A 140 14.36 4.28 8.31
C GLU A 140 12.89 4.07 7.93
N PHE A 141 12.63 3.17 7.02
CA PHE A 141 11.22 2.91 6.61
C PHE A 141 10.31 2.88 7.84
N VAL A 142 10.82 2.42 8.95
CA VAL A 142 9.97 2.36 10.18
C VAL A 142 10.29 3.55 11.11
N GLN A 143 11.39 4.20 10.90
CA GLN A 143 11.75 5.36 11.78
C GLN A 143 10.95 6.60 11.39
N MET A 144 10.56 6.70 10.14
CA MET A 144 9.79 7.90 9.71
C MET A 144 8.29 7.61 9.79
N MET A 145 7.92 6.39 10.00
CA MET A 145 6.47 6.05 10.09
C MET A 145 6.05 5.89 11.56
N THR A 146 6.97 5.57 12.42
CA THR A 146 6.61 5.39 13.85
C THR A 146 7.44 6.33 14.75
N ALA A 147 8.61 6.70 14.30
CA ALA A 147 9.46 7.61 15.12
C ALA A 147 9.36 9.04 14.59
N LYS A 148 8.18 9.62 14.65
CA LYS A 148 8.01 11.01 14.16
C LYS A 148 9.19 11.89 14.62
N VAL B 1 6.44 -19.97 1.82
CA VAL B 1 5.57 -18.78 2.03
C VAL B 1 5.91 -17.69 0.97
N LYS B 2 5.71 -16.44 1.31
CA LYS B 2 6.03 -15.36 0.33
C LYS B 2 5.26 -15.59 -0.98
N LEU B 3 4.28 -14.76 -1.27
CA LEU B 3 3.50 -14.95 -2.51
C LEU B 3 2.50 -13.79 -2.70
N ILE B 4 1.97 -13.27 -1.62
CA ILE B 4 1.00 -12.15 -1.73
C ILE B 4 1.15 -11.22 -0.52
N PRO B 5 1.43 -9.96 -0.80
CA PRO B 5 1.62 -8.97 0.28
C PRO B 5 0.30 -8.63 1.00
N SER B 6 -0.26 -9.60 1.69
CA SER B 6 -1.55 -9.36 2.45
C SER B 6 -2.44 -8.32 1.74
N TRP B 7 -3.20 -7.57 2.50
CA TRP B 7 -4.11 -6.55 1.92
C TRP B 7 -3.59 -5.14 2.19
N THR B 8 -3.73 -4.70 3.41
CA THR B 8 -3.27 -3.32 3.76
C THR B 8 -1.90 -3.06 3.15
N THR B 9 -1.05 -4.05 3.11
CA THR B 9 0.30 -3.83 2.51
C THR B 9 0.13 -3.07 1.20
N VAL B 10 -0.69 -3.57 0.33
CA VAL B 10 -0.93 -2.86 -0.95
C VAL B 10 -1.43 -1.45 -0.64
N ILE B 11 -2.29 -1.34 0.35
CA ILE B 11 -2.80 0.00 0.73
C ILE B 11 -1.70 0.81 1.43
N LEU B 12 -0.71 0.13 1.92
CA LEU B 12 0.40 0.84 2.62
C LEU B 12 1.28 1.56 1.59
N VAL B 13 1.70 0.86 0.58
CA VAL B 13 2.55 1.47 -0.47
C VAL B 13 1.78 2.57 -1.22
N LYS B 14 0.56 2.30 -1.63
CA LYS B 14 -0.21 3.34 -2.36
C LYS B 14 -0.52 4.51 -1.42
N SER B 15 -0.69 4.23 -0.16
CA SER B 15 -0.97 5.34 0.79
C SER B 15 0.33 6.06 1.13
N MET B 16 1.45 5.48 0.79
CA MET B 16 2.76 6.13 1.09
C MET B 16 3.06 7.21 0.05
N LEU B 17 2.80 6.95 -1.21
CA LEU B 17 3.06 7.99 -2.25
C LEU B 17 2.53 9.34 -1.77
N ARG B 18 1.25 9.37 -1.45
CA ARG B 18 0.57 10.60 -0.94
C ARG B 18 1.36 11.88 -1.17
N LYS B 19 1.38 12.36 -2.36
CA LYS B 19 2.07 13.64 -2.65
C LYS B 19 3.47 13.74 -1.98
N ARG B 20 4.44 13.03 -2.48
CA ARG B 20 5.84 13.12 -1.91
C ARG B 20 5.85 13.01 -0.37
N SER B 21 4.78 12.59 0.24
CA SER B 21 4.79 12.46 1.74
C SER B 21 4.69 11.01 2.15
N PHE B 22 5.71 10.48 2.77
CA PHE B 22 5.64 9.07 3.20
C PHE B 22 4.44 8.88 4.12
N GLY B 23 4.16 9.88 4.92
CA GLY B 23 2.98 9.82 5.84
C GLY B 23 3.13 8.67 6.82
N ASN B 24 2.64 8.83 8.00
CA ASN B 24 2.72 7.74 9.01
C ASN B 24 1.38 7.55 9.73
N PRO B 25 0.30 7.56 8.97
CA PRO B 25 -1.05 7.39 9.57
C PRO B 25 -1.32 5.90 9.88
N PHE B 26 -0.30 5.11 10.10
CA PHE B 26 -0.53 3.66 10.39
C PHE B 26 -0.06 3.32 11.81
CA CA C . -14.49 -4.20 -9.96
CA CA D . -17.04 -8.90 1.03
CA CA E . 16.55 -1.62 -3.53
CA CA F . 19.27 6.94 4.76
N ALA A 1 -13.43 24.08 11.47
CA ALA A 1 -14.60 24.08 10.55
C ALA A 1 -15.60 22.98 10.95
N ASP A 2 -16.82 23.10 10.55
CA ASP A 2 -17.84 22.06 10.90
C ASP A 2 -18.12 21.16 9.69
N GLN A 3 -17.22 21.10 8.75
CA GLN A 3 -17.44 20.24 7.56
C GLN A 3 -17.09 18.79 7.87
N LEU A 4 -17.04 17.95 6.88
CA LEU A 4 -16.71 16.52 7.13
C LEU A 4 -15.32 16.18 6.60
N THR A 5 -14.95 14.93 6.60
CA THR A 5 -13.60 14.56 6.10
C THR A 5 -13.69 14.09 4.64
N GLU A 6 -13.47 14.97 3.70
CA GLU A 6 -13.54 14.57 2.27
C GLU A 6 -12.15 14.26 1.74
N GLU A 7 -11.15 14.95 2.21
CA GLU A 7 -9.76 14.70 1.73
C GLU A 7 -9.33 13.27 2.09
N GLN A 8 -9.54 12.88 3.33
CA GLN A 8 -9.15 11.51 3.74
C GLN A 8 -10.00 10.46 3.01
N ILE A 9 -11.29 10.67 2.95
CA ILE A 9 -12.16 9.69 2.24
C ILE A 9 -11.86 9.70 0.74
N ALA A 10 -11.61 10.85 0.18
CA ALA A 10 -11.30 10.91 -1.28
C ALA A 10 -10.09 10.02 -1.58
N GLU A 11 -8.96 10.32 -1.02
CA GLU A 11 -7.76 9.48 -1.26
C GLU A 11 -8.11 8.01 -1.07
N PHE A 12 -8.87 7.69 -0.06
CA PHE A 12 -9.26 6.27 0.16
C PHE A 12 -9.85 5.71 -1.13
N LYS A 13 -10.74 6.45 -1.75
CA LYS A 13 -11.34 5.96 -3.02
C LYS A 13 -10.22 5.71 -4.03
N GLU A 14 -9.18 6.50 -3.99
CA GLU A 14 -8.05 6.30 -4.94
C GLU A 14 -7.50 4.88 -4.80
N ALA A 15 -7.20 4.46 -3.60
CA ALA A 15 -6.67 3.08 -3.41
C ALA A 15 -7.69 2.07 -3.90
N PHE A 16 -8.92 2.26 -3.55
CA PHE A 16 -9.98 1.31 -4.01
C PHE A 16 -10.11 1.39 -5.52
N SER A 17 -10.15 2.57 -6.07
CA SER A 17 -10.27 2.71 -7.55
C SER A 17 -9.04 2.12 -8.23
N LEU A 18 -7.91 2.19 -7.57
CA LEU A 18 -6.66 1.64 -8.17
C LEU A 18 -6.81 0.13 -8.38
N PHE A 19 -7.30 -0.57 -7.41
CA PHE A 19 -7.48 -2.04 -7.56
C PHE A 19 -8.62 -2.35 -8.53
N ASP A 20 -9.57 -1.46 -8.64
CA ASP A 20 -10.71 -1.70 -9.58
C ASP A 20 -10.33 -1.29 -11.00
N LYS A 21 -10.37 -2.21 -11.94
CA LYS A 21 -10.01 -1.86 -13.34
C LYS A 21 -11.14 -1.07 -14.00
N ASP A 22 -12.36 -1.39 -13.71
CA ASP A 22 -13.51 -0.66 -14.31
C ASP A 22 -13.93 0.51 -13.41
N GLY A 23 -13.96 0.29 -12.13
CA GLY A 23 -14.37 1.38 -11.20
C GLY A 23 -15.84 1.22 -10.84
N ASP A 24 -16.26 0.04 -10.48
CA ASP A 24 -17.69 -0.18 -10.12
C ASP A 24 -17.85 -0.29 -8.60
N GLY A 25 -16.75 -0.34 -7.89
CA GLY A 25 -16.84 -0.45 -6.40
C GLY A 25 -16.86 -1.92 -5.99
N THR A 26 -16.16 -2.75 -6.70
CA THR A 26 -16.15 -4.20 -6.36
C THR A 26 -14.87 -4.87 -6.87
N ILE A 27 -13.96 -5.21 -6.00
CA ILE A 27 -12.68 -5.86 -6.45
C ILE A 27 -12.80 -7.39 -6.35
N THR A 28 -12.68 -8.07 -7.46
CA THR A 28 -12.78 -9.56 -7.43
C THR A 28 -11.37 -10.18 -7.45
N THR A 29 -11.29 -11.48 -7.32
CA THR A 29 -9.94 -12.14 -7.32
C THR A 29 -9.22 -11.85 -8.64
N LYS A 30 -9.95 -11.70 -9.71
CA LYS A 30 -9.31 -11.41 -11.02
C LYS A 30 -8.74 -9.98 -11.03
N GLU A 31 -9.56 -9.01 -10.75
CA GLU A 31 -9.07 -7.60 -10.74
C GLU A 31 -7.87 -7.48 -9.79
N LEU A 32 -8.10 -7.58 -8.51
CA LEU A 32 -6.97 -7.47 -7.55
C LEU A 32 -5.79 -8.29 -8.04
N GLY A 33 -6.04 -9.46 -8.54
CA GLY A 33 -4.93 -10.31 -9.06
C GLY A 33 -4.17 -9.54 -10.12
N THR A 34 -4.87 -8.86 -10.99
CA THR A 34 -4.19 -8.07 -12.06
C THR A 34 -3.29 -7.01 -11.43
N VAL A 35 -3.82 -6.23 -10.53
CA VAL A 35 -2.99 -5.17 -9.87
C VAL A 35 -1.78 -5.82 -9.20
N MET A 36 -1.99 -6.94 -8.54
CA MET A 36 -0.84 -7.61 -7.87
C MET A 36 0.20 -8.01 -8.92
N ARG A 37 -0.25 -8.52 -10.04
CA ARG A 37 0.70 -8.91 -11.12
C ARG A 37 1.62 -7.73 -11.43
N SER A 38 1.06 -6.54 -11.47
CA SER A 38 1.89 -5.34 -11.76
C SER A 38 2.78 -5.03 -10.55
N LEU A 39 2.22 -5.09 -9.37
CA LEU A 39 3.02 -4.82 -8.14
C LEU A 39 4.38 -5.52 -8.24
N GLY A 40 4.44 -6.58 -9.00
CA GLY A 40 5.74 -7.31 -9.15
C GLY A 40 5.66 -8.63 -8.38
N GLN A 41 4.52 -9.29 -8.42
CA GLN A 41 4.39 -10.59 -7.69
C GLN A 41 3.46 -11.53 -8.46
N ASN A 42 3.46 -12.79 -8.11
CA ASN A 42 2.58 -13.76 -8.80
C ASN A 42 1.74 -14.52 -7.76
N PRO A 43 0.61 -13.97 -7.45
CA PRO A 43 -0.29 -14.58 -6.44
C PRO A 43 -0.96 -15.84 -7.01
N THR A 44 -1.46 -16.69 -6.15
CA THR A 44 -2.13 -17.94 -6.63
C THR A 44 -3.65 -17.75 -6.61
N GLU A 45 -4.37 -18.60 -7.28
CA GLU A 45 -5.85 -18.46 -7.30
C GLU A 45 -6.42 -18.78 -5.91
N ALA A 46 -6.38 -20.02 -5.50
CA ALA A 46 -6.91 -20.38 -4.16
C ALA A 46 -6.47 -19.34 -3.12
N GLU A 47 -5.20 -19.10 -3.02
CA GLU A 47 -4.72 -18.09 -2.03
C GLU A 47 -5.43 -16.76 -2.25
N LEU A 48 -5.61 -16.36 -3.48
CA LEU A 48 -6.31 -15.07 -3.74
C LEU A 48 -7.67 -15.07 -3.07
N GLN A 49 -8.39 -16.16 -3.14
CA GLN A 49 -9.72 -16.22 -2.49
C GLN A 49 -9.53 -16.17 -0.97
N ASP A 50 -8.39 -16.57 -0.50
CA ASP A 50 -8.13 -16.55 0.97
C ASP A 50 -7.98 -15.10 1.45
N MET A 51 -7.20 -14.33 0.76
CA MET A 51 -7.02 -12.90 1.16
C MET A 51 -8.27 -12.10 0.84
N ILE A 52 -8.92 -12.42 -0.24
CA ILE A 52 -10.17 -11.69 -0.61
C ILE A 52 -11.23 -11.91 0.48
N ASN A 53 -11.22 -13.05 1.11
CA ASN A 53 -12.22 -13.32 2.18
C ASN A 53 -11.82 -12.58 3.46
N GLU A 54 -10.56 -12.23 3.57
CA GLU A 54 -10.10 -11.50 4.79
C GLU A 54 -10.83 -10.16 4.91
N VAL A 55 -11.05 -9.50 3.80
CA VAL A 55 -11.76 -8.18 3.85
C VAL A 55 -13.27 -8.38 3.69
N ASP A 56 -13.67 -9.39 2.94
CA ASP A 56 -15.13 -9.63 2.74
C ASP A 56 -15.78 -10.00 4.07
N ALA A 57 -15.92 -9.05 4.95
CA ALA A 57 -16.55 -9.34 6.28
C ALA A 57 -18.07 -9.54 6.12
N ASP A 58 -18.63 -9.11 5.03
CA ASP A 58 -20.10 -9.28 4.83
C ASP A 58 -20.39 -10.48 3.92
N GLY A 59 -19.52 -10.75 3.00
CA GLY A 59 -19.76 -11.91 2.08
C GLY A 59 -20.50 -11.45 0.83
N ASN A 60 -20.12 -10.32 0.29
CA ASN A 60 -20.82 -9.82 -0.94
C ASN A 60 -20.22 -10.47 -2.19
N GLY A 61 -19.06 -11.06 -2.06
CA GLY A 61 -18.41 -11.71 -3.23
C GLY A 61 -17.31 -10.80 -3.78
N THR A 62 -17.23 -9.60 -3.27
CA THR A 62 -16.18 -8.66 -3.75
C THR A 62 -15.92 -7.57 -2.70
N ILE A 63 -14.87 -6.81 -2.88
CA ILE A 63 -14.56 -5.74 -1.89
C ILE A 63 -15.38 -4.48 -2.21
N ASP A 64 -15.96 -3.86 -1.21
CA ASP A 64 -16.77 -2.64 -1.47
C ASP A 64 -16.11 -1.40 -0.84
N PHE A 65 -16.66 -0.24 -1.08
CA PHE A 65 -16.07 1.01 -0.51
C PHE A 65 -16.03 0.98 1.02
N PRO A 66 -17.14 0.65 1.64
CA PRO A 66 -17.19 0.60 3.13
C PRO A 66 -16.27 -0.51 3.65
N GLU A 67 -16.22 -1.62 2.98
CA GLU A 67 -15.32 -2.71 3.44
C GLU A 67 -13.91 -2.17 3.62
N PHE A 68 -13.51 -1.23 2.79
CA PHE A 68 -12.14 -0.64 2.91
C PHE A 68 -12.09 0.36 4.07
N LEU A 69 -13.13 1.14 4.23
CA LEU A 69 -13.13 2.15 5.33
C LEU A 69 -12.88 1.48 6.69
N THR A 70 -13.28 0.25 6.84
CA THR A 70 -13.07 -0.44 8.16
C THR A 70 -11.80 -1.32 8.14
N MET A 71 -11.78 -2.32 7.31
CA MET A 71 -10.58 -3.22 7.25
C MET A 71 -9.27 -2.43 7.27
N MET A 72 -9.23 -1.30 6.60
CA MET A 72 -7.97 -0.50 6.57
C MET A 72 -7.63 0.06 7.97
N ALA A 73 -8.51 -0.06 8.92
CA ALA A 73 -8.21 0.51 10.28
C ALA A 73 -8.23 -0.58 11.37
N ARG A 74 -8.67 -1.76 11.05
CA ARG A 74 -8.71 -2.84 12.09
C ARG A 74 -7.38 -3.62 12.14
N LYS A 75 -6.57 -3.52 11.14
CA LYS A 75 -5.27 -4.28 11.16
C LYS A 75 -4.10 -3.37 11.55
N MET A 76 -4.32 -2.08 11.66
CA MET A 76 -3.21 -1.16 12.03
C MET A 76 -3.29 -0.79 13.52
N LYS A 77 -3.88 -1.63 14.33
CA LYS A 77 -3.97 -1.31 15.78
C LYS A 77 -4.15 -2.59 16.61
N ASP A 78 -3.06 -3.24 16.95
CA ASP A 78 -3.16 -4.50 17.76
C ASP A 78 -1.80 -4.82 18.41
N THR A 79 -1.10 -5.81 17.92
CA THR A 79 0.23 -6.15 18.51
C THR A 79 1.22 -6.58 17.41
N ASP A 80 0.83 -6.47 16.16
CA ASP A 80 1.75 -6.87 15.06
C ASP A 80 1.61 -5.89 13.89
N SER A 81 1.94 -4.66 14.11
CA SER A 81 1.83 -3.64 13.03
C SER A 81 3.22 -3.39 12.44
N GLU A 82 4.23 -3.47 13.25
CA GLU A 82 5.60 -3.24 12.75
C GLU A 82 6.00 -4.36 11.80
N GLU A 83 5.37 -5.51 11.92
CA GLU A 83 5.70 -6.64 11.02
C GLU A 83 5.13 -6.38 9.62
N GLU A 84 4.00 -5.76 9.55
CA GLU A 84 3.39 -5.48 8.21
C GLU A 84 4.22 -4.43 7.47
N ILE A 85 5.01 -3.68 8.17
CA ILE A 85 5.85 -2.65 7.49
C ILE A 85 6.94 -3.34 6.70
N ARG A 86 7.50 -4.38 7.25
CA ARG A 86 8.55 -5.12 6.52
C ARG A 86 7.98 -5.61 5.18
N GLU A 87 6.69 -5.82 5.12
CA GLU A 87 6.07 -6.27 3.85
C GLU A 87 6.08 -5.11 2.85
N ALA A 88 5.48 -4.00 3.20
CA ALA A 88 5.49 -2.85 2.24
C ALA A 88 6.93 -2.52 1.86
N PHE A 89 7.86 -2.82 2.72
CA PHE A 89 9.28 -2.55 2.39
C PHE A 89 9.71 -3.44 1.24
N ARG A 90 9.50 -4.73 1.35
CA ARG A 90 9.88 -5.64 0.25
C ARG A 90 9.34 -5.09 -1.07
N VAL A 91 8.19 -4.47 -1.02
CA VAL A 91 7.60 -3.89 -2.27
C VAL A 91 8.48 -2.72 -2.75
N PHE A 92 8.91 -1.89 -1.85
CA PHE A 92 9.78 -0.73 -2.26
C PHE A 92 11.20 -1.23 -2.54
N ASP A 93 11.56 -2.34 -1.95
CA ASP A 93 12.93 -2.90 -2.18
C ASP A 93 12.89 -4.02 -3.20
N LYS A 94 12.59 -3.69 -4.43
CA LYS A 94 12.53 -4.74 -5.50
C LYS A 94 13.64 -5.77 -5.31
N ASP A 95 14.83 -5.31 -5.04
CA ASP A 95 15.97 -6.25 -4.83
C ASP A 95 15.96 -6.77 -3.39
N GLY A 96 15.35 -6.04 -2.49
CA GLY A 96 15.29 -6.49 -1.06
C GLY A 96 16.70 -6.55 -0.49
N ASN A 97 17.45 -5.50 -0.62
CA ASN A 97 18.84 -5.50 -0.07
C ASN A 97 18.88 -4.77 1.28
N GLY A 98 17.97 -3.86 1.49
CA GLY A 98 17.96 -3.12 2.79
C GLY A 98 18.08 -1.61 2.52
N TYR A 99 17.80 -1.18 1.32
CA TYR A 99 17.91 0.27 1.00
C TYR A 99 16.96 0.63 -0.14
N ILE A 100 16.18 1.66 0.01
CA ILE A 100 15.24 2.06 -1.07
C ILE A 100 15.76 3.29 -1.81
N SER A 101 15.33 3.48 -3.02
CA SER A 101 15.79 4.66 -3.81
C SER A 101 14.62 5.23 -4.61
N ALA A 102 14.61 6.53 -4.81
CA ALA A 102 13.48 7.13 -5.59
C ALA A 102 13.18 6.29 -6.83
N ALA A 103 14.19 5.65 -7.37
CA ALA A 103 13.96 4.80 -8.57
C ALA A 103 13.12 3.58 -8.18
N GLU A 104 13.46 2.94 -7.09
CA GLU A 104 12.67 1.76 -6.65
C GLU A 104 11.23 2.18 -6.34
N LEU A 105 11.06 3.23 -5.59
CA LEU A 105 9.70 3.70 -5.27
C LEU A 105 8.96 4.08 -6.55
N ARG A 106 9.66 4.70 -7.47
CA ARG A 106 9.00 5.08 -8.75
C ARG A 106 8.48 3.83 -9.46
N HIS A 107 9.12 2.71 -9.25
CA HIS A 107 8.65 1.46 -9.93
C HIS A 107 7.43 0.90 -9.19
N VAL A 108 7.35 1.10 -7.91
CA VAL A 108 6.18 0.59 -7.16
C VAL A 108 4.95 1.46 -7.45
N MET A 109 5.14 2.74 -7.60
CA MET A 109 4.00 3.62 -7.90
C MET A 109 3.54 3.42 -9.35
N THR A 110 4.47 3.28 -10.25
CA THR A 110 4.09 3.06 -11.67
C THR A 110 3.45 1.68 -11.83
N ASN A 111 3.81 0.76 -10.98
CA ASN A 111 3.22 -0.60 -11.06
C ASN A 111 1.96 -0.65 -10.20
N LEU A 112 1.77 0.34 -9.36
CA LEU A 112 0.56 0.36 -8.49
C LEU A 112 -0.55 1.18 -9.16
N GLY A 113 -0.20 2.18 -9.92
CA GLY A 113 -1.23 3.01 -10.60
C GLY A 113 -0.70 4.41 -10.90
N GLU A 114 -0.37 5.17 -9.88
CA GLU A 114 0.15 6.56 -10.12
C GLU A 114 1.68 6.55 -10.15
N LYS A 115 2.26 7.53 -10.79
CA LYS A 115 3.75 7.60 -10.85
C LYS A 115 4.23 8.94 -10.33
N LEU A 116 3.36 9.68 -9.71
CA LEU A 116 3.74 11.01 -9.16
C LEU A 116 4.65 11.75 -10.14
N THR A 117 5.31 12.76 -9.68
CA THR A 117 6.22 13.54 -10.57
C THR A 117 7.67 13.10 -10.33
N ASP A 118 8.61 13.84 -10.81
CA ASP A 118 10.05 13.47 -10.59
C ASP A 118 10.61 14.25 -9.40
N GLU A 119 10.60 15.54 -9.48
CA GLU A 119 11.12 16.36 -8.36
C GLU A 119 10.32 16.04 -7.09
N GLU A 120 9.07 15.69 -7.24
CA GLU A 120 8.25 15.34 -6.05
C GLU A 120 8.74 14.03 -5.46
N VAL A 121 8.93 13.03 -6.28
CA VAL A 121 9.42 11.72 -5.77
C VAL A 121 10.75 11.93 -5.05
N ASP A 122 11.62 12.72 -5.60
CA ASP A 122 12.93 12.96 -4.95
C ASP A 122 12.74 13.76 -3.67
N GLU A 123 11.88 14.74 -3.70
CA GLU A 123 11.64 15.57 -2.49
C GLU A 123 11.03 14.70 -1.38
N MET A 124 10.27 13.71 -1.75
CA MET A 124 9.66 12.82 -0.72
C MET A 124 10.73 11.98 -0.03
N ILE A 125 11.66 11.45 -0.79
CA ILE A 125 12.73 10.62 -0.17
C ILE A 125 13.74 11.51 0.57
N ARG A 126 13.84 12.75 0.21
CA ARG A 126 14.81 13.66 0.89
C ARG A 126 14.29 14.05 2.28
N GLU A 127 13.02 14.30 2.40
CA GLU A 127 12.46 14.68 3.73
C GLU A 127 12.33 13.45 4.63
N ALA A 128 12.55 12.28 4.08
CA ALA A 128 12.45 11.05 4.91
C ALA A 128 13.84 10.54 5.31
N ASP A 129 14.82 10.79 4.47
CA ASP A 129 16.20 10.32 4.80
C ASP A 129 16.61 10.82 6.19
N ILE A 130 16.55 9.96 7.18
CA ILE A 130 16.94 10.39 8.56
C ILE A 130 18.44 10.66 8.60
N ASP A 131 19.20 10.01 7.75
CA ASP A 131 20.67 10.23 7.75
C ASP A 131 21.06 11.13 6.57
N GLY A 132 20.27 11.13 5.53
CA GLY A 132 20.59 11.98 4.35
C GLY A 132 21.61 11.26 3.46
N ASP A 133 21.18 10.25 2.76
CA ASP A 133 22.13 9.51 1.87
C ASP A 133 21.51 9.33 0.47
N GLY A 134 20.32 9.82 0.29
CA GLY A 134 19.66 9.68 -1.05
C GLY A 134 18.82 8.40 -1.09
N GLN A 135 18.84 7.63 -0.04
CA GLN A 135 18.05 6.37 -0.02
C GLN A 135 17.45 6.13 1.37
N VAL A 136 16.44 5.33 1.47
CA VAL A 136 15.82 5.06 2.79
C VAL A 136 16.18 3.65 3.27
N ASN A 137 16.83 3.54 4.40
CA ASN A 137 17.20 2.19 4.91
C ASN A 137 16.01 1.56 5.63
N TYR A 138 16.08 0.28 5.91
CA TYR A 138 14.95 -0.40 6.60
C TYR A 138 14.68 0.28 7.94
N GLU A 139 15.69 0.50 8.73
CA GLU A 139 15.48 1.17 10.05
C GLU A 139 14.72 2.48 9.86
N GLU A 140 14.89 3.12 8.74
CA GLU A 140 14.18 4.40 8.49
C GLU A 140 12.73 4.11 8.05
N PHE A 141 12.57 3.29 7.04
CA PHE A 141 11.19 2.96 6.57
C PHE A 141 10.33 2.55 7.77
N VAL A 142 10.94 2.13 8.84
CA VAL A 142 10.17 1.72 10.04
C VAL A 142 10.03 2.90 11.02
N GLN A 143 11.13 3.40 11.52
CA GLN A 143 11.07 4.54 12.48
C GLN A 143 10.08 5.59 11.97
N MET A 144 10.20 5.98 10.74
CA MET A 144 9.26 7.00 10.18
C MET A 144 7.81 6.52 10.28
N MET A 145 7.60 5.25 10.44
CA MET A 145 6.21 4.73 10.53
C MET A 145 5.82 4.49 11.99
N THR A 146 6.78 4.27 12.85
CA THR A 146 6.46 4.03 14.29
C THR A 146 7.33 4.94 15.19
N ALA A 147 7.16 6.22 15.08
CA ALA A 147 7.96 7.15 15.92
C ALA A 147 7.14 7.62 17.13
N LYS A 148 6.36 6.73 17.70
CA LYS A 148 5.54 7.12 18.88
C LYS A 148 5.33 5.91 19.81
N VAL B 1 6.82 -16.92 5.63
CA VAL B 1 5.90 -15.88 6.16
C VAL B 1 5.88 -14.66 5.24
N LYS B 2 7.02 -14.26 4.74
CA LYS B 2 7.07 -13.09 3.83
C LYS B 2 7.02 -13.54 2.36
N LEU B 3 5.90 -13.36 1.71
CA LEU B 3 5.78 -13.79 0.29
C LEU B 3 4.88 -12.82 -0.49
N ILE B 4 3.71 -12.54 0.01
CA ILE B 4 2.79 -11.60 -0.70
C ILE B 4 2.17 -10.62 0.30
N PRO B 5 1.90 -9.43 -0.16
CA PRO B 5 1.29 -8.39 0.71
C PRO B 5 -0.12 -8.81 1.14
N SER B 6 -0.35 -8.88 2.42
CA SER B 6 -1.70 -9.30 2.91
C SER B 6 -2.70 -8.13 2.84
N TRP B 7 -3.23 -7.87 1.67
CA TRP B 7 -4.22 -6.76 1.54
C TRP B 7 -3.69 -5.46 2.16
N THR B 8 -3.90 -5.28 3.45
CA THR B 8 -3.42 -4.03 4.11
C THR B 8 -2.01 -3.66 3.65
N THR B 9 -1.23 -4.63 3.28
CA THR B 9 0.15 -4.32 2.82
C THR B 9 0.08 -3.52 1.51
N VAL B 10 -0.72 -3.98 0.58
CA VAL B 10 -0.84 -3.23 -0.71
C VAL B 10 -1.37 -1.82 -0.46
N ILE B 11 -2.40 -1.70 0.34
CA ILE B 11 -2.96 -0.35 0.63
C ILE B 11 -1.87 0.51 1.27
N LEU B 12 -0.98 -0.09 1.98
CA LEU B 12 0.10 0.69 2.64
C LEU B 12 0.99 1.36 1.58
N VAL B 13 1.55 0.60 0.68
CA VAL B 13 2.43 1.21 -0.37
C VAL B 13 1.68 2.31 -1.11
N LYS B 14 0.43 2.11 -1.42
CA LYS B 14 -0.33 3.17 -2.13
C LYS B 14 -0.64 4.32 -1.19
N SER B 15 -1.05 4.00 0.01
CA SER B 15 -1.34 5.07 1.00
C SER B 15 -0.03 5.78 1.38
N MET B 16 1.08 5.25 0.94
CA MET B 16 2.39 5.87 1.29
C MET B 16 2.83 6.86 0.20
N LEU B 17 3.02 6.39 -1.01
CA LEU B 17 3.45 7.31 -2.08
C LEU B 17 2.26 7.69 -2.98
N ARG B 18 1.62 8.75 -2.64
CA ARG B 18 0.45 9.23 -3.43
C ARG B 18 0.67 10.69 -3.86
N LYS B 19 1.30 11.48 -3.02
CA LYS B 19 1.56 12.90 -3.37
C LYS B 19 2.99 13.31 -2.97
N ARG B 20 3.24 13.46 -1.70
CA ARG B 20 4.61 13.87 -1.25
C ARG B 20 4.77 13.53 0.24
N SER B 21 4.01 12.59 0.72
CA SER B 21 4.10 12.21 2.16
C SER B 21 4.92 10.91 2.33
N PHE B 22 5.30 10.61 3.55
CA PHE B 22 6.09 9.36 3.79
C PHE B 22 5.88 8.86 5.23
N GLY B 23 4.85 9.34 5.89
CA GLY B 23 4.59 8.90 7.29
C GLY B 23 3.17 8.34 7.37
N ASN B 24 3.02 7.13 7.85
CA ASN B 24 1.66 6.53 7.94
C ASN B 24 1.22 6.37 9.40
N PRO B 25 -0.01 6.73 9.64
CA PRO B 25 -0.58 6.61 11.00
C PRO B 25 -1.05 5.17 11.25
N PHE B 26 -0.69 4.26 10.38
CA PHE B 26 -1.12 2.84 10.54
C PHE B 26 -0.96 2.41 12.01
CA CA C . -14.38 -3.88 -10.23
CA CA D . -18.18 -7.42 0.28
CA CA E . 16.85 -1.78 -2.99
CA CA F . 18.94 6.71 4.60
N ALA A 1 -13.62 18.72 5.53
CA ALA A 1 -13.40 20.17 5.24
C ALA A 1 -14.75 20.88 5.04
N ASP A 2 -15.44 20.57 3.97
CA ASP A 2 -16.76 21.22 3.71
C ASP A 2 -17.90 20.24 4.03
N GLN A 3 -17.91 19.10 3.41
CA GLN A 3 -18.99 18.10 3.68
C GLN A 3 -18.79 17.45 5.05
N LEU A 4 -19.47 16.36 5.30
CA LEU A 4 -19.31 15.69 6.62
C LEU A 4 -18.16 14.68 6.58
N THR A 5 -17.01 15.05 7.08
CA THR A 5 -15.85 14.12 7.07
C THR A 5 -15.78 13.35 5.76
N GLU A 6 -15.55 14.04 4.69
CA GLU A 6 -15.47 13.35 3.36
C GLU A 6 -14.01 13.15 2.96
N GLU A 7 -13.15 14.06 3.31
CA GLU A 7 -11.72 13.92 2.94
C GLU A 7 -11.20 12.54 3.33
N GLN A 8 -11.08 12.27 4.60
CA GLN A 8 -10.58 10.93 5.05
C GLN A 8 -11.20 9.83 4.19
N ILE A 9 -12.50 9.79 4.10
CA ILE A 9 -13.15 8.73 3.26
C ILE A 9 -12.63 8.81 1.83
N ALA A 10 -12.43 10.01 1.33
CA ALA A 10 -11.92 10.15 -0.06
C ALA A 10 -10.58 9.43 -0.18
N GLU A 11 -9.75 9.52 0.83
CA GLU A 11 -8.43 8.85 0.77
C GLU A 11 -8.63 7.34 0.61
N PHE A 12 -9.36 6.73 1.51
CA PHE A 12 -9.60 5.27 1.39
C PHE A 12 -10.23 4.96 0.04
N LYS A 13 -11.07 5.82 -0.45
CA LYS A 13 -11.70 5.58 -1.77
C LYS A 13 -10.62 5.59 -2.84
N GLU A 14 -9.69 6.50 -2.76
CA GLU A 14 -8.60 6.55 -3.77
C GLU A 14 -7.96 5.16 -3.88
N ALA A 15 -7.71 4.53 -2.76
CA ALA A 15 -7.11 3.17 -2.79
C ALA A 15 -8.09 2.20 -3.46
N PHE A 16 -9.32 2.22 -3.01
CA PHE A 16 -10.34 1.33 -3.61
C PHE A 16 -10.42 1.56 -5.12
N SER A 17 -10.13 2.76 -5.55
CA SER A 17 -10.18 3.06 -7.01
C SER A 17 -9.07 2.32 -7.74
N LEU A 18 -7.87 2.37 -7.22
CA LEU A 18 -6.73 1.66 -7.89
C LEU A 18 -7.10 0.19 -8.07
N PHE A 19 -7.79 -0.39 -7.12
CA PHE A 19 -8.18 -1.83 -7.24
C PHE A 19 -9.39 -1.97 -8.16
N ASP A 20 -10.43 -1.24 -7.88
CA ASP A 20 -11.65 -1.33 -8.73
C ASP A 20 -11.37 -0.74 -10.12
N LYS A 21 -11.36 -1.56 -11.12
CA LYS A 21 -11.11 -1.04 -12.50
C LYS A 21 -12.41 -0.66 -13.18
N ASP A 22 -13.41 -1.49 -13.05
CA ASP A 22 -14.73 -1.17 -13.69
C ASP A 22 -15.43 -0.05 -12.93
N GLY A 23 -15.00 0.23 -11.73
CA GLY A 23 -15.65 1.30 -10.94
C GLY A 23 -17.10 0.93 -10.63
N ASP A 24 -17.30 -0.11 -9.86
CA ASP A 24 -18.69 -0.53 -9.53
C ASP A 24 -18.85 -0.73 -8.02
N GLY A 25 -17.80 -1.16 -7.36
CA GLY A 25 -17.89 -1.39 -5.90
C GLY A 25 -17.74 -2.88 -5.60
N THR A 26 -16.88 -3.56 -6.32
CA THR A 26 -16.70 -5.02 -6.08
C THR A 26 -15.31 -5.47 -6.55
N ILE A 27 -14.39 -5.69 -5.64
CA ILE A 27 -13.03 -6.14 -6.05
C ILE A 27 -12.98 -7.66 -6.11
N THR A 28 -12.87 -8.21 -7.29
CA THR A 28 -12.80 -9.69 -7.41
C THR A 28 -11.34 -10.14 -7.62
N THR A 29 -11.12 -11.42 -7.70
CA THR A 29 -9.71 -11.91 -7.90
C THR A 29 -9.13 -11.32 -9.18
N LYS A 30 -9.96 -10.85 -10.06
CA LYS A 30 -9.46 -10.26 -11.34
C LYS A 30 -8.85 -8.88 -11.06
N GLU A 31 -9.61 -7.99 -10.47
CA GLU A 31 -9.08 -6.62 -10.19
C GLU A 31 -7.92 -6.72 -9.19
N LEU A 32 -8.17 -7.24 -8.03
CA LEU A 32 -7.08 -7.35 -7.01
C LEU A 32 -5.98 -8.27 -7.51
N GLY A 33 -6.31 -9.18 -8.39
CA GLY A 33 -5.28 -10.11 -8.92
C GLY A 33 -4.35 -9.37 -9.88
N THR A 34 -4.88 -8.45 -10.64
CA THR A 34 -4.02 -7.69 -11.60
C THR A 34 -3.10 -6.73 -10.86
N VAL A 35 -3.63 -6.00 -9.90
CA VAL A 35 -2.78 -5.03 -9.15
C VAL A 35 -1.66 -5.77 -8.40
N MET A 36 -1.98 -6.90 -7.82
CA MET A 36 -0.93 -7.67 -7.08
C MET A 36 0.10 -8.25 -8.05
N ARG A 37 -0.31 -8.59 -9.23
CA ARG A 37 0.64 -9.15 -10.23
C ARG A 37 1.47 -8.04 -10.87
N SER A 38 1.00 -6.83 -10.82
CA SER A 38 1.75 -5.70 -11.44
C SER A 38 3.00 -5.38 -10.62
N LEU A 39 2.90 -5.33 -9.33
CA LEU A 39 4.10 -5.01 -8.49
C LEU A 39 5.27 -5.90 -8.90
N GLY A 40 5.01 -7.12 -9.26
CA GLY A 40 6.12 -8.03 -9.66
C GLY A 40 6.04 -9.33 -8.86
N GLN A 41 4.85 -9.76 -8.52
CA GLN A 41 4.71 -11.02 -7.73
C GLN A 41 3.86 -12.03 -8.51
N ASN A 42 3.47 -13.10 -7.87
CA ASN A 42 2.64 -14.13 -8.57
C ASN A 42 1.62 -14.72 -7.60
N PRO A 43 0.63 -13.94 -7.27
CA PRO A 43 -0.43 -14.38 -6.35
C PRO A 43 -1.37 -15.36 -7.06
N THR A 44 -1.27 -16.63 -6.75
CA THR A 44 -2.15 -17.63 -7.41
C THR A 44 -3.62 -17.24 -7.23
N GLU A 45 -4.47 -17.64 -8.13
CA GLU A 45 -5.91 -17.28 -8.01
C GLU A 45 -6.51 -17.95 -6.76
N ALA A 46 -6.20 -19.19 -6.53
CA ALA A 46 -6.74 -19.89 -5.33
C ALA A 46 -6.46 -19.07 -4.07
N GLU A 47 -5.21 -18.88 -3.75
CA GLU A 47 -4.86 -18.08 -2.54
C GLU A 47 -5.58 -16.73 -2.59
N LEU A 48 -5.71 -16.17 -3.76
CA LEU A 48 -6.41 -14.86 -3.88
C LEU A 48 -7.84 -14.99 -3.35
N GLN A 49 -8.56 -15.96 -3.80
CA GLN A 49 -9.96 -16.15 -3.30
C GLN A 49 -9.95 -16.20 -1.78
N ASP A 50 -8.94 -16.79 -1.20
CA ASP A 50 -8.87 -16.87 0.28
C ASP A 50 -8.55 -15.48 0.86
N MET A 51 -7.77 -14.71 0.14
CA MET A 51 -7.43 -13.34 0.63
C MET A 51 -8.66 -12.43 0.54
N ILE A 52 -9.57 -12.74 -0.34
CA ILE A 52 -10.79 -11.88 -0.46
C ILE A 52 -11.79 -12.23 0.66
N ASN A 53 -11.95 -13.49 0.97
CA ASN A 53 -12.90 -13.87 2.06
C ASN A 53 -12.55 -13.12 3.35
N GLU A 54 -11.34 -12.66 3.46
CA GLU A 54 -10.92 -11.92 4.68
C GLU A 54 -11.65 -10.57 4.74
N VAL A 55 -11.50 -9.75 3.73
CA VAL A 55 -12.19 -8.42 3.75
C VAL A 55 -13.70 -8.61 3.53
N ASP A 56 -14.08 -9.71 2.94
CA ASP A 56 -15.53 -9.96 2.70
C ASP A 56 -16.31 -9.90 4.01
N ALA A 57 -16.67 -8.72 4.45
CA ALA A 57 -17.43 -8.60 5.72
C ALA A 57 -18.80 -9.27 5.59
N ASP A 58 -19.69 -8.70 4.82
CA ASP A 58 -21.04 -9.31 4.66
C ASP A 58 -20.91 -10.80 4.33
N GLY A 59 -19.98 -11.14 3.48
CA GLY A 59 -19.79 -12.57 3.12
C GLY A 59 -20.43 -12.85 1.76
N ASN A 60 -20.26 -11.96 0.81
CA ASN A 60 -20.85 -12.19 -0.54
C ASN A 60 -19.78 -12.74 -1.50
N GLY A 61 -18.60 -12.17 -1.48
CA GLY A 61 -17.53 -12.68 -2.39
C GLY A 61 -16.67 -11.51 -2.89
N THR A 62 -17.30 -10.45 -3.35
CA THR A 62 -16.52 -9.28 -3.87
C THR A 62 -16.31 -8.23 -2.77
N ILE A 63 -15.31 -7.39 -2.92
CA ILE A 63 -15.04 -6.34 -1.90
C ILE A 63 -15.77 -5.04 -2.28
N ASP A 64 -16.41 -4.40 -1.33
CA ASP A 64 -17.13 -3.13 -1.65
C ASP A 64 -16.37 -1.93 -1.06
N PHE A 65 -16.74 -0.75 -1.45
CA PHE A 65 -16.06 0.47 -0.91
C PHE A 65 -16.10 0.50 0.63
N PRO A 66 -17.27 0.21 1.19
CA PRO A 66 -17.41 0.23 2.67
C PRO A 66 -16.64 -0.95 3.28
N GLU A 67 -16.55 -2.04 2.59
CA GLU A 67 -15.80 -3.21 3.13
C GLU A 67 -14.32 -2.83 3.29
N PHE A 68 -13.82 -2.02 2.41
CA PHE A 68 -12.39 -1.60 2.50
C PHE A 68 -12.21 -0.63 3.67
N LEU A 69 -13.13 0.28 3.84
CA LEU A 69 -13.02 1.25 4.97
C LEU A 69 -12.96 0.50 6.30
N THR A 70 -13.66 -0.59 6.40
CA THR A 70 -13.65 -1.37 7.69
C THR A 70 -12.34 -2.17 7.81
N MET A 71 -11.81 -2.63 6.72
CA MET A 71 -10.55 -3.43 6.78
C MET A 71 -9.38 -2.55 7.28
N MET A 72 -9.04 -1.54 6.54
CA MET A 72 -7.91 -0.65 6.98
C MET A 72 -8.16 -0.11 8.38
N ALA A 73 -9.37 -0.20 8.87
CA ALA A 73 -9.66 0.32 10.24
C ALA A 73 -9.54 -0.81 11.28
N ARG A 74 -9.87 -2.01 10.91
CA ARG A 74 -9.77 -3.14 11.88
C ARG A 74 -8.47 -3.92 11.67
N LYS A 75 -7.77 -3.64 10.60
CA LYS A 75 -6.49 -4.36 10.35
C LYS A 75 -5.34 -3.71 11.12
N MET A 76 -5.51 -2.47 11.51
CA MET A 76 -4.43 -1.77 12.26
C MET A 76 -4.66 -1.90 13.77
N LYS A 77 -4.94 -3.09 14.23
CA LYS A 77 -5.18 -3.28 15.70
C LYS A 77 -4.43 -4.52 16.20
N ASP A 78 -3.13 -4.46 16.26
CA ASP A 78 -2.35 -5.64 16.73
C ASP A 78 -2.53 -6.81 15.76
N THR A 79 -2.76 -6.52 14.52
CA THR A 79 -2.95 -7.61 13.51
C THR A 79 -2.10 -7.33 12.27
N ASP A 80 -0.83 -7.60 12.35
CA ASP A 80 0.06 -7.34 11.18
C ASP A 80 0.17 -5.84 10.92
N SER A 81 0.21 -5.05 11.97
CA SER A 81 0.33 -3.57 11.77
C SER A 81 1.79 -3.19 11.58
N GLU A 82 2.59 -3.38 12.59
CA GLU A 82 4.04 -3.04 12.46
C GLU A 82 4.69 -3.98 11.45
N GLU A 83 4.29 -5.23 11.44
CA GLU A 83 4.87 -6.18 10.47
C GLU A 83 4.45 -5.79 9.05
N GLU A 84 3.31 -5.18 8.91
CA GLU A 84 2.85 -4.75 7.56
C GLU A 84 3.84 -3.75 6.98
N ILE A 85 4.53 -3.03 7.81
CA ILE A 85 5.51 -2.04 7.28
C ILE A 85 6.68 -2.80 6.66
N ARG A 86 7.04 -3.90 7.25
CA ARG A 86 8.16 -4.70 6.69
C ARG A 86 7.80 -5.13 5.27
N GLU A 87 6.56 -5.43 5.04
CA GLU A 87 6.14 -5.83 3.66
C GLU A 87 6.26 -4.64 2.72
N ALA A 88 5.66 -3.53 3.05
CA ALA A 88 5.78 -2.34 2.17
C ALA A 88 7.26 -2.08 1.88
N PHE A 89 8.11 -2.42 2.82
CA PHE A 89 9.57 -2.21 2.61
C PHE A 89 10.08 -3.16 1.52
N ARG A 90 10.07 -4.44 1.80
CA ARG A 90 10.55 -5.42 0.78
C ARG A 90 9.96 -5.07 -0.59
N VAL A 91 8.75 -4.60 -0.62
CA VAL A 91 8.13 -4.23 -1.92
C VAL A 91 9.00 -3.21 -2.62
N PHE A 92 9.38 -2.16 -1.93
CA PHE A 92 10.24 -1.13 -2.56
C PHE A 92 11.58 -1.76 -2.98
N ASP A 93 12.02 -2.75 -2.26
CA ASP A 93 13.31 -3.42 -2.59
C ASP A 93 13.05 -4.71 -3.37
N LYS A 94 12.46 -4.61 -4.53
CA LYS A 94 12.18 -5.85 -5.32
C LYS A 94 13.40 -6.76 -5.30
N ASP A 95 14.57 -6.21 -5.28
CA ASP A 95 15.81 -7.05 -5.25
C ASP A 95 16.01 -7.60 -3.84
N GLY A 96 15.82 -6.79 -2.84
CA GLY A 96 16.00 -7.26 -1.44
C GLY A 96 17.46 -7.14 -1.04
N ASN A 97 18.05 -5.99 -1.22
CA ASN A 97 19.49 -5.83 -0.83
C ASN A 97 19.60 -5.14 0.53
N GLY A 98 18.70 -4.24 0.84
CA GLY A 98 18.75 -3.54 2.16
C GLY A 98 18.78 -2.03 1.98
N TYR A 99 18.30 -1.52 0.86
CA TYR A 99 18.32 -0.04 0.65
C TYR A 99 17.27 0.36 -0.38
N ILE A 100 16.61 1.47 -0.17
CA ILE A 100 15.57 1.91 -1.14
C ILE A 100 16.05 3.17 -1.89
N SER A 101 15.72 3.29 -3.15
CA SER A 101 16.17 4.48 -3.93
C SER A 101 15.04 4.96 -4.84
N ALA A 102 15.01 6.23 -5.15
CA ALA A 102 13.94 6.75 -6.04
C ALA A 102 13.72 5.80 -7.21
N ALA A 103 14.73 5.06 -7.58
CA ALA A 103 14.58 4.10 -8.70
C ALA A 103 13.66 2.96 -8.28
N GLU A 104 13.89 2.39 -7.12
CA GLU A 104 13.02 1.29 -6.64
C GLU A 104 11.60 1.79 -6.44
N LEU A 105 11.46 2.94 -5.84
CA LEU A 105 10.09 3.50 -5.62
C LEU A 105 9.46 3.85 -6.97
N ARG A 106 10.26 4.31 -7.89
CA ARG A 106 9.70 4.68 -9.23
C ARG A 106 9.21 3.42 -9.94
N HIS A 107 9.79 2.28 -9.63
CA HIS A 107 9.34 1.02 -10.29
C HIS A 107 8.13 0.46 -9.55
N VAL A 108 7.95 0.81 -8.31
CA VAL A 108 6.78 0.28 -7.55
C VAL A 108 5.60 1.26 -7.68
N MET A 109 5.87 2.52 -7.86
CA MET A 109 4.76 3.51 -7.99
C MET A 109 4.15 3.43 -9.40
N THR A 110 4.94 3.16 -10.40
CA THR A 110 4.39 3.06 -11.77
C THR A 110 3.66 1.72 -11.94
N ASN A 111 4.08 0.72 -11.21
CA ASN A 111 3.42 -0.60 -11.33
C ASN A 111 2.17 -0.63 -10.46
N LEU A 112 2.12 0.20 -9.44
CA LEU A 112 0.92 0.22 -8.57
C LEU A 112 -0.19 1.07 -9.19
N GLY A 113 0.16 2.05 -9.98
CA GLY A 113 -0.87 2.90 -10.61
C GLY A 113 -0.31 4.30 -10.85
N GLU A 114 0.01 5.01 -9.80
CA GLU A 114 0.55 6.39 -9.97
C GLU A 114 2.04 6.42 -9.63
N LYS A 115 2.79 7.23 -10.32
CA LYS A 115 4.26 7.31 -10.04
C LYS A 115 4.62 8.73 -9.63
N LEU A 116 3.67 9.47 -9.15
CA LEU A 116 3.94 10.87 -8.72
C LEU A 116 4.76 11.61 -9.77
N THR A 117 5.14 12.83 -9.49
CA THR A 117 5.96 13.60 -10.46
C THR A 117 7.41 13.12 -10.37
N ASP A 118 8.34 14.01 -10.51
CA ASP A 118 9.77 13.60 -10.43
C ASP A 118 10.47 14.36 -9.30
N GLU A 119 10.35 15.66 -9.29
CA GLU A 119 11.00 16.45 -8.22
C GLU A 119 10.44 16.02 -6.86
N GLU A 120 9.17 15.76 -6.79
CA GLU A 120 8.57 15.32 -5.51
C GLU A 120 9.18 13.98 -5.09
N VAL A 121 9.15 13.01 -5.97
CA VAL A 121 9.74 11.69 -5.63
C VAL A 121 11.13 11.89 -5.01
N ASP A 122 11.91 12.78 -5.56
CA ASP A 122 13.28 13.02 -5.00
C ASP A 122 13.15 13.61 -3.60
N GLU A 123 12.60 14.78 -3.49
CA GLU A 123 12.45 15.41 -2.15
C GLU A 123 11.86 14.39 -1.16
N MET A 124 11.15 13.42 -1.67
CA MET A 124 10.55 12.39 -0.77
C MET A 124 11.66 11.51 -0.18
N ILE A 125 12.59 11.10 -1.01
CA ILE A 125 13.71 10.23 -0.51
C ILE A 125 14.74 11.09 0.21
N ARG A 126 14.83 12.35 -0.12
CA ARG A 126 15.83 13.24 0.54
C ARG A 126 15.40 13.54 1.98
N GLU A 127 14.36 14.30 2.15
CA GLU A 127 13.89 14.63 3.53
C GLU A 127 13.81 13.36 4.38
N ALA A 128 13.64 12.23 3.75
CA ALA A 128 13.56 10.95 4.51
C ALA A 128 14.95 10.50 4.94
N ASP A 129 15.87 10.45 4.01
CA ASP A 129 17.26 10.02 4.36
C ASP A 129 17.70 10.64 5.69
N ILE A 130 17.51 9.93 6.77
CA ILE A 130 17.93 10.47 8.09
C ILE A 130 19.45 10.37 8.24
N ASP A 131 20.00 9.24 7.92
CA ASP A 131 21.47 9.06 8.04
C ASP A 131 22.17 9.74 6.86
N GLY A 132 21.45 10.01 5.80
CA GLY A 132 22.07 10.67 4.62
C GLY A 132 22.88 9.64 3.82
N ASP A 133 22.26 8.57 3.41
CA ASP A 133 23.01 7.54 2.63
C ASP A 133 22.58 7.57 1.16
N GLY A 134 21.56 8.34 0.84
CA GLY A 134 21.10 8.41 -0.58
C GLY A 134 20.06 7.32 -0.82
N GLN A 135 19.51 6.77 0.22
CA GLN A 135 18.48 5.70 0.05
C GLN A 135 17.78 5.44 1.38
N VAL A 136 16.54 5.02 1.34
CA VAL A 136 15.81 4.74 2.61
C VAL A 136 16.02 3.28 3.05
N ASN A 137 16.48 3.08 4.26
CA ASN A 137 16.70 1.69 4.75
C ASN A 137 15.47 1.19 5.51
N TYR A 138 15.55 0.03 6.11
CA TYR A 138 14.39 -0.51 6.86
C TYR A 138 14.14 0.32 8.13
N GLU A 139 15.14 0.43 8.97
CA GLU A 139 14.95 1.23 10.22
C GLU A 139 14.34 2.59 9.88
N GLU A 140 14.99 3.36 9.05
CA GLU A 140 14.43 4.70 8.67
C GLU A 140 12.98 4.55 8.20
N PHE A 141 12.72 3.58 7.36
CA PHE A 141 11.33 3.36 6.86
C PHE A 141 10.38 3.13 8.04
N VAL A 142 10.89 2.63 9.13
CA VAL A 142 10.02 2.38 10.32
C VAL A 142 10.12 3.56 11.30
N GLN A 143 11.29 4.10 11.48
CA GLN A 143 11.44 5.24 12.44
C GLN A 143 10.49 6.38 12.04
N MET A 144 10.46 6.73 10.78
CA MET A 144 9.57 7.82 10.32
C MET A 144 8.09 7.43 10.55
N MET A 145 7.80 6.16 10.54
CA MET A 145 6.38 5.73 10.75
C MET A 145 6.10 5.51 12.24
N THR A 146 7.06 5.03 12.97
CA THR A 146 6.83 4.80 14.43
C THR A 146 8.16 4.46 15.13
N ALA A 147 8.80 5.43 15.71
CA ALA A 147 10.09 5.18 16.40
C ALA A 147 9.84 4.48 17.75
N LYS A 148 9.14 3.39 17.74
CA LYS A 148 8.87 2.66 19.01
C LYS A 148 9.60 1.32 19.03
N VAL B 1 3.72 -16.72 7.47
CA VAL B 1 3.51 -15.67 6.42
C VAL B 1 3.96 -16.19 5.06
N LYS B 2 3.88 -15.38 4.04
CA LYS B 2 4.31 -15.83 2.68
C LYS B 2 5.19 -14.75 2.03
N LEU B 3 5.15 -14.65 0.73
CA LEU B 3 5.98 -13.62 0.03
C LEU B 3 5.09 -12.54 -0.58
N ILE B 4 3.81 -12.62 -0.35
CA ILE B 4 2.88 -11.60 -0.91
C ILE B 4 2.41 -10.66 0.20
N PRO B 5 2.17 -9.42 -0.16
CA PRO B 5 1.71 -8.42 0.85
C PRO B 5 0.32 -8.80 1.37
N SER B 6 0.02 -8.46 2.59
CA SER B 6 -1.30 -8.82 3.17
C SER B 6 -2.32 -7.69 3.01
N TRP B 7 -3.08 -7.70 1.94
CA TRP B 7 -4.12 -6.62 1.72
C TRP B 7 -3.62 -5.25 2.20
N THR B 8 -3.81 -4.95 3.46
CA THR B 8 -3.35 -3.63 3.98
C THR B 8 -1.97 -3.31 3.44
N THR B 9 -1.07 -4.24 3.52
CA THR B 9 0.30 -4.00 2.98
C THR B 9 0.20 -3.36 1.60
N VAL B 10 -0.76 -3.78 0.82
CA VAL B 10 -0.93 -3.18 -0.54
C VAL B 10 -1.39 -1.73 -0.41
N ILE B 11 -2.28 -1.46 0.49
CA ILE B 11 -2.78 -0.06 0.67
C ILE B 11 -1.68 0.81 1.27
N LEU B 12 -0.78 0.22 2.00
CA LEU B 12 0.32 1.01 2.61
C LEU B 12 1.26 1.55 1.52
N VAL B 13 1.80 0.68 0.70
CA VAL B 13 2.72 1.14 -0.38
C VAL B 13 2.01 2.14 -1.28
N LYS B 14 0.76 1.93 -1.58
CA LYS B 14 0.04 2.90 -2.47
C LYS B 14 -0.13 4.23 -1.72
N SER B 15 -0.29 4.17 -0.43
CA SER B 15 -0.46 5.42 0.35
C SER B 15 0.77 6.30 0.16
N MET B 16 1.93 5.72 0.16
CA MET B 16 3.17 6.53 -0.04
C MET B 16 3.30 6.91 -1.51
N LEU B 17 2.73 6.13 -2.40
CA LEU B 17 2.81 6.45 -3.85
C LEU B 17 1.75 7.50 -4.21
N ARG B 18 1.70 8.57 -3.47
CA ARG B 18 0.68 9.62 -3.77
C ARG B 18 1.32 11.00 -3.95
N LYS B 19 1.74 11.61 -2.88
CA LYS B 19 2.35 12.97 -3.00
C LYS B 19 3.24 13.29 -1.79
N ARG B 20 4.50 12.98 -1.89
CA ARG B 20 5.43 13.27 -0.75
C ARG B 20 4.99 12.54 0.53
N SER B 21 3.97 11.72 0.46
CA SER B 21 3.53 11.00 1.68
C SER B 21 4.63 10.05 2.17
N PHE B 22 5.55 10.55 2.94
CA PHE B 22 6.65 9.67 3.45
C PHE B 22 6.85 9.90 4.94
N GLY B 23 5.81 9.77 5.71
CA GLY B 23 5.95 9.97 7.19
C GLY B 23 4.97 9.06 7.92
N ASN B 24 3.98 9.63 8.56
CA ASN B 24 3.00 8.79 9.29
C ASN B 24 1.58 9.16 8.86
N PRO B 25 1.23 8.75 7.68
CA PRO B 25 -0.11 9.02 7.13
C PRO B 25 -1.17 8.19 7.87
N PHE B 26 -0.76 7.36 8.79
CA PHE B 26 -1.75 6.54 9.54
C PHE B 26 -1.79 6.98 11.01
CA CA C . -15.08 -4.12 -9.75
CA CA D . -17.94 -8.55 0.56
CA CA E . 17.16 -2.15 -3.08
CA CA F . 18.53 6.96 4.52
N ALA A 1 -20.11 15.96 13.63
CA ALA A 1 -19.61 14.70 14.27
C ALA A 1 -18.09 14.78 14.45
N ASP A 2 -17.46 13.67 14.75
CA ASP A 2 -15.97 13.69 14.93
C ASP A 2 -15.32 14.52 13.82
N GLN A 3 -14.16 15.07 14.09
CA GLN A 3 -13.48 15.89 13.05
C GLN A 3 -12.59 15.01 12.17
N LEU A 4 -13.13 13.92 11.67
CA LEU A 4 -12.32 13.02 10.80
C LEU A 4 -11.75 13.81 9.62
N THR A 5 -11.32 13.12 8.59
CA THR A 5 -10.74 13.84 7.42
C THR A 5 -11.33 13.28 6.12
N GLU A 6 -11.86 14.12 5.27
CA GLU A 6 -12.44 13.64 3.99
C GLU A 6 -11.31 13.26 3.02
N GLU A 7 -10.29 14.08 2.93
CA GLU A 7 -9.17 13.76 2.00
C GLU A 7 -8.70 12.32 2.25
N GLN A 8 -8.38 11.99 3.47
CA GLN A 8 -7.92 10.60 3.77
C GLN A 8 -8.91 9.61 3.17
N ILE A 9 -10.17 9.75 3.48
CA ILE A 9 -11.19 8.82 2.92
C ILE A 9 -11.04 8.78 1.40
N ALA A 10 -10.98 9.92 0.77
CA ALA A 10 -10.81 9.94 -0.71
C ALA A 10 -9.56 9.15 -1.09
N GLU A 11 -8.52 9.26 -0.30
CA GLU A 11 -7.29 8.51 -0.61
C GLU A 11 -7.62 7.03 -0.74
N PHE A 12 -8.28 6.47 0.23
CA PHE A 12 -8.67 5.03 0.14
C PHE A 12 -9.61 4.83 -1.04
N LYS A 13 -10.52 5.75 -1.23
CA LYS A 13 -11.46 5.63 -2.37
C LYS A 13 -10.66 5.52 -3.66
N GLU A 14 -9.64 6.32 -3.81
CA GLU A 14 -8.81 6.24 -5.03
C GLU A 14 -8.26 4.82 -5.17
N ALA A 15 -7.75 4.27 -4.10
CA ALA A 15 -7.22 2.89 -4.16
C ALA A 15 -8.37 1.91 -4.37
N PHE A 16 -9.40 2.01 -3.57
CA PHE A 16 -10.56 1.10 -3.74
C PHE A 16 -10.92 1.05 -5.22
N SER A 17 -10.74 2.14 -5.92
CA SER A 17 -11.05 2.17 -7.38
C SER A 17 -9.87 1.57 -8.14
N LEU A 18 -8.68 1.75 -7.65
CA LEU A 18 -7.50 1.17 -8.35
C LEU A 18 -7.75 -0.30 -8.65
N PHE A 19 -8.46 -0.96 -7.77
CA PHE A 19 -8.77 -2.42 -7.99
C PHE A 19 -9.98 -2.55 -8.91
N ASP A 20 -11.01 -1.80 -8.64
CA ASP A 20 -12.23 -1.87 -9.49
C ASP A 20 -11.95 -1.25 -10.86
N LYS A 21 -11.76 -2.07 -11.86
CA LYS A 21 -11.49 -1.52 -13.22
C LYS A 21 -12.79 -1.33 -14.00
N ASP A 22 -13.78 -2.15 -13.75
CA ASP A 22 -15.06 -2.01 -14.49
C ASP A 22 -15.85 -0.81 -13.95
N GLY A 23 -15.95 -0.69 -12.65
CA GLY A 23 -16.70 0.45 -12.08
C GLY A 23 -18.01 -0.05 -11.46
N ASP A 24 -17.96 -1.11 -10.73
CA ASP A 24 -19.20 -1.65 -10.09
C ASP A 24 -19.10 -1.56 -8.57
N GLY A 25 -17.91 -1.41 -8.06
CA GLY A 25 -17.75 -1.32 -6.59
C GLY A 25 -17.49 -2.72 -6.00
N THR A 26 -17.37 -3.70 -6.85
CA THR A 26 -17.12 -5.09 -6.34
C THR A 26 -15.80 -5.63 -6.87
N ILE A 27 -14.86 -5.89 -6.00
CA ILE A 27 -13.54 -6.43 -6.46
C ILE A 27 -13.59 -7.95 -6.46
N THR A 28 -13.30 -8.56 -7.58
CA THR A 28 -13.32 -10.05 -7.64
C THR A 28 -11.89 -10.61 -7.53
N THR A 29 -11.74 -11.91 -7.54
CA THR A 29 -10.38 -12.50 -7.45
C THR A 29 -9.54 -12.10 -8.67
N LYS A 30 -10.17 -11.94 -9.80
CA LYS A 30 -9.40 -11.54 -11.02
C LYS A 30 -8.95 -10.09 -10.92
N GLU A 31 -9.86 -9.18 -10.69
CA GLU A 31 -9.47 -7.74 -10.58
C GLU A 31 -8.29 -7.59 -9.62
N LEU A 32 -8.45 -7.96 -8.38
CA LEU A 32 -7.33 -7.83 -7.40
C LEU A 32 -6.12 -8.62 -7.90
N GLY A 33 -6.36 -9.70 -8.60
CA GLY A 33 -5.22 -10.51 -9.12
C GLY A 33 -4.46 -9.70 -10.16
N THR A 34 -5.12 -8.81 -10.84
CA THR A 34 -4.44 -7.98 -11.86
C THR A 34 -3.56 -6.94 -11.19
N VAL A 35 -4.10 -6.18 -10.28
CA VAL A 35 -3.28 -5.15 -9.58
C VAL A 35 -2.17 -5.83 -8.79
N MET A 36 -2.42 -6.98 -8.23
CA MET A 36 -1.37 -7.69 -7.44
C MET A 36 -0.23 -8.12 -8.38
N ARG A 37 -0.55 -8.50 -9.58
CA ARG A 37 0.52 -8.93 -10.54
C ARG A 37 1.30 -7.71 -11.04
N SER A 38 0.70 -6.55 -11.00
CA SER A 38 1.40 -5.32 -11.48
C SER A 38 2.42 -4.85 -10.43
N LEU A 39 2.16 -5.05 -9.17
CA LEU A 39 3.12 -4.60 -8.12
C LEU A 39 4.52 -5.18 -8.40
N GLY A 40 4.60 -6.45 -8.64
CA GLY A 40 5.93 -7.06 -8.92
C GLY A 40 6.02 -8.45 -8.28
N GLN A 41 5.02 -9.27 -8.46
CA GLN A 41 5.05 -10.63 -7.86
C GLN A 41 4.19 -11.59 -8.68
N ASN A 42 3.91 -12.76 -8.16
CA ASN A 42 3.08 -13.73 -8.91
C ASN A 42 2.10 -14.45 -7.98
N PRO A 43 0.99 -13.80 -7.71
CA PRO A 43 -0.03 -14.38 -6.83
C PRO A 43 -0.82 -15.47 -7.58
N THR A 44 -1.29 -16.47 -6.88
CA THR A 44 -2.07 -17.55 -7.56
C THR A 44 -3.56 -17.32 -7.36
N GLU A 45 -4.35 -17.43 -8.40
CA GLU A 45 -5.82 -17.23 -8.25
C GLU A 45 -6.32 -17.92 -6.99
N ALA A 46 -5.87 -19.12 -6.73
CA ALA A 46 -6.32 -19.84 -5.50
C ALA A 46 -6.01 -19.00 -4.26
N GLU A 47 -4.77 -18.60 -4.10
CA GLU A 47 -4.40 -17.77 -2.92
C GLU A 47 -5.34 -16.57 -2.83
N LEU A 48 -5.71 -16.00 -3.95
CA LEU A 48 -6.62 -14.82 -3.92
C LEU A 48 -7.91 -15.20 -3.20
N GLN A 49 -8.52 -16.28 -3.57
CA GLN A 49 -9.78 -16.71 -2.90
C GLN A 49 -9.57 -16.72 -1.38
N ASP A 50 -8.46 -17.26 -0.94
CA ASP A 50 -8.18 -17.29 0.52
C ASP A 50 -7.99 -15.86 1.03
N MET A 51 -7.62 -14.97 0.16
CA MET A 51 -7.42 -13.55 0.58
C MET A 51 -8.74 -12.78 0.52
N ILE A 52 -9.44 -12.89 -0.58
CA ILE A 52 -10.74 -12.16 -0.69
C ILE A 52 -11.68 -12.59 0.44
N ASN A 53 -11.53 -13.81 0.91
CA ASN A 53 -12.42 -14.29 2.01
C ASN A 53 -12.05 -13.61 3.34
N GLU A 54 -11.01 -12.82 3.35
CA GLU A 54 -10.60 -12.13 4.60
C GLU A 54 -11.36 -10.80 4.74
N VAL A 55 -11.26 -9.94 3.76
CA VAL A 55 -11.97 -8.64 3.84
C VAL A 55 -13.49 -8.84 3.70
N ASP A 56 -13.90 -9.95 3.14
CA ASP A 56 -15.37 -10.20 2.99
C ASP A 56 -16.02 -10.40 4.35
N ALA A 57 -16.01 -9.39 5.18
CA ALA A 57 -16.63 -9.53 6.54
C ALA A 57 -18.06 -10.07 6.41
N ASP A 58 -18.66 -9.93 5.26
CA ASP A 58 -20.06 -10.45 5.08
C ASP A 58 -20.04 -11.80 4.35
N GLY A 59 -19.09 -11.99 3.47
CA GLY A 59 -19.02 -13.28 2.73
C GLY A 59 -19.81 -13.18 1.43
N ASN A 60 -19.53 -12.19 0.62
CA ASN A 60 -20.26 -12.05 -0.67
C ASN A 60 -19.41 -12.61 -1.81
N GLY A 61 -18.12 -12.49 -1.71
CA GLY A 61 -17.23 -13.00 -2.79
C GLY A 61 -16.44 -11.85 -3.39
N THR A 62 -16.86 -10.64 -3.11
CA THR A 62 -16.14 -9.46 -3.66
C THR A 62 -16.04 -8.36 -2.60
N ILE A 63 -15.19 -7.38 -2.81
CA ILE A 63 -15.05 -6.29 -1.80
C ILE A 63 -15.91 -5.09 -2.21
N ASP A 64 -16.12 -4.15 -1.30
CA ASP A 64 -16.95 -2.96 -1.65
C ASP A 64 -16.34 -1.69 -1.04
N PHE A 65 -16.95 -0.56 -1.26
CA PHE A 65 -16.41 0.72 -0.69
C PHE A 65 -16.43 0.70 0.85
N PRO A 66 -17.52 0.23 1.43
CA PRO A 66 -17.62 0.20 2.90
C PRO A 66 -16.69 -0.87 3.46
N GLU A 67 -16.55 -1.97 2.78
CA GLU A 67 -15.65 -3.04 3.28
C GLU A 67 -14.20 -2.52 3.30
N PHE A 68 -13.89 -1.60 2.42
CA PHE A 68 -12.50 -1.04 2.40
C PHE A 68 -12.28 -0.13 3.60
N LEU A 69 -13.18 0.80 3.82
CA LEU A 69 -13.02 1.74 4.97
C LEU A 69 -12.77 0.95 6.26
N THR A 70 -13.58 -0.03 6.54
CA THR A 70 -13.39 -0.82 7.79
C THR A 70 -12.01 -1.53 7.79
N MET A 71 -11.80 -2.43 6.87
CA MET A 71 -10.48 -3.15 6.84
C MET A 71 -9.32 -2.17 7.07
N MET A 72 -9.16 -1.22 6.19
CA MET A 72 -8.05 -0.23 6.34
C MET A 72 -7.86 0.16 7.82
N ALA A 73 -8.93 0.19 8.57
CA ALA A 73 -8.82 0.56 10.01
C ALA A 73 -8.92 -0.68 10.90
N ARG A 74 -9.90 -1.51 10.67
CA ARG A 74 -10.04 -2.75 11.50
C ARG A 74 -8.72 -3.50 11.58
N LYS A 75 -8.26 -4.04 10.49
CA LYS A 75 -6.98 -4.79 10.51
C LYS A 75 -5.92 -4.04 11.34
N MET A 76 -5.82 -2.76 11.16
CA MET A 76 -4.82 -1.98 11.94
C MET A 76 -5.50 -1.30 13.14
N LYS A 77 -6.27 -2.03 13.88
CA LYS A 77 -6.95 -1.42 15.07
C LYS A 77 -6.72 -2.25 16.32
N ASP A 78 -6.03 -3.37 16.19
CA ASP A 78 -5.77 -4.23 17.37
C ASP A 78 -4.31 -4.06 17.83
N THR A 79 -3.38 -4.63 17.12
CA THR A 79 -1.95 -4.51 17.51
C THR A 79 -1.07 -4.40 16.27
N ASP A 80 -1.40 -5.11 15.22
CA ASP A 80 -0.56 -5.03 13.99
C ASP A 80 -0.65 -3.63 13.36
N SER A 81 0.09 -2.69 13.88
CA SER A 81 0.06 -1.32 13.32
C SER A 81 1.40 -0.97 12.68
N GLU A 82 2.48 -1.20 13.38
CA GLU A 82 3.82 -0.90 12.82
C GLU A 82 4.38 -2.12 12.08
N GLU A 83 3.83 -3.27 12.33
CA GLU A 83 4.31 -4.49 11.61
C GLU A 83 3.99 -4.38 10.12
N GLU A 84 2.99 -3.61 9.78
CA GLU A 84 2.61 -3.46 8.35
C GLU A 84 3.71 -2.71 7.61
N ILE A 85 4.59 -2.07 8.33
CA ILE A 85 5.69 -1.32 7.68
C ILE A 85 6.68 -2.31 7.07
N ARG A 86 6.90 -3.40 7.75
CA ARG A 86 7.85 -4.42 7.22
C ARG A 86 7.36 -4.92 5.85
N GLU A 87 6.09 -5.19 5.73
CA GLU A 87 5.56 -5.66 4.42
C GLU A 87 5.72 -4.57 3.37
N ALA A 88 5.26 -3.38 3.66
CA ALA A 88 5.40 -2.27 2.69
C ALA A 88 6.88 -2.03 2.40
N PHE A 89 7.73 -2.24 3.38
CA PHE A 89 9.18 -2.04 3.14
C PHE A 89 9.68 -3.05 2.10
N ARG A 90 9.24 -4.27 2.21
CA ARG A 90 9.67 -5.30 1.21
C ARG A 90 9.18 -4.90 -0.18
N VAL A 91 8.08 -4.20 -0.24
CA VAL A 91 7.53 -3.78 -1.57
C VAL A 91 8.49 -2.77 -2.23
N PHE A 92 8.85 -1.73 -1.53
CA PHE A 92 9.78 -0.73 -2.13
C PHE A 92 11.18 -1.33 -2.29
N ASP A 93 11.53 -2.25 -1.43
CA ASP A 93 12.89 -2.88 -1.53
C ASP A 93 12.87 -3.99 -2.58
N LYS A 94 12.40 -3.70 -3.77
CA LYS A 94 12.36 -4.74 -4.83
C LYS A 94 13.69 -5.54 -4.84
N ASP A 95 14.76 -4.90 -4.47
CA ASP A 95 16.08 -5.61 -4.46
C ASP A 95 16.16 -6.55 -3.25
N GLY A 96 15.69 -6.11 -2.11
CA GLY A 96 15.74 -6.97 -0.90
C GLY A 96 16.96 -6.60 -0.05
N ASN A 97 17.97 -6.05 -0.65
CA ASN A 97 19.19 -5.67 0.12
C ASN A 97 18.80 -4.83 1.34
N GLY A 98 17.88 -3.92 1.18
CA GLY A 98 17.45 -3.07 2.33
C GLY A 98 17.74 -1.61 2.03
N TYR A 99 17.15 -1.08 0.98
CA TYR A 99 17.40 0.35 0.63
C TYR A 99 16.40 0.79 -0.46
N ILE A 100 15.83 1.95 -0.32
CA ILE A 100 14.86 2.42 -1.34
C ILE A 100 15.42 3.62 -2.10
N SER A 101 15.82 3.42 -3.33
CA SER A 101 16.36 4.56 -4.13
C SER A 101 15.23 5.18 -4.96
N ALA A 102 15.31 6.45 -5.24
CA ALA A 102 14.24 7.10 -6.06
C ALA A 102 13.86 6.19 -7.22
N ALA A 103 14.77 5.37 -7.67
CA ALA A 103 14.46 4.44 -8.80
C ALA A 103 13.52 3.34 -8.30
N GLU A 104 13.79 2.78 -7.15
CA GLU A 104 12.91 1.70 -6.62
C GLU A 104 11.50 2.26 -6.40
N LEU A 105 11.41 3.46 -5.89
CA LEU A 105 10.07 4.06 -5.66
C LEU A 105 9.32 4.13 -6.99
N ARG A 106 9.98 4.56 -8.03
CA ARG A 106 9.30 4.63 -9.35
C ARG A 106 8.79 3.23 -9.73
N HIS A 107 9.52 2.21 -9.38
CA HIS A 107 9.06 0.83 -9.69
C HIS A 107 7.67 0.61 -9.11
N VAL A 108 7.53 0.88 -7.84
CA VAL A 108 6.20 0.71 -7.19
C VAL A 108 5.27 1.86 -7.63
N MET A 109 5.82 3.02 -7.81
CA MET A 109 4.99 4.19 -8.23
C MET A 109 4.12 3.82 -9.44
N THR A 110 4.75 3.45 -10.53
CA THR A 110 3.96 3.08 -11.76
C THR A 110 3.39 1.67 -11.63
N ASN A 111 3.91 0.88 -10.73
CA ASN A 111 3.38 -0.50 -10.57
C ASN A 111 2.04 -0.47 -9.84
N LEU A 112 1.70 0.64 -9.23
CA LEU A 112 0.40 0.73 -8.51
C LEU A 112 -0.63 1.48 -9.34
N GLY A 113 -0.31 2.66 -9.80
CA GLY A 113 -1.29 3.41 -10.62
C GLY A 113 -0.93 4.90 -10.68
N GLU A 114 -0.12 5.38 -9.78
CA GLU A 114 0.25 6.84 -9.80
C GLU A 114 1.70 7.03 -10.26
N LYS A 115 2.00 8.19 -10.78
CA LYS A 115 3.39 8.47 -11.23
C LYS A 115 3.84 9.82 -10.67
N LEU A 116 3.94 9.92 -9.37
CA LEU A 116 4.36 11.22 -8.74
C LEU A 116 5.41 11.93 -9.59
N THR A 117 5.45 13.23 -9.51
CA THR A 117 6.45 14.00 -10.30
C THR A 117 7.88 13.62 -9.89
N ASP A 118 8.86 14.29 -10.41
CA ASP A 118 10.27 13.96 -10.04
C ASP A 118 10.65 14.67 -8.74
N GLU A 119 10.59 15.97 -8.73
CA GLU A 119 10.94 16.72 -7.49
C GLU A 119 10.21 16.11 -6.30
N GLU A 120 8.96 15.78 -6.46
CA GLU A 120 8.20 15.16 -5.34
C GLU A 120 8.84 13.84 -4.96
N VAL A 121 9.03 12.97 -5.90
CA VAL A 121 9.66 11.66 -5.61
C VAL A 121 11.05 11.87 -4.98
N ASP A 122 11.79 12.81 -5.50
CA ASP A 122 13.15 13.08 -4.94
C ASP A 122 13.03 13.51 -3.48
N GLU A 123 12.31 14.56 -3.22
CA GLU A 123 12.15 15.02 -1.82
C GLU A 123 11.61 13.88 -0.95
N MET A 124 10.73 13.07 -1.50
CA MET A 124 10.18 11.93 -0.72
C MET A 124 11.33 11.10 -0.15
N ILE A 125 12.33 10.83 -0.94
CA ILE A 125 13.49 10.04 -0.45
C ILE A 125 14.41 10.92 0.40
N ARG A 126 14.83 12.04 -0.13
CA ARG A 126 15.73 12.94 0.63
C ARG A 126 15.24 13.10 2.07
N GLU A 127 14.13 13.75 2.26
CA GLU A 127 13.59 13.94 3.64
C GLU A 127 13.81 12.68 4.49
N ALA A 128 13.37 11.56 4.02
CA ALA A 128 13.55 10.31 4.81
C ALA A 128 15.04 10.04 5.06
N ASP A 129 15.88 10.39 4.13
CA ASP A 129 17.34 10.16 4.33
C ASP A 129 17.87 11.04 5.46
N ILE A 130 17.48 10.75 6.67
CA ILE A 130 17.97 11.56 7.83
C ILE A 130 19.49 11.47 7.92
N ASP A 131 20.04 10.31 7.74
CA ASP A 131 21.51 10.14 7.81
C ASP A 131 22.18 10.85 6.62
N GLY A 132 21.56 10.81 5.48
CA GLY A 132 22.16 11.48 4.28
C GLY A 132 23.03 10.49 3.53
N ASP A 133 22.43 9.54 2.86
CA ASP A 133 23.24 8.54 2.09
C ASP A 133 22.83 8.57 0.62
N GLY A 134 21.64 8.99 0.32
CA GLY A 134 21.19 9.03 -1.09
C GLY A 134 19.83 8.34 -1.23
N GLN A 135 19.49 7.49 -0.28
CA GLN A 135 18.17 6.79 -0.37
C GLN A 135 17.71 6.38 1.04
N VAL A 136 16.49 5.94 1.16
CA VAL A 136 15.96 5.53 2.49
C VAL A 136 16.48 4.14 2.86
N ASN A 137 16.38 3.76 4.11
CA ASN A 137 16.86 2.42 4.53
C ASN A 137 15.80 1.73 5.41
N TYR A 138 16.02 0.49 5.75
CA TYR A 138 15.02 -0.22 6.61
C TYR A 138 14.83 0.54 7.92
N GLU A 139 15.82 0.56 8.77
CA GLU A 139 15.68 1.29 10.08
C GLU A 139 14.93 2.61 9.87
N GLU A 140 15.39 3.41 8.95
CA GLU A 140 14.68 4.71 8.69
C GLU A 140 13.21 4.43 8.38
N PHE A 141 12.95 3.65 7.36
CA PHE A 141 11.54 3.32 6.99
C PHE A 141 10.74 3.00 8.26
N VAL A 142 11.41 2.53 9.28
CA VAL A 142 10.71 2.20 10.55
C VAL A 142 10.89 3.33 11.57
N GLN A 143 12.10 3.57 12.00
CA GLN A 143 12.35 4.65 12.99
C GLN A 143 11.55 5.91 12.63
N MET A 144 11.20 6.08 11.38
CA MET A 144 10.43 7.28 10.97
C MET A 144 8.93 7.08 11.19
N MET A 145 8.44 5.87 11.06
CA MET A 145 6.98 5.62 11.23
C MET A 145 6.66 5.03 12.62
N THR A 146 7.65 4.61 13.36
CA THR A 146 7.36 4.01 14.70
C THR A 146 8.58 4.11 15.63
N ALA A 147 8.69 5.19 16.34
CA ALA A 147 9.85 5.34 17.28
C ALA A 147 9.41 5.03 18.71
N LYS A 148 8.50 4.11 18.87
CA LYS A 148 8.03 3.74 20.24
C LYS A 148 7.33 4.94 20.88
N VAL B 1 4.13 -13.69 9.67
CA VAL B 1 4.67 -14.41 8.48
C VAL B 1 3.67 -14.36 7.33
N LYS B 2 4.15 -14.25 6.12
CA LYS B 2 3.22 -14.20 4.96
C LYS B 2 3.96 -14.55 3.66
N LEU B 3 3.24 -14.99 2.67
CA LEU B 3 3.91 -15.34 1.38
C LEU B 3 3.57 -14.28 0.32
N ILE B 4 2.56 -13.50 0.59
CA ILE B 4 2.15 -12.43 -0.36
C ILE B 4 1.61 -11.23 0.43
N PRO B 5 1.64 -10.05 -0.18
CA PRO B 5 1.12 -8.85 0.51
C PRO B 5 -0.36 -9.05 0.89
N SER B 6 -0.65 -9.09 2.16
CA SER B 6 -2.04 -9.33 2.62
C SER B 6 -2.91 -8.06 2.52
N TRP B 7 -3.55 -7.87 1.39
CA TRP B 7 -4.46 -6.69 1.24
C TRP B 7 -3.84 -5.38 1.78
N THR B 8 -4.01 -5.14 3.06
CA THR B 8 -3.46 -3.89 3.66
C THR B 8 -2.09 -3.55 3.09
N THR B 9 -1.23 -4.51 3.00
CA THR B 9 0.12 -4.23 2.43
C THR B 9 -0.04 -3.47 1.11
N VAL B 10 -1.04 -3.79 0.35
CA VAL B 10 -1.27 -3.09 -0.93
C VAL B 10 -1.80 -1.68 -0.67
N ILE B 11 -2.73 -1.55 0.25
CA ILE B 11 -3.28 -0.20 0.55
C ILE B 11 -2.24 0.64 1.27
N LEU B 12 -1.28 0.02 1.89
CA LEU B 12 -0.23 0.79 2.61
C LEU B 12 0.70 1.46 1.60
N VAL B 13 1.20 0.71 0.65
CA VAL B 13 2.12 1.31 -0.36
C VAL B 13 1.34 2.22 -1.32
N LYS B 14 0.14 1.85 -1.70
CA LYS B 14 -0.64 2.73 -2.61
C LYS B 14 -0.85 4.08 -1.94
N SER B 15 -1.27 4.08 -0.72
CA SER B 15 -1.49 5.36 0.01
C SER B 15 -0.22 6.21 -0.08
N MET B 16 0.91 5.62 0.22
CA MET B 16 2.19 6.37 0.15
C MET B 16 2.34 6.99 -1.25
N LEU B 17 1.77 6.38 -2.25
CA LEU B 17 1.89 6.93 -3.63
C LEU B 17 0.91 8.08 -3.83
N ARG B 18 0.91 9.01 -2.94
CA ARG B 18 -0.02 10.17 -3.08
C ARG B 18 0.72 11.35 -3.71
N LYS B 19 1.43 12.10 -2.92
CA LYS B 19 2.19 13.25 -3.46
C LYS B 19 3.54 13.34 -2.77
N ARG B 20 3.56 13.13 -1.48
CA ARG B 20 4.84 13.18 -0.73
C ARG B 20 4.76 12.22 0.45
N SER B 21 3.63 12.19 1.12
CA SER B 21 3.42 11.26 2.29
C SER B 21 4.75 10.99 3.01
N PHE B 22 5.11 9.74 3.20
CA PHE B 22 6.38 9.41 3.89
C PHE B 22 6.36 9.94 5.33
N GLY B 23 5.39 9.52 6.10
CA GLY B 23 5.32 9.99 7.52
C GLY B 23 4.83 8.86 8.41
N ASN B 24 4.42 9.16 9.61
CA ASN B 24 3.94 8.09 10.53
C ASN B 24 2.38 8.10 10.72
N PRO B 25 1.67 9.06 10.12
CA PRO B 25 0.20 9.10 10.29
C PRO B 25 -0.46 7.98 9.49
N PHE B 26 -0.40 6.77 9.98
CA PHE B 26 -1.03 5.63 9.24
C PHE B 26 -1.06 4.38 10.12
CA CA C . -15.40 -4.81 -10.30
CA CA D . -18.30 -8.43 0.46
CA CA E . 16.55 -2.06 -2.64
CA CA F . 18.51 7.53 4.30
N ALA A 1 -16.61 4.69 18.74
CA ALA A 1 -17.06 4.50 17.34
C ALA A 1 -15.90 4.76 16.37
N ASP A 2 -15.64 6.00 16.06
CA ASP A 2 -14.52 6.31 15.12
C ASP A 2 -14.43 7.83 14.90
N GLN A 3 -13.30 8.41 15.20
CA GLN A 3 -13.15 9.89 15.00
C GLN A 3 -13.47 10.27 13.55
N LEU A 4 -14.59 10.89 13.32
CA LEU A 4 -14.97 11.29 11.93
C LEU A 4 -13.81 12.06 11.28
N THR A 5 -13.46 11.70 10.07
CA THR A 5 -12.34 12.40 9.37
C THR A 5 -12.55 12.35 7.86
N GLU A 6 -12.90 13.46 7.26
CA GLU A 6 -13.11 13.47 5.78
C GLU A 6 -11.80 13.25 5.03
N GLU A 7 -10.79 14.02 5.33
CA GLU A 7 -9.48 13.86 4.63
C GLU A 7 -9.12 12.37 4.52
N GLN A 8 -8.79 11.75 5.61
CA GLN A 8 -8.42 10.30 5.57
C GLN A 8 -9.44 9.52 4.73
N ILE A 9 -10.68 9.56 5.10
CA ILE A 9 -11.72 8.81 4.32
C ILE A 9 -11.51 9.03 2.82
N ALA A 10 -11.37 10.25 2.39
CA ALA A 10 -11.16 10.51 0.93
C ALA A 10 -10.04 9.62 0.39
N GLU A 11 -8.90 9.63 1.04
CA GLU A 11 -7.78 8.77 0.56
C GLU A 11 -8.25 7.33 0.36
N PHE A 12 -8.99 6.80 1.30
CA PHE A 12 -9.49 5.40 1.16
C PHE A 12 -10.25 5.24 -0.16
N LYS A 13 -11.11 6.19 -0.47
CA LYS A 13 -11.88 6.10 -1.74
C LYS A 13 -10.92 5.90 -2.92
N GLU A 14 -9.91 6.72 -3.01
CA GLU A 14 -8.93 6.59 -4.13
C GLU A 14 -8.42 5.14 -4.20
N ALA A 15 -8.03 4.59 -3.09
CA ALA A 15 -7.51 3.18 -3.10
C ALA A 15 -8.59 2.22 -3.58
N PHE A 16 -9.79 2.36 -3.09
CA PHE A 16 -10.89 1.46 -3.53
C PHE A 16 -11.07 1.56 -5.04
N SER A 17 -11.08 2.75 -5.57
CA SER A 17 -11.25 2.91 -7.04
C SER A 17 -10.00 2.43 -7.77
N LEU A 18 -8.90 2.29 -7.06
CA LEU A 18 -7.65 1.82 -7.72
C LEU A 18 -7.78 0.34 -8.11
N PHE A 19 -8.09 -0.49 -7.16
CA PHE A 19 -8.24 -1.95 -7.46
C PHE A 19 -9.52 -2.19 -8.26
N ASP A 20 -10.38 -1.21 -8.33
CA ASP A 20 -11.65 -1.39 -9.10
C ASP A 20 -11.49 -0.80 -10.50
N LYS A 21 -10.69 -1.42 -11.33
CA LYS A 21 -10.49 -0.90 -12.72
C LYS A 21 -11.83 -0.45 -13.32
N ASP A 22 -12.68 -1.38 -13.64
CA ASP A 22 -14.00 -1.02 -14.21
C ASP A 22 -14.69 0.01 -13.32
N GLY A 23 -14.62 -0.16 -12.03
CA GLY A 23 -15.27 0.81 -11.10
C GLY A 23 -16.74 0.42 -10.93
N ASP A 24 -17.02 -0.83 -10.69
CA ASP A 24 -18.44 -1.25 -10.51
C ASP A 24 -18.74 -1.49 -9.03
N GLY A 25 -17.82 -1.15 -8.17
CA GLY A 25 -18.04 -1.35 -6.71
C GLY A 25 -17.85 -2.83 -6.35
N THR A 26 -17.00 -3.52 -7.07
CA THR A 26 -16.76 -4.96 -6.75
C THR A 26 -15.41 -5.41 -7.31
N ILE A 27 -14.43 -5.55 -6.45
CA ILE A 27 -13.09 -5.99 -6.91
C ILE A 27 -13.08 -7.51 -7.12
N THR A 28 -12.69 -7.95 -8.28
CA THR A 28 -12.67 -9.43 -8.55
C THR A 28 -11.24 -9.97 -8.42
N THR A 29 -11.10 -11.27 -8.34
CA THR A 29 -9.74 -11.87 -8.22
C THR A 29 -8.85 -11.42 -9.39
N LYS A 30 -9.40 -11.40 -10.58
CA LYS A 30 -8.59 -10.98 -11.75
C LYS A 30 -8.12 -9.52 -11.59
N GLU A 31 -9.02 -8.62 -11.32
CA GLU A 31 -8.62 -7.19 -11.15
C GLU A 31 -7.50 -7.09 -10.12
N LEU A 32 -7.78 -7.36 -8.87
CA LEU A 32 -6.73 -7.28 -7.82
C LEU A 32 -5.49 -8.05 -8.28
N GLY A 33 -5.68 -9.10 -9.03
CA GLY A 33 -4.51 -9.89 -9.51
C GLY A 33 -3.65 -9.03 -10.41
N THR A 34 -4.24 -8.44 -11.42
CA THR A 34 -3.44 -7.57 -12.34
C THR A 34 -2.59 -6.60 -11.52
N VAL A 35 -3.18 -5.96 -10.55
CA VAL A 35 -2.40 -5.00 -9.70
C VAL A 35 -1.26 -5.74 -8.99
N MET A 36 -1.58 -6.82 -8.33
CA MET A 36 -0.51 -7.59 -7.62
C MET A 36 0.57 -8.03 -8.62
N ARG A 37 0.17 -8.43 -9.80
CA ARG A 37 1.16 -8.86 -10.81
C ARG A 37 2.14 -7.72 -11.12
N SER A 38 1.66 -6.50 -11.09
CA SER A 38 2.56 -5.35 -11.36
C SER A 38 3.58 -5.18 -10.24
N LEU A 39 3.13 -5.21 -9.02
CA LEU A 39 4.07 -5.06 -7.87
C LEU A 39 5.33 -5.92 -8.09
N GLY A 40 5.21 -6.96 -8.86
CA GLY A 40 6.38 -7.84 -9.11
C GLY A 40 6.19 -9.17 -8.40
N GLN A 41 5.06 -9.79 -8.61
CA GLN A 41 4.79 -11.10 -7.96
C GLN A 41 3.79 -11.92 -8.77
N ASN A 42 3.20 -12.92 -8.18
CA ASN A 42 2.21 -13.75 -8.91
C ASN A 42 1.20 -14.36 -7.93
N PRO A 43 0.03 -13.75 -7.90
CA PRO A 43 -1.04 -14.23 -7.00
C PRO A 43 -1.65 -15.53 -7.53
N THR A 44 -1.56 -16.59 -6.77
CA THR A 44 -2.14 -17.90 -7.22
C THR A 44 -3.67 -17.87 -7.09
N GLU A 45 -4.34 -18.67 -7.87
CA GLU A 45 -5.84 -18.69 -7.77
C GLU A 45 -6.27 -18.75 -6.30
N ALA A 46 -6.04 -19.85 -5.65
CA ALA A 46 -6.44 -19.95 -4.21
C ALA A 46 -5.89 -18.76 -3.42
N GLU A 47 -4.64 -18.45 -3.60
CA GLU A 47 -4.04 -17.30 -2.86
C GLU A 47 -4.96 -16.08 -2.95
N LEU A 48 -5.32 -15.67 -4.13
CA LEU A 48 -6.22 -14.50 -4.27
C LEU A 48 -7.50 -14.70 -3.44
N GLN A 49 -8.02 -15.90 -3.44
CA GLN A 49 -9.26 -16.16 -2.66
C GLN A 49 -8.98 -15.95 -1.16
N ASP A 50 -7.80 -16.26 -0.72
CA ASP A 50 -7.47 -16.08 0.71
C ASP A 50 -7.51 -14.59 1.08
N MET A 51 -7.01 -13.76 0.22
CA MET A 51 -7.02 -12.29 0.51
C MET A 51 -8.43 -11.72 0.33
N ILE A 52 -9.12 -12.14 -0.70
CA ILE A 52 -10.51 -11.63 -0.92
C ILE A 52 -11.46 -12.20 0.15
N ASN A 53 -11.04 -13.22 0.84
CA ASN A 53 -11.91 -13.81 1.90
C ASN A 53 -11.79 -13.03 3.20
N GLU A 54 -10.74 -12.26 3.34
CA GLU A 54 -10.56 -11.47 4.60
C GLU A 54 -11.41 -10.19 4.55
N VAL A 55 -11.30 -9.43 3.50
CA VAL A 55 -12.10 -8.17 3.40
C VAL A 55 -13.56 -8.50 3.15
N ASP A 56 -13.83 -9.66 2.61
CA ASP A 56 -15.25 -10.04 2.33
C ASP A 56 -16.09 -9.88 3.61
N ALA A 57 -16.59 -8.71 3.86
CA ALA A 57 -17.41 -8.51 5.09
C ALA A 57 -18.84 -9.01 4.87
N ASP A 58 -19.44 -8.67 3.76
CA ASP A 58 -20.83 -9.13 3.50
C ASP A 58 -20.84 -10.60 3.10
N GLY A 59 -19.93 -11.00 2.27
CA GLY A 59 -19.88 -12.44 1.84
C GLY A 59 -20.53 -12.57 0.46
N ASN A 60 -20.21 -11.69 -0.45
CA ASN A 60 -20.81 -11.77 -1.81
C ASN A 60 -19.83 -12.45 -2.78
N GLY A 61 -18.56 -12.15 -2.65
CA GLY A 61 -17.56 -12.76 -3.57
C GLY A 61 -16.67 -11.67 -4.17
N THR A 62 -16.91 -10.43 -3.80
CA THR A 62 -16.09 -9.31 -4.34
C THR A 62 -15.90 -8.23 -3.28
N ILE A 63 -14.93 -7.38 -3.45
CA ILE A 63 -14.70 -6.30 -2.44
C ILE A 63 -15.57 -5.08 -2.75
N ASP A 64 -15.91 -4.31 -1.74
CA ASP A 64 -16.76 -3.10 -1.99
C ASP A 64 -16.11 -1.86 -1.38
N PHE A 65 -16.81 -0.75 -1.41
CA PHE A 65 -16.24 0.50 -0.83
C PHE A 65 -16.25 0.47 0.71
N PRO A 66 -17.33 -0.02 1.28
CA PRO A 66 -17.42 -0.08 2.76
C PRO A 66 -16.51 -1.19 3.31
N GLU A 67 -16.21 -2.17 2.52
CA GLU A 67 -15.31 -3.26 2.99
C GLU A 67 -13.89 -2.72 3.13
N PHE A 68 -13.52 -1.79 2.29
CA PHE A 68 -12.15 -1.21 2.36
C PHE A 68 -12.07 -0.21 3.50
N LEU A 69 -13.14 0.48 3.78
CA LEU A 69 -13.14 1.49 4.88
C LEU A 69 -13.13 0.81 6.26
N THR A 70 -13.65 -0.39 6.35
CA THR A 70 -13.70 -1.09 7.68
C THR A 70 -12.43 -1.91 7.90
N MET A 71 -11.88 -2.49 6.87
CA MET A 71 -10.65 -3.32 7.05
C MET A 71 -9.41 -2.43 7.28
N MET A 72 -9.32 -1.33 6.59
CA MET A 72 -8.12 -0.45 6.76
C MET A 72 -8.07 0.11 8.20
N ALA A 73 -9.19 0.14 8.89
CA ALA A 73 -9.17 0.69 10.28
C ALA A 73 -9.02 -0.44 11.32
N ARG A 74 -9.12 -1.66 10.89
CA ARG A 74 -8.98 -2.79 11.85
C ARG A 74 -7.50 -3.11 12.11
N LYS A 75 -6.71 -3.20 11.08
CA LYS A 75 -5.26 -3.51 11.27
C LYS A 75 -4.47 -2.24 11.62
N MET A 76 -5.00 -1.10 11.30
CA MET A 76 -4.28 0.17 11.61
C MET A 76 -4.85 0.82 12.88
N LYS A 77 -4.75 0.16 13.99
CA LYS A 77 -5.30 0.75 15.25
C LYS A 77 -4.83 -0.05 16.47
N ASP A 78 -3.56 0.02 16.78
CA ASP A 78 -3.04 -0.73 17.97
C ASP A 78 -3.14 -2.24 17.73
N THR A 79 -2.33 -2.79 16.87
CA THR A 79 -2.38 -4.25 16.61
C THR A 79 -1.06 -4.74 16.01
N ASP A 80 -0.99 -4.93 14.72
CA ASP A 80 0.28 -5.40 14.08
C ASP A 80 0.70 -4.42 13.00
N SER A 81 1.33 -3.34 13.37
CA SER A 81 1.78 -2.34 12.36
C SER A 81 3.24 -2.60 12.01
N GLU A 82 4.05 -2.85 13.00
CA GLU A 82 5.47 -3.12 12.73
C GLU A 82 5.60 -4.34 11.83
N GLU A 83 4.69 -5.27 11.94
CA GLU A 83 4.75 -6.47 11.07
C GLU A 83 4.21 -6.13 9.68
N GLU A 84 3.16 -5.34 9.62
CA GLU A 84 2.59 -4.95 8.30
C GLU A 84 3.52 -3.96 7.61
N ILE A 85 4.27 -3.21 8.38
CA ILE A 85 5.21 -2.24 7.77
C ILE A 85 6.37 -3.01 7.15
N ARG A 86 6.63 -4.16 7.67
CA ARG A 86 7.74 -4.99 7.14
C ARG A 86 7.36 -5.49 5.74
N GLU A 87 6.09 -5.66 5.49
CA GLU A 87 5.66 -6.13 4.15
C GLU A 87 5.75 -4.97 3.16
N ALA A 88 5.22 -3.83 3.52
CA ALA A 88 5.31 -2.66 2.60
C ALA A 88 6.77 -2.38 2.28
N PHE A 89 7.63 -2.60 3.24
CA PHE A 89 9.09 -2.37 3.01
C PHE A 89 9.60 -3.37 1.98
N ARG A 90 9.29 -4.62 2.15
CA ARG A 90 9.74 -5.65 1.18
C ARG A 90 9.35 -5.23 -0.24
N VAL A 91 8.26 -4.53 -0.36
CA VAL A 91 7.81 -4.07 -1.71
C VAL A 91 8.79 -3.04 -2.26
N PHE A 92 9.06 -2.01 -1.51
CA PHE A 92 10.02 -0.97 -2.00
C PHE A 92 11.41 -1.59 -2.19
N ASP A 93 11.63 -2.76 -1.65
CA ASP A 93 12.97 -3.41 -1.79
C ASP A 93 12.92 -4.48 -2.88
N LYS A 94 12.71 -4.07 -4.11
CA LYS A 94 12.65 -5.07 -5.22
C LYS A 94 13.74 -6.14 -5.05
N ASP A 95 14.98 -5.77 -5.26
CA ASP A 95 16.08 -6.77 -5.11
C ASP A 95 16.13 -7.29 -3.67
N GLY A 96 15.70 -6.51 -2.72
CA GLY A 96 15.73 -6.97 -1.30
C GLY A 96 17.16 -6.88 -0.77
N ASN A 97 17.80 -5.76 -0.94
CA ASN A 97 19.20 -5.61 -0.45
C ASN A 97 19.22 -4.86 0.89
N GLY A 98 18.09 -4.35 1.31
CA GLY A 98 18.05 -3.61 2.60
C GLY A 98 18.20 -2.11 2.33
N TYR A 99 17.75 -1.65 1.19
CA TYR A 99 17.87 -0.20 0.87
C TYR A 99 16.90 0.17 -0.25
N ILE A 100 16.32 1.33 -0.19
CA ILE A 100 15.37 1.75 -1.25
C ILE A 100 15.87 3.00 -1.97
N SER A 101 15.41 3.23 -3.17
CA SER A 101 15.85 4.43 -3.92
C SER A 101 14.72 4.94 -4.82
N ALA A 102 14.73 6.20 -5.16
CA ALA A 102 13.65 6.74 -6.05
C ALA A 102 13.34 5.75 -7.17
N ALA A 103 14.34 5.18 -7.77
CA ALA A 103 14.09 4.21 -8.86
C ALA A 103 13.18 3.08 -8.36
N GLU A 104 13.51 2.48 -7.26
CA GLU A 104 12.66 1.38 -6.72
C GLU A 104 11.24 1.90 -6.46
N LEU A 105 11.12 3.02 -5.82
CA LEU A 105 9.77 3.58 -5.55
C LEU A 105 9.07 3.89 -6.87
N ARG A 106 9.81 4.30 -7.87
CA ARG A 106 9.17 4.60 -9.18
C ARG A 106 8.53 3.34 -9.74
N HIS A 107 9.11 2.20 -9.48
CA HIS A 107 8.52 0.93 -9.99
C HIS A 107 7.21 0.65 -9.25
N VAL A 108 7.19 0.84 -7.97
CA VAL A 108 5.94 0.61 -7.19
C VAL A 108 4.85 1.59 -7.65
N MET A 109 5.21 2.79 -8.00
CA MET A 109 4.20 3.79 -8.43
C MET A 109 3.34 3.22 -9.57
N THR A 110 3.91 3.06 -10.72
CA THR A 110 3.11 2.52 -11.87
C THR A 110 2.49 1.18 -11.50
N ASN A 111 2.95 0.55 -10.47
CA ASN A 111 2.37 -0.76 -10.08
C ASN A 111 1.29 -0.56 -9.00
N LEU A 112 1.12 0.64 -8.52
CA LEU A 112 0.09 0.87 -7.47
C LEU A 112 -0.78 2.08 -7.79
N GLY A 113 -0.63 2.68 -8.95
CA GLY A 113 -1.48 3.85 -9.28
C GLY A 113 -0.79 4.73 -10.33
N GLU A 114 -0.06 5.72 -9.90
CA GLU A 114 0.63 6.61 -10.88
C GLU A 114 2.06 6.89 -10.42
N LYS A 115 2.86 7.42 -11.30
CA LYS A 115 4.26 7.74 -10.95
C LYS A 115 4.38 9.24 -10.72
N LEU A 116 4.74 9.64 -9.55
CA LEU A 116 4.86 11.10 -9.27
C LEU A 116 5.98 11.71 -10.11
N THR A 117 5.90 12.98 -10.35
CA THR A 117 6.97 13.64 -11.15
C THR A 117 8.34 13.25 -10.60
N ASP A 118 9.39 13.71 -11.19
CA ASP A 118 10.74 13.35 -10.67
C ASP A 118 11.02 14.08 -9.37
N GLU A 119 10.95 15.37 -9.38
CA GLU A 119 11.22 16.14 -8.13
C GLU A 119 10.42 15.52 -6.98
N GLU A 120 9.15 15.30 -7.19
CA GLU A 120 8.34 14.69 -6.11
C GLU A 120 8.95 13.34 -5.71
N VAL A 121 9.04 12.43 -6.64
CA VAL A 121 9.65 11.12 -6.32
C VAL A 121 10.96 11.33 -5.57
N ASP A 122 11.77 12.25 -6.04
CA ASP A 122 13.06 12.53 -5.34
C ASP A 122 12.78 13.01 -3.93
N GLU A 123 11.92 13.99 -3.79
CA GLU A 123 11.59 14.50 -2.44
C GLU A 123 11.05 13.35 -1.58
N MET A 124 10.40 12.40 -2.21
CA MET A 124 9.86 11.25 -1.43
C MET A 124 11.01 10.52 -0.75
N ILE A 125 12.08 10.31 -1.46
CA ILE A 125 13.25 9.61 -0.86
C ILE A 125 14.13 10.61 -0.09
N ARG A 126 14.11 11.85 -0.51
CA ARG A 126 14.94 12.89 0.18
C ARG A 126 14.42 13.11 1.62
N GLU A 127 13.13 13.23 1.77
CA GLU A 127 12.56 13.46 3.13
C GLU A 127 12.87 12.26 4.03
N ALA A 128 12.85 11.08 3.49
CA ALA A 128 13.14 9.86 4.30
C ALA A 128 14.64 9.76 4.57
N ASP A 129 15.44 10.19 3.64
CA ASP A 129 16.91 10.12 3.84
C ASP A 129 17.37 11.16 4.86
N ILE A 130 16.92 11.04 6.09
CA ILE A 130 17.34 12.04 7.12
C ILE A 130 18.86 12.11 7.16
N ASP A 131 19.50 11.02 7.42
CA ASP A 131 20.99 11.01 7.47
C ASP A 131 21.55 11.57 6.16
N GLY A 132 20.90 11.29 5.06
CA GLY A 132 21.40 11.79 3.74
C GLY A 132 22.20 10.71 3.03
N ASP A 133 21.55 9.66 2.60
CA ASP A 133 22.29 8.56 1.90
C ASP A 133 21.72 8.35 0.49
N GLY A 134 20.67 9.06 0.15
CA GLY A 134 20.07 8.91 -1.20
C GLY A 134 19.10 7.73 -1.19
N GLN A 135 19.10 6.95 -0.15
CA GLN A 135 18.17 5.78 -0.08
C GLN A 135 17.64 5.60 1.35
N VAL A 136 16.66 4.77 1.53
CA VAL A 136 16.09 4.55 2.89
C VAL A 136 16.38 3.12 3.35
N ASN A 137 16.41 2.91 4.64
CA ASN A 137 16.68 1.53 5.16
C ASN A 137 15.56 1.08 6.11
N TYR A 138 15.91 0.35 7.14
CA TYR A 138 14.87 -0.12 8.10
C TYR A 138 14.52 0.99 9.10
N GLU A 139 15.44 1.31 9.98
CA GLU A 139 15.15 2.38 10.99
C GLU A 139 14.46 3.58 10.32
N GLU A 140 14.86 3.90 9.13
CA GLU A 140 14.22 5.06 8.42
C GLU A 140 12.77 4.73 8.05
N PHE A 141 12.58 3.73 7.24
CA PHE A 141 11.19 3.35 6.83
C PHE A 141 10.30 3.15 8.06
N VAL A 142 10.89 2.89 9.20
CA VAL A 142 10.07 2.67 10.43
C VAL A 142 10.06 3.94 11.30
N GLN A 143 11.21 4.45 11.62
CA GLN A 143 11.26 5.68 12.48
C GLN A 143 10.47 6.83 11.83
N MET A 144 10.11 6.70 10.59
CA MET A 144 9.35 7.81 9.92
C MET A 144 7.86 7.49 9.90
N MET A 145 7.48 6.25 10.09
CA MET A 145 6.03 5.89 10.06
C MET A 145 5.49 5.75 11.47
N THR A 146 5.89 4.73 12.18
CA THR A 146 5.39 4.53 13.58
C THR A 146 6.53 4.61 14.57
N ALA A 147 7.07 5.79 14.78
CA ALA A 147 8.19 5.93 15.76
C ALA A 147 7.65 5.91 17.19
N LYS A 148 6.89 4.91 17.54
CA LYS A 148 6.33 4.83 18.91
C LYS A 148 7.44 5.07 19.95
N VAL B 1 9.22 -18.62 0.85
CA VAL B 1 8.05 -19.48 0.52
C VAL B 1 6.88 -18.64 0.01
N LYS B 2 7.08 -17.35 -0.13
CA LYS B 2 5.98 -16.47 -0.63
C LYS B 2 6.42 -15.01 -0.64
N LEU B 3 6.30 -14.35 -1.76
CA LEU B 3 6.71 -12.92 -1.83
C LEU B 3 5.48 -12.03 -2.08
N ILE B 4 4.35 -12.42 -1.58
CA ILE B 4 3.12 -11.60 -1.79
C ILE B 4 2.72 -10.90 -0.48
N PRO B 5 2.45 -9.62 -0.60
CA PRO B 5 2.04 -8.81 0.58
C PRO B 5 0.59 -9.11 0.98
N SER B 6 0.09 -8.41 1.97
CA SER B 6 -1.33 -8.64 2.41
C SER B 6 -2.23 -7.48 1.94
N TRP B 7 -3.50 -7.57 2.24
CA TRP B 7 -4.44 -6.51 1.83
C TRP B 7 -3.96 -5.13 2.32
N THR B 8 -4.12 -4.86 3.60
CA THR B 8 -3.69 -3.54 4.14
C THR B 8 -2.31 -3.19 3.60
N THR B 9 -1.38 -4.09 3.72
CA THR B 9 -0.01 -3.80 3.22
C THR B 9 -0.10 -3.13 1.85
N VAL B 10 -0.84 -3.70 0.95
CA VAL B 10 -0.97 -3.09 -0.40
C VAL B 10 -1.49 -1.65 -0.25
N ILE B 11 -2.35 -1.42 0.72
CA ILE B 11 -2.88 -0.05 0.93
C ILE B 11 -1.78 0.80 1.56
N LEU B 12 -0.93 0.19 2.34
CA LEU B 12 0.18 0.94 2.98
C LEU B 12 1.02 1.61 1.90
N VAL B 13 1.56 0.84 1.01
CA VAL B 13 2.40 1.42 -0.08
C VAL B 13 1.59 2.44 -0.90
N LYS B 14 0.42 2.06 -1.36
CA LYS B 14 -0.40 3.01 -2.16
C LYS B 14 -0.55 4.32 -1.40
N SER B 15 -1.09 4.27 -0.21
CA SER B 15 -1.26 5.52 0.58
C SER B 15 0.06 6.29 0.65
N MET B 16 1.16 5.60 0.52
CA MET B 16 2.48 6.30 0.59
C MET B 16 2.70 7.16 -0.66
N LEU B 17 2.19 6.72 -1.79
CA LEU B 17 2.37 7.53 -3.03
C LEU B 17 1.64 8.88 -2.89
N ARG B 18 0.50 9.03 -3.52
CA ARG B 18 -0.27 10.30 -3.44
C ARG B 18 0.58 11.50 -3.88
N LYS B 19 1.52 11.88 -3.07
CA LYS B 19 2.41 13.03 -3.44
C LYS B 19 3.53 13.21 -2.41
N ARG B 20 4.56 12.40 -2.51
CA ARG B 20 5.70 12.50 -1.54
C ARG B 20 5.29 11.93 -0.17
N SER B 21 4.04 11.60 0.00
CA SER B 21 3.60 11.03 1.31
C SER B 21 4.58 9.94 1.76
N PHE B 22 5.25 10.15 2.87
CA PHE B 22 6.25 9.14 3.35
C PHE B 22 6.34 9.13 4.88
N GLY B 23 6.17 10.27 5.50
CA GLY B 23 6.26 10.33 7.00
C GLY B 23 5.30 9.33 7.63
N ASN B 24 4.28 9.80 8.28
CA ASN B 24 3.31 8.88 8.93
C ASN B 24 1.93 9.03 8.29
N PRO B 25 1.65 8.15 7.36
CA PRO B 25 0.36 8.18 6.66
C PRO B 25 -0.75 7.62 7.56
N PHE B 26 -0.38 6.91 8.59
CA PHE B 26 -1.41 6.34 9.52
C PHE B 26 -1.14 6.80 10.95
CA CA C . -14.50 -4.31 -10.49
CA CA D . -17.15 -8.90 0.02
CA CA E . 16.22 -2.51 -2.72
CA CA F . 19.08 7.14 4.43
N ALA A 1 -19.28 24.94 8.35
CA ALA A 1 -18.24 25.28 7.33
C ALA A 1 -18.32 24.29 6.16
N ASP A 2 -17.23 24.08 5.47
CA ASP A 2 -17.24 23.14 4.31
C ASP A 2 -16.01 22.23 4.36
N GLN A 3 -15.37 22.13 5.49
CA GLN A 3 -14.15 21.28 5.59
C GLN A 3 -14.51 19.92 6.21
N LEU A 4 -15.10 19.05 5.42
CA LEU A 4 -15.48 17.71 5.96
C LEU A 4 -14.25 16.79 6.03
N THR A 5 -14.46 15.52 6.16
CA THR A 5 -13.30 14.57 6.24
C THR A 5 -13.36 13.57 5.07
N GLU A 6 -14.20 13.83 4.11
CA GLU A 6 -14.31 12.90 2.94
C GLU A 6 -13.07 13.02 2.05
N GLU A 7 -12.59 14.21 1.84
CA GLU A 7 -11.38 14.38 0.98
C GLU A 7 -10.35 13.29 1.28
N GLN A 8 -9.74 13.32 2.42
CA GLN A 8 -8.74 12.27 2.76
C GLN A 8 -9.33 10.90 2.42
N ILE A 9 -10.53 10.63 2.88
CA ILE A 9 -11.15 9.32 2.57
C ILE A 9 -11.14 9.12 1.05
N ALA A 10 -11.36 10.16 0.30
CA ALA A 10 -11.33 10.03 -1.18
C ALA A 10 -10.02 9.36 -1.59
N GLU A 11 -8.92 9.81 -1.05
CA GLU A 11 -7.62 9.19 -1.38
C GLU A 11 -7.71 7.69 -1.12
N PHE A 12 -8.11 7.31 0.06
CA PHE A 12 -8.25 5.86 0.36
C PHE A 12 -9.18 5.24 -0.66
N LYS A 13 -10.23 5.92 -1.01
CA LYS A 13 -11.17 5.38 -2.02
C LYS A 13 -10.41 5.13 -3.32
N GLU A 14 -9.53 6.05 -3.66
CA GLU A 14 -8.72 5.87 -4.90
C GLU A 14 -8.12 4.47 -4.90
N ALA A 15 -7.40 4.13 -3.87
CA ALA A 15 -6.80 2.77 -3.80
C ALA A 15 -7.92 1.73 -3.96
N PHE A 16 -8.92 1.82 -3.12
CA PHE A 16 -10.06 0.86 -3.23
C PHE A 16 -10.53 0.83 -4.69
N SER A 17 -10.32 1.90 -5.40
CA SER A 17 -10.74 1.93 -6.84
C SER A 17 -9.61 1.38 -7.70
N LEU A 18 -8.39 1.66 -7.33
CA LEU A 18 -7.23 1.14 -8.11
C LEU A 18 -7.44 -0.35 -8.38
N PHE A 19 -8.03 -1.05 -7.46
CA PHE A 19 -8.27 -2.51 -7.65
C PHE A 19 -9.54 -2.73 -8.50
N ASP A 20 -10.47 -1.81 -8.42
CA ASP A 20 -11.72 -1.95 -9.22
C ASP A 20 -11.54 -1.35 -10.61
N LYS A 21 -10.95 -2.09 -11.50
CA LYS A 21 -10.74 -1.56 -12.89
C LYS A 21 -12.06 -1.05 -13.47
N ASP A 22 -13.05 -1.88 -13.53
CA ASP A 22 -14.36 -1.45 -14.09
C ASP A 22 -14.92 -0.27 -13.28
N GLY A 23 -14.79 -0.33 -11.99
CA GLY A 23 -15.33 0.78 -11.15
C GLY A 23 -16.77 0.49 -10.77
N ASP A 24 -17.02 -0.62 -10.13
CA ASP A 24 -18.42 -0.97 -9.73
C ASP A 24 -18.55 -0.98 -8.21
N GLY A 25 -17.56 -0.51 -7.51
CA GLY A 25 -17.63 -0.50 -6.03
C GLY A 25 -17.51 -1.92 -5.49
N THR A 26 -17.08 -2.84 -6.32
CA THR A 26 -16.95 -4.25 -5.86
C THR A 26 -15.70 -4.90 -6.46
N ILE A 27 -14.76 -5.27 -5.64
CA ILE A 27 -13.51 -5.90 -6.16
C ILE A 27 -13.68 -7.43 -6.18
N THR A 28 -13.72 -8.01 -7.35
CA THR A 28 -13.90 -9.49 -7.44
C THR A 28 -12.58 -10.20 -7.09
N THR A 29 -12.44 -11.44 -7.48
CA THR A 29 -11.19 -12.18 -7.17
C THR A 29 -10.14 -11.97 -8.28
N LYS A 30 -10.54 -12.06 -9.52
CA LYS A 30 -9.55 -11.87 -10.62
C LYS A 30 -9.15 -10.39 -10.73
N GLU A 31 -10.00 -9.49 -10.30
CA GLU A 31 -9.63 -8.05 -10.38
C GLU A 31 -8.41 -7.78 -9.50
N LEU A 32 -8.40 -8.32 -8.30
CA LEU A 32 -7.23 -8.11 -7.40
C LEU A 32 -6.02 -8.81 -7.98
N GLY A 33 -6.17 -10.05 -8.36
CA GLY A 33 -5.01 -10.80 -8.94
C GLY A 33 -4.37 -9.96 -10.05
N THR A 34 -5.19 -9.38 -10.90
CA THR A 34 -4.63 -8.54 -12.01
C THR A 34 -3.87 -7.36 -11.42
N VAL A 35 -4.52 -6.56 -10.61
CA VAL A 35 -3.82 -5.40 -9.99
C VAL A 35 -2.52 -5.85 -9.35
N MET A 36 -2.52 -6.99 -8.71
CA MET A 36 -1.27 -7.50 -8.09
C MET A 36 -0.21 -7.71 -9.16
N ARG A 37 -0.57 -8.35 -10.24
CA ARG A 37 0.42 -8.57 -11.33
C ARG A 37 1.13 -7.25 -11.64
N SER A 38 0.42 -6.16 -11.60
CA SER A 38 1.05 -4.84 -11.90
C SER A 38 2.12 -4.51 -10.86
N LEU A 39 1.85 -4.71 -9.59
CA LEU A 39 2.86 -4.41 -8.54
C LEU A 39 4.15 -5.20 -8.80
N GLY A 40 4.04 -6.40 -9.30
CA GLY A 40 5.25 -7.21 -9.56
C GLY A 40 5.23 -8.48 -8.71
N GLN A 41 4.26 -9.32 -8.93
CA GLN A 41 4.17 -10.58 -8.12
C GLN A 41 3.29 -11.60 -8.84
N ASN A 42 3.04 -12.73 -8.23
CA ASN A 42 2.20 -13.77 -8.90
C ASN A 42 1.10 -14.26 -7.95
N PRO A 43 -0.05 -13.67 -8.07
CA PRO A 43 -1.19 -14.06 -7.22
C PRO A 43 -1.78 -15.39 -7.70
N THR A 44 -1.86 -16.37 -6.85
CA THR A 44 -2.42 -17.69 -7.26
C THR A 44 -3.91 -17.77 -6.90
N GLU A 45 -4.60 -18.76 -7.40
CA GLU A 45 -6.05 -18.89 -7.09
C GLU A 45 -6.25 -18.98 -5.57
N ALA A 46 -5.62 -19.93 -4.94
CA ALA A 46 -5.78 -20.07 -3.47
C ALA A 46 -5.54 -18.72 -2.77
N GLU A 47 -4.41 -18.11 -3.01
CA GLU A 47 -4.13 -16.80 -2.37
C GLU A 47 -5.29 -15.84 -2.59
N LEU A 48 -5.68 -15.66 -3.83
CA LEU A 48 -6.81 -14.73 -4.11
C LEU A 48 -7.98 -15.00 -3.16
N GLN A 49 -8.56 -16.17 -3.24
CA GLN A 49 -9.69 -16.50 -2.33
C GLN A 49 -9.27 -16.29 -0.86
N ASP A 50 -8.04 -16.57 -0.56
CA ASP A 50 -7.56 -16.39 0.84
C ASP A 50 -7.45 -14.91 1.19
N MET A 51 -7.09 -14.10 0.22
CA MET A 51 -6.97 -12.64 0.49
C MET A 51 -8.34 -11.97 0.44
N ILE A 52 -9.21 -12.45 -0.42
CA ILE A 52 -10.57 -11.84 -0.51
C ILE A 52 -11.41 -12.28 0.70
N ASN A 53 -11.23 -13.50 1.15
CA ASN A 53 -12.02 -14.00 2.31
C ASN A 53 -11.58 -13.27 3.59
N GLU A 54 -10.41 -12.69 3.57
CA GLU A 54 -9.92 -11.96 4.78
C GLU A 54 -10.70 -10.65 4.96
N VAL A 55 -10.94 -9.93 3.89
CA VAL A 55 -11.69 -8.65 4.02
C VAL A 55 -13.18 -8.92 4.01
N ASP A 56 -13.66 -9.66 3.04
CA ASP A 56 -15.13 -9.96 2.96
C ASP A 56 -15.67 -10.28 4.36
N ALA A 57 -16.15 -9.28 5.05
CA ALA A 57 -16.70 -9.51 6.42
C ALA A 57 -18.16 -9.98 6.34
N ASP A 58 -18.92 -9.47 5.40
CA ASP A 58 -20.35 -9.88 5.30
C ASP A 58 -20.45 -11.31 4.74
N GLY A 59 -19.76 -11.60 3.68
CA GLY A 59 -19.82 -12.98 3.12
C GLY A 59 -20.40 -12.93 1.70
N ASN A 60 -20.11 -11.91 0.94
CA ASN A 60 -20.66 -11.82 -0.44
C ASN A 60 -19.60 -12.29 -1.46
N GLY A 61 -18.39 -11.85 -1.33
CA GLY A 61 -17.33 -12.28 -2.29
C GLY A 61 -16.78 -11.06 -3.04
N THR A 62 -17.08 -9.88 -2.57
CA THR A 62 -16.57 -8.66 -3.27
C THR A 62 -16.22 -7.56 -2.26
N ILE A 63 -15.16 -6.83 -2.49
CA ILE A 63 -14.79 -5.74 -1.55
C ILE A 63 -15.55 -4.46 -1.91
N ASP A 64 -15.96 -3.71 -0.92
CA ASP A 64 -16.71 -2.45 -1.22
C ASP A 64 -15.99 -1.24 -0.61
N PHE A 65 -16.58 -0.08 -0.72
CA PHE A 65 -15.94 1.16 -0.17
C PHE A 65 -15.86 1.10 1.38
N PRO A 66 -16.95 0.71 2.02
CA PRO A 66 -16.95 0.65 3.50
C PRO A 66 -16.04 -0.47 3.99
N GLU A 67 -16.02 -1.58 3.31
CA GLU A 67 -15.13 -2.70 3.74
C GLU A 67 -13.68 -2.24 3.70
N PHE A 68 -13.37 -1.33 2.81
CA PHE A 68 -11.98 -0.81 2.72
C PHE A 68 -11.66 0.05 3.94
N LEU A 69 -12.55 0.92 4.31
CA LEU A 69 -12.30 1.79 5.50
C LEU A 69 -11.96 0.94 6.72
N THR A 70 -12.78 -0.02 7.03
CA THR A 70 -12.52 -0.88 8.22
C THR A 70 -11.26 -1.73 8.00
N MET A 71 -11.28 -2.61 7.03
CA MET A 71 -10.09 -3.47 6.76
C MET A 71 -8.80 -2.65 6.90
N MET A 72 -8.83 -1.42 6.49
CA MET A 72 -7.60 -0.57 6.59
C MET A 72 -7.18 -0.41 8.07
N ALA A 73 -8.01 -0.78 8.99
CA ALA A 73 -7.65 -0.63 10.44
C ALA A 73 -7.86 -1.94 11.21
N ARG A 74 -8.49 -2.90 10.61
CA ARG A 74 -8.71 -4.20 11.33
C ARG A 74 -7.64 -5.21 10.95
N LYS A 75 -7.04 -5.07 9.80
CA LYS A 75 -5.99 -6.03 9.38
C LYS A 75 -4.62 -5.63 9.95
N MET A 76 -4.51 -4.41 10.42
CA MET A 76 -3.20 -3.96 10.99
C MET A 76 -3.23 -4.05 12.52
N LYS A 77 -4.38 -4.30 13.09
CA LYS A 77 -4.46 -4.40 14.58
C LYS A 77 -4.73 -5.85 14.99
N ASP A 78 -3.94 -6.77 14.51
CA ASP A 78 -4.14 -8.20 14.86
C ASP A 78 -3.07 -9.08 14.19
N THR A 79 -2.04 -9.43 14.91
CA THR A 79 -0.98 -10.28 14.32
C THR A 79 -0.25 -9.52 13.19
N ASP A 80 -0.28 -8.22 13.23
CA ASP A 80 0.40 -7.43 12.17
C ASP A 80 0.79 -6.04 12.69
N SER A 81 1.60 -6.00 13.71
CA SER A 81 2.01 -4.68 14.28
C SER A 81 3.19 -4.11 13.47
N GLU A 82 4.28 -4.82 13.43
CA GLU A 82 5.45 -4.33 12.67
C GLU A 82 5.53 -5.02 11.30
N GLU A 83 4.98 -6.20 11.18
CA GLU A 83 5.02 -6.91 9.88
C GLU A 83 4.42 -6.04 8.78
N GLU A 84 3.33 -5.38 9.06
CA GLU A 84 2.70 -4.51 8.04
C GLU A 84 3.75 -3.63 7.35
N ILE A 85 4.57 -2.95 8.12
CA ILE A 85 5.61 -2.10 7.50
C ILE A 85 6.68 -2.97 6.85
N ARG A 86 7.01 -4.05 7.48
CA ARG A 86 8.04 -4.97 6.92
C ARG A 86 7.59 -5.45 5.53
N GLU A 87 6.31 -5.57 5.32
CA GLU A 87 5.82 -6.03 4.00
C GLU A 87 5.98 -4.91 2.97
N ALA A 88 5.43 -3.74 3.23
CA ALA A 88 5.58 -2.63 2.26
C ALA A 88 7.07 -2.41 1.97
N PHE A 89 7.91 -2.70 2.93
CA PHE A 89 9.37 -2.52 2.69
C PHE A 89 9.86 -3.61 1.74
N ARG A 90 9.29 -4.79 1.84
CA ARG A 90 9.69 -5.89 0.93
C ARG A 90 9.35 -5.50 -0.51
N VAL A 91 8.35 -4.68 -0.67
CA VAL A 91 7.95 -4.25 -2.05
C VAL A 91 8.95 -3.22 -2.60
N PHE A 92 9.36 -2.27 -1.79
CA PHE A 92 10.34 -1.25 -2.28
C PHE A 92 11.69 -1.91 -2.55
N ASP A 93 12.07 -2.87 -1.75
CA ASP A 93 13.39 -3.55 -1.95
C ASP A 93 13.34 -4.46 -3.17
N LYS A 94 12.96 -3.94 -4.31
CA LYS A 94 12.90 -4.79 -5.53
C LYS A 94 14.12 -5.71 -5.61
N ASP A 95 15.29 -5.19 -5.37
CA ASP A 95 16.51 -6.05 -5.42
C ASP A 95 16.77 -6.69 -4.05
N GLY A 96 16.32 -6.05 -3.00
CA GLY A 96 16.54 -6.62 -1.63
C GLY A 96 17.99 -6.41 -1.22
N ASN A 97 18.50 -5.21 -1.39
CA ASN A 97 19.91 -4.94 -1.00
C ASN A 97 19.96 -4.37 0.42
N GLY A 98 18.88 -3.80 0.88
CA GLY A 98 18.87 -3.22 2.26
C GLY A 98 18.80 -1.70 2.17
N TYR A 99 18.46 -1.17 1.02
CA TYR A 99 18.36 0.32 0.89
C TYR A 99 17.33 0.68 -0.17
N ILE A 100 16.51 1.68 0.09
CA ILE A 100 15.49 2.09 -0.92
C ILE A 100 15.95 3.33 -1.68
N SER A 101 15.53 3.48 -2.90
CA SER A 101 15.93 4.67 -3.69
C SER A 101 14.75 5.22 -4.49
N ALA A 102 14.69 6.52 -4.68
CA ALA A 102 13.55 7.10 -5.45
C ALA A 102 13.30 6.26 -6.71
N ALA A 103 14.32 5.64 -7.22
CA ALA A 103 14.14 4.81 -8.45
C ALA A 103 13.28 3.59 -8.12
N GLU A 104 13.55 2.94 -7.01
CA GLU A 104 12.74 1.75 -6.63
C GLU A 104 11.29 2.18 -6.43
N LEU A 105 11.08 3.27 -5.74
CA LEU A 105 9.68 3.73 -5.52
C LEU A 105 9.08 4.16 -6.85
N ARG A 106 9.87 4.78 -7.70
CA ARG A 106 9.35 5.20 -9.03
C ARG A 106 8.77 3.98 -9.75
N HIS A 107 9.37 2.84 -9.57
CA HIS A 107 8.85 1.62 -10.22
C HIS A 107 7.55 1.20 -9.55
N VAL A 108 7.53 1.17 -8.25
CA VAL A 108 6.29 0.79 -7.52
C VAL A 108 5.18 1.78 -7.87
N MET A 109 5.55 2.97 -8.29
CA MET A 109 4.53 3.98 -8.66
C MET A 109 3.81 3.55 -9.94
N THR A 110 4.53 3.46 -11.02
CA THR A 110 3.89 3.03 -12.29
C THR A 110 3.23 1.67 -12.09
N ASN A 111 3.79 0.87 -11.22
CA ASN A 111 3.21 -0.47 -10.96
C ASN A 111 1.94 -0.32 -10.11
N LEU A 112 1.77 0.81 -9.47
CA LEU A 112 0.56 1.01 -8.64
C LEU A 112 -0.51 1.74 -9.43
N GLY A 113 -0.17 2.81 -10.10
CA GLY A 113 -1.18 3.56 -10.90
C GLY A 113 -0.65 4.95 -11.29
N GLU A 114 0.18 5.54 -10.47
CA GLU A 114 0.70 6.90 -10.81
C GLU A 114 2.23 6.92 -10.82
N LYS A 115 2.80 8.00 -11.27
CA LYS A 115 4.29 8.11 -11.30
C LYS A 115 4.68 9.55 -11.01
N LEU A 116 4.60 9.94 -9.77
CA LEU A 116 4.94 11.34 -9.38
C LEU A 116 6.09 11.89 -10.22
N THR A 117 6.17 13.20 -10.32
CA THR A 117 7.25 13.83 -11.12
C THR A 117 8.63 13.38 -10.60
N ASP A 118 9.62 14.21 -10.73
CA ASP A 118 10.99 13.84 -10.24
C ASP A 118 11.36 14.67 -9.01
N GLU A 119 11.28 15.95 -9.11
CA GLU A 119 11.63 16.81 -7.93
C GLU A 119 10.76 16.43 -6.74
N GLU A 120 9.49 16.26 -6.95
CA GLU A 120 8.59 15.88 -5.82
C GLU A 120 8.98 14.52 -5.28
N VAL A 121 9.29 13.58 -6.14
CA VAL A 121 9.69 12.23 -5.66
C VAL A 121 11.00 12.31 -4.89
N ASP A 122 11.92 13.11 -5.36
CA ASP A 122 13.23 13.25 -4.64
C ASP A 122 12.98 13.78 -3.23
N GLU A 123 12.15 14.77 -3.09
CA GLU A 123 11.87 15.32 -1.74
C GLU A 123 11.24 14.23 -0.88
N MET A 124 10.40 13.42 -1.44
CA MET A 124 9.75 12.33 -0.65
C MET A 124 10.84 11.49 0.03
N ILE A 125 11.83 11.06 -0.71
CA ILE A 125 12.91 10.25 -0.09
C ILE A 125 13.76 11.12 0.84
N ARG A 126 13.82 12.40 0.58
CA ARG A 126 14.62 13.31 1.46
C ARG A 126 13.94 13.44 2.83
N GLU A 127 12.66 13.27 2.88
CA GLU A 127 11.94 13.37 4.18
C GLU A 127 12.28 12.18 5.07
N ALA A 128 12.27 11.00 4.52
CA ALA A 128 12.59 9.79 5.33
C ALA A 128 14.09 9.77 5.66
N ASP A 129 14.91 10.26 4.78
CA ASP A 129 16.37 10.27 5.05
C ASP A 129 16.68 11.09 6.30
N ILE A 130 16.43 10.55 7.46
CA ILE A 130 16.71 11.29 8.72
C ILE A 130 18.22 11.37 8.97
N ASP A 131 18.95 10.38 8.54
CA ASP A 131 20.43 10.40 8.76
C ASP A 131 21.11 11.20 7.64
N GLY A 132 20.51 11.26 6.49
CA GLY A 132 21.13 12.03 5.37
C GLY A 132 22.05 11.11 4.55
N ASP A 133 21.47 10.20 3.82
CA ASP A 133 22.31 9.27 3.00
C ASP A 133 21.87 9.29 1.53
N GLY A 134 20.64 9.67 1.28
CA GLY A 134 20.16 9.71 -0.13
C GLY A 134 19.23 8.52 -0.39
N GLN A 135 19.03 7.69 0.60
CA GLN A 135 18.13 6.51 0.41
C GLN A 135 17.49 6.11 1.74
N VAL A 136 16.48 5.28 1.70
CA VAL A 136 15.81 4.86 2.96
C VAL A 136 16.11 3.39 3.27
N ASN A 137 16.10 3.01 4.51
CA ASN A 137 16.37 1.59 4.86
C ASN A 137 15.32 1.06 5.84
N TYR A 138 15.59 -0.06 6.47
CA TYR A 138 14.61 -0.63 7.44
C TYR A 138 14.38 0.33 8.61
N GLU A 139 15.37 0.55 9.41
CA GLU A 139 15.21 1.48 10.58
C GLU A 139 14.40 2.71 10.19
N GLU A 140 14.76 3.37 9.11
CA GLU A 140 14.02 4.58 8.68
C GLU A 140 12.58 4.22 8.32
N PHE A 141 12.40 3.36 7.35
CA PHE A 141 11.02 2.98 6.93
C PHE A 141 10.20 2.52 8.16
N VAL A 142 10.86 2.15 9.22
CA VAL A 142 10.11 1.69 10.44
C VAL A 142 10.04 2.81 11.48
N GLN A 143 11.17 3.27 11.95
CA GLN A 143 11.18 4.36 12.98
C GLN A 143 10.10 5.40 12.67
N MET A 144 10.02 5.83 11.44
CA MET A 144 9.01 6.85 11.07
C MET A 144 7.59 6.27 11.21
N MET A 145 7.44 4.98 11.08
CA MET A 145 6.08 4.37 11.20
C MET A 145 5.83 3.83 12.62
N THR A 146 6.78 3.13 13.17
CA THR A 146 6.59 2.59 14.55
C THR A 146 6.96 3.62 15.61
N ALA A 147 6.64 4.86 15.37
CA ALA A 147 6.97 5.91 16.38
C ALA A 147 5.78 6.16 17.30
N LYS A 148 4.90 5.20 17.37
CA LYS A 148 3.69 5.35 18.26
C LYS A 148 3.20 6.80 18.29
N VAL B 1 8.41 -20.14 2.85
CA VAL B 1 8.76 -19.04 1.89
C VAL B 1 7.50 -18.59 1.13
N LYS B 2 6.94 -17.46 1.50
CA LYS B 2 5.72 -16.96 0.81
C LYS B 2 6.11 -16.09 -0.39
N LEU B 3 5.22 -15.24 -0.85
CA LEU B 3 5.54 -14.37 -2.02
C LEU B 3 4.53 -13.22 -2.18
N ILE B 4 3.29 -13.43 -1.77
CA ILE B 4 2.26 -12.35 -1.92
C ILE B 4 2.05 -11.60 -0.58
N PRO B 5 1.75 -10.32 -0.68
CA PRO B 5 1.53 -9.48 0.52
C PRO B 5 0.22 -9.88 1.22
N SER B 6 -0.35 -8.99 2.01
CA SER B 6 -1.60 -9.34 2.74
C SER B 6 -2.67 -8.22 2.59
N TRP B 7 -3.04 -7.88 1.38
CA TRP B 7 -4.10 -6.82 1.20
C TRP B 7 -3.62 -5.45 1.70
N THR B 8 -3.74 -5.21 2.98
CA THR B 8 -3.31 -3.90 3.56
C THR B 8 -1.95 -3.50 3.01
N THR B 9 -1.02 -4.40 3.02
CA THR B 9 0.34 -4.06 2.49
C THR B 9 0.19 -3.33 1.15
N VAL B 10 -0.73 -3.76 0.33
CA VAL B 10 -0.93 -3.10 -0.98
C VAL B 10 -1.45 -1.68 -0.77
N ILE B 11 -2.39 -1.50 0.11
CA ILE B 11 -2.93 -0.13 0.35
C ILE B 11 -1.88 0.74 1.03
N LEU B 12 -0.97 0.12 1.73
CA LEU B 12 0.09 0.90 2.42
C LEU B 12 1.02 1.57 1.41
N VAL B 13 1.50 0.83 0.45
CA VAL B 13 2.41 1.43 -0.57
C VAL B 13 1.65 2.47 -1.42
N LYS B 14 0.47 2.15 -1.88
CA LYS B 14 -0.27 3.15 -2.70
C LYS B 14 -0.50 4.42 -1.87
N SER B 15 -0.68 4.28 -0.60
CA SER B 15 -0.89 5.48 0.27
C SER B 15 0.36 6.37 0.24
N MET B 16 1.52 5.78 0.35
CA MET B 16 2.77 6.59 0.34
C MET B 16 2.87 7.38 -0.97
N LEU B 17 2.36 6.84 -2.05
CA LEU B 17 2.44 7.56 -3.36
C LEU B 17 1.53 8.78 -3.33
N ARG B 18 1.76 9.66 -2.43
CA ARG B 18 0.91 10.89 -2.35
C ARG B 18 1.77 12.15 -2.43
N LYS B 19 2.23 12.50 -3.61
CA LYS B 19 3.06 13.73 -3.80
C LYS B 19 4.37 13.63 -3.02
N ARG B 20 4.29 13.44 -1.74
CA ARG B 20 5.53 13.34 -0.91
C ARG B 20 5.20 12.81 0.48
N SER B 21 4.10 12.12 0.63
CA SER B 21 3.72 11.57 1.98
C SER B 21 4.60 10.36 2.32
N PHE B 22 5.24 10.38 3.46
CA PHE B 22 6.10 9.23 3.84
C PHE B 22 6.05 8.98 5.35
N GLY B 23 6.07 10.01 6.13
CA GLY B 23 6.04 9.84 7.61
C GLY B 23 4.98 8.82 8.01
N ASN B 24 3.83 9.28 8.44
CA ASN B 24 2.76 8.32 8.86
C ASN B 24 1.39 8.79 8.36
N PRO B 25 1.07 8.38 7.17
CA PRO B 25 -0.23 8.75 6.59
C PRO B 25 -1.35 7.91 7.21
N PHE B 26 -1.00 6.88 7.92
CA PHE B 26 -2.04 6.01 8.56
C PHE B 26 -2.44 6.57 9.93
CA CA C . -15.41 -4.87 -10.09
CA CA D . -17.82 -7.90 0.96
CA CA E . 16.28 -1.88 -2.45
CA CA F . 18.25 7.90 4.88
N ALA A 1 -13.90 25.31 15.64
CA ALA A 1 -12.66 24.88 14.92
C ALA A 1 -12.91 24.81 13.41
N ASP A 2 -11.88 24.95 12.62
CA ASP A 2 -12.06 24.90 11.14
C ASP A 2 -11.04 23.95 10.52
N GLN A 3 -11.04 22.71 10.94
CA GLN A 3 -10.06 21.73 10.37
C GLN A 3 -10.73 20.86 9.31
N LEU A 4 -10.30 20.95 8.09
CA LEU A 4 -10.91 20.12 7.00
C LEU A 4 -10.12 18.83 6.80
N THR A 5 -10.77 17.70 6.83
CA THR A 5 -10.05 16.41 6.63
C THR A 5 -10.70 15.59 5.51
N GLU A 6 -10.59 16.04 4.29
CA GLU A 6 -11.20 15.30 3.16
C GLU A 6 -10.14 14.46 2.45
N GLU A 7 -8.93 14.98 2.35
CA GLU A 7 -7.85 14.21 1.66
C GLU A 7 -7.75 12.80 2.22
N GLN A 8 -7.39 12.66 3.47
CA GLN A 8 -7.26 11.29 4.06
C GLN A 8 -8.46 10.42 3.63
N ILE A 9 -9.66 10.93 3.74
CA ILE A 9 -10.83 10.14 3.32
C ILE A 9 -10.80 9.93 1.81
N ALA A 10 -10.63 10.99 1.06
CA ALA A 10 -10.57 10.84 -0.42
C ALA A 10 -9.49 9.83 -0.79
N GLU A 11 -8.42 9.80 -0.02
CA GLU A 11 -7.34 8.84 -0.31
C GLU A 11 -7.88 7.41 -0.29
N PHE A 12 -8.55 7.04 0.78
CA PHE A 12 -9.12 5.68 0.85
C PHE A 12 -9.99 5.42 -0.39
N LYS A 13 -10.79 6.38 -0.76
CA LYS A 13 -11.64 6.21 -1.97
C LYS A 13 -10.76 5.96 -3.20
N GLU A 14 -9.67 6.67 -3.31
CA GLU A 14 -8.77 6.45 -4.48
C GLU A 14 -8.27 5.01 -4.47
N ALA A 15 -7.77 4.54 -3.35
CA ALA A 15 -7.29 3.14 -3.29
C ALA A 15 -8.42 2.19 -3.69
N PHE A 16 -9.59 2.41 -3.15
CA PHE A 16 -10.74 1.54 -3.50
C PHE A 16 -11.03 1.64 -5.00
N SER A 17 -10.59 2.70 -5.62
CA SER A 17 -10.83 2.86 -7.08
C SER A 17 -9.67 2.24 -7.86
N LEU A 18 -8.49 2.27 -7.30
CA LEU A 18 -7.31 1.67 -8.00
C LEU A 18 -7.54 0.19 -8.23
N PHE A 19 -8.02 -0.51 -7.23
CA PHE A 19 -8.28 -1.97 -7.38
C PHE A 19 -9.52 -2.20 -8.23
N ASP A 20 -10.58 -1.52 -7.94
CA ASP A 20 -11.84 -1.70 -8.73
C ASP A 20 -11.63 -1.19 -10.16
N LYS A 21 -10.89 -1.91 -10.97
CA LYS A 21 -10.64 -1.48 -12.37
C LYS A 21 -11.96 -1.49 -13.16
N ASP A 22 -13.01 -2.02 -12.60
CA ASP A 22 -14.31 -2.06 -13.32
C ASP A 22 -15.16 -0.84 -12.95
N GLY A 23 -14.99 -0.34 -11.75
CA GLY A 23 -15.79 0.85 -11.32
C GLY A 23 -17.21 0.41 -10.96
N ASP A 24 -17.35 -0.77 -10.42
CA ASP A 24 -18.72 -1.25 -10.05
C ASP A 24 -18.91 -1.19 -8.53
N GLY A 25 -17.84 -1.04 -7.80
CA GLY A 25 -17.95 -0.97 -6.32
C GLY A 25 -17.77 -2.36 -5.73
N THR A 26 -16.99 -3.19 -6.36
CA THR A 26 -16.77 -4.57 -5.84
C THR A 26 -15.44 -5.14 -6.36
N ILE A 27 -14.53 -5.44 -5.47
CA ILE A 27 -13.22 -6.00 -5.94
C ILE A 27 -13.28 -7.53 -5.94
N THR A 28 -12.97 -8.13 -7.05
CA THR A 28 -12.98 -9.62 -7.12
C THR A 28 -11.55 -10.16 -7.01
N THR A 29 -11.37 -11.43 -7.13
CA THR A 29 -9.99 -11.99 -7.03
C THR A 29 -9.21 -11.71 -8.32
N LYS A 30 -9.91 -11.49 -9.40
CA LYS A 30 -9.22 -11.19 -10.68
C LYS A 30 -8.63 -9.79 -10.67
N GLU A 31 -9.38 -8.82 -10.23
CA GLU A 31 -8.85 -7.42 -10.18
C GLU A 31 -7.65 -7.34 -9.23
N LEU A 32 -7.86 -7.61 -7.97
CA LEU A 32 -6.73 -7.56 -7.00
C LEU A 32 -5.58 -8.45 -7.48
N GLY A 33 -5.89 -9.50 -8.18
CA GLY A 33 -4.82 -10.41 -8.67
C GLY A 33 -4.00 -9.71 -9.74
N THR A 34 -4.61 -8.84 -10.50
CA THR A 34 -3.86 -8.11 -11.56
C THR A 34 -2.93 -7.07 -10.93
N VAL A 35 -3.47 -6.14 -10.20
CA VAL A 35 -2.60 -5.11 -9.55
C VAL A 35 -1.45 -5.78 -8.79
N MET A 36 -1.74 -6.79 -8.02
CA MET A 36 -0.67 -7.48 -7.25
C MET A 36 0.40 -8.03 -8.21
N ARG A 37 -0.03 -8.70 -9.25
CA ARG A 37 0.96 -9.25 -10.22
C ARG A 37 1.84 -8.12 -10.78
N SER A 38 1.36 -6.92 -10.78
CA SER A 38 2.16 -5.78 -11.31
C SER A 38 3.22 -5.35 -10.30
N LEU A 39 2.91 -5.43 -9.02
CA LEU A 39 3.91 -5.02 -7.98
C LEU A 39 5.23 -5.76 -8.19
N GLY A 40 5.17 -7.04 -8.47
CA GLY A 40 6.43 -7.81 -8.69
C GLY A 40 6.32 -9.19 -8.02
N GLN A 41 5.26 -9.90 -8.28
CA GLN A 41 5.10 -11.25 -7.66
C GLN A 41 4.31 -12.17 -8.59
N ASN A 42 3.77 -13.24 -8.06
CA ASN A 42 2.99 -14.18 -8.91
C ASN A 42 1.83 -14.79 -8.11
N PRO A 43 0.86 -13.97 -7.80
CA PRO A 43 -0.32 -14.44 -7.03
C PRO A 43 -1.18 -15.37 -7.90
N THR A 44 -1.34 -16.59 -7.47
CA THR A 44 -2.16 -17.55 -8.27
C THR A 44 -3.65 -17.34 -7.96
N GLU A 45 -4.51 -17.67 -8.90
CA GLU A 45 -5.97 -17.50 -8.66
C GLU A 45 -6.35 -18.11 -7.31
N ALA A 46 -6.02 -19.36 -7.09
CA ALA A 46 -6.36 -20.00 -5.80
C ALA A 46 -5.84 -19.16 -4.64
N GLU A 47 -4.65 -18.64 -4.76
CA GLU A 47 -4.09 -17.80 -3.66
C GLU A 47 -5.00 -16.60 -3.42
N LEU A 48 -5.32 -15.86 -4.45
CA LEU A 48 -6.21 -14.68 -4.27
C LEU A 48 -7.38 -15.03 -3.38
N GLN A 49 -8.13 -16.03 -3.74
CA GLN A 49 -9.29 -16.44 -2.90
C GLN A 49 -8.84 -16.54 -1.44
N ASP A 50 -7.72 -17.17 -1.21
CA ASP A 50 -7.23 -17.30 0.19
C ASP A 50 -7.05 -15.91 0.81
N MET A 51 -6.58 -14.97 0.05
CA MET A 51 -6.39 -13.59 0.58
C MET A 51 -7.75 -12.90 0.69
N ILE A 52 -8.52 -12.91 -0.36
CA ILE A 52 -9.86 -12.25 -0.31
C ILE A 52 -10.59 -12.72 0.96
N ASN A 53 -10.23 -13.85 1.48
CA ASN A 53 -10.90 -14.37 2.71
C ASN A 53 -10.34 -13.66 3.94
N GLU A 54 -9.24 -12.98 3.80
CA GLU A 54 -8.65 -12.27 4.97
C GLU A 54 -9.38 -10.93 5.21
N VAL A 55 -10.25 -10.55 4.31
CA VAL A 55 -11.00 -9.26 4.50
C VAL A 55 -12.49 -9.51 4.59
N ASP A 56 -13.05 -10.20 3.61
CA ASP A 56 -14.53 -10.51 3.59
C ASP A 56 -15.17 -10.36 4.98
N ALA A 57 -15.50 -9.15 5.35
CA ALA A 57 -16.12 -8.94 6.68
C ALA A 57 -17.58 -9.43 6.66
N ASP A 58 -18.39 -8.86 5.82
CA ASP A 58 -19.82 -9.30 5.76
C ASP A 58 -19.90 -10.71 5.19
N GLY A 59 -18.89 -11.14 4.47
CA GLY A 59 -18.91 -12.51 3.90
C GLY A 59 -19.91 -12.57 2.74
N ASN A 60 -19.86 -11.62 1.84
CA ASN A 60 -20.82 -11.63 0.70
C ASN A 60 -20.16 -12.25 -0.54
N GLY A 61 -18.93 -11.88 -0.83
CA GLY A 61 -18.25 -12.47 -2.01
C GLY A 61 -17.45 -11.38 -2.77
N THR A 62 -17.51 -10.16 -2.32
CA THR A 62 -16.76 -9.07 -3.04
C THR A 62 -16.36 -7.97 -2.05
N ILE A 63 -15.46 -7.09 -2.47
CA ILE A 63 -15.01 -5.97 -1.57
C ILE A 63 -15.71 -4.67 -1.97
N ASP A 64 -16.43 -4.05 -1.06
CA ASP A 64 -17.13 -2.77 -1.41
C ASP A 64 -16.47 -1.57 -0.69
N PHE A 65 -16.99 -0.38 -0.91
CA PHE A 65 -16.40 0.82 -0.26
C PHE A 65 -16.49 0.77 1.29
N PRO A 66 -17.60 0.28 1.80
CA PRO A 66 -17.77 0.21 3.26
C PRO A 66 -16.83 -0.85 3.85
N GLU A 67 -16.53 -1.86 3.09
CA GLU A 67 -15.61 -2.91 3.58
C GLU A 67 -14.17 -2.38 3.55
N PHE A 68 -13.88 -1.50 2.62
CA PHE A 68 -12.51 -0.93 2.54
C PHE A 68 -12.24 -0.06 3.76
N LEU A 69 -13.19 0.73 4.16
CA LEU A 69 -12.99 1.61 5.35
C LEU A 69 -12.94 0.77 6.63
N THR A 70 -13.65 -0.32 6.67
CA THR A 70 -13.64 -1.17 7.89
C THR A 70 -12.50 -2.19 7.83
N MET A 71 -12.30 -2.81 6.70
CA MET A 71 -11.19 -3.81 6.59
C MET A 71 -9.85 -3.15 6.89
N MET A 72 -9.70 -1.90 6.55
CA MET A 72 -8.40 -1.21 6.82
C MET A 72 -8.23 -1.01 8.32
N ALA A 73 -9.27 -1.23 9.08
CA ALA A 73 -9.17 -1.06 10.55
C ALA A 73 -9.28 -2.41 11.25
N ARG A 74 -10.09 -3.30 10.72
CA ARG A 74 -10.25 -4.64 11.35
C ARG A 74 -8.96 -5.44 11.20
N LYS A 75 -8.33 -5.37 10.06
CA LYS A 75 -7.06 -6.13 9.85
C LYS A 75 -5.99 -5.64 10.83
N MET A 76 -6.09 -4.43 11.29
CA MET A 76 -5.08 -3.89 12.24
C MET A 76 -5.47 -4.27 13.68
N LYS A 77 -6.67 -4.73 13.88
CA LYS A 77 -7.11 -5.11 15.25
C LYS A 77 -7.38 -6.61 15.32
N ASP A 78 -6.39 -7.42 15.02
CA ASP A 78 -6.59 -8.90 15.08
C ASP A 78 -5.30 -9.59 15.50
N THR A 79 -4.27 -9.49 14.70
CA THR A 79 -2.98 -10.15 15.06
C THR A 79 -1.81 -9.43 14.38
N ASP A 80 -1.96 -9.09 13.12
CA ASP A 80 -0.86 -8.39 12.40
C ASP A 80 -0.95 -6.88 12.65
N SER A 81 -0.17 -6.37 13.56
CA SER A 81 -0.21 -4.90 13.85
C SER A 81 1.00 -4.23 13.20
N GLU A 82 2.17 -4.71 13.45
CA GLU A 82 3.40 -4.10 12.86
C GLU A 82 3.85 -4.91 11.64
N GLU A 83 3.30 -6.08 11.46
CA GLU A 83 3.70 -6.91 10.30
C GLU A 83 3.26 -6.24 8.99
N GLU A 84 2.47 -5.20 9.09
CA GLU A 84 2.01 -4.49 7.85
C GLU A 84 3.14 -3.61 7.30
N ILE A 85 4.00 -3.12 8.14
CA ILE A 85 5.10 -2.26 7.66
C ILE A 85 6.18 -3.13 7.01
N ARG A 86 6.37 -4.31 7.51
CA ARG A 86 7.40 -5.22 6.92
C ARG A 86 6.98 -5.61 5.50
N GLU A 87 5.71 -5.80 5.27
CA GLU A 87 5.25 -6.16 3.91
C GLU A 87 5.44 -4.97 2.97
N ALA A 88 5.05 -3.80 3.40
CA ALA A 88 5.21 -2.59 2.52
C ALA A 88 6.69 -2.37 2.21
N PHE A 89 7.57 -2.67 3.13
CA PHE A 89 9.02 -2.48 2.85
C PHE A 89 9.49 -3.49 1.81
N ARG A 90 9.02 -4.70 1.91
CA ARG A 90 9.42 -5.73 0.91
C ARG A 90 8.99 -5.29 -0.49
N VAL A 91 7.91 -4.54 -0.56
CA VAL A 91 7.42 -4.07 -1.88
C VAL A 91 8.34 -2.97 -2.42
N PHE A 92 8.57 -1.93 -1.65
CA PHE A 92 9.46 -0.83 -2.12
C PHE A 92 10.81 -1.41 -2.54
N ASP A 93 11.22 -2.48 -1.94
CA ASP A 93 12.52 -3.10 -2.29
C ASP A 93 12.31 -4.30 -3.22
N LYS A 94 11.84 -4.05 -4.42
CA LYS A 94 11.61 -5.18 -5.37
C LYS A 94 12.75 -6.20 -5.29
N ASP A 95 13.92 -5.78 -4.89
CA ASP A 95 15.05 -6.73 -4.79
C ASP A 95 15.28 -7.12 -3.33
N GLY A 96 15.20 -6.18 -2.43
CA GLY A 96 15.41 -6.49 -0.99
C GLY A 96 16.90 -6.55 -0.69
N ASN A 97 17.65 -5.55 -1.10
CA ASN A 97 19.11 -5.55 -0.84
C ASN A 97 19.42 -4.83 0.49
N GLY A 98 18.55 -3.96 0.92
CA GLY A 98 18.78 -3.23 2.21
C GLY A 98 18.72 -1.73 1.97
N TYR A 99 17.98 -1.29 0.97
CA TYR A 99 17.89 0.17 0.71
C TYR A 99 16.81 0.46 -0.35
N ILE A 100 16.31 1.67 -0.38
CA ILE A 100 15.25 2.01 -1.38
C ILE A 100 15.65 3.27 -2.16
N SER A 101 15.78 3.16 -3.46
CA SER A 101 16.16 4.35 -4.27
C SER A 101 14.93 4.95 -4.94
N ALA A 102 14.88 6.24 -5.09
CA ALA A 102 13.70 6.87 -5.75
C ALA A 102 13.28 6.05 -6.97
N ALA A 103 14.23 5.43 -7.62
CA ALA A 103 13.89 4.60 -8.80
C ALA A 103 13.11 3.36 -8.35
N GLU A 104 13.49 2.79 -7.23
CA GLU A 104 12.76 1.60 -6.72
C GLU A 104 11.30 1.95 -6.48
N LEU A 105 11.06 3.04 -5.80
CA LEU A 105 9.66 3.44 -5.56
C LEU A 105 8.95 3.64 -6.89
N ARG A 106 9.62 4.25 -7.83
CA ARG A 106 9.00 4.44 -9.17
C ARG A 106 8.48 3.10 -9.65
N HIS A 107 9.19 2.04 -9.36
CA HIS A 107 8.73 0.69 -9.78
C HIS A 107 7.38 0.42 -9.13
N VAL A 108 7.30 0.50 -7.82
CA VAL A 108 6.00 0.28 -7.13
C VAL A 108 4.98 1.30 -7.65
N MET A 109 5.44 2.49 -7.94
CA MET A 109 4.53 3.55 -8.44
C MET A 109 3.81 3.08 -9.72
N THR A 110 4.51 2.95 -10.80
CA THR A 110 3.85 2.51 -12.07
C THR A 110 3.12 1.19 -11.84
N ASN A 111 3.50 0.45 -10.83
CA ASN A 111 2.82 -0.84 -10.55
C ASN A 111 1.56 -0.59 -9.72
N LEU A 112 1.40 0.60 -9.21
CA LEU A 112 0.19 0.92 -8.38
C LEU A 112 -0.76 1.84 -9.14
N GLY A 113 -0.23 2.82 -9.84
CA GLY A 113 -1.13 3.75 -10.59
C GLY A 113 -0.34 4.98 -11.07
N GLU A 114 0.14 5.78 -10.15
CA GLU A 114 0.91 7.00 -10.56
C GLU A 114 2.40 6.84 -10.27
N LYS A 115 3.21 7.76 -10.72
CA LYS A 115 4.68 7.65 -10.46
C LYS A 115 5.23 8.96 -9.91
N LEU A 116 4.37 9.89 -9.66
CA LEU A 116 4.82 11.20 -9.12
C LEU A 116 5.85 11.85 -10.07
N THR A 117 5.94 13.14 -10.06
CA THR A 117 6.94 13.82 -10.95
C THR A 117 8.35 13.35 -10.58
N ASP A 118 9.34 14.18 -10.80
CA ASP A 118 10.73 13.77 -10.45
C ASP A 118 11.25 14.64 -9.30
N GLU A 119 10.85 15.88 -9.25
CA GLU A 119 11.33 16.77 -8.15
C GLU A 119 10.70 16.36 -6.82
N GLU A 120 9.42 16.11 -6.83
CA GLU A 120 8.75 15.69 -5.56
C GLU A 120 9.22 14.30 -5.17
N VAL A 121 9.46 13.44 -6.14
CA VAL A 121 9.94 12.08 -5.81
C VAL A 121 11.30 12.15 -5.12
N ASP A 122 12.13 13.07 -5.54
CA ASP A 122 13.46 13.20 -4.91
C ASP A 122 13.30 13.84 -3.53
N GLU A 123 12.56 14.90 -3.44
CA GLU A 123 12.34 15.55 -2.12
C GLU A 123 11.52 14.63 -1.23
N MET A 124 10.67 13.83 -1.81
CA MET A 124 9.84 12.89 -0.99
C MET A 124 10.77 11.92 -0.25
N ILE A 125 11.73 11.37 -0.93
CA ILE A 125 12.67 10.43 -0.26
C ILE A 125 13.59 11.20 0.70
N ARG A 126 14.29 12.17 0.19
CA ARG A 126 15.20 12.96 1.07
C ARG A 126 14.42 13.51 2.26
N GLU A 127 13.45 14.34 2.01
CA GLU A 127 12.65 14.92 3.13
C GLU A 127 12.34 13.84 4.17
N ALA A 128 12.27 12.61 3.76
CA ALA A 128 11.98 11.51 4.74
C ALA A 128 13.29 10.95 5.30
N ASP A 129 14.31 10.91 4.49
CA ASP A 129 15.63 10.37 4.98
C ASP A 129 16.11 11.17 6.19
N ILE A 130 15.83 10.69 7.38
CA ILE A 130 16.31 11.41 8.60
C ILE A 130 17.80 11.69 8.49
N ASP A 131 18.54 10.79 7.89
CA ASP A 131 20.01 11.01 7.76
C ASP A 131 20.32 11.65 6.40
N GLY A 132 19.40 11.61 5.48
CA GLY A 132 19.64 12.22 4.14
C GLY A 132 20.83 11.53 3.47
N ASP A 133 20.62 10.38 2.90
CA ASP A 133 21.73 9.66 2.23
C ASP A 133 21.37 9.38 0.76
N GLY A 134 20.26 9.88 0.31
CA GLY A 134 19.84 9.63 -1.10
C GLY A 134 19.11 8.29 -1.21
N GLN A 135 18.69 7.76 -0.10
CA GLN A 135 17.97 6.45 -0.14
C GLN A 135 17.36 6.16 1.24
N VAL A 136 16.52 5.16 1.33
CA VAL A 136 15.89 4.82 2.65
C VAL A 136 16.32 3.42 3.10
N ASN A 137 16.23 3.15 4.38
CA ASN A 137 16.62 1.81 4.89
C ASN A 137 15.44 1.17 5.64
N TYR A 138 15.70 0.11 6.37
CA TYR A 138 14.59 -0.55 7.11
C TYR A 138 14.21 0.29 8.34
N GLU A 139 15.11 0.44 9.27
CA GLU A 139 14.80 1.26 10.48
C GLU A 139 14.09 2.55 10.08
N GLU A 140 14.61 3.25 9.11
CA GLU A 140 13.96 4.51 8.67
C GLU A 140 12.50 4.26 8.27
N PHE A 141 12.29 3.34 7.36
CA PHE A 141 10.89 3.03 6.92
C PHE A 141 10.00 2.74 8.14
N VAL A 142 10.59 2.40 9.25
CA VAL A 142 9.77 2.09 10.46
C VAL A 142 9.66 3.32 11.37
N GLN A 143 10.73 3.70 12.01
CA GLN A 143 10.68 4.89 12.92
C GLN A 143 9.93 6.05 12.26
N MET A 144 10.28 6.38 11.05
CA MET A 144 9.58 7.51 10.35
C MET A 144 8.15 7.12 9.97
N MET A 145 7.81 5.87 10.08
CA MET A 145 6.42 5.45 9.70
C MET A 145 5.54 5.29 10.96
N THR A 146 6.01 4.61 11.95
CA THR A 146 5.19 4.41 13.19
C THR A 146 6.08 4.50 14.44
N ALA A 147 6.30 5.68 14.92
CA ALA A 147 7.16 5.85 16.14
C ALA A 147 6.39 5.44 17.40
N LYS A 148 5.84 4.26 17.42
CA LYS A 148 5.08 3.82 18.63
C LYS A 148 6.04 3.21 19.66
N VAL B 1 -0.72 -14.19 1.46
CA VAL B 1 -0.43 -13.15 2.50
C VAL B 1 1.07 -13.04 2.76
N LYS B 2 1.77 -14.14 2.72
CA LYS B 2 3.24 -14.10 2.97
C LYS B 2 3.99 -13.75 1.67
N LEU B 3 4.28 -14.72 0.86
CA LEU B 3 5.01 -14.45 -0.42
C LEU B 3 4.32 -13.31 -1.19
N ILE B 4 3.07 -13.05 -0.91
CA ILE B 4 2.33 -11.97 -1.62
C ILE B 4 2.03 -10.81 -0.66
N PRO B 5 1.96 -9.61 -1.19
CA PRO B 5 1.66 -8.43 -0.34
C PRO B 5 0.26 -8.55 0.27
N SER B 6 0.17 -8.46 1.56
CA SER B 6 -1.14 -8.60 2.24
C SER B 6 -2.15 -7.55 1.73
N TRP B 7 -3.38 -7.70 2.10
CA TRP B 7 -4.43 -6.73 1.66
C TRP B 7 -4.04 -5.31 2.07
N THR B 8 -4.26 -4.96 3.31
CA THR B 8 -3.91 -3.59 3.76
C THR B 8 -2.52 -3.21 3.25
N THR B 9 -1.60 -4.13 3.28
CA THR B 9 -0.23 -3.83 2.77
C THR B 9 -0.34 -3.19 1.39
N VAL B 10 -1.12 -3.78 0.52
CA VAL B 10 -1.29 -3.20 -0.83
C VAL B 10 -1.91 -1.81 -0.71
N ILE B 11 -2.68 -1.60 0.32
CA ILE B 11 -3.33 -0.27 0.51
C ILE B 11 -2.35 0.76 1.07
N LEU B 12 -1.73 0.47 2.18
CA LEU B 12 -0.77 1.46 2.76
C LEU B 12 0.31 1.81 1.74
N VAL B 13 0.70 0.89 0.90
CA VAL B 13 1.73 1.22 -0.12
C VAL B 13 1.14 2.22 -1.12
N LYS B 14 -0.02 1.92 -1.64
CA LYS B 14 -0.66 2.88 -2.59
C LYS B 14 -0.92 4.20 -1.86
N SER B 15 -1.04 4.13 -0.56
CA SER B 15 -1.28 5.37 0.24
C SER B 15 0.02 6.17 0.34
N MET B 16 1.13 5.49 0.27
CA MET B 16 2.44 6.20 0.35
C MET B 16 2.67 6.94 -0.96
N LEU B 17 2.20 6.40 -2.05
CA LEU B 17 2.36 7.09 -3.38
C LEU B 17 1.53 8.35 -3.38
N ARG B 18 1.79 9.23 -2.48
CA ARG B 18 1.00 10.48 -2.42
C ARG B 18 1.56 11.52 -3.38
N LYS B 19 2.59 12.20 -3.00
CA LYS B 19 3.14 13.23 -3.89
C LYS B 19 4.40 13.88 -3.30
N ARG B 20 4.25 14.61 -2.24
CA ARG B 20 5.41 15.29 -1.63
C ARG B 20 6.15 14.41 -0.62
N SER B 21 5.51 13.39 -0.08
CA SER B 21 6.26 12.54 0.91
C SER B 21 5.56 11.20 1.18
N PHE B 22 6.09 10.44 2.10
CA PHE B 22 5.50 9.12 2.44
C PHE B 22 4.27 9.28 3.34
N GLY B 23 4.48 9.38 4.63
CA GLY B 23 3.33 9.53 5.57
C GLY B 23 3.77 9.16 6.99
N ASN B 24 2.86 8.69 7.81
CA ASN B 24 3.24 8.30 9.20
C ASN B 24 2.01 7.86 9.99
N PRO B 25 1.04 8.72 10.08
CA PRO B 25 -0.20 8.41 10.83
C PRO B 25 -1.01 7.35 10.07
N PHE B 26 -1.10 6.16 10.62
CA PHE B 26 -1.86 5.08 9.94
C PHE B 26 -2.67 4.27 10.96
CA CA C . -14.84 -4.56 -9.88
CA CA D . -17.21 -8.88 1.38
CA CA E . 16.69 -2.02 -3.05
CA CA F . 18.17 7.40 4.59
N ALA A 1 -8.12 17.46 11.26
CA ALA A 1 -8.99 18.40 12.03
C ALA A 1 -10.47 18.02 11.84
N ASP A 2 -11.36 18.95 12.04
CA ASP A 2 -12.81 18.65 11.87
C ASP A 2 -13.35 19.36 10.63
N GLN A 3 -12.50 19.94 9.84
CA GLN A 3 -12.97 20.65 8.61
C GLN A 3 -12.86 19.74 7.39
N LEU A 4 -13.72 19.91 6.43
CA LEU A 4 -13.67 19.05 5.21
C LEU A 4 -13.74 17.57 5.60
N THR A 5 -14.84 16.93 5.33
CA THR A 5 -14.97 15.49 5.69
C THR A 5 -14.83 14.60 4.44
N GLU A 6 -14.64 15.21 3.30
CA GLU A 6 -14.50 14.40 2.05
C GLU A 6 -13.02 14.27 1.66
N GLU A 7 -12.16 15.01 2.31
CA GLU A 7 -10.70 14.94 1.97
C GLU A 7 -10.14 13.57 2.38
N GLN A 8 -10.03 13.32 3.65
CA GLN A 8 -9.48 12.02 4.12
C GLN A 8 -10.16 10.85 3.40
N ILE A 9 -11.47 10.83 3.39
CA ILE A 9 -12.20 9.72 2.71
C ILE A 9 -11.85 9.68 1.22
N ALA A 10 -11.64 10.82 0.61
CA ALA A 10 -11.30 10.83 -0.84
C ALA A 10 -10.07 9.96 -1.09
N GLU A 11 -8.98 10.24 -0.43
CA GLU A 11 -7.76 9.42 -0.64
C GLU A 11 -8.07 7.93 -0.38
N PHE A 12 -8.71 7.63 0.70
CA PHE A 12 -9.05 6.22 1.00
C PHE A 12 -9.90 5.65 -0.15
N LYS A 13 -10.85 6.42 -0.63
CA LYS A 13 -11.68 5.93 -1.76
C LYS A 13 -10.78 5.67 -2.96
N GLU A 14 -9.72 6.43 -3.09
CA GLU A 14 -8.79 6.23 -4.23
C GLU A 14 -8.28 4.80 -4.20
N ALA A 15 -7.73 4.38 -3.09
CA ALA A 15 -7.22 2.98 -2.99
C ALA A 15 -8.32 2.01 -3.43
N PHE A 16 -9.46 2.10 -2.81
CA PHE A 16 -10.59 1.20 -3.20
C PHE A 16 -10.83 1.31 -4.70
N SER A 17 -10.68 2.48 -5.24
CA SER A 17 -10.89 2.66 -6.70
C SER A 17 -9.68 2.09 -7.47
N LEU A 18 -8.54 2.08 -6.85
CA LEU A 18 -7.32 1.53 -7.53
C LEU A 18 -7.56 0.08 -7.94
N PHE A 19 -8.13 -0.70 -7.06
CA PHE A 19 -8.39 -2.14 -7.39
C PHE A 19 -9.59 -2.25 -8.35
N ASP A 20 -10.48 -1.30 -8.32
CA ASP A 20 -11.67 -1.34 -9.22
C ASP A 20 -11.29 -0.80 -10.60
N LYS A 21 -11.16 -1.66 -11.57
CA LYS A 21 -10.79 -1.19 -12.94
C LYS A 21 -12.04 -1.10 -13.84
N ASP A 22 -13.20 -1.32 -13.28
CA ASP A 22 -14.44 -1.25 -14.10
C ASP A 22 -15.34 -0.11 -13.61
N GLY A 23 -15.62 -0.08 -12.34
CA GLY A 23 -16.49 0.99 -11.80
C GLY A 23 -17.81 0.39 -11.30
N ASP A 24 -17.74 -0.74 -10.66
CA ASP A 24 -18.99 -1.38 -10.14
C ASP A 24 -19.00 -1.35 -8.61
N GLY A 25 -17.87 -1.12 -8.01
CA GLY A 25 -17.81 -1.09 -6.52
C GLY A 25 -17.52 -2.49 -5.98
N THR A 26 -17.40 -3.46 -6.85
CA THR A 26 -17.12 -4.85 -6.38
C THR A 26 -15.78 -5.34 -6.94
N ILE A 27 -14.79 -5.46 -6.10
CA ILE A 27 -13.46 -5.94 -6.59
C ILE A 27 -13.48 -7.46 -6.78
N THR A 28 -13.16 -7.92 -7.96
CA THR A 28 -13.17 -9.40 -8.21
C THR A 28 -11.76 -9.97 -8.06
N THR A 29 -11.60 -11.24 -8.27
CA THR A 29 -10.24 -11.86 -8.15
C THR A 29 -9.36 -11.46 -9.34
N LYS A 30 -9.96 -11.31 -10.49
CA LYS A 30 -9.16 -10.92 -11.70
C LYS A 30 -8.59 -9.51 -11.52
N GLU A 31 -9.39 -8.59 -11.05
CA GLU A 31 -8.89 -7.20 -10.85
C GLU A 31 -7.71 -7.19 -9.88
N LEU A 32 -7.92 -7.63 -8.66
CA LEU A 32 -6.81 -7.64 -7.67
C LEU A 32 -5.64 -8.49 -8.20
N GLY A 33 -5.93 -9.52 -8.96
CA GLY A 33 -4.84 -10.37 -9.49
C GLY A 33 -3.96 -9.56 -10.45
N THR A 34 -4.55 -8.63 -11.14
CA THR A 34 -3.75 -7.80 -12.08
C THR A 34 -2.85 -6.82 -11.30
N VAL A 35 -3.40 -6.14 -10.34
CA VAL A 35 -2.58 -5.18 -9.54
C VAL A 35 -1.45 -5.91 -8.81
N MET A 36 -1.78 -6.90 -8.02
CA MET A 36 -0.72 -7.65 -7.28
C MET A 36 0.32 -8.19 -8.26
N ARG A 37 -0.10 -8.61 -9.43
CA ARG A 37 0.87 -9.15 -10.42
C ARG A 37 1.85 -8.06 -10.86
N SER A 38 1.40 -6.84 -10.90
CA SER A 38 2.30 -5.72 -11.33
C SER A 38 3.42 -5.50 -10.29
N LEU A 39 3.09 -5.51 -9.03
CA LEU A 39 4.15 -5.29 -7.99
C LEU A 39 5.35 -6.20 -8.28
N GLY A 40 5.10 -7.40 -8.73
CA GLY A 40 6.23 -8.33 -9.04
C GLY A 40 6.37 -9.37 -7.91
N GLN A 41 5.36 -9.51 -7.09
CA GLN A 41 5.46 -10.51 -5.98
C GLN A 41 5.14 -11.92 -6.50
N ASN A 42 4.29 -12.65 -5.83
CA ASN A 42 3.95 -14.04 -6.31
C ASN A 42 2.62 -14.50 -5.72
N PRO A 43 1.59 -13.73 -5.99
CA PRO A 43 0.25 -14.08 -5.49
C PRO A 43 -0.42 -15.09 -6.41
N THR A 44 -0.13 -16.35 -6.23
CA THR A 44 -0.74 -17.40 -7.10
C THR A 44 -2.26 -17.21 -7.17
N GLU A 45 -2.93 -18.01 -7.95
CA GLU A 45 -4.41 -17.88 -8.06
C GLU A 45 -5.08 -18.32 -6.75
N ALA A 46 -4.87 -19.56 -6.37
CA ALA A 46 -5.50 -20.05 -5.10
C ALA A 46 -5.34 -19.00 -4.00
N GLU A 47 -4.23 -18.30 -3.98
CA GLU A 47 -4.02 -17.26 -2.94
C GLU A 47 -4.94 -16.07 -3.21
N LEU A 48 -5.13 -15.72 -4.44
CA LEU A 48 -6.02 -14.56 -4.77
C LEU A 48 -7.40 -14.80 -4.17
N GLN A 49 -8.00 -15.91 -4.48
CA GLN A 49 -9.35 -16.19 -3.92
C GLN A 49 -9.28 -16.23 -2.40
N ASP A 50 -8.24 -16.81 -1.87
CA ASP A 50 -8.10 -16.87 -0.39
C ASP A 50 -7.98 -15.46 0.18
N MET A 51 -7.30 -14.60 -0.53
CA MET A 51 -7.14 -13.19 -0.05
C MET A 51 -8.49 -12.48 -0.05
N ILE A 52 -9.24 -12.60 -1.11
CA ILE A 52 -10.57 -11.94 -1.17
C ILE A 52 -11.48 -12.55 -0.09
N ASN A 53 -11.28 -13.81 0.23
CA ASN A 53 -12.12 -14.45 1.28
C ASN A 53 -11.74 -13.91 2.65
N GLU A 54 -10.60 -13.29 2.76
CA GLU A 54 -10.15 -12.74 4.07
C GLU A 54 -10.98 -11.49 4.43
N VAL A 55 -10.98 -10.49 3.59
CA VAL A 55 -11.77 -9.27 3.91
C VAL A 55 -13.26 -9.56 3.78
N ASP A 56 -13.62 -10.48 2.91
CA ASP A 56 -15.07 -10.80 2.72
C ASP A 56 -15.75 -11.04 4.08
N ALA A 57 -16.24 -10.00 4.68
CA ALA A 57 -16.92 -10.16 6.01
C ALA A 57 -18.23 -10.93 5.85
N ASP A 58 -18.86 -10.84 4.70
CA ASP A 58 -20.14 -11.58 4.49
C ASP A 58 -19.87 -12.92 3.81
N GLY A 59 -19.00 -12.94 2.85
CA GLY A 59 -18.70 -14.21 2.13
C GLY A 59 -19.42 -14.24 0.79
N ASN A 60 -19.33 -13.18 0.04
CA ASN A 60 -20.01 -13.16 -1.30
C ASN A 60 -19.02 -13.49 -2.41
N GLY A 61 -17.85 -12.90 -2.36
CA GLY A 61 -16.84 -13.20 -3.42
C GLY A 61 -16.32 -11.87 -4.02
N THR A 62 -16.70 -10.76 -3.45
CA THR A 62 -16.22 -9.45 -3.99
C THR A 62 -16.06 -8.43 -2.85
N ILE A 63 -15.21 -7.45 -3.04
CA ILE A 63 -15.02 -6.43 -1.98
C ILE A 63 -15.87 -5.19 -2.27
N ASP A 64 -16.03 -4.32 -1.31
CA ASP A 64 -16.85 -3.09 -1.55
C ASP A 64 -16.32 -1.91 -0.72
N PHE A 65 -16.81 -0.72 -0.97
CA PHE A 65 -16.34 0.47 -0.22
C PHE A 65 -16.58 0.33 1.29
N PRO A 66 -17.72 -0.20 1.67
CA PRO A 66 -18.03 -0.35 3.11
C PRO A 66 -17.14 -1.40 3.75
N GLU A 67 -16.62 -2.31 2.97
CA GLU A 67 -15.73 -3.36 3.53
C GLU A 67 -14.31 -2.78 3.66
N PHE A 68 -13.91 -1.95 2.74
CA PHE A 68 -12.55 -1.36 2.81
C PHE A 68 -12.40 -0.50 4.07
N LEU A 69 -13.40 0.28 4.38
CA LEU A 69 -13.32 1.14 5.60
C LEU A 69 -13.54 0.29 6.88
N THR A 70 -14.38 -0.70 6.80
CA THR A 70 -14.64 -1.55 8.01
C THR A 70 -13.46 -2.49 8.28
N MET A 71 -12.55 -2.61 7.35
CA MET A 71 -11.39 -3.52 7.56
C MET A 71 -10.15 -2.72 8.02
N MET A 72 -9.89 -1.61 7.39
CA MET A 72 -8.70 -0.80 7.77
C MET A 72 -8.79 -0.35 9.25
N ALA A 73 -9.94 -0.51 9.86
CA ALA A 73 -10.09 -0.09 11.28
C ALA A 73 -9.71 -1.22 12.24
N ARG A 74 -9.67 -2.44 11.77
CA ARG A 74 -9.30 -3.57 12.67
C ARG A 74 -7.82 -3.91 12.55
N LYS A 75 -7.18 -3.48 11.49
CA LYS A 75 -5.73 -3.80 11.32
C LYS A 75 -4.87 -2.67 11.89
N MET A 76 -5.37 -1.46 11.90
CA MET A 76 -4.57 -0.33 12.45
C MET A 76 -5.00 -0.03 13.89
N LYS A 77 -4.84 -0.98 14.78
CA LYS A 77 -5.22 -0.75 16.19
C LYS A 77 -3.97 -0.68 17.08
N ASP A 78 -3.16 -1.70 17.06
CA ASP A 78 -1.93 -1.69 17.90
C ASP A 78 -1.17 -3.02 17.75
N THR A 79 -1.87 -4.12 17.73
CA THR A 79 -1.18 -5.44 17.59
C THR A 79 -0.18 -5.40 16.43
N ASP A 80 -0.64 -5.58 15.22
CA ASP A 80 0.29 -5.55 14.05
C ASP A 80 0.67 -4.11 13.70
N SER A 81 1.82 -3.68 14.10
CA SER A 81 2.27 -2.29 13.78
C SER A 81 3.58 -2.33 13.02
N GLU A 82 4.42 -3.28 13.29
CA GLU A 82 5.72 -3.38 12.58
C GLU A 82 5.62 -4.42 11.46
N GLU A 83 4.68 -5.33 11.56
CA GLU A 83 4.54 -6.37 10.49
C GLU A 83 3.95 -5.73 9.23
N GLU A 84 3.07 -4.79 9.38
CA GLU A 84 2.45 -4.13 8.19
C GLU A 84 3.48 -3.26 7.49
N ILE A 85 4.27 -2.55 8.23
CA ILE A 85 5.30 -1.67 7.62
C ILE A 85 6.38 -2.53 6.98
N ARG A 86 6.57 -3.71 7.47
CA ARG A 86 7.61 -4.61 6.91
C ARG A 86 7.20 -5.01 5.48
N GLU A 87 6.00 -5.47 5.31
CA GLU A 87 5.54 -5.87 3.95
C GLU A 87 5.65 -4.68 3.00
N ALA A 88 5.12 -3.54 3.40
CA ALA A 88 5.20 -2.34 2.52
C ALA A 88 6.67 -2.06 2.16
N PHE A 89 7.58 -2.37 3.05
CA PHE A 89 9.02 -2.14 2.74
C PHE A 89 9.47 -3.09 1.63
N ARG A 90 9.44 -4.36 1.89
CA ARG A 90 9.85 -5.36 0.86
C ARG A 90 9.32 -4.94 -0.50
N VAL A 91 8.18 -4.32 -0.54
CA VAL A 91 7.61 -3.88 -1.84
C VAL A 91 8.50 -2.80 -2.44
N PHE A 92 8.89 -1.83 -1.66
CA PHE A 92 9.78 -0.76 -2.20
C PHE A 92 11.17 -1.32 -2.51
N ASP A 93 11.49 -2.45 -1.94
CA ASP A 93 12.84 -3.05 -2.19
C ASP A 93 12.75 -4.11 -3.29
N LYS A 94 12.35 -3.73 -4.48
CA LYS A 94 12.24 -4.72 -5.59
C LYS A 94 13.46 -5.65 -5.58
N ASP A 95 14.63 -5.11 -5.74
CA ASP A 95 15.85 -5.96 -5.74
C ASP A 95 15.91 -6.79 -4.46
N GLY A 96 15.36 -6.29 -3.38
CA GLY A 96 15.39 -7.04 -2.10
C GLY A 96 16.79 -6.97 -1.49
N ASN A 97 17.40 -5.82 -1.51
CA ASN A 97 18.77 -5.69 -0.93
C ASN A 97 18.69 -5.08 0.48
N GLY A 98 17.98 -3.99 0.63
CA GLY A 98 17.87 -3.35 1.97
C GLY A 98 17.72 -1.84 1.82
N TYR A 99 18.35 -1.27 0.82
CA TYR A 99 18.23 0.21 0.62
C TYR A 99 17.12 0.53 -0.39
N ILE A 100 16.55 1.70 -0.30
CA ILE A 100 15.47 2.07 -1.26
C ILE A 100 15.86 3.34 -2.02
N SER A 101 15.80 3.29 -3.32
CA SER A 101 16.15 4.48 -4.13
C SER A 101 14.90 5.05 -4.81
N ALA A 102 14.97 6.26 -5.28
CA ALA A 102 13.79 6.87 -5.97
C ALA A 102 13.31 5.97 -7.11
N ALA A 103 14.22 5.31 -7.77
CA ALA A 103 13.83 4.42 -8.90
C ALA A 103 12.89 3.33 -8.39
N GLU A 104 13.21 2.70 -7.30
CA GLU A 104 12.32 1.64 -6.77
C GLU A 104 10.94 2.21 -6.49
N LEU A 105 10.88 3.30 -5.78
CA LEU A 105 9.54 3.91 -5.49
C LEU A 105 8.80 4.17 -6.80
N ARG A 106 9.49 4.67 -7.80
CA ARG A 106 8.81 4.93 -9.10
C ARG A 106 8.42 3.59 -9.74
N HIS A 107 9.01 2.52 -9.30
CA HIS A 107 8.66 1.19 -9.88
C HIS A 107 7.40 0.65 -9.20
N VAL A 108 7.18 1.00 -7.96
CA VAL A 108 5.96 0.51 -7.25
C VAL A 108 4.78 1.43 -7.58
N MET A 109 4.99 2.71 -7.61
CA MET A 109 3.88 3.65 -7.92
C MET A 109 3.06 3.13 -9.10
N THR A 110 3.62 3.17 -10.27
CA THR A 110 2.88 2.67 -11.47
C THR A 110 2.30 1.30 -11.19
N ASN A 111 3.08 0.41 -10.63
CA ASN A 111 2.56 -0.94 -10.33
C ASN A 111 1.36 -0.84 -9.39
N LEU A 112 1.18 0.30 -8.76
CA LEU A 112 0.02 0.46 -7.83
C LEU A 112 -1.04 1.36 -8.47
N GLY A 113 -0.66 2.46 -9.03
CA GLY A 113 -1.68 3.36 -9.66
C GLY A 113 -1.09 4.75 -9.94
N GLU A 114 -0.68 5.46 -8.92
CA GLU A 114 -0.11 6.83 -9.13
C GLU A 114 1.36 6.75 -9.55
N LYS A 115 1.94 7.86 -9.92
CA LYS A 115 3.36 7.88 -10.33
C LYS A 115 3.95 9.27 -10.10
N LEU A 116 4.23 9.61 -8.87
CA LEU A 116 4.80 10.96 -8.56
C LEU A 116 5.77 11.40 -9.66
N THR A 117 5.72 12.64 -10.04
CA THR A 117 6.64 13.14 -11.11
C THR A 117 8.10 12.82 -10.73
N ASP A 118 9.05 13.44 -11.40
CA ASP A 118 10.48 13.18 -11.08
C ASP A 118 10.93 14.05 -9.90
N GLU A 119 10.78 15.34 -10.02
CA GLU A 119 11.20 16.24 -8.90
C GLU A 119 10.47 15.85 -7.61
N GLU A 120 9.32 15.24 -7.73
CA GLU A 120 8.58 14.82 -6.51
C GLU A 120 9.22 13.54 -5.96
N VAL A 121 9.52 12.62 -6.82
CA VAL A 121 10.15 11.35 -6.37
C VAL A 121 11.45 11.66 -5.62
N ASP A 122 12.18 12.65 -6.07
CA ASP A 122 13.47 13.00 -5.40
C ASP A 122 13.18 13.67 -4.05
N GLU A 123 12.35 14.68 -4.06
CA GLU A 123 12.02 15.38 -2.78
C GLU A 123 11.42 14.39 -1.79
N MET A 124 10.87 13.30 -2.27
CA MET A 124 10.27 12.30 -1.35
C MET A 124 11.38 11.49 -0.66
N ILE A 125 12.33 11.01 -1.42
CA ILE A 125 13.44 10.22 -0.80
C ILE A 125 14.43 11.15 -0.10
N ARG A 126 14.62 12.33 -0.62
CA ARG A 126 15.58 13.28 0.02
C ARG A 126 15.08 13.67 1.41
N GLU A 127 13.82 14.00 1.52
CA GLU A 127 13.26 14.39 2.85
C GLU A 127 13.26 13.18 3.80
N ALA A 128 13.31 12.00 3.26
CA ALA A 128 13.31 10.79 4.13
C ALA A 128 14.75 10.47 4.59
N ASP A 129 15.71 10.70 3.75
CA ASP A 129 17.12 10.40 4.14
C ASP A 129 17.57 11.32 5.28
N ILE A 130 16.95 11.19 6.43
CA ILE A 130 17.34 12.04 7.59
C ILE A 130 18.86 12.09 7.74
N ASP A 131 19.53 11.05 7.32
CA ASP A 131 21.02 11.03 7.45
C ASP A 131 21.65 11.63 6.19
N GLY A 132 20.99 11.55 5.07
CA GLY A 132 21.56 12.12 3.82
C GLY A 132 22.48 11.10 3.16
N ASP A 133 21.92 10.07 2.58
CA ASP A 133 22.77 9.04 1.92
C ASP A 133 22.30 8.81 0.47
N GLY A 134 21.04 9.00 0.20
CA GLY A 134 20.53 8.80 -1.18
C GLY A 134 19.46 7.70 -1.18
N GLN A 135 19.29 7.02 -0.07
CA GLN A 135 18.28 5.94 -0.01
C GLN A 135 17.89 5.65 1.44
N VAL A 136 16.86 4.88 1.65
CA VAL A 136 16.43 4.56 3.05
C VAL A 136 16.63 3.07 3.35
N ASN A 137 16.71 2.71 4.60
CA ASN A 137 16.91 1.26 4.96
C ASN A 137 15.76 0.77 5.86
N TYR A 138 15.87 -0.43 6.36
CA TYR A 138 14.78 -0.97 7.24
C TYR A 138 14.56 -0.05 8.44
N GLU A 139 15.50 -0.01 9.35
CA GLU A 139 15.34 0.86 10.56
C GLU A 139 14.71 2.21 10.17
N GLU A 140 15.29 2.89 9.21
CA GLU A 140 14.72 4.20 8.78
C GLU A 140 13.23 4.04 8.45
N PHE A 141 12.91 3.24 7.47
CA PHE A 141 11.47 3.03 7.12
C PHE A 141 10.63 2.89 8.39
N VAL A 142 11.23 2.43 9.45
CA VAL A 142 10.49 2.28 10.73
C VAL A 142 10.69 3.51 11.61
N GLN A 143 11.88 4.07 11.62
CA GLN A 143 12.15 5.27 12.45
C GLN A 143 11.37 6.47 11.89
N MET A 144 10.79 6.32 10.73
CA MET A 144 10.02 7.44 10.14
C MET A 144 8.54 7.33 10.49
N MET A 145 8.08 6.14 10.80
CA MET A 145 6.64 5.97 11.15
C MET A 145 6.44 5.89 12.66
N THR A 146 6.90 4.83 13.28
CA THR A 146 6.72 4.70 14.76
C THR A 146 7.92 5.27 15.51
N ALA A 147 8.19 6.53 15.36
CA ALA A 147 9.35 7.14 16.06
C ALA A 147 8.88 7.87 17.33
N LYS A 148 7.94 7.31 18.04
CA LYS A 148 7.43 7.98 19.27
C LYS A 148 8.47 7.86 20.40
N VAL B 1 10.28 -16.92 0.52
CA VAL B 1 9.38 -17.56 -0.49
C VAL B 1 8.01 -16.89 -0.48
N LYS B 2 7.45 -16.65 0.69
CA LYS B 2 6.11 -15.99 0.76
C LYS B 2 6.28 -14.48 0.92
N LEU B 3 5.47 -13.71 0.25
CA LEU B 3 5.58 -12.23 0.38
C LEU B 3 4.41 -11.53 -0.31
N ILE B 4 3.23 -11.68 0.23
CA ILE B 4 2.04 -11.02 -0.39
C ILE B 4 1.51 -9.93 0.54
N PRO B 5 1.08 -8.85 -0.05
CA PRO B 5 0.53 -7.73 0.74
C PRO B 5 -0.83 -8.12 1.33
N SER B 6 -0.88 -8.43 2.60
CA SER B 6 -2.17 -8.83 3.23
C SER B 6 -3.19 -7.68 3.15
N TRP B 7 -3.69 -7.41 1.98
CA TRP B 7 -4.69 -6.31 1.84
C TRP B 7 -4.18 -5.02 2.49
N THR B 8 -4.40 -4.85 3.76
CA THR B 8 -3.91 -3.62 4.44
C THR B 8 -2.50 -3.26 3.96
N THR B 9 -1.76 -4.23 3.49
CA THR B 9 -0.38 -3.93 3.00
C THR B 9 -0.45 -3.13 1.68
N VAL B 10 -1.21 -3.60 0.71
CA VAL B 10 -1.30 -2.84 -0.57
C VAL B 10 -1.78 -1.41 -0.26
N ILE B 11 -2.53 -1.26 0.79
CA ILE B 11 -3.01 0.10 1.17
C ILE B 11 -1.86 0.89 1.80
N LEU B 12 -0.93 0.19 2.42
CA LEU B 12 0.23 0.88 3.06
C LEU B 12 1.11 1.54 1.99
N VAL B 13 1.59 0.77 1.07
CA VAL B 13 2.47 1.33 0.01
C VAL B 13 1.73 2.41 -0.80
N LYS B 14 0.48 2.21 -1.13
CA LYS B 14 -0.23 3.27 -1.90
C LYS B 14 -0.29 4.53 -1.06
N SER B 15 -0.31 4.37 0.22
CA SER B 15 -0.35 5.55 1.12
C SER B 15 1.07 6.06 1.30
N MET B 16 2.05 5.25 0.97
CA MET B 16 3.47 5.67 1.12
C MET B 16 3.83 6.74 0.08
N LEU B 17 3.50 6.53 -1.19
CA LEU B 17 3.84 7.61 -2.18
C LEU B 17 2.61 8.46 -2.47
N ARG B 18 1.83 8.69 -1.45
CA ARG B 18 0.60 9.52 -1.58
C ARG B 18 0.88 10.82 -2.34
N LYS B 19 1.45 11.79 -1.68
CA LYS B 19 1.73 13.09 -2.35
C LYS B 19 3.23 13.23 -2.68
N ARG B 20 4.05 13.48 -1.69
CA ARG B 20 5.51 13.63 -1.96
C ARG B 20 6.34 13.20 -0.74
N SER B 21 5.73 12.52 0.19
CA SER B 21 6.48 12.08 1.40
C SER B 21 6.32 10.57 1.61
N PHE B 22 6.82 10.05 2.70
CA PHE B 22 6.69 8.59 2.94
C PHE B 22 5.43 8.30 3.77
N GLY B 23 5.29 8.91 4.90
CA GLY B 23 4.08 8.67 5.74
C GLY B 23 4.45 8.74 7.22
N ASN B 24 3.47 8.61 8.07
CA ASN B 24 3.75 8.67 9.55
C ASN B 24 2.43 8.63 10.33
N PRO B 25 1.54 9.52 9.98
CA PRO B 25 0.23 9.58 10.66
C PRO B 25 -0.73 8.55 10.07
N PHE B 26 -0.52 7.30 10.36
CA PHE B 26 -1.43 6.24 9.81
C PHE B 26 -2.27 5.63 10.94
CA CA C . -14.64 -4.10 -9.82
CA CA D . -17.66 -8.90 0.46
CA CA E . 16.62 -1.71 -3.26
CA CA F . 18.53 7.42 4.48
N ALA A 1 -18.40 21.33 16.82
CA ALA A 1 -17.95 20.97 15.44
C ALA A 1 -18.48 19.58 15.06
N ASP A 2 -19.06 19.45 13.91
CA ASP A 2 -19.59 18.12 13.47
C ASP A 2 -19.65 18.05 11.94
N GLN A 3 -18.66 18.57 11.27
CA GLN A 3 -18.66 18.52 9.79
C GLN A 3 -18.33 17.10 9.30
N LEU A 4 -18.81 16.73 8.15
CA LEU A 4 -18.52 15.36 7.63
C LEU A 4 -17.02 15.23 7.32
N THR A 5 -16.53 14.02 7.16
CA THR A 5 -15.09 13.84 6.85
C THR A 5 -14.92 13.26 5.44
N GLU A 6 -15.69 13.74 4.52
CA GLU A 6 -15.59 13.23 3.12
C GLU A 6 -14.12 13.20 2.67
N GLU A 7 -13.39 14.26 2.90
CA GLU A 7 -11.96 14.29 2.49
C GLU A 7 -11.29 12.95 2.79
N GLN A 8 -11.23 12.56 4.03
CA GLN A 8 -10.59 11.26 4.38
C GLN A 8 -11.10 10.17 3.42
N ILE A 9 -12.39 9.99 3.34
CA ILE A 9 -12.95 8.96 2.43
C ILE A 9 -12.41 9.18 1.01
N ALA A 10 -12.37 10.41 0.57
CA ALA A 10 -11.85 10.69 -0.80
C ALA A 10 -10.56 9.89 -1.04
N GLU A 11 -9.56 10.12 -0.25
CA GLU A 11 -8.28 9.37 -0.42
C GLU A 11 -8.58 7.86 -0.46
N PHE A 12 -9.22 7.35 0.56
CA PHE A 12 -9.53 5.90 0.57
C PHE A 12 -10.26 5.53 -0.71
N LYS A 13 -11.00 6.46 -1.28
CA LYS A 13 -11.71 6.16 -2.55
C LYS A 13 -10.69 5.91 -3.65
N GLU A 14 -9.61 6.63 -3.63
CA GLU A 14 -8.55 6.43 -4.67
C GLU A 14 -8.02 5.01 -4.57
N ALA A 15 -7.72 4.55 -3.38
CA ALA A 15 -7.21 3.16 -3.22
C ALA A 15 -8.26 2.17 -3.73
N PHE A 16 -9.48 2.32 -3.30
CA PHE A 16 -10.55 1.40 -3.77
C PHE A 16 -10.72 1.53 -5.27
N SER A 17 -10.65 2.74 -5.78
CA SER A 17 -10.79 2.94 -7.25
C SER A 17 -9.55 2.39 -7.95
N LEU A 18 -8.42 2.43 -7.30
CA LEU A 18 -7.18 1.90 -7.92
C LEU A 18 -7.36 0.42 -8.27
N PHE A 19 -7.92 -0.35 -7.37
CA PHE A 19 -8.13 -1.80 -7.65
C PHE A 19 -9.21 -1.98 -8.72
N ASP A 20 -10.35 -1.39 -8.53
CA ASP A 20 -11.44 -1.51 -9.54
C ASP A 20 -11.05 -0.79 -10.84
N LYS A 21 -10.76 -1.53 -11.88
CA LYS A 21 -10.37 -0.90 -13.16
C LYS A 21 -11.62 -0.51 -13.98
N ASP A 22 -12.79 -0.75 -13.44
CA ASP A 22 -14.03 -0.41 -14.20
C ASP A 22 -14.84 0.66 -13.44
N GLY A 23 -15.41 0.32 -12.33
CA GLY A 23 -16.20 1.32 -11.55
C GLY A 23 -17.52 0.68 -11.10
N ASP A 24 -17.50 -0.57 -10.77
CA ASP A 24 -18.75 -1.24 -10.31
C ASP A 24 -18.84 -1.20 -8.79
N GLY A 25 -17.78 -0.82 -8.14
CA GLY A 25 -17.79 -0.76 -6.65
C GLY A 25 -17.55 -2.15 -6.08
N THR A 26 -16.81 -2.97 -6.77
CA THR A 26 -16.54 -4.35 -6.26
C THR A 26 -15.20 -4.88 -6.80
N ILE A 27 -14.32 -5.28 -5.92
CA ILE A 27 -13.00 -5.81 -6.39
C ILE A 27 -13.08 -7.33 -6.53
N THR A 28 -12.83 -7.83 -7.72
CA THR A 28 -12.89 -9.32 -7.93
C THR A 28 -11.48 -9.92 -7.91
N THR A 29 -11.39 -11.22 -7.92
CA THR A 29 -10.05 -11.87 -7.90
C THR A 29 -9.27 -11.49 -9.17
N LYS A 30 -9.95 -11.31 -10.27
CA LYS A 30 -9.27 -10.93 -11.53
C LYS A 30 -8.72 -9.51 -11.44
N GLU A 31 -9.59 -8.55 -11.23
CA GLU A 31 -9.12 -7.13 -11.14
C GLU A 31 -7.94 -7.04 -10.17
N LEU A 32 -8.16 -7.29 -8.91
CA LEU A 32 -7.04 -7.22 -7.93
C LEU A 32 -5.85 -8.01 -8.47
N GLY A 33 -6.09 -9.19 -8.98
CA GLY A 33 -4.98 -10.01 -9.52
C GLY A 33 -4.14 -9.17 -10.48
N THR A 34 -4.78 -8.40 -11.33
CA THR A 34 -4.02 -7.55 -12.28
C THR A 34 -3.13 -6.56 -11.52
N VAL A 35 -3.69 -5.88 -10.55
CA VAL A 35 -2.86 -4.91 -9.76
C VAL A 35 -1.78 -5.66 -8.99
N MET A 36 -2.12 -6.75 -8.38
CA MET A 36 -1.10 -7.53 -7.62
C MET A 36 -0.11 -8.20 -8.58
N ARG A 37 -0.53 -8.43 -9.80
CA ARG A 37 0.37 -9.07 -10.79
C ARG A 37 1.35 -8.04 -11.35
N SER A 38 1.02 -6.78 -11.26
CA SER A 38 1.93 -5.72 -11.79
C SER A 38 3.00 -5.32 -10.76
N LEU A 39 2.61 -5.21 -9.50
CA LEU A 39 3.61 -4.82 -8.46
C LEU A 39 4.90 -5.62 -8.66
N GLY A 40 4.79 -6.82 -9.14
CA GLY A 40 6.01 -7.65 -9.37
C GLY A 40 5.83 -9.02 -8.70
N GLN A 41 4.93 -9.82 -9.22
CA GLN A 41 4.71 -11.17 -8.62
C GLN A 41 3.60 -11.90 -9.37
N ASN A 42 3.18 -13.04 -8.88
CA ASN A 42 2.11 -13.80 -9.57
C ASN A 42 1.11 -14.37 -8.56
N PRO A 43 0.07 -13.61 -8.31
CA PRO A 43 -0.98 -14.03 -7.37
C PRO A 43 -1.83 -15.14 -8.00
N THR A 44 -1.97 -16.25 -7.33
CA THR A 44 -2.78 -17.37 -7.90
C THR A 44 -4.23 -17.30 -7.39
N GLU A 45 -5.13 -17.96 -8.06
CA GLU A 45 -6.55 -17.95 -7.61
C GLU A 45 -6.65 -18.40 -6.16
N ALA A 46 -6.23 -19.60 -5.87
CA ALA A 46 -6.31 -20.09 -4.46
C ALA A 46 -5.75 -19.03 -3.51
N GLU A 47 -4.64 -18.44 -3.87
CA GLU A 47 -4.04 -17.39 -2.99
C GLU A 47 -4.92 -16.14 -3.01
N LEU A 48 -5.40 -15.76 -4.16
CA LEU A 48 -6.27 -14.55 -4.23
C LEU A 48 -7.56 -14.78 -3.44
N GLN A 49 -8.06 -15.99 -3.46
CA GLN A 49 -9.31 -16.27 -2.71
C GLN A 49 -9.06 -16.17 -1.21
N ASP A 50 -7.95 -16.66 -0.75
CA ASP A 50 -7.63 -16.58 0.69
C ASP A 50 -7.41 -15.12 1.10
N MET A 51 -7.03 -14.29 0.17
CA MET A 51 -6.81 -12.85 0.50
C MET A 51 -8.16 -12.13 0.61
N ILE A 52 -9.04 -12.36 -0.33
CA ILE A 52 -10.37 -11.69 -0.28
C ILE A 52 -11.15 -12.17 0.96
N ASN A 53 -10.99 -13.42 1.34
CA ASN A 53 -11.71 -13.93 2.53
C ASN A 53 -11.26 -13.19 3.79
N GLU A 54 -10.16 -12.49 3.71
CA GLU A 54 -9.67 -11.75 4.90
C GLU A 54 -10.41 -10.42 5.04
N VAL A 55 -10.78 -9.81 3.94
CA VAL A 55 -11.52 -8.51 4.02
C VAL A 55 -13.01 -8.73 3.75
N ASP A 56 -13.37 -9.87 3.23
CA ASP A 56 -14.81 -10.13 2.96
C ASP A 56 -15.61 -10.06 4.26
N ALA A 57 -15.95 -8.87 4.69
CA ALA A 57 -16.73 -8.71 5.95
C ALA A 57 -18.24 -8.66 5.64
N ASP A 58 -18.59 -8.43 4.40
CA ASP A 58 -20.03 -8.37 4.05
C ASP A 58 -20.59 -9.78 3.84
N GLY A 59 -19.84 -10.63 3.21
CA GLY A 59 -20.32 -12.02 2.97
C GLY A 59 -20.78 -12.15 1.52
N ASN A 60 -20.44 -11.20 0.70
CA ASN A 60 -20.86 -11.26 -0.74
C ASN A 60 -19.82 -12.03 -1.55
N GLY A 61 -18.56 -11.73 -1.38
CA GLY A 61 -17.51 -12.44 -2.16
C GLY A 61 -16.55 -11.43 -2.77
N THR A 62 -16.98 -10.20 -2.93
CA THR A 62 -16.09 -9.17 -3.52
C THR A 62 -15.81 -8.05 -2.50
N ILE A 63 -14.88 -7.18 -2.79
CA ILE A 63 -14.57 -6.08 -1.84
C ILE A 63 -15.36 -4.83 -2.21
N ASP A 64 -15.89 -4.13 -1.24
CA ASP A 64 -16.68 -2.90 -1.54
C ASP A 64 -16.02 -1.66 -0.93
N PHE A 65 -16.50 -0.49 -1.25
CA PHE A 65 -15.91 0.75 -0.68
C PHE A 65 -16.05 0.81 0.85
N PRO A 66 -17.17 0.37 1.37
CA PRO A 66 -17.37 0.41 2.84
C PRO A 66 -16.46 -0.63 3.50
N GLU A 67 -16.07 -1.64 2.77
CA GLU A 67 -15.17 -2.66 3.34
C GLU A 67 -13.79 -2.04 3.55
N PHE A 68 -13.41 -1.14 2.67
CA PHE A 68 -12.09 -0.47 2.79
C PHE A 68 -12.09 0.43 4.03
N LEU A 69 -13.11 1.25 4.18
CA LEU A 69 -13.17 2.15 5.36
C LEU A 69 -13.07 1.34 6.66
N THR A 70 -13.65 0.18 6.69
CA THR A 70 -13.60 -0.65 7.94
C THR A 70 -12.32 -1.51 7.95
N MET A 71 -11.80 -1.83 6.81
CA MET A 71 -10.56 -2.67 6.76
C MET A 71 -9.40 -1.94 7.44
N MET A 72 -9.02 -0.80 6.93
CA MET A 72 -7.89 -0.05 7.54
C MET A 72 -8.05 0.05 9.05
N ALA A 73 -9.27 0.10 9.52
CA ALA A 73 -9.49 0.20 10.99
C ALA A 73 -9.56 -1.20 11.64
N ARG A 74 -9.64 -2.23 10.85
CA ARG A 74 -9.71 -3.60 11.44
C ARG A 74 -8.33 -4.27 11.40
N LYS A 75 -7.39 -3.68 10.70
CA LYS A 75 -6.03 -4.29 10.63
C LYS A 75 -5.08 -3.58 11.59
N MET A 76 -5.38 -2.36 11.96
CA MET A 76 -4.48 -1.63 12.90
C MET A 76 -5.04 -1.69 14.33
N LYS A 77 -5.19 -2.87 14.86
CA LYS A 77 -5.72 -3.01 16.24
C LYS A 77 -5.01 -4.16 16.98
N ASP A 78 -4.67 -5.20 16.27
CA ASP A 78 -3.98 -6.35 16.91
C ASP A 78 -3.54 -7.37 15.86
N THR A 79 -2.63 -6.99 14.99
CA THR A 79 -2.18 -7.93 13.93
C THR A 79 -0.98 -7.35 13.18
N ASP A 80 0.21 -7.76 13.53
CA ASP A 80 1.43 -7.24 12.85
C ASP A 80 1.55 -5.73 13.01
N SER A 81 2.43 -5.28 13.86
CA SER A 81 2.60 -3.81 14.08
C SER A 81 3.84 -3.33 13.33
N GLU A 82 4.94 -4.00 13.50
CA GLU A 82 6.19 -3.60 12.80
C GLU A 82 6.38 -4.46 11.55
N GLU A 83 5.74 -5.61 11.51
CA GLU A 83 5.87 -6.49 10.32
C GLU A 83 5.22 -5.83 9.12
N GLU A 84 4.02 -5.34 9.30
CA GLU A 84 3.30 -4.68 8.17
C GLU A 84 4.23 -3.68 7.48
N ILE A 85 5.12 -3.07 8.21
CA ILE A 85 6.05 -2.09 7.57
C ILE A 85 7.14 -2.86 6.83
N ARG A 86 7.60 -3.92 7.40
CA ARG A 86 8.63 -4.73 6.72
C ARG A 86 8.09 -5.18 5.37
N GLU A 87 6.81 -5.41 5.29
CA GLU A 87 6.20 -5.82 4.00
C GLU A 87 6.31 -4.66 3.01
N ALA A 88 5.68 -3.55 3.31
CA ALA A 88 5.79 -2.38 2.38
C ALA A 88 7.28 -2.12 2.09
N PHE A 89 8.12 -2.43 3.04
CA PHE A 89 9.58 -2.23 2.84
C PHE A 89 10.11 -3.28 1.86
N ARG A 90 9.81 -4.52 2.09
CA ARG A 90 10.29 -5.58 1.16
C ARG A 90 9.81 -5.25 -0.25
N VAL A 91 8.56 -4.92 -0.38
CA VAL A 91 8.01 -4.56 -1.72
C VAL A 91 8.95 -3.55 -2.40
N PHE A 92 9.38 -2.54 -1.67
CA PHE A 92 10.29 -1.53 -2.27
C PHE A 92 11.68 -2.13 -2.47
N ASP A 93 12.11 -2.97 -1.57
CA ASP A 93 13.46 -3.60 -1.70
C ASP A 93 13.42 -4.69 -2.77
N LYS A 94 13.00 -4.36 -3.96
CA LYS A 94 12.94 -5.37 -5.05
C LYS A 94 14.18 -6.28 -5.01
N ASP A 95 15.33 -5.74 -5.27
CA ASP A 95 16.57 -6.58 -5.24
C ASP A 95 16.79 -7.16 -3.84
N GLY A 96 16.59 -6.37 -2.82
CA GLY A 96 16.79 -6.88 -1.43
C GLY A 96 18.21 -6.58 -0.97
N ASN A 97 18.68 -5.39 -1.20
CA ASN A 97 20.07 -5.03 -0.77
C ASN A 97 20.05 -4.52 0.68
N GLY A 98 18.96 -3.93 1.10
CA GLY A 98 18.88 -3.41 2.49
C GLY A 98 18.60 -1.90 2.46
N TYR A 99 18.17 -1.39 1.34
CA TYR A 99 17.87 0.07 1.25
C TYR A 99 16.79 0.32 0.19
N ILE A 100 16.04 1.38 0.35
CA ILE A 100 14.97 1.68 -0.65
C ILE A 100 15.40 2.84 -1.55
N SER A 101 15.50 2.61 -2.83
CA SER A 101 15.92 3.70 -3.76
C SER A 101 14.72 4.20 -4.55
N ALA A 102 14.65 5.48 -4.79
CA ALA A 102 13.50 6.04 -5.57
C ALA A 102 13.20 5.14 -6.77
N ALA A 103 14.22 4.55 -7.33
CA ALA A 103 14.01 3.65 -8.51
C ALA A 103 13.00 2.56 -8.14
N GLU A 104 13.27 1.83 -7.09
CA GLU A 104 12.32 0.75 -6.68
C GLU A 104 10.92 1.35 -6.49
N LEU A 105 10.83 2.44 -5.79
CA LEU A 105 9.49 3.06 -5.58
C LEU A 105 8.87 3.42 -6.93
N ARG A 106 9.67 3.85 -7.86
CA ARG A 106 9.13 4.21 -9.20
C ARG A 106 8.49 2.97 -9.82
N HIS A 107 9.12 1.84 -9.69
CA HIS A 107 8.55 0.60 -10.26
C HIS A 107 7.15 0.36 -9.69
N VAL A 108 7.01 0.53 -8.40
CA VAL A 108 5.68 0.33 -7.76
C VAL A 108 4.76 1.50 -8.12
N MET A 109 5.31 2.64 -8.35
CA MET A 109 4.47 3.82 -8.69
C MET A 109 3.59 3.52 -9.90
N THR A 110 4.17 3.38 -11.06
CA THR A 110 3.35 3.10 -12.27
C THR A 110 2.69 1.72 -12.15
N ASN A 111 3.06 0.95 -11.17
CA ASN A 111 2.45 -0.39 -11.00
C ASN A 111 1.29 -0.33 -10.00
N LEU A 112 1.10 0.81 -9.37
CA LEU A 112 -0.01 0.93 -8.39
C LEU A 112 -1.14 1.81 -8.96
N GLY A 113 -0.79 2.75 -9.79
CA GLY A 113 -1.84 3.64 -10.39
C GLY A 113 -1.25 5.03 -10.62
N GLU A 114 -0.65 5.61 -9.61
CA GLU A 114 -0.05 6.95 -9.77
C GLU A 114 1.48 6.84 -9.78
N LYS A 115 2.14 7.72 -10.48
CA LYS A 115 3.63 7.66 -10.52
C LYS A 115 4.21 8.99 -10.06
N LEU A 116 3.43 9.76 -9.38
CA LEU A 116 3.92 11.07 -8.88
C LEU A 116 4.74 11.78 -9.97
N THR A 117 5.45 12.80 -9.59
CA THR A 117 6.29 13.54 -10.58
C THR A 117 7.71 13.02 -10.50
N ASP A 118 8.67 13.88 -10.68
CA ASP A 118 10.08 13.43 -10.61
C ASP A 118 10.81 14.14 -9.47
N GLU A 119 11.07 15.40 -9.61
CA GLU A 119 11.76 16.14 -8.51
C GLU A 119 11.08 15.83 -7.19
N GLU A 120 9.78 15.78 -7.18
CA GLU A 120 9.06 15.47 -5.92
C GLU A 120 9.49 14.09 -5.42
N VAL A 121 9.39 13.09 -6.25
CA VAL A 121 9.80 11.72 -5.84
C VAL A 121 11.14 11.79 -5.10
N ASP A 122 12.05 12.60 -5.59
CA ASP A 122 13.37 12.71 -4.90
C ASP A 122 13.18 13.29 -3.50
N GLU A 123 12.66 14.48 -3.41
CA GLU A 123 12.45 15.10 -2.08
C GLU A 123 11.70 14.11 -1.16
N MET A 124 10.73 13.42 -1.69
CA MET A 124 9.98 12.44 -0.85
C MET A 124 10.96 11.50 -0.15
N ILE A 125 11.91 10.97 -0.86
CA ILE A 125 12.90 10.05 -0.22
C ILE A 125 13.91 10.86 0.61
N ARG A 126 14.31 11.99 0.11
CA ARG A 126 15.29 12.82 0.87
C ARG A 126 14.66 13.33 2.17
N GLU A 127 13.36 13.46 2.20
CA GLU A 127 12.70 13.94 3.45
C GLU A 127 12.92 12.94 4.59
N ALA A 128 12.83 11.68 4.30
CA ALA A 128 13.03 10.65 5.36
C ALA A 128 14.52 10.30 5.49
N ASP A 129 15.27 10.46 4.43
CA ASP A 129 16.72 10.13 4.49
C ASP A 129 17.42 10.97 5.57
N ILE A 130 17.46 10.50 6.78
CA ILE A 130 18.13 11.27 7.86
C ILE A 130 19.62 11.44 7.52
N ASP A 131 20.23 10.40 7.03
CA ASP A 131 21.69 10.49 6.66
C ASP A 131 21.84 11.12 5.28
N GLY A 132 20.79 11.15 4.50
CA GLY A 132 20.87 11.75 3.14
C GLY A 132 21.81 10.91 2.27
N ASP A 133 21.41 9.72 1.94
CA ASP A 133 22.28 8.85 1.10
C ASP A 133 21.57 8.52 -0.22
N GLY A 134 20.38 9.04 -0.42
CA GLY A 134 19.65 8.76 -1.68
C GLY A 134 18.82 7.48 -1.52
N GLN A 135 19.02 6.76 -0.44
CA GLN A 135 18.25 5.51 -0.23
C GLN A 135 17.80 5.40 1.24
N VAL A 136 16.67 4.80 1.48
CA VAL A 136 16.18 4.68 2.89
C VAL A 136 16.39 3.25 3.39
N ASN A 137 16.67 3.08 4.65
CA ASN A 137 16.89 1.72 5.20
C ASN A 137 15.66 1.25 5.98
N TYR A 138 15.82 0.27 6.83
CA TYR A 138 14.66 -0.23 7.62
C TYR A 138 14.29 0.79 8.70
N GLU A 139 15.17 1.05 9.62
CA GLU A 139 14.87 2.04 10.70
C GLU A 139 14.22 3.29 10.09
N GLU A 140 14.87 3.90 9.16
CA GLU A 140 14.29 5.13 8.52
C GLU A 140 12.82 4.88 8.14
N PHE A 141 12.58 3.93 7.28
CA PHE A 141 11.18 3.63 6.86
C PHE A 141 10.26 3.60 8.08
N VAL A 142 10.79 3.28 9.23
CA VAL A 142 9.95 3.22 10.46
C VAL A 142 10.12 4.51 11.28
N GLN A 143 11.33 4.95 11.46
CA GLN A 143 11.57 6.20 12.24
C GLN A 143 10.62 7.30 11.78
N MET A 144 10.30 7.34 10.52
CA MET A 144 9.37 8.41 10.01
C MET A 144 7.92 7.97 10.18
N MET A 145 7.67 6.70 10.33
CA MET A 145 6.25 6.24 10.49
C MET A 145 5.83 6.33 11.97
N THR A 146 6.64 5.85 12.87
CA THR A 146 6.27 5.93 14.31
C THR A 146 6.63 7.30 14.90
N ALA A 147 7.77 7.81 14.56
CA ALA A 147 8.17 9.15 15.09
C ALA A 147 7.64 10.25 14.17
N LYS A 148 6.35 10.29 13.97
CA LYS A 148 5.76 11.34 13.08
C LYS A 148 6.17 12.73 13.57
N VAL B 1 0.34 -15.95 1.96
CA VAL B 1 0.60 -16.35 3.37
C VAL B 1 2.10 -16.24 3.68
N LYS B 2 2.50 -15.20 4.38
CA LYS B 2 3.94 -15.03 4.72
C LYS B 2 4.76 -14.91 3.42
N LEU B 3 4.11 -14.64 2.33
CA LEU B 3 4.84 -14.50 1.03
C LEU B 3 4.19 -13.39 0.18
N ILE B 4 2.99 -13.63 -0.29
CA ILE B 4 2.28 -12.61 -1.11
C ILE B 4 2.02 -11.36 -0.27
N PRO B 5 1.93 -10.23 -0.92
CA PRO B 5 1.67 -8.96 -0.22
C PRO B 5 0.27 -8.97 0.40
N SER B 6 0.18 -8.92 1.70
CA SER B 6 -1.15 -8.95 2.37
C SER B 6 -2.08 -7.86 1.79
N TRP B 7 -3.28 -7.78 2.30
CA TRP B 7 -4.25 -6.76 1.81
C TRP B 7 -3.80 -5.36 2.22
N THR B 8 -3.78 -5.08 3.48
CA THR B 8 -3.35 -3.74 3.95
C THR B 8 -1.96 -3.40 3.40
N THR B 9 -1.09 -4.37 3.33
CA THR B 9 0.27 -4.10 2.79
C THR B 9 0.14 -3.36 1.47
N VAL B 10 -0.80 -3.78 0.65
CA VAL B 10 -1.00 -3.09 -0.66
C VAL B 10 -1.49 -1.67 -0.41
N ILE B 11 -2.50 -1.51 0.39
CA ILE B 11 -3.01 -0.13 0.68
C ILE B 11 -1.89 0.70 1.29
N LEU B 12 -0.97 0.06 1.95
CA LEU B 12 0.16 0.80 2.59
C LEU B 12 1.03 1.47 1.52
N VAL B 13 1.55 0.70 0.61
CA VAL B 13 2.42 1.29 -0.45
C VAL B 13 1.58 2.23 -1.35
N LYS B 14 0.32 1.93 -1.51
CA LYS B 14 -0.53 2.81 -2.37
C LYS B 14 -0.73 4.16 -1.70
N SER B 15 -1.05 4.16 -0.44
CA SER B 15 -1.25 5.45 0.28
C SER B 15 0.06 6.24 0.31
N MET B 16 1.18 5.57 0.31
CA MET B 16 2.48 6.29 0.34
C MET B 16 2.70 7.04 -0.98
N LEU B 17 2.34 6.44 -2.08
CA LEU B 17 2.50 7.11 -3.41
C LEU B 17 1.77 8.45 -3.40
N ARG B 18 0.89 8.63 -2.46
CA ARG B 18 0.10 9.92 -2.39
C ARG B 18 0.89 11.10 -2.95
N LYS B 19 1.80 11.62 -2.20
CA LYS B 19 2.59 12.76 -2.67
C LYS B 19 4.04 12.63 -2.17
N ARG B 20 4.52 13.58 -1.42
CA ARG B 20 5.91 13.49 -0.91
C ARG B 20 5.92 12.99 0.54
N SER B 21 4.78 12.57 1.02
CA SER B 21 4.72 12.06 2.42
C SER B 21 5.48 10.74 2.54
N PHE B 22 5.48 10.15 3.70
CA PHE B 22 6.21 8.87 3.89
C PHE B 22 5.99 8.34 5.31
N GLY B 23 6.12 9.19 6.29
CA GLY B 23 5.92 8.75 7.69
C GLY B 23 4.43 8.51 7.93
N ASN B 24 3.92 7.37 7.53
CA ASN B 24 2.47 7.08 7.73
C ASN B 24 2.27 6.21 8.98
N PRO B 25 1.30 6.60 9.78
CA PRO B 25 0.98 5.85 11.01
C PRO B 25 0.27 4.53 10.67
N PHE B 26 0.97 3.58 10.14
CA PHE B 26 0.32 2.29 9.79
C PHE B 26 0.45 1.28 10.94
CA CA C . -14.76 -3.87 -10.27
CA CA D . -17.09 -8.22 0.95
CA CA E . 16.65 -2.07 -2.62
CA CA F . 19.06 6.86 4.33
N ALA A 1 -22.12 17.97 9.38
CA ALA A 1 -21.99 16.51 9.08
C ALA A 1 -20.65 15.99 9.59
N ASP A 2 -20.35 14.74 9.34
CA ASP A 2 -19.06 14.17 9.82
C ASP A 2 -17.90 14.72 9.00
N GLN A 3 -17.35 15.83 9.39
CA GLN A 3 -16.22 16.42 8.63
C GLN A 3 -14.88 16.07 9.31
N LEU A 4 -13.87 16.86 9.06
CA LEU A 4 -12.54 16.57 9.68
C LEU A 4 -12.09 15.15 9.34
N THR A 5 -10.82 14.87 9.48
CA THR A 5 -10.31 13.51 9.15
C THR A 5 -10.85 13.05 7.80
N GLU A 6 -10.75 13.88 6.81
CA GLU A 6 -11.25 13.51 5.46
C GLU A 6 -10.08 13.07 4.57
N GLU A 7 -8.89 13.48 4.91
CA GLU A 7 -7.71 13.10 4.08
C GLU A 7 -7.61 11.58 3.95
N GLN A 8 -7.63 10.87 5.06
CA GLN A 8 -7.54 9.38 4.99
C GLN A 8 -8.67 8.83 4.12
N ILE A 9 -9.82 9.44 4.17
CA ILE A 9 -10.95 8.94 3.34
C ILE A 9 -10.67 9.19 1.86
N ALA A 10 -9.98 10.25 1.54
CA ALA A 10 -9.66 10.54 0.11
C ALA A 10 -8.66 9.52 -0.42
N GLU A 11 -7.63 9.22 0.34
CA GLU A 11 -6.62 8.23 -0.14
C GLU A 11 -7.28 6.85 -0.28
N PHE A 12 -8.26 6.57 0.54
CA PHE A 12 -8.94 5.25 0.46
C PHE A 12 -9.69 5.15 -0.88
N LYS A 13 -10.38 6.18 -1.27
CA LYS A 13 -11.12 6.13 -2.56
C LYS A 13 -10.13 5.88 -3.69
N GLU A 14 -9.01 6.57 -3.66
CA GLU A 14 -7.99 6.36 -4.74
C GLU A 14 -7.52 4.90 -4.71
N ALA A 15 -7.33 4.36 -3.53
CA ALA A 15 -6.88 2.94 -3.43
C ALA A 15 -7.97 2.02 -3.97
N PHE A 16 -9.17 2.17 -3.49
CA PHE A 16 -10.28 1.31 -3.99
C PHE A 16 -10.41 1.51 -5.50
N SER A 17 -10.00 2.65 -5.99
CA SER A 17 -10.08 2.90 -7.45
C SER A 17 -8.95 2.16 -8.16
N LEU A 18 -7.82 2.05 -7.53
CA LEU A 18 -6.68 1.33 -8.15
C LEU A 18 -7.09 -0.12 -8.44
N PHE A 19 -7.71 -0.76 -7.49
CA PHE A 19 -8.15 -2.17 -7.71
C PHE A 19 -9.35 -2.19 -8.64
N ASP A 20 -10.34 -1.40 -8.36
CA ASP A 20 -11.54 -1.36 -9.23
C ASP A 20 -11.18 -0.76 -10.59
N LYS A 21 -10.46 -1.49 -11.40
CA LYS A 21 -10.07 -0.96 -12.74
C LYS A 21 -11.24 -0.24 -13.39
N ASP A 22 -12.42 -0.79 -13.28
CA ASP A 22 -13.61 -0.13 -13.89
C ASP A 22 -14.19 0.92 -12.93
N GLY A 23 -14.27 0.58 -11.67
CA GLY A 23 -14.83 1.55 -10.68
C GLY A 23 -16.30 1.23 -10.41
N ASP A 24 -16.67 -0.02 -10.48
CA ASP A 24 -18.08 -0.39 -10.22
C ASP A 24 -18.33 -0.47 -8.70
N GLY A 25 -17.32 -0.27 -7.92
CA GLY A 25 -17.50 -0.34 -6.44
C GLY A 25 -17.44 -1.81 -5.99
N THR A 26 -16.71 -2.62 -6.70
CA THR A 26 -16.62 -4.06 -6.32
C THR A 26 -15.31 -4.66 -6.85
N ILE A 27 -14.46 -5.13 -5.97
CA ILE A 27 -13.17 -5.73 -6.44
C ILE A 27 -13.35 -7.23 -6.67
N THR A 28 -13.04 -7.70 -7.84
CA THR A 28 -13.19 -9.17 -8.13
C THR A 28 -11.83 -9.86 -8.02
N THR A 29 -11.83 -11.17 -8.01
CA THR A 29 -10.54 -11.91 -7.92
C THR A 29 -9.66 -11.59 -9.13
N LYS A 30 -10.26 -11.26 -10.24
CA LYS A 30 -9.45 -10.93 -11.45
C LYS A 30 -8.80 -9.55 -11.29
N GLU A 31 -9.53 -8.58 -10.82
CA GLU A 31 -8.95 -7.22 -10.64
C GLU A 31 -7.79 -7.27 -9.64
N LEU A 32 -8.07 -7.68 -8.44
CA LEU A 32 -6.98 -7.76 -7.41
C LEU A 32 -5.88 -8.72 -7.88
N GLY A 33 -6.23 -9.70 -8.66
CA GLY A 33 -5.22 -10.67 -9.16
C GLY A 33 -4.28 -9.97 -10.15
N THR A 34 -4.82 -9.12 -10.99
CA THR A 34 -3.96 -8.40 -11.97
C THR A 34 -3.08 -7.38 -11.25
N VAL A 35 -3.65 -6.55 -10.43
CA VAL A 35 -2.84 -5.53 -9.68
C VAL A 35 -1.79 -6.23 -8.81
N MET A 36 -2.17 -7.28 -8.13
CA MET A 36 -1.17 -7.99 -7.27
C MET A 36 -0.10 -8.64 -8.15
N ARG A 37 -0.50 -9.23 -9.24
CA ARG A 37 0.50 -9.88 -10.14
C ARG A 37 1.38 -8.81 -10.79
N SER A 38 1.00 -7.57 -10.71
CA SER A 38 1.82 -6.48 -11.34
C SER A 38 3.10 -6.24 -10.53
N LEU A 39 2.97 -5.91 -9.27
CA LEU A 39 4.19 -5.66 -8.44
C LEU A 39 5.24 -6.75 -8.66
N GLY A 40 4.82 -7.94 -8.99
CA GLY A 40 5.81 -9.03 -9.23
C GLY A 40 5.57 -10.18 -8.24
N GLN A 41 4.40 -10.75 -8.24
CA GLN A 41 4.12 -11.88 -7.30
C GLN A 41 3.46 -13.04 -8.06
N ASN A 42 2.84 -13.95 -7.36
CA ASN A 42 2.18 -15.10 -8.06
C ASN A 42 0.93 -15.54 -7.31
N PRO A 43 0.09 -14.58 -7.01
CA PRO A 43 -1.17 -14.84 -6.29
C PRO A 43 -2.19 -15.52 -7.22
N THR A 44 -1.99 -16.77 -7.53
CA THR A 44 -2.95 -17.48 -8.44
C THR A 44 -4.38 -17.36 -7.92
N GLU A 45 -5.29 -18.10 -8.48
CA GLU A 45 -6.72 -18.04 -8.02
C GLU A 45 -6.84 -18.59 -6.60
N ALA A 46 -6.45 -19.82 -6.39
CA ALA A 46 -6.55 -20.40 -5.02
C ALA A 46 -6.07 -19.38 -3.98
N GLU A 47 -5.00 -18.69 -4.27
CA GLU A 47 -4.49 -17.68 -3.31
C GLU A 47 -5.43 -16.47 -3.29
N LEU A 48 -5.90 -16.07 -4.44
CA LEU A 48 -6.84 -14.90 -4.51
C LEU A 48 -8.00 -15.12 -3.55
N GLN A 49 -8.74 -16.18 -3.74
CA GLN A 49 -9.89 -16.46 -2.84
C GLN A 49 -9.42 -16.47 -1.38
N ASP A 50 -8.28 -17.06 -1.13
CA ASP A 50 -7.76 -17.09 0.27
C ASP A 50 -7.53 -15.68 0.78
N MET A 51 -7.01 -14.81 -0.04
CA MET A 51 -6.75 -13.41 0.40
C MET A 51 -8.07 -12.65 0.48
N ILE A 52 -8.92 -12.80 -0.50
CA ILE A 52 -10.23 -12.08 -0.48
C ILE A 52 -11.04 -12.55 0.74
N ASN A 53 -10.85 -13.77 1.14
CA ASN A 53 -11.60 -14.30 2.32
C ASN A 53 -11.05 -13.70 3.62
N GLU A 54 -10.02 -12.90 3.53
CA GLU A 54 -9.44 -12.30 4.76
C GLU A 54 -10.19 -11.02 5.14
N VAL A 55 -10.70 -10.31 4.17
CA VAL A 55 -11.45 -9.05 4.50
C VAL A 55 -12.94 -9.24 4.28
N ASP A 56 -13.32 -9.83 3.17
CA ASP A 56 -14.78 -10.03 2.88
C ASP A 56 -15.49 -10.58 4.11
N ALA A 57 -15.97 -9.72 4.96
CA ALA A 57 -16.68 -10.19 6.19
C ALA A 57 -18.16 -10.44 5.87
N ASP A 58 -18.58 -10.16 4.67
CA ASP A 58 -20.01 -10.38 4.31
C ASP A 58 -20.20 -11.79 3.75
N GLY A 59 -19.43 -12.14 2.75
CA GLY A 59 -19.56 -13.49 2.15
C GLY A 59 -20.11 -13.36 0.73
N ASN A 60 -19.94 -12.22 0.13
CA ASN A 60 -20.46 -12.04 -1.26
C ASN A 60 -19.40 -12.48 -2.29
N GLY A 61 -18.17 -12.07 -2.10
CA GLY A 61 -17.10 -12.48 -3.06
C GLY A 61 -16.47 -11.23 -3.67
N THR A 62 -16.93 -10.07 -3.32
CA THR A 62 -16.34 -8.82 -3.88
C THR A 62 -16.08 -7.80 -2.78
N ILE A 63 -15.10 -6.97 -2.95
CA ILE A 63 -14.79 -5.95 -1.90
C ILE A 63 -15.56 -4.66 -2.20
N ASP A 64 -16.00 -3.98 -1.18
CA ASP A 64 -16.77 -2.71 -1.39
C ASP A 64 -16.04 -1.53 -0.74
N PHE A 65 -16.47 -0.33 -1.03
CA PHE A 65 -15.80 0.87 -0.43
C PHE A 65 -15.95 0.88 1.11
N PRO A 66 -17.10 0.48 1.61
CA PRO A 66 -17.31 0.47 3.07
C PRO A 66 -16.46 -0.61 3.71
N GLU A 67 -16.15 -1.64 2.97
CA GLU A 67 -15.30 -2.71 3.53
C GLU A 67 -13.85 -2.23 3.55
N PHE A 68 -13.46 -1.47 2.54
CA PHE A 68 -12.07 -0.95 2.50
C PHE A 68 -11.81 -0.03 3.70
N LEU A 69 -12.76 0.79 4.05
CA LEU A 69 -12.57 1.70 5.22
C LEU A 69 -12.47 0.89 6.50
N THR A 70 -13.38 -0.01 6.72
CA THR A 70 -13.34 -0.83 7.97
C THR A 70 -12.12 -1.76 7.96
N MET A 71 -12.02 -2.61 6.97
CA MET A 71 -10.86 -3.55 6.91
C MET A 71 -9.54 -2.79 7.10
N MET A 72 -9.48 -1.54 6.70
CA MET A 72 -8.21 -0.77 6.87
C MET A 72 -7.94 -0.50 8.34
N ALA A 73 -8.89 -0.78 9.19
CA ALA A 73 -8.67 -0.51 10.65
C ALA A 73 -8.71 -1.81 11.47
N ARG A 74 -9.15 -2.89 10.88
CA ARG A 74 -9.20 -4.18 11.64
C ARG A 74 -7.81 -4.83 11.72
N LYS A 75 -6.89 -4.39 10.90
CA LYS A 75 -5.53 -5.00 10.93
C LYS A 75 -4.57 -4.10 11.71
N MET A 76 -4.67 -2.81 11.52
CA MET A 76 -3.77 -1.88 12.25
C MET A 76 -4.47 -1.29 13.47
N LYS A 77 -4.82 -2.12 14.41
CA LYS A 77 -5.52 -1.61 15.63
C LYS A 77 -4.84 -2.15 16.89
N ASP A 78 -4.29 -3.35 16.83
CA ASP A 78 -3.62 -3.93 18.02
C ASP A 78 -2.09 -3.92 17.84
N THR A 79 -1.53 -5.00 17.37
CA THR A 79 -0.05 -5.04 17.18
C THR A 79 0.29 -5.56 15.77
N ASP A 80 -0.56 -5.32 14.82
CA ASP A 80 -0.28 -5.80 13.43
C ASP A 80 -0.13 -4.61 12.48
N SER A 81 0.43 -3.53 12.96
CA SER A 81 0.62 -2.34 12.08
C SER A 81 2.08 -2.22 11.65
N GLU A 82 2.98 -2.59 12.51
CA GLU A 82 4.43 -2.52 12.15
C GLU A 82 4.74 -3.58 11.09
N GLU A 83 3.98 -4.63 11.05
CA GLU A 83 4.24 -5.69 10.04
C GLU A 83 4.00 -5.13 8.65
N GLU A 84 2.82 -4.65 8.40
CA GLU A 84 2.50 -4.09 7.06
C GLU A 84 3.62 -3.17 6.59
N ILE A 85 4.34 -2.57 7.50
CA ILE A 85 5.45 -1.68 7.08
C ILE A 85 6.53 -2.51 6.41
N ARG A 86 6.84 -3.63 6.98
CA ARG A 86 7.86 -4.51 6.37
C ARG A 86 7.44 -4.88 4.96
N GLU A 87 6.21 -5.28 4.78
CA GLU A 87 5.73 -5.63 3.42
C GLU A 87 5.69 -4.36 2.57
N ALA A 88 5.06 -3.31 3.06
CA ALA A 88 5.03 -2.04 2.29
C ALA A 88 6.46 -1.62 1.99
N PHE A 89 7.33 -1.78 2.94
CA PHE A 89 8.75 -1.42 2.71
C PHE A 89 9.32 -2.37 1.66
N ARG A 90 8.96 -3.62 1.73
CA ARG A 90 9.46 -4.60 0.72
C ARG A 90 9.02 -4.13 -0.66
N VAL A 91 7.77 -3.75 -0.78
CA VAL A 91 7.28 -3.25 -2.09
C VAL A 91 8.27 -2.24 -2.63
N PHE A 92 8.69 -1.32 -1.80
CA PHE A 92 9.68 -0.32 -2.26
C PHE A 92 11.04 -1.00 -2.43
N ASP A 93 11.32 -1.98 -1.62
CA ASP A 93 12.61 -2.71 -1.73
C ASP A 93 12.42 -4.04 -2.47
N LYS A 94 12.03 -3.99 -3.72
CA LYS A 94 11.82 -5.25 -4.50
C LYS A 94 13.08 -6.12 -4.47
N ASP A 95 14.23 -5.52 -4.29
CA ASP A 95 15.49 -6.31 -4.26
C ASP A 95 15.76 -6.83 -2.83
N GLY A 96 15.51 -6.02 -1.84
CA GLY A 96 15.76 -6.47 -0.44
C GLY A 96 17.22 -6.22 -0.07
N ASN A 97 17.70 -5.02 -0.30
CA ASN A 97 19.11 -4.70 0.05
C ASN A 97 19.20 -4.04 1.42
N GLY A 98 18.13 -3.40 1.84
CA GLY A 98 18.15 -2.74 3.17
C GLY A 98 17.91 -1.24 3.00
N TYR A 99 17.90 -0.77 1.78
CA TYR A 99 17.67 0.69 1.54
C TYR A 99 16.70 0.88 0.36
N ILE A 100 15.97 1.96 0.36
CA ILE A 100 15.01 2.21 -0.75
C ILE A 100 15.59 3.25 -1.72
N SER A 101 15.50 3.00 -2.99
CA SER A 101 16.05 3.98 -3.98
C SER A 101 14.90 4.60 -4.79
N ALA A 102 14.93 5.89 -5.00
CA ALA A 102 13.85 6.54 -5.78
C ALA A 102 13.50 5.70 -7.01
N ALA A 103 14.45 4.95 -7.49
CA ALA A 103 14.19 4.09 -8.69
C ALA A 103 13.11 3.06 -8.35
N GLU A 104 13.37 2.22 -7.38
CA GLU A 104 12.36 1.20 -7.01
C GLU A 104 11.00 1.86 -6.86
N LEU A 105 10.97 3.04 -6.31
CA LEU A 105 9.67 3.74 -6.15
C LEU A 105 8.97 3.84 -7.51
N ARG A 106 9.65 4.34 -8.50
CA ARG A 106 9.03 4.45 -9.85
C ARG A 106 8.39 3.12 -10.21
N HIS A 107 9.11 2.04 -10.03
CA HIS A 107 8.54 0.71 -10.36
C HIS A 107 7.20 0.54 -9.63
N VAL A 108 7.20 0.75 -8.34
CA VAL A 108 5.92 0.63 -7.59
C VAL A 108 4.96 1.71 -8.05
N MET A 109 5.46 2.90 -8.26
CA MET A 109 4.60 4.01 -8.72
C MET A 109 3.81 3.57 -9.97
N THR A 110 4.47 3.00 -10.93
CA THR A 110 3.76 2.55 -12.16
C THR A 110 3.06 1.21 -11.91
N ASN A 111 3.61 0.38 -11.08
CA ASN A 111 2.97 -0.94 -10.80
C ASN A 111 1.73 -0.73 -9.92
N LEU A 112 1.59 0.42 -9.33
CA LEU A 112 0.39 0.67 -8.48
C LEU A 112 -0.65 1.48 -9.26
N GLY A 113 -0.25 2.54 -9.90
CA GLY A 113 -1.22 3.36 -10.69
C GLY A 113 -0.80 4.83 -10.67
N GLU A 114 -0.17 5.28 -9.61
CA GLU A 114 0.25 6.71 -9.56
C GLU A 114 1.55 6.92 -10.34
N LYS A 115 1.79 8.12 -10.77
CA LYS A 115 3.03 8.42 -11.53
C LYS A 115 3.60 9.74 -11.03
N LEU A 116 3.76 9.85 -9.73
CA LEU A 116 4.29 11.10 -9.13
C LEU A 116 5.35 11.73 -10.02
N THR A 117 5.52 13.01 -9.93
CA THR A 117 6.54 13.69 -10.77
C THR A 117 7.92 13.07 -10.50
N ASP A 118 8.96 13.68 -11.00
CA ASP A 118 10.32 13.11 -10.77
C ASP A 118 11.00 13.85 -9.63
N GLU A 119 11.32 15.10 -9.83
CA GLU A 119 11.98 15.88 -8.75
C GLU A 119 11.24 15.66 -7.43
N GLU A 120 9.94 15.55 -7.47
CA GLU A 120 9.18 15.32 -6.22
C GLU A 120 9.61 13.99 -5.63
N VAL A 121 9.51 12.94 -6.40
CA VAL A 121 9.92 11.60 -5.89
C VAL A 121 11.28 11.71 -5.19
N ASP A 122 12.23 12.34 -5.83
CA ASP A 122 13.58 12.48 -5.21
C ASP A 122 13.46 13.28 -3.91
N GLU A 123 12.80 14.40 -3.95
CA GLU A 123 12.64 15.22 -2.71
C GLU A 123 11.91 14.39 -1.65
N MET A 124 11.04 13.51 -2.07
CA MET A 124 10.30 12.65 -1.09
C MET A 124 11.29 11.87 -0.23
N ILE A 125 12.21 11.18 -0.86
CA ILE A 125 13.21 10.39 -0.08
C ILE A 125 14.15 11.34 0.68
N ARG A 126 14.30 12.54 0.20
CA ARG A 126 15.21 13.51 0.89
C ARG A 126 14.64 13.87 2.27
N GLU A 127 13.36 14.08 2.35
CA GLU A 127 12.74 14.43 3.66
C GLU A 127 12.74 13.20 4.58
N ALA A 128 12.66 12.04 4.01
CA ALA A 128 12.67 10.80 4.85
C ALA A 128 14.09 10.47 5.31
N ASP A 129 15.07 10.99 4.62
CA ASP A 129 16.49 10.71 5.02
C ASP A 129 16.83 11.43 6.33
N ILE A 130 16.23 11.03 7.41
CA ILE A 130 16.52 11.69 8.71
C ILE A 130 18.02 11.71 8.98
N ASP A 131 18.73 10.72 8.52
CA ASP A 131 20.20 10.67 8.76
C ASP A 131 20.94 11.39 7.62
N GLY A 132 20.41 11.35 6.43
CA GLY A 132 21.09 12.02 5.29
C GLY A 132 22.09 11.06 4.65
N ASP A 133 21.70 10.40 3.59
CA ASP A 133 22.63 9.45 2.92
C ASP A 133 22.36 9.39 1.42
N GLY A 134 21.12 9.46 1.02
CA GLY A 134 20.81 9.41 -0.43
C GLY A 134 19.65 8.44 -0.68
N GLN A 135 19.16 7.79 0.35
CA GLN A 135 18.04 6.83 0.16
C GLN A 135 17.35 6.57 1.51
N VAL A 136 16.23 5.91 1.49
CA VAL A 136 15.51 5.62 2.76
C VAL A 136 15.91 4.23 3.29
N ASN A 137 16.10 4.11 4.58
CA ASN A 137 16.49 2.79 5.15
C ASN A 137 15.30 2.10 5.81
N TYR A 138 15.50 0.92 6.33
CA TYR A 138 14.37 0.20 7.00
C TYR A 138 13.94 0.94 8.27
N GLU A 139 14.78 0.94 9.27
CA GLU A 139 14.42 1.64 10.55
C GLU A 139 13.72 2.97 10.23
N GLU A 140 14.04 3.57 9.12
CA GLU A 140 13.39 4.86 8.76
C GLU A 140 11.93 4.59 8.36
N PHE A 141 11.72 3.78 7.36
CA PHE A 141 10.32 3.46 6.94
C PHE A 141 9.46 3.23 8.18
N VAL A 142 10.06 2.76 9.24
CA VAL A 142 9.28 2.51 10.50
C VAL A 142 9.48 3.67 11.50
N GLN A 143 10.67 4.18 11.60
CA GLN A 143 10.93 5.31 12.56
C GLN A 143 10.11 6.54 12.16
N MET A 144 9.55 6.55 10.98
CA MET A 144 8.75 7.73 10.55
C MET A 144 7.26 7.48 10.82
N MET A 145 6.88 6.25 10.94
CA MET A 145 5.44 5.93 11.21
C MET A 145 5.24 5.60 12.70
N THR A 146 6.30 5.38 13.42
CA THR A 146 6.16 5.05 14.86
C THR A 146 6.84 6.10 15.74
N ALA A 147 8.09 6.36 15.52
CA ALA A 147 8.83 7.36 16.35
C ALA A 147 8.26 8.76 16.10
N LYS A 148 6.99 8.94 16.32
CA LYS A 148 6.38 10.29 16.10
C LYS A 148 5.60 10.72 17.34
N VAL B 1 6.04 -18.69 6.34
CA VAL B 1 6.56 -17.50 5.61
C VAL B 1 5.55 -17.03 4.55
N LYS B 2 5.26 -15.77 4.51
CA LYS B 2 4.27 -15.27 3.50
C LYS B 2 4.99 -14.46 2.42
N LEU B 3 4.53 -14.55 1.19
CA LEU B 3 5.18 -13.80 0.09
C LEU B 3 4.22 -12.75 -0.47
N ILE B 4 2.98 -12.78 -0.06
CA ILE B 4 1.99 -11.78 -0.57
C ILE B 4 1.85 -10.64 0.44
N PRO B 5 1.69 -9.44 -0.06
CA PRO B 5 1.55 -8.26 0.82
C PRO B 5 0.15 -8.22 1.48
N SER B 6 -0.28 -9.32 2.05
CA SER B 6 -1.62 -9.36 2.74
C SER B 6 -2.63 -8.44 2.04
N TRP B 7 -3.45 -7.75 2.79
CA TRP B 7 -4.47 -6.84 2.19
C TRP B 7 -4.20 -5.39 2.60
N THR B 8 -4.49 -5.05 3.82
CA THR B 8 -4.25 -3.66 4.30
C THR B 8 -2.87 -3.19 3.85
N THR B 9 -1.89 -4.04 3.95
CA THR B 9 -0.52 -3.65 3.51
C THR B 9 -0.57 -3.06 2.11
N VAL B 10 -1.12 -3.78 1.17
CA VAL B 10 -1.21 -3.24 -0.20
C VAL B 10 -1.75 -1.82 -0.14
N ILE B 11 -2.71 -1.59 0.73
CA ILE B 11 -3.28 -0.22 0.85
C ILE B 11 -2.22 0.72 1.44
N LEU B 12 -1.25 0.17 2.10
CA LEU B 12 -0.17 1.00 2.70
C LEU B 12 0.72 1.56 1.59
N VAL B 13 1.26 0.71 0.76
CA VAL B 13 2.14 1.20 -0.34
C VAL B 13 1.40 2.24 -1.18
N LYS B 14 0.14 2.00 -1.45
CA LYS B 14 -0.62 2.99 -2.24
C LYS B 14 -0.78 4.29 -1.45
N SER B 15 -1.05 4.16 -0.18
CA SER B 15 -1.21 5.38 0.66
C SER B 15 0.08 6.20 0.62
N MET B 16 1.20 5.55 0.40
CA MET B 16 2.48 6.29 0.34
C MET B 16 2.55 7.08 -0.97
N LEU B 17 2.06 6.50 -2.05
CA LEU B 17 2.09 7.22 -3.35
C LEU B 17 1.13 8.40 -3.31
N ARG B 18 1.36 9.29 -2.42
CA ARG B 18 0.46 10.48 -2.30
C ARG B 18 0.98 11.62 -3.19
N LYS B 19 1.99 12.32 -2.75
CA LYS B 19 2.50 13.44 -3.58
C LYS B 19 3.91 13.83 -3.11
N ARG B 20 4.02 14.38 -1.94
CA ARG B 20 5.36 14.79 -1.44
C ARG B 20 5.54 14.32 0.01
N SER B 21 4.63 13.54 0.50
CA SER B 21 4.76 13.03 1.90
C SER B 21 5.20 11.57 1.89
N PHE B 22 5.75 11.09 2.97
CA PHE B 22 6.21 9.67 3.00
C PHE B 22 5.70 8.97 4.26
N GLY B 23 5.60 9.69 5.35
CA GLY B 23 5.10 9.05 6.60
C GLY B 23 3.63 8.69 6.44
N ASN B 24 3.07 7.96 7.38
CA ASN B 24 1.64 7.57 7.28
C ASN B 24 1.08 7.22 8.65
N PRO B 25 0.17 8.04 9.12
CA PRO B 25 -0.45 7.81 10.44
C PRO B 25 -1.45 6.65 10.36
N PHE B 26 -1.04 5.46 10.72
CA PHE B 26 -1.97 4.30 10.67
C PHE B 26 -2.30 3.81 12.08
CA CA C . -14.70 -3.93 -10.40
CA CA D . -18.07 -7.85 0.40
CA CA E . 15.41 -1.48 -2.02
CA CA F . 18.06 7.39 5.00
N ALA A 1 -23.57 14.57 11.66
CA ALA A 1 -23.70 14.08 10.25
C ALA A 1 -23.04 12.71 10.11
N ASP A 2 -22.65 12.35 8.91
CA ASP A 2 -21.99 11.02 8.71
C ASP A 2 -20.81 11.16 7.73
N GLN A 3 -20.47 12.35 7.36
CA GLN A 3 -19.34 12.55 6.41
C GLN A 3 -18.02 12.68 7.19
N LEU A 4 -16.92 12.30 6.58
CA LEU A 4 -15.61 12.40 7.28
C LEU A 4 -14.73 13.44 6.60
N THR A 5 -13.44 13.27 6.66
CA THR A 5 -12.52 14.25 6.00
C THR A 5 -12.30 13.86 4.54
N GLU A 6 -12.66 14.73 3.63
CA GLU A 6 -12.48 14.42 2.18
C GLU A 6 -11.03 13.99 1.90
N GLU A 7 -10.08 14.82 2.21
CA GLU A 7 -8.65 14.46 1.95
C GLU A 7 -8.40 13.01 2.36
N GLN A 8 -8.56 12.70 3.62
CA GLN A 8 -8.32 11.29 4.07
C GLN A 8 -9.16 10.31 3.25
N ILE A 9 -10.42 10.59 3.06
CA ILE A 9 -11.28 9.67 2.27
C ILE A 9 -10.77 9.58 0.83
N ALA A 10 -10.59 10.71 0.19
CA ALA A 10 -10.10 10.68 -1.22
C ALA A 10 -8.99 9.64 -1.38
N GLU A 11 -8.01 9.69 -0.52
CA GLU A 11 -6.91 8.69 -0.62
C GLU A 11 -7.49 7.28 -0.52
N PHE A 12 -8.26 7.02 0.50
CA PHE A 12 -8.85 5.66 0.65
C PHE A 12 -9.66 5.31 -0.60
N LYS A 13 -10.39 6.27 -1.14
CA LYS A 13 -11.18 5.99 -2.36
C LYS A 13 -10.23 5.62 -3.51
N GLU A 14 -9.14 6.32 -3.62
CA GLU A 14 -8.17 6.00 -4.71
C GLU A 14 -7.71 4.55 -4.56
N ALA A 15 -7.71 4.04 -3.36
CA ALA A 15 -7.29 2.63 -3.14
C ALA A 15 -8.37 1.69 -3.67
N PHE A 16 -9.55 1.77 -3.13
CA PHE A 16 -10.64 0.88 -3.61
C PHE A 16 -10.77 1.01 -5.12
N SER A 17 -10.51 2.18 -5.64
CA SER A 17 -10.58 2.37 -7.11
C SER A 17 -9.45 1.61 -7.78
N LEU A 18 -8.28 1.63 -7.19
CA LEU A 18 -7.14 0.90 -7.78
C LEU A 18 -7.56 -0.55 -8.04
N PHE A 19 -8.35 -1.09 -7.17
CA PHE A 19 -8.82 -2.50 -7.37
C PHE A 19 -10.05 -2.52 -8.29
N ASP A 20 -10.98 -1.64 -8.05
CA ASP A 20 -12.20 -1.61 -8.91
C ASP A 20 -11.88 -0.91 -10.24
N LYS A 21 -11.42 -1.65 -11.21
CA LYS A 21 -11.09 -1.03 -12.53
C LYS A 21 -12.37 -0.63 -13.27
N ASP A 22 -13.50 -1.11 -12.82
CA ASP A 22 -14.78 -0.76 -13.50
C ASP A 22 -15.63 0.14 -12.61
N GLY A 23 -15.21 0.38 -11.40
CA GLY A 23 -15.99 1.26 -10.49
C GLY A 23 -17.43 0.74 -10.42
N ASP A 24 -17.62 -0.49 -10.03
CA ASP A 24 -19.00 -1.04 -9.95
C ASP A 24 -19.38 -1.30 -8.48
N GLY A 25 -18.46 -1.82 -7.70
CA GLY A 25 -18.77 -2.08 -6.27
C GLY A 25 -18.52 -3.56 -5.95
N THR A 26 -17.76 -4.24 -6.77
CA THR A 26 -17.48 -5.69 -6.52
C THR A 26 -16.10 -6.07 -7.05
N ILE A 27 -15.15 -6.29 -6.18
CA ILE A 27 -13.78 -6.67 -6.65
C ILE A 27 -13.68 -8.19 -6.79
N THR A 28 -13.43 -8.67 -7.98
CA THR A 28 -13.31 -10.14 -8.19
C THR A 28 -11.83 -10.58 -8.08
N THR A 29 -11.58 -11.80 -7.70
CA THR A 29 -10.17 -12.26 -7.58
C THR A 29 -9.37 -11.82 -8.81
N LYS A 30 -10.02 -11.66 -9.93
CA LYS A 30 -9.31 -11.22 -11.16
C LYS A 30 -8.79 -9.78 -10.99
N GLU A 31 -9.68 -8.84 -10.81
CA GLU A 31 -9.25 -7.43 -10.63
C GLU A 31 -8.07 -7.37 -9.65
N LEU A 32 -8.30 -7.70 -8.41
CA LEU A 32 -7.20 -7.66 -7.41
C LEU A 32 -5.99 -8.45 -7.95
N GLY A 33 -6.25 -9.55 -8.60
CA GLY A 33 -5.14 -10.36 -9.15
C GLY A 33 -4.32 -9.50 -10.12
N THR A 34 -4.99 -8.74 -10.95
CA THR A 34 -4.27 -7.88 -11.92
C THR A 34 -3.35 -6.91 -11.15
N VAL A 35 -3.88 -6.24 -10.17
CA VAL A 35 -3.04 -5.29 -9.39
C VAL A 35 -1.79 -6.00 -8.87
N MET A 36 -1.96 -7.16 -8.29
CA MET A 36 -0.79 -7.92 -7.77
C MET A 36 0.15 -8.27 -8.92
N ARG A 37 -0.39 -8.53 -10.07
CA ARG A 37 0.47 -8.87 -11.24
C ARG A 37 1.27 -7.64 -11.68
N SER A 38 0.82 -6.47 -11.32
CA SER A 38 1.56 -5.23 -11.72
C SER A 38 2.72 -4.95 -10.76
N LEU A 39 2.43 -4.89 -9.48
CA LEU A 39 3.51 -4.62 -8.49
C LEU A 39 4.74 -5.48 -8.81
N GLY A 40 4.53 -6.65 -9.34
CA GLY A 40 5.67 -7.54 -9.68
C GLY A 40 5.66 -8.79 -8.78
N GLN A 41 4.50 -9.18 -8.32
CA GLN A 41 4.41 -10.38 -7.45
C GLN A 41 3.73 -11.54 -8.19
N ASN A 42 3.51 -12.64 -7.54
CA ASN A 42 2.84 -13.79 -8.21
C ASN A 42 1.96 -14.56 -7.22
N PRO A 43 0.83 -13.99 -6.91
CA PRO A 43 -0.11 -14.63 -5.97
C PRO A 43 -0.79 -15.83 -6.64
N THR A 44 -1.14 -16.83 -5.87
CA THR A 44 -1.79 -18.04 -6.47
C THR A 44 -3.31 -17.87 -6.46
N GLU A 45 -4.04 -18.96 -6.53
CA GLU A 45 -5.52 -18.87 -6.52
C GLU A 45 -6.07 -19.02 -5.09
N ALA A 46 -5.56 -19.96 -4.36
CA ALA A 46 -6.03 -20.16 -2.96
C ALA A 46 -5.76 -18.91 -2.13
N GLU A 47 -4.64 -18.27 -2.35
CA GLU A 47 -4.31 -17.04 -1.57
C GLU A 47 -5.31 -15.92 -1.88
N LEU A 48 -5.45 -15.57 -3.13
CA LEU A 48 -6.41 -14.48 -3.48
C LEU A 48 -7.75 -14.73 -2.80
N GLN A 49 -8.24 -15.94 -2.83
CA GLN A 49 -9.54 -16.23 -2.18
C GLN A 49 -9.43 -16.00 -0.68
N ASP A 50 -8.33 -16.36 -0.10
CA ASP A 50 -8.15 -16.15 1.36
C ASP A 50 -8.01 -14.66 1.66
N MET A 51 -7.25 -13.96 0.85
CA MET A 51 -7.08 -12.50 1.06
C MET A 51 -8.42 -11.79 0.83
N ILE A 52 -9.21 -12.27 -0.10
CA ILE A 52 -10.53 -11.64 -0.37
C ILE A 52 -11.49 -11.94 0.78
N ASN A 53 -11.40 -13.11 1.34
CA ASN A 53 -12.31 -13.46 2.47
C ASN A 53 -12.20 -12.41 3.57
N GLU A 54 -11.01 -12.13 4.00
CA GLU A 54 -10.83 -11.11 5.09
C GLU A 54 -11.72 -9.89 4.81
N VAL A 55 -11.56 -9.27 3.67
CA VAL A 55 -12.40 -8.08 3.35
C VAL A 55 -13.82 -8.55 2.99
N ASP A 56 -13.95 -9.71 2.42
CA ASP A 56 -15.30 -10.22 2.05
C ASP A 56 -16.14 -10.44 3.31
N ALA A 57 -16.56 -9.38 3.94
CA ALA A 57 -17.38 -9.53 5.19
C ALA A 57 -18.74 -10.15 4.85
N ASP A 58 -19.20 -9.99 3.65
CA ASP A 58 -20.52 -10.58 3.27
C ASP A 58 -20.39 -12.09 3.07
N GLY A 59 -19.43 -12.52 2.30
CA GLY A 59 -19.26 -13.97 2.08
C GLY A 59 -19.69 -14.33 0.65
N ASN A 60 -19.63 -13.38 -0.24
CA ASN A 60 -20.05 -13.67 -1.65
C ASN A 60 -18.81 -13.92 -2.53
N GLY A 61 -17.72 -13.26 -2.23
CA GLY A 61 -16.49 -13.47 -3.05
C GLY A 61 -16.11 -12.15 -3.73
N THR A 62 -16.73 -11.08 -3.38
CA THR A 62 -16.39 -9.77 -4.01
C THR A 62 -16.18 -8.71 -2.92
N ILE A 63 -15.23 -7.83 -3.12
CA ILE A 63 -14.97 -6.79 -2.09
C ILE A 63 -15.85 -5.55 -2.36
N ASP A 64 -16.32 -4.92 -1.32
CA ASP A 64 -17.18 -3.72 -1.51
C ASP A 64 -16.52 -2.49 -0.87
N PHE A 65 -17.06 -1.31 -1.10
CA PHE A 65 -16.45 -0.08 -0.52
C PHE A 65 -16.46 -0.13 1.03
N PRO A 66 -17.61 -0.43 1.61
CA PRO A 66 -17.69 -0.50 3.09
C PRO A 66 -16.86 -1.66 3.62
N GLU A 67 -16.63 -2.67 2.83
CA GLU A 67 -15.82 -3.82 3.29
C GLU A 67 -14.34 -3.40 3.40
N PHE A 68 -13.90 -2.54 2.52
CA PHE A 68 -12.48 -2.08 2.57
C PHE A 68 -12.27 -1.11 3.73
N LEU A 69 -12.98 -0.02 3.75
CA LEU A 69 -12.83 0.97 4.86
C LEU A 69 -12.87 0.25 6.22
N THR A 70 -13.78 -0.67 6.38
CA THR A 70 -13.88 -1.41 7.68
C THR A 70 -12.69 -2.35 7.86
N MET A 71 -12.15 -2.85 6.78
CA MET A 71 -10.99 -3.79 6.89
C MET A 71 -9.76 -3.06 7.47
N MET A 72 -9.24 -2.07 6.78
CA MET A 72 -8.05 -1.34 7.31
C MET A 72 -8.31 -0.84 8.74
N ALA A 73 -9.55 -0.77 9.13
CA ALA A 73 -9.87 -0.31 10.51
C ALA A 73 -9.54 -1.39 11.54
N ARG A 74 -9.46 -2.63 11.11
CA ARG A 74 -9.14 -3.72 12.08
C ARG A 74 -7.64 -3.96 12.16
N LYS A 75 -6.92 -3.65 11.12
CA LYS A 75 -5.44 -3.87 11.14
C LYS A 75 -4.73 -2.74 11.88
N MET A 76 -5.43 -1.67 12.17
CA MET A 76 -4.78 -0.53 12.88
C MET A 76 -5.11 -0.59 14.38
N LYS A 77 -5.72 -1.66 14.82
CA LYS A 77 -6.06 -1.76 16.27
C LYS A 77 -4.77 -1.85 17.11
N ASP A 78 -4.05 -2.93 16.99
CA ASP A 78 -2.79 -3.07 17.77
C ASP A 78 -2.10 -4.40 17.43
N THR A 79 -2.87 -5.42 17.16
CA THR A 79 -2.27 -6.75 16.83
C THR A 79 -1.24 -6.59 15.68
N ASP A 80 -1.72 -6.44 14.47
CA ASP A 80 -0.78 -6.28 13.31
C ASP A 80 -0.38 -4.81 13.15
N SER A 81 0.78 -4.46 13.63
CA SER A 81 1.25 -3.05 13.51
C SER A 81 2.62 -3.01 12.82
N GLU A 82 3.43 -3.99 13.08
CA GLU A 82 4.78 -4.03 12.45
C GLU A 82 4.80 -4.97 11.24
N GLU A 83 3.77 -5.77 11.08
CA GLU A 83 3.75 -6.71 9.92
C GLU A 83 3.32 -5.98 8.64
N GLU A 84 2.60 -4.90 8.78
CA GLU A 84 2.16 -4.14 7.57
C GLU A 84 3.32 -3.30 7.03
N ILE A 85 4.23 -2.90 7.88
CA ILE A 85 5.37 -2.08 7.41
C ILE A 85 6.39 -2.96 6.70
N ARG A 86 6.62 -4.14 7.20
CA ARG A 86 7.60 -5.05 6.55
C ARG A 86 7.13 -5.40 5.14
N GLU A 87 5.85 -5.53 4.95
CA GLU A 87 5.33 -5.87 3.58
C GLU A 87 5.54 -4.67 2.66
N ALA A 88 5.17 -3.48 3.09
CA ALA A 88 5.35 -2.28 2.22
C ALA A 88 6.84 -2.09 1.92
N PHE A 89 7.70 -2.43 2.84
CA PHE A 89 9.15 -2.27 2.59
C PHE A 89 9.57 -3.17 1.43
N ARG A 90 9.14 -4.39 1.43
CA ARG A 90 9.50 -5.32 0.33
C ARG A 90 8.93 -4.80 -0.99
N VAL A 91 7.85 -4.06 -0.92
CA VAL A 91 7.23 -3.53 -2.18
C VAL A 91 8.20 -2.57 -2.87
N PHE A 92 8.60 -1.51 -2.19
CA PHE A 92 9.54 -0.54 -2.82
C PHE A 92 10.81 -1.27 -3.27
N ASP A 93 11.21 -2.28 -2.56
CA ASP A 93 12.43 -3.04 -2.95
C ASP A 93 12.06 -4.18 -3.88
N LYS A 94 11.50 -3.86 -5.02
CA LYS A 94 11.11 -4.94 -5.99
C LYS A 94 12.23 -5.97 -6.13
N ASP A 95 13.45 -5.59 -5.83
CA ASP A 95 14.58 -6.56 -5.94
C ASP A 95 14.88 -7.19 -4.57
N GLY A 96 14.66 -6.46 -3.51
CA GLY A 96 14.92 -7.00 -2.15
C GLY A 96 16.43 -6.91 -1.85
N ASN A 97 17.01 -5.75 -2.02
CA ASN A 97 18.47 -5.60 -1.74
C ASN A 97 18.69 -5.01 -0.34
N GLY A 98 17.66 -4.47 0.27
CA GLY A 98 17.82 -3.89 1.63
C GLY A 98 17.97 -2.37 1.53
N TYR A 99 17.58 -1.79 0.44
CA TYR A 99 17.71 -0.31 0.28
C TYR A 99 16.72 0.18 -0.78
N ILE A 100 16.36 1.44 -0.74
CA ILE A 100 15.40 1.98 -1.75
C ILE A 100 15.96 3.25 -2.40
N SER A 101 15.95 3.31 -3.70
CA SER A 101 16.46 4.52 -4.40
C SER A 101 15.32 5.19 -5.18
N ALA A 102 15.38 6.48 -5.36
CA ALA A 102 14.30 7.18 -6.11
C ALA A 102 13.91 6.35 -7.35
N ALA A 103 14.81 5.56 -7.87
CA ALA A 103 14.49 4.73 -9.07
C ALA A 103 13.55 3.59 -8.68
N GLU A 104 13.82 2.94 -7.58
CA GLU A 104 12.95 1.82 -7.15
C GLU A 104 11.54 2.33 -6.85
N LEU A 105 11.44 3.54 -6.36
CA LEU A 105 10.09 4.10 -6.05
C LEU A 105 9.35 4.40 -7.35
N ARG A 106 10.02 4.99 -8.30
CA ARG A 106 9.35 5.30 -9.60
C ARG A 106 8.90 4.00 -10.27
N HIS A 107 9.57 2.91 -9.97
CA HIS A 107 9.17 1.60 -10.59
C HIS A 107 7.89 1.09 -9.92
N VAL A 108 7.78 1.23 -8.63
CA VAL A 108 6.55 0.75 -7.93
C VAL A 108 5.41 1.75 -8.18
N MET A 109 5.74 3.00 -8.29
CA MET A 109 4.68 4.03 -8.54
C MET A 109 3.86 3.67 -9.77
N THR A 110 4.46 3.76 -10.94
CA THR A 110 3.73 3.41 -12.18
C THR A 110 3.01 2.07 -11.99
N ASN A 111 3.55 1.22 -11.18
CA ASN A 111 2.91 -0.10 -10.93
C ASN A 111 1.84 0.03 -9.84
N LEU A 112 1.90 1.08 -9.07
CA LEU A 112 0.89 1.26 -7.99
C LEU A 112 -0.28 2.12 -8.48
N GLY A 113 -0.07 2.96 -9.45
CA GLY A 113 -1.18 3.79 -9.95
C GLY A 113 -0.71 5.19 -10.35
N GLU A 114 0.01 5.87 -9.49
CA GLU A 114 0.47 7.25 -9.85
C GLU A 114 2.00 7.33 -9.93
N LYS A 115 2.51 8.32 -10.61
CA LYS A 115 3.99 8.50 -10.73
C LYS A 115 4.34 9.96 -10.42
N LEU A 116 4.27 10.34 -9.17
CA LEU A 116 4.56 11.75 -8.78
C LEU A 116 5.65 12.37 -9.65
N THR A 117 5.63 13.67 -9.78
CA THR A 117 6.66 14.37 -10.61
C THR A 117 8.07 14.06 -10.10
N ASP A 118 8.96 15.00 -10.20
CA ASP A 118 10.36 14.76 -9.71
C ASP A 118 10.55 15.35 -8.32
N GLU A 119 10.53 16.66 -8.21
CA GLU A 119 10.71 17.30 -6.88
C GLU A 119 9.92 16.56 -5.82
N GLU A 120 8.68 16.27 -6.08
CA GLU A 120 7.85 15.54 -5.07
C GLU A 120 8.48 14.17 -4.77
N VAL A 121 8.82 13.43 -5.79
CA VAL A 121 9.44 12.10 -5.57
C VAL A 121 10.81 12.26 -4.90
N ASP A 122 11.55 13.26 -5.28
CA ASP A 122 12.89 13.47 -4.65
C ASP A 122 12.72 13.89 -3.20
N GLU A 123 12.15 15.04 -2.98
CA GLU A 123 11.93 15.50 -1.58
C GLU A 123 11.35 14.36 -0.74
N MET A 124 10.66 13.45 -1.38
CA MET A 124 10.07 12.31 -0.64
C MET A 124 11.18 11.42 -0.07
N ILE A 125 12.04 10.91 -0.92
CA ILE A 125 13.15 10.05 -0.43
C ILE A 125 14.03 10.84 0.54
N ARG A 126 14.48 12.00 0.14
CA ARG A 126 15.34 12.82 1.04
C ARG A 126 14.65 13.01 2.39
N GLU A 127 13.34 12.95 2.41
CA GLU A 127 12.61 13.12 3.70
C GLU A 127 12.83 11.90 4.59
N ALA A 128 12.73 10.73 4.05
CA ALA A 128 12.92 9.49 4.86
C ALA A 128 14.39 9.35 5.24
N ASP A 129 15.27 9.79 4.38
CA ASP A 129 16.73 9.67 4.69
C ASP A 129 17.06 10.36 6.02
N ILE A 130 16.82 9.70 7.11
CA ILE A 130 17.11 10.33 8.44
C ILE A 130 18.62 10.28 8.71
N ASP A 131 19.27 9.21 8.33
CA ASP A 131 20.73 9.10 8.55
C ASP A 131 21.49 9.93 7.51
N GLY A 132 20.96 10.03 6.32
CA GLY A 132 21.65 10.82 5.26
C GLY A 132 22.47 9.87 4.38
N ASP A 133 21.83 9.00 3.66
CA ASP A 133 22.57 8.05 2.78
C ASP A 133 22.08 8.15 1.34
N GLY A 134 20.96 8.78 1.13
CA GLY A 134 20.43 8.92 -0.26
C GLY A 134 19.52 7.73 -0.57
N GLN A 135 19.07 7.03 0.43
CA GLN A 135 18.19 5.85 0.20
C GLN A 135 17.47 5.47 1.50
N VAL A 136 16.51 4.59 1.42
CA VAL A 136 15.77 4.18 2.66
C VAL A 136 16.07 2.72 3.00
N ASN A 137 15.68 2.29 4.18
CA ASN A 137 15.94 0.88 4.58
C ASN A 137 14.87 0.42 5.58
N TYR A 138 15.19 -0.56 6.39
CA TYR A 138 14.19 -1.05 7.39
C TYR A 138 13.95 0.00 8.49
N GLU A 139 14.92 0.24 9.33
CA GLU A 139 14.74 1.24 10.42
C GLU A 139 14.11 2.53 9.87
N GLU A 140 14.80 3.21 8.99
CA GLU A 140 14.24 4.46 8.41
C GLU A 140 12.74 4.30 8.10
N PHE A 141 12.40 3.34 7.29
CA PHE A 141 10.95 3.13 6.95
C PHE A 141 10.11 3.10 8.23
N VAL A 142 10.67 2.69 9.32
CA VAL A 142 9.89 2.63 10.60
C VAL A 142 10.21 3.85 11.47
N GLN A 143 11.43 4.27 11.50
CA GLN A 143 11.80 5.45 12.34
C GLN A 143 10.98 6.69 11.95
N MET A 144 10.65 6.82 10.69
CA MET A 144 9.85 8.00 10.25
C MET A 144 8.35 7.72 10.36
N MET A 145 7.98 6.48 10.45
CA MET A 145 6.52 6.16 10.55
C MET A 145 6.12 6.04 12.03
N THR A 146 7.07 6.04 12.92
CA THR A 146 6.74 5.92 14.37
C THR A 146 6.93 7.26 15.08
N ALA A 147 8.16 7.69 15.24
CA ALA A 147 8.41 8.97 15.94
C ALA A 147 8.68 10.09 14.92
N LYS A 148 9.77 10.75 15.05
CA LYS A 148 10.09 11.86 14.09
C LYS A 148 11.40 11.56 13.36
N VAL B 1 6.05 -16.80 5.84
CA VAL B 1 6.23 -15.34 5.55
C VAL B 1 6.38 -15.12 4.03
N LYS B 2 5.33 -14.75 3.38
CA LYS B 2 5.41 -14.52 1.91
C LYS B 2 5.92 -13.10 1.62
N LEU B 3 6.10 -12.78 0.36
CA LEU B 3 6.59 -11.41 0.02
C LEU B 3 5.47 -10.59 -0.61
N ILE B 4 4.28 -11.11 -0.61
CA ILE B 4 3.14 -10.34 -1.20
C ILE B 4 2.51 -9.45 -0.14
N PRO B 5 2.05 -8.30 -0.56
CA PRO B 5 1.42 -7.35 0.38
C PRO B 5 0.08 -7.91 0.89
N SER B 6 -0.07 -8.00 2.18
CA SER B 6 -1.33 -8.55 2.76
C SER B 6 -2.47 -7.53 2.67
N TRP B 7 -3.02 -7.34 1.51
CA TRP B 7 -4.16 -6.37 1.36
C TRP B 7 -3.78 -4.99 1.92
N THR B 8 -3.92 -4.81 3.21
CA THR B 8 -3.58 -3.51 3.83
C THR B 8 -2.24 -3.01 3.31
N THR B 9 -1.26 -3.86 3.28
CA THR B 9 0.08 -3.42 2.77
C THR B 9 -0.10 -2.77 1.39
N VAL B 10 -0.89 -3.37 0.55
CA VAL B 10 -1.11 -2.78 -0.80
C VAL B 10 -1.68 -1.37 -0.63
N ILE B 11 -2.36 -1.15 0.45
CA ILE B 11 -2.96 0.19 0.69
C ILE B 11 -1.90 1.17 1.18
N LEU B 12 -1.34 0.93 2.33
CA LEU B 12 -0.29 1.87 2.85
C LEU B 12 0.73 2.19 1.75
N VAL B 13 1.20 1.21 1.03
CA VAL B 13 2.19 1.50 -0.06
C VAL B 13 1.55 2.45 -1.10
N LYS B 14 0.39 2.11 -1.59
CA LYS B 14 -0.28 3.01 -2.57
C LYS B 14 -0.51 4.38 -1.92
N SER B 15 -0.77 4.38 -0.63
CA SER B 15 -0.98 5.68 0.07
C SER B 15 0.29 6.52 -0.02
N MET B 16 1.42 5.92 0.26
CA MET B 16 2.70 6.69 0.19
C MET B 16 2.79 7.37 -1.16
N LEU B 17 2.31 6.74 -2.19
CA LEU B 17 2.37 7.36 -3.54
C LEU B 17 1.39 8.53 -3.62
N ARG B 18 1.54 9.48 -2.77
CA ARG B 18 0.61 10.64 -2.78
C ARG B 18 1.37 11.96 -2.97
N LYS B 19 2.34 12.23 -2.13
CA LYS B 19 3.10 13.49 -2.27
C LYS B 19 4.60 13.24 -2.04
N ARG B 20 5.20 13.97 -1.15
CA ARG B 20 6.65 13.78 -0.87
C ARG B 20 6.86 13.40 0.60
N SER B 21 6.01 12.56 1.12
CA SER B 21 6.15 12.14 2.55
C SER B 21 6.32 10.63 2.65
N PHE B 22 7.04 10.17 3.64
CA PHE B 22 7.23 8.69 3.79
C PHE B 22 6.63 8.23 5.11
N GLY B 23 6.28 9.15 5.97
CA GLY B 23 5.68 8.75 7.29
C GLY B 23 4.20 8.47 7.09
N ASN B 24 3.63 7.62 7.90
CA ASN B 24 2.18 7.31 7.75
C ASN B 24 1.56 6.98 9.11
N PRO B 25 0.49 7.68 9.43
CA PRO B 25 -0.20 7.47 10.71
C PRO B 25 -0.94 6.12 10.71
N PHE B 26 -0.24 5.05 10.47
CA PHE B 26 -0.90 3.70 10.44
C PHE B 26 -0.78 3.03 11.81
CA CA C . -15.15 -4.58 -10.04
CA CA D . -18.30 -9.12 0.08
CA CA E . 15.90 -2.38 -3.29
CA CA F . 18.29 7.49 4.48
N ALA A 1 -11.54 24.62 12.11
CA ALA A 1 -12.80 23.81 12.11
C ALA A 1 -12.85 22.90 10.88
N ASP A 2 -12.28 23.33 9.78
CA ASP A 2 -12.30 22.49 8.55
C ASP A 2 -10.96 21.76 8.39
N GLN A 3 -10.64 20.87 9.29
CA GLN A 3 -9.35 20.13 9.18
C GLN A 3 -9.44 19.08 8.07
N LEU A 4 -9.75 19.50 6.86
CA LEU A 4 -9.88 18.55 5.67
C LEU A 4 -9.55 17.10 6.05
N THR A 5 -10.54 16.33 6.40
CA THR A 5 -10.28 14.91 6.78
C THR A 5 -10.80 13.98 5.69
N GLU A 6 -11.64 14.47 4.82
CA GLU A 6 -12.17 13.61 3.73
C GLU A 6 -11.02 13.01 2.91
N GLU A 7 -9.92 13.72 2.82
CA GLU A 7 -8.76 13.19 2.04
C GLU A 7 -8.57 11.70 2.34
N GLN A 8 -8.55 11.35 3.61
CA GLN A 8 -8.37 9.92 3.97
C GLN A 8 -9.46 9.08 3.29
N ILE A 9 -10.69 9.54 3.36
CA ILE A 9 -11.80 8.78 2.71
C ILE A 9 -11.62 8.80 1.20
N ALA A 10 -11.45 9.97 0.63
CA ALA A 10 -11.25 10.07 -0.84
C ALA A 10 -10.04 9.22 -1.24
N GLU A 11 -9.01 9.25 -0.44
CA GLU A 11 -7.79 8.45 -0.77
C GLU A 11 -8.20 6.98 -0.87
N PHE A 12 -8.91 6.48 0.09
CA PHE A 12 -9.35 5.06 0.04
C PHE A 12 -10.22 4.84 -1.19
N LYS A 13 -11.04 5.81 -1.52
CA LYS A 13 -11.90 5.68 -2.71
C LYS A 13 -11.03 5.44 -3.94
N GLU A 14 -9.93 6.15 -4.04
CA GLU A 14 -9.01 5.95 -5.19
C GLU A 14 -8.45 4.53 -5.15
N ALA A 15 -8.09 4.06 -3.98
CA ALA A 15 -7.56 2.67 -3.88
C ALA A 15 -8.66 1.68 -4.26
N PHE A 16 -9.83 1.86 -3.71
CA PHE A 16 -10.95 0.94 -4.06
C PHE A 16 -11.14 0.92 -5.57
N SER A 17 -10.78 1.98 -6.23
CA SER A 17 -10.91 2.03 -7.71
C SER A 17 -9.67 1.39 -8.34
N LEU A 18 -8.52 1.59 -7.77
CA LEU A 18 -7.29 0.99 -8.33
C LEU A 18 -7.52 -0.51 -8.55
N PHE A 19 -8.25 -1.14 -7.67
CA PHE A 19 -8.53 -2.60 -7.83
C PHE A 19 -9.70 -2.80 -8.80
N ASP A 20 -10.71 -1.97 -8.70
CA ASP A 20 -11.88 -2.09 -9.61
C ASP A 20 -11.51 -1.59 -11.02
N LYS A 21 -11.07 -2.47 -11.87
CA LYS A 21 -10.70 -2.04 -13.25
C LYS A 21 -11.94 -1.54 -14.00
N ASP A 22 -13.08 -2.10 -13.71
CA ASP A 22 -14.32 -1.65 -14.42
C ASP A 22 -15.00 -0.52 -13.66
N GLY A 23 -14.83 -0.48 -12.36
CA GLY A 23 -15.47 0.60 -11.56
C GLY A 23 -16.97 0.33 -11.43
N ASP A 24 -17.34 -0.66 -10.67
CA ASP A 24 -18.79 -0.98 -10.50
C ASP A 24 -19.19 -0.87 -9.03
N GLY A 25 -18.24 -1.03 -8.15
CA GLY A 25 -18.56 -0.94 -6.69
C GLY A 25 -18.21 -2.27 -6.02
N THR A 26 -17.89 -3.27 -6.80
CA THR A 26 -17.53 -4.58 -6.19
C THR A 26 -16.27 -5.15 -6.86
N ILE A 27 -15.30 -5.53 -6.09
CA ILE A 27 -14.05 -6.10 -6.69
C ILE A 27 -14.15 -7.62 -6.73
N THR A 28 -13.80 -8.22 -7.84
CA THR A 28 -13.87 -9.69 -7.94
C THR A 28 -12.52 -10.31 -7.53
N THR A 29 -12.34 -11.58 -7.72
CA THR A 29 -11.06 -12.23 -7.34
C THR A 29 -10.03 -12.03 -8.45
N LYS A 30 -10.46 -12.06 -9.69
CA LYS A 30 -9.51 -11.89 -10.81
C LYS A 30 -8.98 -10.45 -10.83
N GLU A 31 -9.80 -9.50 -10.49
CA GLU A 31 -9.34 -8.08 -10.49
C GLU A 31 -8.12 -7.92 -9.57
N LEU A 32 -8.23 -8.31 -8.33
CA LEU A 32 -7.07 -8.18 -7.41
C LEU A 32 -5.87 -8.96 -7.93
N GLY A 33 -6.11 -10.13 -8.49
CA GLY A 33 -4.98 -10.93 -9.03
C GLY A 33 -4.21 -10.12 -10.06
N THR A 34 -4.89 -9.42 -10.92
CA THR A 34 -4.19 -8.60 -11.95
C THR A 34 -3.36 -7.51 -11.27
N VAL A 35 -3.99 -6.68 -10.48
CA VAL A 35 -3.23 -5.60 -9.78
C VAL A 35 -2.08 -6.20 -8.98
N MET A 36 -2.22 -7.44 -8.55
CA MET A 36 -1.13 -8.09 -7.77
C MET A 36 0.08 -8.34 -8.68
N ARG A 37 -0.17 -8.78 -9.88
CA ARG A 37 0.97 -9.06 -10.82
C ARG A 37 1.67 -7.75 -11.17
N SER A 38 0.97 -6.65 -11.16
CA SER A 38 1.60 -5.35 -11.49
C SER A 38 2.79 -5.09 -10.56
N LEU A 39 2.56 -5.12 -9.27
CA LEU A 39 3.69 -4.88 -8.31
C LEU A 39 4.83 -5.86 -8.59
N GLY A 40 4.51 -7.08 -8.90
CA GLY A 40 5.58 -8.08 -9.19
C GLY A 40 5.36 -9.33 -8.32
N GLN A 41 4.21 -9.92 -8.41
CA GLN A 41 3.93 -11.14 -7.58
C GLN A 41 3.10 -12.15 -8.37
N ASN A 42 3.21 -13.41 -8.05
CA ASN A 42 2.43 -14.44 -8.79
C ASN A 42 1.46 -15.16 -7.85
N PRO A 43 0.35 -14.52 -7.59
CA PRO A 43 -0.68 -15.10 -6.69
C PRO A 43 -1.40 -16.25 -7.40
N THR A 44 -1.80 -17.26 -6.68
CA THR A 44 -2.51 -18.42 -7.31
C THR A 44 -4.02 -18.30 -7.09
N GLU A 45 -4.72 -19.40 -7.09
CA GLU A 45 -6.20 -19.34 -6.89
C GLU A 45 -6.54 -19.38 -5.39
N ALA A 46 -6.01 -20.35 -4.68
CA ALA A 46 -6.30 -20.45 -3.22
C ALA A 46 -5.90 -19.14 -2.52
N GLU A 47 -4.79 -18.57 -2.88
CA GLU A 47 -4.35 -17.31 -2.23
C GLU A 47 -5.34 -16.18 -2.52
N LEU A 48 -5.63 -15.92 -3.76
CA LEU A 48 -6.60 -14.83 -4.09
C LEU A 48 -7.81 -14.92 -3.16
N GLN A 49 -8.42 -16.07 -3.08
CA GLN A 49 -9.60 -16.22 -2.19
C GLN A 49 -9.20 -15.92 -0.74
N ASP A 50 -8.02 -16.28 -0.36
CA ASP A 50 -7.55 -16.01 1.04
C ASP A 50 -7.35 -14.52 1.23
N MET A 51 -6.77 -13.87 0.26
CA MET A 51 -6.54 -12.40 0.37
C MET A 51 -7.88 -11.66 0.34
N ILE A 52 -8.81 -12.16 -0.44
CA ILE A 52 -10.15 -11.49 -0.52
C ILE A 52 -10.94 -11.77 0.76
N ASN A 53 -10.59 -12.82 1.48
CA ASN A 53 -11.32 -13.14 2.73
C ASN A 53 -11.10 -12.04 3.79
N GLU A 54 -9.86 -11.75 4.08
CA GLU A 54 -9.57 -10.71 5.11
C GLU A 54 -10.51 -9.51 4.95
N VAL A 55 -10.88 -9.18 3.74
CA VAL A 55 -11.80 -8.03 3.53
C VAL A 55 -13.24 -8.52 3.39
N ASP A 56 -13.42 -9.65 2.77
CA ASP A 56 -14.80 -10.19 2.58
C ASP A 56 -15.58 -10.15 3.91
N ALA A 57 -16.24 -9.05 4.19
CA ALA A 57 -17.02 -8.96 5.45
C ALA A 57 -18.38 -9.67 5.30
N ASP A 58 -18.93 -9.65 4.12
CA ASP A 58 -20.26 -10.32 3.91
C ASP A 58 -20.08 -11.83 3.84
N GLY A 59 -19.13 -12.30 3.08
CA GLY A 59 -18.92 -13.76 2.97
C GLY A 59 -19.01 -14.20 1.49
N ASN A 60 -19.25 -13.27 0.61
CA ASN A 60 -19.34 -13.62 -0.84
C ASN A 60 -17.96 -13.56 -1.49
N GLY A 61 -17.12 -12.67 -1.04
CA GLY A 61 -15.75 -12.57 -1.64
C GLY A 61 -15.60 -11.21 -2.34
N THR A 62 -16.67 -10.65 -2.83
CA THR A 62 -16.58 -9.34 -3.53
C THR A 62 -16.27 -8.22 -2.52
N ILE A 63 -15.61 -7.19 -2.97
CA ILE A 63 -15.26 -6.07 -2.03
C ILE A 63 -16.21 -4.88 -2.24
N ASP A 64 -16.90 -4.46 -1.22
CA ASP A 64 -17.84 -3.31 -1.37
C ASP A 64 -17.18 -2.03 -0.85
N PHE A 65 -17.65 -0.89 -1.30
CA PHE A 65 -17.05 0.40 -0.85
C PHE A 65 -16.91 0.43 0.68
N PRO A 66 -17.96 0.02 1.38
CA PRO A 66 -17.90 0.02 2.85
C PRO A 66 -17.04 -1.14 3.34
N GLU A 67 -17.12 -2.27 2.67
CA GLU A 67 -16.30 -3.45 3.06
C GLU A 67 -14.83 -3.05 3.20
N PHE A 68 -14.30 -2.37 2.22
CA PHE A 68 -12.86 -1.96 2.30
C PHE A 68 -12.68 -0.88 3.38
N LEU A 69 -13.55 0.10 3.40
CA LEU A 69 -13.42 1.18 4.42
C LEU A 69 -13.51 0.61 5.84
N THR A 70 -13.91 -0.63 5.96
CA THR A 70 -14.03 -1.24 7.33
C THR A 70 -12.76 -2.03 7.67
N MET A 71 -12.25 -2.80 6.74
CA MET A 71 -11.03 -3.61 7.03
C MET A 71 -9.83 -2.70 7.35
N MET A 72 -9.68 -1.62 6.65
CA MET A 72 -8.53 -0.70 6.90
C MET A 72 -8.57 -0.15 8.35
N ALA A 73 -9.64 -0.37 9.06
CA ALA A 73 -9.72 0.16 10.45
C ALA A 73 -9.48 -0.95 11.48
N ARG A 74 -9.62 -2.19 11.09
CA ARG A 74 -9.40 -3.30 12.05
C ARG A 74 -8.00 -3.92 11.89
N LYS A 75 -7.42 -3.77 10.74
CA LYS A 75 -6.07 -4.36 10.53
C LYS A 75 -4.98 -3.30 10.72
N MET A 76 -5.12 -2.45 11.70
CA MET A 76 -4.09 -1.40 11.93
C MET A 76 -3.15 -1.81 13.07
N LYS A 77 -3.46 -1.42 14.28
CA LYS A 77 -2.57 -1.79 15.43
C LYS A 77 -3.18 -2.97 16.20
N ASP A 78 -3.78 -3.89 15.51
CA ASP A 78 -4.39 -5.06 16.21
C ASP A 78 -3.53 -6.31 16.02
N THR A 79 -2.82 -6.38 14.93
CA THR A 79 -1.96 -7.57 14.68
C THR A 79 -0.94 -7.27 13.57
N ASP A 80 -1.33 -6.51 12.59
CA ASP A 80 -0.38 -6.18 11.48
C ASP A 80 0.00 -4.69 11.53
N SER A 81 0.62 -4.27 12.59
CA SER A 81 1.01 -2.83 12.70
C SER A 81 2.46 -2.65 12.23
N GLU A 82 3.38 -3.26 12.91
CA GLU A 82 4.82 -3.12 12.51
C GLU A 82 5.17 -4.20 11.48
N GLU A 83 4.42 -5.28 11.46
CA GLU A 83 4.72 -6.36 10.47
C GLU A 83 4.36 -5.89 9.07
N GLU A 84 3.20 -5.31 8.91
CA GLU A 84 2.78 -4.83 7.56
C GLU A 84 3.79 -3.82 7.03
N ILE A 85 4.57 -3.22 7.90
CA ILE A 85 5.57 -2.24 7.42
C ILE A 85 6.67 -2.97 6.66
N ARG A 86 7.13 -4.06 7.19
CA ARG A 86 8.18 -4.84 6.50
C ARG A 86 7.67 -5.22 5.12
N GLU A 87 6.38 -5.42 4.98
CA GLU A 87 5.81 -5.78 3.66
C GLU A 87 5.88 -4.57 2.74
N ALA A 88 5.30 -3.47 3.13
CA ALA A 88 5.36 -2.25 2.28
C ALA A 88 6.82 -1.93 1.95
N PHE A 89 7.73 -2.41 2.76
CA PHE A 89 9.19 -2.16 2.50
C PHE A 89 9.62 -2.98 1.29
N ARG A 90 9.58 -4.29 1.40
CA ARG A 90 9.98 -5.14 0.25
C ARG A 90 9.27 -4.65 -1.01
N VAL A 91 8.04 -4.24 -0.87
CA VAL A 91 7.28 -3.74 -2.05
C VAL A 91 7.95 -2.46 -2.57
N PHE A 92 8.49 -1.66 -1.69
CA PHE A 92 9.17 -0.40 -2.14
C PHE A 92 10.50 -0.76 -2.81
N ASP A 93 11.17 -1.76 -2.29
CA ASP A 93 12.47 -2.18 -2.87
C ASP A 93 12.27 -3.39 -3.77
N LYS A 94 11.50 -3.26 -4.81
CA LYS A 94 11.26 -4.43 -5.71
C LYS A 94 12.58 -5.16 -5.97
N ASP A 95 13.57 -4.46 -6.41
CA ASP A 95 14.89 -5.11 -6.67
C ASP A 95 15.42 -5.74 -5.37
N GLY A 96 15.03 -5.22 -4.24
CA GLY A 96 15.51 -5.80 -2.95
C GLY A 96 17.03 -5.71 -2.88
N ASN A 97 17.57 -4.52 -2.96
CA ASN A 97 19.06 -4.37 -2.90
C ASN A 97 19.50 -3.99 -1.48
N GLY A 98 18.80 -3.11 -0.83
CA GLY A 98 19.20 -2.71 0.55
C GLY A 98 18.52 -1.41 0.96
N TYR A 99 18.49 -0.44 0.08
CA TYR A 99 17.84 0.86 0.43
C TYR A 99 16.73 1.21 -0.55
N ILE A 100 15.91 2.17 -0.22
CA ILE A 100 14.80 2.58 -1.13
C ILE A 100 15.16 3.87 -1.87
N SER A 101 15.87 3.77 -2.95
CA SER A 101 16.25 5.00 -3.71
C SER A 101 15.04 5.54 -4.46
N ALA A 102 15.08 6.78 -4.87
CA ALA A 102 13.94 7.37 -5.62
C ALA A 102 13.59 6.48 -6.81
N ALA A 103 14.49 5.64 -7.23
CA ALA A 103 14.21 4.74 -8.38
C ALA A 103 13.37 3.57 -7.91
N GLU A 104 13.58 3.14 -6.69
CA GLU A 104 12.78 2.01 -6.15
C GLU A 104 11.33 2.46 -5.97
N LEU A 105 11.14 3.65 -5.48
CA LEU A 105 9.75 4.15 -5.30
C LEU A 105 9.08 4.27 -6.68
N ARG A 106 9.80 4.76 -7.65
CA ARG A 106 9.23 4.89 -9.01
C ARG A 106 8.86 3.51 -9.55
N HIS A 107 9.54 2.49 -9.09
CA HIS A 107 9.24 1.11 -9.57
C HIS A 107 7.89 0.65 -9.03
N VAL A 108 7.66 0.81 -7.76
CA VAL A 108 6.34 0.40 -7.18
C VAL A 108 5.26 1.40 -7.59
N MET A 109 5.64 2.64 -7.77
CA MET A 109 4.66 3.68 -8.18
C MET A 109 3.87 3.24 -9.42
N THR A 110 4.51 3.19 -10.55
CA THR A 110 3.79 2.78 -11.79
C THR A 110 3.05 1.46 -11.57
N ASN A 111 3.53 0.65 -10.67
CA ASN A 111 2.86 -0.65 -10.41
C ASN A 111 1.55 -0.42 -9.66
N LEU A 112 1.37 0.72 -9.06
CA LEU A 112 0.11 1.00 -8.32
C LEU A 112 -0.84 1.84 -9.18
N GLY A 113 -0.36 2.90 -9.77
CA GLY A 113 -1.26 3.74 -10.62
C GLY A 113 -0.59 5.08 -10.96
N GLU A 114 -0.22 5.84 -9.98
CA GLU A 114 0.41 7.17 -10.26
C GLU A 114 1.94 7.05 -10.34
N LYS A 115 2.58 8.03 -10.93
CA LYS A 115 4.07 8.01 -11.05
C LYS A 115 4.63 9.41 -10.74
N LEU A 116 4.61 9.80 -9.50
CA LEU A 116 5.12 11.16 -9.11
C LEU A 116 6.29 11.59 -9.97
N THR A 117 6.44 12.87 -10.17
CA THR A 117 7.57 13.38 -11.01
C THR A 117 8.90 12.94 -10.39
N ASP A 118 9.91 13.75 -10.52
CA ASP A 118 11.23 13.37 -9.94
C ASP A 118 11.60 14.32 -8.80
N GLU A 119 11.51 15.60 -9.03
CA GLU A 119 11.85 16.57 -7.95
C GLU A 119 11.02 16.29 -6.71
N GLU A 120 9.73 16.18 -6.86
CA GLU A 120 8.87 15.90 -5.68
C GLU A 120 9.26 14.55 -5.07
N VAL A 121 9.45 13.55 -5.90
CA VAL A 121 9.84 12.22 -5.38
C VAL A 121 11.16 12.32 -4.62
N ASP A 122 12.08 13.11 -5.14
CA ASP A 122 13.40 13.26 -4.45
C ASP A 122 13.18 13.81 -3.04
N GLU A 123 12.48 14.91 -2.93
CA GLU A 123 12.24 15.48 -1.58
C GLU A 123 11.54 14.44 -0.70
N MET A 124 10.84 13.53 -1.31
CA MET A 124 10.14 12.47 -0.52
C MET A 124 11.18 11.61 0.21
N ILE A 125 12.16 11.16 -0.50
CA ILE A 125 13.22 10.32 0.11
C ILE A 125 14.14 11.18 0.99
N ARG A 126 14.39 12.40 0.59
CA ARG A 126 15.27 13.28 1.40
C ARG A 126 14.56 13.67 2.70
N GLU A 127 13.26 13.60 2.72
CA GLU A 127 12.51 13.96 3.97
C GLU A 127 12.69 12.87 5.03
N ALA A 128 12.79 11.64 4.61
CA ALA A 128 12.97 10.52 5.60
C ALA A 128 14.45 10.22 5.79
N ASP A 129 15.26 10.51 4.80
CA ASP A 129 16.72 10.23 4.92
C ASP A 129 17.26 10.72 6.27
N ILE A 130 17.25 9.87 7.27
CA ILE A 130 17.77 10.27 8.61
C ILE A 130 19.30 10.12 8.62
N ASP A 131 19.79 9.07 8.06
CA ASP A 131 21.28 8.86 8.03
C ASP A 131 21.91 9.77 6.98
N GLY A 132 21.16 10.17 5.99
CA GLY A 132 21.71 11.07 4.94
C GLY A 132 22.47 10.23 3.89
N ASP A 133 21.98 9.05 3.61
CA ASP A 133 22.67 8.18 2.61
C ASP A 133 22.12 8.46 1.21
N GLY A 134 21.00 9.12 1.13
CA GLY A 134 20.41 9.41 -0.21
C GLY A 134 19.33 8.37 -0.54
N GLN A 135 18.98 7.54 0.41
CA GLN A 135 17.95 6.51 0.15
C GLN A 135 17.29 6.06 1.46
N VAL A 136 16.07 5.59 1.40
CA VAL A 136 15.38 5.15 2.66
C VAL A 136 15.64 3.65 2.89
N ASN A 137 16.35 3.32 3.93
CA ASN A 137 16.65 1.89 4.20
C ASN A 137 15.54 1.26 5.06
N TYR A 138 15.61 -0.02 5.32
CA TYR A 138 14.57 -0.69 6.14
C TYR A 138 14.46 0.00 7.51
N GLU A 139 15.50 -0.04 8.30
CA GLU A 139 15.46 0.61 9.63
C GLU A 139 14.76 1.96 9.53
N GLU A 140 15.16 2.77 8.59
CA GLU A 140 14.51 4.11 8.44
C GLU A 140 13.00 3.94 8.23
N PHE A 141 12.60 3.22 7.21
CA PHE A 141 11.14 2.99 6.96
C PHE A 141 10.45 2.59 8.26
N VAL A 142 11.18 2.04 9.19
CA VAL A 142 10.55 1.62 10.48
C VAL A 142 10.82 2.66 11.56
N GLN A 143 11.99 3.22 11.58
CA GLN A 143 12.31 4.24 12.62
C GLN A 143 11.46 5.50 12.43
N MET A 144 10.76 5.61 11.33
CA MET A 144 9.92 6.82 11.10
C MET A 144 8.46 6.55 11.49
N MET A 145 8.04 5.32 11.43
CA MET A 145 6.62 5.01 11.78
C MET A 145 6.52 4.45 13.21
N THR A 146 7.50 3.70 13.64
CA THR A 146 7.45 3.13 15.02
C THR A 146 7.68 4.22 16.05
N ALA A 147 8.41 5.24 15.70
CA ALA A 147 8.67 6.35 16.68
C ALA A 147 7.50 7.33 16.70
N LYS A 148 6.30 6.85 16.92
CA LYS A 148 5.12 7.76 16.96
C LYS A 148 4.72 8.04 18.41
N VAL B 1 9.90 -14.36 3.08
CA VAL B 1 9.58 -15.62 3.82
C VAL B 1 8.05 -15.78 3.97
N LYS B 2 7.33 -15.68 2.89
CA LYS B 2 5.84 -15.83 2.98
C LYS B 2 5.23 -16.26 1.63
N LEU B 3 4.21 -15.58 1.15
CA LEU B 3 3.58 -15.96 -0.12
C LEU B 3 2.53 -14.90 -0.44
N ILE B 4 2.90 -13.93 -1.21
CA ILE B 4 1.97 -12.83 -1.58
C ILE B 4 1.60 -12.01 -0.33
N PRO B 5 1.67 -10.72 -0.46
CA PRO B 5 1.38 -9.82 0.68
C PRO B 5 -0.11 -9.81 1.01
N SER B 6 -0.57 -8.80 1.71
CA SER B 6 -2.02 -8.74 2.07
C SER B 6 -2.66 -7.44 1.55
N TRP B 7 -3.92 -7.27 1.84
CA TRP B 7 -4.65 -6.05 1.37
C TRP B 7 -3.99 -4.78 1.92
N THR B 8 -4.15 -4.55 3.20
CA THR B 8 -3.56 -3.34 3.83
C THR B 8 -2.16 -3.06 3.25
N THR B 9 -1.49 -4.08 2.82
CA THR B 9 -0.13 -3.86 2.24
C THR B 9 -0.22 -2.97 1.00
N VAL B 10 -1.11 -3.31 0.10
CA VAL B 10 -1.26 -2.48 -1.13
C VAL B 10 -1.75 -1.08 -0.77
N ILE B 11 -2.56 -0.96 0.25
CA ILE B 11 -3.06 0.39 0.64
C ILE B 11 -1.95 1.19 1.33
N LEU B 12 -1.06 0.52 2.02
CA LEU B 12 0.05 1.23 2.70
C LEU B 12 0.94 1.94 1.68
N VAL B 13 1.40 1.21 0.69
CA VAL B 13 2.27 1.83 -0.33
C VAL B 13 1.48 2.84 -1.18
N LYS B 14 0.28 2.51 -1.59
CA LYS B 14 -0.51 3.48 -2.41
C LYS B 14 -0.73 4.77 -1.61
N SER B 15 -1.18 4.65 -0.40
CA SER B 15 -1.39 5.85 0.43
C SER B 15 -0.14 6.73 0.40
N MET B 16 1.02 6.14 0.50
CA MET B 16 2.28 6.93 0.46
C MET B 16 2.54 7.42 -0.97
N LEU B 17 1.84 6.87 -1.93
CA LEU B 17 2.03 7.30 -3.33
C LEU B 17 1.08 8.44 -3.67
N ARG B 18 1.22 9.53 -3.01
CA ARG B 18 0.33 10.69 -3.29
C ARG B 18 1.13 11.89 -3.78
N LYS B 19 1.82 12.57 -2.91
CA LYS B 19 2.58 13.75 -3.33
C LYS B 19 3.99 13.77 -2.66
N ARG B 20 4.07 14.11 -1.41
CA ARG B 20 5.40 14.15 -0.74
C ARG B 20 5.34 13.59 0.69
N SER B 21 4.17 13.25 1.16
CA SER B 21 4.05 12.71 2.55
C SER B 21 5.01 11.53 2.76
N PHE B 22 5.61 11.45 3.92
CA PHE B 22 6.55 10.32 4.20
C PHE B 22 6.95 10.32 5.69
N GLY B 23 6.98 9.17 6.30
CA GLY B 23 7.38 9.11 7.74
C GLY B 23 6.30 8.37 8.53
N ASN B 24 5.31 9.08 8.99
CA ASN B 24 4.24 8.41 9.78
C ASN B 24 2.85 8.81 9.25
N PRO B 25 2.69 8.68 7.96
CA PRO B 25 1.41 9.02 7.31
C PRO B 25 0.34 7.96 7.63
N PHE B 26 0.72 6.90 8.27
CA PHE B 26 -0.28 5.83 8.61
C PHE B 26 -0.42 5.69 10.13
CA CA C . -15.13 -4.92 -10.32
CA CA D . -17.90 -9.23 0.60
CA CA E . 15.84 -0.70 -3.69
CA CA F . 18.12 7.85 4.27
N ALA A 1 -19.79 27.38 9.81
CA ALA A 1 -18.39 26.97 9.47
C ALA A 1 -18.25 25.45 9.59
N ASP A 2 -18.20 24.94 10.79
CA ASP A 2 -18.06 23.46 10.96
C ASP A 2 -16.76 22.97 10.31
N GLN A 3 -16.29 21.81 10.68
CA GLN A 3 -15.04 21.29 10.08
C GLN A 3 -15.38 20.27 8.98
N LEU A 4 -14.74 20.37 7.84
CA LEU A 4 -15.02 19.42 6.74
C LEU A 4 -14.28 18.09 6.98
N THR A 5 -14.82 17.01 6.49
CA THR A 5 -14.15 15.69 6.69
C THR A 5 -14.07 14.92 5.38
N GLU A 6 -13.47 15.51 4.39
CA GLU A 6 -13.35 14.82 3.07
C GLU A 6 -11.95 14.23 2.91
N GLU A 7 -10.98 14.80 3.58
CA GLU A 7 -9.59 14.27 3.47
C GLU A 7 -9.56 12.77 3.79
N GLN A 8 -10.01 12.41 4.95
CA GLN A 8 -10.01 10.96 5.33
C GLN A 8 -10.75 10.13 4.28
N ILE A 9 -11.95 10.51 3.97
CA ILE A 9 -12.72 9.73 2.94
C ILE A 9 -11.96 9.69 1.62
N ALA A 10 -11.67 10.82 1.05
CA ALA A 10 -10.93 10.85 -0.24
C ALA A 10 -9.79 9.83 -0.20
N GLU A 11 -9.04 9.80 0.87
CA GLU A 11 -7.91 8.82 0.96
C GLU A 11 -8.43 7.41 0.72
N PHE A 12 -9.41 6.99 1.45
CA PHE A 12 -9.97 5.61 1.25
C PHE A 12 -10.52 5.48 -0.17
N LYS A 13 -11.22 6.47 -0.64
CA LYS A 13 -11.78 6.39 -2.02
C LYS A 13 -10.62 6.20 -3.01
N GLU A 14 -9.49 6.78 -2.73
CA GLU A 14 -8.32 6.63 -3.64
C GLU A 14 -7.93 5.15 -3.72
N ALA A 15 -7.88 4.49 -2.60
CA ALA A 15 -7.51 3.04 -2.60
C ALA A 15 -8.59 2.23 -3.31
N PHE A 16 -9.82 2.38 -2.91
CA PHE A 16 -10.92 1.62 -3.56
C PHE A 16 -11.04 2.03 -5.03
N SER A 17 -10.38 3.09 -5.40
CA SER A 17 -10.45 3.54 -6.83
C SER A 17 -9.28 2.94 -7.61
N LEU A 18 -8.20 2.62 -6.94
CA LEU A 18 -7.03 2.03 -7.64
C LEU A 18 -7.28 0.55 -7.94
N PHE A 19 -8.05 -0.11 -7.11
CA PHE A 19 -8.33 -1.57 -7.33
C PHE A 19 -9.43 -1.74 -8.39
N ASP A 20 -10.57 -1.16 -8.17
CA ASP A 20 -11.67 -1.31 -9.17
C ASP A 20 -11.26 -0.68 -10.51
N LYS A 21 -10.53 -1.41 -11.32
CA LYS A 21 -10.09 -0.85 -12.63
C LYS A 21 -11.15 -1.15 -13.71
N ASP A 22 -12.36 -1.40 -13.31
CA ASP A 22 -13.43 -1.71 -14.31
C ASP A 22 -14.75 -1.04 -13.90
N GLY A 23 -14.69 -0.06 -13.04
CA GLY A 23 -15.95 0.63 -12.60
C GLY A 23 -17.02 -0.42 -12.32
N ASP A 24 -16.93 -1.11 -11.21
CA ASP A 24 -17.93 -2.16 -10.90
C ASP A 24 -18.43 -2.02 -9.44
N GLY A 25 -17.64 -1.46 -8.57
CA GLY A 25 -18.06 -1.30 -7.15
C GLY A 25 -17.66 -2.54 -6.36
N THR A 26 -17.44 -3.63 -7.03
CA THR A 26 -17.03 -4.87 -6.31
C THR A 26 -15.66 -5.34 -6.81
N ILE A 27 -14.68 -5.39 -5.94
CA ILE A 27 -13.33 -5.84 -6.36
C ILE A 27 -13.30 -7.36 -6.47
N THR A 28 -12.90 -7.88 -7.60
CA THR A 28 -12.85 -9.36 -7.77
C THR A 28 -11.48 -9.90 -7.35
N THR A 29 -11.11 -11.06 -7.84
CA THR A 29 -9.80 -11.64 -7.48
C THR A 29 -8.74 -11.26 -8.52
N LYS A 30 -9.13 -11.16 -9.77
CA LYS A 30 -8.16 -10.79 -10.82
C LYS A 30 -7.81 -9.31 -10.74
N GLU A 31 -8.72 -8.48 -10.30
CA GLU A 31 -8.43 -7.02 -10.20
C GLU A 31 -7.22 -6.82 -9.27
N LEU A 32 -7.38 -7.13 -8.01
CA LEU A 32 -6.23 -6.96 -7.06
C LEU A 32 -5.04 -7.77 -7.58
N GLY A 33 -5.30 -8.90 -8.17
CA GLY A 33 -4.20 -9.74 -8.70
C GLY A 33 -3.46 -8.95 -9.78
N THR A 34 -4.18 -8.20 -10.56
CA THR A 34 -3.52 -7.39 -11.62
C THR A 34 -2.51 -6.43 -10.99
N VAL A 35 -2.92 -5.74 -9.96
CA VAL A 35 -1.98 -4.80 -9.29
C VAL A 35 -0.91 -5.59 -8.53
N MET A 36 -1.28 -6.69 -7.95
CA MET A 36 -0.28 -7.52 -7.21
C MET A 36 0.70 -8.16 -8.19
N ARG A 37 0.20 -8.69 -9.27
CA ARG A 37 1.09 -9.33 -10.28
C ARG A 37 2.04 -8.28 -10.87
N SER A 38 1.60 -7.05 -10.94
CA SER A 38 2.47 -5.98 -11.50
C SER A 38 3.50 -5.54 -10.45
N LEU A 39 3.23 -5.78 -9.20
CA LEU A 39 4.19 -5.37 -8.13
C LEU A 39 5.47 -6.21 -8.21
N GLY A 40 5.36 -7.44 -8.64
CA GLY A 40 6.57 -8.31 -8.74
C GLY A 40 6.19 -9.76 -8.49
N GLN A 41 5.68 -10.07 -7.32
CA GLN A 41 5.31 -11.48 -7.01
C GLN A 41 4.27 -12.00 -8.01
N ASN A 42 3.73 -13.16 -7.77
CA ASN A 42 2.71 -13.73 -8.69
C ASN A 42 1.56 -14.35 -7.89
N PRO A 43 0.50 -13.61 -7.77
CA PRO A 43 -0.67 -14.08 -7.01
C PRO A 43 -1.41 -15.17 -7.79
N THR A 44 -1.59 -16.31 -7.19
CA THR A 44 -2.29 -17.43 -7.89
C THR A 44 -3.78 -17.40 -7.57
N GLU A 45 -4.57 -18.15 -8.31
CA GLU A 45 -6.04 -18.16 -8.04
C GLU A 45 -6.31 -18.58 -6.60
N ALA A 46 -5.53 -19.50 -6.08
CA ALA A 46 -5.75 -19.95 -4.67
C ALA A 46 -5.40 -18.82 -3.70
N GLU A 47 -4.26 -18.21 -3.87
CA GLU A 47 -3.87 -17.10 -2.95
C GLU A 47 -4.81 -15.90 -3.14
N LEU A 48 -5.19 -15.62 -4.37
CA LEU A 48 -6.09 -14.47 -4.62
C LEU A 48 -7.43 -14.70 -3.91
N GLN A 49 -7.92 -15.90 -3.92
CA GLN A 49 -9.21 -16.18 -3.24
C GLN A 49 -9.06 -15.99 -1.74
N ASP A 50 -7.99 -16.48 -1.18
CA ASP A 50 -7.76 -16.32 0.29
C ASP A 50 -7.59 -14.84 0.62
N MET A 51 -6.92 -14.11 -0.24
CA MET A 51 -6.71 -12.66 0.01
C MET A 51 -8.05 -11.93 -0.07
N ILE A 52 -8.84 -12.26 -1.04
CA ILE A 52 -10.17 -11.60 -1.18
C ILE A 52 -11.10 -12.04 -0.04
N ASN A 53 -10.79 -13.15 0.59
CA ASN A 53 -11.65 -13.62 1.71
C ASN A 53 -11.22 -12.95 3.02
N GLU A 54 -10.05 -12.37 3.04
CA GLU A 54 -9.57 -11.69 4.29
C GLU A 54 -10.37 -10.41 4.53
N VAL A 55 -10.82 -9.77 3.48
CA VAL A 55 -11.61 -8.50 3.66
C VAL A 55 -13.09 -8.83 3.72
N ASP A 56 -13.54 -9.78 2.94
CA ASP A 56 -14.98 -10.14 2.94
C ASP A 56 -15.51 -10.28 4.37
N ALA A 57 -15.96 -9.21 4.95
CA ALA A 57 -16.48 -9.27 6.35
C ALA A 57 -18.01 -9.34 6.33
N ASP A 58 -18.63 -8.81 5.32
CA ASP A 58 -20.12 -8.85 5.26
C ASP A 58 -20.60 -10.26 4.92
N GLY A 59 -19.96 -10.91 3.98
CA GLY A 59 -20.37 -12.29 3.61
C GLY A 59 -20.91 -12.31 2.18
N ASN A 60 -20.45 -11.40 1.35
CA ASN A 60 -20.95 -11.39 -0.07
C ASN A 60 -19.92 -12.06 -0.99
N GLY A 61 -18.65 -11.82 -0.76
CA GLY A 61 -17.60 -12.47 -1.62
C GLY A 61 -16.72 -11.40 -2.25
N THR A 62 -17.30 -10.36 -2.80
CA THR A 62 -16.48 -9.29 -3.44
C THR A 62 -16.23 -8.15 -2.45
N ILE A 63 -15.31 -7.27 -2.77
CA ILE A 63 -15.03 -6.13 -1.85
C ILE A 63 -15.95 -4.94 -2.19
N ASP A 64 -16.41 -4.23 -1.20
CA ASP A 64 -17.32 -3.07 -1.49
C ASP A 64 -16.73 -1.77 -0.94
N PHE A 65 -16.99 -0.67 -1.60
CA PHE A 65 -16.44 0.65 -1.14
C PHE A 65 -16.55 0.80 0.39
N PRO A 66 -17.73 0.55 0.93
CA PRO A 66 -17.93 0.68 2.39
C PRO A 66 -17.13 -0.38 3.15
N GLU A 67 -17.13 -1.60 2.68
CA GLU A 67 -16.36 -2.66 3.38
C GLU A 67 -14.86 -2.30 3.39
N PHE A 68 -14.38 -1.71 2.34
CA PHE A 68 -12.93 -1.34 2.31
C PHE A 68 -12.62 -0.33 3.41
N LEU A 69 -13.45 0.68 3.55
CA LEU A 69 -13.21 1.70 4.61
C LEU A 69 -13.25 1.06 6.01
N THR A 70 -14.01 0.02 6.18
CA THR A 70 -14.10 -0.63 7.53
C THR A 70 -12.89 -1.55 7.79
N MET A 71 -12.37 -2.17 6.77
CA MET A 71 -11.19 -3.08 6.98
C MET A 71 -9.94 -2.29 7.36
N MET A 72 -9.69 -1.19 6.70
CA MET A 72 -8.47 -0.38 7.02
C MET A 72 -8.48 0.07 8.49
N ALA A 73 -9.57 -0.10 9.18
CA ALA A 73 -9.61 0.34 10.62
C ALA A 73 -9.58 -0.86 11.56
N ARG A 74 -9.73 -2.06 11.06
CA ARG A 74 -9.72 -3.26 11.96
C ARG A 74 -8.30 -3.86 12.04
N LYS A 75 -7.63 -3.97 10.93
CA LYS A 75 -6.26 -4.56 10.93
C LYS A 75 -5.30 -3.66 11.73
N MET A 76 -5.74 -2.48 12.10
CA MET A 76 -4.85 -1.57 12.87
C MET A 76 -5.18 -1.65 14.36
N LYS A 77 -5.42 -2.83 14.87
CA LYS A 77 -5.74 -2.98 16.32
C LYS A 77 -5.92 -4.45 16.67
N ASP A 78 -5.23 -5.33 16.00
CA ASP A 78 -5.36 -6.78 16.30
C ASP A 78 -3.99 -7.41 16.55
N THR A 79 -3.12 -7.40 15.57
CA THR A 79 -1.78 -8.00 15.76
C THR A 79 -0.80 -7.51 14.68
N ASP A 80 -1.25 -7.42 13.46
CA ASP A 80 -0.34 -6.94 12.37
C ASP A 80 -0.46 -5.43 12.22
N SER A 81 0.14 -4.69 13.10
CA SER A 81 0.07 -3.21 13.02
C SER A 81 1.44 -2.64 12.66
N GLU A 82 2.46 -3.06 13.34
CA GLU A 82 3.83 -2.55 13.05
C GLU A 82 4.60 -3.55 12.19
N GLU A 83 4.25 -4.80 12.29
CA GLU A 83 4.96 -5.83 11.47
C GLU A 83 4.57 -5.68 10.01
N GLU A 84 3.49 -5.01 9.74
CA GLU A 84 3.04 -4.83 8.34
C GLU A 84 4.00 -3.87 7.62
N ILE A 85 4.70 -3.04 8.36
CA ILE A 85 5.65 -2.10 7.71
C ILE A 85 6.77 -2.90 7.05
N ARG A 86 7.06 -4.04 7.59
CA ARG A 86 8.14 -4.88 7.00
C ARG A 86 7.72 -5.37 5.61
N GLU A 87 6.45 -5.59 5.41
CA GLU A 87 5.98 -6.05 4.07
C GLU A 87 6.03 -4.89 3.07
N ALA A 88 5.51 -3.74 3.43
CA ALA A 88 5.55 -2.59 2.49
C ALA A 88 7.01 -2.27 2.13
N PHE A 89 7.93 -2.54 3.03
CA PHE A 89 9.35 -2.26 2.72
C PHE A 89 9.85 -3.28 1.70
N ARG A 90 9.56 -4.53 1.92
CA ARG A 90 9.98 -5.57 0.95
C ARG A 90 9.53 -5.19 -0.46
N VAL A 91 8.42 -4.52 -0.55
CA VAL A 91 7.91 -4.09 -1.89
C VAL A 91 8.78 -2.97 -2.45
N PHE A 92 9.15 -2.02 -1.63
CA PHE A 92 10.01 -0.90 -2.11
C PHE A 92 11.40 -1.44 -2.48
N ASP A 93 11.82 -2.50 -1.85
CA ASP A 93 13.15 -3.08 -2.16
C ASP A 93 13.03 -4.08 -3.31
N LYS A 94 12.62 -3.62 -4.46
CA LYS A 94 12.45 -4.53 -5.64
C LYS A 94 13.54 -5.61 -5.66
N ASP A 95 14.72 -5.29 -5.19
CA ASP A 95 15.81 -6.31 -5.18
C ASP A 95 16.15 -6.73 -3.74
N GLY A 96 16.15 -5.79 -2.83
CA GLY A 96 16.46 -6.14 -1.42
C GLY A 96 17.96 -5.95 -1.17
N ASN A 97 18.48 -4.78 -1.44
CA ASN A 97 19.94 -4.55 -1.21
C ASN A 97 20.16 -3.86 0.13
N GLY A 98 19.10 -3.59 0.86
CA GLY A 98 19.25 -2.91 2.17
C GLY A 98 19.09 -1.41 1.99
N TYR A 99 18.62 -0.98 0.85
CA TYR A 99 18.45 0.48 0.62
C TYR A 99 17.35 0.72 -0.43
N ILE A 100 16.56 1.74 -0.26
CA ILE A 100 15.47 2.00 -1.25
C ILE A 100 15.89 3.15 -2.19
N SER A 101 16.02 2.86 -3.46
CA SER A 101 16.42 3.92 -4.43
C SER A 101 15.19 4.48 -5.14
N ALA A 102 15.17 5.76 -5.39
CA ALA A 102 13.99 6.36 -6.09
C ALA A 102 13.61 5.48 -7.28
N ALA A 103 14.57 4.91 -7.94
CA ALA A 103 14.26 4.03 -9.11
C ALA A 103 13.35 2.88 -8.66
N GLU A 104 13.71 2.20 -7.60
CA GLU A 104 12.87 1.08 -7.11
C GLU A 104 11.44 1.57 -6.91
N LEU A 105 11.27 2.66 -6.21
CA LEU A 105 9.90 3.19 -5.97
C LEU A 105 9.24 3.49 -7.32
N ARG A 106 9.98 4.04 -8.24
CA ARG A 106 9.40 4.35 -9.58
C ARG A 106 8.83 3.07 -10.19
N HIS A 107 9.38 1.93 -9.82
CA HIS A 107 8.85 0.65 -10.36
C HIS A 107 7.56 0.28 -9.66
N VAL A 108 7.50 0.45 -8.36
CA VAL A 108 6.26 0.13 -7.61
C VAL A 108 5.17 1.14 -7.97
N MET A 109 5.56 2.32 -8.34
CA MET A 109 4.55 3.36 -8.70
C MET A 109 3.77 2.92 -9.94
N THR A 110 4.43 2.80 -11.06
CA THR A 110 3.72 2.38 -12.30
C THR A 110 3.00 1.05 -12.06
N ASN A 111 3.57 0.20 -11.24
CA ASN A 111 2.92 -1.11 -10.96
C ASN A 111 1.73 -0.92 -10.02
N LEU A 112 1.67 0.18 -9.33
CA LEU A 112 0.53 0.44 -8.39
C LEU A 112 -0.58 1.20 -9.11
N GLY A 113 -0.24 2.18 -9.92
CA GLY A 113 -1.28 2.95 -10.64
C GLY A 113 -0.80 4.37 -10.93
N GLU A 114 -0.05 4.96 -10.02
CA GLU A 114 0.44 6.35 -10.27
C GLU A 114 1.97 6.39 -10.36
N LYS A 115 2.49 7.41 -10.99
CA LYS A 115 3.98 7.54 -11.11
C LYS A 115 4.37 9.00 -10.89
N LEU A 116 4.50 9.41 -9.66
CA LEU A 116 4.86 10.83 -9.36
C LEU A 116 5.88 11.35 -10.37
N THR A 117 5.73 12.59 -10.77
CA THR A 117 6.69 13.17 -11.73
C THR A 117 8.12 13.02 -11.19
N ASP A 118 9.07 13.67 -11.79
CA ASP A 118 10.48 13.56 -11.29
C ASP A 118 10.65 14.37 -10.00
N GLU A 119 10.59 15.66 -10.09
CA GLU A 119 10.75 16.50 -8.87
C GLU A 119 9.91 15.93 -7.72
N GLU A 120 8.69 15.57 -7.99
CA GLU A 120 7.82 15.01 -6.92
C GLU A 120 8.46 13.75 -6.34
N VAL A 121 8.97 12.89 -7.18
CA VAL A 121 9.61 11.65 -6.66
C VAL A 121 10.80 11.98 -5.78
N ASP A 122 11.58 12.96 -6.15
CA ASP A 122 12.76 13.35 -5.32
C ASP A 122 12.30 13.90 -3.97
N GLU A 123 11.14 14.50 -3.93
CA GLU A 123 10.64 15.06 -2.64
C GLU A 123 10.17 13.94 -1.72
N MET A 124 9.68 12.86 -2.28
CA MET A 124 9.20 11.73 -1.43
C MET A 124 10.39 11.03 -0.76
N ILE A 125 11.38 10.66 -1.53
CA ILE A 125 12.56 9.97 -0.93
C ILE A 125 13.29 10.91 0.04
N ARG A 126 13.44 12.15 -0.34
CA ARG A 126 14.14 13.12 0.56
C ARG A 126 13.32 13.37 1.83
N GLU A 127 12.02 13.22 1.74
CA GLU A 127 11.16 13.44 2.94
C GLU A 127 11.40 12.33 3.98
N ALA A 128 11.92 11.21 3.56
CA ALA A 128 12.17 10.10 4.52
C ALA A 128 13.67 10.04 4.89
N ASP A 129 14.52 10.33 3.96
CA ASP A 129 15.99 10.30 4.25
C ASP A 129 16.28 10.94 5.60
N ILE A 130 16.58 10.16 6.61
CA ILE A 130 16.87 10.73 7.94
C ILE A 130 18.27 11.35 7.95
N ASP A 131 19.18 10.77 7.21
CA ASP A 131 20.56 11.33 7.16
C ASP A 131 20.78 12.09 5.84
N GLY A 132 20.00 11.79 4.85
CA GLY A 132 20.15 12.49 3.54
C GLY A 132 21.31 11.86 2.75
N ASP A 133 21.12 10.66 2.27
CA ASP A 133 22.21 9.99 1.48
C ASP A 133 21.71 9.66 0.07
N GLY A 134 20.43 9.77 -0.17
CA GLY A 134 19.91 9.47 -1.53
C GLY A 134 19.21 8.12 -1.53
N GLN A 135 18.97 7.56 -0.37
CA GLN A 135 18.29 6.23 -0.32
C GLN A 135 17.78 5.96 1.10
N VAL A 136 16.68 5.27 1.21
CA VAL A 136 16.12 4.98 2.57
C VAL A 136 16.50 3.56 3.01
N ASN A 137 16.77 3.37 4.27
CA ASN A 137 17.14 2.01 4.76
C ASN A 137 15.97 1.40 5.53
N TYR A 138 16.20 0.33 6.23
CA TYR A 138 15.09 -0.32 7.00
C TYR A 138 14.81 0.49 8.28
N GLU A 139 15.82 0.81 9.02
CA GLU A 139 15.61 1.59 10.27
C GLU A 139 14.80 2.87 9.98
N GLU A 140 15.08 3.53 8.90
CA GLU A 140 14.33 4.77 8.55
C GLU A 140 12.88 4.43 8.20
N PHE A 141 12.69 3.52 7.29
CA PHE A 141 11.30 3.14 6.89
C PHE A 141 10.49 2.68 8.11
N VAL A 142 11.14 2.35 9.19
CA VAL A 142 10.40 1.87 10.40
C VAL A 142 10.26 3.01 11.43
N GLN A 143 11.35 3.39 12.06
CA GLN A 143 11.27 4.48 13.08
C GLN A 143 10.34 5.59 12.63
N MET A 144 10.32 5.89 11.36
CA MET A 144 9.42 6.98 10.87
C MET A 144 7.95 6.59 11.11
N MET A 145 7.65 5.32 11.11
CA MET A 145 6.24 4.88 11.34
C MET A 145 6.05 4.43 12.79
N THR A 146 7.06 3.90 13.41
CA THR A 146 6.92 3.42 14.82
C THR A 146 7.56 4.44 15.78
N ALA A 147 7.11 5.67 15.75
CA ALA A 147 7.69 6.69 16.67
C ALA A 147 6.80 6.85 17.91
N LYS A 148 6.57 5.79 18.63
CA LYS A 148 5.71 5.87 19.84
C LYS A 148 6.48 6.54 20.99
N VAL B 1 0.76 -15.80 3.78
CA VAL B 1 1.27 -16.31 5.09
C VAL B 1 2.78 -16.56 5.04
N LYS B 2 3.38 -16.48 3.88
CA LYS B 2 4.84 -16.73 3.80
C LYS B 2 5.55 -15.70 2.88
N LEU B 3 4.84 -15.07 1.98
CA LEU B 3 5.51 -14.07 1.09
C LEU B 3 4.52 -13.01 0.57
N ILE B 4 3.63 -13.38 -0.33
CA ILE B 4 2.64 -12.37 -0.87
C ILE B 4 2.16 -11.45 0.27
N PRO B 5 1.88 -10.23 -0.09
CA PRO B 5 1.41 -9.24 0.91
C PRO B 5 0.06 -9.64 1.48
N SER B 6 -0.51 -8.83 2.33
CA SER B 6 -1.82 -9.19 2.94
C SER B 6 -2.85 -8.06 2.74
N TRP B 7 -3.21 -7.78 1.52
CA TRP B 7 -4.23 -6.71 1.27
C TRP B 7 -3.79 -5.37 1.86
N THR B 8 -4.01 -5.17 3.13
CA THR B 8 -3.63 -3.88 3.78
C THR B 8 -2.24 -3.46 3.32
N THR B 9 -1.32 -4.37 3.24
CA THR B 9 0.05 -4.01 2.78
C THR B 9 -0.05 -3.28 1.45
N VAL B 10 -0.86 -3.77 0.55
CA VAL B 10 -1.02 -3.09 -0.76
C VAL B 10 -1.55 -1.67 -0.54
N ILE B 11 -2.43 -1.51 0.41
CA ILE B 11 -2.99 -0.16 0.68
C ILE B 11 -1.92 0.71 1.34
N LEU B 12 -0.97 0.10 1.98
CA LEU B 12 0.12 0.89 2.62
C LEU B 12 0.97 1.56 1.55
N VAL B 13 1.58 0.77 0.70
CA VAL B 13 2.42 1.36 -0.37
C VAL B 13 1.59 2.32 -1.23
N LYS B 14 0.35 2.00 -1.49
CA LYS B 14 -0.50 2.92 -2.30
C LYS B 14 -0.59 4.28 -1.61
N SER B 15 -0.81 4.27 -0.32
CA SER B 15 -0.89 5.57 0.42
C SER B 15 0.45 6.29 0.33
N MET B 16 1.51 5.56 0.16
CA MET B 16 2.85 6.20 0.06
C MET B 16 2.97 6.96 -1.28
N LEU B 17 2.32 6.47 -2.30
CA LEU B 17 2.39 7.16 -3.63
C LEU B 17 1.56 8.43 -3.61
N ARG B 18 0.85 8.67 -2.55
CA ARG B 18 0.01 9.91 -2.48
C ARG B 18 0.83 11.10 -3.00
N LYS B 19 1.96 11.34 -2.42
CA LYS B 19 2.81 12.46 -2.84
C LYS B 19 4.16 12.38 -2.12
N ARG B 20 4.15 12.62 -0.84
CA ARG B 20 5.40 12.53 -0.06
C ARG B 20 5.18 11.65 1.17
N SER B 21 4.10 10.90 1.16
CA SER B 21 3.80 10.01 2.32
C SER B 21 5.03 9.19 2.71
N PHE B 22 5.19 8.92 3.97
CA PHE B 22 6.36 8.12 4.44
C PHE B 22 6.42 8.15 5.97
N GLY B 23 6.05 9.23 6.58
CA GLY B 23 6.09 9.31 8.07
C GLY B 23 5.05 8.34 8.64
N ASN B 24 4.21 8.81 9.53
CA ASN B 24 3.18 7.91 10.12
C ASN B 24 1.77 8.56 10.09
N PRO B 25 1.48 9.33 9.06
CA PRO B 25 0.16 9.97 8.95
C PRO B 25 -0.91 8.95 8.52
N PHE B 26 -1.06 7.88 9.23
CA PHE B 26 -2.07 6.85 8.84
C PHE B 26 -3.18 6.77 9.89
CA CA C . -14.66 -4.75 -10.13
CA CA D . -16.90 -8.58 1.00
CA CA E . 16.98 -1.93 -2.91
CA CA F . 18.71 7.40 4.35
N ALA A 1 -9.32 8.35 12.37
CA ALA A 1 -9.41 8.77 13.81
C ALA A 1 -9.67 10.28 13.89
N ASP A 2 -10.59 10.78 13.10
CA ASP A 2 -10.88 12.24 13.14
C ASP A 2 -12.21 12.52 12.43
N GLN A 3 -12.96 13.48 12.92
CA GLN A 3 -14.27 13.81 12.29
C GLN A 3 -14.08 14.83 11.16
N LEU A 4 -15.11 15.08 10.39
CA LEU A 4 -14.98 16.08 9.28
C LEU A 4 -13.64 15.89 8.55
N THR A 5 -13.50 14.84 7.80
CA THR A 5 -12.22 14.61 7.08
C THR A 5 -12.46 13.84 5.78
N GLU A 6 -12.60 14.53 4.68
CA GLU A 6 -12.84 13.82 3.38
C GLU A 6 -11.50 13.58 2.67
N GLU A 7 -10.51 14.37 2.96
CA GLU A 7 -9.18 14.19 2.30
C GLU A 7 -8.61 12.79 2.64
N GLN A 8 -8.77 12.35 3.86
CA GLN A 8 -8.23 11.00 4.23
C GLN A 8 -9.07 9.91 3.57
N ILE A 9 -10.34 9.88 3.85
CA ILE A 9 -11.21 8.84 3.23
C ILE A 9 -10.95 8.80 1.72
N ALA A 10 -10.85 9.95 1.10
CA ALA A 10 -10.59 9.98 -0.36
C ALA A 10 -9.33 9.16 -0.66
N GLU A 11 -8.27 9.38 0.08
CA GLU A 11 -7.02 8.59 -0.16
C GLU A 11 -7.36 7.11 -0.25
N PHE A 12 -8.02 6.57 0.75
CA PHE A 12 -8.37 5.14 0.72
C PHE A 12 -9.25 4.86 -0.51
N LYS A 13 -10.14 5.76 -0.82
CA LYS A 13 -11.00 5.56 -2.02
C LYS A 13 -10.13 5.29 -3.23
N GLU A 14 -9.07 6.03 -3.39
CA GLU A 14 -8.16 5.80 -4.54
C GLU A 14 -7.67 4.35 -4.50
N ALA A 15 -7.22 3.90 -3.37
CA ALA A 15 -6.75 2.49 -3.25
C ALA A 15 -7.91 1.55 -3.60
N PHE A 16 -9.03 1.70 -2.95
CA PHE A 16 -10.19 0.84 -3.26
C PHE A 16 -10.43 0.85 -4.77
N SER A 17 -10.21 1.98 -5.39
CA SER A 17 -10.41 2.07 -6.87
C SER A 17 -9.22 1.44 -7.58
N LEU A 18 -8.07 1.48 -6.96
CA LEU A 18 -6.86 0.87 -7.59
C LEU A 18 -7.17 -0.57 -7.98
N PHE A 19 -7.68 -1.34 -7.05
CA PHE A 19 -8.02 -2.75 -7.36
C PHE A 19 -9.21 -2.79 -8.32
N ASP A 20 -10.05 -1.80 -8.25
CA ASP A 20 -11.24 -1.75 -9.16
C ASP A 20 -10.87 -1.09 -10.49
N LYS A 21 -10.02 -1.71 -11.26
CA LYS A 21 -9.61 -1.11 -12.56
C LYS A 21 -10.85 -0.58 -13.31
N ASP A 22 -11.97 -1.22 -13.14
CA ASP A 22 -13.20 -0.76 -13.84
C ASP A 22 -13.95 0.26 -12.99
N GLY A 23 -13.52 0.46 -11.77
CA GLY A 23 -14.21 1.45 -10.89
C GLY A 23 -15.72 1.21 -10.94
N ASP A 24 -16.18 0.14 -10.35
CA ASP A 24 -17.64 -0.14 -10.36
C ASP A 24 -18.18 -0.13 -8.92
N GLY A 25 -17.40 -0.57 -7.99
CA GLY A 25 -17.87 -0.58 -6.57
C GLY A 25 -17.65 -1.97 -5.97
N THR A 26 -17.12 -2.89 -6.73
CA THR A 26 -16.89 -4.26 -6.18
C THR A 26 -15.57 -4.83 -6.73
N ILE A 27 -14.71 -5.31 -5.86
CA ILE A 27 -13.42 -5.90 -6.34
C ILE A 27 -13.58 -7.40 -6.55
N THR A 28 -13.17 -7.89 -7.70
CA THR A 28 -13.30 -9.35 -7.97
C THR A 28 -11.95 -10.04 -7.74
N THR A 29 -11.79 -11.24 -8.24
CA THR A 29 -10.50 -11.96 -8.06
C THR A 29 -9.56 -11.67 -9.22
N LYS A 30 -10.10 -11.58 -10.41
CA LYS A 30 -9.23 -11.29 -11.60
C LYS A 30 -8.66 -9.87 -11.50
N GLU A 31 -9.42 -8.97 -10.94
CA GLU A 31 -8.93 -7.56 -10.80
C GLU A 31 -7.74 -7.52 -9.83
N LEU A 32 -7.97 -7.83 -8.59
CA LEU A 32 -6.86 -7.82 -7.59
C LEU A 32 -5.69 -8.65 -8.11
N GLY A 33 -5.98 -9.74 -8.77
CA GLY A 33 -4.88 -10.59 -9.31
C GLY A 33 -4.01 -9.75 -10.24
N THR A 34 -4.62 -8.91 -11.03
CA THR A 34 -3.82 -8.06 -11.96
C THR A 34 -2.93 -7.12 -11.16
N VAL A 35 -3.49 -6.37 -10.25
CA VAL A 35 -2.66 -5.45 -9.42
C VAL A 35 -1.49 -6.21 -8.81
N MET A 36 -1.74 -7.37 -8.29
CA MET A 36 -0.64 -8.16 -7.68
C MET A 36 0.38 -8.53 -8.75
N ARG A 37 -0.08 -8.85 -9.93
CA ARG A 37 0.87 -9.22 -11.02
C ARG A 37 1.70 -8.00 -11.42
N SER A 38 1.27 -6.82 -11.03
CA SER A 38 2.04 -5.59 -11.38
C SER A 38 3.24 -5.42 -10.46
N LEU A 39 3.01 -5.24 -9.18
CA LEU A 39 4.16 -5.06 -8.23
C LEU A 39 5.26 -6.07 -8.56
N GLY A 40 4.90 -7.29 -8.85
CA GLY A 40 5.93 -8.30 -9.18
C GLY A 40 5.67 -9.61 -8.44
N GLN A 41 4.54 -10.24 -8.70
CA GLN A 41 4.24 -11.53 -8.01
C GLN A 41 3.22 -12.33 -8.84
N ASN A 42 2.78 -13.46 -8.35
CA ASN A 42 1.79 -14.28 -9.11
C ASN A 42 0.80 -14.96 -8.16
N PRO A 43 -0.34 -14.34 -8.01
CA PRO A 43 -1.38 -14.89 -7.13
C PRO A 43 -2.10 -16.07 -7.80
N THR A 44 -2.35 -17.11 -7.07
CA THR A 44 -3.05 -18.29 -7.67
C THR A 44 -4.57 -18.11 -7.56
N GLU A 45 -5.30 -18.53 -8.56
CA GLU A 45 -6.78 -18.38 -8.51
C GLU A 45 -7.30 -18.74 -7.11
N ALA A 46 -7.15 -19.97 -6.71
CA ALA A 46 -7.63 -20.37 -5.36
C ALA A 46 -7.12 -19.39 -4.29
N GLU A 47 -5.83 -19.15 -4.27
CA GLU A 47 -5.27 -18.22 -3.25
C GLU A 47 -6.06 -16.91 -3.26
N LEU A 48 -6.20 -16.30 -4.41
CA LEU A 48 -6.96 -15.02 -4.49
C LEU A 48 -8.26 -15.13 -3.69
N GLN A 49 -9.03 -16.14 -3.93
CA GLN A 49 -10.30 -16.32 -3.18
C GLN A 49 -10.02 -16.37 -1.67
N ASP A 50 -8.90 -16.91 -1.30
CA ASP A 50 -8.55 -16.98 0.16
C ASP A 50 -8.31 -15.58 0.71
N MET A 51 -7.68 -14.75 -0.07
CA MET A 51 -7.41 -13.36 0.40
C MET A 51 -8.64 -12.47 0.20
N ILE A 52 -9.46 -12.80 -0.76
CA ILE A 52 -10.68 -11.98 -1.01
C ILE A 52 -11.77 -12.32 0.01
N ASN A 53 -11.79 -13.53 0.50
CA ASN A 53 -12.82 -13.92 1.50
C ASN A 53 -12.44 -13.36 2.88
N GLU A 54 -11.35 -12.65 2.96
CA GLU A 54 -10.93 -12.08 4.27
C GLU A 54 -11.60 -10.72 4.47
N VAL A 55 -11.59 -9.90 3.46
CA VAL A 55 -12.23 -8.55 3.59
C VAL A 55 -13.75 -8.67 3.44
N ASP A 56 -14.21 -9.75 2.84
CA ASP A 56 -15.68 -9.93 2.66
C ASP A 56 -16.41 -9.73 3.99
N ALA A 57 -16.75 -8.52 4.32
CA ALA A 57 -17.45 -8.27 5.61
C ALA A 57 -18.98 -8.43 5.46
N ASP A 58 -19.56 -7.86 4.44
CA ASP A 58 -21.05 -7.99 4.27
C ASP A 58 -21.46 -9.46 4.19
N GLY A 59 -20.76 -10.24 3.43
CA GLY A 59 -21.11 -11.68 3.32
C GLY A 59 -21.45 -12.02 1.85
N ASN A 60 -21.04 -11.19 0.93
CA ASN A 60 -21.33 -11.48 -0.50
C ASN A 60 -20.14 -12.18 -1.16
N GLY A 61 -18.95 -11.69 -0.94
CA GLY A 61 -17.75 -12.33 -1.55
C GLY A 61 -16.82 -11.26 -2.16
N THR A 62 -17.38 -10.31 -2.85
CA THR A 62 -16.53 -9.23 -3.47
C THR A 62 -16.22 -8.15 -2.44
N ILE A 63 -15.31 -7.26 -2.76
CA ILE A 63 -14.96 -6.17 -1.81
C ILE A 63 -15.79 -4.93 -2.11
N ASP A 64 -16.18 -4.20 -1.10
CA ASP A 64 -17.00 -2.97 -1.34
C ASP A 64 -16.26 -1.73 -0.85
N PHE A 65 -16.68 -0.56 -1.27
CA PHE A 65 -16.00 0.68 -0.83
C PHE A 65 -16.06 0.81 0.71
N PRO A 66 -17.24 0.66 1.27
CA PRO A 66 -17.39 0.76 2.74
C PRO A 66 -16.72 -0.44 3.40
N GLU A 67 -16.68 -1.55 2.71
CA GLU A 67 -16.03 -2.77 3.28
C GLU A 67 -14.52 -2.52 3.37
N PHE A 68 -14.00 -1.73 2.47
CA PHE A 68 -12.55 -1.43 2.49
C PHE A 68 -12.22 -0.54 3.69
N LEU A 69 -12.90 0.56 3.82
CA LEU A 69 -12.63 1.48 4.97
C LEU A 69 -12.73 0.71 6.30
N THR A 70 -13.63 -0.23 6.38
CA THR A 70 -13.76 -1.01 7.65
C THR A 70 -12.66 -2.07 7.78
N MET A 71 -12.51 -2.90 6.78
CA MET A 71 -11.45 -3.97 6.83
C MET A 71 -10.15 -3.40 7.42
N MET A 72 -9.78 -2.22 7.02
CA MET A 72 -8.52 -1.61 7.55
C MET A 72 -8.50 -1.66 9.09
N ALA A 73 -9.64 -1.85 9.71
CA ALA A 73 -9.68 -1.89 11.20
C ALA A 73 -9.65 -3.33 11.72
N ARG A 74 -10.29 -4.23 11.01
CA ARG A 74 -10.31 -5.66 11.49
C ARG A 74 -8.98 -6.35 11.17
N LYS A 75 -8.34 -5.96 10.10
CA LYS A 75 -7.04 -6.61 9.73
C LYS A 75 -5.98 -6.32 10.80
N MET A 76 -5.81 -5.06 11.16
CA MET A 76 -4.79 -4.71 12.19
C MET A 76 -5.34 -4.92 13.61
N LYS A 77 -5.88 -6.07 13.88
CA LYS A 77 -6.43 -6.33 15.24
C LYS A 77 -5.59 -7.40 15.95
N ASP A 78 -4.38 -7.60 15.51
CA ASP A 78 -3.50 -8.61 16.16
C ASP A 78 -2.08 -8.08 16.29
N THR A 79 -1.84 -7.22 17.25
CA THR A 79 -0.47 -6.66 17.43
C THR A 79 0.13 -6.30 16.08
N ASP A 80 -0.67 -5.82 15.17
CA ASP A 80 -0.14 -5.44 13.82
C ASP A 80 0.19 -3.95 13.78
N SER A 81 1.30 -3.55 14.37
CA SER A 81 1.67 -2.11 14.37
C SER A 81 2.96 -1.91 13.57
N GLU A 82 3.98 -2.65 13.88
CA GLU A 82 5.27 -2.50 13.15
C GLU A 82 5.40 -3.61 12.09
N GLU A 83 4.54 -4.58 12.13
CA GLU A 83 4.63 -5.69 11.13
C GLU A 83 4.12 -5.20 9.77
N GLU A 84 3.02 -4.50 9.76
CA GLU A 84 2.46 -4.00 8.46
C GLU A 84 3.46 -3.06 7.78
N ILE A 85 4.34 -2.46 8.54
CA ILE A 85 5.33 -1.53 7.93
C ILE A 85 6.45 -2.33 7.27
N ARG A 86 6.95 -3.32 7.95
CA ARG A 86 8.05 -4.14 7.36
C ARG A 86 7.60 -4.68 5.99
N GLU A 87 6.35 -5.02 5.85
CA GLU A 87 5.87 -5.52 4.54
C GLU A 87 5.86 -4.38 3.52
N ALA A 88 5.24 -3.28 3.84
CA ALA A 88 5.23 -2.14 2.88
C ALA A 88 6.68 -1.77 2.52
N PHE A 89 7.57 -1.89 3.47
CA PHE A 89 9.00 -1.57 3.19
C PHE A 89 9.57 -2.59 2.21
N ARG A 90 9.35 -3.85 2.46
CA ARG A 90 9.87 -4.89 1.53
C ARG A 90 9.40 -4.59 0.12
N VAL A 91 8.14 -4.28 -0.05
CA VAL A 91 7.62 -3.96 -1.41
C VAL A 91 8.51 -2.89 -2.06
N PHE A 92 8.81 -1.83 -1.35
CA PHE A 92 9.68 -0.77 -1.95
C PHE A 92 11.02 -1.37 -2.39
N ASP A 93 11.55 -2.29 -1.62
CA ASP A 93 12.85 -2.91 -1.99
C ASP A 93 12.63 -4.15 -2.86
N LYS A 94 12.00 -3.97 -3.99
CA LYS A 94 11.74 -5.14 -4.89
C LYS A 94 13.05 -5.91 -5.15
N ASP A 95 14.14 -5.22 -5.22
CA ASP A 95 15.44 -5.91 -5.46
C ASP A 95 15.90 -6.64 -4.21
N GLY A 96 15.75 -6.03 -3.06
CA GLY A 96 16.17 -6.70 -1.80
C GLY A 96 17.56 -6.21 -1.39
N ASN A 97 17.86 -4.96 -1.65
CA ASN A 97 19.21 -4.43 -1.27
C ASN A 97 19.14 -3.75 0.10
N GLY A 98 18.01 -3.79 0.74
CA GLY A 98 17.88 -3.15 2.08
C GLY A 98 17.99 -1.64 1.93
N TYR A 99 17.43 -1.09 0.89
CA TYR A 99 17.49 0.39 0.69
C TYR A 99 16.48 0.83 -0.37
N ILE A 100 15.87 1.96 -0.18
CA ILE A 100 14.87 2.44 -1.18
C ILE A 100 15.44 3.62 -1.98
N SER A 101 15.41 3.52 -3.28
CA SER A 101 15.93 4.63 -4.12
C SER A 101 14.80 5.21 -4.98
N ALA A 102 14.84 6.48 -5.27
CA ALA A 102 13.76 7.10 -6.10
C ALA A 102 13.39 6.17 -7.25
N ALA A 103 14.31 5.36 -7.70
CA ALA A 103 14.01 4.42 -8.81
C ALA A 103 13.05 3.32 -8.33
N GLU A 104 13.31 2.78 -7.16
CA GLU A 104 12.43 1.71 -6.62
C GLU A 104 11.01 2.25 -6.44
N LEU A 105 10.89 3.47 -5.97
CA LEU A 105 9.53 4.05 -5.76
C LEU A 105 8.83 4.17 -7.11
N ARG A 106 9.51 4.65 -8.12
CA ARG A 106 8.86 4.77 -9.44
C ARG A 106 8.27 3.42 -9.84
N HIS A 107 8.94 2.35 -9.51
CA HIS A 107 8.41 1.00 -9.85
C HIS A 107 7.05 0.80 -9.17
N VAL A 108 7.03 0.84 -7.86
CA VAL A 108 5.74 0.66 -7.13
C VAL A 108 4.76 1.76 -7.56
N MET A 109 5.25 2.94 -7.82
CA MET A 109 4.35 4.04 -8.25
C MET A 109 3.45 3.59 -9.39
N THR A 110 4.01 3.31 -10.52
CA THR A 110 3.20 2.86 -11.67
C THR A 110 2.50 1.53 -11.36
N ASN A 111 3.13 0.68 -10.59
CA ASN A 111 2.50 -0.62 -10.25
C ASN A 111 1.31 -0.40 -9.32
N LEU A 112 1.13 0.80 -8.83
CA LEU A 112 -0.01 1.06 -7.91
C LEU A 112 -1.07 1.93 -8.62
N GLY A 113 -0.67 3.02 -9.20
CA GLY A 113 -1.67 3.90 -9.89
C GLY A 113 -1.04 5.21 -10.33
N GLU A 114 -0.51 5.97 -9.41
CA GLU A 114 0.12 7.28 -9.78
C GLU A 114 1.64 7.20 -9.72
N LYS A 115 2.33 8.02 -10.47
CA LYS A 115 3.81 7.98 -10.43
C LYS A 115 4.36 9.36 -10.07
N LEU A 116 3.57 10.16 -9.43
CA LEU A 116 4.03 11.53 -9.02
C LEU A 116 4.86 12.17 -10.14
N THR A 117 5.57 13.20 -9.83
CA THR A 117 6.43 13.87 -10.85
C THR A 117 7.86 13.35 -10.73
N ASP A 118 8.83 14.16 -11.00
CA ASP A 118 10.23 13.69 -10.89
C ASP A 118 10.94 14.47 -9.78
N GLU A 119 10.94 15.76 -9.84
CA GLU A 119 11.61 16.56 -8.78
C GLU A 119 10.89 16.34 -7.45
N GLU A 120 9.60 16.11 -7.49
CA GLU A 120 8.86 15.87 -6.22
C GLU A 120 9.26 14.53 -5.65
N VAL A 121 9.33 13.52 -6.47
CA VAL A 121 9.73 12.17 -5.97
C VAL A 121 11.15 12.22 -5.40
N ASP A 122 12.06 12.84 -6.11
CA ASP A 122 13.46 12.93 -5.61
C ASP A 122 13.49 13.69 -4.28
N GLU A 123 12.71 14.73 -4.17
CA GLU A 123 12.68 15.49 -2.90
C GLU A 123 11.97 14.67 -1.82
N MET A 124 11.02 13.87 -2.21
CA MET A 124 10.31 13.02 -1.21
C MET A 124 11.30 12.09 -0.52
N ILE A 125 12.28 11.63 -1.23
CA ILE A 125 13.29 10.71 -0.62
C ILE A 125 14.33 11.49 0.20
N ARG A 126 15.09 12.33 -0.45
CA ARG A 126 16.14 13.11 0.28
C ARG A 126 15.54 13.80 1.52
N GLU A 127 14.29 14.16 1.47
CA GLU A 127 13.67 14.84 2.65
C GLU A 127 13.40 13.83 3.77
N ALA A 128 13.16 12.59 3.42
CA ALA A 128 12.88 11.57 4.46
C ALA A 128 14.20 10.94 4.94
N ASP A 129 15.18 10.89 4.09
CA ASP A 129 16.48 10.29 4.49
C ASP A 129 16.94 10.86 5.84
N ILE A 130 16.56 10.23 6.91
CA ILE A 130 16.96 10.73 8.26
C ILE A 130 18.49 10.76 8.37
N ASP A 131 19.15 9.76 7.86
CA ASP A 131 20.64 9.72 7.93
C ASP A 131 21.23 10.50 6.76
N GLY A 132 20.53 10.58 5.66
CA GLY A 132 21.06 11.33 4.48
C GLY A 132 22.09 10.47 3.75
N ASP A 133 21.64 9.50 2.99
CA ASP A 133 22.59 8.62 2.24
C ASP A 133 22.11 8.42 0.80
N GLY A 134 21.10 9.15 0.41
CA GLY A 134 20.57 9.01 -0.99
C GLY A 134 19.58 7.84 -1.06
N GLN A 135 19.14 7.35 0.06
CA GLN A 135 18.18 6.21 0.05
C GLN A 135 17.60 5.98 1.46
N VAL A 136 16.52 5.26 1.56
CA VAL A 136 15.92 5.00 2.89
C VAL A 136 16.13 3.54 3.29
N ASN A 137 16.37 3.28 4.54
CA ASN A 137 16.58 1.87 4.99
C ASN A 137 15.41 1.40 5.85
N TYR A 138 15.60 0.39 6.65
CA TYR A 138 14.49 -0.10 7.51
C TYR A 138 14.23 0.90 8.64
N GLU A 139 15.20 1.10 9.50
CA GLU A 139 15.01 2.07 10.62
C GLU A 139 14.31 3.33 10.11
N GLU A 140 14.82 3.90 9.03
CA GLU A 140 14.19 5.13 8.48
C GLU A 140 12.71 4.86 8.19
N PHE A 141 12.44 3.91 7.32
CA PHE A 141 11.01 3.58 7.00
C PHE A 141 10.18 3.58 8.29
N VAL A 142 10.81 3.30 9.40
CA VAL A 142 10.07 3.28 10.69
C VAL A 142 10.32 4.58 11.48
N GLN A 143 11.46 5.21 11.28
CA GLN A 143 11.76 6.48 12.02
C GLN A 143 10.80 7.58 11.56
N MET A 144 10.10 7.38 10.49
CA MET A 144 9.16 8.44 10.00
C MET A 144 7.72 8.06 10.33
N MET A 145 7.44 6.80 10.52
CA MET A 145 6.05 6.38 10.85
C MET A 145 5.87 6.36 12.37
N THR A 146 6.91 6.03 13.09
CA THR A 146 6.81 5.98 14.58
C THR A 146 8.20 5.81 15.20
N ALA A 147 8.83 6.89 15.60
CA ALA A 147 10.19 6.77 16.20
C ALA A 147 10.09 6.66 17.73
N LYS A 148 9.13 5.92 18.22
CA LYS A 148 8.99 5.77 19.70
C LYS A 148 8.92 7.15 20.37
N VAL B 1 10.39 -17.42 -3.87
CA VAL B 1 10.28 -16.69 -5.17
C VAL B 1 9.03 -15.81 -5.18
N LYS B 2 8.08 -16.11 -4.34
CA LYS B 2 6.83 -15.27 -4.31
C LYS B 2 6.24 -15.25 -2.90
N LEU B 3 5.32 -14.36 -2.64
CA LEU B 3 4.70 -14.27 -1.30
C LEU B 3 3.63 -13.18 -1.31
N ILE B 4 2.61 -13.35 -2.14
CA ILE B 4 1.51 -12.34 -2.23
C ILE B 4 1.32 -11.59 -0.89
N PRO B 5 0.96 -10.35 -1.01
CA PRO B 5 0.73 -9.53 0.21
C PRO B 5 -0.58 -9.94 0.88
N SER B 6 -0.67 -9.76 2.16
CA SER B 6 -1.92 -10.14 2.87
C SER B 6 -3.10 -9.32 2.36
N TRP B 7 -2.98 -8.02 2.42
CA TRP B 7 -4.10 -7.14 1.96
C TRP B 7 -3.81 -5.69 2.37
N THR B 8 -4.01 -5.38 3.61
CA THR B 8 -3.74 -3.99 4.09
C THR B 8 -2.32 -3.57 3.70
N THR B 9 -1.42 -4.52 3.57
CA THR B 9 -0.03 -4.14 3.17
C THR B 9 -0.09 -3.43 1.82
N VAL B 10 -0.73 -4.05 0.86
CA VAL B 10 -0.86 -3.39 -0.47
C VAL B 10 -1.39 -1.98 -0.28
N ILE B 11 -2.36 -1.83 0.57
CA ILE B 11 -2.92 -0.48 0.83
C ILE B 11 -1.83 0.45 1.36
N LEU B 12 -1.18 0.03 2.39
CA LEU B 12 -0.09 0.86 2.98
C LEU B 12 0.76 1.50 1.88
N VAL B 13 1.48 0.71 1.14
CA VAL B 13 2.34 1.27 0.05
C VAL B 13 1.55 2.31 -0.78
N LYS B 14 0.32 2.02 -1.11
CA LYS B 14 -0.48 3.00 -1.91
C LYS B 14 -0.58 4.33 -1.15
N SER B 15 -0.97 4.28 0.08
CA SER B 15 -1.08 5.54 0.86
C SER B 15 0.23 6.33 0.79
N MET B 16 1.34 5.64 0.65
CA MET B 16 2.65 6.35 0.57
C MET B 16 2.79 7.08 -0.77
N LEU B 17 2.21 6.57 -1.81
CA LEU B 17 2.33 7.25 -3.15
C LEU B 17 1.60 8.59 -3.13
N ARG B 18 1.96 9.44 -2.25
CA ARG B 18 1.31 10.78 -2.17
C ARG B 18 2.10 11.78 -3.04
N LYS B 19 2.77 12.72 -2.44
CA LYS B 19 3.57 13.70 -3.24
C LYS B 19 5.01 13.72 -2.71
N ARG B 20 5.31 14.63 -1.82
CA ARG B 20 6.67 14.69 -1.26
C ARG B 20 6.64 14.14 0.17
N SER B 21 5.51 13.67 0.62
CA SER B 21 5.42 13.13 2.00
C SER B 21 5.87 11.66 2.01
N PHE B 22 5.78 11.00 3.13
CA PHE B 22 6.21 9.57 3.16
C PHE B 22 5.44 8.79 4.22
N GLY B 23 6.05 7.77 4.77
CA GLY B 23 5.38 6.93 5.80
C GLY B 23 4.65 7.82 6.81
N ASN B 24 3.64 7.28 7.46
CA ASN B 24 2.86 8.06 8.47
C ASN B 24 2.32 7.14 9.56
N PRO B 25 1.83 7.74 10.63
CA PRO B 25 1.25 6.94 11.75
C PRO B 25 0.00 6.22 11.29
N PHE B 26 0.17 5.20 10.51
CA PHE B 26 -1.02 4.45 10.02
C PHE B 26 -0.59 3.02 9.63
CA CA C . -14.72 -4.48 -10.33
CA CA D . -17.36 -8.82 0.94
CA CA E . 15.35 -1.98 -2.29
CA CA F . 19.34 6.69 4.63
N ALA A 1 -19.99 15.86 6.51
CA ALA A 1 -18.77 15.99 7.35
C ALA A 1 -19.16 16.01 8.84
N ASP A 2 -18.77 15.00 9.57
CA ASP A 2 -19.11 14.96 11.02
C ASP A 2 -17.87 14.57 11.84
N GLN A 3 -17.78 13.33 12.25
CA GLN A 3 -16.59 12.91 13.03
C GLN A 3 -15.59 12.19 12.12
N LEU A 4 -14.51 11.69 12.66
CA LEU A 4 -13.50 10.99 11.82
C LEU A 4 -12.94 11.96 10.77
N THR A 5 -11.65 11.93 10.56
CA THR A 5 -11.04 12.86 9.55
C THR A 5 -11.45 12.44 8.14
N GLU A 6 -11.61 13.40 7.26
CA GLU A 6 -12.01 13.07 5.86
C GLU A 6 -10.77 12.75 5.01
N GLU A 7 -9.72 13.52 5.19
CA GLU A 7 -8.48 13.26 4.39
C GLU A 7 -8.20 11.76 4.34
N GLN A 8 -8.27 11.09 5.45
CA GLN A 8 -8.01 9.63 5.46
C GLN A 8 -9.00 8.92 4.53
N ILE A 9 -10.27 9.12 4.75
CA ILE A 9 -11.29 8.47 3.87
C ILE A 9 -10.94 8.70 2.41
N ALA A 10 -10.87 9.94 1.99
CA ALA A 10 -10.53 10.23 0.57
C ALA A 10 -9.35 9.36 0.14
N GLU A 11 -8.28 9.39 0.89
CA GLU A 11 -7.10 8.56 0.54
C GLU A 11 -7.55 7.10 0.34
N PHE A 12 -8.31 6.58 1.27
CA PHE A 12 -8.77 5.18 1.13
C PHE A 12 -9.51 4.99 -0.20
N LYS A 13 -10.41 5.88 -0.52
CA LYS A 13 -11.14 5.76 -1.81
C LYS A 13 -10.15 5.51 -2.94
N GLU A 14 -9.04 6.23 -2.94
CA GLU A 14 -8.03 6.03 -4.00
C GLU A 14 -7.57 4.57 -4.02
N ALA A 15 -7.14 4.07 -2.88
CA ALA A 15 -6.68 2.66 -2.82
C ALA A 15 -7.78 1.74 -3.36
N PHE A 16 -9.01 2.02 -3.02
CA PHE A 16 -10.14 1.16 -3.50
C PHE A 16 -10.28 1.32 -5.02
N SER A 17 -9.93 2.46 -5.54
CA SER A 17 -10.04 2.67 -7.01
C SER A 17 -8.85 2.01 -7.72
N LEU A 18 -7.80 1.76 -6.99
CA LEU A 18 -6.60 1.11 -7.61
C LEU A 18 -6.87 -0.40 -7.80
N PHE A 19 -7.38 -1.05 -6.79
CA PHE A 19 -7.65 -2.52 -6.92
C PHE A 19 -8.85 -2.75 -7.84
N ASP A 20 -9.69 -1.77 -8.00
CA ASP A 20 -10.88 -1.94 -8.89
C ASP A 20 -10.57 -1.39 -10.28
N LYS A 21 -9.94 -2.17 -11.11
CA LYS A 21 -9.61 -1.68 -12.48
C LYS A 21 -10.81 -0.96 -13.10
N ASP A 22 -12.00 -1.42 -12.82
CA ASP A 22 -13.20 -0.77 -13.39
C ASP A 22 -13.82 0.19 -12.37
N GLY A 23 -13.58 -0.04 -11.10
CA GLY A 23 -14.15 0.87 -10.06
C GLY A 23 -15.67 0.70 -10.03
N ASP A 24 -16.16 -0.47 -10.33
CA ASP A 24 -17.63 -0.70 -10.31
C ASP A 24 -18.11 -0.91 -8.87
N GLY A 25 -17.21 -0.87 -7.92
CA GLY A 25 -17.62 -1.07 -6.51
C GLY A 25 -17.62 -2.56 -6.18
N THR A 26 -16.83 -3.33 -6.87
CA THR A 26 -16.78 -4.79 -6.61
C THR A 26 -15.45 -5.37 -7.07
N ILE A 27 -14.50 -5.53 -6.18
CA ILE A 27 -13.20 -6.09 -6.60
C ILE A 27 -13.25 -7.62 -6.60
N THR A 28 -13.17 -8.23 -7.75
CA THR A 28 -13.22 -9.71 -7.81
C THR A 28 -11.87 -10.29 -7.37
N THR A 29 -11.61 -11.53 -7.66
CA THR A 29 -10.32 -12.14 -7.25
C THR A 29 -9.21 -11.73 -8.24
N LYS A 30 -9.42 -12.00 -9.50
CA LYS A 30 -8.39 -11.65 -10.53
C LYS A 30 -8.06 -10.15 -10.45
N GLU A 31 -9.03 -9.32 -10.19
CA GLU A 31 -8.76 -7.86 -10.10
C GLU A 31 -7.56 -7.62 -9.18
N LEU A 32 -7.73 -7.87 -7.91
CA LEU A 32 -6.60 -7.68 -6.96
C LEU A 32 -5.35 -8.31 -7.54
N GLY A 33 -5.48 -9.45 -8.16
CA GLY A 33 -4.30 -10.12 -8.77
C GLY A 33 -3.68 -9.18 -9.80
N THR A 34 -4.51 -8.53 -10.59
CA THR A 34 -3.96 -7.58 -11.60
C THR A 34 -3.03 -6.59 -10.91
N VAL A 35 -3.41 -6.10 -9.77
CA VAL A 35 -2.53 -5.13 -9.04
C VAL A 35 -1.26 -5.85 -8.56
N MET A 36 -1.41 -7.01 -7.98
CA MET A 36 -0.21 -7.76 -7.51
C MET A 36 0.60 -8.22 -8.71
N ARG A 37 -0.04 -8.46 -9.83
CA ARG A 37 0.71 -8.90 -11.04
C ARG A 37 1.58 -7.76 -11.55
N SER A 38 1.11 -6.54 -11.43
CA SER A 38 1.91 -5.39 -11.91
C SER A 38 2.91 -4.96 -10.82
N LEU A 39 2.73 -5.43 -9.61
CA LEU A 39 3.67 -5.05 -8.53
C LEU A 39 4.91 -5.95 -8.56
N GLY A 40 4.75 -7.18 -8.96
CA GLY A 40 5.94 -8.09 -9.02
C GLY A 40 5.49 -9.54 -9.26
N GLN A 41 4.74 -10.11 -8.35
CA GLN A 41 4.30 -11.53 -8.53
C GLN A 41 2.86 -11.61 -9.03
N ASN A 42 2.39 -12.80 -9.31
CA ASN A 42 0.99 -12.97 -9.81
C ASN A 42 0.33 -14.13 -9.05
N PRO A 43 -0.46 -13.78 -8.08
CA PRO A 43 -1.16 -14.80 -7.26
C PRO A 43 -2.26 -15.51 -8.07
N THR A 44 -2.71 -16.63 -7.61
CA THR A 44 -3.77 -17.39 -8.34
C THR A 44 -5.16 -17.07 -7.76
N GLU A 45 -6.06 -18.02 -7.85
CA GLU A 45 -7.44 -17.78 -7.32
C GLU A 45 -7.57 -18.29 -5.87
N ALA A 46 -7.29 -19.55 -5.64
CA ALA A 46 -7.41 -20.10 -4.25
C ALA A 46 -6.80 -19.13 -3.24
N GLU A 47 -5.50 -18.99 -3.24
CA GLU A 47 -4.86 -18.05 -2.28
C GLU A 47 -5.63 -16.74 -2.25
N LEU A 48 -6.02 -16.25 -3.39
CA LEU A 48 -6.80 -14.98 -3.42
C LEU A 48 -8.06 -15.13 -2.57
N GLN A 49 -8.77 -16.22 -2.75
CA GLN A 49 -10.00 -16.43 -1.95
C GLN A 49 -9.71 -16.13 -0.49
N ASP A 50 -8.58 -16.59 -0.01
CA ASP A 50 -8.23 -16.32 1.41
C ASP A 50 -7.85 -14.85 1.58
N MET A 51 -7.31 -14.26 0.54
CA MET A 51 -6.92 -12.83 0.63
C MET A 51 -8.18 -11.96 0.56
N ILE A 52 -9.15 -12.35 -0.23
CA ILE A 52 -10.40 -11.54 -0.35
C ILE A 52 -11.30 -11.80 0.88
N ASN A 53 -11.45 -13.03 1.28
CA ASN A 53 -12.33 -13.34 2.45
C ASN A 53 -12.08 -12.32 3.57
N GLU A 54 -10.91 -11.75 3.62
CA GLU A 54 -10.60 -10.76 4.69
C GLU A 54 -11.45 -9.49 4.50
N VAL A 55 -11.43 -8.93 3.33
CA VAL A 55 -12.23 -7.71 3.07
C VAL A 55 -13.69 -8.07 2.81
N ASP A 56 -13.92 -9.19 2.19
CA ASP A 56 -15.33 -9.60 1.90
C ASP A 56 -16.15 -9.63 3.20
N ALA A 57 -16.64 -8.51 3.61
CA ALA A 57 -17.43 -8.46 4.87
C ALA A 57 -18.71 -9.29 4.75
N ASP A 58 -19.64 -8.86 3.94
CA ASP A 58 -20.92 -9.63 3.78
C ASP A 58 -20.63 -11.05 3.28
N GLY A 59 -19.45 -11.28 2.75
CA GLY A 59 -19.13 -12.65 2.26
C GLY A 59 -19.95 -12.94 1.00
N ASN A 60 -20.05 -11.99 0.11
CA ASN A 60 -20.84 -12.20 -1.14
C ASN A 60 -19.93 -12.67 -2.28
N GLY A 61 -18.70 -12.23 -2.29
CA GLY A 61 -17.77 -12.65 -3.37
C GLY A 61 -17.27 -11.40 -4.11
N THR A 62 -17.30 -10.27 -3.47
CA THR A 62 -16.83 -9.02 -4.15
C THR A 62 -16.51 -7.94 -3.10
N ILE A 63 -15.48 -7.17 -3.33
CA ILE A 63 -15.12 -6.11 -2.35
C ILE A 63 -15.99 -4.87 -2.58
N ASP A 64 -16.53 -4.31 -1.52
CA ASP A 64 -17.38 -3.10 -1.67
C ASP A 64 -16.64 -1.84 -1.20
N PHE A 65 -17.06 -0.69 -1.61
CA PHE A 65 -16.38 0.57 -1.18
C PHE A 65 -16.33 0.66 0.35
N PRO A 66 -17.47 0.48 0.99
CA PRO A 66 -17.51 0.54 2.47
C PRO A 66 -16.80 -0.68 3.07
N GLU A 67 -16.83 -1.78 2.39
CA GLU A 67 -16.15 -3.01 2.90
C GLU A 67 -14.64 -2.78 2.96
N PHE A 68 -14.10 -2.04 2.04
CA PHE A 68 -12.64 -1.77 2.05
C PHE A 68 -12.30 -0.77 3.16
N LEU A 69 -12.95 0.36 3.16
CA LEU A 69 -12.69 1.38 4.21
C LEU A 69 -12.72 0.73 5.59
N THR A 70 -13.52 -0.31 5.75
CA THR A 70 -13.59 -0.99 7.07
C THR A 70 -12.33 -1.83 7.31
N MET A 71 -11.93 -2.62 6.35
CA MET A 71 -10.70 -3.44 6.53
C MET A 71 -9.55 -2.55 7.03
N MET A 72 -9.36 -1.43 6.40
CA MET A 72 -8.28 -0.50 6.81
C MET A 72 -8.21 -0.40 8.34
N ALA A 73 -9.32 -0.61 9.01
CA ALA A 73 -9.33 -0.50 10.50
C ALA A 73 -9.43 -1.89 11.14
N ARG A 74 -9.90 -2.87 10.42
CA ARG A 74 -10.02 -4.24 11.01
C ARG A 74 -8.68 -4.98 10.94
N LYS A 75 -7.84 -4.62 10.00
CA LYS A 75 -6.52 -5.29 9.88
C LYS A 75 -5.41 -4.43 10.50
N MET A 76 -5.78 -3.55 11.40
CA MET A 76 -4.75 -2.66 12.04
C MET A 76 -4.38 -3.19 13.43
N LYS A 77 -5.28 -3.85 14.11
CA LYS A 77 -4.96 -4.36 15.47
C LYS A 77 -5.29 -5.85 15.57
N ASP A 78 -4.47 -6.69 15.02
CA ASP A 78 -4.73 -8.16 15.08
C ASP A 78 -3.52 -8.87 15.70
N THR A 79 -2.50 -9.09 14.92
CA THR A 79 -1.29 -9.79 15.47
C THR A 79 -0.05 -9.34 14.70
N ASP A 80 -0.09 -9.42 13.39
CA ASP A 80 1.08 -9.00 12.58
C ASP A 80 1.04 -7.49 12.34
N SER A 81 1.55 -6.72 13.26
CA SER A 81 1.54 -5.24 13.09
C SER A 81 2.89 -4.78 12.57
N GLU A 82 3.95 -5.39 13.01
CA GLU A 82 5.31 -5.01 12.53
C GLU A 82 5.56 -5.62 11.16
N GLU A 83 5.06 -6.80 10.93
CA GLU A 83 5.26 -7.44 9.60
C GLU A 83 4.57 -6.61 8.52
N GLU A 84 3.74 -5.69 8.92
CA GLU A 84 3.03 -4.84 7.93
C GLU A 84 3.99 -3.85 7.27
N ILE A 85 4.83 -3.21 8.05
CA ILE A 85 5.78 -2.23 7.47
C ILE A 85 6.90 -2.96 6.73
N ARG A 86 7.12 -4.20 7.07
CA ARG A 86 8.21 -4.95 6.38
C ARG A 86 7.80 -5.27 4.94
N GLU A 87 6.67 -5.88 4.75
CA GLU A 87 6.25 -6.20 3.35
C GLU A 87 6.08 -4.93 2.52
N ALA A 88 5.52 -3.88 3.10
CA ALA A 88 5.39 -2.62 2.29
C ALA A 88 6.78 -2.18 1.85
N PHE A 89 7.76 -2.35 2.71
CA PHE A 89 9.15 -1.98 2.33
C PHE A 89 9.61 -2.88 1.19
N ARG A 90 9.34 -4.16 1.30
CA ARG A 90 9.74 -5.10 0.22
C ARG A 90 9.17 -4.60 -1.11
N VAL A 91 7.94 -4.18 -1.10
CA VAL A 91 7.31 -3.66 -2.35
C VAL A 91 8.22 -2.58 -2.94
N PHE A 92 8.63 -1.64 -2.12
CA PHE A 92 9.53 -0.56 -2.62
C PHE A 92 10.88 -1.17 -3.00
N ASP A 93 11.32 -2.16 -2.26
CA ASP A 93 12.62 -2.81 -2.58
C ASP A 93 12.40 -3.93 -3.61
N LYS A 94 11.90 -3.59 -4.77
CA LYS A 94 11.66 -4.62 -5.81
C LYS A 94 12.80 -5.63 -5.83
N ASP A 95 14.01 -5.17 -5.88
CA ASP A 95 15.17 -6.10 -5.89
C ASP A 95 15.23 -6.87 -4.56
N GLY A 96 14.90 -6.21 -3.48
CA GLY A 96 14.92 -6.90 -2.15
C GLY A 96 16.33 -6.89 -1.57
N ASN A 97 17.01 -5.77 -1.63
CA ASN A 97 18.40 -5.72 -1.06
C ASN A 97 18.39 -5.07 0.32
N GLY A 98 17.36 -4.32 0.64
CA GLY A 98 17.29 -3.67 1.97
C GLY A 98 17.49 -2.17 1.83
N TYR A 99 17.24 -1.64 0.66
CA TYR A 99 17.42 -0.18 0.44
C TYR A 99 16.34 0.34 -0.51
N ILE A 100 15.85 1.53 -0.27
CA ILE A 100 14.78 2.08 -1.16
C ILE A 100 15.31 3.30 -1.93
N SER A 101 15.76 3.11 -3.14
CA SER A 101 16.27 4.27 -3.93
C SER A 101 15.13 4.88 -4.75
N ALA A 102 15.21 6.14 -5.04
CA ALA A 102 14.13 6.79 -5.84
C ALA A 102 13.76 5.91 -7.03
N ALA A 103 14.73 5.33 -7.67
CA ALA A 103 14.44 4.46 -8.84
C ALA A 103 13.47 3.35 -8.42
N GLU A 104 13.74 2.71 -7.32
CA GLU A 104 12.84 1.62 -6.85
C GLU A 104 11.44 2.19 -6.58
N LEU A 105 11.36 3.20 -5.78
CA LEU A 105 10.03 3.81 -5.49
C LEU A 105 9.39 4.28 -6.79
N ARG A 106 10.19 4.66 -7.74
CA ARG A 106 9.64 5.11 -9.05
C ARG A 106 9.07 3.90 -9.78
N HIS A 107 9.54 2.74 -9.44
CA HIS A 107 9.02 1.50 -10.10
C HIS A 107 7.69 1.11 -9.48
N VAL A 108 7.61 1.12 -8.17
CA VAL A 108 6.33 0.76 -7.51
C VAL A 108 5.30 1.85 -7.81
N MET A 109 5.75 3.02 -8.19
CA MET A 109 4.81 4.13 -8.52
C MET A 109 4.05 3.80 -9.81
N THR A 110 4.76 3.47 -10.85
CA THR A 110 4.08 3.14 -12.14
C THR A 110 3.34 1.80 -12.00
N ASN A 111 3.90 0.88 -11.27
CA ASN A 111 3.22 -0.44 -11.10
C ASN A 111 2.03 -0.28 -10.16
N LEU A 112 1.94 0.85 -9.48
CA LEU A 112 0.81 1.08 -8.55
C LEU A 112 -0.29 1.86 -9.27
N GLY A 113 0.06 2.96 -9.88
CA GLY A 113 -0.98 3.76 -10.61
C GLY A 113 -0.38 5.11 -11.02
N GLU A 114 0.06 5.90 -10.08
CA GLU A 114 0.63 7.24 -10.43
C GLU A 114 2.15 7.18 -10.51
N LYS A 115 2.75 8.13 -11.16
CA LYS A 115 4.24 8.16 -11.28
C LYS A 115 4.72 9.58 -11.00
N LEU A 116 4.86 9.91 -9.74
CA LEU A 116 5.32 11.28 -9.37
C LEU A 116 6.38 11.80 -10.33
N THR A 117 6.43 13.10 -10.51
CA THR A 117 7.44 13.68 -11.44
C THR A 117 8.86 13.30 -10.98
N ASP A 118 9.80 14.15 -11.22
CA ASP A 118 11.20 13.85 -10.79
C ASP A 118 11.54 14.61 -9.52
N GLU A 119 11.21 15.86 -9.46
CA GLU A 119 11.51 16.66 -8.24
C GLU A 119 10.72 16.10 -7.05
N GLU A 120 9.47 15.78 -7.26
CA GLU A 120 8.65 15.23 -6.15
C GLU A 120 9.24 13.90 -5.69
N VAL A 121 9.67 13.08 -6.62
CA VAL A 121 10.27 11.77 -6.24
C VAL A 121 11.56 12.00 -5.45
N ASP A 122 12.40 12.89 -5.91
CA ASP A 122 13.67 13.17 -5.19
C ASP A 122 13.35 13.74 -3.81
N GLU A 123 12.33 14.54 -3.72
CA GLU A 123 11.96 15.12 -2.39
C GLU A 123 11.36 14.03 -1.50
N MET A 124 10.34 13.37 -1.98
CA MET A 124 9.71 12.30 -1.17
C MET A 124 10.80 11.45 -0.49
N ILE A 125 11.83 11.11 -1.21
CA ILE A 125 12.92 10.30 -0.60
C ILE A 125 13.79 11.17 0.31
N ARG A 126 14.40 12.18 -0.24
CA ARG A 126 15.26 13.08 0.60
C ARG A 126 14.52 13.48 1.88
N GLU A 127 13.35 14.04 1.74
CA GLU A 127 12.57 14.45 2.95
C GLU A 127 12.45 13.29 3.94
N ALA A 128 12.61 12.08 3.47
CA ALA A 128 12.50 10.90 4.38
C ALA A 128 13.88 10.51 4.91
N ASP A 129 14.89 10.65 4.10
CA ASP A 129 16.27 10.29 4.56
C ASP A 129 16.74 11.25 5.64
N ILE A 130 16.12 11.25 6.78
CA ILE A 130 16.55 12.18 7.87
C ILE A 130 18.07 12.13 8.02
N ASP A 131 18.64 10.97 7.96
CA ASP A 131 20.12 10.85 8.10
C ASP A 131 20.81 11.39 6.84
N GLY A 132 20.16 11.31 5.71
CA GLY A 132 20.77 11.82 4.46
C GLY A 132 21.78 10.81 3.93
N ASP A 133 21.37 9.96 3.03
CA ASP A 133 22.30 8.94 2.47
C ASP A 133 22.01 8.69 0.99
N GLY A 134 20.77 8.70 0.62
CA GLY A 134 20.42 8.46 -0.80
C GLY A 134 19.49 7.24 -0.91
N GLN A 135 19.02 6.74 0.20
CA GLN A 135 18.12 5.56 0.16
C GLN A 135 17.42 5.38 1.51
N VAL A 136 16.23 4.84 1.50
CA VAL A 136 15.50 4.64 2.79
C VAL A 136 15.57 3.16 3.19
N ASN A 137 16.19 2.87 4.30
CA ASN A 137 16.30 1.45 4.75
C ASN A 137 15.08 1.06 5.61
N TYR A 138 15.23 0.08 6.46
CA TYR A 138 14.10 -0.35 7.32
C TYR A 138 13.87 0.66 8.44
N GLU A 139 14.85 0.86 9.28
CA GLU A 139 14.68 1.84 10.39
C GLU A 139 13.98 3.10 9.89
N GLU A 140 14.54 3.75 8.90
CA GLU A 140 13.88 4.98 8.36
C GLU A 140 12.44 4.68 7.97
N PHE A 141 12.25 3.71 7.11
CA PHE A 141 10.86 3.36 6.68
C PHE A 141 9.95 3.31 7.91
N VAL A 142 10.50 2.99 9.05
CA VAL A 142 9.68 2.92 10.29
C VAL A 142 9.85 4.22 11.10
N GLN A 143 10.95 4.90 10.90
CA GLN A 143 11.18 6.17 11.65
C GLN A 143 10.06 7.16 11.35
N MET A 144 9.50 7.09 10.17
CA MET A 144 8.40 8.03 9.81
C MET A 144 7.05 7.39 10.15
N MET A 145 7.05 6.13 10.49
CA MET A 145 5.76 5.45 10.82
C MET A 145 5.57 5.39 12.34
N THR A 146 6.36 4.60 13.03
CA THR A 146 6.19 4.51 14.52
C THR A 146 7.49 4.03 15.18
N ALA A 147 8.57 4.72 14.96
CA ALA A 147 9.86 4.30 15.59
C ALA A 147 10.16 5.16 16.82
N LYS A 148 9.14 5.48 17.59
CA LYS A 148 9.36 6.32 18.80
C LYS A 148 10.31 7.47 18.49
N VAL B 1 6.21 -20.02 -7.62
CA VAL B 1 6.85 -18.83 -6.97
C VAL B 1 5.78 -17.99 -6.28
N LYS B 2 5.56 -18.22 -5.01
CA LYS B 2 4.53 -17.43 -4.28
C LYS B 2 5.20 -16.44 -3.32
N LEU B 3 4.65 -15.26 -3.19
CA LEU B 3 5.23 -14.25 -2.28
C LEU B 3 4.30 -13.04 -2.17
N ILE B 4 3.03 -13.22 -2.41
CA ILE B 4 2.08 -12.09 -2.33
C ILE B 4 2.00 -11.55 -0.90
N PRO B 5 1.79 -10.27 -0.81
CA PRO B 5 1.67 -9.60 0.51
C PRO B 5 0.35 -9.96 1.20
N SER B 6 -0.12 -9.10 2.10
CA SER B 6 -1.39 -9.39 2.81
C SER B 6 -2.35 -8.18 2.76
N TRP B 7 -2.95 -7.94 1.62
CA TRP B 7 -3.92 -6.79 1.49
C TRP B 7 -3.36 -5.50 2.10
N THR B 8 -3.50 -5.33 3.39
CA THR B 8 -3.01 -4.09 4.05
C THR B 8 -1.67 -3.65 3.45
N THR B 9 -0.92 -4.57 2.92
CA THR B 9 0.38 -4.19 2.30
C THR B 9 0.14 -3.31 1.07
N VAL B 10 -0.47 -3.84 0.05
CA VAL B 10 -0.74 -3.01 -1.17
C VAL B 10 -1.31 -1.67 -0.75
N ILE B 11 -1.96 -1.65 0.38
CA ILE B 11 -2.54 -0.37 0.87
C ILE B 11 -1.42 0.52 1.40
N LEU B 12 -0.57 -0.03 2.21
CA LEU B 12 0.55 0.77 2.78
C LEU B 12 1.31 1.52 1.67
N VAL B 13 1.79 0.80 0.69
CA VAL B 13 2.54 1.47 -0.42
C VAL B 13 1.64 2.45 -1.17
N LYS B 14 0.41 2.10 -1.41
CA LYS B 14 -0.49 3.02 -2.15
C LYS B 14 -0.86 4.21 -1.29
N SER B 15 -0.57 4.15 -0.03
CA SER B 15 -0.90 5.28 0.87
C SER B 15 0.34 6.16 1.06
N MET B 16 1.49 5.59 0.82
CA MET B 16 2.74 6.37 0.99
C MET B 16 2.97 7.26 -0.23
N LEU B 17 2.64 6.79 -1.41
CA LEU B 17 2.84 7.64 -2.62
C LEU B 17 2.26 9.04 -2.36
N ARG B 18 1.01 9.25 -2.70
CA ARG B 18 0.35 10.59 -2.48
C ARG B 18 1.34 11.76 -2.60
N LYS B 19 1.98 11.89 -3.74
CA LYS B 19 2.92 13.02 -3.95
C LYS B 19 4.10 12.98 -2.97
N ARG B 20 3.84 13.02 -1.70
CA ARG B 20 4.97 13.03 -0.71
C ARG B 20 4.53 12.50 0.65
N SER B 21 3.34 11.98 0.76
CA SER B 21 2.89 11.46 2.09
C SER B 21 3.83 10.34 2.56
N PHE B 22 4.92 10.69 3.19
CA PHE B 22 5.87 9.65 3.68
C PHE B 22 5.88 9.60 5.21
N GLY B 23 4.92 10.22 5.83
CA GLY B 23 4.86 10.21 7.32
C GLY B 23 3.92 9.11 7.77
N ASN B 24 3.13 9.37 8.77
CA ASN B 24 2.17 8.33 9.26
C ASN B 24 0.73 8.84 9.14
N PRO B 25 0.42 9.40 7.99
CA PRO B 25 -0.95 9.92 7.76
C PRO B 25 -1.93 8.76 7.55
N PHE B 26 -1.97 7.83 8.47
CA PHE B 26 -2.91 6.69 8.33
C PHE B 26 -4.13 6.89 9.23
CA CA C . -14.23 -4.23 -10.03
CA CA D . -17.75 -8.58 0.24
CA CA E . 16.90 -1.67 -3.36
CA CA F . 18.90 6.75 4.63
N ALA A 1 -13.10 28.63 2.12
CA ALA A 1 -12.42 28.27 0.83
C ALA A 1 -12.36 26.76 0.66
N ASP A 2 -11.76 26.06 1.57
CA ASP A 2 -11.67 24.58 1.46
C ASP A 2 -11.04 23.99 2.73
N GLN A 3 -11.84 23.38 3.57
CA GLN A 3 -11.28 22.78 4.82
C GLN A 3 -11.10 21.27 4.65
N LEU A 4 -10.35 20.65 5.51
CA LEU A 4 -10.13 19.17 5.40
C LEU A 4 -11.49 18.44 5.46
N THR A 5 -11.70 17.53 4.55
CA THR A 5 -13.00 16.78 4.56
C THR A 5 -12.93 15.59 3.59
N GLU A 6 -12.32 15.77 2.45
CA GLU A 6 -12.23 14.65 1.47
C GLU A 6 -10.85 13.98 1.55
N GLU A 7 -9.87 14.68 2.05
CA GLU A 7 -8.51 14.09 2.16
C GLU A 7 -8.59 12.65 2.68
N GLN A 8 -9.20 12.45 3.83
CA GLN A 8 -9.30 11.08 4.38
C GLN A 8 -10.12 10.18 3.45
N ILE A 9 -11.40 10.45 3.33
CA ILE A 9 -12.25 9.61 2.43
C ILE A 9 -11.57 9.45 1.08
N ALA A 10 -11.07 10.52 0.52
CA ALA A 10 -10.39 10.43 -0.80
C ALA A 10 -9.33 9.33 -0.76
N GLU A 11 -8.59 9.25 0.32
CA GLU A 11 -7.54 8.20 0.42
C GLU A 11 -8.18 6.82 0.26
N PHE A 12 -9.21 6.54 1.01
CA PHE A 12 -9.88 5.21 0.88
C PHE A 12 -10.45 5.04 -0.52
N LYS A 13 -11.10 6.05 -1.04
CA LYS A 13 -11.67 5.95 -2.42
C LYS A 13 -10.55 5.69 -3.42
N GLU A 14 -9.44 6.38 -3.28
CA GLU A 14 -8.31 6.15 -4.23
C GLU A 14 -7.89 4.69 -4.19
N ALA A 15 -7.92 4.08 -3.04
CA ALA A 15 -7.54 2.64 -2.93
C ALA A 15 -8.66 1.77 -3.49
N PHE A 16 -9.85 1.94 -3.00
CA PHE A 16 -10.99 1.12 -3.51
C PHE A 16 -11.13 1.31 -5.02
N SER A 17 -10.52 2.34 -5.56
CA SER A 17 -10.61 2.57 -7.02
C SER A 17 -9.46 1.86 -7.73
N LEU A 18 -8.25 2.14 -7.35
CA LEU A 18 -7.08 1.47 -8.00
C LEU A 18 -7.36 -0.04 -8.14
N PHE A 19 -8.12 -0.60 -7.25
CA PHE A 19 -8.42 -2.06 -7.34
C PHE A 19 -9.65 -2.30 -8.22
N ASP A 20 -10.57 -1.38 -8.25
CA ASP A 20 -11.78 -1.56 -9.09
C ASP A 20 -11.70 -0.69 -10.35
N LYS A 21 -11.17 -1.23 -11.41
CA LYS A 21 -11.07 -0.43 -12.67
C LYS A 21 -12.46 -0.16 -13.25
N ASP A 22 -13.27 -1.17 -13.34
CA ASP A 22 -14.64 -0.99 -13.90
C ASP A 22 -15.44 -0.01 -13.05
N GLY A 23 -15.33 -0.10 -11.76
CA GLY A 23 -16.07 0.84 -10.87
C GLY A 23 -17.49 0.34 -10.66
N ASP A 24 -17.64 -0.87 -10.18
CA ASP A 24 -19.02 -1.42 -9.96
C ASP A 24 -19.33 -1.46 -8.45
N GLY A 25 -18.32 -1.59 -7.63
CA GLY A 25 -18.57 -1.66 -6.17
C GLY A 25 -18.24 -3.05 -5.65
N THR A 26 -17.66 -3.88 -6.47
CA THR A 26 -17.32 -5.26 -6.02
C THR A 26 -15.96 -5.69 -6.60
N ILE A 27 -14.99 -5.91 -5.77
CA ILE A 27 -13.65 -6.33 -6.28
C ILE A 27 -13.52 -7.86 -6.26
N THR A 28 -13.59 -8.47 -7.40
CA THR A 28 -13.47 -9.96 -7.45
C THR A 28 -12.00 -10.36 -7.47
N THR A 29 -11.69 -11.52 -6.97
CA THR A 29 -10.26 -11.96 -6.96
C THR A 29 -9.63 -11.70 -8.33
N LYS A 30 -10.43 -11.67 -9.37
CA LYS A 30 -9.89 -11.41 -10.72
C LYS A 30 -9.28 -10.01 -10.80
N GLU A 31 -10.08 -9.00 -10.60
CA GLU A 31 -9.54 -7.60 -10.66
C GLU A 31 -8.35 -7.46 -9.71
N LEU A 32 -8.55 -7.72 -8.45
CA LEU A 32 -7.43 -7.61 -7.48
C LEU A 32 -6.22 -8.40 -7.98
N GLY A 33 -6.46 -9.54 -8.55
CA GLY A 33 -5.33 -10.38 -9.06
C GLY A 33 -4.58 -9.58 -10.13
N THR A 34 -5.28 -8.87 -10.96
CA THR A 34 -4.60 -8.06 -12.01
C THR A 34 -3.66 -7.03 -11.37
N VAL A 35 -4.18 -6.22 -10.50
CA VAL A 35 -3.32 -5.20 -9.84
C VAL A 35 -2.05 -5.86 -9.31
N MET A 36 -2.20 -6.95 -8.59
CA MET A 36 -0.99 -7.64 -8.05
C MET A 36 -0.03 -7.97 -9.19
N ARG A 37 -0.56 -8.36 -10.33
CA ARG A 37 0.32 -8.68 -11.48
C ARG A 37 1.06 -7.43 -11.94
N SER A 38 0.54 -6.28 -11.64
CA SER A 38 1.20 -5.01 -12.05
C SER A 38 2.37 -4.68 -11.10
N LEU A 39 2.29 -5.09 -9.86
CA LEU A 39 3.40 -4.79 -8.90
C LEU A 39 4.64 -5.63 -9.24
N GLY A 40 4.45 -6.90 -9.52
CA GLY A 40 5.63 -7.76 -9.86
C GLY A 40 5.31 -9.24 -9.59
N GLN A 41 4.28 -9.53 -8.84
CA GLN A 41 3.96 -10.96 -8.54
C GLN A 41 2.63 -11.35 -9.19
N ASN A 42 2.35 -12.63 -9.27
CA ASN A 42 1.07 -13.09 -9.90
C ASN A 42 0.32 -14.04 -8.95
N PRO A 43 -0.61 -13.47 -8.24
CA PRO A 43 -1.41 -14.26 -7.28
C PRO A 43 -2.45 -15.11 -8.03
N THR A 44 -2.67 -16.33 -7.60
CA THR A 44 -3.66 -17.20 -8.28
C THR A 44 -5.03 -17.04 -7.63
N GLU A 45 -5.77 -18.10 -7.54
CA GLU A 45 -7.12 -18.01 -6.90
C GLU A 45 -7.06 -18.52 -5.46
N ALA A 46 -6.13 -19.38 -5.16
CA ALA A 46 -6.03 -19.92 -3.76
C ALA A 46 -5.46 -18.85 -2.82
N GLU A 47 -4.20 -18.53 -2.95
CA GLU A 47 -3.60 -17.50 -2.06
C GLU A 47 -4.48 -16.25 -2.06
N LEU A 48 -5.01 -15.88 -3.20
CA LEU A 48 -5.89 -14.69 -3.24
C LEU A 48 -7.08 -14.90 -2.31
N GLN A 49 -7.65 -16.07 -2.33
CA GLN A 49 -8.79 -16.36 -1.43
C GLN A 49 -8.42 -15.95 -0.01
N ASP A 50 -7.28 -16.37 0.45
CA ASP A 50 -6.84 -15.99 1.82
C ASP A 50 -6.77 -14.46 1.92
N MET A 51 -6.46 -13.82 0.83
CA MET A 51 -6.37 -12.33 0.84
C MET A 51 -7.79 -11.72 0.86
N ILE A 52 -8.61 -12.09 -0.09
CA ILE A 52 -10.01 -11.54 -0.11
C ILE A 52 -10.70 -11.88 1.22
N ASN A 53 -10.56 -13.09 1.67
CA ASN A 53 -11.21 -13.49 2.96
C ASN A 53 -11.10 -12.39 4.01
N GLU A 54 -9.91 -12.15 4.50
CA GLU A 54 -9.71 -11.10 5.55
C GLU A 54 -10.64 -9.90 5.30
N VAL A 55 -10.58 -9.34 4.14
CA VAL A 55 -11.46 -8.17 3.84
C VAL A 55 -12.89 -8.65 3.61
N ASP A 56 -13.05 -9.82 3.03
CA ASP A 56 -14.43 -10.34 2.77
C ASP A 56 -15.21 -10.46 4.09
N ALA A 57 -15.69 -9.37 4.60
CA ALA A 57 -16.45 -9.40 5.89
C ALA A 57 -17.37 -10.63 5.93
N ASP A 58 -18.30 -10.74 5.01
CA ASP A 58 -19.21 -11.90 5.00
C ASP A 58 -18.49 -13.14 4.45
N GLY A 59 -17.41 -12.93 3.75
CA GLY A 59 -16.65 -14.09 3.18
C GLY A 59 -17.45 -14.70 2.02
N ASN A 60 -17.89 -13.87 1.10
CA ASN A 60 -18.67 -14.40 -0.06
C ASN A 60 -17.76 -14.54 -1.29
N GLY A 61 -16.73 -13.75 -1.38
CA GLY A 61 -15.82 -13.85 -2.54
C GLY A 61 -15.81 -12.53 -3.31
N THR A 62 -16.14 -11.44 -2.66
CA THR A 62 -16.14 -10.12 -3.35
C THR A 62 -15.97 -9.00 -2.33
N ILE A 63 -15.20 -8.00 -2.67
CA ILE A 63 -14.98 -6.87 -1.72
C ILE A 63 -16.03 -5.77 -1.97
N ASP A 64 -16.26 -4.94 -0.99
CA ASP A 64 -17.27 -3.85 -1.17
C ASP A 64 -16.70 -2.51 -0.67
N PHE A 65 -17.30 -1.41 -1.05
CA PHE A 65 -16.78 -0.08 -0.61
C PHE A 65 -16.70 0.00 0.92
N PRO A 66 -17.78 -0.38 1.60
CA PRO A 66 -17.79 -0.33 3.08
C PRO A 66 -16.84 -1.38 3.65
N GLU A 67 -16.74 -2.51 3.02
CA GLU A 67 -15.83 -3.57 3.52
C GLU A 67 -14.39 -3.04 3.58
N PHE A 68 -13.98 -2.30 2.58
CA PHE A 68 -12.59 -1.76 2.58
C PHE A 68 -12.44 -0.69 3.66
N LEU A 69 -13.29 0.31 3.63
CA LEU A 69 -13.20 1.40 4.66
C LEU A 69 -13.12 0.77 6.06
N THR A 70 -13.61 -0.42 6.22
CA THR A 70 -13.56 -1.07 7.56
C THR A 70 -12.36 -2.02 7.65
N MET A 71 -11.78 -2.37 6.53
CA MET A 71 -10.60 -3.30 6.57
C MET A 71 -9.35 -2.57 7.07
N MET A 72 -9.13 -1.37 6.62
CA MET A 72 -7.92 -0.61 7.06
C MET A 72 -7.86 -0.53 8.59
N ALA A 73 -8.94 -0.82 9.26
CA ALA A 73 -8.93 -0.74 10.77
C ALA A 73 -8.79 -2.14 11.40
N ARG A 74 -8.96 -3.18 10.64
CA ARG A 74 -8.84 -4.56 11.22
C ARG A 74 -7.40 -5.05 11.13
N LYS A 75 -6.58 -4.38 10.38
CA LYS A 75 -5.15 -4.81 10.26
C LYS A 75 -4.27 -4.00 11.20
N MET A 76 -4.58 -2.76 11.39
CA MET A 76 -3.75 -1.91 12.29
C MET A 76 -4.31 -1.97 13.72
N LYS A 77 -4.49 -3.14 14.25
CA LYS A 77 -5.02 -3.25 15.64
C LYS A 77 -4.21 -4.26 16.46
N ASP A 78 -3.07 -3.84 16.94
CA ASP A 78 -2.21 -4.77 17.76
C ASP A 78 -2.27 -6.20 17.21
N THR A 79 -2.16 -6.35 15.91
CA THR A 79 -2.21 -7.72 15.32
C THR A 79 -1.23 -7.82 14.15
N ASP A 80 -1.11 -6.78 13.38
CA ASP A 80 -0.17 -6.81 12.22
C ASP A 80 0.30 -5.39 11.89
N SER A 81 1.14 -4.83 12.72
CA SER A 81 1.65 -3.45 12.43
C SER A 81 3.10 -3.53 11.98
N GLU A 82 3.87 -4.39 12.57
CA GLU A 82 5.30 -4.52 12.17
C GLU A 82 5.42 -5.39 10.92
N GLU A 83 4.62 -6.42 10.83
CA GLU A 83 4.67 -7.30 9.63
C GLU A 83 4.08 -6.57 8.43
N GLU A 84 3.18 -5.66 8.67
CA GLU A 84 2.56 -4.90 7.54
C GLU A 84 3.56 -3.90 6.96
N ILE A 85 4.28 -3.23 7.80
CA ILE A 85 5.28 -2.25 7.29
C ILE A 85 6.41 -3.02 6.60
N ARG A 86 6.78 -4.14 7.15
CA ARG A 86 7.84 -4.95 6.52
C ARG A 86 7.40 -5.36 5.12
N GLU A 87 6.11 -5.46 4.91
CA GLU A 87 5.60 -5.83 3.56
C GLU A 87 5.76 -4.65 2.62
N ALA A 88 5.23 -3.50 2.99
CA ALA A 88 5.37 -2.30 2.13
C ALA A 88 6.85 -2.08 1.81
N PHE A 89 7.72 -2.50 2.69
CA PHE A 89 9.17 -2.32 2.45
C PHE A 89 9.62 -3.25 1.33
N ARG A 90 9.20 -4.49 1.39
CA ARG A 90 9.58 -5.46 0.31
C ARG A 90 9.10 -4.95 -1.04
N VAL A 91 8.03 -4.19 -1.04
CA VAL A 91 7.50 -3.65 -2.33
C VAL A 91 8.41 -2.52 -2.82
N PHE A 92 8.89 -1.70 -1.92
CA PHE A 92 9.80 -0.58 -2.33
C PHE A 92 11.17 -1.14 -2.72
N ASP A 93 11.59 -2.21 -2.09
CA ASP A 93 12.91 -2.80 -2.41
C ASP A 93 12.80 -3.76 -3.61
N LYS A 94 12.26 -3.29 -4.71
CA LYS A 94 12.11 -4.18 -5.90
C LYS A 94 13.43 -4.92 -6.17
N ASP A 95 14.54 -4.35 -5.79
CA ASP A 95 15.85 -5.02 -6.04
C ASP A 95 16.17 -5.99 -4.89
N GLY A 96 15.96 -5.57 -3.67
CA GLY A 96 16.25 -6.45 -2.51
C GLY A 96 17.71 -6.25 -2.07
N ASN A 97 18.27 -5.11 -2.37
CA ASN A 97 19.67 -4.84 -1.96
C ASN A 97 19.73 -4.52 -0.47
N GLY A 98 18.71 -3.87 0.04
CA GLY A 98 18.70 -3.52 1.49
C GLY A 98 18.58 -2.00 1.64
N TYR A 99 18.11 -1.32 0.64
CA TYR A 99 17.98 0.16 0.73
C TYR A 99 17.06 0.69 -0.38
N ILE A 100 16.09 1.49 -0.04
CA ILE A 100 15.17 2.04 -1.08
C ILE A 100 15.82 3.25 -1.76
N SER A 101 15.42 3.55 -2.96
CA SER A 101 15.99 4.72 -3.68
C SER A 101 14.93 5.40 -4.54
N ALA A 102 15.11 6.65 -4.86
CA ALA A 102 14.11 7.35 -5.71
C ALA A 102 13.76 6.52 -6.94
N ALA A 103 14.73 5.86 -7.50
CA ALA A 103 14.46 5.02 -8.71
C ALA A 103 13.50 3.87 -8.34
N GLU A 104 13.76 3.21 -7.25
CA GLU A 104 12.87 2.09 -6.84
C GLU A 104 11.44 2.61 -6.66
N LEU A 105 11.30 3.81 -6.18
CA LEU A 105 9.93 4.38 -5.99
C LEU A 105 9.22 4.47 -7.35
N ARG A 106 9.88 5.03 -8.33
CA ARG A 106 9.25 5.14 -9.67
C ARG A 106 8.76 3.76 -10.12
N HIS A 107 9.48 2.73 -9.79
CA HIS A 107 9.06 1.36 -10.19
C HIS A 107 7.74 1.00 -9.52
N VAL A 108 7.60 1.27 -8.25
CA VAL A 108 6.34 0.95 -7.55
C VAL A 108 5.28 2.02 -7.86
N MET A 109 5.71 3.20 -8.23
CA MET A 109 4.73 4.27 -8.54
C MET A 109 3.95 3.92 -9.81
N THR A 110 4.64 3.70 -10.90
CA THR A 110 3.94 3.34 -12.17
C THR A 110 3.15 2.04 -11.98
N ASN A 111 3.65 1.16 -11.15
CA ASN A 111 2.93 -0.12 -10.90
C ASN A 111 1.73 0.12 -9.98
N LEU A 112 1.58 1.32 -9.49
CA LEU A 112 0.43 1.61 -8.59
C LEU A 112 -0.56 2.55 -9.26
N GLY A 113 -0.09 3.58 -9.91
CA GLY A 113 -1.02 4.52 -10.60
C GLY A 113 -0.26 5.75 -11.10
N GLU A 114 0.25 6.56 -10.22
CA GLU A 114 0.97 7.80 -10.67
C GLU A 114 2.49 7.61 -10.54
N LYS A 115 3.24 8.50 -11.14
CA LYS A 115 4.73 8.41 -11.05
C LYS A 115 5.29 9.72 -10.51
N LEU A 116 4.45 10.49 -9.90
CA LEU A 116 4.89 11.79 -9.31
C LEU A 116 5.83 12.54 -10.27
N THR A 117 6.40 13.62 -9.80
CA THR A 117 7.33 14.41 -10.66
C THR A 117 8.75 13.88 -10.49
N ASP A 118 9.73 14.74 -10.56
CA ASP A 118 11.14 14.27 -10.41
C ASP A 118 11.76 14.85 -9.14
N GLU A 119 12.01 16.13 -9.11
CA GLU A 119 12.62 16.74 -7.90
C GLU A 119 11.75 16.42 -6.68
N GLU A 120 10.46 16.25 -6.87
CA GLU A 120 9.57 15.92 -5.74
C GLU A 120 9.84 14.48 -5.30
N VAL A 121 9.92 13.58 -6.25
CA VAL A 121 10.20 12.17 -5.91
C VAL A 121 11.48 12.07 -5.08
N ASP A 122 12.50 12.77 -5.47
CA ASP A 122 13.78 12.73 -4.70
C ASP A 122 13.52 13.25 -3.29
N GLU A 123 13.06 14.46 -3.17
CA GLU A 123 12.78 15.03 -1.82
C GLU A 123 11.96 14.02 -1.02
N MET A 124 11.03 13.35 -1.65
CA MET A 124 10.21 12.36 -0.93
C MET A 124 11.13 11.40 -0.16
N ILE A 125 12.04 10.77 -0.85
CA ILE A 125 12.96 9.83 -0.15
C ILE A 125 13.72 10.56 0.97
N ARG A 126 13.94 11.83 0.81
CA ARG A 126 14.66 12.61 1.87
C ARG A 126 13.84 12.67 3.15
N GLU A 127 12.63 13.13 3.06
CA GLU A 127 11.77 13.22 4.28
C GLU A 127 11.92 11.96 5.13
N ALA A 128 11.96 10.81 4.52
CA ALA A 128 12.11 9.55 5.30
C ALA A 128 13.59 9.33 5.66
N ASP A 129 14.48 9.84 4.87
CA ASP A 129 15.93 9.67 5.16
C ASP A 129 16.40 10.73 6.16
N ILE A 130 15.89 10.70 7.37
CA ILE A 130 16.31 11.70 8.38
C ILE A 130 17.84 11.85 8.34
N ASP A 131 18.54 10.77 8.17
CA ASP A 131 20.02 10.85 8.12
C ASP A 131 20.46 11.59 6.85
N GLY A 132 19.72 11.45 5.79
CA GLY A 132 20.11 12.15 4.53
C GLY A 132 21.24 11.38 3.85
N ASP A 133 20.96 10.19 3.39
CA ASP A 133 22.04 9.40 2.71
C ASP A 133 21.68 9.17 1.24
N GLY A 134 20.41 9.15 0.92
CA GLY A 134 20.00 8.94 -0.49
C GLY A 134 19.29 7.60 -0.62
N GLN A 135 18.87 7.04 0.49
CA GLN A 135 18.16 5.72 0.43
C GLN A 135 17.56 5.39 1.80
N VAL A 136 16.47 4.67 1.82
CA VAL A 136 15.84 4.31 3.12
C VAL A 136 15.98 2.82 3.38
N ASN A 137 16.06 2.42 4.63
CA ASN A 137 16.21 0.97 4.93
C ASN A 137 15.03 0.48 5.79
N TYR A 138 15.21 -0.59 6.51
CA TYR A 138 14.11 -1.13 7.35
C TYR A 138 13.86 -0.20 8.56
N GLU A 139 14.78 -0.13 9.47
CA GLU A 139 14.60 0.74 10.66
C GLU A 139 13.96 2.08 10.25
N GLU A 140 14.64 2.84 9.44
CA GLU A 140 14.06 4.15 9.00
C GLU A 140 12.60 3.97 8.59
N PHE A 141 12.35 3.15 7.61
CA PHE A 141 10.94 2.93 7.16
C PHE A 141 10.02 2.81 8.37
N VAL A 142 10.55 2.35 9.48
CA VAL A 142 9.73 2.21 10.70
C VAL A 142 9.96 3.38 11.67
N GLN A 143 11.16 3.91 11.70
CA GLN A 143 11.45 5.05 12.62
C GLN A 143 10.54 6.23 12.31
N MET A 144 9.96 6.26 11.15
CA MET A 144 9.07 7.41 10.79
C MET A 144 7.61 6.92 10.67
N MET A 145 7.41 5.67 10.39
CA MET A 145 6.03 5.14 10.25
C MET A 145 5.58 4.41 11.53
N THR A 146 6.48 4.17 12.44
CA THR A 146 6.09 3.43 13.68
C THR A 146 6.66 4.12 14.94
N ALA A 147 7.79 4.75 14.81
CA ALA A 147 8.39 5.42 16.01
C ALA A 147 7.67 6.74 16.30
N LYS A 148 6.37 6.69 16.44
CA LYS A 148 5.61 7.95 16.72
C LYS A 148 5.20 8.00 18.21
N VAL B 1 -0.32 -15.16 -0.15
CA VAL B 1 0.23 -16.09 0.88
C VAL B 1 1.77 -16.14 0.78
N LYS B 2 2.43 -16.55 1.83
CA LYS B 2 3.91 -16.63 1.80
C LYS B 2 4.53 -15.26 1.48
N LEU B 3 4.78 -14.97 0.24
CA LEU B 3 5.39 -13.65 -0.12
C LEU B 3 4.31 -12.64 -0.54
N ILE B 4 3.37 -13.07 -1.35
CA ILE B 4 2.30 -12.12 -1.82
C ILE B 4 1.84 -11.25 -0.64
N PRO B 5 1.60 -10.01 -0.92
CA PRO B 5 1.15 -9.04 0.12
C PRO B 5 -0.25 -9.39 0.61
N SER B 6 -0.72 -8.70 1.63
CA SER B 6 -2.08 -9.01 2.17
C SER B 6 -2.96 -7.75 2.23
N TRP B 7 -3.50 -7.34 1.12
CA TRP B 7 -4.39 -6.14 1.10
C TRP B 7 -3.71 -4.92 1.70
N THR B 8 -3.92 -4.68 2.98
CA THR B 8 -3.30 -3.48 3.63
C THR B 8 -1.90 -3.23 3.07
N THR B 9 -1.24 -4.26 2.65
CA THR B 9 0.12 -4.07 2.06
C THR B 9 0.03 -3.26 0.75
N VAL B 10 -0.83 -3.68 -0.16
CA VAL B 10 -0.96 -2.89 -1.44
C VAL B 10 -1.48 -1.50 -1.11
N ILE B 11 -2.24 -1.39 -0.05
CA ILE B 11 -2.77 -0.06 0.36
C ILE B 11 -1.64 0.77 0.94
N LEU B 12 -0.97 0.24 1.92
CA LEU B 12 0.16 0.99 2.55
C LEU B 12 1.01 1.67 1.48
N VAL B 13 1.58 0.91 0.58
CA VAL B 13 2.43 1.52 -0.48
C VAL B 13 1.64 2.58 -1.26
N LYS B 14 0.46 2.26 -1.72
CA LYS B 14 -0.35 3.26 -2.47
C LYS B 14 -0.53 4.51 -1.62
N SER B 15 -0.66 4.34 -0.33
CA SER B 15 -0.84 5.51 0.56
C SER B 15 0.48 6.26 0.72
N MET B 16 1.58 5.60 0.43
CA MET B 16 2.90 6.27 0.56
C MET B 16 3.11 7.24 -0.60
N LEU B 17 2.79 6.84 -1.79
CA LEU B 17 2.97 7.76 -2.96
C LEU B 17 2.29 9.11 -2.67
N ARG B 18 1.05 9.23 -3.06
CA ARG B 18 0.29 10.50 -2.82
C ARG B 18 0.97 11.68 -3.50
N LYS B 19 2.09 12.07 -3.02
CA LYS B 19 2.80 13.22 -3.62
C LYS B 19 4.15 13.43 -2.92
N ARG B 20 4.16 13.93 -1.72
CA ARG B 20 5.45 14.18 -1.01
C ARG B 20 5.36 13.68 0.44
N SER B 21 4.44 12.81 0.73
CA SER B 21 4.30 12.29 2.11
C SER B 21 5.05 10.96 2.26
N PHE B 22 5.87 10.84 3.26
CA PHE B 22 6.64 9.57 3.47
C PHE B 22 6.52 9.10 4.91
N GLY B 23 5.87 9.86 5.75
CA GLY B 23 5.71 9.45 7.17
C GLY B 23 4.46 8.59 7.34
N ASN B 24 3.47 8.78 6.51
CA ASN B 24 2.23 7.97 6.64
C ASN B 24 1.75 7.98 8.09
N PRO B 25 1.07 9.02 8.45
CA PRO B 25 0.55 9.16 9.84
C PRO B 25 -0.60 8.17 10.08
N PHE B 26 -1.39 7.91 9.08
CA PHE B 26 -2.53 6.97 9.27
C PHE B 26 -3.25 7.25 10.59
CA CA C . -15.47 -4.76 -10.04
CA CA D . -17.26 -9.57 1.09
CA CA E . 15.86 -1.53 -2.26
CA CA F . 19.11 5.88 5.11
N ALA A 1 -13.81 24.27 5.16
CA ALA A 1 -13.51 22.88 4.71
C ALA A 1 -13.72 21.90 5.88
N ASP A 2 -14.76 21.12 5.82
CA ASP A 2 -15.03 20.14 6.92
C ASP A 2 -16.30 19.34 6.61
N GLN A 3 -17.26 19.97 6.00
CA GLN A 3 -18.53 19.26 5.67
C GLN A 3 -18.23 17.96 4.93
N LEU A 4 -18.68 16.84 5.43
CA LEU A 4 -18.41 15.55 4.75
C LEU A 4 -16.91 15.25 4.79
N THR A 5 -16.54 14.11 5.30
CA THR A 5 -15.08 13.76 5.38
C THR A 5 -14.61 13.16 4.05
N GLU A 6 -13.96 13.95 3.24
CA GLU A 6 -13.47 13.41 1.93
C GLU A 6 -12.00 13.00 2.06
N GLU A 7 -11.19 13.82 2.67
CA GLU A 7 -9.74 13.48 2.82
C GLU A 7 -9.59 12.00 3.20
N GLN A 8 -9.98 11.64 4.39
CA GLN A 8 -9.86 10.21 4.82
C GLN A 8 -10.35 9.29 3.69
N ILE A 9 -11.61 9.38 3.35
CA ILE A 9 -12.15 8.53 2.26
C ILE A 9 -11.30 8.69 1.01
N ALA A 10 -10.67 9.83 0.85
CA ALA A 10 -9.82 10.05 -0.36
C ALA A 10 -8.73 8.97 -0.42
N GLU A 11 -7.86 8.95 0.55
CA GLU A 11 -6.79 7.91 0.55
C GLU A 11 -7.41 6.54 0.31
N PHE A 12 -8.51 6.26 0.96
CA PHE A 12 -9.18 4.93 0.75
C PHE A 12 -9.74 4.85 -0.66
N LYS A 13 -10.47 5.85 -1.08
CA LYS A 13 -11.05 5.84 -2.45
C LYS A 13 -9.93 5.66 -3.48
N GLU A 14 -8.84 6.37 -3.31
CA GLU A 14 -7.71 6.23 -4.27
C GLU A 14 -7.30 4.75 -4.38
N ALA A 15 -7.20 4.08 -3.26
CA ALA A 15 -6.80 2.65 -3.29
C ALA A 15 -7.94 1.80 -3.85
N PHE A 16 -9.12 1.97 -3.33
CA PHE A 16 -10.28 1.18 -3.83
C PHE A 16 -10.41 1.35 -5.35
N SER A 17 -10.36 2.56 -5.81
CA SER A 17 -10.47 2.80 -7.28
C SER A 17 -9.23 2.26 -7.99
N LEU A 18 -8.11 2.21 -7.31
CA LEU A 18 -6.87 1.68 -7.94
C LEU A 18 -7.07 0.23 -8.36
N PHE A 19 -7.77 -0.54 -7.56
CA PHE A 19 -8.00 -1.97 -7.90
C PHE A 19 -9.15 -2.09 -8.91
N ASP A 20 -10.08 -1.19 -8.86
CA ASP A 20 -11.23 -1.24 -9.82
C ASP A 20 -10.85 -0.56 -11.14
N LYS A 21 -10.22 -1.28 -12.03
CA LYS A 21 -9.83 -0.67 -13.34
C LYS A 21 -11.08 -0.49 -14.22
N ASP A 22 -11.96 -1.46 -14.21
CA ASP A 22 -13.20 -1.35 -15.04
C ASP A 22 -14.14 -0.30 -14.46
N GLY A 23 -14.15 -0.17 -13.17
CA GLY A 23 -15.05 0.85 -12.54
C GLY A 23 -16.42 0.24 -12.24
N ASP A 24 -16.47 -0.72 -11.35
CA ASP A 24 -17.77 -1.37 -11.01
C ASP A 24 -17.97 -1.37 -9.49
N GLY A 25 -17.09 -0.72 -8.76
CA GLY A 25 -17.23 -0.69 -7.28
C GLY A 25 -17.11 -2.11 -6.72
N THR A 26 -16.64 -3.03 -7.52
CA THR A 26 -16.49 -4.44 -7.03
C THR A 26 -15.14 -5.02 -7.51
N ILE A 27 -14.27 -5.32 -6.59
CA ILE A 27 -12.94 -5.88 -6.99
C ILE A 27 -13.02 -7.41 -7.08
N THR A 28 -12.68 -7.97 -8.22
CA THR A 28 -12.72 -9.45 -8.37
C THR A 28 -11.33 -10.05 -8.21
N THR A 29 -11.24 -11.35 -8.16
CA THR A 29 -9.90 -12.00 -8.00
C THR A 29 -8.97 -11.55 -9.13
N LYS A 30 -9.51 -11.25 -10.28
CA LYS A 30 -8.66 -10.81 -11.42
C LYS A 30 -8.03 -9.44 -11.10
N GLU A 31 -8.85 -8.45 -10.89
CA GLU A 31 -8.30 -7.09 -10.58
C GLU A 31 -7.30 -7.18 -9.42
N LEU A 32 -7.72 -7.73 -8.31
CA LEU A 32 -6.80 -7.85 -7.15
C LEU A 32 -5.58 -8.69 -7.54
N GLY A 33 -5.79 -9.71 -8.33
CA GLY A 33 -4.66 -10.57 -8.75
C GLY A 33 -3.77 -9.81 -9.73
N THR A 34 -4.37 -9.01 -10.58
CA THR A 34 -3.56 -8.23 -11.56
C THR A 34 -2.62 -7.28 -10.81
N VAL A 35 -3.15 -6.45 -9.96
CA VAL A 35 -2.27 -5.51 -9.20
C VAL A 35 -1.16 -6.29 -8.51
N MET A 36 -1.49 -7.37 -7.86
CA MET A 36 -0.44 -8.19 -7.18
C MET A 36 0.60 -8.65 -8.19
N ARG A 37 0.16 -9.06 -9.35
CA ARG A 37 1.12 -9.52 -10.39
C ARG A 37 2.09 -8.39 -10.75
N SER A 38 1.65 -7.16 -10.61
CA SER A 38 2.55 -6.01 -10.94
C SER A 38 3.43 -5.66 -9.72
N LEU A 39 2.82 -5.38 -8.60
CA LEU A 39 3.62 -5.03 -7.39
C LEU A 39 4.80 -5.99 -7.24
N GLY A 40 4.65 -7.20 -7.72
CA GLY A 40 5.77 -8.18 -7.62
C GLY A 40 5.33 -9.36 -6.74
N GLN A 41 4.19 -9.92 -7.01
CA GLN A 41 3.71 -11.08 -6.19
C GLN A 41 2.90 -12.05 -7.05
N ASN A 42 2.33 -13.05 -6.45
CA ASN A 42 1.51 -14.02 -7.23
C ASN A 42 0.60 -14.82 -6.30
N PRO A 43 -0.54 -14.23 -6.01
CA PRO A 43 -1.52 -14.88 -5.12
C PRO A 43 -2.21 -16.05 -5.85
N THR A 44 -1.79 -17.26 -5.59
CA THR A 44 -2.42 -18.42 -6.29
C THR A 44 -3.93 -18.44 -6.03
N GLU A 45 -4.68 -19.17 -6.82
CA GLU A 45 -6.16 -19.22 -6.63
C GLU A 45 -6.49 -19.36 -5.14
N ALA A 46 -6.12 -20.46 -4.54
CA ALA A 46 -6.41 -20.66 -3.08
C ALA A 46 -6.18 -19.35 -2.31
N GLU A 47 -5.03 -18.75 -2.48
CA GLU A 47 -4.75 -17.48 -1.77
C GLU A 47 -5.71 -16.38 -2.24
N LEU A 48 -5.74 -16.13 -3.51
CA LEU A 48 -6.65 -15.07 -4.04
C LEU A 48 -8.02 -15.18 -3.36
N GLN A 49 -8.52 -16.37 -3.19
CA GLN A 49 -9.84 -16.55 -2.54
C GLN A 49 -9.75 -16.14 -1.06
N ASP A 50 -8.69 -16.51 -0.41
CA ASP A 50 -8.53 -16.15 1.03
C ASP A 50 -8.31 -14.64 1.18
N MET A 51 -7.78 -14.01 0.18
CA MET A 51 -7.55 -12.53 0.27
C MET A 51 -8.83 -11.79 -0.09
N ILE A 52 -9.61 -12.32 -0.99
CA ILE A 52 -10.88 -11.65 -1.38
C ILE A 52 -11.96 -11.94 -0.34
N ASN A 53 -11.91 -13.09 0.29
CA ASN A 53 -12.95 -13.43 1.31
C ASN A 53 -12.65 -12.69 2.63
N GLU A 54 -11.48 -12.13 2.76
CA GLU A 54 -11.14 -11.40 4.00
C GLU A 54 -11.88 -10.06 4.04
N VAL A 55 -11.63 -9.20 3.09
CA VAL A 55 -12.33 -7.88 3.09
C VAL A 55 -13.81 -8.08 2.77
N ASP A 56 -14.15 -9.15 2.09
CA ASP A 56 -15.58 -9.40 1.76
C ASP A 56 -16.44 -9.26 3.01
N ALA A 57 -16.90 -8.08 3.27
CA ALA A 57 -17.75 -7.87 4.48
C ALA A 57 -19.12 -8.53 4.32
N ASP A 58 -19.92 -8.04 3.41
CA ASP A 58 -21.27 -8.63 3.21
C ASP A 58 -21.15 -10.12 2.86
N GLY A 59 -20.15 -10.49 2.12
CA GLY A 59 -19.98 -11.92 1.74
C GLY A 59 -20.67 -12.18 0.40
N ASN A 60 -20.46 -11.32 -0.56
CA ASN A 60 -21.12 -11.52 -1.89
C ASN A 60 -20.14 -12.21 -2.86
N GLY A 61 -18.88 -11.93 -2.74
CA GLY A 61 -17.88 -12.57 -3.65
C GLY A 61 -16.97 -11.49 -4.22
N THR A 62 -17.20 -10.25 -3.90
CA THR A 62 -16.33 -9.16 -4.43
C THR A 62 -16.10 -8.10 -3.35
N ILE A 63 -15.15 -7.24 -3.55
CA ILE A 63 -14.87 -6.17 -2.55
C ILE A 63 -15.75 -4.94 -2.82
N ASP A 64 -16.22 -4.30 -1.79
CA ASP A 64 -17.08 -3.10 -2.01
C ASP A 64 -16.60 -1.91 -1.16
N PHE A 65 -16.86 -0.71 -1.60
CA PHE A 65 -16.40 0.50 -0.86
C PHE A 65 -16.52 0.34 0.67
N PRO A 66 -17.70 -0.06 1.13
CA PRO A 66 -17.91 -0.23 2.60
C PRO A 66 -17.02 -1.33 3.18
N GLU A 67 -16.66 -2.30 2.38
CA GLU A 67 -15.79 -3.40 2.89
C GLU A 67 -14.37 -2.88 3.10
N PHE A 68 -13.89 -2.07 2.19
CA PHE A 68 -12.51 -1.53 2.32
C PHE A 68 -12.40 -0.65 3.57
N LEU A 69 -13.29 0.28 3.73
CA LEU A 69 -13.23 1.17 4.93
C LEU A 69 -13.34 0.34 6.21
N THR A 70 -14.14 -0.69 6.19
CA THR A 70 -14.29 -1.53 7.41
C THR A 70 -13.08 -2.47 7.57
N MET A 71 -12.30 -2.60 6.54
CA MET A 71 -11.10 -3.49 6.63
C MET A 71 -9.96 -2.77 7.36
N MET A 72 -9.54 -1.65 6.84
CA MET A 72 -8.44 -0.89 7.48
C MET A 72 -8.73 -0.63 8.97
N ALA A 73 -9.96 -0.79 9.39
CA ALA A 73 -10.28 -0.55 10.83
C ALA A 73 -10.15 -1.84 11.64
N ARG A 74 -10.68 -2.93 11.14
CA ARG A 74 -10.58 -4.22 11.89
C ARG A 74 -9.21 -4.87 11.67
N LYS A 75 -8.43 -4.37 10.77
CA LYS A 75 -7.08 -4.96 10.52
C LYS A 75 -6.05 -4.41 11.51
N MET A 76 -6.38 -3.33 12.17
CA MET A 76 -5.42 -2.75 13.16
C MET A 76 -5.79 -3.16 14.58
N LYS A 77 -5.79 -4.45 14.85
CA LYS A 77 -6.16 -4.93 16.21
C LYS A 77 -5.62 -6.34 16.44
N ASP A 78 -4.42 -6.46 16.96
CA ASP A 78 -3.85 -7.80 17.20
C ASP A 78 -3.72 -8.58 15.88
N THR A 79 -2.70 -8.28 15.12
CA THR A 79 -2.51 -9.01 13.82
C THR A 79 -1.14 -8.69 13.22
N ASP A 80 -0.80 -7.42 13.10
CA ASP A 80 0.52 -7.05 12.52
C ASP A 80 0.96 -5.68 13.02
N SER A 81 1.69 -5.63 14.11
CA SER A 81 2.15 -4.33 14.65
C SER A 81 3.27 -3.77 13.77
N GLU A 82 4.41 -4.39 13.79
CA GLU A 82 5.55 -3.91 12.95
C GLU A 82 5.66 -4.74 11.68
N GLU A 83 4.95 -5.84 11.61
CA GLU A 83 5.02 -6.69 10.38
C GLU A 83 4.42 -5.93 9.20
N GLU A 84 3.34 -5.24 9.42
CA GLU A 84 2.69 -4.47 8.31
C GLU A 84 3.72 -3.53 7.67
N ILE A 85 4.75 -3.17 8.40
CA ILE A 85 5.78 -2.26 7.83
C ILE A 85 6.74 -3.06 6.97
N ARG A 86 7.42 -4.01 7.54
CA ARG A 86 8.37 -4.84 6.74
C ARG A 86 7.73 -5.21 5.42
N GLU A 87 6.43 -5.34 5.39
CA GLU A 87 5.74 -5.67 4.11
C GLU A 87 5.77 -4.46 3.19
N ALA A 88 5.19 -3.36 3.61
CA ALA A 88 5.21 -2.14 2.76
C ALA A 88 6.64 -1.88 2.29
N PHE A 89 7.61 -2.28 3.08
CA PHE A 89 9.03 -2.06 2.68
C PHE A 89 9.39 -2.98 1.51
N ARG A 90 9.05 -4.24 1.62
CA ARG A 90 9.36 -5.19 0.51
C ARG A 90 8.83 -4.64 -0.81
N VAL A 91 7.71 -3.97 -0.77
CA VAL A 91 7.15 -3.40 -2.02
C VAL A 91 8.05 -2.27 -2.53
N PHE A 92 8.48 -1.41 -1.66
CA PHE A 92 9.37 -0.30 -2.10
C PHE A 92 10.64 -0.87 -2.74
N ASP A 93 11.13 -1.96 -2.23
CA ASP A 93 12.37 -2.57 -2.81
C ASP A 93 12.00 -3.72 -3.73
N LYS A 94 11.26 -3.44 -4.78
CA LYS A 94 10.86 -4.53 -5.72
C LYS A 94 12.06 -5.44 -6.00
N ASP A 95 13.24 -4.89 -6.00
CA ASP A 95 14.45 -5.73 -6.26
C ASP A 95 14.80 -6.53 -5.00
N GLY A 96 14.54 -5.99 -3.85
CA GLY A 96 14.85 -6.72 -2.59
C GLY A 96 16.36 -6.74 -2.37
N ASN A 97 17.00 -5.60 -2.43
CA ASN A 97 18.48 -5.57 -2.22
C ASN A 97 18.79 -5.17 -0.78
N GLY A 98 17.98 -4.33 -0.18
CA GLY A 98 18.23 -3.92 1.22
C GLY A 98 18.15 -2.39 1.34
N TYR A 99 17.87 -1.71 0.27
CA TYR A 99 17.77 -0.22 0.34
C TYR A 99 16.74 0.31 -0.67
N ILE A 100 16.10 1.39 -0.35
CA ILE A 100 15.08 1.95 -1.29
C ILE A 100 15.65 3.19 -2.00
N SER A 101 15.23 3.43 -3.21
CA SER A 101 15.75 4.62 -3.95
C SER A 101 14.60 5.28 -4.73
N ALA A 102 14.78 6.52 -5.11
CA ALA A 102 13.69 7.22 -5.87
C ALA A 102 13.28 6.38 -7.08
N ALA A 103 14.21 5.75 -7.73
CA ALA A 103 13.85 4.91 -8.91
C ALA A 103 12.95 3.75 -8.48
N GLU A 104 13.22 3.18 -7.33
CA GLU A 104 12.37 2.06 -6.85
C GLU A 104 10.95 2.54 -6.59
N LEU A 105 10.80 3.64 -5.91
CA LEU A 105 9.44 4.17 -5.65
C LEU A 105 8.73 4.42 -6.98
N ARG A 106 9.45 4.84 -7.98
CA ARG A 106 8.82 5.09 -9.30
C ARG A 106 8.16 3.80 -9.79
N HIS A 107 8.83 2.70 -9.62
CA HIS A 107 8.25 1.41 -10.07
C HIS A 107 6.98 1.12 -9.28
N VAL A 108 7.07 1.12 -7.98
CA VAL A 108 5.85 0.87 -7.15
C VAL A 108 4.73 1.79 -7.61
N MET A 109 5.05 3.01 -7.98
CA MET A 109 4.00 3.94 -8.44
C MET A 109 3.27 3.36 -9.65
N THR A 110 3.97 3.15 -10.73
CA THR A 110 3.33 2.57 -11.93
C THR A 110 2.73 1.21 -11.59
N ASN A 111 3.33 0.51 -10.67
CA ASN A 111 2.78 -0.82 -10.27
C ASN A 111 1.57 -0.62 -9.37
N LEU A 112 1.42 0.56 -8.82
CA LEU A 112 0.24 0.82 -7.93
C LEU A 112 -0.84 1.57 -8.70
N GLY A 113 -0.47 2.62 -9.41
CA GLY A 113 -1.50 3.37 -10.18
C GLY A 113 -1.12 4.86 -10.29
N GLU A 114 -0.39 5.39 -9.33
CA GLU A 114 -0.02 6.84 -9.40
C GLU A 114 1.47 7.01 -9.69
N LYS A 115 1.79 7.90 -10.59
CA LYS A 115 3.22 8.15 -10.93
C LYS A 115 3.57 9.60 -10.57
N LEU A 116 3.78 9.86 -9.31
CA LEU A 116 4.10 11.25 -8.87
C LEU A 116 5.05 11.93 -9.84
N THR A 117 5.15 13.22 -9.75
CA THR A 117 6.06 13.97 -10.65
C THR A 117 7.49 13.46 -10.48
N ASP A 118 8.46 14.31 -10.68
CA ASP A 118 9.87 13.86 -10.51
C ASP A 118 10.50 14.53 -9.29
N GLU A 119 10.75 15.80 -9.36
CA GLU A 119 11.35 16.50 -8.20
C GLU A 119 10.61 16.11 -6.93
N GLU A 120 9.31 16.00 -7.00
CA GLU A 120 8.53 15.60 -5.80
C GLU A 120 8.97 14.22 -5.36
N VAL A 121 8.91 13.26 -6.25
CA VAL A 121 9.33 11.88 -5.89
C VAL A 121 10.71 11.91 -5.24
N ASP A 122 11.63 12.63 -5.83
CA ASP A 122 13.00 12.71 -5.24
C ASP A 122 12.93 13.39 -3.88
N GLU A 123 12.29 14.53 -3.81
CA GLU A 123 12.18 15.24 -2.51
C GLU A 123 11.52 14.31 -1.48
N MET A 124 10.60 13.50 -1.92
CA MET A 124 9.91 12.56 -0.99
C MET A 124 10.95 11.68 -0.28
N ILE A 125 11.78 11.00 -1.03
CA ILE A 125 12.81 10.13 -0.39
C ILE A 125 13.70 10.96 0.55
N ARG A 126 14.09 12.13 0.11
CA ARG A 126 14.94 12.99 0.98
C ARG A 126 14.28 13.21 2.33
N GLU A 127 13.04 13.61 2.33
CA GLU A 127 12.32 13.84 3.62
C GLU A 127 12.51 12.63 4.55
N ALA A 128 12.50 11.45 4.01
CA ALA A 128 12.69 10.24 4.86
C ALA A 128 14.18 10.01 5.14
N ASP A 129 15.03 10.51 4.29
CA ASP A 129 16.49 10.33 4.51
C ASP A 129 16.95 11.11 5.74
N ILE A 130 16.63 10.63 6.91
CA ILE A 130 17.05 11.35 8.15
C ILE A 130 18.56 11.58 8.15
N ASP A 131 19.31 10.58 7.80
CA ASP A 131 20.79 10.74 7.77
C ASP A 131 21.22 11.51 6.52
N GLY A 132 20.56 11.28 5.42
CA GLY A 132 20.94 11.99 4.17
C GLY A 132 21.94 11.15 3.38
N ASP A 133 21.52 10.00 2.91
CA ASP A 133 22.44 9.13 2.13
C ASP A 133 22.00 9.07 0.67
N GLY A 134 20.73 9.20 0.41
CA GLY A 134 20.24 9.14 -0.99
C GLY A 134 19.26 7.96 -1.13
N GLN A 135 19.13 7.16 -0.11
CA GLN A 135 18.20 6.00 -0.18
C GLN A 135 17.54 5.77 1.17
N VAL A 136 16.54 4.92 1.23
CA VAL A 136 15.86 4.67 2.53
C VAL A 136 15.96 3.17 2.89
N ASN A 137 16.80 2.83 3.83
CA ASN A 137 16.94 1.40 4.22
C ASN A 137 15.80 0.99 5.16
N TYR A 138 15.64 -0.28 5.38
CA TYR A 138 14.54 -0.75 6.29
C TYR A 138 14.53 0.08 7.57
N GLU A 139 15.62 0.06 8.30
CA GLU A 139 15.67 0.85 9.56
C GLU A 139 15.08 2.25 9.33
N GLU A 140 15.39 2.85 8.22
CA GLU A 140 14.84 4.21 7.93
C GLU A 140 13.33 4.10 7.68
N PHE A 141 12.92 3.27 6.77
CA PHE A 141 11.46 3.12 6.50
C PHE A 141 10.71 3.01 7.82
N VAL A 142 11.36 2.55 8.85
CA VAL A 142 10.69 2.43 10.18
C VAL A 142 10.94 3.69 11.01
N GLN A 143 12.07 4.32 10.80
CA GLN A 143 12.38 5.57 11.58
C GLN A 143 11.29 6.62 11.33
N MET A 144 10.80 6.71 10.13
CA MET A 144 9.75 7.71 9.83
C MET A 144 8.47 7.37 10.62
N MET A 145 7.98 6.17 10.47
CA MET A 145 6.74 5.78 11.22
C MET A 145 7.03 5.71 12.71
N THR A 146 8.27 5.55 13.08
CA THR A 146 8.61 5.47 14.53
C THR A 146 10.13 5.56 14.72
N ALA A 147 10.65 6.74 14.89
CA ALA A 147 12.12 6.89 15.08
C ALA A 147 12.46 6.91 16.57
N LYS A 148 12.11 5.88 17.28
CA LYS A 148 12.41 5.83 18.74
C LYS A 148 13.60 4.90 19.01
N VAL B 1 1.14 -18.43 -2.56
CA VAL B 1 1.46 -19.53 -1.59
C VAL B 1 2.68 -19.16 -0.73
N LYS B 2 2.78 -17.93 -0.33
CA LYS B 2 3.94 -17.50 0.50
C LYS B 2 3.53 -16.33 1.42
N LEU B 3 4.24 -15.23 1.39
CA LEU B 3 3.88 -14.07 2.26
C LEU B 3 2.91 -13.13 1.53
N ILE B 4 3.38 -12.44 0.52
CA ILE B 4 2.49 -11.52 -0.24
C ILE B 4 1.87 -10.47 0.71
N PRO B 5 1.65 -9.28 0.19
CA PRO B 5 1.07 -8.19 1.00
C PRO B 5 -0.40 -8.46 1.34
N SER B 6 -0.75 -8.37 2.61
CA SER B 6 -2.16 -8.63 3.03
C SER B 6 -3.01 -7.36 2.91
N TRP B 7 -3.71 -7.21 1.82
CA TRP B 7 -4.59 -5.99 1.61
C TRP B 7 -3.98 -4.73 2.27
N THR B 8 -4.28 -4.51 3.53
CA THR B 8 -3.75 -3.30 4.24
C THR B 8 -2.35 -2.96 3.76
N THR B 9 -1.54 -3.94 3.53
CA THR B 9 -0.15 -3.67 3.05
C THR B 9 -0.20 -2.85 1.76
N VAL B 10 -1.09 -3.19 0.87
CA VAL B 10 -1.19 -2.44 -0.41
C VAL B 10 -1.73 -1.04 -0.13
N ILE B 11 -2.63 -0.91 0.80
CA ILE B 11 -3.19 0.44 1.13
C ILE B 11 -2.11 1.28 1.80
N LEU B 12 -1.10 0.65 2.32
CA LEU B 12 -0.01 1.41 2.99
C LEU B 12 0.87 2.08 1.92
N VAL B 13 1.41 1.28 1.04
CA VAL B 13 2.28 1.85 -0.03
C VAL B 13 1.49 2.80 -0.92
N LYS B 14 0.23 2.52 -1.15
CA LYS B 14 -0.58 3.41 -2.03
C LYS B 14 -0.83 4.76 -1.33
N SER B 15 -0.99 4.74 -0.04
CA SER B 15 -1.24 6.01 0.69
C SER B 15 0.04 6.85 0.73
N MET B 16 1.18 6.22 0.65
CA MET B 16 2.47 6.98 0.69
C MET B 16 2.72 7.68 -0.65
N LEU B 17 2.39 7.06 -1.76
CA LEU B 17 2.62 7.72 -3.08
C LEU B 17 2.03 9.12 -3.10
N ARG B 18 1.12 9.39 -2.21
CA ARG B 18 0.45 10.75 -2.13
C ARG B 18 1.29 11.85 -2.80
N LYS B 19 2.37 12.24 -2.20
CA LYS B 19 3.22 13.30 -2.80
C LYS B 19 4.68 13.16 -2.33
N ARG B 20 5.18 14.11 -1.60
CA ARG B 20 6.58 14.01 -1.10
C ARG B 20 6.60 13.56 0.36
N SER B 21 5.54 12.95 0.82
CA SER B 21 5.49 12.47 2.23
C SER B 21 5.29 10.95 2.27
N PHE B 22 5.92 10.29 3.21
CA PHE B 22 5.76 8.81 3.30
C PHE B 22 4.56 8.46 4.20
N GLY B 23 4.62 8.79 5.46
CA GLY B 23 3.48 8.47 6.37
C GLY B 23 4.01 8.04 7.75
N ASN B 24 3.85 8.87 8.74
CA ASN B 24 4.37 8.50 10.09
C ASN B 24 3.25 7.98 11.02
N PRO B 25 2.09 8.61 10.98
CA PRO B 25 0.98 8.18 11.85
C PRO B 25 0.23 7.00 11.24
N PHE B 26 0.78 6.41 10.20
CA PHE B 26 0.09 5.24 9.57
C PHE B 26 0.56 3.94 10.21
CA CA C . -14.30 -4.40 -10.97
CA CA D . -17.63 -8.75 -0.09
CA CA E . 16.80 -1.37 -3.92
CA CA F . 19.05 6.70 4.34
N ALA A 1 -13.94 18.32 13.89
CA ALA A 1 -12.47 18.29 14.16
C ALA A 1 -11.93 16.87 14.01
N ASP A 2 -12.27 15.99 14.92
CA ASP A 2 -11.76 14.59 14.82
C ASP A 2 -12.93 13.63 14.56
N GLN A 3 -14.14 14.10 14.69
CA GLN A 3 -15.31 13.22 14.45
C GLN A 3 -15.48 12.97 12.94
N LEU A 4 -15.04 11.84 12.46
CA LEU A 4 -15.18 11.56 11.01
C LEU A 4 -14.34 12.53 10.19
N THR A 5 -13.16 12.15 9.80
CA THR A 5 -12.30 13.06 8.99
C THR A 5 -12.36 12.68 7.51
N GLU A 6 -12.63 13.62 6.65
CA GLU A 6 -12.70 13.31 5.19
C GLU A 6 -11.34 12.84 4.68
N GLU A 7 -10.29 13.45 5.15
CA GLU A 7 -8.92 13.04 4.68
C GLU A 7 -8.79 11.52 4.74
N GLN A 8 -9.08 10.93 5.88
CA GLN A 8 -8.96 9.44 5.99
C GLN A 8 -9.90 8.76 4.99
N ILE A 9 -11.10 9.23 4.86
CA ILE A 9 -12.05 8.61 3.90
C ILE A 9 -11.49 8.69 2.48
N ALA A 10 -11.03 9.85 2.09
CA ALA A 10 -10.46 9.99 0.72
C ALA A 10 -9.36 8.94 0.50
N GLU A 11 -8.60 8.65 1.52
CA GLU A 11 -7.51 7.63 1.36
C GLU A 11 -8.13 6.28 0.99
N PHE A 12 -9.08 5.82 1.76
CA PHE A 12 -9.72 4.51 1.44
C PHE A 12 -10.38 4.58 0.06
N LYS A 13 -11.05 5.67 -0.22
CA LYS A 13 -11.70 5.81 -1.57
C LYS A 13 -10.65 5.73 -2.67
N GLU A 14 -9.49 6.27 -2.42
CA GLU A 14 -8.41 6.23 -3.45
C GLU A 14 -7.98 4.78 -3.69
N ALA A 15 -7.85 4.01 -2.63
CA ALA A 15 -7.44 2.59 -2.80
C ALA A 15 -8.55 1.80 -3.50
N PHE A 16 -9.76 1.99 -3.10
CA PHE A 16 -10.89 1.26 -3.75
C PHE A 16 -10.95 1.64 -5.23
N SER A 17 -10.56 2.82 -5.56
CA SER A 17 -10.58 3.25 -6.99
C SER A 17 -9.32 2.76 -7.71
N LEU A 18 -8.28 2.50 -6.97
CA LEU A 18 -7.01 2.02 -7.59
C LEU A 18 -7.19 0.58 -8.08
N PHE A 19 -7.93 -0.21 -7.36
CA PHE A 19 -8.15 -1.63 -7.78
C PHE A 19 -9.28 -1.70 -8.81
N ASP A 20 -10.35 -1.04 -8.56
CA ASP A 20 -11.50 -1.06 -9.52
C ASP A 20 -11.15 -0.24 -10.77
N LYS A 21 -10.79 -0.88 -11.84
CA LYS A 21 -10.45 -0.14 -13.09
C LYS A 21 -11.72 0.31 -13.80
N ASP A 22 -12.63 -0.59 -14.04
CA ASP A 22 -13.89 -0.21 -14.73
C ASP A 22 -14.57 0.94 -14.00
N GLY A 23 -14.74 0.82 -12.71
CA GLY A 23 -15.40 1.91 -11.94
C GLY A 23 -16.80 1.46 -11.50
N ASP A 24 -17.02 0.18 -11.42
CA ASP A 24 -18.36 -0.32 -11.01
C ASP A 24 -18.49 -0.24 -9.48
N GLY A 25 -17.39 -0.22 -8.79
CA GLY A 25 -17.45 -0.16 -7.29
C GLY A 25 -17.31 -1.56 -6.71
N THR A 26 -16.54 -2.41 -7.36
CA THR A 26 -16.37 -3.79 -6.85
C THR A 26 -15.02 -4.37 -7.31
N ILE A 27 -14.28 -4.94 -6.41
CA ILE A 27 -12.96 -5.52 -6.79
C ILE A 27 -13.08 -7.04 -6.96
N THR A 28 -12.94 -7.52 -8.17
CA THR A 28 -13.03 -8.99 -8.39
C THR A 28 -11.64 -9.61 -8.45
N THR A 29 -11.53 -10.89 -8.19
CA THR A 29 -10.20 -11.55 -8.23
C THR A 29 -9.44 -11.10 -9.48
N LYS A 30 -10.15 -10.74 -10.52
CA LYS A 30 -9.47 -10.29 -11.77
C LYS A 30 -8.82 -8.92 -11.54
N GLU A 31 -9.57 -7.95 -11.11
CA GLU A 31 -8.98 -6.60 -10.87
C GLU A 31 -7.82 -6.69 -9.87
N LEU A 32 -8.07 -7.23 -8.71
CA LEU A 32 -6.98 -7.35 -7.70
C LEU A 32 -5.82 -8.16 -8.29
N GLY A 33 -6.11 -9.29 -8.88
CA GLY A 33 -5.03 -10.12 -9.47
C GLY A 33 -4.18 -9.26 -10.40
N THR A 34 -4.79 -8.38 -11.15
CA THR A 34 -4.02 -7.51 -12.08
C THR A 34 -3.01 -6.68 -11.29
N VAL A 35 -3.48 -5.87 -10.39
CA VAL A 35 -2.55 -5.03 -9.58
C VAL A 35 -1.39 -5.90 -9.09
N MET A 36 -1.70 -6.97 -8.40
CA MET A 36 -0.62 -7.86 -7.89
C MET A 36 0.24 -8.36 -9.06
N ARG A 37 -0.33 -8.42 -10.23
CA ARG A 37 0.44 -8.88 -11.41
C ARG A 37 1.41 -7.81 -11.87
N SER A 38 1.18 -6.58 -11.48
CA SER A 38 2.10 -5.48 -11.90
C SER A 38 3.14 -5.18 -10.80
N LEU A 39 2.75 -5.25 -9.55
CA LEU A 39 3.73 -4.98 -8.47
C LEU A 39 5.04 -5.72 -8.73
N GLY A 40 4.97 -6.84 -9.41
CA GLY A 40 6.22 -7.60 -9.71
C GLY A 40 6.07 -9.05 -9.22
N GLN A 41 5.09 -9.76 -9.69
CA GLN A 41 4.91 -11.18 -9.24
C GLN A 41 3.56 -11.73 -9.73
N ASN A 42 3.22 -12.93 -9.33
CA ASN A 42 1.92 -13.52 -9.78
C ASN A 42 1.36 -14.45 -8.70
N PRO A 43 0.39 -13.94 -7.98
CA PRO A 43 -0.25 -14.73 -6.91
C PRO A 43 -1.15 -15.81 -7.50
N THR A 44 -1.08 -17.02 -6.98
CA THR A 44 -1.94 -18.11 -7.51
C THR A 44 -3.40 -17.89 -7.12
N GLU A 45 -4.21 -18.92 -7.19
CA GLU A 45 -5.65 -18.76 -6.81
C GLU A 45 -5.81 -18.92 -5.30
N ALA A 46 -5.37 -20.01 -4.75
CA ALA A 46 -5.50 -20.21 -3.28
C ALA A 46 -5.08 -18.94 -2.54
N GLU A 47 -3.91 -18.42 -2.85
CA GLU A 47 -3.46 -17.18 -2.15
C GLU A 47 -4.42 -16.03 -2.43
N LEU A 48 -4.71 -15.78 -3.68
CA LEU A 48 -5.65 -14.67 -4.02
C LEU A 48 -6.98 -14.87 -3.29
N GLN A 49 -7.53 -16.05 -3.36
CA GLN A 49 -8.83 -16.31 -2.67
C GLN A 49 -8.67 -16.12 -1.16
N ASP A 50 -7.51 -16.43 -0.64
CA ASP A 50 -7.28 -16.27 0.83
C ASP A 50 -7.23 -14.78 1.19
N MET A 51 -6.75 -13.97 0.30
CA MET A 51 -6.67 -12.50 0.58
C MET A 51 -8.04 -11.85 0.41
N ILE A 52 -8.75 -12.19 -0.63
CA ILE A 52 -10.09 -11.58 -0.84
C ILE A 52 -11.09 -12.13 0.20
N ASN A 53 -10.92 -13.36 0.58
CA ASN A 53 -11.85 -13.97 1.59
C ASN A 53 -11.80 -13.20 2.91
N GLU A 54 -10.71 -12.54 3.19
CA GLU A 54 -10.61 -11.78 4.47
C GLU A 54 -11.38 -10.46 4.37
N VAL A 55 -11.18 -9.72 3.30
CA VAL A 55 -11.90 -8.42 3.15
C VAL A 55 -13.38 -8.66 2.88
N ASP A 56 -13.69 -9.65 2.07
CA ASP A 56 -15.12 -9.94 1.76
C ASP A 56 -15.84 -10.37 3.04
N ALA A 57 -16.07 -9.44 3.94
CA ALA A 57 -16.77 -9.79 5.22
C ALA A 57 -17.88 -10.81 4.97
N ASP A 58 -18.87 -10.44 4.20
CA ASP A 58 -19.99 -11.39 3.92
C ASP A 58 -19.44 -12.68 3.31
N GLY A 59 -18.46 -12.56 2.45
CA GLY A 59 -17.87 -13.78 1.82
C GLY A 59 -18.66 -14.14 0.56
N ASN A 60 -18.91 -13.19 -0.30
CA ASN A 60 -19.68 -13.49 -1.53
C ASN A 60 -18.73 -13.69 -2.72
N GLY A 61 -17.70 -12.88 -2.80
CA GLY A 61 -16.72 -13.03 -3.94
C GLY A 61 -16.40 -11.67 -4.57
N THR A 62 -16.61 -10.60 -3.86
CA THR A 62 -16.30 -9.26 -4.45
C THR A 62 -16.09 -8.22 -3.34
N ILE A 63 -15.21 -7.28 -3.55
CA ILE A 63 -14.96 -6.23 -2.52
C ILE A 63 -15.90 -5.05 -2.73
N ASP A 64 -16.35 -4.43 -1.67
CA ASP A 64 -17.28 -3.27 -1.84
C ASP A 64 -16.69 -2.00 -1.22
N PHE A 65 -16.97 -0.86 -1.79
CA PHE A 65 -16.43 0.42 -1.24
C PHE A 65 -16.53 0.46 0.29
N PRO A 66 -17.70 0.15 0.82
CA PRO A 66 -17.88 0.17 2.29
C PRO A 66 -17.09 -0.98 2.95
N GLU A 67 -16.95 -2.08 2.27
CA GLU A 67 -16.19 -3.22 2.85
C GLU A 67 -14.71 -2.82 3.02
N PHE A 68 -14.22 -1.97 2.16
CA PHE A 68 -12.79 -1.54 2.27
C PHE A 68 -12.62 -0.54 3.41
N LEU A 69 -13.43 0.49 3.43
CA LEU A 69 -13.32 1.51 4.51
C LEU A 69 -13.40 0.84 5.89
N THR A 70 -14.13 -0.23 5.99
CA THR A 70 -14.25 -0.94 7.30
C THR A 70 -13.00 -1.78 7.58
N MET A 71 -12.46 -2.41 6.56
CA MET A 71 -11.25 -3.26 6.78
C MET A 71 -10.06 -2.39 7.22
N MET A 72 -9.58 -1.53 6.35
CA MET A 72 -8.42 -0.67 6.72
C MET A 72 -8.67 0.04 8.05
N ALA A 73 -9.91 0.13 8.47
CA ALA A 73 -10.22 0.82 9.75
C ALA A 73 -9.95 -0.11 10.94
N ARG A 74 -10.09 -1.40 10.75
CA ARG A 74 -9.85 -2.36 11.87
C ARG A 74 -8.39 -2.85 11.84
N LYS A 75 -7.72 -2.66 10.75
CA LYS A 75 -6.31 -3.12 10.65
C LYS A 75 -5.34 -1.95 10.86
N MET A 76 -5.63 -1.08 11.79
CA MET A 76 -4.73 0.07 12.03
C MET A 76 -3.84 -0.19 13.25
N LYS A 77 -4.36 -0.85 14.25
CA LYS A 77 -3.54 -1.14 15.46
C LYS A 77 -4.09 -2.36 16.19
N ASP A 78 -4.30 -3.44 15.49
CA ASP A 78 -4.84 -4.66 16.15
C ASP A 78 -3.86 -5.83 15.98
N THR A 79 -4.00 -6.58 14.93
CA THR A 79 -3.07 -7.74 14.72
C THR A 79 -1.88 -7.31 13.86
N ASP A 80 -2.00 -6.21 13.16
CA ASP A 80 -0.88 -5.75 12.30
C ASP A 80 -0.45 -4.33 12.68
N SER A 81 0.62 -4.20 13.42
CA SER A 81 1.10 -2.85 13.81
C SER A 81 2.45 -2.57 13.15
N GLU A 82 3.43 -3.39 13.43
CA GLU A 82 4.77 -3.18 12.81
C GLU A 82 4.95 -4.14 11.63
N GLU A 83 4.06 -5.08 11.47
CA GLU A 83 4.18 -6.03 10.34
C GLU A 83 3.77 -5.35 9.03
N GLU A 84 2.67 -4.65 9.03
CA GLU A 84 2.22 -3.95 7.79
C GLU A 84 3.33 -3.03 7.27
N ILE A 85 4.22 -2.61 8.13
CA ILE A 85 5.32 -1.71 7.67
C ILE A 85 6.45 -2.56 7.10
N ARG A 86 6.82 -3.60 7.79
CA ARG A 86 7.90 -4.48 7.29
C ARG A 86 7.52 -5.01 5.91
N GLU A 87 6.25 -5.26 5.70
CA GLU A 87 5.80 -5.76 4.37
C GLU A 87 5.89 -4.63 3.35
N ALA A 88 5.36 -3.48 3.68
CA ALA A 88 5.43 -2.33 2.74
C ALA A 88 6.88 -2.06 2.39
N PHE A 89 7.78 -2.25 3.32
CA PHE A 89 9.21 -2.03 3.03
C PHE A 89 9.70 -3.11 2.08
N ARG A 90 9.24 -4.32 2.27
CA ARG A 90 9.65 -5.43 1.38
C ARG A 90 9.25 -5.09 -0.06
N VAL A 91 8.19 -4.34 -0.21
CA VAL A 91 7.74 -3.95 -1.58
C VAL A 91 8.72 -2.95 -2.18
N PHE A 92 9.05 -1.91 -1.46
CA PHE A 92 10.01 -0.91 -1.99
C PHE A 92 11.37 -1.55 -2.23
N ASP A 93 11.78 -2.44 -1.36
CA ASP A 93 13.10 -3.11 -1.56
C ASP A 93 12.92 -4.39 -2.38
N LYS A 94 12.35 -4.29 -3.55
CA LYS A 94 12.14 -5.50 -4.39
C LYS A 94 13.48 -6.21 -4.62
N ASP A 95 14.48 -5.47 -5.03
CA ASP A 95 15.82 -6.10 -5.27
C ASP A 95 16.32 -6.80 -4.01
N GLY A 96 16.02 -6.27 -2.85
CA GLY A 96 16.48 -6.91 -1.59
C GLY A 96 17.98 -6.66 -1.41
N ASN A 97 18.41 -5.44 -1.55
CA ASN A 97 19.86 -5.14 -1.39
C ASN A 97 20.13 -4.59 0.02
N GLY A 98 19.13 -4.06 0.67
CA GLY A 98 19.33 -3.52 2.04
C GLY A 98 19.14 -1.99 2.01
N TYR A 99 18.71 -1.46 0.90
CA TYR A 99 18.50 0.02 0.82
C TYR A 99 17.52 0.34 -0.31
N ILE A 100 16.58 1.20 -0.06
CA ILE A 100 15.59 1.54 -1.13
C ILE A 100 16.15 2.63 -2.06
N SER A 101 15.67 2.70 -3.26
CA SER A 101 16.16 3.74 -4.21
C SER A 101 14.99 4.31 -5.02
N ALA A 102 14.97 5.59 -5.26
CA ALA A 102 13.85 6.21 -6.03
C ALA A 102 13.45 5.31 -7.20
N ALA A 103 14.38 4.54 -7.69
CA ALA A 103 14.05 3.64 -8.83
C ALA A 103 13.05 2.58 -8.38
N GLU A 104 13.37 1.84 -7.34
CA GLU A 104 12.43 0.80 -6.84
C GLU A 104 11.08 1.43 -6.54
N LEU A 105 11.06 2.56 -5.90
CA LEU A 105 9.76 3.21 -5.58
C LEU A 105 8.98 3.46 -6.87
N ARG A 106 9.64 3.96 -7.89
CA ARG A 106 8.92 4.21 -9.18
C ARG A 106 8.27 2.91 -9.63
N HIS A 107 8.94 1.81 -9.45
CA HIS A 107 8.37 0.50 -9.86
C HIS A 107 7.10 0.23 -9.08
N VAL A 108 7.03 0.69 -7.85
CA VAL A 108 5.81 0.46 -7.02
C VAL A 108 4.72 1.47 -7.37
N MET A 109 5.04 2.75 -7.36
CA MET A 109 4.00 3.77 -7.68
C MET A 109 3.44 3.53 -9.08
N THR A 110 4.26 3.15 -10.01
CA THR A 110 3.77 2.90 -11.39
C THR A 110 2.93 1.63 -11.43
N ASN A 111 3.34 0.61 -10.72
CA ASN A 111 2.56 -0.65 -10.70
C ASN A 111 1.38 -0.51 -9.73
N LEU A 112 1.29 0.60 -9.03
CA LEU A 112 0.17 0.80 -8.08
C LEU A 112 -0.92 1.64 -8.72
N GLY A 113 -0.55 2.53 -9.62
CA GLY A 113 -1.58 3.38 -10.29
C GLY A 113 -1.00 4.78 -10.54
N GLU A 114 -0.50 5.41 -9.52
CA GLU A 114 0.08 6.77 -9.69
C GLU A 114 1.60 6.73 -9.59
N LYS A 115 2.28 7.52 -10.37
CA LYS A 115 3.77 7.52 -10.31
C LYS A 115 4.27 8.92 -9.95
N LEU A 116 3.41 9.71 -9.39
CA LEU A 116 3.79 11.10 -8.99
C LEU A 116 4.71 11.73 -10.05
N THR A 117 5.36 12.80 -9.69
CA THR A 117 6.28 13.47 -10.65
C THR A 117 7.72 13.07 -10.35
N ASP A 118 8.68 13.66 -11.00
CA ASP A 118 10.09 13.30 -10.72
C ASP A 118 10.61 14.09 -9.51
N GLU A 119 10.41 15.37 -9.50
CA GLU A 119 10.89 16.18 -8.34
C GLU A 119 10.10 15.77 -7.10
N GLU A 120 8.87 15.40 -7.26
CA GLU A 120 8.07 14.98 -6.08
C GLU A 120 8.61 13.65 -5.54
N VAL A 121 8.78 12.68 -6.40
CA VAL A 121 9.31 11.37 -5.96
C VAL A 121 10.71 11.57 -5.35
N ASP A 122 11.53 12.37 -5.98
CA ASP A 122 12.90 12.61 -5.44
C ASP A 122 12.80 13.34 -4.11
N GLU A 123 12.06 14.40 -4.06
CA GLU A 123 11.90 15.15 -2.78
C GLU A 123 11.39 14.20 -1.70
N MET A 124 10.72 13.15 -2.10
CA MET A 124 10.18 12.16 -1.11
C MET A 124 11.35 11.44 -0.44
N ILE A 125 12.18 10.79 -1.22
CA ILE A 125 13.34 10.07 -0.62
C ILE A 125 14.29 11.06 0.06
N ARG A 126 14.27 12.29 -0.37
CA ARG A 126 15.18 13.31 0.25
C ARG A 126 14.63 13.73 1.61
N GLU A 127 13.38 14.10 1.66
CA GLU A 127 12.78 14.53 2.96
C GLU A 127 12.76 13.35 3.93
N ALA A 128 12.99 12.16 3.44
CA ALA A 128 12.99 10.96 4.34
C ALA A 128 14.41 10.60 4.75
N ASP A 129 15.36 10.80 3.88
CA ASP A 129 16.77 10.47 4.22
C ASP A 129 17.19 11.17 5.51
N ILE A 130 16.91 10.59 6.65
CA ILE A 130 17.27 11.23 7.94
C ILE A 130 18.79 11.16 8.15
N ASP A 131 19.43 10.16 7.60
CA ASP A 131 20.90 10.03 7.78
C ASP A 131 21.65 10.63 6.58
N GLY A 132 21.03 10.64 5.43
CA GLY A 132 21.70 11.22 4.23
C GLY A 132 22.64 10.18 3.62
N ASP A 133 22.11 9.21 2.93
CA ASP A 133 22.98 8.17 2.32
C ASP A 133 22.65 8.01 0.82
N GLY A 134 21.50 8.47 0.40
CA GLY A 134 21.12 8.33 -1.04
C GLY A 134 20.11 7.20 -1.19
N GLN A 135 19.59 6.70 -0.10
CA GLN A 135 18.60 5.60 -0.18
C GLN A 135 17.96 5.39 1.20
N VAL A 136 16.93 4.60 1.29
CA VAL A 136 16.28 4.38 2.62
C VAL A 136 16.43 2.92 3.07
N ASN A 137 16.44 2.70 4.36
CA ASN A 137 16.58 1.31 4.88
C ASN A 137 15.31 0.93 5.66
N TYR A 138 15.33 -0.17 6.36
CA TYR A 138 14.12 -0.57 7.14
C TYR A 138 13.88 0.42 8.29
N GLU A 139 14.88 0.66 9.10
CA GLU A 139 14.71 1.60 10.24
C GLU A 139 14.01 2.89 9.76
N GLU A 140 14.68 3.66 8.94
CA GLU A 140 14.04 4.92 8.43
C GLU A 140 12.59 4.65 8.03
N PHE A 141 12.38 3.74 7.11
CA PHE A 141 10.99 3.43 6.69
C PHE A 141 10.09 3.31 7.92
N VAL A 142 10.65 2.98 9.05
CA VAL A 142 9.83 2.85 10.29
C VAL A 142 9.93 4.11 11.14
N GLN A 143 11.05 4.79 11.10
CA GLN A 143 11.21 6.02 11.93
C GLN A 143 10.24 7.12 11.45
N MET A 144 10.08 7.26 10.17
CA MET A 144 9.16 8.31 9.64
C MET A 144 7.70 7.92 9.89
N MET A 145 7.39 6.66 9.79
CA MET A 145 5.98 6.22 10.01
C MET A 145 5.74 5.98 11.51
N THR A 146 6.77 5.69 12.24
CA THR A 146 6.59 5.44 13.71
C THR A 146 7.95 5.36 14.40
N ALA A 147 8.41 6.44 14.96
CA ALA A 147 9.74 6.40 15.65
C ALA A 147 9.56 6.11 17.14
N LYS A 148 8.82 5.08 17.47
CA LYS A 148 8.61 4.74 18.91
C LYS A 148 8.80 3.23 19.13
N VAL B 1 8.97 -19.27 -0.47
CA VAL B 1 8.00 -20.09 0.34
C VAL B 1 6.66 -19.36 0.44
N LYS B 2 5.98 -19.18 -0.65
CA LYS B 2 4.67 -18.49 -0.61
C LYS B 2 4.81 -17.12 0.06
N LEU B 3 4.82 -16.07 -0.70
CA LEU B 3 4.96 -14.72 -0.10
C LEU B 3 3.79 -13.82 -0.50
N ILE B 4 3.93 -13.12 -1.60
CA ILE B 4 2.82 -12.24 -2.07
C ILE B 4 2.41 -11.23 -0.96
N PRO B 5 2.24 -9.99 -1.37
CA PRO B 5 1.85 -8.93 -0.42
C PRO B 5 0.41 -9.13 0.06
N SER B 6 0.17 -8.92 1.33
CA SER B 6 -1.22 -9.10 1.87
C SER B 6 -2.12 -7.96 1.40
N TRP B 7 -3.21 -7.75 2.11
CA TRP B 7 -4.16 -6.67 1.73
C TRP B 7 -3.68 -5.33 2.28
N THR B 8 -3.98 -5.06 3.52
CA THR B 8 -3.56 -3.77 4.14
C THR B 8 -2.16 -3.38 3.68
N THR B 9 -1.31 -4.34 3.49
CA THR B 9 0.08 -4.02 3.03
C THR B 9 -0.01 -3.31 1.68
N VAL B 10 -0.67 -3.89 0.73
CA VAL B 10 -0.80 -3.24 -0.60
C VAL B 10 -1.27 -1.79 -0.40
N ILE B 11 -2.21 -1.60 0.49
CA ILE B 11 -2.72 -0.22 0.76
C ILE B 11 -1.60 0.66 1.28
N LEU B 12 -1.01 0.29 2.38
CA LEU B 12 0.09 1.11 2.97
C LEU B 12 1.02 1.64 1.86
N VAL B 13 1.49 0.80 0.99
CA VAL B 13 2.40 1.27 -0.09
C VAL B 13 1.74 2.38 -0.91
N LYS B 14 0.55 2.17 -1.39
CA LYS B 14 -0.12 3.23 -2.18
C LYS B 14 -0.19 4.52 -1.37
N SER B 15 -0.67 4.42 -0.16
CA SER B 15 -0.74 5.64 0.70
C SER B 15 0.67 6.09 1.06
N MET B 16 1.68 5.31 0.70
CA MET B 16 3.07 5.69 1.03
C MET B 16 3.60 6.72 0.03
N LEU B 17 3.39 6.52 -1.25
CA LEU B 17 3.89 7.54 -2.24
C LEU B 17 2.77 8.46 -2.67
N ARG B 18 1.85 8.73 -1.80
CA ARG B 18 0.72 9.63 -2.15
C ARG B 18 1.26 10.86 -2.88
N LYS B 19 2.14 11.61 -2.26
CA LYS B 19 2.70 12.81 -2.93
C LYS B 19 4.18 13.00 -2.54
N ARG B 20 4.52 14.09 -1.89
CA ARG B 20 5.94 14.31 -1.49
C ARG B 20 6.14 13.88 -0.04
N SER B 21 5.32 12.99 0.45
CA SER B 21 5.45 12.55 1.86
C SER B 21 5.89 11.09 1.94
N PHE B 22 6.55 10.71 3.00
CA PHE B 22 7.00 9.29 3.13
C PHE B 22 6.48 8.69 4.42
N GLY B 23 6.21 9.50 5.40
CA GLY B 23 5.69 8.96 6.70
C GLY B 23 4.18 9.10 6.74
N ASN B 24 3.47 8.01 6.67
CA ASN B 24 1.99 8.08 6.70
C ASN B 24 1.51 8.19 8.16
N PRO B 25 0.33 8.74 8.32
CA PRO B 25 -0.24 8.91 9.68
C PRO B 25 -0.72 7.56 10.23
N PHE B 26 -1.75 7.01 9.65
CA PHE B 26 -2.26 5.70 10.14
C PHE B 26 -2.33 5.68 11.68
CA CA C . -14.57 -3.45 -10.84
CA CA D . -17.51 -8.97 -0.04
CA CA E . 16.01 -1.90 -2.19
CA CA F . 18.38 7.11 4.40
N ALA A 1 -23.40 15.64 11.86
CA ALA A 1 -21.96 15.71 11.48
C ALA A 1 -21.32 14.33 11.62
N ASP A 2 -21.27 13.56 10.56
CA ASP A 2 -20.65 12.21 10.64
C ASP A 2 -19.39 12.16 9.78
N GLN A 3 -19.42 12.76 8.62
CA GLN A 3 -18.21 12.73 7.74
C GLN A 3 -16.94 12.99 8.57
N LEU A 4 -16.15 11.98 8.78
CA LEU A 4 -14.91 12.17 9.58
C LEU A 4 -13.69 12.25 8.66
N THR A 5 -12.82 13.20 8.87
CA THR A 5 -11.62 13.34 8.01
C THR A 5 -11.97 13.16 6.53
N GLU A 6 -12.12 14.25 5.82
CA GLU A 6 -12.46 14.16 4.37
C GLU A 6 -11.20 13.91 3.55
N GLU A 7 -10.12 14.54 3.90
CA GLU A 7 -8.85 14.34 3.14
C GLU A 7 -8.46 12.85 3.15
N GLN A 8 -8.30 12.28 4.32
CA GLN A 8 -7.94 10.84 4.39
C GLN A 8 -8.88 10.02 3.50
N ILE A 9 -10.15 10.29 3.56
CA ILE A 9 -11.11 9.53 2.71
C ILE A 9 -10.63 9.54 1.27
N ALA A 10 -10.28 10.68 0.75
CA ALA A 10 -9.79 10.75 -0.65
C ALA A 10 -8.66 9.74 -0.84
N GLU A 11 -7.70 9.73 0.04
CA GLU A 11 -6.57 8.76 -0.10
C GLU A 11 -7.14 7.34 -0.19
N PHE A 12 -7.97 6.96 0.75
CA PHE A 12 -8.56 5.60 0.71
C PHE A 12 -9.30 5.40 -0.61
N LYS A 13 -10.08 6.37 -1.01
CA LYS A 13 -10.82 6.23 -2.30
C LYS A 13 -9.82 5.91 -3.41
N GLU A 14 -8.64 6.44 -3.31
CA GLU A 14 -7.60 6.16 -4.36
C GLU A 14 -7.27 4.66 -4.37
N ALA A 15 -7.02 4.10 -3.22
CA ALA A 15 -6.70 2.64 -3.15
C ALA A 15 -7.89 1.83 -3.67
N PHE A 16 -9.07 2.18 -3.25
CA PHE A 16 -10.28 1.45 -3.70
C PHE A 16 -10.43 1.61 -5.22
N SER A 17 -10.11 2.77 -5.73
CA SER A 17 -10.23 3.01 -7.18
C SER A 17 -9.05 2.35 -7.93
N LEU A 18 -7.98 2.09 -7.22
CA LEU A 18 -6.81 1.45 -7.88
C LEU A 18 -7.14 -0.01 -8.24
N PHE A 19 -7.72 -0.73 -7.32
CA PHE A 19 -8.08 -2.15 -7.63
C PHE A 19 -9.22 -2.20 -8.63
N ASP A 20 -10.34 -1.62 -8.31
CA ASP A 20 -11.49 -1.63 -9.25
C ASP A 20 -11.03 -1.22 -10.66
N LYS A 21 -10.66 -2.17 -11.47
CA LYS A 21 -10.21 -1.83 -12.85
C LYS A 21 -11.41 -1.52 -13.75
N ASP A 22 -12.55 -2.07 -13.44
CA ASP A 22 -13.75 -1.80 -14.28
C ASP A 22 -14.61 -0.70 -13.65
N GLY A 23 -14.45 -0.46 -12.38
CA GLY A 23 -15.25 0.61 -11.71
C GLY A 23 -16.64 0.06 -11.38
N ASP A 24 -16.75 -0.70 -10.33
CA ASP A 24 -18.08 -1.26 -9.96
C ASP A 24 -18.26 -1.21 -8.44
N GLY A 25 -17.37 -0.56 -7.75
CA GLY A 25 -17.49 -0.47 -6.26
C GLY A 25 -17.33 -1.86 -5.65
N THR A 26 -16.49 -2.68 -6.23
CA THR A 26 -16.30 -4.05 -5.69
C THR A 26 -15.02 -4.67 -6.26
N ILE A 27 -14.08 -5.01 -5.41
CA ILE A 27 -12.81 -5.63 -5.91
C ILE A 27 -13.01 -7.13 -6.13
N THR A 28 -12.55 -7.64 -7.24
CA THR A 28 -12.70 -9.11 -7.50
C THR A 28 -11.39 -9.82 -7.17
N THR A 29 -11.35 -11.12 -7.34
CA THR A 29 -10.09 -11.87 -7.04
C THR A 29 -9.02 -11.54 -8.08
N LYS A 30 -9.33 -11.70 -9.33
CA LYS A 30 -8.32 -11.40 -10.40
C LYS A 30 -7.91 -9.92 -10.34
N GLU A 31 -8.86 -9.03 -10.29
CA GLU A 31 -8.52 -7.57 -10.24
C GLU A 31 -7.33 -7.35 -9.29
N LEU A 32 -7.55 -7.52 -8.02
CA LEU A 32 -6.43 -7.33 -7.05
C LEU A 32 -5.22 -8.12 -7.54
N GLY A 33 -5.45 -9.23 -8.18
CA GLY A 33 -4.32 -10.04 -8.71
C GLY A 33 -3.60 -9.26 -9.80
N THR A 34 -4.36 -8.56 -10.62
CA THR A 34 -3.72 -7.76 -11.70
C THR A 34 -2.70 -6.81 -11.09
N VAL A 35 -3.07 -6.17 -10.01
CA VAL A 35 -2.13 -5.23 -9.34
C VAL A 35 -0.93 -6.02 -8.81
N MET A 36 -1.18 -7.14 -8.19
CA MET A 36 -0.05 -7.96 -7.65
C MET A 36 0.83 -8.43 -8.81
N ARG A 37 0.24 -8.70 -9.94
CA ARG A 37 1.05 -9.15 -11.12
C ARG A 37 2.02 -8.04 -11.52
N SER A 38 1.60 -6.81 -11.38
CA SER A 38 2.48 -5.66 -11.76
C SER A 38 3.55 -5.44 -10.68
N LEU A 39 3.28 -5.81 -9.45
CA LEU A 39 4.28 -5.61 -8.37
C LEU A 39 5.46 -6.56 -8.58
N GLY A 40 5.21 -7.73 -9.12
CA GLY A 40 6.34 -8.69 -9.35
C GLY A 40 5.84 -10.13 -9.18
N GLN A 41 5.11 -10.42 -8.14
CA GLN A 41 4.62 -11.81 -7.92
C GLN A 41 3.36 -12.09 -8.73
N ASN A 42 2.79 -13.26 -8.57
CA ASN A 42 1.56 -13.62 -9.31
C ASN A 42 0.66 -14.49 -8.43
N PRO A 43 -0.38 -13.89 -7.93
CA PRO A 43 -1.33 -14.61 -7.04
C PRO A 43 -2.17 -15.61 -7.84
N THR A 44 -2.60 -16.68 -7.20
CA THR A 44 -3.43 -17.70 -7.90
C THR A 44 -4.92 -17.46 -7.60
N GLU A 45 -5.78 -18.20 -8.22
CA GLU A 45 -7.25 -18.01 -7.98
C GLU A 45 -7.64 -18.57 -6.60
N ALA A 46 -7.12 -19.71 -6.25
CA ALA A 46 -7.46 -20.31 -4.93
C ALA A 46 -6.96 -19.41 -3.80
N GLU A 47 -5.72 -19.01 -3.86
CA GLU A 47 -5.17 -18.13 -2.78
C GLU A 47 -5.91 -16.79 -2.76
N LEU A 48 -6.04 -16.15 -3.89
CA LEU A 48 -6.74 -14.84 -3.92
C LEU A 48 -8.11 -14.96 -3.26
N GLN A 49 -8.88 -15.94 -3.63
CA GLN A 49 -10.21 -16.13 -3.01
C GLN A 49 -10.07 -16.19 -1.49
N ASP A 50 -9.08 -16.88 -1.03
CA ASP A 50 -8.88 -16.99 0.45
C ASP A 50 -8.40 -15.64 0.99
N MET A 51 -7.77 -14.85 0.15
CA MET A 51 -7.28 -13.52 0.61
C MET A 51 -8.46 -12.55 0.76
N ILE A 52 -9.39 -12.60 -0.15
CA ILE A 52 -10.57 -11.68 -0.06
C ILE A 52 -11.55 -12.23 1.00
N ASN A 53 -11.56 -13.52 1.19
CA ASN A 53 -12.49 -14.11 2.19
C ASN A 53 -12.19 -13.53 3.59
N GLU A 54 -11.07 -12.89 3.75
CA GLU A 54 -10.71 -12.31 5.08
C GLU A 54 -11.33 -10.91 5.26
N VAL A 55 -11.16 -10.04 4.29
CA VAL A 55 -11.74 -8.66 4.45
C VAL A 55 -13.26 -8.76 4.37
N ASP A 56 -13.76 -9.47 3.39
CA ASP A 56 -15.24 -9.60 3.25
C ASP A 56 -15.88 -9.90 4.60
N ALA A 57 -16.24 -8.90 5.34
CA ALA A 57 -16.87 -9.14 6.67
C ALA A 57 -18.40 -9.05 6.57
N ASP A 58 -18.91 -8.61 5.45
CA ASP A 58 -20.41 -8.49 5.32
C ASP A 58 -20.97 -9.67 4.53
N GLY A 59 -20.23 -10.19 3.59
CA GLY A 59 -20.74 -11.35 2.80
C GLY A 59 -21.20 -10.88 1.41
N ASN A 60 -20.42 -10.08 0.75
CA ASN A 60 -20.80 -9.59 -0.60
C ASN A 60 -20.08 -10.39 -1.67
N GLY A 61 -19.01 -11.04 -1.32
CA GLY A 61 -18.24 -11.84 -2.32
C GLY A 61 -17.13 -10.97 -2.90
N THR A 62 -17.15 -9.69 -2.62
CA THR A 62 -16.10 -8.79 -3.16
C THR A 62 -15.81 -7.66 -2.16
N ILE A 63 -14.76 -6.91 -2.38
CA ILE A 63 -14.42 -5.79 -1.44
C ILE A 63 -15.13 -4.50 -1.86
N ASP A 64 -15.88 -3.91 -0.97
CA ASP A 64 -16.59 -2.63 -1.33
C ASP A 64 -15.78 -1.41 -0.85
N PHE A 65 -16.32 -0.23 -1.04
CA PHE A 65 -15.59 1.00 -0.60
C PHE A 65 -15.52 1.09 0.93
N PRO A 66 -16.66 0.89 1.59
CA PRO A 66 -16.68 0.97 3.06
C PRO A 66 -15.90 -0.20 3.66
N GLU A 67 -15.91 -1.32 3.00
CA GLU A 67 -15.13 -2.49 3.52
C GLU A 67 -13.64 -2.13 3.53
N PHE A 68 -13.21 -1.40 2.54
CA PHE A 68 -11.77 -1.01 2.49
C PHE A 68 -11.43 -0.10 3.68
N LEU A 69 -12.11 1.01 3.80
CA LEU A 69 -11.83 1.93 4.94
C LEU A 69 -12.02 1.20 6.27
N THR A 70 -12.90 0.24 6.32
CA THR A 70 -13.13 -0.51 7.59
C THR A 70 -12.10 -1.64 7.72
N MET A 71 -11.52 -2.07 6.63
CA MET A 71 -10.51 -3.16 6.71
C MET A 71 -9.24 -2.66 7.38
N MET A 72 -8.78 -1.49 7.00
CA MET A 72 -7.54 -0.95 7.64
C MET A 72 -7.73 -0.83 9.15
N ALA A 73 -8.94 -0.91 9.62
CA ALA A 73 -9.18 -0.80 11.09
C ALA A 73 -9.45 -2.19 11.71
N ARG A 74 -9.84 -3.15 10.90
CA ARG A 74 -10.10 -4.51 11.44
C ARG A 74 -8.82 -5.36 11.41
N LYS A 75 -7.93 -5.05 10.51
CA LYS A 75 -6.66 -5.84 10.43
C LYS A 75 -5.52 -5.08 11.12
N MET A 76 -5.53 -3.78 11.04
CA MET A 76 -4.45 -2.99 11.69
C MET A 76 -4.91 -2.47 13.06
N LYS A 77 -5.24 -3.36 13.95
CA LYS A 77 -5.70 -2.91 15.30
C LYS A 77 -4.54 -2.98 16.30
N ASP A 78 -3.73 -4.00 16.20
CA ASP A 78 -2.57 -4.13 17.13
C ASP A 78 -1.82 -5.44 16.87
N THR A 79 -2.52 -6.45 16.41
CA THR A 79 -1.86 -7.75 16.14
C THR A 79 -0.51 -7.55 15.44
N ASP A 80 -0.52 -7.18 14.19
CA ASP A 80 0.75 -6.97 13.45
C ASP A 80 1.07 -5.47 13.33
N SER A 81 2.13 -5.04 13.95
CA SER A 81 2.51 -3.60 13.86
C SER A 81 3.81 -3.45 13.08
N GLU A 82 4.75 -4.30 13.35
CA GLU A 82 6.05 -4.24 12.62
C GLU A 82 6.09 -5.29 11.51
N GLU A 83 5.15 -6.20 11.52
CA GLU A 83 5.14 -7.27 10.46
C GLU A 83 4.60 -6.71 9.14
N GLU A 84 3.58 -5.90 9.20
CA GLU A 84 3.00 -5.32 7.95
C GLU A 84 3.98 -4.33 7.31
N ILE A 85 4.87 -3.78 8.09
CA ILE A 85 5.86 -2.80 7.52
C ILE A 85 6.94 -3.54 6.73
N ARG A 86 7.26 -4.74 7.13
CA ARG A 86 8.31 -5.50 6.40
C ARG A 86 7.80 -5.84 5.00
N GLU A 87 6.54 -6.13 4.87
CA GLU A 87 5.99 -6.46 3.52
C GLU A 87 5.98 -5.20 2.66
N ALA A 88 5.41 -4.14 3.16
CA ALA A 88 5.38 -2.88 2.37
C ALA A 88 6.80 -2.48 1.98
N PHE A 89 7.77 -2.83 2.79
CA PHE A 89 9.18 -2.48 2.45
C PHE A 89 9.62 -3.30 1.24
N ARG A 90 9.32 -4.57 1.25
CA ARG A 90 9.70 -5.43 0.08
C ARG A 90 9.22 -4.77 -1.21
N VAL A 91 8.07 -4.18 -1.17
CA VAL A 91 7.53 -3.52 -2.39
C VAL A 91 8.45 -2.36 -2.81
N PHE A 92 8.76 -1.47 -1.89
CA PHE A 92 9.65 -0.33 -2.25
C PHE A 92 11.04 -0.86 -2.67
N ASP A 93 11.48 -1.92 -2.06
CA ASP A 93 12.81 -2.49 -2.42
C ASP A 93 12.63 -3.69 -3.35
N LYS A 94 12.16 -3.46 -4.55
CA LYS A 94 11.94 -4.58 -5.51
C LYS A 94 13.06 -5.63 -5.38
N ASP A 95 14.26 -5.18 -5.14
CA ASP A 95 15.39 -6.14 -4.99
C ASP A 95 15.43 -6.70 -3.57
N GLY A 96 15.03 -5.91 -2.60
CA GLY A 96 15.05 -6.39 -1.18
C GLY A 96 16.48 -6.40 -0.66
N ASN A 97 17.29 -5.47 -1.10
CA ASN A 97 18.71 -5.43 -0.62
C ASN A 97 18.80 -4.67 0.71
N GLY A 98 17.94 -3.70 0.90
CA GLY A 98 17.99 -2.92 2.16
C GLY A 98 18.31 -1.46 1.84
N TYR A 99 17.68 -0.92 0.82
CA TYR A 99 17.95 0.49 0.44
C TYR A 99 16.93 0.95 -0.60
N ILE A 100 16.23 2.02 -0.33
CA ILE A 100 15.21 2.51 -1.31
C ILE A 100 15.67 3.83 -1.94
N SER A 101 15.90 3.83 -3.22
CA SER A 101 16.32 5.08 -3.90
C SER A 101 15.16 5.65 -4.71
N ALA A 102 15.09 6.96 -4.84
CA ALA A 102 13.97 7.57 -5.61
C ALA A 102 13.63 6.72 -6.84
N ALA A 103 14.60 6.10 -7.44
CA ALA A 103 14.32 5.25 -8.63
C ALA A 103 13.41 4.08 -8.22
N GLU A 104 13.77 3.38 -7.17
CA GLU A 104 12.93 2.24 -6.71
C GLU A 104 11.50 2.73 -6.46
N LEU A 105 11.36 3.82 -5.76
CA LEU A 105 10.00 4.35 -5.50
C LEU A 105 9.24 4.46 -6.81
N ARG A 106 9.89 4.91 -7.84
CA ARG A 106 9.21 5.04 -9.16
C ARG A 106 8.73 3.66 -9.62
N HIS A 107 9.47 2.64 -9.32
CA HIS A 107 9.05 1.27 -9.73
C HIS A 107 7.81 0.84 -8.93
N VAL A 108 7.59 1.42 -7.79
CA VAL A 108 6.40 1.02 -6.97
C VAL A 108 5.16 1.86 -7.36
N MET A 109 5.31 3.14 -7.52
CA MET A 109 4.12 3.98 -7.89
C MET A 109 3.59 3.58 -9.28
N THR A 110 4.47 3.40 -10.23
CA THR A 110 4.00 3.01 -11.60
C THR A 110 3.25 1.67 -11.53
N ASN A 111 3.59 0.84 -10.58
CA ASN A 111 2.91 -0.47 -10.47
C ASN A 111 1.58 -0.32 -9.72
N LEU A 112 1.33 0.84 -9.18
CA LEU A 112 0.05 1.04 -8.44
C LEU A 112 -0.83 2.07 -9.17
N GLY A 113 -0.31 2.72 -10.17
CA GLY A 113 -1.14 3.71 -10.92
C GLY A 113 -0.46 5.09 -10.97
N GLU A 114 -0.19 5.68 -9.84
CA GLU A 114 0.45 7.03 -9.83
C GLU A 114 1.92 6.95 -10.25
N LYS A 115 2.44 8.01 -10.81
CA LYS A 115 3.88 8.02 -11.24
C LYS A 115 4.56 9.29 -10.74
N LEU A 116 4.74 9.44 -9.45
CA LEU A 116 5.41 10.66 -8.92
C LEU A 116 6.58 11.05 -9.82
N THR A 117 6.54 12.22 -10.40
CA THR A 117 7.65 12.66 -11.30
C THR A 117 9.01 12.47 -10.61
N ASP A 118 10.07 12.77 -11.30
CA ASP A 118 11.42 12.60 -10.68
C ASP A 118 11.58 13.58 -9.52
N GLU A 119 11.33 14.84 -9.74
CA GLU A 119 11.46 15.82 -8.64
C GLU A 119 10.50 15.46 -7.51
N GLU A 120 9.31 15.09 -7.84
CA GLU A 120 8.32 14.69 -6.79
C GLU A 120 8.86 13.49 -6.02
N VAL A 121 9.40 12.52 -6.71
CA VAL A 121 9.95 11.33 -6.02
C VAL A 121 11.17 11.72 -5.22
N ASP A 122 12.09 12.43 -5.82
CA ASP A 122 13.31 12.86 -5.09
C ASP A 122 12.91 13.68 -3.86
N GLU A 123 11.90 14.49 -3.99
CA GLU A 123 11.46 15.31 -2.82
C GLU A 123 10.84 14.40 -1.76
N MET A 124 10.19 13.35 -2.17
CA MET A 124 9.58 12.42 -1.19
C MET A 124 10.67 11.76 -0.34
N ILE A 125 11.77 11.39 -0.95
CA ILE A 125 12.87 10.77 -0.17
C ILE A 125 13.59 11.82 0.67
N ARG A 126 14.05 12.88 0.05
CA ARG A 126 14.76 13.95 0.80
C ARG A 126 13.88 14.45 1.95
N GLU A 127 12.67 14.82 1.66
CA GLU A 127 11.76 15.32 2.73
C GLU A 127 11.69 14.31 3.88
N ALA A 128 11.86 13.05 3.57
CA ALA A 128 11.81 12.01 4.65
C ALA A 128 13.23 11.65 5.11
N ASP A 129 14.20 11.84 4.27
CA ASP A 129 15.61 11.51 4.65
C ASP A 129 15.93 12.09 6.03
N ILE A 130 15.73 11.33 7.07
CA ILE A 130 16.04 11.84 8.45
C ILE A 130 17.54 11.71 8.71
N ASP A 131 18.15 10.68 8.17
CA ASP A 131 19.61 10.50 8.38
C ASP A 131 20.40 11.26 7.30
N GLY A 132 19.90 11.27 6.10
CA GLY A 132 20.60 12.00 5.01
C GLY A 132 21.38 11.01 4.13
N ASP A 133 20.70 10.24 3.35
CA ASP A 133 21.41 9.26 2.46
C ASP A 133 20.72 9.20 1.09
N GLY A 134 19.80 10.11 0.84
CA GLY A 134 19.10 10.11 -0.48
C GLY A 134 18.41 8.77 -0.70
N GLN A 135 18.26 7.99 0.32
CA GLN A 135 17.59 6.67 0.17
C GLN A 135 16.80 6.31 1.43
N VAL A 136 16.01 5.27 1.36
CA VAL A 136 15.23 4.86 2.57
C VAL A 136 15.37 3.35 2.80
N ASN A 137 15.70 2.96 4.00
CA ASN A 137 15.88 1.50 4.28
C ASN A 137 14.80 1.00 5.25
N TYR A 138 15.04 -0.10 5.90
CA TYR A 138 14.03 -0.64 6.85
C TYR A 138 13.82 0.33 8.02
N GLU A 139 14.83 0.57 8.80
CA GLU A 139 14.70 1.52 9.95
C GLU A 139 13.87 2.74 9.54
N GLU A 140 14.39 3.56 8.67
CA GLU A 140 13.63 4.76 8.23
C GLU A 140 12.17 4.38 7.93
N PHE A 141 11.96 3.51 7.00
CA PHE A 141 10.56 3.10 6.66
C PHE A 141 9.78 2.81 7.94
N VAL A 142 10.44 2.48 9.01
CA VAL A 142 9.72 2.19 10.27
C VAL A 142 9.75 3.42 11.19
N GLN A 143 10.79 4.20 11.13
CA GLN A 143 10.87 5.41 11.99
C GLN A 143 9.78 6.42 11.59
N MET A 144 9.17 6.23 10.46
CA MET A 144 8.11 7.19 10.02
C MET A 144 6.72 6.63 10.36
N MET A 145 6.63 5.35 10.57
CA MET A 145 5.29 4.75 10.91
C MET A 145 5.19 4.53 12.42
N THR A 146 6.27 4.65 13.13
CA THR A 146 6.22 4.45 14.60
C THR A 146 7.50 5.01 15.25
N ALA A 147 7.53 6.27 15.53
CA ALA A 147 8.75 6.86 16.16
C ALA A 147 8.57 7.01 17.67
N LYS A 148 7.51 6.47 18.18
CA LYS A 148 7.25 6.57 19.66
C LYS A 148 5.95 5.84 20.01
N VAL B 1 7.99 -19.42 -3.65
CA VAL B 1 6.81 -20.34 -3.76
C VAL B 1 5.51 -19.54 -3.60
N LYS B 2 5.43 -18.70 -2.60
CA LYS B 2 4.19 -17.90 -2.40
C LYS B 2 4.42 -16.84 -1.32
N LEU B 3 5.31 -15.91 -1.56
CA LEU B 3 5.56 -14.84 -0.56
C LEU B 3 4.65 -13.65 -0.81
N ILE B 4 3.62 -13.84 -1.59
CA ILE B 4 2.69 -12.73 -1.90
C ILE B 4 2.42 -11.91 -0.64
N PRO B 5 2.33 -10.62 -0.81
CA PRO B 5 2.08 -9.71 0.32
C PRO B 5 0.65 -9.92 0.85
N SER B 6 0.23 -9.13 1.81
CA SER B 6 -1.14 -9.30 2.36
C SER B 6 -2.06 -8.17 1.88
N TRP B 7 -3.22 -8.06 2.46
CA TRP B 7 -4.20 -7.01 2.05
C TRP B 7 -3.72 -5.64 2.52
N THR B 8 -3.89 -5.34 3.77
CA THR B 8 -3.45 -4.02 4.28
C THR B 8 -2.09 -3.64 3.68
N THR B 9 -1.31 -4.62 3.29
CA THR B 9 0.01 -4.32 2.68
C THR B 9 -0.18 -3.57 1.35
N VAL B 10 -0.77 -4.21 0.36
CA VAL B 10 -0.98 -3.52 -0.95
C VAL B 10 -1.56 -2.12 -0.70
N ILE B 11 -2.30 -1.96 0.36
CA ILE B 11 -2.88 -0.61 0.66
C ILE B 11 -1.79 0.29 1.22
N LEU B 12 -1.02 -0.21 2.13
CA LEU B 12 0.07 0.60 2.72
C LEU B 12 0.89 1.28 1.63
N VAL B 13 1.41 0.50 0.71
CA VAL B 13 2.23 1.09 -0.38
C VAL B 13 1.39 2.08 -1.21
N LYS B 14 0.24 1.67 -1.67
CA LYS B 14 -0.59 2.61 -2.47
C LYS B 14 -1.07 3.76 -1.60
N SER B 15 -0.96 3.62 -0.30
CA SER B 15 -1.41 4.71 0.62
C SER B 15 -0.37 5.82 0.65
N MET B 16 0.88 5.48 0.52
CA MET B 16 1.94 6.53 0.55
C MET B 16 2.23 7.06 -0.87
N LEU B 17 1.78 6.36 -1.89
CA LEU B 17 2.04 6.83 -3.29
C LEU B 17 1.18 8.03 -3.66
N ARG B 18 1.18 9.03 -2.84
CA ARG B 18 0.35 10.24 -3.15
C ARG B 18 1.26 11.38 -3.65
N LYS B 19 1.47 12.39 -2.85
CA LYS B 19 2.35 13.51 -3.29
C LYS B 19 3.68 13.44 -2.54
N ARG B 20 3.67 13.74 -1.27
CA ARG B 20 4.93 13.68 -0.47
C ARG B 20 4.66 12.98 0.86
N SER B 21 3.53 12.33 0.99
CA SER B 21 3.21 11.62 2.27
C SER B 21 4.18 10.45 2.48
N PHE B 22 4.91 10.47 3.56
CA PHE B 22 5.87 9.34 3.81
C PHE B 22 5.95 9.03 5.31
N GLY B 23 4.92 9.30 6.05
CA GLY B 23 4.96 9.02 7.52
C GLY B 23 3.87 8.00 7.87
N ASN B 24 2.96 8.38 8.71
CA ASN B 24 1.86 7.45 9.09
C ASN B 24 0.51 8.14 8.96
N PRO B 25 0.14 8.37 7.73
CA PRO B 25 -1.16 9.04 7.46
C PRO B 25 -2.31 8.02 7.59
N PHE B 26 -2.32 7.25 8.64
CA PHE B 26 -3.41 6.26 8.83
C PHE B 26 -4.36 6.71 9.94
CA CA C . -14.22 -4.30 -9.75
CA CA D . -18.42 -7.40 0.56
CA CA E . 16.53 -1.66 -3.13
CA CA F . 17.03 8.69 4.28
N ALA A 1 -18.86 24.18 6.97
CA ALA A 1 -18.13 22.96 6.55
C ALA A 1 -19.11 21.93 5.99
N ASP A 2 -19.15 21.78 4.69
CA ASP A 2 -20.09 20.80 4.08
C ASP A 2 -19.64 19.37 4.40
N GLN A 3 -19.32 18.57 3.40
CA GLN A 3 -18.88 17.18 3.66
C GLN A 3 -17.59 17.17 4.49
N LEU A 4 -17.68 17.48 5.75
CA LEU A 4 -16.46 17.48 6.61
C LEU A 4 -15.57 16.28 6.31
N THR A 5 -14.35 16.28 6.79
CA THR A 5 -13.43 15.16 6.53
C THR A 5 -13.48 14.72 5.07
N GLU A 6 -13.02 15.55 4.18
CA GLU A 6 -13.04 15.17 2.74
C GLU A 6 -11.66 14.68 2.31
N GLU A 7 -10.62 15.10 2.99
CA GLU A 7 -9.25 14.65 2.63
C GLU A 7 -9.08 13.16 2.97
N GLN A 8 -9.16 12.82 4.24
CA GLN A 8 -9.02 11.39 4.62
C GLN A 8 -9.83 10.50 3.69
N ILE A 9 -11.10 10.77 3.56
CA ILE A 9 -11.96 9.95 2.66
C ILE A 9 -11.35 9.89 1.26
N ALA A 10 -10.92 11.01 0.74
CA ALA A 10 -10.32 11.01 -0.62
C ALA A 10 -9.24 9.93 -0.72
N GLU A 11 -8.39 9.82 0.27
CA GLU A 11 -7.34 8.77 0.22
C GLU A 11 -7.96 7.38 0.13
N PHE A 12 -8.96 7.12 0.94
CA PHE A 12 -9.62 5.77 0.89
C PHE A 12 -10.23 5.54 -0.50
N LYS A 13 -10.81 6.57 -1.08
CA LYS A 13 -11.42 6.40 -2.42
C LYS A 13 -10.34 6.05 -3.45
N GLU A 14 -9.20 6.68 -3.36
CA GLU A 14 -8.11 6.38 -4.33
C GLU A 14 -7.72 4.90 -4.23
N ALA A 15 -7.72 4.36 -3.05
CA ALA A 15 -7.36 2.92 -2.89
C ALA A 15 -8.41 2.03 -3.55
N PHE A 16 -9.65 2.23 -3.22
CA PHE A 16 -10.72 1.39 -3.83
C PHE A 16 -10.76 1.62 -5.35
N SER A 17 -10.48 2.82 -5.76
CA SER A 17 -10.49 3.12 -7.22
C SER A 17 -9.26 2.49 -7.90
N LEU A 18 -8.26 2.17 -7.12
CA LEU A 18 -7.03 1.55 -7.70
C LEU A 18 -7.25 0.05 -7.92
N PHE A 19 -8.00 -0.58 -7.06
CA PHE A 19 -8.24 -2.05 -7.22
C PHE A 19 -9.44 -2.29 -8.13
N ASP A 20 -10.50 -1.56 -7.94
CA ASP A 20 -11.70 -1.75 -8.80
C ASP A 20 -11.49 -1.08 -10.17
N LYS A 21 -10.87 -1.78 -11.09
CA LYS A 21 -10.64 -1.17 -12.44
C LYS A 21 -11.97 -0.96 -13.16
N ASP A 22 -12.87 -1.90 -13.05
CA ASP A 22 -14.19 -1.76 -13.73
C ASP A 22 -14.88 -0.47 -13.27
N GLY A 23 -14.86 -0.19 -12.00
CA GLY A 23 -15.51 1.04 -11.50
C GLY A 23 -16.94 0.73 -11.06
N ASP A 24 -17.36 -0.49 -11.19
CA ASP A 24 -18.74 -0.85 -10.77
C ASP A 24 -18.85 -0.90 -9.25
N GLY A 25 -17.77 -1.21 -8.58
CA GLY A 25 -17.79 -1.27 -7.10
C GLY A 25 -17.64 -2.71 -6.64
N THR A 26 -16.82 -3.49 -7.31
CA THR A 26 -16.63 -4.91 -6.89
C THR A 26 -15.25 -5.41 -7.30
N ILE A 27 -14.38 -5.63 -6.35
CA ILE A 27 -13.02 -6.14 -6.70
C ILE A 27 -13.08 -7.65 -6.92
N THR A 28 -12.82 -8.09 -8.12
CA THR A 28 -12.87 -9.55 -8.41
C THR A 28 -11.47 -10.17 -8.27
N THR A 29 -11.37 -11.47 -8.38
CA THR A 29 -10.04 -12.12 -8.25
C THR A 29 -9.11 -11.67 -9.37
N LYS A 30 -9.66 -11.35 -10.51
CA LYS A 30 -8.80 -10.89 -11.65
C LYS A 30 -8.29 -9.47 -11.38
N GLU A 31 -9.19 -8.56 -11.10
CA GLU A 31 -8.74 -7.15 -10.83
C GLU A 31 -7.64 -7.15 -9.77
N LEU A 32 -7.97 -7.47 -8.54
CA LEU A 32 -6.94 -7.49 -7.47
C LEU A 32 -5.76 -8.37 -7.91
N GLY A 33 -6.04 -9.44 -8.60
CA GLY A 33 -4.94 -10.33 -9.06
C GLY A 33 -4.02 -9.55 -10.00
N THR A 34 -4.59 -8.75 -10.86
CA THR A 34 -3.75 -7.95 -11.79
C THR A 34 -2.77 -7.08 -11.00
N VAL A 35 -3.27 -6.32 -10.06
CA VAL A 35 -2.37 -5.45 -9.25
C VAL A 35 -1.34 -6.30 -8.51
N MET A 36 -1.77 -7.36 -7.87
CA MET A 36 -0.82 -8.24 -7.14
C MET A 36 0.23 -8.79 -8.10
N ARG A 37 -0.19 -9.22 -9.25
CA ARG A 37 0.77 -9.78 -10.25
C ARG A 37 1.73 -8.68 -10.73
N SER A 38 1.33 -7.44 -10.57
CA SER A 38 2.21 -6.32 -11.02
C SER A 38 3.34 -6.09 -10.00
N LEU A 39 3.00 -5.83 -8.76
CA LEU A 39 4.05 -5.59 -7.73
C LEU A 39 5.13 -6.67 -7.82
N GLY A 40 4.79 -7.83 -8.34
CA GLY A 40 5.80 -8.92 -8.45
C GLY A 40 5.46 -10.03 -7.45
N GLN A 41 4.36 -10.70 -7.64
CA GLN A 41 3.98 -11.79 -6.69
C GLN A 41 3.44 -13.00 -7.47
N ASN A 42 2.67 -13.84 -6.82
CA ASN A 42 2.12 -15.03 -7.53
C ASN A 42 0.74 -15.38 -6.96
N PRO A 43 -0.17 -14.47 -7.13
CA PRO A 43 -1.55 -14.66 -6.62
C PRO A 43 -2.31 -15.65 -7.52
N THR A 44 -2.74 -16.75 -6.96
CA THR A 44 -3.50 -17.76 -7.78
C THR A 44 -5.00 -17.60 -7.51
N GLU A 45 -5.81 -17.85 -8.51
CA GLU A 45 -7.28 -17.72 -8.31
C GLU A 45 -7.69 -18.35 -6.97
N ALA A 46 -7.17 -19.51 -6.66
CA ALA A 46 -7.52 -20.17 -5.37
C ALA A 46 -6.99 -19.33 -4.20
N GLU A 47 -5.69 -19.22 -4.09
CA GLU A 47 -5.12 -18.41 -2.98
C GLU A 47 -5.85 -17.07 -2.88
N LEU A 48 -6.11 -16.44 -4.00
CA LEU A 48 -6.83 -15.14 -3.96
C LEU A 48 -8.11 -15.27 -3.14
N GLN A 49 -8.95 -16.20 -3.48
CA GLN A 49 -10.21 -16.39 -2.71
C GLN A 49 -9.90 -16.44 -1.22
N ASP A 50 -8.81 -17.06 -0.86
CA ASP A 50 -8.44 -17.15 0.59
C ASP A 50 -8.14 -15.76 1.14
N MET A 51 -7.60 -14.89 0.33
CA MET A 51 -7.29 -13.52 0.81
C MET A 51 -8.57 -12.67 0.85
N ILE A 52 -9.44 -12.86 -0.11
CA ILE A 52 -10.71 -12.08 -0.12
C ILE A 52 -11.61 -12.52 1.05
N ASN A 53 -11.57 -13.78 1.40
CA ASN A 53 -12.42 -14.28 2.51
C ASN A 53 -12.30 -13.37 3.74
N GLU A 54 -11.10 -13.02 4.10
CA GLU A 54 -10.91 -12.14 5.30
C GLU A 54 -11.63 -10.80 5.10
N VAL A 55 -11.33 -10.09 4.05
CA VAL A 55 -11.99 -8.77 3.82
C VAL A 55 -13.46 -9.00 3.44
N ASP A 56 -13.72 -9.95 2.58
CA ASP A 56 -15.13 -10.21 2.15
C ASP A 56 -15.95 -10.69 3.35
N ALA A 57 -16.17 -9.83 4.31
CA ALA A 57 -16.95 -10.22 5.51
C ALA A 57 -18.16 -11.08 5.11
N ASP A 58 -18.95 -10.63 4.17
CA ASP A 58 -20.14 -11.43 3.76
C ASP A 58 -19.71 -12.73 3.07
N GLY A 59 -18.75 -12.65 2.19
CA GLY A 59 -18.28 -13.88 1.49
C GLY A 59 -19.04 -14.06 0.17
N ASN A 60 -19.11 -13.02 -0.62
CA ASN A 60 -19.83 -13.13 -1.92
C ASN A 60 -18.83 -13.32 -3.06
N GLY A 61 -17.58 -13.01 -2.84
CA GLY A 61 -16.56 -13.18 -3.91
C GLY A 61 -16.26 -11.82 -4.55
N THR A 62 -16.66 -10.75 -3.92
CA THR A 62 -16.39 -9.41 -4.50
C THR A 62 -16.26 -8.37 -3.38
N ILE A 63 -15.25 -7.54 -3.45
CA ILE A 63 -15.08 -6.50 -2.38
C ILE A 63 -15.93 -5.27 -2.70
N ASP A 64 -16.27 -4.49 -1.70
CA ASP A 64 -17.09 -3.27 -1.96
C ASP A 64 -16.46 -2.04 -1.30
N PHE A 65 -16.94 -0.87 -1.62
CA PHE A 65 -16.37 0.37 -1.02
C PHE A 65 -16.52 0.38 0.51
N PRO A 66 -17.66 -0.07 1.00
CA PRO A 66 -17.89 -0.08 2.46
C PRO A 66 -17.03 -1.17 3.12
N GLU A 67 -16.75 -2.23 2.42
CA GLU A 67 -15.90 -3.31 3.00
C GLU A 67 -14.45 -2.81 3.13
N PHE A 68 -14.04 -1.94 2.24
CA PHE A 68 -12.65 -1.40 2.31
C PHE A 68 -12.51 -0.41 3.48
N LEU A 69 -13.45 0.49 3.63
CA LEU A 69 -13.37 1.48 4.75
C LEU A 69 -13.52 0.79 6.11
N THR A 70 -14.17 -0.34 6.15
CA THR A 70 -14.36 -1.05 7.45
C THR A 70 -13.13 -1.91 7.79
N MET A 71 -12.42 -2.39 6.79
CA MET A 71 -11.22 -3.23 7.07
C MET A 71 -10.03 -2.37 7.52
N MET A 72 -9.74 -1.32 6.81
CA MET A 72 -8.58 -0.44 7.19
C MET A 72 -8.76 0.12 8.60
N ALA A 73 -9.92 -0.01 9.19
CA ALA A 73 -10.13 0.55 10.56
C ALA A 73 -10.08 -0.57 11.62
N ARG A 74 -10.58 -1.73 11.30
CA ARG A 74 -10.56 -2.84 12.30
C ARG A 74 -9.23 -3.59 12.25
N LYS A 75 -8.42 -3.34 11.25
CA LYS A 75 -7.11 -4.05 11.15
C LYS A 75 -5.98 -3.16 11.65
N MET A 76 -6.23 -1.89 11.83
CA MET A 76 -5.15 -0.97 12.30
C MET A 76 -5.28 -0.72 13.80
N LYS A 77 -6.48 -0.63 14.30
CA LYS A 77 -6.67 -0.38 15.76
C LYS A 77 -6.15 -1.56 16.58
N ASP A 78 -5.82 -2.64 15.93
CA ASP A 78 -5.31 -3.83 16.68
C ASP A 78 -3.83 -3.65 17.02
N THR A 79 -2.96 -4.05 16.14
CA THR A 79 -1.49 -3.90 16.41
C THR A 79 -0.71 -3.83 15.09
N ASP A 80 0.01 -4.87 14.74
CA ASP A 80 0.79 -4.85 13.46
C ASP A 80 1.47 -3.50 13.29
N SER A 81 2.68 -3.37 13.75
CA SER A 81 3.40 -2.07 13.61
C SER A 81 4.74 -2.31 12.92
N GLU A 82 5.44 -3.34 13.29
CA GLU A 82 6.75 -3.62 12.65
C GLU A 82 6.60 -4.71 11.59
N GLU A 83 5.57 -5.49 11.66
CA GLU A 83 5.37 -6.57 10.65
C GLU A 83 4.76 -5.98 9.39
N GLU A 84 3.83 -5.08 9.53
CA GLU A 84 3.19 -4.46 8.34
C GLU A 84 4.20 -3.55 7.60
N ILE A 85 5.15 -3.01 8.31
CA ILE A 85 6.15 -2.13 7.65
C ILE A 85 7.19 -2.97 6.92
N ARG A 86 7.54 -4.09 7.46
CA ARG A 86 8.55 -4.97 6.80
C ARG A 86 7.98 -5.48 5.47
N GLU A 87 6.70 -5.64 5.39
CA GLU A 87 6.09 -6.11 4.12
C GLU A 87 6.08 -4.97 3.11
N ALA A 88 5.58 -3.83 3.49
CA ALA A 88 5.57 -2.67 2.56
C ALA A 88 7.01 -2.32 2.16
N PHE A 89 7.94 -2.46 3.06
CA PHE A 89 9.36 -2.15 2.72
C PHE A 89 9.86 -3.12 1.66
N ARG A 90 9.79 -4.39 1.93
CA ARG A 90 10.26 -5.39 0.92
C ARG A 90 9.74 -5.00 -0.46
N VAL A 91 8.53 -4.51 -0.53
CA VAL A 91 7.96 -4.10 -1.85
C VAL A 91 8.75 -2.91 -2.40
N PHE A 92 9.19 -2.01 -1.55
CA PHE A 92 9.96 -0.83 -2.04
C PHE A 92 11.33 -1.26 -2.57
N ASP A 93 11.93 -2.25 -1.97
CA ASP A 93 13.27 -2.70 -2.43
C ASP A 93 13.13 -3.95 -3.31
N LYS A 94 12.49 -3.82 -4.44
CA LYS A 94 12.31 -4.99 -5.35
C LYS A 94 13.63 -5.77 -5.45
N ASP A 95 14.74 -5.12 -5.29
CA ASP A 95 16.06 -5.82 -5.38
C ASP A 95 16.56 -6.22 -3.98
N GLY A 96 16.33 -5.39 -3.01
CA GLY A 96 16.79 -5.71 -1.63
C GLY A 96 18.29 -5.47 -1.52
N ASN A 97 18.76 -4.37 -2.04
CA ASN A 97 20.23 -4.09 -1.96
C ASN A 97 20.60 -3.56 -0.57
N GLY A 98 19.62 -3.16 0.21
CA GLY A 98 19.93 -2.65 1.57
C GLY A 98 19.47 -1.19 1.68
N TYR A 99 19.08 -0.59 0.59
CA TYR A 99 18.63 0.83 0.64
C TYR A 99 17.57 1.07 -0.44
N ILE A 100 16.85 2.16 -0.33
CA ILE A 100 15.80 2.46 -1.35
C ILE A 100 16.18 3.70 -2.15
N SER A 101 16.20 3.59 -3.44
CA SER A 101 16.56 4.77 -4.29
C SER A 101 15.31 5.34 -4.97
N ALA A 102 15.32 6.60 -5.28
CA ALA A 102 14.13 7.21 -5.94
C ALA A 102 13.66 6.32 -7.10
N ALA A 103 14.58 5.74 -7.81
CA ALA A 103 14.19 4.85 -8.95
C ALA A 103 13.34 3.68 -8.43
N GLU A 104 13.75 3.07 -7.36
CA GLU A 104 12.97 1.93 -6.79
C GLU A 104 11.53 2.38 -6.54
N LEU A 105 11.36 3.54 -5.98
CA LEU A 105 9.98 4.04 -5.71
C LEU A 105 9.18 4.09 -7.00
N ARG A 106 9.74 4.65 -8.04
CA ARG A 106 9.01 4.72 -9.34
C ARG A 106 8.48 3.34 -9.71
N HIS A 107 9.28 2.32 -9.52
CA HIS A 107 8.82 0.94 -9.86
C HIS A 107 7.57 0.61 -9.05
N VAL A 108 7.60 0.85 -7.77
CA VAL A 108 6.40 0.55 -6.93
C VAL A 108 5.32 1.61 -7.19
N MET A 109 5.72 2.78 -7.60
CA MET A 109 4.72 3.86 -7.87
C MET A 109 3.92 3.53 -9.12
N THR A 110 4.58 3.20 -10.20
CA THR A 110 3.85 2.87 -11.45
C THR A 110 3.15 1.51 -11.31
N ASN A 111 3.72 0.61 -10.56
CA ASN A 111 3.08 -0.73 -10.38
C ASN A 111 1.83 -0.62 -9.50
N LEU A 112 1.57 0.53 -8.94
CA LEU A 112 0.37 0.69 -8.07
C LEU A 112 -0.71 1.51 -8.78
N GLY A 113 -0.35 2.58 -9.41
CA GLY A 113 -1.37 3.40 -10.13
C GLY A 113 -0.89 4.86 -10.27
N GLU A 114 -0.39 5.44 -9.20
CA GLU A 114 0.08 6.86 -9.29
C GLU A 114 1.59 6.91 -9.47
N LYS A 115 2.07 7.83 -10.27
CA LYS A 115 3.54 7.94 -10.47
C LYS A 115 4.02 9.33 -10.03
N LEU A 116 3.21 10.00 -9.28
CA LEU A 116 3.58 11.36 -8.79
C LEU A 116 4.31 12.15 -9.88
N THR A 117 4.96 13.21 -9.50
CA THR A 117 5.70 14.04 -10.50
C THR A 117 7.19 13.69 -10.45
N ASP A 118 8.04 14.64 -10.71
CA ASP A 118 9.51 14.35 -10.65
C ASP A 118 10.12 15.01 -9.42
N GLU A 119 9.84 16.27 -9.21
CA GLU A 119 10.40 16.95 -8.02
C GLU A 119 9.81 16.35 -6.75
N GLU A 120 8.56 15.96 -6.80
CA GLU A 120 7.93 15.35 -5.60
C GLU A 120 8.60 14.01 -5.31
N VAL A 121 8.82 13.22 -6.32
CA VAL A 121 9.49 11.91 -6.10
C VAL A 121 10.81 12.11 -5.35
N ASP A 122 11.61 13.05 -5.80
CA ASP A 122 12.90 13.31 -5.10
C ASP A 122 12.62 13.85 -3.70
N GLU A 123 11.88 14.92 -3.61
CA GLU A 123 11.55 15.48 -2.27
C GLU A 123 11.02 14.38 -1.37
N MET A 124 10.37 13.40 -1.95
CA MET A 124 9.82 12.28 -1.13
C MET A 124 10.97 11.55 -0.41
N ILE A 125 11.87 10.98 -1.18
CA ILE A 125 13.02 10.25 -0.54
C ILE A 125 13.79 11.19 0.39
N ARG A 126 13.86 12.45 0.05
CA ARG A 126 14.61 13.41 0.92
C ARG A 126 13.88 13.58 2.26
N GLU A 127 12.59 13.73 2.22
CA GLU A 127 11.81 13.90 3.49
C GLU A 127 11.87 12.62 4.32
N ALA A 128 11.99 11.49 3.68
CA ALA A 128 12.05 10.20 4.43
C ALA A 128 13.47 9.97 4.96
N ASP A 129 14.45 10.44 4.24
CA ASP A 129 15.86 10.26 4.69
C ASP A 129 16.11 11.02 5.99
N ILE A 130 16.22 10.33 7.10
CA ILE A 130 16.48 11.02 8.39
C ILE A 130 17.85 11.70 8.35
N ASP A 131 18.75 11.16 7.58
CA ASP A 131 20.11 11.78 7.49
C ASP A 131 20.27 12.51 6.15
N GLY A 132 19.41 12.23 5.21
CA GLY A 132 19.50 12.92 3.89
C GLY A 132 20.81 12.54 3.20
N ASP A 133 21.02 11.27 2.96
CA ASP A 133 22.27 10.84 2.29
C ASP A 133 22.01 10.57 0.81
N GLY A 134 20.79 10.28 0.45
CA GLY A 134 20.46 10.00 -0.98
C GLY A 134 19.63 8.72 -1.08
N GLN A 135 19.56 7.96 -0.03
CA GLN A 135 18.77 6.69 -0.08
C GLN A 135 18.23 6.35 1.31
N VAL A 136 17.23 5.51 1.39
CA VAL A 136 16.67 5.14 2.72
C VAL A 136 17.11 3.71 3.09
N ASN A 137 17.10 3.39 4.35
CA ASN A 137 17.52 2.01 4.78
C ASN A 137 16.44 1.37 5.65
N TYR A 138 16.68 0.17 6.09
CA TYR A 138 15.67 -0.53 6.95
C TYR A 138 15.43 0.26 8.25
N GLU A 139 16.41 0.33 9.10
CA GLU A 139 16.24 1.08 10.39
C GLU A 139 15.55 2.43 10.14
N GLU A 140 15.70 2.99 8.99
CA GLU A 140 15.05 4.30 8.70
C GLU A 140 13.58 4.11 8.33
N PHE A 141 13.29 3.25 7.38
CA PHE A 141 11.88 3.02 6.99
C PHE A 141 11.05 2.63 8.22
N VAL A 142 11.71 2.23 9.29
CA VAL A 142 10.98 1.84 10.53
C VAL A 142 10.97 2.99 11.54
N GLN A 143 12.12 3.49 11.90
CA GLN A 143 12.18 4.61 12.90
C GLN A 143 11.40 5.83 12.41
N MET A 144 11.04 5.85 11.15
CA MET A 144 10.28 7.01 10.60
C MET A 144 8.78 6.71 10.56
N MET A 145 8.43 5.46 10.45
CA MET A 145 6.99 5.09 10.39
C MET A 145 6.50 4.57 11.75
N THR A 146 7.40 4.34 12.67
CA THR A 146 6.97 3.83 14.00
C THR A 146 7.08 4.92 15.07
N ALA A 147 8.21 5.54 15.20
CA ALA A 147 8.38 6.61 16.22
C ALA A 147 7.81 7.94 15.72
N LYS A 148 6.64 7.92 15.13
CA LYS A 148 6.04 9.18 14.62
C LYS A 148 4.70 8.89 13.94
N VAL B 1 -2.79 -17.72 2.03
CA VAL B 1 -1.76 -16.73 1.60
C VAL B 1 -0.38 -17.39 1.55
N LYS B 2 -0.13 -18.20 0.56
CA LYS B 2 1.20 -18.88 0.46
C LYS B 2 2.28 -17.84 0.09
N LEU B 3 2.83 -17.18 1.08
CA LEU B 3 3.89 -16.16 0.79
C LEU B 3 3.28 -14.94 0.08
N ILE B 4 2.00 -14.76 0.20
CA ILE B 4 1.33 -13.59 -0.46
C ILE B 4 1.29 -12.40 0.52
N PRO B 5 1.35 -11.20 -0.02
CA PRO B 5 1.31 -9.99 0.84
C PRO B 5 -0.07 -9.87 1.50
N SER B 6 -0.20 -8.96 2.44
CA SER B 6 -1.51 -8.80 3.15
C SER B 6 -2.35 -7.68 2.53
N TRP B 7 -3.64 -7.79 2.63
CA TRP B 7 -4.53 -6.73 2.08
C TRP B 7 -4.05 -5.36 2.53
N THR B 8 -4.12 -5.08 3.80
CA THR B 8 -3.66 -3.75 4.29
C THR B 8 -2.28 -3.43 3.70
N THR B 9 -1.52 -4.42 3.31
CA THR B 9 -0.19 -4.15 2.72
C THR B 9 -0.35 -3.39 1.40
N VAL B 10 -1.11 -3.92 0.48
CA VAL B 10 -1.29 -3.19 -0.80
C VAL B 10 -1.84 -1.80 -0.51
N ILE B 11 -2.65 -1.67 0.52
CA ILE B 11 -3.19 -0.33 0.88
C ILE B 11 -2.10 0.45 1.62
N LEU B 12 -1.17 -0.24 2.20
CA LEU B 12 -0.06 0.43 2.92
C LEU B 12 0.83 1.17 1.92
N VAL B 13 1.43 0.46 1.02
CA VAL B 13 2.32 1.10 0.01
C VAL B 13 1.52 2.09 -0.86
N LYS B 14 0.27 1.79 -1.11
CA LYS B 14 -0.54 2.74 -1.93
C LYS B 14 -0.80 4.01 -1.13
N SER B 15 -1.18 3.87 0.11
CA SER B 15 -1.43 5.07 0.95
C SER B 15 -0.16 5.93 1.02
N MET B 16 0.99 5.29 1.03
CA MET B 16 2.27 6.06 1.07
C MET B 16 2.43 6.88 -0.20
N LEU B 17 2.10 6.30 -1.33
CA LEU B 17 2.21 7.04 -2.63
C LEU B 17 1.30 8.27 -2.61
N ARG B 18 0.42 8.34 -1.63
CA ARG B 18 -0.55 9.50 -1.50
C ARG B 18 -0.05 10.71 -2.29
N LYS B 19 1.02 11.30 -1.87
CA LYS B 19 1.56 12.46 -2.58
C LYS B 19 2.92 12.90 -1.95
N ARG B 20 2.95 13.96 -1.19
CA ARG B 20 4.23 14.39 -0.57
C ARG B 20 4.41 13.67 0.77
N SER B 21 3.61 12.66 1.02
CA SER B 21 3.71 11.93 2.31
C SER B 21 4.77 10.81 2.21
N PHE B 22 5.21 10.30 3.33
CA PHE B 22 6.23 9.20 3.29
C PHE B 22 6.61 8.77 4.72
N GLY B 23 6.83 9.70 5.61
CA GLY B 23 7.21 9.34 7.00
C GLY B 23 6.01 8.72 7.73
N ASN B 24 4.87 9.35 7.70
CA ASN B 24 3.69 8.78 8.41
C ASN B 24 2.39 9.18 7.72
N PRO B 25 2.02 8.43 6.72
CA PRO B 25 0.79 8.72 5.97
C PRO B 25 -0.42 8.17 6.73
N PHE B 26 -0.19 7.42 7.78
CA PHE B 26 -1.32 6.85 8.56
C PHE B 26 -1.50 7.62 9.88
CA CA C . -14.82 -4.48 -10.71
CA CA D . -18.01 -8.70 -0.24
CA CA E . 17.16 -1.40 -3.17
CA CA F . 18.70 7.91 4.60
N ALA A 1 -11.98 21.03 10.39
CA ALA A 1 -11.67 22.04 11.44
C ALA A 1 -11.10 23.31 10.81
N ASP A 2 -10.56 23.20 9.63
CA ASP A 2 -9.98 24.40 8.95
C ASP A 2 -10.04 24.23 7.43
N GLN A 3 -9.71 23.07 6.93
CA GLN A 3 -9.75 22.86 5.45
C GLN A 3 -11.03 22.13 5.07
N LEU A 4 -11.03 21.45 3.96
CA LEU A 4 -12.25 20.71 3.53
C LEU A 4 -12.51 19.53 4.46
N THR A 5 -13.49 18.71 4.16
CA THR A 5 -13.78 17.54 5.03
C THR A 5 -13.87 16.25 4.21
N GLU A 6 -13.79 16.37 2.91
CA GLU A 6 -13.87 15.15 2.06
C GLU A 6 -12.46 14.66 1.70
N GLU A 7 -11.49 15.52 1.77
CA GLU A 7 -10.10 15.11 1.44
C GLU A 7 -9.79 13.75 2.05
N GLN A 8 -9.80 13.66 3.36
CA GLN A 8 -9.51 12.35 4.02
C GLN A 8 -10.31 11.24 3.34
N ILE A 9 -11.61 11.28 3.48
CA ILE A 9 -12.46 10.22 2.85
C ILE A 9 -12.07 10.06 1.38
N ALA A 10 -11.89 11.15 0.67
CA ALA A 10 -11.51 11.05 -0.76
C ALA A 10 -10.26 10.17 -0.91
N GLU A 11 -9.27 10.39 -0.09
CA GLU A 11 -8.03 9.56 -0.18
C GLU A 11 -8.39 8.07 -0.09
N PHE A 12 -9.15 7.69 0.90
CA PHE A 12 -9.53 6.26 1.03
C PHE A 12 -10.15 5.79 -0.29
N LYS A 13 -11.02 6.58 -0.86
CA LYS A 13 -11.63 6.17 -2.16
C LYS A 13 -10.52 5.95 -3.18
N GLU A 14 -9.43 6.67 -3.05
CA GLU A 14 -8.31 6.49 -4.00
C GLU A 14 -7.81 5.05 -3.94
N ALA A 15 -7.41 4.60 -2.77
CA ALA A 15 -6.93 3.20 -2.65
C ALA A 15 -7.95 2.25 -3.30
N PHE A 16 -9.20 2.43 -2.98
CA PHE A 16 -10.25 1.56 -3.58
C PHE A 16 -10.34 1.85 -5.09
N SER A 17 -10.16 3.09 -5.46
CA SER A 17 -10.23 3.45 -6.90
C SER A 17 -9.03 2.83 -7.64
N LEU A 18 -7.92 2.67 -6.96
CA LEU A 18 -6.73 2.07 -7.60
C LEU A 18 -7.02 0.61 -7.96
N PHE A 19 -7.59 -0.13 -7.06
CA PHE A 19 -7.90 -1.57 -7.35
C PHE A 19 -9.08 -1.66 -8.33
N ASP A 20 -10.07 -0.83 -8.16
CA ASP A 20 -11.25 -0.87 -9.06
C ASP A 20 -10.91 -0.18 -10.39
N LYS A 21 -10.27 -0.87 -11.29
CA LYS A 21 -9.91 -0.26 -12.60
C LYS A 21 -11.12 0.45 -13.21
N ASP A 22 -12.06 -0.31 -13.74
CA ASP A 22 -13.26 0.32 -14.35
C ASP A 22 -13.90 1.31 -13.37
N GLY A 23 -13.94 0.97 -12.11
CA GLY A 23 -14.55 1.89 -11.11
C GLY A 23 -16.01 1.52 -10.89
N ASP A 24 -16.36 0.28 -11.11
CA ASP A 24 -17.77 -0.15 -10.91
C ASP A 24 -18.07 -0.31 -9.42
N GLY A 25 -17.05 -0.32 -8.61
CA GLY A 25 -17.26 -0.47 -7.14
C GLY A 25 -17.23 -1.96 -6.79
N THR A 26 -16.32 -2.70 -7.35
CA THR A 26 -16.25 -4.16 -7.04
C THR A 26 -14.87 -4.72 -7.43
N ILE A 27 -14.13 -5.22 -6.47
CA ILE A 27 -12.78 -5.79 -6.79
C ILE A 27 -12.86 -7.32 -6.86
N THR A 28 -12.58 -7.88 -8.00
CA THR A 28 -12.63 -9.37 -8.11
C THR A 28 -11.23 -9.96 -7.89
N THR A 29 -11.15 -11.19 -7.44
CA THR A 29 -9.81 -11.80 -7.21
C THR A 29 -8.90 -11.52 -8.40
N LYS A 30 -9.46 -11.30 -9.56
CA LYS A 30 -8.63 -11.02 -10.76
C LYS A 30 -8.14 -9.58 -10.74
N GLU A 31 -9.04 -8.62 -10.75
CA GLU A 31 -8.60 -7.20 -10.72
C GLU A 31 -7.49 -7.02 -9.68
N LEU A 32 -7.75 -7.38 -8.45
CA LEU A 32 -6.70 -7.25 -7.41
C LEU A 32 -5.46 -8.03 -7.83
N GLY A 33 -5.64 -9.24 -8.30
CA GLY A 33 -4.49 -10.05 -8.74
C GLY A 33 -3.73 -9.27 -9.81
N THR A 34 -4.44 -8.61 -10.69
CA THR A 34 -3.76 -7.82 -11.74
C THR A 34 -2.75 -6.87 -11.10
N VAL A 35 -3.18 -6.11 -10.13
CA VAL A 35 -2.24 -5.18 -9.45
C VAL A 35 -1.06 -5.97 -8.89
N MET A 36 -1.32 -7.13 -8.35
CA MET A 36 -0.21 -7.96 -7.79
C MET A 36 0.77 -8.30 -8.92
N ARG A 37 0.27 -8.59 -10.09
CA ARG A 37 1.17 -8.92 -11.22
C ARG A 37 2.06 -7.72 -11.53
N SER A 38 1.56 -6.54 -11.29
CA SER A 38 2.36 -5.31 -11.56
C SER A 38 3.57 -5.26 -10.63
N LEU A 39 3.33 -5.19 -9.34
CA LEU A 39 4.47 -5.15 -8.38
C LEU A 39 5.49 -6.24 -8.72
N GLY A 40 5.05 -7.28 -9.38
CA GLY A 40 6.00 -8.37 -9.75
C GLY A 40 5.68 -9.61 -8.90
N GLN A 41 4.47 -10.07 -8.93
CA GLN A 41 4.11 -11.27 -8.12
C GLN A 41 2.99 -12.06 -8.81
N ASN A 42 2.77 -13.28 -8.37
CA ASN A 42 1.69 -14.11 -8.99
C ASN A 42 0.96 -14.90 -7.91
N PRO A 43 -0.16 -14.38 -7.49
CA PRO A 43 -0.97 -15.05 -6.45
C PRO A 43 -1.66 -16.30 -7.02
N THR A 44 -1.97 -17.25 -6.18
CA THR A 44 -2.63 -18.49 -6.68
C THR A 44 -4.14 -18.41 -6.42
N GLU A 45 -4.86 -19.46 -6.74
CA GLU A 45 -6.33 -19.45 -6.50
C GLU A 45 -6.63 -19.44 -5.00
N ALA A 46 -6.35 -20.52 -4.32
CA ALA A 46 -6.63 -20.57 -2.85
C ALA A 46 -6.08 -19.31 -2.17
N GLU A 47 -4.87 -18.92 -2.47
CA GLU A 47 -4.30 -17.70 -1.84
C GLU A 47 -5.25 -16.51 -2.01
N LEU A 48 -5.58 -16.16 -3.23
CA LEU A 48 -6.50 -15.02 -3.46
C LEU A 48 -7.74 -15.14 -2.57
N GLN A 49 -8.30 -16.30 -2.47
CA GLN A 49 -9.50 -16.48 -1.63
C GLN A 49 -9.17 -16.20 -0.16
N ASP A 50 -7.99 -16.57 0.26
CA ASP A 50 -7.60 -16.32 1.69
C ASP A 50 -7.49 -14.83 1.95
N MET A 51 -7.14 -14.06 0.96
CA MET A 51 -7.02 -12.59 1.15
C MET A 51 -8.39 -11.92 0.98
N ILE A 52 -9.10 -12.26 -0.05
CA ILE A 52 -10.45 -11.66 -0.27
C ILE A 52 -11.41 -12.10 0.84
N ASN A 53 -11.21 -13.28 1.37
CA ASN A 53 -12.12 -13.79 2.44
C ASN A 53 -12.17 -12.82 3.63
N GLU A 54 -11.26 -11.89 3.69
CA GLU A 54 -11.25 -10.93 4.84
C GLU A 54 -12.07 -9.67 4.50
N VAL A 55 -11.77 -9.03 3.40
CA VAL A 55 -12.52 -7.78 3.03
C VAL A 55 -13.94 -8.12 2.57
N ASP A 56 -14.11 -9.21 1.87
CA ASP A 56 -15.48 -9.58 1.38
C ASP A 56 -16.47 -9.64 2.55
N ALA A 57 -16.99 -8.52 2.96
CA ALA A 57 -17.97 -8.51 4.10
C ALA A 57 -19.32 -9.10 3.65
N ASP A 58 -19.93 -8.52 2.65
CA ASP A 58 -21.25 -9.04 2.18
C ASP A 58 -21.10 -10.47 1.63
N GLY A 59 -19.90 -10.92 1.43
CA GLY A 59 -19.69 -12.29 0.89
C GLY A 59 -20.34 -12.40 -0.49
N ASN A 60 -20.11 -11.45 -1.34
CA ASN A 60 -20.72 -11.50 -2.71
C ASN A 60 -19.71 -12.05 -3.71
N GLY A 61 -18.45 -11.77 -3.52
CA GLY A 61 -17.42 -12.28 -4.46
C GLY A 61 -16.49 -11.13 -4.86
N THR A 62 -16.83 -9.93 -4.50
CA THR A 62 -15.97 -8.76 -4.87
C THR A 62 -15.89 -7.79 -3.69
N ILE A 63 -14.90 -6.94 -3.68
CA ILE A 63 -14.76 -5.97 -2.57
C ILE A 63 -15.63 -4.73 -2.84
N ASP A 64 -15.96 -3.98 -1.83
CA ASP A 64 -16.81 -2.76 -2.06
C ASP A 64 -16.13 -1.52 -1.47
N PHE A 65 -16.70 -0.36 -1.70
CA PHE A 65 -16.09 0.89 -1.16
C PHE A 65 -16.18 0.93 0.39
N PRO A 66 -17.37 0.71 0.91
CA PRO A 66 -17.56 0.72 2.37
C PRO A 66 -16.80 -0.44 3.03
N GLU A 67 -16.82 -1.58 2.40
CA GLU A 67 -16.09 -2.74 2.98
C GLU A 67 -14.63 -2.35 3.24
N PHE A 68 -14.04 -1.60 2.35
CA PHE A 68 -12.63 -1.17 2.55
C PHE A 68 -12.54 -0.23 3.74
N LEU A 69 -13.40 0.75 3.81
CA LEU A 69 -13.37 1.70 4.96
C LEU A 69 -13.36 0.93 6.28
N THR A 70 -13.97 -0.24 6.30
CA THR A 70 -13.98 -1.03 7.57
C THR A 70 -12.81 -2.03 7.59
N MET A 71 -12.19 -2.26 6.46
CA MET A 71 -11.05 -3.23 6.43
C MET A 71 -9.81 -2.63 7.11
N MET A 72 -9.41 -1.47 6.67
CA MET A 72 -8.20 -0.82 7.28
C MET A 72 -8.34 -0.75 8.80
N ALA A 73 -9.53 -0.88 9.31
CA ALA A 73 -9.72 -0.80 10.79
C ALA A 73 -9.82 -2.21 11.40
N ARG A 74 -9.93 -3.21 10.57
CA ARG A 74 -10.04 -4.60 11.11
C ARG A 74 -8.69 -5.31 11.02
N LYS A 75 -7.93 -5.04 10.00
CA LYS A 75 -6.60 -5.71 9.85
C LYS A 75 -5.48 -4.80 10.38
N MET A 76 -5.47 -3.58 9.95
CA MET A 76 -4.41 -2.64 10.42
C MET A 76 -4.70 -2.14 11.84
N LYS A 77 -4.89 -3.05 12.75
CA LYS A 77 -5.18 -2.63 14.16
C LYS A 77 -3.92 -2.79 15.02
N ASP A 78 -3.37 -3.97 15.06
CA ASP A 78 -2.14 -4.19 15.87
C ASP A 78 -1.67 -5.64 15.72
N THR A 79 -2.57 -6.57 15.58
CA THR A 79 -2.18 -7.99 15.43
C THR A 79 -0.98 -8.12 14.49
N ASP A 80 -1.02 -7.44 13.37
CA ASP A 80 0.12 -7.50 12.42
C ASP A 80 0.32 -6.15 11.75
N SER A 81 0.78 -5.18 12.49
CA SER A 81 0.99 -3.82 11.89
C SER A 81 2.49 -3.54 11.77
N GLU A 82 3.27 -4.05 12.68
CA GLU A 82 4.74 -3.83 12.61
C GLU A 82 5.36 -4.76 11.58
N GLU A 83 4.88 -5.97 11.48
CA GLU A 83 5.45 -6.91 10.48
C GLU A 83 5.01 -6.49 9.08
N GLU A 84 4.09 -5.55 9.00
CA GLU A 84 3.62 -5.08 7.67
C GLU A 84 4.63 -4.10 7.08
N ILE A 85 5.36 -3.42 7.91
CA ILE A 85 6.36 -2.46 7.38
C ILE A 85 7.40 -3.24 6.60
N ARG A 86 7.76 -4.38 7.09
CA ARG A 86 8.75 -5.21 6.38
C ARG A 86 8.14 -5.67 5.06
N GLU A 87 6.84 -5.78 5.02
CA GLU A 87 6.17 -6.20 3.76
C GLU A 87 6.11 -5.00 2.81
N ALA A 88 5.58 -3.89 3.28
CA ALA A 88 5.53 -2.69 2.42
C ALA A 88 6.95 -2.29 2.03
N PHE A 89 7.90 -2.53 2.90
CA PHE A 89 9.31 -2.18 2.57
C PHE A 89 9.84 -3.17 1.54
N ARG A 90 9.60 -4.44 1.76
CA ARG A 90 10.05 -5.47 0.79
C ARG A 90 9.51 -5.13 -0.60
N VAL A 91 8.44 -4.39 -0.65
CA VAL A 91 7.86 -4.01 -1.97
C VAL A 91 8.66 -2.84 -2.57
N PHE A 92 9.00 -1.86 -1.77
CA PHE A 92 9.78 -0.71 -2.31
C PHE A 92 11.19 -1.19 -2.72
N ASP A 93 11.80 -2.02 -1.93
CA ASP A 93 13.16 -2.52 -2.28
C ASP A 93 13.07 -3.92 -2.88
N LYS A 94 12.40 -4.07 -3.99
CA LYS A 94 12.28 -5.41 -4.61
C LYS A 94 13.67 -6.00 -4.82
N ASP A 95 14.56 -5.23 -5.38
CA ASP A 95 15.94 -5.73 -5.61
C ASP A 95 16.54 -6.23 -4.28
N GLY A 96 16.16 -5.62 -3.19
CA GLY A 96 16.69 -6.05 -1.87
C GLY A 96 18.20 -5.76 -1.81
N ASN A 97 18.58 -4.54 -2.04
CA ASN A 97 20.04 -4.20 -1.98
C ASN A 97 20.39 -3.62 -0.62
N GLY A 98 19.41 -3.40 0.22
CA GLY A 98 19.68 -2.84 1.57
C GLY A 98 19.38 -1.34 1.56
N TYR A 99 18.73 -0.86 0.55
CA TYR A 99 18.42 0.60 0.47
C TYR A 99 17.34 0.85 -0.58
N ILE A 100 16.70 2.00 -0.54
CA ILE A 100 15.65 2.30 -1.55
C ILE A 100 16.02 3.54 -2.36
N SER A 101 15.90 3.46 -3.65
CA SER A 101 16.25 4.64 -4.50
C SER A 101 14.99 5.15 -5.23
N ALA A 102 14.96 6.41 -5.57
CA ALA A 102 13.78 6.96 -6.28
C ALA A 102 13.35 5.99 -7.39
N ALA A 103 14.29 5.31 -7.98
CA ALA A 103 13.94 4.34 -9.06
C ALA A 103 13.06 3.23 -8.48
N GLU A 104 13.44 2.68 -7.36
CA GLU A 104 12.62 1.61 -6.76
C GLU A 104 11.19 2.11 -6.58
N LEU A 105 11.02 3.25 -5.98
CA LEU A 105 9.65 3.80 -5.79
C LEU A 105 8.98 3.93 -7.15
N ARG A 106 9.61 4.60 -8.08
CA ARG A 106 8.98 4.75 -9.42
C ARG A 106 8.56 3.38 -9.93
N HIS A 107 9.22 2.34 -9.47
CA HIS A 107 8.86 0.96 -9.90
C HIS A 107 7.63 0.48 -9.13
N VAL A 108 7.41 1.01 -7.96
CA VAL A 108 6.22 0.59 -7.16
C VAL A 108 5.09 1.61 -7.33
N MET A 109 5.43 2.85 -7.53
CA MET A 109 4.38 3.88 -7.71
C MET A 109 3.72 3.73 -9.09
N THR A 110 4.49 3.69 -10.13
CA THR A 110 3.91 3.54 -11.49
C THR A 110 3.29 2.15 -11.66
N ASN A 111 3.73 1.19 -10.89
CA ASN A 111 3.15 -0.18 -11.01
C ASN A 111 1.92 -0.29 -10.13
N LEU A 112 1.74 0.64 -9.22
CA LEU A 112 0.55 0.60 -8.32
C LEU A 112 -0.62 1.35 -8.97
N GLY A 113 -0.35 2.40 -9.70
CA GLY A 113 -1.47 3.15 -10.36
C GLY A 113 -1.05 4.60 -10.60
N GLU A 114 -0.66 5.31 -9.57
CA GLU A 114 -0.26 6.74 -9.74
C GLU A 114 1.24 6.85 -10.03
N LYS A 115 1.65 7.94 -10.62
CA LYS A 115 3.09 8.14 -10.92
C LYS A 115 3.50 9.56 -10.53
N LEU A 116 3.65 9.82 -9.27
CA LEU A 116 4.03 11.19 -8.81
C LEU A 116 5.00 11.84 -9.78
N THR A 117 4.92 13.14 -9.93
CA THR A 117 5.85 13.85 -10.85
C THR A 117 7.30 13.53 -10.49
N ASP A 118 8.23 14.29 -10.99
CA ASP A 118 9.66 14.03 -10.67
C ASP A 118 10.03 14.66 -9.33
N GLU A 119 9.66 15.90 -9.14
CA GLU A 119 9.99 16.58 -7.85
C GLU A 119 9.38 15.80 -6.69
N GLU A 120 8.12 15.52 -6.75
CA GLU A 120 7.47 14.75 -5.65
C GLU A 120 8.24 13.45 -5.41
N VAL A 121 8.62 12.77 -6.47
CA VAL A 121 9.38 11.50 -6.30
C VAL A 121 10.68 11.77 -5.53
N ASP A 122 11.45 12.73 -5.95
CA ASP A 122 12.71 13.03 -5.24
C ASP A 122 12.42 13.45 -3.80
N GLU A 123 11.62 14.44 -3.62
CA GLU A 123 11.27 14.90 -2.24
C GLU A 123 10.77 13.69 -1.42
N MET A 124 10.05 12.81 -2.03
CA MET A 124 9.53 11.61 -1.30
C MET A 124 10.69 10.87 -0.65
N ILE A 125 11.72 10.57 -1.40
CA ILE A 125 12.88 9.84 -0.81
C ILE A 125 13.67 10.75 0.13
N ARG A 126 13.94 11.95 -0.28
CA ARG A 126 14.70 12.89 0.60
C ARG A 126 13.96 13.12 1.92
N GLU A 127 12.73 13.55 1.84
CA GLU A 127 11.94 13.79 3.09
C GLU A 127 12.15 12.65 4.08
N ALA A 128 12.48 11.47 3.60
CA ALA A 128 12.69 10.33 4.52
C ALA A 128 14.20 10.13 4.78
N ASP A 129 15.02 10.51 3.84
CA ASP A 129 16.49 10.34 4.04
C ASP A 129 16.99 11.23 5.18
N ILE A 130 16.63 10.91 6.39
CA ILE A 130 17.08 11.74 7.55
C ILE A 130 18.61 11.68 7.65
N ASP A 131 19.18 10.54 7.35
CA ASP A 131 20.66 10.41 7.42
C ASP A 131 21.31 11.12 6.23
N GLY A 132 20.57 11.29 5.16
CA GLY A 132 21.14 11.97 3.97
C GLY A 132 22.15 11.07 3.27
N ASP A 133 21.72 9.90 2.86
CA ASP A 133 22.66 8.96 2.17
C ASP A 133 22.28 8.84 0.70
N GLY A 134 21.11 9.27 0.33
CA GLY A 134 20.69 9.19 -1.10
C GLY A 134 19.64 8.08 -1.27
N GLN A 135 19.36 7.35 -0.23
CA GLN A 135 18.35 6.24 -0.34
C GLN A 135 17.75 5.95 1.04
N VAL A 136 16.59 5.35 1.08
CA VAL A 136 15.95 5.03 2.39
C VAL A 136 16.33 3.61 2.82
N ASN A 137 16.67 3.44 4.07
CA ASN A 137 17.07 2.07 4.55
C ASN A 137 15.95 1.48 5.42
N TYR A 138 16.09 0.24 5.80
CA TYR A 138 15.04 -0.41 6.65
C TYR A 138 14.79 0.43 7.92
N GLU A 139 15.84 0.79 8.61
CA GLU A 139 15.66 1.62 9.84
C GLU A 139 14.81 2.86 9.54
N GLU A 140 15.23 3.66 8.61
CA GLU A 140 14.45 4.88 8.26
C GLU A 140 12.99 4.51 7.95
N PHE A 141 12.78 3.67 6.97
CA PHE A 141 11.39 3.26 6.62
C PHE A 141 10.61 2.97 7.90
N VAL A 142 11.28 2.58 8.94
CA VAL A 142 10.57 2.28 10.22
C VAL A 142 10.53 3.53 11.10
N GLN A 143 11.61 4.29 11.11
CA GLN A 143 11.64 5.53 11.96
C GLN A 143 10.50 6.48 11.56
N MET A 144 9.88 6.24 10.43
CA MET A 144 8.77 7.14 10.00
C MET A 144 7.41 6.43 10.14
N MET A 145 7.43 5.15 10.39
CA MET A 145 6.14 4.40 10.54
C MET A 145 5.81 4.19 12.03
N THR A 146 6.78 4.32 12.89
CA THR A 146 6.50 4.12 14.35
C THR A 146 6.89 5.38 15.14
N ALA A 147 6.95 6.51 14.49
CA ALA A 147 7.31 7.77 15.20
C ALA A 147 6.05 8.59 15.51
N LYS A 148 5.04 7.95 16.03
CA LYS A 148 3.79 8.70 16.36
C LYS A 148 3.60 8.77 17.87
N VAL B 1 2.99 -22.87 -1.20
CA VAL B 1 3.94 -21.76 -1.49
C VAL B 1 3.21 -20.41 -1.52
N LYS B 2 3.17 -19.72 -0.41
CA LYS B 2 2.46 -18.40 -0.37
C LYS B 2 3.17 -17.39 -1.28
N LEU B 3 4.17 -16.72 -0.77
CA LEU B 3 4.89 -15.72 -1.60
C LEU B 3 3.94 -14.60 -2.05
N ILE B 4 3.04 -14.19 -1.21
CA ILE B 4 2.09 -13.10 -1.60
C ILE B 4 1.83 -12.17 -0.40
N PRO B 5 1.77 -10.90 -0.68
CA PRO B 5 1.52 -9.90 0.38
C PRO B 5 0.04 -9.93 0.80
N SER B 6 -0.28 -9.33 1.92
CA SER B 6 -1.70 -9.34 2.39
C SER B 6 -2.44 -8.11 1.84
N TRP B 7 -3.67 -7.94 2.25
CA TRP B 7 -4.49 -6.78 1.77
C TRP B 7 -3.89 -5.47 2.27
N THR B 8 -4.09 -5.17 3.52
CA THR B 8 -3.56 -3.89 4.07
C THR B 8 -2.14 -3.63 3.55
N THR B 9 -1.41 -4.66 3.20
CA THR B 9 -0.03 -4.45 2.66
C THR B 9 -0.11 -3.61 1.38
N VAL B 10 -0.76 -4.14 0.37
CA VAL B 10 -0.88 -3.37 -0.89
C VAL B 10 -1.46 -1.98 -0.60
N ILE B 11 -2.23 -1.88 0.46
CA ILE B 11 -2.80 -0.57 0.84
C ILE B 11 -1.71 0.32 1.44
N LEU B 12 -0.89 -0.26 2.27
CA LEU B 12 0.20 0.52 2.90
C LEU B 12 1.03 1.22 1.82
N VAL B 13 1.63 0.48 0.94
CA VAL B 13 2.45 1.13 -0.13
C VAL B 13 1.58 2.13 -0.90
N LYS B 14 0.36 1.78 -1.18
CA LYS B 14 -0.53 2.72 -1.92
C LYS B 14 -0.83 3.94 -1.04
N SER B 15 -1.09 3.72 0.22
CA SER B 15 -1.37 4.86 1.13
C SER B 15 -0.15 5.77 1.21
N MET B 16 1.01 5.21 1.08
CA MET B 16 2.25 6.04 1.13
C MET B 16 2.41 6.83 -0.16
N LEU B 17 1.86 6.33 -1.24
CA LEU B 17 1.97 7.06 -2.54
C LEU B 17 1.10 8.31 -2.50
N ARG B 18 1.38 9.18 -1.58
CA ARG B 18 0.58 10.43 -1.47
C ARG B 18 1.15 11.52 -2.39
N LYS B 19 2.30 12.05 -2.06
CA LYS B 19 2.90 13.11 -2.92
C LYS B 19 4.37 13.31 -2.55
N ARG B 20 4.64 13.35 -1.30
CA ARG B 20 6.05 13.53 -0.83
C ARG B 20 6.14 13.09 0.65
N SER B 21 5.06 12.60 1.21
CA SER B 21 5.09 12.15 2.63
C SER B 21 5.50 10.68 2.73
N PHE B 22 6.07 10.29 3.85
CA PHE B 22 6.48 8.87 4.02
C PHE B 22 5.98 8.34 5.37
N GLY B 23 6.08 9.12 6.40
CA GLY B 23 5.60 8.67 7.74
C GLY B 23 4.10 8.34 7.65
N ASN B 24 3.76 7.09 7.60
CA ASN B 24 2.32 6.71 7.50
C ASN B 24 1.78 6.26 8.86
N PRO B 25 1.00 7.11 9.46
CA PRO B 25 0.39 6.80 10.77
C PRO B 25 -0.75 5.80 10.59
N PHE B 26 -0.87 4.85 11.45
CA PHE B 26 -1.97 3.84 11.31
C PHE B 26 -2.48 3.41 12.68
CA CA C . -13.97 -3.45 -10.71
CA CA D . -17.66 -8.06 -0.52
CA CA E . 17.49 -0.96 -3.70
CA CA F . 17.97 7.96 3.85
#